data_7ZSK
#
_entry.id   7ZSK
#
_cell.length_a   1.00
_cell.length_b   1.00
_cell.length_c   1.00
_cell.angle_alpha   90.00
_cell.angle_beta   90.00
_cell.angle_gamma   90.00
#
_symmetry.space_group_name_H-M   'P 1'
#
_entity_poly.entity_id   1
_entity_poly.type   'polypeptide(L)'
_entity_poly.pdbx_seq_one_letter_code
;GSPSSVVRDVAIIGLSGRYPQAKNVDEFWNRLKEGKNCISEIPKDRWDWQSFFDEEKGKKESMYTKWGGFIDDMDKFDPL
FFQISPKEAEEMDPQERLFLQEAYASIEDAGYTPTTLCESRKVGVFVGVMNGNYPTGATYWSIANRLSYLLNFQGPSVAV
DTACSASLTAIHFALESLYSGTSECAIAGGVNLIVDPVHYMKLSALTMLSPSNQCKSFGDQADGFVDGEGVGAIVLKPLD
KAIADGDHIYGVIKGSMMNAGGKTNGYTVPNPQAQAQLVADALQRANVHARTVSYLEAHGTGTELGDPIEVAGLTRAFEK
DTQDKQFCALGSAKSNIGHCESAAGIAGVTKILLQLKHAQLVPSLHSRTLNPNIDFTKTPFVVQQELAEWRRPIVEINGT
TNEYPRIAGISSFGAGGSNAHVIIEEYIPEEQKQSSLKITPQNPAIFVLSAKNAERLYEIVQQLLAFIQEHSLSDEHLAD
MAYTLQVGRVAMEERIAVIAGTMKELQQKLTAYVKGQEHIADLYRGQVNRNQEMLDILTSDDELEETIARWMERGKYSKL
LDLWVKGLSIDWNKLYQEEQPGRISLPTYPFAKESYWTHARSVSSSTGVGVIHPFLHQNTSDFMEQRFSSMFTGQEFFLS
DHVIKGQRVLPSAAYLEMARAAIQQATGGLDSERELEGLRFKNVVWTQPLAVGPEPVQAHIELYPEANGEIVFEIYSDSK
QDRDQTTEIVHSQGSAVLCSIPDIPSFDLSVLQEQCSLRTLSAEQCYDAFKKMGVDYGPAHRGIEQILIGQEQVLAKLSL
PSSVVKTQGQFGLHPSLLDAALQSSLGLMMATSDFSLILPFALEEMVIVGDCSSSMWALIRYREGSKAGDRVEKFDIDLC
DENGNVQVRMKGFSTRKIANVSVRSEVEVPKASVPLEEEKAIDSSSLMEQATPYFKKLLSSVIKLPANKMEADASLEKYG
VDSIVAMQMTKELEKQFGSLPKTLFFEYQTIKELTGYFLENYRENLMHILGMRENAEASLTQESEATMVDEVKAQTERRS
KKRKSQRFASLRMETQPPKGALDIAIIGISGRYPQARNIHDFWKNLRDGKDCITEIPKDRWDHSLYFDEAKDKLGKSYSK
WGGFIDGVDQFDPLFFHISPREAELMDPQERLFLQCVYETIEDAGYTRETLGKHEGLGGNVGVYVGVMYEEYQLYASAEQ
ALGRALAIAGSPASIANRVSYFCNFHGPSMAVDTMCSSSLTGIHLACHSLQRGECEVAIAGGVNVSIHPNKYLYLSQGKF
ASSKGRCESFGEGGDGYVPGEGVGAVLLKPLARAIADGDHIYGVIKGSAINHGGKTNGYTVPNPHSQSRVIRRAFEEAGI
HPRTVSYIEAHGTGTSLGDPIEIAGLTKTFQEYTKENQFCAIGSAKSNIGHGESAAGIAGLTKILLQMKYKRLVPSLHSR
TLNPNIDFSKTPFVVQQELAEWKRPVIEIDGVTREYARIAGISSFGAGGANAHLVIEEYIEAEHRPPSSISSKNPAVIVL
SAKNKDRLREQVQRLLSAIREQVLTDNDLAEIAYTLQVGREAMEERFAVIVKSISELEAKLTYYLKDEADSPDLFTGQVK
RNKETMDVFAADEDLQQAIDTWITKGKYAKILQMWVQGLIFDWNKLYGDTKPRRISLPAYPFARERYWLPKVESQAIGLT
AGEPAYLHPL
;
_entity_poly.pdbx_strand_id   B,A,D,C
#
# COMPACT_ATOMS: atom_id res chain seq x y z
N SER A 5 20.61 46.23 77.37
CA SER A 5 20.36 46.39 78.80
C SER A 5 18.92 45.99 79.12
N VAL A 6 18.40 46.46 80.26
CA VAL A 6 17.13 45.94 80.77
C VAL A 6 15.99 46.65 80.04
N VAL A 7 14.84 45.96 79.96
CA VAL A 7 13.65 46.62 79.46
C VAL A 7 13.30 47.85 80.30
N ARG A 8 13.09 48.97 79.62
CA ARG A 8 12.64 50.20 80.29
C ARG A 8 11.64 50.90 79.38
N ASP A 9 10.90 51.84 79.97
CA ASP A 9 9.81 52.48 79.27
C ASP A 9 10.31 53.42 78.18
N VAL A 10 9.66 53.40 77.01
CA VAL A 10 10.07 54.24 75.88
C VAL A 10 8.91 55.14 75.49
N ALA A 11 9.17 56.45 75.41
CA ALA A 11 8.20 57.43 74.94
C ALA A 11 8.18 57.58 73.43
N ILE A 12 6.97 57.77 72.88
CA ILE A 12 6.74 58.23 71.52
C ILE A 12 6.51 59.73 71.59
N ILE A 13 7.43 60.51 71.03
CA ILE A 13 7.39 61.96 71.19
C ILE A 13 7.04 62.68 69.90
N GLY A 14 6.91 61.97 68.78
CA GLY A 14 6.63 62.61 67.51
C GLY A 14 5.91 61.64 66.59
N LEU A 15 5.05 62.19 65.74
CA LEU A 15 4.15 61.38 64.94
C LEU A 15 3.80 62.13 63.67
N SER A 16 3.84 61.44 62.54
CA SER A 16 3.33 61.95 61.28
C SER A 16 2.93 60.76 60.43
N GLY A 17 1.96 60.94 59.55
CA GLY A 17 1.61 59.85 58.66
C GLY A 17 0.70 60.28 57.53
N ARG A 18 0.75 59.49 56.47
CA ARG A 18 -0.10 59.64 55.29
C ARG A 18 -0.78 58.30 55.00
N TYR A 19 -2.10 58.32 54.88
CA TYR A 19 -2.91 57.13 54.72
C TYR A 19 -3.97 57.42 53.68
N PRO A 20 -4.67 56.38 53.19
CA PRO A 20 -5.68 56.61 52.15
C PRO A 20 -6.69 57.67 52.59
N GLN A 21 -6.90 58.66 51.73
CA GLN A 21 -7.80 59.78 52.03
C GLN A 21 -7.44 60.44 53.36
N ALA A 22 -6.19 60.33 53.80
CA ALA A 22 -5.80 61.00 55.05
C ALA A 22 -4.37 61.50 54.92
N LYS A 23 -4.23 62.76 54.50
CA LYS A 23 -2.91 63.34 54.26
C LYS A 23 -2.20 63.69 55.56
N ASN A 24 -2.91 63.60 56.68
CA ASN A 24 -2.33 63.81 58.00
C ASN A 24 -3.14 63.01 59.01
N VAL A 25 -2.66 62.99 60.25
CA VAL A 25 -3.24 62.10 61.24
C VAL A 25 -4.58 62.63 61.74
N ASP A 26 -4.86 63.91 61.55
CA ASP A 26 -6.20 64.44 61.80
C ASP A 26 -7.21 63.79 60.87
N GLU A 27 -6.88 63.69 59.59
CA GLU A 27 -7.78 63.03 58.68
C GLU A 27 -7.94 61.58 59.11
N PHE A 28 -6.85 60.96 59.58
CA PHE A 28 -6.96 59.56 59.99
C PHE A 28 -7.95 59.44 61.13
N TRP A 29 -7.88 60.34 62.12
CA TRP A 29 -8.87 60.35 63.18
C TRP A 29 -10.29 60.51 62.66
N ASN A 30 -10.49 61.41 61.70
CA ASN A 30 -11.84 61.60 61.18
C ASN A 30 -12.35 60.35 60.49
N ARG A 31 -11.50 59.69 59.71
CA ARG A 31 -11.89 58.45 59.06
C ARG A 31 -12.19 57.35 60.06
N LEU A 32 -11.33 57.17 61.07
CA LEU A 32 -11.56 56.16 62.10
C LEU A 32 -12.85 56.39 62.89
N LYS A 33 -13.05 57.61 63.39
CA LYS A 33 -14.20 57.87 64.25
C LYS A 33 -15.49 57.63 63.50
N GLU A 34 -15.50 57.94 62.21
CA GLU A 34 -16.73 57.85 61.42
C GLU A 34 -16.91 56.47 60.80
N GLY A 35 -15.97 55.55 61.00
CA GLY A 35 -16.15 54.22 60.45
C GLY A 35 -16.08 54.20 58.94
N LYS A 36 -15.17 54.98 58.36
CA LYS A 36 -15.10 55.14 56.91
C LYS A 36 -14.28 54.03 56.27
N ASN A 37 -14.82 53.48 55.18
CA ASN A 37 -14.12 52.53 54.33
C ASN A 37 -13.38 53.26 53.21
N CYS A 38 -12.05 53.29 53.30
CA CYS A 38 -11.25 54.19 52.49
C CYS A 38 -10.73 53.55 51.21
N ILE A 39 -11.45 52.58 50.63
CA ILE A 39 -10.94 51.83 49.50
C ILE A 39 -11.52 52.42 48.21
N SER A 40 -10.71 52.46 47.16
CA SER A 40 -11.12 53.10 45.92
C SER A 40 -10.65 52.29 44.73
N GLU A 41 -11.10 52.70 43.54
CA GLU A 41 -10.70 52.13 42.27
C GLU A 41 -9.24 52.48 41.96
N ILE A 42 -8.55 51.53 41.31
CA ILE A 42 -7.18 51.77 40.88
C ILE A 42 -7.14 53.04 40.01
N PRO A 43 -6.37 54.04 40.41
CA PRO A 43 -6.32 55.28 39.64
C PRO A 43 -5.69 55.06 38.27
N LYS A 44 -6.25 55.73 37.27
CA LYS A 44 -5.76 55.59 35.92
C LYS A 44 -4.30 56.01 35.81
N ASP A 45 -3.85 56.90 36.69
CA ASP A 45 -2.46 57.35 36.66
C ASP A 45 -1.50 56.30 37.24
N ARG A 46 -2.00 55.19 37.77
CA ARG A 46 -1.12 54.08 38.07
C ARG A 46 -1.00 53.14 36.87
N TRP A 47 -2.12 52.56 36.45
CA TRP A 47 -2.22 51.84 35.19
C TRP A 47 -3.71 51.68 34.90
N ASP A 48 -4.02 51.22 33.69
CA ASP A 48 -5.40 50.95 33.34
C ASP A 48 -5.71 49.49 33.66
N TRP A 49 -6.49 49.28 34.73
CA TRP A 49 -6.79 47.94 35.22
C TRP A 49 -7.56 47.08 34.22
N GLN A 50 -8.36 47.69 33.34
CA GLN A 50 -9.16 46.89 32.42
C GLN A 50 -8.29 46.06 31.49
N SER A 51 -7.09 46.56 31.18
CA SER A 51 -6.18 45.84 30.29
C SER A 51 -5.74 44.52 30.89
N PHE A 52 -5.77 44.41 32.21
CA PHE A 52 -5.24 43.24 32.89
C PHE A 52 -6.29 42.47 33.67
N PHE A 53 -7.54 42.94 33.68
CA PHE A 53 -8.51 42.42 34.63
C PHE A 53 -9.04 41.10 34.07
N ASP A 54 -9.11 40.07 34.91
CA ASP A 54 -9.80 38.83 34.57
C ASP A 54 -10.38 38.21 35.83
N GLU A 55 -11.63 37.74 35.74
CA GLU A 55 -12.31 37.18 36.90
C GLU A 55 -11.67 35.87 37.34
N GLU A 56 -10.90 35.22 36.46
CA GLU A 56 -10.24 33.98 36.82
C GLU A 56 -9.17 34.20 37.88
N LYS A 57 -9.39 33.65 39.07
CA LYS A 57 -8.44 33.79 40.16
C LYS A 57 -7.27 32.85 39.91
N GLY A 58 -6.07 33.34 40.21
CA GLY A 58 -4.88 32.54 40.02
C GLY A 58 -4.33 32.53 38.61
N LYS A 59 -5.02 33.17 37.66
CA LYS A 59 -4.48 33.30 36.31
C LYS A 59 -3.17 34.08 36.31
N LYS A 60 -2.31 33.73 35.35
CA LYS A 60 -0.98 34.31 35.25
C LYS A 60 -1.04 35.60 34.44
N GLU A 61 -0.18 36.54 34.81
CA GLU A 61 -0.11 37.84 34.12
C GLU A 61 -1.48 38.50 34.07
N SER A 62 -2.23 38.40 35.17
CA SER A 62 -3.51 39.10 35.26
C SER A 62 -3.82 39.37 36.72
N MET A 63 -4.93 40.06 36.94
CA MET A 63 -5.41 40.39 38.28
C MET A 63 -6.93 40.33 38.26
N TYR A 64 -7.51 40.07 39.42
CA TYR A 64 -8.96 39.92 39.53
C TYR A 64 -9.56 40.96 40.48
N THR A 65 -8.84 42.05 40.73
CA THR A 65 -9.37 43.17 41.49
C THR A 65 -9.14 44.47 40.74
N LYS A 66 -9.97 45.46 41.06
CA LYS A 66 -9.79 46.82 40.55
C LYS A 66 -9.56 47.82 41.69
N TRP A 67 -9.23 47.34 42.88
CA TRP A 67 -9.29 48.17 44.08
C TRP A 67 -7.92 48.24 44.73
N GLY A 68 -7.70 49.33 45.47
CA GLY A 68 -6.58 49.45 46.37
C GLY A 68 -6.71 50.66 47.28
N GLY A 69 -5.94 50.69 48.37
CA GLY A 69 -5.78 51.90 49.14
C GLY A 69 -4.68 52.80 48.62
N PHE A 70 -5.04 53.80 47.82
CA PHE A 70 -4.08 54.67 47.15
C PHE A 70 -4.05 56.02 47.83
N ILE A 71 -2.85 56.57 48.04
CA ILE A 71 -2.71 57.94 48.52
C ILE A 71 -2.75 58.90 47.34
N ASP A 72 -3.12 60.14 47.62
CA ASP A 72 -3.06 61.24 46.65
C ASP A 72 -1.66 61.81 46.53
N ASP A 73 -1.36 62.35 45.34
CA ASP A 73 -0.14 63.12 45.11
C ASP A 73 1.11 62.28 45.40
N MET A 74 1.04 61.02 45.00
CA MET A 74 2.14 60.09 45.26
C MET A 74 3.42 60.55 44.57
N ASP A 75 3.32 61.24 43.44
CA ASP A 75 4.45 61.64 42.62
C ASP A 75 4.99 63.02 42.95
N LYS A 76 4.49 63.69 43.98
CA LYS A 76 4.87 65.06 44.27
C LYS A 76 6.02 65.12 45.27
N PHE A 77 6.82 66.19 45.16
CA PHE A 77 8.02 66.34 45.98
C PHE A 77 8.46 67.79 45.93
N ASP A 78 9.19 68.20 46.96
CA ASP A 78 9.79 69.53 47.07
C ASP A 78 11.31 69.37 47.14
N PRO A 79 11.95 69.02 46.03
CA PRO A 79 13.39 68.72 46.07
C PRO A 79 14.25 69.90 46.46
N LEU A 80 13.86 71.12 46.07
CA LEU A 80 14.65 72.28 46.39
C LEU A 80 14.79 72.47 47.90
N PHE A 81 13.77 72.12 48.67
CA PHE A 81 13.88 72.20 50.12
C PHE A 81 15.12 71.48 50.62
N PHE A 82 15.47 70.35 50.01
CA PHE A 82 16.56 69.51 50.48
C PHE A 82 17.84 69.68 49.68
N GLN A 83 17.88 70.64 48.76
CA GLN A 83 19.03 70.88 47.90
C GLN A 83 19.33 69.66 47.02
N ILE A 84 18.27 68.94 46.68
CA ILE A 84 18.35 67.83 45.73
C ILE A 84 17.96 68.38 44.36
N SER A 85 18.71 67.97 43.34
CA SER A 85 18.39 68.46 42.00
C SER A 85 17.15 67.75 41.45
N PRO A 86 16.49 68.35 40.46
CA PRO A 86 15.32 67.68 39.85
C PRO A 86 15.62 66.34 39.22
N LYS A 87 16.78 66.20 38.56
CA LYS A 87 17.12 64.93 37.95
C LYS A 87 17.31 63.85 39.01
N GLU A 88 18.02 64.20 40.08
CA GLU A 88 18.20 63.24 41.17
C GLU A 88 16.84 62.89 41.77
N ALA A 89 15.96 63.89 41.90
CA ALA A 89 14.63 63.62 42.42
C ALA A 89 13.90 62.65 41.52
N GLU A 90 14.04 62.80 40.21
CA GLU A 90 13.42 61.86 39.29
C GLU A 90 13.96 60.47 39.52
N GLU A 91 15.25 60.36 39.81
CA GLU A 91 15.86 59.05 40.00
C GLU A 91 15.59 58.44 41.38
N MET A 92 15.14 59.24 42.35
CA MET A 92 14.84 58.71 43.68
C MET A 92 13.49 58.01 43.71
N ASP A 93 13.49 56.78 44.22
CA ASP A 93 12.23 56.11 44.55
C ASP A 93 11.32 57.04 45.35
N PRO A 94 10.06 57.21 44.95
CA PRO A 94 9.14 58.00 45.77
C PRO A 94 8.96 57.48 47.20
N GLN A 95 9.22 56.19 47.46
CA GLN A 95 9.18 55.68 48.82
C GLN A 95 10.17 56.40 49.72
N GLU A 96 11.37 56.66 49.19
CA GLU A 96 12.38 57.42 49.91
C GLU A 96 11.92 58.85 50.12
N ARG A 97 11.35 59.46 49.08
CA ARG A 97 10.90 60.84 49.16
C ARG A 97 9.86 60.97 50.26
N LEU A 98 8.88 60.07 50.28
CA LEU A 98 7.76 60.25 51.21
C LEU A 98 8.21 59.93 52.62
N PHE A 99 9.07 58.93 52.81
CA PHE A 99 9.55 58.69 54.17
C PHE A 99 10.35 59.89 54.66
N LEU A 100 11.16 60.48 53.80
CA LEU A 100 11.90 61.68 54.15
C LEU A 100 10.98 62.80 54.59
N GLN A 101 9.93 63.05 53.82
CA GLN A 101 9.01 64.13 54.17
C GLN A 101 8.26 63.83 55.45
N GLU A 102 7.82 62.59 55.64
CA GLU A 102 7.09 62.27 56.86
C GLU A 102 8.00 62.31 58.08
N ALA A 103 9.26 61.90 57.95
CA ALA A 103 10.16 62.00 59.08
C ALA A 103 10.45 63.46 59.43
N TYR A 104 10.72 64.29 58.43
CA TYR A 104 10.89 65.71 58.69
C TYR A 104 9.66 66.28 59.38
N ALA A 105 8.47 65.93 58.88
CA ALA A 105 7.25 66.44 59.50
C ALA A 105 7.12 65.92 60.92
N SER A 106 7.53 64.69 61.17
CA SER A 106 7.41 64.12 62.51
C SER A 106 8.34 64.85 63.47
N ILE A 107 9.45 65.35 62.93
CA ILE A 107 10.39 66.10 63.75
C ILE A 107 9.83 67.47 64.07
N GLU A 108 9.23 68.11 63.07
CA GLU A 108 8.52 69.35 63.35
C GLU A 108 7.40 69.15 64.35
N ASP A 109 6.64 68.07 64.23
CA ASP A 109 5.56 67.82 65.16
C ASP A 109 6.07 67.72 66.58
N ALA A 110 7.17 67.01 66.80
CA ALA A 110 7.71 66.98 68.15
C ALA A 110 8.06 68.36 68.65
N GLY A 111 8.28 69.31 67.75
CA GLY A 111 8.70 70.63 68.19
C GLY A 111 10.19 70.78 68.29
N TYR A 112 10.95 70.01 67.52
CA TYR A 112 12.40 70.09 67.52
C TYR A 112 12.88 70.46 66.12
N THR A 113 14.11 71.00 66.07
CA THR A 113 14.87 71.10 64.84
C THR A 113 15.87 69.96 64.70
N PRO A 114 16.37 69.72 63.49
CA PRO A 114 17.40 68.69 63.32
C PRO A 114 18.62 68.90 64.21
N THR A 115 18.95 70.15 64.51
CA THR A 115 20.11 70.42 65.35
C THR A 115 19.85 70.07 66.81
N THR A 116 18.71 70.47 67.35
CA THR A 116 18.48 70.32 68.78
C THR A 116 17.91 68.96 69.16
N LEU A 117 17.49 68.16 68.18
CA LEU A 117 16.94 66.85 68.52
C LEU A 117 17.90 66.02 69.36
N CYS A 118 19.19 66.11 69.05
CA CYS A 118 20.20 65.33 69.75
C CYS A 118 21.57 65.93 69.46
N GLU A 119 22.16 66.58 70.46
CA GLU A 119 23.39 67.32 70.24
C GLU A 119 24.54 66.41 69.82
N SER A 120 24.55 65.17 70.30
CA SER A 120 25.62 64.26 69.90
C SER A 120 25.46 63.76 68.46
N ARG A 121 24.32 64.01 67.82
CA ARG A 121 24.02 63.52 66.48
C ARG A 121 23.77 62.02 66.43
N LYS A 122 23.70 61.35 67.58
CA LYS A 122 23.49 59.90 67.63
C LYS A 122 22.00 59.61 67.54
N VAL A 123 21.43 59.93 66.38
CA VAL A 123 20.04 59.67 66.07
C VAL A 123 19.98 58.46 65.15
N GLY A 124 19.32 57.40 65.60
CA GLY A 124 19.15 56.20 64.79
C GLY A 124 17.98 56.28 63.83
N VAL A 125 18.13 55.61 62.69
CA VAL A 125 17.08 55.51 61.68
C VAL A 125 16.86 54.04 61.33
N PHE A 126 15.63 53.57 61.49
CA PHE A 126 15.25 52.18 61.30
C PHE A 126 13.97 52.17 60.50
N VAL A 127 14.00 51.56 59.31
CA VAL A 127 12.86 51.62 58.41
C VAL A 127 12.56 50.25 57.85
N GLY A 128 11.28 49.88 57.88
CA GLY A 128 10.80 48.61 57.35
C GLY A 128 10.25 48.79 55.95
N VAL A 129 10.62 47.87 55.06
CA VAL A 129 10.21 47.94 53.66
C VAL A 129 10.27 46.54 53.10
N MET A 130 9.40 46.25 52.13
CA MET A 130 9.36 44.90 51.55
C MET A 130 9.06 44.87 50.07
N ASN A 131 8.66 45.98 49.46
CA ASN A 131 8.43 46.02 48.02
C ASN A 131 9.31 47.08 47.39
N GLY A 132 9.91 46.72 46.25
CA GLY A 132 10.84 47.56 45.55
C GLY A 132 10.56 47.51 44.06
N ASN A 133 9.45 48.12 43.63
CA ASN A 133 9.04 47.98 42.24
C ASN A 133 9.31 49.20 41.40
N TYR A 134 9.99 50.23 41.87
CA TYR A 134 10.26 51.37 41.01
C TYR A 134 11.26 50.95 39.94
N PRO A 135 11.19 51.52 38.74
CA PRO A 135 12.00 50.99 37.63
C PRO A 135 13.50 51.04 37.86
N THR A 136 14.00 51.97 38.67
CA THR A 136 15.43 52.04 38.96
C THR A 136 15.88 51.09 40.06
N GLY A 137 14.97 50.29 40.62
CA GLY A 137 15.36 49.16 41.45
C GLY A 137 15.08 49.38 42.93
N ALA A 138 15.11 48.26 43.65
CA ALA A 138 15.06 48.24 45.11
C ALA A 138 16.35 48.80 45.70
N THR A 139 16.23 49.87 46.49
CA THR A 139 17.39 50.53 47.10
C THR A 139 17.05 50.87 48.55
N TYR A 140 16.65 49.85 49.32
CA TYR A 140 16.01 50.07 50.61
C TYR A 140 16.92 50.83 51.57
N TRP A 141 18.21 50.49 51.58
CA TRP A 141 19.13 51.14 52.49
C TRP A 141 19.06 52.66 52.36
N SER A 142 18.78 53.16 51.16
CA SER A 142 18.80 54.60 50.94
C SER A 142 17.63 55.33 51.59
N ILE A 143 16.55 54.62 51.91
CA ILE A 143 15.44 55.27 52.61
C ILE A 143 15.92 55.78 53.96
N ALA A 144 16.76 55.00 54.63
CA ALA A 144 17.38 55.42 55.88
C ALA A 144 18.58 56.33 55.64
N ASN A 145 19.45 55.97 54.70
CA ASN A 145 20.73 56.66 54.60
C ASN A 145 20.54 58.08 54.07
N ARG A 146 19.53 58.29 53.22
CA ARG A 146 19.27 59.65 52.73
C ARG A 146 18.91 60.55 53.89
N LEU A 147 18.10 60.02 54.80
CA LEU A 147 17.71 60.76 55.98
C LEU A 147 18.93 61.05 56.85
N SER A 148 19.76 60.03 57.10
CA SER A 148 20.89 60.26 57.97
C SER A 148 21.82 61.32 57.38
N TYR A 149 22.02 61.29 56.06
CA TYR A 149 22.85 62.30 55.42
C TYR A 149 22.23 63.69 55.55
N LEU A 150 20.98 63.85 55.13
CA LEU A 150 20.41 65.18 55.04
C LEU A 150 20.26 65.82 56.41
N LEU A 151 19.93 65.02 57.42
CA LEU A 151 19.64 65.54 58.74
C LEU A 151 20.82 65.40 59.70
N ASN A 152 21.99 65.01 59.20
CA ASN A 152 23.17 64.88 60.03
C ASN A 152 22.93 63.95 61.22
N PHE A 153 22.38 62.76 60.92
CA PHE A 153 22.24 61.70 61.90
C PHE A 153 23.42 60.76 61.78
N GLN A 154 24.01 60.40 62.91
CA GLN A 154 25.21 59.57 62.95
C GLN A 154 25.00 58.33 63.80
N GLY A 155 23.76 58.05 64.19
CA GLY A 155 23.39 56.77 64.74
C GLY A 155 23.22 55.71 63.69
N PRO A 156 22.83 54.51 64.12
CA PRO A 156 22.52 53.43 63.18
C PRO A 156 21.55 53.87 62.10
N SER A 157 21.76 53.34 60.89
CA SER A 157 20.91 53.65 59.74
C SER A 157 20.72 52.37 58.94
N VAL A 158 19.48 51.86 58.89
CA VAL A 158 19.22 50.53 58.38
C VAL A 158 17.83 50.45 57.76
N ALA A 159 17.74 49.74 56.65
CA ALA A 159 16.48 49.29 56.07
C ALA A 159 16.26 47.83 56.44
N VAL A 160 15.07 47.51 56.94
CA VAL A 160 14.73 46.16 57.34
C VAL A 160 13.59 45.67 56.45
N ASP A 161 13.57 44.37 56.20
CA ASP A 161 12.50 43.72 55.45
C ASP A 161 12.13 42.44 56.18
N THR A 162 11.01 42.46 56.89
CA THR A 162 10.41 41.25 57.43
C THR A 162 9.01 41.03 56.85
N ALA A 163 8.82 41.41 55.60
CA ALA A 163 7.50 41.37 54.96
C ALA A 163 6.48 42.19 55.75
N CYS A 164 5.28 41.63 55.97
CA CYS A 164 4.17 42.40 56.50
C CYS A 164 4.41 42.92 57.91
N SER A 165 5.40 42.40 58.61
CA SER A 165 5.73 42.84 59.96
C SER A 165 6.88 43.85 59.97
N ALA A 166 7.33 44.30 58.79
CA ALA A 166 8.62 44.98 58.71
C ALA A 166 8.67 46.21 59.61
N SER A 167 7.60 47.00 59.64
CA SER A 167 7.65 48.22 60.45
C SER A 167 7.60 47.92 61.95
N LEU A 168 6.96 46.82 62.35
CA LEU A 168 6.97 46.48 63.78
C LEU A 168 8.29 45.84 64.19
N THR A 169 8.92 45.10 63.28
CA THR A 169 10.29 44.69 63.55
C THR A 169 11.19 45.91 63.72
N ALA A 170 11.07 46.88 62.82
CA ALA A 170 11.85 48.11 62.93
C ALA A 170 11.65 48.79 64.27
N ILE A 171 10.40 48.87 64.73
CA ILE A 171 10.15 49.45 66.05
C ILE A 171 10.84 48.63 67.14
N HIS A 172 10.77 47.31 67.04
CA HIS A 172 11.43 46.48 68.04
C HIS A 172 12.92 46.77 68.08
N PHE A 173 13.54 46.88 66.91
CA PHE A 173 14.96 47.17 66.88
C PHE A 173 15.23 48.52 67.50
N ALA A 174 14.39 49.51 67.22
CA ALA A 174 14.59 50.82 67.78
C ALA A 174 14.55 50.76 69.30
N LEU A 175 13.60 50.00 69.86
CA LEU A 175 13.56 49.87 71.32
C LEU A 175 14.84 49.23 71.82
N GLU A 176 15.33 48.22 71.12
CA GLU A 176 16.60 47.64 71.54
C GLU A 176 17.71 48.69 71.51
N SER A 177 17.75 49.49 70.45
CA SER A 177 18.83 50.47 70.29
C SER A 177 18.79 51.50 71.39
N LEU A 178 17.59 51.92 71.78
CA LEU A 178 17.48 52.85 72.91
C LEU A 178 17.88 52.16 74.20
N TYR A 179 17.55 50.88 74.37
CA TYR A 179 17.92 50.21 75.60
C TYR A 179 19.44 50.10 75.71
N SER A 180 20.12 49.81 74.60
CA SER A 180 21.56 49.61 74.68
C SER A 180 22.32 50.93 74.62
N GLY A 181 21.66 52.04 74.31
CA GLY A 181 22.28 53.34 74.29
C GLY A 181 23.06 53.67 73.04
N THR A 182 22.93 52.91 71.95
CA THR A 182 23.59 53.33 70.72
C THR A 182 22.88 54.47 70.03
N SER A 183 21.60 54.69 70.34
CA SER A 183 20.91 55.89 69.93
C SER A 183 20.34 56.56 71.16
N GLU A 184 20.39 57.89 71.18
CA GLU A 184 19.61 58.65 72.16
C GLU A 184 18.26 59.07 71.62
N CYS A 185 18.12 59.15 70.30
CA CYS A 185 16.83 59.37 69.65
C CYS A 185 16.82 58.58 68.35
N ALA A 186 15.62 58.21 67.91
CA ALA A 186 15.50 57.30 66.79
C ALA A 186 14.24 57.62 66.00
N ILE A 187 14.34 57.43 64.69
CA ILE A 187 13.20 57.45 63.78
C ILE A 187 12.83 56.01 63.44
N ALA A 188 11.56 55.64 63.62
CA ALA A 188 11.10 54.30 63.29
C ALA A 188 9.81 54.38 62.50
N GLY A 189 9.65 53.49 61.53
CA GLY A 189 8.46 53.50 60.69
C GLY A 189 8.58 52.47 59.60
N GLY A 190 7.84 52.72 58.51
CA GLY A 190 7.78 51.83 57.37
C GLY A 190 7.10 52.53 56.21
N VAL A 191 7.17 51.89 55.03
CA VAL A 191 6.64 52.47 53.80
C VAL A 191 6.27 51.36 52.84
N ASN A 192 5.19 51.57 52.09
CA ASN A 192 4.82 50.69 50.98
C ASN A 192 4.02 51.48 49.98
N LEU A 193 4.48 51.52 48.72
CA LEU A 193 3.71 52.12 47.63
C LEU A 193 3.51 51.11 46.51
N ILE A 194 2.41 51.29 45.77
CA ILE A 194 2.03 50.40 44.69
C ILE A 194 2.23 51.17 43.39
N VAL A 195 3.32 50.87 42.69
CA VAL A 195 3.78 51.70 41.57
C VAL A 195 3.78 50.96 40.26
N ASP A 196 3.33 49.70 40.22
CA ASP A 196 3.39 48.91 39.01
C ASP A 196 2.38 47.78 39.09
N PRO A 197 1.67 47.49 37.99
CA PRO A 197 0.64 46.42 38.05
C PRO A 197 1.19 45.06 38.40
N VAL A 198 2.49 44.82 38.22
CA VAL A 198 3.05 43.52 38.58
C VAL A 198 2.85 43.28 40.07
N HIS A 199 2.80 44.36 40.86
CA HIS A 199 2.47 44.22 42.27
C HIS A 199 1.18 43.43 42.45
N TYR A 200 0.14 43.83 41.72
CA TYR A 200 -1.14 43.15 41.82
C TYR A 200 -1.12 41.79 41.13
N MET A 201 -0.37 41.65 40.04
CA MET A 201 -0.35 40.37 39.34
C MET A 201 0.26 39.27 40.20
N LYS A 202 1.33 39.58 40.93
CA LYS A 202 1.95 38.60 41.81
C LYS A 202 0.98 38.17 42.91
N LEU A 203 0.38 39.14 43.61
CA LEU A 203 -0.56 38.81 44.69
C LEU A 203 -1.78 38.07 44.16
N SER A 204 -2.18 38.37 42.94
CA SER A 204 -3.34 37.72 42.34
C SER A 204 -3.05 36.29 41.93
N ALA A 205 -1.85 36.02 41.42
CA ALA A 205 -1.49 34.66 41.03
C ALA A 205 -1.57 33.68 42.20
N LEU A 206 -1.26 34.14 43.42
CA LEU A 206 -1.39 33.27 44.59
C LEU A 206 -2.76 33.35 45.24
N THR A 207 -3.69 34.09 44.64
CA THR A 207 -5.07 34.25 45.11
C THR A 207 -5.16 34.63 46.60
N MET A 208 -4.29 35.54 47.03
CA MET A 208 -4.34 35.99 48.42
C MET A 208 -5.28 37.17 48.62
N LEU A 209 -5.64 37.86 47.53
CA LEU A 209 -6.41 39.09 47.63
C LEU A 209 -7.89 38.77 47.54
N SER A 210 -8.69 39.57 48.22
CA SER A 210 -10.11 39.60 47.91
C SER A 210 -10.35 40.23 46.53
N PRO A 211 -11.38 39.76 45.81
CA PRO A 211 -11.87 40.52 44.64
C PRO A 211 -12.58 41.82 44.98
N SER A 212 -12.98 42.04 46.23
CA SER A 212 -13.88 43.13 46.55
C SER A 212 -13.08 44.29 47.18
N ASN A 213 -13.80 45.32 47.61
CA ASN A 213 -13.23 46.47 48.31
C ASN A 213 -13.35 46.36 49.83
N GLN A 214 -13.61 45.17 50.38
CA GLN A 214 -13.85 45.02 51.81
C GLN A 214 -12.89 44.01 52.41
N CYS A 215 -12.06 44.48 53.35
CA CYS A 215 -11.30 43.62 54.25
C CYS A 215 -12.17 43.23 55.44
N LYS A 216 -12.68 42.00 55.43
CA LYS A 216 -13.73 41.62 56.37
C LYS A 216 -13.12 41.04 57.62
N SER A 217 -12.41 41.88 58.36
CA SER A 217 -11.69 41.48 59.56
C SER A 217 -12.63 40.85 60.59
N PHE A 218 -12.42 39.56 60.84
CA PHE A 218 -13.25 38.77 61.75
C PHE A 218 -14.71 38.68 61.30
N GLY A 219 -14.96 38.94 60.02
CA GLY A 219 -16.31 38.90 59.50
C GLY A 219 -16.53 37.61 58.74
N ASP A 220 -17.80 37.31 58.52
CA ASP A 220 -18.19 36.19 57.67
C ASP A 220 -17.74 36.43 56.24
N GLN A 221 -17.59 35.32 55.50
CA GLN A 221 -17.26 35.35 54.08
C GLN A 221 -15.88 35.93 53.79
N ALA A 222 -14.99 35.87 54.77
CA ALA A 222 -13.63 36.36 54.57
C ALA A 222 -12.99 35.67 53.36
N ASP A 223 -12.36 36.46 52.47
CA ASP A 223 -11.80 35.92 51.23
C ASP A 223 -10.56 36.69 50.79
N GLY A 224 -9.81 37.20 51.76
CA GLY A 224 -8.53 37.83 51.55
C GLY A 224 -8.58 39.32 51.84
N PHE A 225 -7.41 39.95 51.75
CA PHE A 225 -7.27 41.36 52.09
C PHE A 225 -7.31 42.23 50.84
N VAL A 226 -7.56 43.52 51.08
CA VAL A 226 -7.42 44.59 50.10
C VAL A 226 -6.04 45.21 50.26
N ASP A 227 -5.30 45.31 49.16
CA ASP A 227 -3.95 45.86 49.21
C ASP A 227 -4.00 47.38 49.45
N GLY A 228 -2.97 47.89 50.12
CA GLY A 228 -2.98 49.28 50.53
C GLY A 228 -1.60 49.91 50.55
N GLU A 229 -1.59 51.24 50.56
CA GLU A 229 -0.38 52.05 50.66
C GLU A 229 -0.37 52.81 51.98
N GLY A 230 0.84 53.14 52.43
CA GLY A 230 1.00 53.87 53.68
C GLY A 230 2.44 54.33 53.81
N VAL A 231 2.61 55.41 54.57
CA VAL A 231 3.94 55.87 54.97
C VAL A 231 3.82 56.58 56.30
N GLY A 232 4.70 56.22 57.23
CA GLY A 232 4.59 56.73 58.59
C GLY A 232 5.94 56.71 59.28
N ALA A 233 6.09 57.62 60.23
CA ALA A 233 7.31 57.65 61.03
C ALA A 233 6.94 58.07 62.44
N ILE A 234 7.62 57.48 63.43
CA ILE A 234 7.51 57.94 64.81
C ILE A 234 8.89 58.24 65.37
N VAL A 235 8.93 59.16 66.30
CA VAL A 235 10.13 59.53 67.05
C VAL A 235 10.04 58.91 68.42
N LEU A 236 11.07 58.18 68.81
CA LEU A 236 11.07 57.46 70.07
C LEU A 236 12.13 58.04 71.00
N LYS A 237 11.78 58.13 72.28
CA LYS A 237 12.65 58.72 73.28
C LYS A 237 12.41 58.11 74.66
N PRO A 238 13.47 57.88 75.44
CA PRO A 238 13.28 57.39 76.82
C PRO A 238 12.28 58.22 77.62
N LEU A 239 11.40 57.51 78.35
CA LEU A 239 10.32 58.20 79.05
C LEU A 239 10.84 59.22 80.04
N ASP A 240 11.86 58.86 80.83
CA ASP A 240 12.37 59.76 81.85
C ASP A 240 12.85 61.06 81.23
N LYS A 241 13.55 60.95 80.10
CA LYS A 241 14.08 62.15 79.47
C LYS A 241 12.97 62.93 78.79
N ALA A 242 11.96 62.24 78.28
CA ALA A 242 10.82 62.94 77.70
C ALA A 242 10.11 63.77 78.75
N ILE A 243 9.92 63.20 79.95
CA ILE A 243 9.32 63.96 81.04
C ILE A 243 10.21 65.14 81.41
N ALA A 244 11.51 64.90 81.59
CA ALA A 244 12.37 66.00 82.00
C ALA A 244 12.38 67.13 80.98
N ASP A 245 12.34 66.82 79.68
CA ASP A 245 12.41 67.90 78.71
C ASP A 245 11.06 68.56 78.42
N GLY A 246 9.96 68.07 78.99
CA GLY A 246 8.66 68.67 78.76
C GLY A 246 8.06 68.44 77.38
N ASP A 247 8.44 67.38 76.69
CA ASP A 247 7.87 67.07 75.37
C ASP A 247 6.43 66.58 75.50
N HIS A 248 5.68 66.64 74.41
CA HIS A 248 4.36 66.03 74.40
C HIS A 248 4.46 64.60 73.92
N ILE A 249 3.79 63.71 74.65
CA ILE A 249 3.99 62.26 74.58
C ILE A 249 2.68 61.58 74.20
N TYR A 250 2.65 60.93 73.04
CA TYR A 250 1.42 60.26 72.61
C TYR A 250 1.16 59.01 73.44
N GLY A 251 2.21 58.31 73.86
CA GLY A 251 2.06 57.06 74.58
C GLY A 251 3.40 56.41 74.86
N VAL A 252 3.35 55.38 75.72
CA VAL A 252 4.55 54.68 76.19
C VAL A 252 4.51 53.24 75.73
N ILE A 253 5.49 52.86 74.91
CA ILE A 253 5.68 51.46 74.52
C ILE A 253 6.39 50.76 75.66
N LYS A 254 5.74 49.76 76.24
CA LYS A 254 6.30 49.06 77.39
C LYS A 254 7.21 47.91 76.99
N GLY A 255 6.95 47.28 75.85
CA GLY A 255 7.75 46.14 75.43
C GLY A 255 7.20 45.57 74.15
N SER A 256 8.04 44.77 73.49
CA SER A 256 7.65 44.15 72.23
C SER A 256 8.40 42.84 72.06
N MET A 257 7.94 42.03 71.10
CA MET A 257 8.66 40.83 70.74
C MET A 257 8.42 40.56 69.26
N MET A 258 9.38 39.88 68.64
CA MET A 258 9.22 39.35 67.30
C MET A 258 9.76 37.92 67.26
N ASN A 259 9.12 37.06 66.47
CA ASN A 259 9.56 35.67 66.35
C ASN A 259 9.01 35.10 65.04
N ALA A 260 9.18 33.80 64.84
CA ALA A 260 8.71 33.13 63.65
C ALA A 260 8.10 31.78 64.02
N GLY A 261 7.25 31.28 63.11
CA GLY A 261 6.49 30.07 63.38
C GLY A 261 7.25 28.78 63.19
N GLY A 262 8.42 28.83 62.57
CA GLY A 262 9.12 27.58 62.32
C GLY A 262 8.34 26.72 61.35
N LYS A 263 8.45 25.40 61.46
CA LYS A 263 7.88 24.50 60.46
C LYS A 263 6.41 24.22 60.77
N THR A 264 5.53 24.61 59.86
CA THR A 264 4.11 24.29 59.90
C THR A 264 3.74 23.41 58.71
N ASN A 265 2.45 23.14 58.56
CA ASN A 265 1.95 22.16 57.60
C ASN A 265 2.18 22.60 56.16
N GLY A 266 2.39 23.90 55.98
CA GLY A 266 2.77 24.39 54.67
C GLY A 266 3.34 25.78 54.73
N TYR A 267 4.13 26.14 53.72
CA TYR A 267 4.77 27.44 53.72
C TYR A 267 3.71 28.54 53.72
N THR A 268 3.91 29.54 54.58
CA THR A 268 3.00 30.65 54.83
C THR A 268 1.78 30.26 55.65
N VAL A 269 1.67 29.03 56.14
CA VAL A 269 0.60 28.71 57.09
C VAL A 269 0.97 29.21 58.48
N PRO A 270 0.14 30.02 59.12
CA PRO A 270 0.48 30.51 60.47
C PRO A 270 0.37 29.43 61.53
N ASN A 271 1.14 29.64 62.61
CA ASN A 271 1.24 28.69 63.70
C ASN A 271 0.66 29.32 64.95
N PRO A 272 -0.49 28.86 65.44
CA PRO A 272 -1.07 29.50 66.63
C PRO A 272 -0.25 29.37 67.90
N GLN A 273 0.48 28.26 68.07
CA GLN A 273 1.30 28.09 69.26
C GLN A 273 2.42 29.13 69.33
N ALA A 274 3.07 29.41 68.20
CA ALA A 274 4.14 30.41 68.22
C ALA A 274 3.58 31.81 68.43
N GLN A 275 2.40 32.10 67.88
CA GLN A 275 1.79 33.39 68.15
C GLN A 275 1.46 33.54 69.64
N ALA A 276 0.98 32.46 70.26
CA ALA A 276 0.66 32.51 71.67
C ALA A 276 1.92 32.76 72.48
N GLN A 277 3.00 32.07 72.12
CA GLN A 277 4.27 32.29 72.81
C GLN A 277 4.75 33.72 72.63
N LEU A 278 4.62 34.25 71.41
CA LEU A 278 4.99 35.63 71.14
C LEU A 278 4.27 36.57 72.10
N VAL A 279 2.95 36.46 72.17
CA VAL A 279 2.19 37.42 72.96
C VAL A 279 2.50 37.25 74.45
N ALA A 280 2.58 35.99 74.90
CA ALA A 280 2.95 35.72 76.29
C ALA A 280 4.32 36.31 76.62
N ASP A 281 5.26 36.21 75.70
CA ASP A 281 6.60 36.72 75.97
C ASP A 281 6.62 38.23 76.01
N ALA A 282 5.82 38.87 75.16
CA ALA A 282 5.73 40.31 75.20
C ALA A 282 5.13 40.78 76.52
N LEU A 283 4.06 40.11 76.96
CA LEU A 283 3.44 40.48 78.24
C LEU A 283 4.37 40.24 79.41
N GLN A 284 5.11 39.13 79.40
CA GLN A 284 6.06 38.86 80.46
C GLN A 284 7.18 39.90 80.51
N ARG A 285 7.76 40.21 79.35
CA ARG A 285 8.80 41.23 79.32
C ARG A 285 8.28 42.59 79.76
N ALA A 286 7.05 42.91 79.37
CA ALA A 286 6.47 44.18 79.76
C ALA A 286 6.03 44.18 81.21
N ASN A 287 6.03 43.03 81.87
CA ASN A 287 5.46 42.94 83.21
C ASN A 287 4.03 43.45 83.21
N VAL A 288 3.25 43.04 82.21
CA VAL A 288 1.86 43.45 82.07
C VAL A 288 1.00 42.20 82.17
N HIS A 289 0.05 42.21 83.10
CA HIS A 289 -0.92 41.13 83.19
C HIS A 289 -1.98 41.30 82.11
N ALA A 290 -2.32 40.20 81.43
CA ALA A 290 -3.20 40.26 80.27
C ALA A 290 -4.57 40.85 80.60
N ARG A 291 -5.02 40.71 81.85
CA ARG A 291 -6.33 41.21 82.26
C ARG A 291 -6.44 42.73 82.22
N THR A 292 -5.31 43.45 82.18
CA THR A 292 -5.37 44.90 82.10
C THR A 292 -5.38 45.44 80.67
N VAL A 293 -5.30 44.57 79.68
CA VAL A 293 -5.42 44.97 78.28
C VAL A 293 -6.90 45.09 77.91
N SER A 294 -7.28 46.25 77.37
CA SER A 294 -8.69 46.53 77.10
C SER A 294 -8.99 46.82 75.64
N TYR A 295 -7.98 46.89 74.77
CA TYR A 295 -8.21 46.90 73.33
C TYR A 295 -7.10 46.14 72.62
N LEU A 296 -7.49 45.39 71.59
CA LEU A 296 -6.54 44.64 70.79
C LEU A 296 -6.80 44.98 69.33
N GLU A 297 -5.81 45.61 68.70
CA GLU A 297 -5.83 45.88 67.27
C GLU A 297 -5.23 44.67 66.57
N ALA A 298 -6.09 43.87 65.96
CA ALA A 298 -5.63 42.64 65.33
C ALA A 298 -5.00 42.92 63.97
N HIS A 299 -4.16 41.96 63.55
CA HIS A 299 -3.71 41.92 62.16
C HIS A 299 -4.89 41.88 61.22
N GLY A 300 -5.78 40.91 61.40
CA GLY A 300 -7.10 41.03 60.81
C GLY A 300 -7.11 41.22 59.31
N THR A 301 -6.41 40.37 58.57
CA THR A 301 -6.30 40.54 57.12
C THR A 301 -7.53 40.04 56.38
N GLY A 302 -8.46 39.39 57.07
CA GLY A 302 -9.70 38.99 56.45
C GLY A 302 -9.62 37.75 55.59
N THR A 303 -8.74 36.82 55.94
CA THR A 303 -8.67 35.52 55.28
C THR A 303 -9.40 34.52 56.17
N GLU A 304 -10.00 33.51 55.53
CA GLU A 304 -10.77 32.52 56.28
C GLU A 304 -9.86 31.66 57.16
N LEU A 305 -8.63 31.43 56.71
CA LEU A 305 -7.67 30.66 57.49
C LEU A 305 -7.09 31.45 58.65
N GLY A 306 -6.69 32.70 58.41
CA GLY A 306 -5.85 33.38 59.39
C GLY A 306 -6.61 33.88 60.59
N ASP A 307 -7.84 34.35 60.40
CA ASP A 307 -8.54 34.96 61.52
C ASP A 307 -8.83 33.96 62.62
N PRO A 308 -9.30 32.74 62.35
CA PRO A 308 -9.56 31.81 63.45
C PRO A 308 -8.29 31.38 64.14
N ILE A 309 -7.21 31.21 63.38
CA ILE A 309 -5.92 30.88 63.97
C ILE A 309 -5.49 31.98 64.91
N GLU A 310 -5.66 33.23 64.47
CA GLU A 310 -5.26 34.38 65.28
C GLU A 310 -6.04 34.42 66.57
N VAL A 311 -7.35 34.19 66.49
CA VAL A 311 -8.16 34.24 67.69
C VAL A 311 -7.80 33.09 68.61
N ALA A 312 -7.48 31.93 68.07
CA ALA A 312 -7.07 30.82 68.91
C ALA A 312 -5.78 31.15 69.63
N GLY A 313 -4.83 31.75 68.92
CA GLY A 313 -3.56 32.13 69.53
C GLY A 313 -3.77 33.15 70.63
N LEU A 314 -4.59 34.15 70.36
CA LEU A 314 -4.83 35.19 71.35
C LEU A 314 -5.51 34.59 72.55
N THR A 315 -6.44 33.68 72.33
CA THR A 315 -7.17 33.08 73.43
C THR A 315 -6.20 32.30 74.29
N ARG A 316 -5.28 31.57 73.65
CA ARG A 316 -4.31 30.77 74.39
C ARG A 316 -3.35 31.65 75.18
N ALA A 317 -2.90 32.75 74.58
CA ALA A 317 -2.00 33.65 75.30
C ALA A 317 -2.69 34.29 76.49
N PHE A 318 -3.91 34.81 76.30
CA PHE A 318 -4.60 35.45 77.42
C PHE A 318 -4.94 34.44 78.50
N GLU A 319 -5.26 33.21 78.10
CA GLU A 319 -5.71 32.21 79.05
C GLU A 319 -4.57 31.73 79.94
N LYS A 320 -3.33 32.06 79.58
CA LYS A 320 -2.22 31.84 80.50
C LYS A 320 -2.31 32.68 81.76
N ASP A 321 -2.90 33.87 81.67
CA ASP A 321 -3.02 34.77 82.81
C ASP A 321 -4.42 34.83 83.41
N THR A 322 -5.46 34.66 82.62
CA THR A 322 -6.82 34.90 83.09
C THR A 322 -7.80 34.04 82.31
N GLN A 323 -8.85 33.60 82.99
CA GLN A 323 -9.96 32.90 82.36
C GLN A 323 -11.15 33.80 82.07
N ASP A 324 -11.02 35.11 82.30
CA ASP A 324 -12.17 35.99 82.11
C ASP A 324 -12.50 36.10 80.62
N LYS A 325 -13.79 36.29 80.34
CA LYS A 325 -14.30 36.26 78.98
C LYS A 325 -14.82 37.63 78.57
N GLN A 326 -14.57 37.97 77.31
CA GLN A 326 -15.18 39.12 76.64
C GLN A 326 -15.03 40.42 77.45
N PHE A 327 -13.80 40.69 77.91
CA PHE A 327 -13.53 41.95 78.62
C PHE A 327 -12.75 42.95 77.78
N CYS A 328 -12.18 42.52 76.65
CA CYS A 328 -11.29 43.33 75.84
C CYS A 328 -11.88 43.50 74.45
N ALA A 329 -11.94 44.74 73.98
CA ALA A 329 -12.40 45.04 72.64
C ALA A 329 -11.35 44.68 71.59
N LEU A 330 -11.83 44.29 70.40
CA LEU A 330 -10.96 43.83 69.34
C LEU A 330 -11.44 44.47 68.03
N GLY A 331 -10.50 44.93 67.23
CA GLY A 331 -10.85 45.57 65.96
C GLY A 331 -9.64 45.59 65.05
N SER A 332 -9.85 46.08 63.83
CA SER A 332 -8.72 46.26 62.95
C SER A 332 -8.92 47.44 62.01
N ALA A 333 -7.94 48.35 62.05
CA ALA A 333 -7.84 49.48 61.12
C ALA A 333 -7.83 49.05 59.66
N LYS A 334 -7.43 47.83 59.36
CA LYS A 334 -7.44 47.41 57.96
C LYS A 334 -8.84 47.47 57.39
N SER A 335 -9.86 47.39 58.25
CA SER A 335 -11.23 47.49 57.76
C SER A 335 -11.49 48.87 57.18
N ASN A 336 -10.72 49.87 57.58
CA ASN A 336 -10.87 51.21 57.03
C ASN A 336 -9.96 51.43 55.83
N ILE A 337 -8.67 51.14 55.97
CA ILE A 337 -7.69 51.56 54.97
C ILE A 337 -7.13 50.40 54.18
N GLY A 338 -7.60 49.18 54.43
CA GLY A 338 -6.99 48.02 53.82
C GLY A 338 -5.70 47.62 54.49
N HIS A 339 -5.07 46.61 53.88
CA HIS A 339 -3.82 46.05 54.38
C HIS A 339 -2.68 46.70 53.59
N CYS A 340 -1.76 47.37 54.28
CA CYS A 340 -0.72 48.15 53.61
C CYS A 340 0.68 47.57 53.79
N GLU A 341 0.82 46.26 54.02
CA GLU A 341 2.13 45.63 54.02
C GLU A 341 3.05 46.24 55.07
N SER A 342 4.21 46.75 54.64
CA SER A 342 5.21 47.23 55.59
C SER A 342 4.69 48.36 56.47
N ALA A 343 3.63 49.05 56.05
CA ALA A 343 3.11 50.11 56.91
C ALA A 343 1.94 49.67 57.80
N ALA A 344 1.57 48.39 57.79
CA ALA A 344 0.40 47.98 58.58
C ALA A 344 0.65 48.19 60.08
N GLY A 345 1.84 47.85 60.55
CA GLY A 345 2.13 47.99 61.97
C GLY A 345 2.10 49.43 62.43
N ILE A 346 2.70 50.32 61.64
CA ILE A 346 2.74 51.71 62.03
C ILE A 346 1.35 52.33 61.94
N ALA A 347 0.53 51.86 61.00
CA ALA A 347 -0.85 52.34 60.93
C ALA A 347 -1.64 51.91 62.16
N GLY A 348 -1.46 50.67 62.60
CA GLY A 348 -2.12 50.24 63.82
C GLY A 348 -1.63 51.01 65.04
N VAL A 349 -0.33 51.25 65.10
CA VAL A 349 0.19 52.05 66.19
C VAL A 349 -0.45 53.43 66.18
N THR A 350 -0.56 54.04 65.00
CA THR A 350 -1.14 55.37 64.91
C THR A 350 -2.58 55.37 65.38
N LYS A 351 -3.35 54.35 64.97
CA LYS A 351 -4.73 54.27 65.42
C LYS A 351 -4.80 54.15 66.94
N ILE A 352 -3.94 53.33 67.53
CA ILE A 352 -3.95 53.20 68.98
C ILE A 352 -3.63 54.54 69.63
N LEU A 353 -2.65 55.25 69.10
CA LEU A 353 -2.25 56.50 69.72
C LEU A 353 -3.35 57.55 69.60
N LEU A 354 -4.08 57.55 68.47
CA LEU A 354 -5.20 58.47 68.31
C LEU A 354 -6.33 58.12 69.26
N GLN A 355 -6.61 56.83 69.42
CA GLN A 355 -7.62 56.44 70.41
C GLN A 355 -7.20 56.91 71.79
N LEU A 356 -5.91 56.80 72.12
CA LEU A 356 -5.48 57.26 73.44
C LEU A 356 -5.64 58.77 73.55
N LYS A 357 -5.27 59.50 72.50
CA LYS A 357 -5.39 60.95 72.53
C LYS A 357 -6.84 61.37 72.74
N HIS A 358 -7.78 60.69 72.07
CA HIS A 358 -9.19 61.04 72.15
C HIS A 358 -9.95 60.22 73.17
N ALA A 359 -9.31 59.25 73.83
CA ALA A 359 -9.98 58.33 74.74
C ALA A 359 -11.28 57.80 74.12
N GLN A 360 -11.18 57.29 72.90
CA GLN A 360 -12.35 56.79 72.19
C GLN A 360 -12.02 55.49 71.47
N LEU A 361 -13.01 54.62 71.38
CA LEU A 361 -12.91 53.40 70.58
C LEU A 361 -13.72 53.62 69.31
N VAL A 362 -13.15 53.30 68.15
CA VAL A 362 -13.87 53.53 66.90
C VAL A 362 -14.41 52.22 66.36
N PRO A 363 -15.39 52.26 65.46
CA PRO A 363 -15.86 51.03 64.83
C PRO A 363 -14.77 50.31 64.05
N SER A 364 -14.82 48.98 64.08
CA SER A 364 -14.13 48.11 63.13
C SER A 364 -15.15 47.63 62.10
N LEU A 365 -14.92 47.96 60.83
CA LEU A 365 -15.95 47.82 59.81
C LEU A 365 -16.05 46.37 59.36
N HIS A 366 -17.18 46.03 58.75
CA HIS A 366 -17.37 44.74 58.07
C HIS A 366 -17.32 43.56 59.02
N SER A 367 -17.77 43.72 60.27
CA SER A 367 -17.86 42.61 61.21
C SER A 367 -19.18 42.61 61.95
N ARG A 368 -20.21 43.22 61.37
CA ARG A 368 -21.55 43.16 61.94
C ARG A 368 -22.06 41.73 62.07
N THR A 369 -21.75 40.91 61.07
CA THR A 369 -21.86 39.45 61.17
C THR A 369 -20.47 38.86 61.39
N LEU A 370 -20.31 38.17 62.51
CA LEU A 370 -19.01 37.65 62.89
C LEU A 370 -18.70 36.37 62.11
N ASN A 371 -17.41 36.09 61.97
CA ASN A 371 -16.99 34.81 61.42
C ASN A 371 -17.75 33.68 62.10
N PRO A 372 -18.55 32.90 61.37
CA PRO A 372 -19.34 31.86 62.04
C PRO A 372 -18.46 30.76 62.60
N ASN A 373 -17.19 30.75 62.23
CA ASN A 373 -16.24 29.76 62.72
C ASN A 373 -15.53 30.23 63.98
N ILE A 374 -15.81 31.44 64.45
CA ILE A 374 -15.22 31.98 65.66
C ILE A 374 -16.33 32.18 66.69
N ASP A 375 -16.22 31.49 67.81
CA ASP A 375 -17.17 31.61 68.91
C ASP A 375 -16.57 32.60 69.90
N PHE A 376 -16.94 33.87 69.73
CA PHE A 376 -16.36 34.92 70.57
C PHE A 376 -16.83 34.80 72.01
N THR A 377 -17.93 34.10 72.27
CA THR A 377 -18.40 33.90 73.63
C THR A 377 -17.44 33.02 74.43
N LYS A 378 -16.54 32.34 73.75
CA LYS A 378 -15.50 31.53 74.37
C LYS A 378 -14.17 32.24 74.45
N THR A 379 -14.14 33.56 74.35
CA THR A 379 -12.86 34.24 74.29
C THR A 379 -12.81 35.40 75.28
N PRO A 380 -11.61 35.96 75.52
CA PRO A 380 -11.51 37.20 76.31
C PRO A 380 -12.04 38.45 75.62
N PHE A 381 -12.45 38.40 74.35
CA PHE A 381 -12.51 39.59 73.51
C PHE A 381 -13.94 39.84 73.03
N VAL A 382 -14.24 41.11 72.79
CA VAL A 382 -15.48 41.53 72.12
C VAL A 382 -15.10 42.38 70.92
N VAL A 383 -15.54 41.99 69.73
CA VAL A 383 -15.17 42.73 68.53
C VAL A 383 -15.90 44.06 68.48
N GLN A 384 -15.12 45.14 68.46
CA GLN A 384 -15.68 46.48 68.60
C GLN A 384 -16.50 46.84 67.36
N GLN A 385 -17.77 47.20 67.57
CA GLN A 385 -18.64 47.49 66.43
C GLN A 385 -18.95 48.97 66.20
N GLU A 386 -18.97 49.78 67.26
CA GLU A 386 -19.45 51.15 67.18
C GLU A 386 -18.50 52.10 67.91
N LEU A 387 -18.57 53.38 67.55
CA LEU A 387 -17.84 54.39 68.32
C LEU A 387 -18.33 54.39 69.76
N ALA A 388 -17.40 54.40 70.70
CA ALA A 388 -17.72 54.29 72.12
C ALA A 388 -16.62 54.92 72.96
N GLU A 389 -16.97 55.31 74.18
CA GLU A 389 -15.95 55.75 75.11
C GLU A 389 -15.03 54.59 75.44
N TRP A 390 -13.74 54.88 75.50
CA TRP A 390 -12.74 53.91 75.94
C TRP A 390 -12.56 54.02 77.45
N ARG A 391 -13.06 53.02 78.19
CA ARG A 391 -13.03 53.05 79.66
C ARG A 391 -11.73 52.47 80.22
N ARG A 392 -11.21 53.13 81.25
CA ARG A 392 -10.18 52.53 82.08
C ARG A 392 -10.76 51.34 82.83
N PRO A 393 -10.20 50.14 82.70
CA PRO A 393 -10.81 49.00 83.38
C PRO A 393 -10.45 48.99 84.86
N ILE A 394 -11.40 48.55 85.69
CA ILE A 394 -11.19 48.29 87.10
C ILE A 394 -11.02 46.79 87.26
N VAL A 395 -9.91 46.37 87.86
CA VAL A 395 -9.55 44.96 87.81
C VAL A 395 -9.02 44.50 89.16
N GLU A 396 -9.55 43.35 89.59
CA GLU A 396 -9.12 42.71 90.83
C GLU A 396 -8.08 41.62 90.56
N ILE A 397 -6.89 41.97 90.07
CA ILE A 397 -5.83 40.96 90.01
C ILE A 397 -5.29 40.71 91.40
N ASN A 398 -5.06 39.44 91.71
CA ASN A 398 -4.54 39.03 93.01
C ASN A 398 -5.53 39.36 94.13
N GLY A 399 -6.82 39.37 93.79
CA GLY A 399 -7.79 39.80 94.78
C GLY A 399 -7.50 41.18 95.33
N THR A 400 -6.82 42.02 94.53
CA THR A 400 -6.65 43.43 94.84
C THR A 400 -7.29 44.21 93.72
N THR A 401 -8.06 45.25 94.06
CA THR A 401 -8.74 46.05 93.05
C THR A 401 -8.14 47.44 92.90
N ASN A 402 -7.82 47.77 91.65
CA ASN A 402 -7.27 49.07 91.31
C ASN A 402 -7.78 49.43 89.92
N GLU A 403 -7.72 50.72 89.58
CA GLU A 403 -7.98 51.20 88.23
C GLU A 403 -6.69 51.13 87.42
N TYR A 404 -6.76 50.53 86.23
CA TYR A 404 -5.58 50.46 85.39
C TYR A 404 -5.66 51.48 84.25
N PRO A 405 -4.53 51.91 83.71
CA PRO A 405 -4.56 52.74 82.49
C PRO A 405 -5.20 52.02 81.32
N ARG A 406 -5.62 52.81 80.33
CA ARG A 406 -5.99 52.24 79.03
C ARG A 406 -4.74 51.62 78.41
N ILE A 407 -4.76 50.33 78.14
CA ILE A 407 -3.63 49.61 77.56
C ILE A 407 -4.10 48.82 76.35
N ALA A 408 -3.36 48.93 75.25
CA ALA A 408 -3.67 48.15 74.06
C ALA A 408 -2.44 47.35 73.65
N GLY A 409 -2.71 46.17 73.08
CA GLY A 409 -1.69 45.40 72.38
C GLY A 409 -1.95 45.39 70.89
N ILE A 410 -0.87 45.25 70.12
CA ILE A 410 -0.97 45.08 68.67
C ILE A 410 -0.02 43.99 68.22
N SER A 411 -0.53 43.11 67.37
CA SER A 411 0.23 42.02 66.75
C SER A 411 0.38 42.32 65.26
N SER A 412 1.49 41.90 64.67
CA SER A 412 1.66 41.95 63.22
C SER A 412 2.44 40.73 62.75
N PHE A 413 1.90 40.07 61.72
CA PHE A 413 2.40 38.79 61.25
C PHE A 413 2.76 38.91 59.77
N GLY A 414 3.94 38.42 59.40
CA GLY A 414 4.35 38.42 58.01
C GLY A 414 4.01 37.13 57.27
N ALA A 415 3.87 37.27 55.95
CA ALA A 415 3.51 36.14 55.10
C ALA A 415 4.48 34.99 55.25
N GLY A 416 5.77 35.27 55.41
CA GLY A 416 6.75 34.21 55.54
C GLY A 416 6.81 33.63 56.93
N GLY A 417 5.97 34.13 57.84
CA GLY A 417 5.85 33.61 59.18
C GLY A 417 6.51 34.44 60.26
N SER A 418 7.03 35.61 59.92
CA SER A 418 7.62 36.49 60.92
C SER A 418 6.57 37.34 61.62
N ASN A 419 6.55 37.26 62.95
CA ASN A 419 5.53 37.88 63.78
C ASN A 419 6.19 38.92 64.68
N ALA A 420 5.43 39.97 65.02
CA ALA A 420 5.87 40.91 66.04
C ALA A 420 4.68 41.38 66.87
N HIS A 421 4.97 41.81 68.09
CA HIS A 421 3.95 42.34 68.98
C HIS A 421 4.55 43.44 69.84
N VAL A 422 3.77 44.50 70.04
CA VAL A 422 4.19 45.65 70.84
C VAL A 422 3.09 46.00 71.83
N ILE A 423 3.49 46.41 73.03
CA ILE A 423 2.59 46.78 74.12
C ILE A 423 2.69 48.29 74.33
N ILE A 424 1.54 48.99 74.29
CA ILE A 424 1.49 50.44 74.38
C ILE A 424 0.58 50.84 75.53
N GLU A 425 1.08 51.70 76.41
CA GLU A 425 0.32 52.19 77.54
C GLU A 425 0.13 53.70 77.44
N GLU A 426 -1.00 54.18 77.91
CA GLU A 426 -1.24 55.62 77.94
C GLU A 426 -0.22 56.30 78.86
N TYR A 427 0.18 57.52 78.48
CA TYR A 427 1.00 58.36 79.34
C TYR A 427 0.10 59.24 80.19
N ILE A 428 0.28 59.17 81.51
CA ILE A 428 -0.54 59.95 82.43
C ILE A 428 0.34 60.97 83.15
N PRO A 429 0.23 62.25 82.83
CA PRO A 429 1.15 63.25 83.42
C PRO A 429 0.81 63.55 84.87
N GLU A 430 1.82 64.04 85.59
CA GLU A 430 1.63 64.60 86.92
C GLU A 430 1.00 65.99 86.83
N GLU A 431 0.07 66.26 87.74
CA GLU A 431 -0.78 67.46 87.66
C GLU A 431 -0.01 68.69 88.17
N GLN A 432 0.78 69.27 87.27
CA GLN A 432 1.55 70.49 87.55
C GLN A 432 1.11 71.56 86.55
N LYS A 433 0.26 72.51 86.99
CA LYS A 433 -0.23 73.59 86.12
C LYS A 433 -0.04 74.94 86.84
N GLN A 434 1.22 75.29 87.09
CA GLN A 434 1.54 76.59 87.65
C GLN A 434 1.08 77.73 86.75
N SER A 435 1.25 77.58 85.44
CA SER A 435 0.74 78.55 84.47
C SER A 435 1.31 79.94 84.73
N SER A 436 2.60 79.98 85.07
CA SER A 436 3.32 81.24 85.27
C SER A 436 3.72 81.89 83.95
N LEU A 437 3.43 81.25 82.82
CA LEU A 437 3.66 81.83 81.50
C LEU A 437 2.36 82.31 80.88
N LYS A 438 1.37 82.62 81.71
CA LYS A 438 0.08 83.09 81.22
C LYS A 438 0.27 84.24 80.25
N ILE A 439 -0.25 84.06 79.04
CA ILE A 439 -0.10 85.03 77.96
C ILE A 439 -1.27 85.99 78.06
N THR A 440 -0.97 87.26 78.30
CA THR A 440 -1.99 88.29 78.39
C THR A 440 -1.58 89.45 77.50
N PRO A 441 -2.41 90.48 77.37
CA PRO A 441 -1.97 91.70 76.68
C PRO A 441 -0.84 92.39 77.42
N GLN A 442 -0.71 92.19 78.73
CA GLN A 442 0.41 92.75 79.47
C GLN A 442 1.68 91.91 79.28
N ASN A 443 1.51 90.60 79.12
CA ASN A 443 2.62 89.68 78.84
C ASN A 443 2.32 88.96 77.54
N PRO A 444 2.49 89.62 76.40
CA PRO A 444 2.13 89.00 75.13
C PRO A 444 3.17 87.96 74.71
N ALA A 445 2.77 87.14 73.75
CA ALA A 445 3.63 86.08 73.23
C ALA A 445 4.19 86.47 71.88
N ILE A 446 5.34 85.88 71.55
CA ILE A 446 6.02 86.10 70.28
C ILE A 446 5.77 84.88 69.40
N PHE A 447 5.10 85.11 68.27
CA PHE A 447 4.80 84.07 67.30
C PHE A 447 5.67 84.31 66.08
N VAL A 448 6.47 83.31 65.72
CA VAL A 448 7.37 83.39 64.58
C VAL A 448 7.00 82.33 63.55
N LEU A 449 7.08 82.70 62.28
CA LEU A 449 6.76 81.81 61.17
C LEU A 449 7.73 82.07 60.03
N SER A 450 8.14 81.02 59.33
CA SER A 450 9.09 81.19 58.24
C SER A 450 8.93 80.04 57.25
N ALA A 451 9.37 80.29 56.01
CA ALA A 451 9.29 79.29 54.97
C ALA A 451 10.35 79.59 53.93
N LYS A 452 10.51 78.65 52.99
CA LYS A 452 11.50 78.80 51.93
C LYS A 452 11.17 79.90 50.94
N ASN A 453 9.90 80.27 50.82
CA ASN A 453 9.47 81.27 49.87
C ASN A 453 8.12 81.81 50.33
N ALA A 454 7.59 82.78 49.59
CA ALA A 454 6.38 83.45 50.04
C ALA A 454 5.17 82.54 49.91
N GLU A 455 5.12 81.73 48.85
CA GLU A 455 3.99 80.81 48.68
C GLU A 455 3.89 79.84 49.85
N ARG A 456 5.03 79.26 50.25
CA ARG A 456 5.01 78.31 51.36
C ARG A 456 4.63 78.99 52.66
N LEU A 457 5.16 80.19 52.91
CA LEU A 457 4.82 80.88 54.16
C LEU A 457 3.34 81.20 54.20
N TYR A 458 2.80 81.66 53.07
CA TYR A 458 1.36 81.92 52.99
C TYR A 458 0.56 80.68 53.31
N GLU A 459 0.98 79.54 52.76
CA GLU A 459 0.27 78.30 53.05
C GLU A 459 0.40 77.93 54.52
N ILE A 460 1.56 78.21 55.13
CA ILE A 460 1.75 77.96 56.55
C ILE A 460 0.75 78.75 57.38
N VAL A 461 0.57 80.03 57.03
CA VAL A 461 -0.36 80.87 57.78
C VAL A 461 -1.77 80.34 57.63
N GLN A 462 -2.15 79.98 56.39
CA GLN A 462 -3.47 79.41 56.18
C GLN A 462 -3.67 78.19 57.05
N GLN A 463 -2.68 77.30 57.08
CA GLN A 463 -2.83 76.06 57.83
C GLN A 463 -2.89 76.33 59.32
N LEU A 464 -2.19 77.36 59.80
CA LEU A 464 -2.25 77.67 61.22
C LEU A 464 -3.63 78.19 61.60
N LEU A 465 -4.17 79.12 60.81
CA LEU A 465 -5.52 79.59 61.06
C LEU A 465 -6.50 78.43 61.07
N ALA A 466 -6.39 77.55 60.08
CA ALA A 466 -7.31 76.43 60.00
C ALA A 466 -7.16 75.50 61.19
N PHE A 467 -5.93 75.26 61.63
CA PHE A 467 -5.70 74.36 62.75
C PHE A 467 -6.25 74.94 64.05
N ILE A 468 -6.01 76.22 64.29
CA ILE A 468 -6.57 76.90 65.46
C ILE A 468 -8.08 76.73 65.47
N GLN A 469 -8.69 76.95 64.30
CA GLN A 469 -10.14 76.80 64.19
C GLN A 469 -10.56 75.35 64.46
N GLU A 470 -9.88 74.40 63.84
CA GLU A 470 -10.31 73.01 63.90
C GLU A 470 -10.26 72.48 65.32
N HIS A 471 -9.24 72.85 66.08
CA HIS A 471 -9.04 72.33 67.42
C HIS A 471 -9.48 73.32 68.49
N SER A 472 -10.12 74.41 68.09
CA SER A 472 -10.65 75.38 69.03
C SER A 472 -9.57 75.86 70.00
N LEU A 473 -8.44 76.24 69.43
CA LEU A 473 -7.36 76.78 70.25
C LEU A 473 -7.71 78.19 70.67
N SER A 474 -7.27 78.57 71.87
CA SER A 474 -7.62 79.86 72.44
C SER A 474 -6.42 80.38 73.23
N ASP A 475 -6.69 81.35 74.10
CA ASP A 475 -5.62 82.06 74.80
C ASP A 475 -4.74 81.09 75.58
N GLU A 476 -5.31 80.01 76.11
CA GLU A 476 -4.52 79.12 76.94
C GLU A 476 -3.51 78.34 76.12
N HIS A 477 -3.61 78.37 74.80
CA HIS A 477 -2.65 77.69 73.95
C HIS A 477 -1.56 78.62 73.45
N LEU A 478 -1.67 79.92 73.70
CA LEU A 478 -0.74 80.87 73.10
C LEU A 478 0.67 80.59 73.58
N ALA A 479 0.84 80.34 74.89
CA ALA A 479 2.16 80.11 75.43
C ALA A 479 2.82 78.94 74.75
N ASP A 480 2.12 77.79 74.71
CA ASP A 480 2.70 76.60 74.12
C ASP A 480 2.89 76.75 72.63
N MET A 481 1.96 77.41 71.96
CA MET A 481 2.10 77.62 70.52
C MET A 481 3.35 78.45 70.23
N ALA A 482 3.50 79.56 70.94
CA ALA A 482 4.65 80.42 70.72
C ALA A 482 5.95 79.71 71.08
N TYR A 483 5.96 78.96 72.18
CA TYR A 483 7.18 78.25 72.53
C TYR A 483 7.54 77.25 71.45
N THR A 484 6.56 76.47 70.99
CA THR A 484 6.83 75.46 69.98
C THR A 484 7.31 76.10 68.69
N LEU A 485 6.70 77.22 68.29
CA LEU A 485 7.14 77.90 67.07
C LEU A 485 8.50 78.55 67.25
N GLN A 486 8.85 78.93 68.47
CA GLN A 486 10.16 79.50 68.71
C GLN A 486 11.23 78.45 68.58
N VAL A 487 11.08 77.34 69.31
CA VAL A 487 12.16 76.38 69.44
C VAL A 487 11.97 75.15 68.57
N GLY A 488 10.82 74.99 67.93
CA GLY A 488 10.53 73.74 67.23
C GLY A 488 10.35 73.85 65.73
N ARG A 489 10.72 74.98 65.15
CA ARG A 489 10.67 75.17 63.70
C ARG A 489 11.97 75.82 63.25
N VAL A 490 12.59 75.25 62.22
CA VAL A 490 13.75 75.89 61.60
C VAL A 490 13.34 77.23 61.02
N ALA A 491 14.14 78.26 61.32
CA ALA A 491 13.92 79.61 60.82
C ALA A 491 14.43 79.71 59.39
N MET A 492 13.52 79.86 58.44
CA MET A 492 13.86 79.80 57.02
C MET A 492 13.99 81.23 56.47
N GLU A 493 14.07 81.32 55.13
CA GLU A 493 14.51 82.55 54.49
C GLU A 493 13.43 83.63 54.52
N GLU A 494 12.17 83.25 54.34
CA GLU A 494 11.06 84.18 54.29
C GLU A 494 10.37 84.12 55.64
N ARG A 495 10.33 85.23 56.36
CA ARG A 495 9.88 85.21 57.75
C ARG A 495 8.81 86.27 58.01
N ILE A 496 7.89 85.92 58.92
CA ILE A 496 6.99 86.88 59.54
C ILE A 496 6.97 86.63 61.04
N ALA A 497 6.57 87.66 61.79
CA ALA A 497 6.50 87.58 63.24
C ALA A 497 5.35 88.47 63.70
N VAL A 498 4.63 88.03 64.72
CA VAL A 498 3.44 88.73 65.20
C VAL A 498 3.48 88.78 66.72
N ILE A 499 3.12 89.94 67.27
CA ILE A 499 2.92 90.10 68.71
C ILE A 499 1.42 90.11 68.97
N ALA A 500 0.98 89.28 69.92
CA ALA A 500 -0.44 89.18 70.24
C ALA A 500 -0.60 88.76 71.69
N GLY A 501 -1.61 89.31 72.35
CA GLY A 501 -1.87 89.03 73.75
C GLY A 501 -3.09 88.15 73.96
N THR A 502 -3.84 87.89 72.88
CA THR A 502 -4.96 86.99 72.90
C THR A 502 -4.99 86.22 71.59
N MET A 503 -5.69 85.07 71.61
CA MET A 503 -5.86 84.28 70.41
C MET A 503 -6.61 85.06 69.34
N LYS A 504 -7.73 85.68 69.71
CA LYS A 504 -8.51 86.47 68.76
C LYS A 504 -7.64 87.49 68.04
N GLU A 505 -6.76 88.17 68.77
CA GLU A 505 -5.85 89.14 68.16
C GLU A 505 -4.95 88.47 67.12
N LEU A 506 -4.39 87.32 67.47
CA LEU A 506 -3.57 86.58 66.52
C LEU A 506 -4.37 86.24 65.28
N GLN A 507 -5.57 85.71 65.47
CA GLN A 507 -6.40 85.38 64.33
C GLN A 507 -6.67 86.61 63.49
N GLN A 508 -6.93 87.74 64.14
CA GLN A 508 -7.20 88.97 63.41
C GLN A 508 -6.00 89.36 62.54
N LYS A 509 -4.83 89.42 63.14
CA LYS A 509 -3.66 89.91 62.43
C LYS A 509 -3.26 88.94 61.33
N LEU A 510 -3.31 87.65 61.62
CA LEU A 510 -2.93 86.67 60.63
C LEU A 510 -3.91 86.64 59.48
N THR A 511 -5.21 86.80 59.77
CA THR A 511 -6.19 86.85 58.70
C THR A 511 -5.97 88.09 57.84
N ALA A 512 -5.64 89.22 58.48
CA ALA A 512 -5.30 90.41 57.72
C ALA A 512 -4.09 90.16 56.83
N TYR A 513 -3.11 89.40 57.32
CA TYR A 513 -1.96 89.09 56.48
C TYR A 513 -2.43 88.22 55.32
N VAL A 514 -3.24 87.22 55.63
CA VAL A 514 -3.78 86.33 54.62
C VAL A 514 -4.63 87.14 53.68
N LYS A 515 -5.24 88.20 54.20
CA LYS A 515 -6.13 89.03 53.41
C LYS A 515 -5.39 90.06 52.58
N GLY A 516 -4.08 90.14 52.70
CA GLY A 516 -3.30 91.01 51.85
C GLY A 516 -3.00 92.35 52.45
N GLN A 517 -3.28 92.55 53.73
CA GLN A 517 -3.10 93.85 54.33
C GLN A 517 -1.61 94.17 54.40
N GLU A 518 -1.23 95.26 53.73
CA GLU A 518 0.19 95.56 53.56
C GLU A 518 0.80 95.97 54.89
N HIS A 519 0.06 96.74 55.68
CA HIS A 519 0.53 97.24 56.96
C HIS A 519 -0.36 96.71 58.06
N ILE A 520 0.23 95.95 58.97
CA ILE A 520 -0.47 95.34 60.10
C ILE A 520 0.32 95.63 61.36
N ALA A 521 -0.37 96.08 62.41
CA ALA A 521 0.29 96.48 63.64
C ALA A 521 0.93 95.27 64.29
N ASP A 522 2.20 95.43 64.70
CA ASP A 522 2.95 94.39 65.40
C ASP A 522 3.13 93.14 64.54
N LEU A 523 3.11 93.31 63.22
CA LEU A 523 3.43 92.25 62.28
C LEU A 523 4.55 92.73 61.37
N TYR A 524 5.65 91.99 61.35
CA TYR A 524 6.85 92.34 60.63
C TYR A 524 7.11 91.37 59.49
N ARG A 525 7.52 91.90 58.34
CA ARG A 525 7.85 91.07 57.18
C ARG A 525 9.28 91.42 56.76
N GLY A 526 9.94 90.45 56.17
CA GLY A 526 11.29 90.65 55.67
C GLY A 526 11.86 89.34 55.17
N GLN A 527 13.09 89.42 54.70
CA GLN A 527 13.78 88.25 54.18
C GLN A 527 15.19 88.22 54.74
N VAL A 528 15.70 87.00 54.93
CA VAL A 528 17.09 86.85 55.34
C VAL A 528 17.98 87.12 54.15
N ASN A 529 17.57 86.65 52.97
CA ASN A 529 18.39 86.70 51.77
C ASN A 529 19.01 88.08 51.56
N ARG A 530 18.38 89.13 52.10
CA ARG A 530 18.77 90.49 51.76
C ARG A 530 19.96 90.96 52.58
N ASN A 531 19.95 90.69 53.89
CA ASN A 531 20.91 91.25 54.81
C ASN A 531 21.96 90.23 55.25
N GLN A 532 22.32 89.30 54.36
CA GLN A 532 23.23 88.23 54.74
C GLN A 532 24.55 88.80 55.24
N GLU A 533 25.01 89.89 54.63
CA GLU A 533 26.36 90.38 54.90
C GLU A 533 26.50 90.84 56.35
N MET A 534 25.68 91.79 56.79
CA MET A 534 25.83 92.31 58.15
C MET A 534 25.59 91.25 59.20
N LEU A 535 24.75 90.25 58.91
CA LEU A 535 24.55 89.18 59.88
C LEU A 535 25.87 88.49 60.21
N ASP A 536 26.60 88.08 59.18
CA ASP A 536 27.82 87.28 59.37
C ASP A 536 28.74 87.89 60.41
N ILE A 537 28.87 89.23 60.42
CA ILE A 537 29.98 89.88 61.08
C ILE A 537 29.67 90.29 62.52
N LEU A 538 28.39 90.28 62.91
CA LEU A 538 28.00 90.80 64.21
C LEU A 538 27.61 89.71 65.20
N THR A 539 27.14 88.55 64.72
CA THR A 539 26.63 87.53 65.62
C THR A 539 27.75 86.69 66.21
N SER A 540 28.94 86.70 65.61
CA SER A 540 30.07 85.94 66.13
C SER A 540 30.27 86.18 67.63
N ASP A 541 30.25 87.45 68.04
CA ASP A 541 30.55 87.79 69.42
C ASP A 541 29.32 87.57 70.30
N ASP A 542 29.52 86.88 71.42
CA ASP A 542 28.51 86.84 72.46
C ASP A 542 28.08 88.22 72.94
N GLU A 543 28.93 89.23 72.80
CA GLU A 543 28.59 90.60 73.17
C GLU A 543 27.20 91.01 72.68
N LEU A 544 26.87 90.60 71.47
CA LEU A 544 25.59 90.95 70.91
C LEU A 544 24.50 89.98 71.33
N GLU A 545 24.80 88.69 71.51
CA GLU A 545 23.79 87.81 72.10
C GLU A 545 23.38 88.31 73.48
N GLU A 546 24.32 88.89 74.23
CA GLU A 546 24.00 89.53 75.50
C GLU A 546 23.15 90.78 75.28
N THR A 547 23.46 91.54 74.22
CA THR A 547 22.64 92.72 73.97
C THR A 547 21.20 92.29 73.71
N ILE A 548 21.03 91.21 72.94
CA ILE A 548 19.71 90.62 72.74
C ILE A 548 19.09 90.26 74.09
N ALA A 549 19.88 89.59 74.94
CA ALA A 549 19.36 89.17 76.24
C ALA A 549 18.76 90.36 76.98
N ARG A 550 19.43 91.52 76.89
CA ARG A 550 18.93 92.71 77.56
C ARG A 550 17.68 93.25 76.87
N TRP A 551 17.69 93.25 75.53
CA TRP A 551 16.50 93.67 74.80
C TRP A 551 15.28 92.82 75.19
N MET A 552 15.48 91.51 75.30
CA MET A 552 14.40 90.61 75.71
C MET A 552 13.92 90.92 77.12
N GLU A 553 14.85 91.00 78.07
CA GLU A 553 14.47 91.34 79.45
C GLU A 553 13.69 92.65 79.50
N ARG A 554 14.25 93.70 78.90
CA ARG A 554 13.57 94.98 78.80
C ARG A 554 12.30 94.90 77.98
N GLY A 555 12.12 93.84 77.20
CA GLY A 555 10.90 93.71 76.44
C GLY A 555 10.87 94.48 75.14
N LYS A 556 12.03 94.70 74.53
CA LYS A 556 12.12 95.43 73.26
C LYS A 556 11.73 94.49 72.12
N TYR A 557 10.49 94.02 72.21
CA TYR A 557 10.02 92.99 71.30
C TYR A 557 10.03 93.49 69.85
N SER A 558 9.49 94.69 69.63
CA SER A 558 9.48 95.27 68.28
C SER A 558 10.87 95.30 67.65
N LYS A 559 11.89 95.66 68.44
CA LYS A 559 13.26 95.72 67.91
C LYS A 559 13.78 94.35 67.54
N LEU A 560 13.61 93.37 68.43
CA LEU A 560 14.09 92.03 68.16
C LEU A 560 13.43 91.47 66.92
N LEU A 561 12.11 91.68 66.79
CA LEU A 561 11.40 91.12 65.65
C LEU A 561 11.78 91.83 64.37
N ASP A 562 12.00 93.15 64.41
CA ASP A 562 12.45 93.84 63.22
C ASP A 562 13.83 93.38 62.79
N LEU A 563 14.67 92.97 63.74
CA LEU A 563 15.98 92.42 63.34
C LEU A 563 15.88 90.95 62.98
N TRP A 564 15.07 90.19 63.72
CA TRP A 564 14.96 88.75 63.46
C TRP A 564 14.51 88.52 62.03
N VAL A 565 13.55 89.31 61.57
CA VAL A 565 12.93 89.07 60.27
C VAL A 565 13.90 89.36 59.13
N LYS A 566 14.99 90.07 59.41
CA LYS A 566 16.03 90.31 58.42
C LYS A 566 17.15 89.27 58.50
N GLY A 567 17.09 88.34 59.45
CA GLY A 567 18.06 87.27 59.55
C GLY A 567 18.79 87.20 60.87
N LEU A 568 18.58 88.13 61.79
CA LEU A 568 19.28 88.08 63.07
C LEU A 568 18.90 86.83 63.86
N SER A 569 19.89 86.00 64.16
CA SER A 569 19.65 84.80 64.95
C SER A 569 19.36 85.17 66.39
N ILE A 570 18.28 84.63 66.93
CA ILE A 570 17.88 84.87 68.31
C ILE A 570 17.73 83.54 69.03
N ASP A 571 18.40 83.40 70.16
CA ASP A 571 18.24 82.21 71.00
C ASP A 571 16.99 82.40 71.84
N TRP A 572 15.89 81.89 71.30
CA TRP A 572 14.58 82.10 71.91
C TRP A 572 14.47 81.44 73.28
N ASN A 573 15.38 80.51 73.61
CA ASN A 573 15.30 79.86 74.92
C ASN A 573 15.52 80.85 76.04
N LYS A 574 16.37 81.85 75.82
CA LYS A 574 16.62 82.86 76.84
C LYS A 574 15.36 83.64 77.17
N LEU A 575 14.34 83.59 76.30
CA LEU A 575 13.07 84.23 76.59
C LEU A 575 12.41 83.69 77.84
N TYR A 576 12.76 82.47 78.26
CA TYR A 576 12.11 81.78 79.36
C TYR A 576 13.18 81.56 80.41
N GLN A 577 13.32 82.51 81.32
CA GLN A 577 14.35 82.41 82.34
C GLN A 577 13.98 81.39 83.41
N GLU A 578 12.74 81.44 83.88
CA GLU A 578 12.23 80.52 84.90
C GLU A 578 11.23 79.56 84.27
N GLU A 579 11.48 78.27 84.44
CA GLU A 579 10.58 77.25 83.93
C GLU A 579 10.62 77.23 82.41
N GLN A 580 9.68 76.50 81.81
CA GLN A 580 9.67 76.29 80.37
C GLN A 580 8.24 75.96 79.98
N PRO A 581 7.72 76.52 78.86
CA PRO A 581 6.42 76.04 78.36
C PRO A 581 6.52 74.63 77.81
N GLY A 582 5.41 74.07 77.37
CA GLY A 582 5.39 72.73 76.84
C GLY A 582 5.31 72.74 75.32
N ARG A 583 5.86 71.70 74.72
CA ARG A 583 5.77 71.52 73.28
C ARG A 583 4.39 70.96 72.91
N ILE A 584 3.86 71.43 71.79
CA ILE A 584 2.58 70.93 71.31
C ILE A 584 2.66 70.70 69.81
N SER A 585 1.79 69.82 69.33
CA SER A 585 1.66 69.57 67.90
C SER A 585 1.06 70.77 67.19
N LEU A 586 1.67 71.16 66.09
CA LEU A 586 1.14 72.18 65.20
C LEU A 586 1.40 71.75 63.78
N PRO A 587 0.73 72.36 62.81
CA PRO A 587 0.94 71.97 61.42
C PRO A 587 2.40 72.09 61.01
N THR A 588 2.79 71.24 60.07
CA THR A 588 4.15 71.11 59.60
C THR A 588 4.30 71.71 58.20
N TYR A 589 5.52 71.73 57.72
CA TYR A 589 5.86 72.49 56.52
C TYR A 589 5.05 72.04 55.31
N PRO A 590 4.46 72.95 54.56
CA PRO A 590 3.68 72.52 53.40
C PRO A 590 4.57 72.37 52.18
N PHE A 591 5.27 71.24 52.10
CA PHE A 591 6.20 71.02 50.99
C PHE A 591 5.52 71.27 49.65
N ALA A 592 6.26 71.87 48.73
CA ALA A 592 5.78 72.05 47.38
C ALA A 592 5.45 70.69 46.76
N LYS A 593 4.35 70.65 46.02
CA LYS A 593 3.88 69.42 45.39
C LYS A 593 4.18 69.38 43.89
N GLU A 594 5.42 69.07 43.52
CA GLU A 594 5.81 69.01 42.11
C GLU A 594 6.05 67.55 41.75
N SER A 595 5.59 67.16 40.57
CA SER A 595 5.67 65.77 40.14
C SER A 595 7.02 65.49 39.49
N TYR A 596 7.60 64.34 39.81
CA TYR A 596 8.84 63.86 39.20
C TYR A 596 8.71 62.37 38.94
N TRP A 597 9.01 61.95 37.72
CA TRP A 597 9.00 60.53 37.37
C TRP A 597 10.01 60.27 36.27
N THR A 598 10.47 59.02 36.20
CA THR A 598 11.48 58.60 35.25
C THR A 598 10.80 57.94 34.06
N HIS A 599 11.59 57.21 33.27
CA HIS A 599 11.08 56.43 32.15
C HIS A 599 11.71 55.04 32.18
N ALA A 600 10.88 54.01 32.10
CA ALA A 600 11.37 52.64 32.02
C ALA A 600 11.62 52.24 30.58
N GLY A 610 12.12 48.02 10.16
CA GLY A 610 13.52 48.23 9.84
C GLY A 610 13.73 48.76 8.43
N VAL A 611 14.98 48.79 8.00
CA VAL A 611 15.32 49.32 6.69
C VAL A 611 15.25 48.19 5.67
N ILE A 612 14.84 48.54 4.45
CA ILE A 612 14.84 47.58 3.36
C ILE A 612 16.27 47.17 2.99
N HIS A 613 17.19 48.12 3.06
CA HIS A 613 18.55 47.98 2.54
C HIS A 613 19.36 49.15 3.10
N PRO A 614 20.65 48.96 3.44
CA PRO A 614 21.41 50.05 4.07
C PRO A 614 21.34 51.36 3.31
N PHE A 615 21.06 51.28 2.00
CA PHE A 615 20.90 52.47 1.16
C PHE A 615 19.44 52.76 0.81
N LEU A 616 18.51 51.85 1.13
CA LEU A 616 17.08 52.03 0.89
C LEU A 616 16.36 51.84 2.21
N HIS A 617 16.12 52.93 2.93
CA HIS A 617 15.52 52.81 4.25
C HIS A 617 14.03 52.50 4.15
N GLN A 618 13.31 53.17 3.26
CA GLN A 618 11.87 52.95 3.17
C GLN A 618 11.37 53.26 1.77
N ASN A 619 10.33 52.52 1.37
CA ASN A 619 9.65 52.75 0.11
C ASN A 619 8.65 53.89 0.28
N THR A 620 8.74 54.89 -0.60
CA THR A 620 7.87 56.06 -0.54
C THR A 620 7.19 56.30 -1.89
N SER A 621 6.99 55.26 -2.67
CA SER A 621 6.39 55.42 -3.99
C SER A 621 4.97 55.98 -3.86
N ASP A 622 4.55 56.71 -4.89
CA ASP A 622 3.20 57.21 -5.03
C ASP A 622 2.73 56.96 -6.46
N PHE A 623 1.50 57.38 -6.77
CA PHE A 623 0.96 57.16 -8.10
C PHE A 623 1.85 57.76 -9.19
N MET A 624 2.66 58.77 -8.86
CA MET A 624 3.47 59.43 -9.88
C MET A 624 4.77 58.70 -10.14
N GLU A 625 5.47 58.27 -9.09
CA GLU A 625 6.82 57.76 -9.22
C GLU A 625 7.06 56.61 -8.27
N GLN A 626 7.87 55.65 -8.72
CA GLN A 626 8.49 54.70 -7.81
C GLN A 626 9.63 55.41 -7.09
N ARG A 627 9.67 55.29 -5.76
CA ARG A 627 10.62 56.08 -4.98
C ARG A 627 11.01 55.34 -3.71
N PHE A 628 12.27 55.49 -3.33
CA PHE A 628 12.76 55.05 -2.03
C PHE A 628 13.50 56.21 -1.37
N SER A 629 13.50 56.22 -0.04
CA SER A 629 14.04 57.33 0.75
C SER A 629 14.91 56.79 1.87
N SER A 630 15.98 57.52 2.17
CA SER A 630 16.95 57.10 3.18
C SER A 630 17.49 58.33 3.90
N MET A 631 17.55 58.26 5.22
CA MET A 631 18.13 59.35 6.03
C MET A 631 19.51 58.91 6.50
N PHE A 632 20.54 59.52 5.93
CA PHE A 632 21.91 59.20 6.28
C PHE A 632 22.39 60.10 7.41
N THR A 633 22.87 59.47 8.49
CA THR A 633 23.29 60.19 9.67
C THR A 633 24.77 60.55 9.65
N GLY A 634 25.58 59.81 8.90
CA GLY A 634 27.01 59.98 8.89
C GLY A 634 27.74 59.01 9.79
N GLN A 635 27.01 58.21 10.56
CA GLN A 635 27.62 57.20 11.42
C GLN A 635 27.83 55.87 10.70
N GLU A 636 27.17 55.68 9.56
CA GLU A 636 27.32 54.45 8.80
C GLU A 636 28.76 54.32 8.30
N PHE A 637 29.22 53.07 8.16
CA PHE A 637 30.62 52.84 7.82
C PHE A 637 30.98 53.45 6.48
N PHE A 638 30.04 53.47 5.53
CA PHE A 638 30.32 54.00 4.20
C PHE A 638 30.36 55.52 4.18
N LEU A 639 30.22 56.18 5.32
CA LEU A 639 30.35 57.63 5.41
C LEU A 639 31.44 58.07 6.38
N SER A 640 31.47 57.51 7.59
CA SER A 640 32.47 57.91 8.56
C SER A 640 33.87 57.46 8.16
N ASP A 641 33.99 56.33 7.45
CA ASP A 641 35.29 55.83 7.00
C ASP A 641 35.59 56.24 5.56
N HIS A 642 34.82 57.16 4.98
CA HIS A 642 35.03 57.64 3.61
C HIS A 642 34.98 59.15 3.64
N VAL A 643 36.07 59.79 4.07
CA VAL A 643 36.12 61.23 4.29
C VAL A 643 36.99 61.83 3.20
N ILE A 644 36.44 62.73 2.40
CA ILE A 644 37.19 63.40 1.34
C ILE A 644 37.24 64.89 1.66
N LYS A 645 38.46 65.42 1.85
CA LYS A 645 38.66 66.84 2.11
C LYS A 645 37.95 67.28 3.38
N GLY A 646 37.93 66.41 4.38
CA GLY A 646 37.37 66.75 5.67
C GLY A 646 35.89 66.47 5.83
N GLN A 647 35.22 66.00 4.79
CA GLN A 647 33.78 65.77 4.83
C GLN A 647 33.46 64.30 4.58
N ARG A 648 32.52 63.77 5.34
CA ARG A 648 32.00 62.44 5.09
C ARG A 648 31.15 62.50 3.83
N VAL A 649 31.50 61.70 2.83
CA VAL A 649 30.86 61.74 1.52
C VAL A 649 30.45 60.34 1.12
N LEU A 650 29.27 60.20 0.56
CA LEU A 650 28.81 58.91 0.09
C LEU A 650 29.71 58.46 -1.06
N PRO A 651 30.30 57.26 -0.98
CA PRO A 651 31.17 56.81 -2.08
C PRO A 651 30.37 56.68 -3.36
N SER A 652 31.01 57.05 -4.48
CA SER A 652 30.37 56.91 -5.78
C SER A 652 29.81 55.51 -5.97
N ALA A 653 30.55 54.49 -5.53
CA ALA A 653 30.08 53.11 -5.69
C ALA A 653 28.70 52.93 -5.08
N ALA A 654 28.43 53.62 -3.98
CA ALA A 654 27.16 53.40 -3.29
C ALA A 654 25.99 53.64 -4.21
N TYR A 655 26.10 54.66 -5.07
CA TYR A 655 24.95 54.97 -5.91
C TYR A 655 24.54 53.78 -6.74
N LEU A 656 25.51 53.08 -7.34
CA LEU A 656 25.13 51.95 -8.17
C LEU A 656 24.39 50.92 -7.33
N GLU A 657 24.92 50.60 -6.14
CA GLU A 657 24.24 49.61 -5.31
C GLU A 657 22.84 50.09 -4.96
N MET A 658 22.70 51.37 -4.63
CA MET A 658 21.36 51.88 -4.32
C MET A 658 20.44 51.58 -5.49
N ALA A 659 20.85 51.98 -6.69
CA ALA A 659 20.00 51.74 -7.84
C ALA A 659 19.70 50.26 -7.98
N ARG A 660 20.74 49.42 -7.84
CA ARG A 660 20.50 47.99 -8.00
C ARG A 660 19.45 47.54 -7.00
N ALA A 661 19.66 47.87 -5.73
CA ALA A 661 18.70 47.42 -4.72
C ALA A 661 17.32 47.95 -5.06
N ALA A 662 17.23 49.22 -5.46
CA ALA A 662 15.93 49.80 -5.74
C ALA A 662 15.23 48.99 -6.83
N ILE A 663 15.96 48.69 -7.90
CA ILE A 663 15.34 47.96 -9.00
C ILE A 663 14.88 46.60 -8.52
N GLN A 664 15.69 45.93 -7.70
CA GLN A 664 15.31 44.62 -7.21
C GLN A 664 14.00 44.69 -6.45
N GLN A 665 13.81 45.76 -5.67
CA GLN A 665 12.56 45.90 -4.94
C GLN A 665 11.41 46.20 -5.91
N ALA A 666 11.65 47.09 -6.87
CA ALA A 666 10.57 47.55 -7.74
C ALA A 666 10.11 46.48 -8.72
N THR A 667 10.94 45.48 -9.00
CA THR A 667 10.56 44.38 -9.88
C THR A 667 10.06 43.15 -9.12
N GLY A 668 10.09 43.18 -7.80
CA GLY A 668 9.56 42.10 -6.99
C GLY A 668 10.56 41.08 -6.51
N GLY A 669 11.82 41.45 -6.31
CA GLY A 669 12.82 40.51 -5.85
C GLY A 669 13.27 40.79 -4.42
N LEU A 676 17.34 38.69 -12.07
CA LEU A 676 18.24 39.13 -11.02
C LEU A 676 19.62 39.46 -11.61
N GLU A 677 20.37 38.42 -11.95
CA GLU A 677 21.67 38.64 -12.57
C GLU A 677 21.49 39.01 -14.04
N GLY A 678 22.51 39.70 -14.57
CA GLY A 678 22.46 40.21 -15.93
C GLY A 678 22.08 41.67 -16.01
N LEU A 679 21.86 42.34 -14.89
CA LEU A 679 21.55 43.76 -14.91
C LEU A 679 22.69 44.53 -15.56
N ARG A 680 22.31 45.59 -16.29
CA ARG A 680 23.26 46.45 -16.95
C ARG A 680 22.90 47.90 -16.65
N PHE A 681 23.87 48.66 -16.18
CA PHE A 681 23.74 50.11 -16.10
C PHE A 681 24.38 50.71 -17.34
N LYS A 682 23.82 51.82 -17.82
CA LYS A 682 24.37 52.52 -18.96
C LYS A 682 24.24 54.02 -18.77
N ASN A 683 25.27 54.73 -19.20
CA ASN A 683 25.33 56.19 -19.21
C ASN A 683 25.03 56.76 -17.82
N VAL A 684 25.75 56.24 -16.83
CA VAL A 684 25.64 56.73 -15.47
C VAL A 684 26.47 58.00 -15.33
N VAL A 685 25.99 58.95 -14.54
CA VAL A 685 26.73 60.17 -14.22
C VAL A 685 26.70 60.39 -12.72
N TRP A 686 27.80 60.92 -12.20
CA TRP A 686 27.91 61.40 -10.83
C TRP A 686 28.19 62.90 -10.89
N THR A 687 27.24 63.71 -10.45
CA THR A 687 27.31 65.16 -10.60
C THR A 687 27.77 65.88 -9.33
N GLN A 688 27.20 65.54 -8.18
CA GLN A 688 27.44 66.26 -6.95
C GLN A 688 27.69 65.27 -5.82
N PRO A 689 28.63 65.57 -4.93
CA PRO A 689 28.82 64.71 -3.75
C PRO A 689 27.70 64.89 -2.75
N LEU A 690 27.35 63.80 -2.07
CA LEU A 690 26.40 63.84 -0.96
C LEU A 690 27.23 63.88 0.32
N ALA A 691 27.39 65.08 0.86
CA ALA A 691 28.11 65.26 2.12
C ALA A 691 27.12 65.24 3.28
N VAL A 692 27.48 64.51 4.33
CA VAL A 692 26.67 64.37 5.53
C VAL A 692 27.47 65.01 6.66
N GLY A 693 27.10 66.22 7.05
CA GLY A 693 27.73 66.91 8.15
C GLY A 693 27.03 66.62 9.46
N PRO A 694 26.93 67.64 10.33
CA PRO A 694 26.28 67.40 11.63
C PRO A 694 24.80 67.11 11.53
N GLU A 695 24.16 67.48 10.41
CA GLU A 695 22.73 67.22 10.24
C GLU A 695 22.53 66.02 9.32
N PRO A 696 21.73 65.04 9.71
CA PRO A 696 21.40 63.95 8.77
C PRO A 696 20.84 64.50 7.47
N VAL A 697 21.11 63.80 6.39
CA VAL A 697 20.70 64.21 5.05
C VAL A 697 19.63 63.26 4.54
N GLN A 698 18.58 63.83 3.93
CA GLN A 698 17.49 63.05 3.36
C GLN A 698 17.78 62.82 1.88
N ALA A 699 18.00 61.57 1.51
CA ALA A 699 18.26 61.15 0.14
C ALA A 699 17.06 60.39 -0.39
N HIS A 700 16.91 60.45 -1.71
CA HIS A 700 15.82 59.77 -2.42
C HIS A 700 16.38 59.21 -3.71
N ILE A 701 15.80 58.10 -4.15
CA ILE A 701 16.00 57.57 -5.49
C ILE A 701 14.64 57.36 -6.13
N GLU A 702 14.44 57.96 -7.30
CA GLU A 702 13.23 57.77 -8.09
C GLU A 702 13.56 56.95 -9.33
N LEU A 703 12.66 56.02 -9.66
CA LEU A 703 12.80 55.11 -10.77
C LEU A 703 11.64 55.31 -11.74
N TYR A 704 11.97 55.57 -13.01
CA TYR A 704 10.99 55.82 -14.06
C TYR A 704 11.13 54.70 -15.10
N PRO A 705 10.16 53.79 -15.20
CA PRO A 705 10.26 52.74 -16.22
C PRO A 705 9.83 53.22 -17.59
N GLU A 706 10.48 52.68 -18.62
CA GLU A 706 10.17 53.02 -20.01
C GLU A 706 9.66 51.79 -20.76
N ALA A 707 9.02 52.06 -21.90
CA ALA A 707 8.36 51.00 -22.67
C ALA A 707 9.37 50.01 -23.26
N ASN A 708 10.58 50.47 -23.55
CA ASN A 708 11.60 49.62 -24.15
C ASN A 708 12.31 48.75 -23.12
N GLY A 709 11.78 48.65 -21.91
CA GLY A 709 12.39 47.86 -20.86
C GLY A 709 13.44 48.57 -20.05
N GLU A 710 13.77 49.82 -20.40
CA GLU A 710 14.80 50.57 -19.69
C GLU A 710 14.22 51.32 -18.50
N ILE A 711 15.00 51.38 -17.43
CA ILE A 711 14.64 52.03 -16.18
C ILE A 711 15.59 53.21 -15.98
N VAL A 712 15.04 54.41 -15.96
CA VAL A 712 15.84 55.60 -15.67
C VAL A 712 15.82 55.83 -14.17
N PHE A 713 16.98 56.04 -13.57
CA PHE A 713 17.05 56.32 -12.14
C PHE A 713 17.72 57.66 -11.90
N GLU A 714 17.21 58.35 -10.86
CA GLU A 714 17.79 59.60 -10.39
C GLU A 714 17.89 59.55 -8.87
N ILE A 715 19.08 59.85 -8.36
CA ILE A 715 19.38 59.86 -6.93
C ILE A 715 19.70 61.30 -6.56
N TYR A 716 18.92 61.85 -5.62
CA TYR A 716 19.03 63.24 -5.22
C TYR A 716 18.89 63.33 -3.71
N SER A 717 19.08 64.53 -3.17
CA SER A 717 18.90 64.78 -1.76
C SER A 717 18.22 66.12 -1.57
N ASP A 718 17.56 66.28 -0.42
CA ASP A 718 16.88 67.52 -0.07
C ASP A 718 17.88 68.45 0.61
N SER A 719 18.02 69.66 0.10
CA SER A 719 18.90 70.65 0.71
C SER A 719 18.12 71.48 1.71
N LYS A 720 18.77 71.81 2.82
CA LYS A 720 18.16 72.59 3.90
C LYS A 720 18.62 74.04 3.84
N GLN A 721 18.57 74.62 2.63
CA GLN A 721 18.94 76.00 2.41
C GLN A 721 18.03 76.93 3.18
N ASP A 722 18.43 77.33 4.39
CA ASP A 722 17.60 78.17 5.23
C ASP A 722 17.48 79.58 4.63
N ARG A 723 16.38 80.23 4.95
CA ARG A 723 15.94 81.49 4.33
C ARG A 723 15.38 81.22 2.94
N ASP A 724 15.50 79.99 2.46
CA ASP A 724 14.96 79.57 1.18
C ASP A 724 14.11 78.32 1.38
N GLN A 725 13.50 77.85 0.31
CA GLN A 725 12.66 76.65 0.34
C GLN A 725 13.43 75.48 -0.21
N THR A 726 13.27 74.33 0.45
CA THR A 726 14.05 73.14 0.13
C THR A 726 14.02 72.85 -1.37
N THR A 727 15.15 72.35 -1.88
CA THR A 727 15.34 72.08 -3.29
C THR A 727 16.08 70.76 -3.41
N GLU A 728 15.89 70.07 -4.53
CA GLU A 728 16.47 68.75 -4.70
C GLU A 728 17.83 68.87 -5.38
N ILE A 729 18.86 68.31 -4.74
CA ILE A 729 20.22 68.32 -5.24
C ILE A 729 20.50 66.96 -5.86
N VAL A 730 20.80 66.95 -7.16
CA VAL A 730 20.99 65.71 -7.89
C VAL A 730 22.43 65.23 -7.72
N HIS A 731 22.58 63.97 -7.30
CA HIS A 731 23.88 63.35 -7.13
C HIS A 731 24.21 62.32 -8.20
N SER A 732 23.24 61.56 -8.71
CA SER A 732 23.57 60.57 -9.71
C SER A 732 22.37 60.27 -10.60
N GLN A 733 22.65 60.02 -11.89
CA GLN A 733 21.61 59.64 -12.85
C GLN A 733 22.13 58.49 -13.69
N GLY A 734 21.20 57.71 -14.24
CA GLY A 734 21.62 56.68 -15.18
C GLY A 734 20.44 55.88 -15.69
N SER A 735 20.76 54.91 -16.55
CA SER A 735 19.75 53.98 -17.04
C SER A 735 20.17 52.56 -16.67
N ALA A 736 19.18 51.68 -16.62
CA ALA A 736 19.40 50.27 -16.34
C ALA A 736 18.52 49.46 -17.28
N VAL A 737 19.01 48.28 -17.62
CA VAL A 737 18.25 47.32 -18.43
C VAL A 737 18.50 45.93 -17.85
N LEU A 738 17.45 45.12 -17.85
CA LEU A 738 17.57 43.71 -17.47
C LEU A 738 17.92 42.93 -18.74
N CYS A 739 19.17 42.53 -18.85
CA CYS A 739 19.68 41.78 -20.00
C CYS A 739 20.27 40.46 -19.51
N SER A 740 20.61 39.60 -20.47
CA SER A 740 21.16 38.30 -20.15
C SER A 740 22.62 38.40 -19.72
N ILE A 741 23.12 37.30 -19.19
CA ILE A 741 24.48 37.24 -18.63
C ILE A 741 25.43 36.90 -19.77
N PRO A 742 26.45 37.72 -20.03
CA PRO A 742 27.42 37.38 -21.08
C PRO A 742 28.41 36.34 -20.59
N ASP A 743 28.88 35.51 -21.52
CA ASP A 743 29.85 34.47 -21.19
C ASP A 743 31.23 35.08 -21.38
N ILE A 744 31.73 35.72 -20.33
CA ILE A 744 33.03 36.38 -20.36
C ILE A 744 34.08 35.34 -19.99
N PRO A 745 35.15 35.20 -20.78
CA PRO A 745 36.18 34.21 -20.42
C PRO A 745 36.91 34.60 -19.16
N SER A 746 37.25 33.59 -18.36
CA SER A 746 37.99 33.83 -17.14
C SER A 746 39.38 34.35 -17.46
N PHE A 747 39.88 35.24 -16.61
CA PHE A 747 41.25 35.70 -16.75
C PHE A 747 42.19 34.71 -16.07
N ASP A 748 43.39 34.57 -16.65
CA ASP A 748 44.47 33.82 -16.01
C ASP A 748 45.22 34.81 -15.13
N LEU A 749 44.94 34.77 -13.83
CA LEU A 749 45.51 35.76 -12.92
C LEU A 749 47.03 35.67 -12.88
N SER A 750 47.60 34.49 -13.14
CA SER A 750 49.05 34.37 -13.20
C SER A 750 49.63 35.22 -14.34
N VAL A 751 49.00 35.14 -15.52
CA VAL A 751 49.50 35.91 -16.66
C VAL A 751 49.36 37.40 -16.38
N LEU A 752 48.22 37.83 -15.83
CA LEU A 752 48.04 39.24 -15.52
C LEU A 752 49.05 39.70 -14.48
N GLN A 753 49.33 38.88 -13.46
CA GLN A 753 50.33 39.25 -12.48
C GLN A 753 51.69 39.41 -13.14
N GLU A 754 51.99 38.56 -14.12
CA GLU A 754 53.25 38.70 -14.86
C GLU A 754 53.26 40.00 -15.68
N GLN A 755 52.16 40.31 -16.36
CA GLN A 755 52.12 41.52 -17.17
C GLN A 755 52.23 42.78 -16.32
N CYS A 756 51.82 42.72 -15.05
CA CYS A 756 51.83 43.89 -14.18
C CYS A 756 52.98 43.79 -13.18
N SER A 757 54.21 43.68 -13.69
CA SER A 757 55.38 43.43 -12.86
C SER A 757 56.33 44.60 -12.79
N LEU A 758 55.92 45.77 -13.31
CA LEU A 758 56.79 46.94 -13.25
C LEU A 758 57.09 47.35 -11.82
N ARG A 759 56.08 47.28 -10.95
CA ARG A 759 56.18 47.83 -9.62
C ARG A 759 55.04 47.27 -8.77
N THR A 760 55.23 47.25 -7.46
CA THR A 760 54.18 46.85 -6.54
C THR A 760 53.99 47.94 -5.50
N LEU A 761 52.74 48.31 -5.27
CA LEU A 761 52.36 49.28 -4.25
C LEU A 761 51.65 48.54 -3.13
N SER A 762 52.12 48.71 -1.90
CA SER A 762 51.46 48.11 -0.76
C SER A 762 50.25 48.93 -0.34
N ALA A 763 49.42 48.34 0.53
CA ALA A 763 48.28 49.06 1.07
C ALA A 763 48.71 50.32 1.81
N GLU A 764 49.75 50.20 2.65
CA GLU A 764 50.25 51.36 3.38
C GLU A 764 50.63 52.47 2.42
N GLN A 765 51.31 52.14 1.32
CA GLN A 765 51.71 53.15 0.35
C GLN A 765 50.49 53.82 -0.26
N CYS A 766 49.50 53.03 -0.67
CA CYS A 766 48.32 53.57 -1.32
C CYS A 766 47.56 54.53 -0.40
N TYR A 767 47.27 54.08 0.82
CA TYR A 767 46.47 54.92 1.71
C TYR A 767 47.27 56.05 2.33
N ASP A 768 48.60 55.95 2.37
CA ASP A 768 49.41 57.11 2.70
C ASP A 768 49.30 58.17 1.61
N ALA A 769 49.42 57.76 0.35
CA ALA A 769 49.24 58.69 -0.75
C ALA A 769 47.86 59.34 -0.68
N PHE A 770 46.82 58.52 -0.45
CA PHE A 770 45.47 59.05 -0.35
C PHE A 770 45.36 60.09 0.76
N LYS A 771 45.82 59.74 1.96
CA LYS A 771 45.79 60.70 3.07
C LYS A 771 46.51 61.99 2.68
N LYS A 772 47.65 61.88 2.00
CA LYS A 772 48.34 63.08 1.55
C LYS A 772 47.47 63.90 0.59
N MET A 773 46.64 63.25 -0.21
CA MET A 773 45.77 63.97 -1.13
C MET A 773 44.49 64.49 -0.46
N GLY A 774 44.36 64.34 0.85
CA GLY A 774 43.15 64.76 1.52
C GLY A 774 42.02 63.75 1.47
N VAL A 775 42.32 62.50 1.15
CA VAL A 775 41.32 61.43 1.09
C VAL A 775 41.64 60.47 2.23
N ASP A 776 40.79 60.48 3.26
CA ASP A 776 40.96 59.68 4.47
C ASP A 776 40.00 58.50 4.40
N TYR A 777 40.53 57.33 4.12
CA TYR A 777 39.76 56.10 4.08
C TYR A 777 39.90 55.40 5.43
N GLY A 778 38.78 55.18 6.09
CA GLY A 778 38.78 54.45 7.33
C GLY A 778 38.84 52.96 7.10
N PRO A 779 38.85 52.21 8.21
CA PRO A 779 39.04 50.75 8.09
C PRO A 779 38.09 50.09 7.12
N ALA A 780 36.82 50.52 7.08
CA ALA A 780 35.84 49.88 6.22
C ALA A 780 36.08 50.14 4.75
N HIS A 781 36.93 51.11 4.40
CA HIS A 781 37.19 51.44 3.01
C HIS A 781 38.68 51.30 2.68
N ARG A 782 39.37 50.41 3.38
CA ARG A 782 40.73 50.07 3.00
C ARG A 782 40.74 48.66 2.43
N GLY A 783 40.02 48.48 1.32
CA GLY A 783 39.96 47.18 0.65
C GLY A 783 41.14 46.84 -0.21
N ILE A 784 42.04 47.78 -0.47
CA ILE A 784 43.22 47.50 -1.28
C ILE A 784 44.26 46.81 -0.41
N GLU A 785 44.64 45.59 -0.79
CA GLU A 785 45.78 44.93 -0.17
C GLU A 785 47.08 45.27 -0.88
N GLN A 786 47.05 45.35 -2.21
CA GLN A 786 48.21 45.77 -2.98
C GLN A 786 47.78 46.04 -4.42
N ILE A 787 48.63 46.76 -5.15
CA ILE A 787 48.41 47.06 -6.56
C ILE A 787 49.67 46.68 -7.34
N LEU A 788 49.52 45.80 -8.32
CA LEU A 788 50.59 45.45 -9.25
C LEU A 788 50.48 46.35 -10.48
N ILE A 789 51.58 47.02 -10.83
CA ILE A 789 51.58 48.05 -11.87
C ILE A 789 52.07 47.46 -13.18
N GLY A 790 51.36 47.73 -14.26
CA GLY A 790 51.78 47.37 -15.60
C GLY A 790 51.80 48.58 -16.50
N GLN A 791 51.82 48.38 -17.81
CA GLN A 791 51.78 49.47 -18.78
C GLN A 791 50.33 49.65 -19.26
N GLU A 792 49.77 50.82 -18.97
CA GLU A 792 48.39 51.15 -19.31
C GLU A 792 47.39 50.24 -18.61
N GLN A 793 47.81 49.59 -17.54
CA GLN A 793 46.91 48.74 -16.77
C GLN A 793 47.52 48.47 -15.41
N VAL A 794 46.64 48.16 -14.44
CA VAL A 794 47.05 47.71 -13.12
C VAL A 794 46.13 46.56 -12.70
N LEU A 795 46.64 45.77 -11.75
CA LEU A 795 45.90 44.64 -11.18
C LEU A 795 45.95 44.78 -9.67
N ALA A 796 44.80 45.05 -9.06
CA ALA A 796 44.72 45.33 -7.63
C ALA A 796 44.10 44.14 -6.92
N LYS A 797 44.73 43.72 -5.82
CA LYS A 797 44.19 42.69 -4.95
C LYS A 797 43.30 43.37 -3.92
N LEU A 798 42.04 42.94 -3.83
CA LEU A 798 41.07 43.54 -2.94
C LEU A 798 40.58 42.50 -1.94
N SER A 799 40.20 42.98 -0.76
CA SER A 799 39.61 42.11 0.24
C SER A 799 38.66 42.94 1.10
N LEU A 800 37.52 42.37 1.40
CA LEU A 800 36.58 42.99 2.32
C LEU A 800 37.25 43.17 3.68
N PRO A 801 37.40 44.40 4.17
CA PRO A 801 37.99 44.57 5.50
C PRO A 801 37.22 43.75 6.52
N SER A 802 37.95 43.10 7.43
CA SER A 802 37.31 42.27 8.45
C SER A 802 36.29 43.05 9.26
N SER A 803 36.41 44.39 9.28
CA SER A 803 35.44 45.20 9.99
C SER A 803 34.02 44.96 9.49
N VAL A 804 33.85 44.67 8.19
CA VAL A 804 32.54 44.64 7.57
C VAL A 804 32.22 43.29 6.94
N VAL A 805 32.99 42.24 7.24
CA VAL A 805 32.70 40.94 6.64
C VAL A 805 31.30 40.49 7.01
N LYS A 806 30.87 40.79 8.24
CA LYS A 806 29.51 40.42 8.66
C LYS A 806 28.46 40.93 7.69
N THR A 807 28.70 42.07 7.07
CA THR A 807 27.71 42.71 6.22
C THR A 807 27.75 42.23 4.78
N GLN A 808 28.60 41.24 4.47
CA GLN A 808 28.79 40.84 3.09
C GLN A 808 27.46 40.54 2.41
N GLY A 809 26.51 39.96 3.13
CA GLY A 809 25.24 39.55 2.56
C GLY A 809 24.20 40.65 2.42
N GLN A 810 24.46 41.83 2.97
CA GLN A 810 23.50 42.93 2.89
C GLN A 810 23.58 43.68 1.56
N PHE A 811 24.66 43.50 0.81
CA PHE A 811 24.88 44.24 -0.43
C PHE A 811 25.09 43.28 -1.59
N GLY A 812 24.68 43.71 -2.78
CA GLY A 812 25.07 43.03 -4.00
C GLY A 812 26.42 43.54 -4.46
N LEU A 813 26.48 44.84 -4.74
CA LEU A 813 27.74 45.53 -5.02
C LEU A 813 28.20 46.15 -3.71
N HIS A 814 29.05 45.45 -2.99
CA HIS A 814 29.47 45.94 -1.67
C HIS A 814 30.27 47.22 -1.82
N PRO A 815 29.89 48.30 -1.14
CA PRO A 815 30.60 49.58 -1.33
C PRO A 815 32.08 49.50 -1.02
N SER A 816 32.49 48.66 -0.06
CA SER A 816 33.91 48.55 0.26
C SER A 816 34.71 48.02 -0.93
N LEU A 817 34.25 46.91 -1.52
CA LEU A 817 34.98 46.29 -2.62
C LEU A 817 34.96 47.17 -3.86
N LEU A 818 33.78 47.67 -4.24
CA LEU A 818 33.67 48.48 -5.45
C LEU A 818 34.42 49.80 -5.30
N ASP A 819 34.31 50.42 -4.13
CA ASP A 819 35.10 51.62 -3.88
C ASP A 819 36.59 51.31 -3.92
N ALA A 820 37.00 50.14 -3.45
CA ALA A 820 38.42 49.76 -3.55
C ALA A 820 38.82 49.64 -5.01
N ALA A 821 37.96 49.06 -5.84
CA ALA A 821 38.24 48.97 -7.26
C ALA A 821 38.46 50.34 -7.86
N LEU A 822 37.59 51.31 -7.52
CA LEU A 822 37.75 52.66 -8.07
C LEU A 822 38.96 53.37 -7.47
N GLN A 823 39.25 53.13 -6.19
CA GLN A 823 40.47 53.64 -5.59
C GLN A 823 41.69 53.18 -6.39
N SER A 824 41.66 51.92 -6.83
CA SER A 824 42.81 51.33 -7.51
C SER A 824 43.14 52.05 -8.82
N SER A 825 42.24 52.87 -9.35
CA SER A 825 42.58 53.66 -10.52
C SER A 825 43.75 54.61 -10.25
N LEU A 826 44.07 54.84 -8.97
CA LEU A 826 45.25 55.62 -8.63
C LEU A 826 46.52 55.02 -9.22
N GLY A 827 46.58 53.68 -9.29
CA GLY A 827 47.79 53.05 -9.78
C GLY A 827 48.22 53.56 -11.14
N LEU A 828 47.27 53.73 -12.06
CA LEU A 828 47.57 54.32 -13.36
C LEU A 828 48.13 55.73 -13.18
N MET A 829 49.30 55.83 -12.59
CA MET A 829 50.01 57.09 -12.42
C MET A 829 49.30 57.98 -11.39
N SER A 836 44.53 65.21 -11.22
CA SER A 836 43.66 64.41 -10.38
C SER A 836 42.25 64.33 -10.97
N LEU A 837 41.55 63.27 -10.58
CA LEU A 837 40.21 62.99 -11.06
C LEU A 837 39.17 63.59 -10.13
N ILE A 838 38.27 64.40 -10.68
CA ILE A 838 37.26 65.09 -9.91
C ILE A 838 35.92 64.94 -10.63
N LEU A 839 34.85 65.44 -9.98
CA LEU A 839 33.50 65.31 -10.51
C LEU A 839 33.26 66.40 -11.55
N PRO A 840 32.41 66.13 -12.55
CA PRO A 840 31.52 64.97 -12.72
C PRO A 840 32.20 63.70 -13.21
N PHE A 841 31.71 62.55 -12.74
CA PHE A 841 32.16 61.26 -13.23
C PHE A 841 31.09 60.69 -14.16
N ALA A 842 31.48 59.67 -14.93
CA ALA A 842 30.57 59.05 -15.87
C ALA A 842 31.01 57.62 -16.13
N LEU A 843 30.05 56.78 -16.50
CA LEU A 843 30.30 55.37 -16.79
C LEU A 843 29.44 54.96 -17.97
N GLU A 844 30.08 54.46 -19.03
CA GLU A 844 29.34 54.10 -20.23
C GLU A 844 28.50 52.84 -20.01
N GLU A 845 29.09 51.82 -19.39
CA GLU A 845 28.39 50.56 -19.24
C GLU A 845 28.89 49.85 -17.99
N MET A 846 27.99 49.13 -17.35
CA MET A 846 28.32 48.21 -16.27
C MET A 846 27.44 46.99 -16.40
N VAL A 847 28.02 45.81 -16.25
CA VAL A 847 27.30 44.54 -16.30
C VAL A 847 27.58 43.80 -15.00
N ILE A 848 26.52 43.46 -14.27
CA ILE A 848 26.63 42.59 -13.11
C ILE A 848 26.50 41.15 -13.59
N VAL A 849 27.60 40.41 -13.53
CA VAL A 849 27.62 39.02 -14.00
C VAL A 849 27.38 38.05 -12.85
N GLY A 850 27.92 38.35 -11.67
CA GLY A 850 27.76 37.47 -10.54
C GLY A 850 27.93 38.21 -9.23
N ASP A 851 28.06 37.44 -8.17
CA ASP A 851 28.17 37.99 -6.82
C ASP A 851 29.61 38.39 -6.51
N CYS A 852 29.74 39.32 -5.56
CA CYS A 852 31.06 39.72 -5.08
C CYS A 852 31.53 38.76 -4.00
N SER A 853 32.84 38.57 -3.94
CA SER A 853 33.46 37.66 -2.98
C SER A 853 34.22 38.43 -1.91
N SER A 854 34.70 37.69 -0.91
CA SER A 854 35.46 38.32 0.15
C SER A 854 36.83 38.79 -0.34
N SER A 855 37.44 38.04 -1.25
CA SER A 855 38.70 38.40 -1.88
C SER A 855 38.49 38.48 -3.38
N MET A 856 38.96 39.57 -3.99
CA MET A 856 38.72 39.82 -5.39
C MET A 856 39.92 40.50 -6.02
N TRP A 857 39.83 40.72 -7.32
CA TRP A 857 40.84 41.43 -8.09
C TRP A 857 40.14 42.51 -8.91
N ALA A 858 40.83 43.61 -9.12
CA ALA A 858 40.34 44.66 -10.01
C ALA A 858 41.38 44.82 -11.12
N LEU A 859 40.99 44.44 -12.33
CA LEU A 859 41.82 44.64 -13.52
C LEU A 859 41.40 45.96 -14.15
N ILE A 860 42.29 46.94 -14.11
CA ILE A 860 42.02 48.28 -14.60
C ILE A 860 42.87 48.51 -15.83
N ARG A 861 42.24 48.95 -16.91
CA ARG A 861 42.92 49.14 -18.17
C ARG A 861 42.65 50.56 -18.62
N TYR A 862 43.71 51.32 -18.91
CA TYR A 862 43.54 52.65 -19.48
C TYR A 862 43.25 52.49 -20.97
N ARG A 863 42.00 52.74 -21.37
CA ARG A 863 41.64 52.73 -22.78
C ARG A 863 42.14 54.00 -23.47
N VAL A 872 38.78 58.60 -24.79
CA VAL A 872 39.52 59.76 -24.34
C VAL A 872 40.11 59.49 -22.95
N GLU A 873 39.60 60.15 -21.92
CA GLU A 873 40.07 59.93 -20.56
C GLU A 873 39.29 58.80 -19.89
N LYS A 874 39.23 57.64 -20.57
CA LYS A 874 38.39 56.53 -20.17
C LYS A 874 39.23 55.33 -19.78
N PHE A 875 38.76 54.60 -18.76
CA PHE A 875 39.39 53.35 -18.35
C PHE A 875 38.30 52.36 -18.00
N ASP A 876 38.69 51.08 -18.02
CA ASP A 876 37.77 49.97 -17.78
C ASP A 876 38.21 49.24 -16.53
N ILE A 877 37.25 48.66 -15.82
CA ILE A 877 37.51 47.93 -14.59
C ILE A 877 36.74 46.62 -14.65
N ASP A 878 37.46 45.52 -14.51
CA ASP A 878 36.87 44.19 -14.34
C ASP A 878 37.07 43.78 -12.89
N LEU A 879 35.97 43.54 -12.18
CA LEU A 879 36.02 43.00 -10.83
C LEU A 879 35.92 41.48 -10.95
N CYS A 880 36.93 40.77 -10.48
CA CYS A 880 37.06 39.33 -10.68
C CYS A 880 37.19 38.63 -9.34
N ASP A 881 36.79 37.36 -9.31
CA ASP A 881 36.95 36.54 -8.10
C ASP A 881 38.34 35.93 -8.06
N GLU A 882 38.59 35.11 -7.03
CA GLU A 882 39.92 34.55 -6.83
C GLU A 882 40.43 33.75 -8.03
N ASN A 883 39.53 33.24 -8.87
CA ASN A 883 39.92 32.40 -10.00
C ASN A 883 39.98 33.16 -11.31
N GLY A 884 39.75 34.46 -11.31
CA GLY A 884 39.77 35.25 -12.53
C GLY A 884 38.45 35.40 -13.24
N ASN A 885 37.37 34.84 -12.69
CA ASN A 885 36.06 35.04 -13.28
C ASN A 885 35.62 36.47 -13.09
N VAL A 886 35.08 37.07 -14.15
CA VAL A 886 34.63 38.46 -14.10
C VAL A 886 33.22 38.49 -13.53
N GLN A 887 33.08 39.03 -12.32
CA GLN A 887 31.80 39.17 -11.64
C GLN A 887 31.13 40.50 -11.95
N VAL A 888 31.89 41.56 -12.19
CA VAL A 888 31.36 42.87 -12.54
C VAL A 888 32.28 43.48 -13.59
N ARG A 889 31.72 43.85 -14.74
CA ARG A 889 32.49 44.47 -15.81
C ARG A 889 32.04 45.91 -16.00
N MET A 890 32.97 46.84 -15.84
CA MET A 890 32.71 48.27 -16.00
C MET A 890 33.50 48.79 -17.19
N LYS A 891 32.82 49.50 -18.08
CA LYS A 891 33.41 50.01 -19.31
C LYS A 891 33.18 51.50 -19.40
N GLY A 892 34.27 52.24 -19.58
CA GLY A 892 34.19 53.66 -19.90
C GLY A 892 34.02 54.60 -18.73
N PHE A 893 34.74 54.37 -17.63
CA PHE A 893 34.82 55.40 -16.59
C PHE A 893 35.49 56.66 -17.12
N SER A 894 34.83 57.80 -16.96
CA SER A 894 35.44 59.09 -17.24
C SER A 894 35.23 60.03 -16.05
N THR A 895 36.25 60.84 -15.77
CA THR A 895 36.22 61.79 -14.68
C THR A 895 36.86 63.08 -15.17
N ARG A 896 36.45 64.21 -14.61
CA ARG A 896 37.02 65.47 -15.06
C ARG A 896 38.48 65.54 -14.62
N LYS A 897 39.34 65.98 -15.54
CA LYS A 897 40.76 66.13 -15.29
C LYS A 897 41.04 67.51 -14.71
N ILE A 898 41.71 67.56 -13.57
CA ILE A 898 42.19 68.84 -13.06
C ILE A 898 43.71 68.75 -12.94
N ALA A 899 44.36 69.90 -13.15
CA ALA A 899 45.81 69.96 -12.95
C ALA A 899 46.12 69.53 -11.53
N ASN A 900 47.21 68.81 -11.35
CA ASN A 900 47.63 68.40 -10.01
C ASN A 900 48.57 69.44 -9.46
N VAL A 901 48.31 69.85 -8.22
CA VAL A 901 49.11 70.86 -7.55
C VAL A 901 50.38 70.22 -6.99
N SER A 902 51.52 70.82 -7.30
CA SER A 902 52.83 70.26 -6.96
C SER A 902 52.94 68.83 -7.49
N ASP A 1063 9.52 51.66 -38.15
CA ASP A 1063 10.32 50.53 -38.61
C ASP A 1063 9.48 49.57 -39.45
N ILE A 1064 9.68 49.57 -40.76
CA ILE A 1064 8.93 48.74 -41.68
C ILE A 1064 9.92 47.95 -42.52
N ALA A 1065 9.77 46.63 -42.53
CA ALA A 1065 10.58 45.75 -43.36
C ALA A 1065 9.95 45.57 -44.74
N ILE A 1066 10.74 45.04 -45.67
CA ILE A 1066 10.24 44.53 -46.94
C ILE A 1066 10.49 43.05 -46.96
N ILE A 1067 9.44 42.26 -47.17
CA ILE A 1067 9.51 40.82 -47.14
C ILE A 1067 9.17 40.17 -48.47
N GLY A 1068 9.34 40.88 -49.58
CA GLY A 1068 9.00 40.33 -50.88
C GLY A 1068 9.21 41.35 -51.98
N ILE A 1069 9.40 40.91 -53.23
CA ILE A 1069 9.45 41.84 -54.34
C ILE A 1069 9.35 41.09 -55.66
N SER A 1070 8.75 41.74 -56.64
CA SER A 1070 8.64 41.22 -58.00
C SER A 1070 8.49 42.40 -58.93
N GLY A 1071 8.57 42.15 -60.23
CA GLY A 1071 8.38 43.22 -61.19
C GLY A 1071 8.74 42.85 -62.61
N ARG A 1072 8.09 43.49 -63.58
CA ARG A 1072 8.41 43.32 -64.99
C ARG A 1072 8.84 44.66 -65.56
N TYR A 1073 10.03 44.69 -66.15
CA TYR A 1073 10.63 45.90 -66.71
C TYR A 1073 11.00 45.59 -68.16
N PRO A 1074 11.29 46.61 -68.95
CA PRO A 1074 11.66 46.36 -70.35
C PRO A 1074 12.81 45.37 -70.44
N GLN A 1075 12.63 44.34 -71.28
CA GLN A 1075 13.65 43.30 -71.47
C GLN A 1075 14.02 42.65 -70.16
N ALA A 1076 13.03 42.41 -69.31
CA ALA A 1076 13.27 41.69 -68.07
C ALA A 1076 11.94 41.13 -67.58
N ARG A 1077 11.83 39.80 -67.57
CA ARG A 1077 10.62 39.14 -67.12
C ARG A 1077 10.58 38.90 -65.63
N ASN A 1078 11.69 39.15 -64.93
CA ASN A 1078 11.74 38.98 -63.49
C ASN A 1078 12.81 39.90 -62.93
N ILE A 1079 12.91 39.93 -61.60
CA ILE A 1079 13.96 40.71 -60.98
C ILE A 1079 15.33 40.17 -61.36
N HIS A 1080 15.47 38.85 -61.46
CA HIS A 1080 16.80 38.27 -61.65
C HIS A 1080 17.40 38.69 -62.98
N ASP A 1081 16.61 38.57 -64.06
CA ASP A 1081 17.06 39.06 -65.34
C ASP A 1081 17.29 40.56 -65.28
N PHE A 1082 16.49 41.26 -64.48
CA PHE A 1082 16.77 42.67 -64.24
C PHE A 1082 18.14 42.84 -63.61
N TRP A 1083 18.50 41.95 -62.68
CA TRP A 1083 19.80 42.09 -62.02
C TRP A 1083 20.94 41.91 -63.00
N LYS A 1084 20.89 40.88 -63.84
CA LYS A 1084 21.98 40.63 -64.77
C LYS A 1084 22.20 41.83 -65.67
N ASN A 1085 21.12 42.32 -66.29
CA ASN A 1085 21.25 43.47 -67.17
C ASN A 1085 21.86 44.65 -66.44
N LEU A 1086 21.64 44.73 -65.13
CA LEU A 1086 22.20 45.84 -64.36
C LEU A 1086 23.71 45.71 -64.23
N ARG A 1087 24.18 44.61 -63.62
CA ARG A 1087 25.62 44.45 -63.44
C ARG A 1087 26.34 44.36 -64.78
N ASP A 1088 25.65 43.88 -65.81
CA ASP A 1088 26.22 43.91 -67.15
C ASP A 1088 26.20 45.31 -67.75
N GLY A 1089 25.52 46.27 -67.12
CA GLY A 1089 25.46 47.61 -67.64
C GLY A 1089 24.88 47.65 -69.04
N LYS A 1090 23.61 47.24 -69.18
CA LYS A 1090 22.96 47.13 -70.47
C LYS A 1090 21.96 48.26 -70.64
N ASP A 1091 21.97 48.91 -71.81
CA ASP A 1091 21.01 49.95 -72.15
C ASP A 1091 19.80 49.28 -72.81
N CYS A 1092 18.86 48.85 -71.97
CA CYS A 1092 17.67 48.15 -72.43
C CYS A 1092 16.62 49.13 -72.92
N ILE A 1093 16.96 49.96 -73.90
CA ILE A 1093 16.01 50.86 -74.54
C ILE A 1093 16.18 50.74 -76.05
N THR A 1094 15.07 50.55 -76.77
CA THR A 1094 15.11 50.33 -78.21
C THR A 1094 14.03 51.18 -78.87
N GLU A 1095 13.80 50.91 -80.16
CA GLU A 1095 12.70 51.54 -80.88
C GLU A 1095 11.37 50.88 -80.51
N ILE A 1096 10.30 51.63 -80.71
CA ILE A 1096 8.96 51.12 -80.37
C ILE A 1096 8.65 49.90 -81.24
N PRO A 1097 8.09 48.83 -80.69
CA PRO A 1097 7.76 47.66 -81.52
C PRO A 1097 6.63 47.93 -82.49
N LYS A 1098 6.62 47.16 -83.57
CA LYS A 1098 5.56 47.27 -84.58
C LYS A 1098 4.23 46.72 -84.11
N ASP A 1099 4.23 45.83 -83.10
CA ASP A 1099 2.96 45.31 -82.61
C ASP A 1099 2.05 46.44 -82.19
N ARG A 1100 2.62 47.53 -81.67
CA ARG A 1100 1.86 48.71 -81.31
C ARG A 1100 1.59 49.53 -82.58
N TRP A 1101 1.20 50.80 -82.41
CA TRP A 1101 0.83 51.67 -83.51
C TRP A 1101 1.88 51.66 -84.61
N ASP A 1102 1.47 52.03 -85.84
CA ASP A 1102 2.36 51.91 -86.98
C ASP A 1102 3.69 52.62 -86.75
N HIS A 1103 3.66 53.78 -86.11
CA HIS A 1103 4.81 54.58 -85.71
C HIS A 1103 5.43 55.34 -86.87
N SER A 1104 4.98 55.14 -88.11
CA SER A 1104 5.54 55.83 -89.27
C SER A 1104 4.74 57.06 -89.66
N LEU A 1105 3.76 57.45 -88.84
CA LEU A 1105 2.83 58.50 -89.24
C LEU A 1105 3.28 59.89 -88.82
N TYR A 1106 3.92 60.00 -87.66
CA TYR A 1106 4.15 61.30 -87.04
C TYR A 1106 5.62 61.68 -86.92
N PHE A 1107 6.55 60.76 -87.13
CA PHE A 1107 7.97 61.08 -86.99
C PHE A 1107 8.39 62.04 -88.10
N ASP A 1108 9.03 63.15 -87.71
CA ASP A 1108 9.41 64.19 -88.67
C ASP A 1108 10.77 64.83 -88.38
N GLU A 1109 11.52 64.33 -87.40
CA GLU A 1109 12.89 64.76 -87.10
C GLU A 1109 12.99 66.27 -86.85
N ALA A 1110 11.88 66.96 -86.69
CA ALA A 1110 11.87 68.39 -86.39
C ALA A 1110 10.69 68.69 -85.49
N LYS A 1111 10.81 69.76 -84.70
CA LYS A 1111 9.83 70.09 -83.69
C LYS A 1111 8.75 71.00 -84.28
N ASP A 1112 7.79 70.37 -84.97
CA ASP A 1112 6.73 71.14 -85.62
C ASP A 1112 5.44 70.32 -85.65
N LYS A 1113 4.62 70.47 -84.62
CA LYS A 1113 3.19 70.22 -84.67
C LYS A 1113 2.77 68.77 -84.93
N LEU A 1114 3.72 67.87 -85.18
CA LEU A 1114 3.37 66.47 -85.36
C LEU A 1114 3.33 65.70 -84.05
N GLY A 1115 3.80 66.29 -82.96
CA GLY A 1115 3.81 65.64 -81.67
C GLY A 1115 4.91 64.61 -81.49
N LYS A 1116 5.36 64.00 -82.57
CA LYS A 1116 6.52 63.12 -82.61
C LYS A 1116 7.74 63.92 -83.07
N SER A 1117 8.77 63.24 -83.55
CA SER A 1117 10.16 63.69 -83.68
C SER A 1117 10.91 63.43 -82.38
N TYR A 1118 10.26 62.85 -81.38
CA TYR A 1118 10.93 62.13 -80.30
C TYR A 1118 10.20 60.79 -80.27
N SER A 1119 10.59 59.89 -81.18
CA SER A 1119 9.69 58.81 -81.59
C SER A 1119 10.22 57.42 -81.25
N LYS A 1120 11.36 57.03 -81.78
CA LYS A 1120 11.82 55.64 -81.65
C LYS A 1120 12.78 55.47 -80.47
N TRP A 1121 12.39 55.99 -79.31
CA TRP A 1121 13.19 55.82 -78.10
C TRP A 1121 12.23 55.56 -76.95
N GLY A 1122 12.23 54.33 -76.44
CA GLY A 1122 11.38 53.98 -75.32
C GLY A 1122 11.60 52.57 -74.84
N GLY A 1123 11.59 52.37 -73.52
CA GLY A 1123 11.66 51.04 -72.95
C GLY A 1123 10.27 50.44 -72.92
N PHE A 1124 10.18 49.15 -73.26
CA PHE A 1124 8.92 48.45 -73.27
C PHE A 1124 9.10 47.02 -72.80
N ILE A 1125 8.10 46.51 -72.09
CA ILE A 1125 8.13 45.15 -71.55
C ILE A 1125 7.49 44.21 -72.55
N ASP A 1126 8.18 43.11 -72.84
CA ASP A 1126 7.60 42.08 -73.70
C ASP A 1126 6.39 41.47 -73.03
N GLY A 1127 5.37 41.19 -73.83
CA GLY A 1127 4.15 40.58 -73.32
C GLY A 1127 3.31 41.52 -72.49
N VAL A 1128 2.80 42.59 -73.12
CA VAL A 1128 1.88 43.47 -72.44
C VAL A 1128 0.43 43.02 -72.61
N ASP A 1129 0.10 42.32 -73.69
CA ASP A 1129 -1.26 41.92 -73.99
C ASP A 1129 -1.50 40.45 -73.68
N GLN A 1130 -0.71 39.87 -72.81
CA GLN A 1130 -0.80 38.47 -72.47
C GLN A 1130 -1.42 38.33 -71.09
N PHE A 1131 -2.33 37.38 -70.93
CA PHE A 1131 -2.98 37.20 -69.64
C PHE A 1131 -3.42 35.74 -69.52
N ASP A 1132 -3.73 35.35 -68.28
CA ASP A 1132 -4.16 33.99 -67.96
C ASP A 1132 -5.46 34.08 -67.18
N PRO A 1133 -6.52 34.59 -67.82
CA PRO A 1133 -7.76 34.86 -67.09
C PRO A 1133 -8.38 33.64 -66.44
N LEU A 1134 -8.13 32.45 -66.99
CA LEU A 1134 -8.72 31.25 -66.39
C LEU A 1134 -8.22 31.06 -64.96
N PHE A 1135 -6.92 31.29 -64.73
CA PHE A 1135 -6.37 31.06 -63.39
C PHE A 1135 -7.06 31.90 -62.34
N PHE A 1136 -7.52 33.09 -62.70
CA PHE A 1136 -8.16 34.01 -61.76
C PHE A 1136 -9.68 34.00 -61.91
N HIS A 1137 -10.25 33.10 -62.69
CA HIS A 1137 -11.70 32.98 -62.83
C HIS A 1137 -12.28 34.23 -63.49
N ILE A 1138 -11.83 34.51 -64.70
CA ILE A 1138 -12.28 35.66 -65.47
C ILE A 1138 -12.59 35.19 -66.89
N SER A 1139 -13.73 35.63 -67.43
CA SER A 1139 -14.11 35.24 -68.78
C SER A 1139 -13.21 35.90 -69.82
N PRO A 1140 -12.93 35.22 -70.93
CA PRO A 1140 -12.13 35.86 -71.99
C PRO A 1140 -12.78 37.13 -72.52
N ARG A 1141 -14.11 37.14 -72.61
CA ARG A 1141 -14.80 38.35 -73.04
C ARG A 1141 -14.53 39.48 -72.07
N GLU A 1142 -14.61 39.21 -70.77
CA GLU A 1142 -14.32 40.24 -69.78
C GLU A 1142 -12.84 40.63 -69.83
N ALA A 1143 -11.95 39.64 -69.95
CA ALA A 1143 -10.51 39.94 -69.95
C ALA A 1143 -10.12 40.79 -71.15
N GLU A 1144 -10.75 40.56 -72.31
CA GLU A 1144 -10.42 41.33 -73.49
C GLU A 1144 -10.71 42.81 -73.35
N LEU A 1145 -11.55 43.19 -72.39
CA LEU A 1145 -11.85 44.59 -72.14
C LEU A 1145 -11.56 44.98 -70.69
N MET A 1146 -10.55 44.34 -70.09
CA MET A 1146 -10.01 44.75 -68.81
C MET A 1146 -8.70 45.46 -69.07
N ASP A 1147 -8.48 46.57 -68.39
CA ASP A 1147 -7.29 47.35 -68.64
C ASP A 1147 -6.07 46.45 -68.46
N PRO A 1148 -5.18 46.38 -69.45
CA PRO A 1148 -3.98 45.55 -69.27
C PRO A 1148 -3.18 45.96 -68.05
N GLN A 1149 -3.22 47.24 -67.68
CA GLN A 1149 -2.59 47.64 -66.43
C GLN A 1149 -3.12 46.81 -65.27
N GLU A 1150 -4.43 46.55 -65.26
CA GLU A 1150 -4.99 45.70 -64.22
C GLU A 1150 -4.39 44.31 -64.29
N ARG A 1151 -4.28 43.76 -65.50
CA ARG A 1151 -3.83 42.38 -65.64
C ARG A 1151 -2.42 42.22 -65.09
N LEU A 1152 -1.49 43.05 -65.55
CA LEU A 1152 -0.10 42.89 -65.14
C LEU A 1152 0.06 43.09 -63.65
N PHE A 1153 -0.59 44.11 -63.09
CA PHE A 1153 -0.45 44.34 -61.66
C PHE A 1153 -1.01 43.17 -60.86
N LEU A 1154 -2.15 42.63 -61.28
CA LEU A 1154 -2.74 41.51 -60.56
C LEU A 1154 -1.82 40.30 -60.57
N GLN A 1155 -1.25 39.99 -61.73
CA GLN A 1155 -0.24 38.94 -61.78
C GLN A 1155 0.95 39.28 -60.90
N CYS A 1156 1.38 40.54 -60.94
CA CYS A 1156 2.56 40.93 -60.18
C CYS A 1156 2.34 40.73 -58.69
N VAL A 1157 1.15 41.07 -58.20
CA VAL A 1157 0.87 40.89 -56.78
C VAL A 1157 0.95 39.42 -56.40
N TYR A 1158 0.32 38.55 -57.19
CA TYR A 1158 0.34 37.14 -56.84
C TYR A 1158 1.75 36.58 -56.86
N GLU A 1159 2.56 36.99 -57.86
CA GLU A 1159 3.95 36.58 -57.84
C GLU A 1159 4.61 37.01 -56.54
N THR A 1160 4.28 38.20 -56.07
CA THR A 1160 4.92 38.73 -54.86
C THR A 1160 4.52 37.92 -53.63
N ILE A 1161 3.24 37.60 -53.49
CA ILE A 1161 2.80 36.86 -52.30
C ILE A 1161 3.50 35.51 -52.23
N GLU A 1162 3.54 34.79 -53.35
CA GLU A 1162 4.31 33.55 -53.39
C GLU A 1162 5.78 33.83 -53.11
N ASP A 1163 6.31 34.88 -53.73
CA ASP A 1163 7.70 35.24 -53.54
C ASP A 1163 7.98 35.56 -52.07
N ALA A 1164 6.99 36.12 -51.37
CA ALA A 1164 7.11 36.37 -49.95
C ALA A 1164 7.12 35.10 -49.12
N GLY A 1165 6.63 33.99 -49.69
CA GLY A 1165 6.47 32.76 -48.93
C GLY A 1165 5.19 32.67 -48.14
N TYR A 1166 4.18 33.44 -48.50
CA TYR A 1166 2.90 33.46 -47.81
C TYR A 1166 1.81 33.14 -48.83
N THR A 1167 0.74 32.53 -48.35
CA THR A 1167 -0.38 32.12 -49.18
C THR A 1167 -1.55 33.08 -49.00
N ARG A 1168 -2.36 33.21 -50.05
CA ARG A 1168 -3.45 34.19 -49.98
C ARG A 1168 -4.35 33.91 -48.80
N GLU A 1169 -4.46 32.66 -48.39
CA GLU A 1169 -5.35 32.29 -47.30
C GLU A 1169 -4.65 32.28 -45.95
N THR A 1170 -3.40 32.72 -45.87
CA THR A 1170 -2.70 32.74 -44.60
C THR A 1170 -1.92 34.03 -44.39
N LEU A 1171 -1.93 34.95 -45.33
CA LEU A 1171 -1.09 36.13 -45.30
C LEU A 1171 -1.77 37.18 -44.44
N GLY A 1172 -1.28 37.36 -43.23
CA GLY A 1172 -2.02 38.16 -42.28
C GLY A 1172 -3.42 37.66 -42.05
N LYS A 1173 -3.65 36.37 -42.27
CA LYS A 1173 -4.97 35.76 -42.14
C LYS A 1173 -5.43 35.68 -40.68
N HIS A 1174 -4.67 36.27 -39.76
CA HIS A 1174 -5.00 36.20 -38.35
C HIS A 1174 -6.13 37.18 -38.01
N GLU A 1175 -7.23 37.00 -38.73
CA GLU A 1175 -8.47 37.73 -38.47
C GLU A 1175 -9.70 36.84 -38.43
N GLY A 1176 -9.64 35.64 -39.02
CA GLY A 1176 -10.75 34.72 -39.02
C GLY A 1176 -11.65 34.82 -40.23
N LEU A 1177 -11.47 35.82 -41.09
CA LEU A 1177 -12.32 35.99 -42.25
C LEU A 1177 -11.58 36.43 -43.51
N GLY A 1178 -10.25 36.36 -43.52
CA GLY A 1178 -9.51 36.73 -44.71
C GLY A 1178 -8.19 37.42 -44.43
N GLY A 1179 -8.04 37.95 -43.24
CA GLY A 1179 -6.83 38.68 -42.91
C GLY A 1179 -7.03 40.16 -43.19
N ASN A 1180 -6.21 40.98 -42.55
CA ASN A 1180 -6.30 42.44 -42.65
C ASN A 1180 -5.09 42.93 -43.44
N VAL A 1181 -5.26 43.09 -44.76
CA VAL A 1181 -4.18 43.48 -45.64
C VAL A 1181 -4.59 44.75 -46.38
N GLY A 1182 -3.70 45.74 -46.38
CA GLY A 1182 -3.91 46.94 -47.17
C GLY A 1182 -3.26 46.87 -48.54
N VAL A 1183 -3.80 47.64 -49.48
CA VAL A 1183 -3.31 47.71 -50.84
C VAL A 1183 -3.22 49.17 -51.27
N TYR A 1184 -2.08 49.56 -51.84
CA TYR A 1184 -1.91 50.87 -52.46
C TYR A 1184 -1.21 50.69 -53.80
N VAL A 1185 -1.67 51.42 -54.81
CA VAL A 1185 -1.07 51.37 -56.14
C VAL A 1185 -0.94 52.78 -56.67
N GLY A 1186 0.19 53.06 -57.30
CA GLY A 1186 0.40 54.33 -57.96
C GLY A 1186 0.30 54.21 -59.46
N VAL A 1187 -0.58 54.99 -60.08
CA VAL A 1187 -0.73 55.00 -61.53
C VAL A 1187 -0.86 56.44 -61.99
N MET A 1188 -0.27 56.77 -63.13
CA MET A 1188 -0.31 58.14 -63.61
C MET A 1188 -1.55 58.40 -64.46
N TYR A 1189 -1.79 57.57 -65.48
CA TYR A 1189 -3.01 57.68 -66.24
C TYR A 1189 -3.28 56.40 -67.02
N GLU A 1190 -4.53 56.25 -67.44
CA GLU A 1190 -4.97 55.15 -68.28
C GLU A 1190 -5.27 55.70 -69.67
N GLU A 1191 -4.69 55.08 -70.70
CA GLU A 1191 -4.87 55.47 -72.09
C GLU A 1191 -5.50 54.33 -72.88
N TYR A 1192 -6.18 53.42 -72.20
CA TYR A 1192 -6.74 52.24 -72.85
C TYR A 1192 -8.16 52.46 -73.32
N GLN A 1193 -8.88 53.41 -72.72
CA GLN A 1193 -10.21 53.77 -73.21
C GLN A 1193 -10.15 54.66 -74.45
N LEU A 1194 -9.01 55.28 -74.73
CA LEU A 1194 -8.93 56.18 -75.88
C LEU A 1194 -9.23 55.44 -77.18
N TYR A 1195 -8.91 54.15 -77.24
CA TYR A 1195 -9.29 53.36 -78.41
C TYR A 1195 -10.80 53.30 -78.56
N ALA A 1196 -11.52 53.20 -77.44
CA ALA A 1196 -12.97 53.17 -77.51
C ALA A 1196 -13.52 54.46 -78.12
N SER A 1197 -13.01 55.62 -77.68
CA SER A 1197 -13.47 56.88 -78.24
C SER A 1197 -13.12 56.97 -79.72
N ALA A 1198 -11.92 56.51 -80.08
CA ALA A 1198 -11.54 56.51 -81.49
C ALA A 1198 -12.50 55.64 -82.29
N GLU A 1199 -12.83 54.46 -81.78
CA GLU A 1199 -13.80 53.61 -82.47
C GLU A 1199 -15.15 54.30 -82.59
N GLN A 1200 -15.60 54.93 -81.51
CA GLN A 1200 -16.90 55.60 -81.53
C GLN A 1200 -16.92 56.71 -82.56
N ALA A 1201 -15.85 57.48 -82.67
CA ALA A 1201 -15.78 58.52 -83.69
C ALA A 1201 -15.88 57.91 -85.08
N LEU A 1202 -15.19 56.78 -85.30
CA LEU A 1202 -15.24 56.11 -86.59
C LEU A 1202 -16.53 55.33 -86.79
N GLY A 1203 -17.27 55.04 -85.73
CA GLY A 1203 -18.53 54.33 -85.83
C GLY A 1203 -18.68 53.23 -84.80
N ARG A 1204 -19.42 52.18 -85.13
CA ARG A 1204 -19.62 51.04 -84.24
C ARG A 1204 -20.02 51.56 -82.86
N ALA A 1205 -19.72 50.80 -81.81
CA ALA A 1205 -20.05 51.21 -80.45
C ALA A 1205 -19.26 50.38 -79.45
N LEU A 1206 -18.46 51.04 -78.62
CA LEU A 1206 -17.57 50.34 -77.68
C LEU A 1206 -17.27 51.28 -76.52
N ALA A 1207 -17.29 50.75 -75.30
CA ALA A 1207 -17.20 51.58 -74.09
C ALA A 1207 -16.25 50.90 -73.10
N ILE A 1208 -14.99 51.33 -73.11
CA ILE A 1208 -14.02 50.93 -72.09
C ILE A 1208 -13.92 52.06 -71.07
N ALA A 1209 -14.08 51.71 -69.80
CA ALA A 1209 -14.05 52.68 -68.72
C ALA A 1209 -12.67 52.70 -68.09
N GLY A 1210 -12.37 53.80 -67.41
CA GLY A 1210 -11.09 53.97 -66.76
C GLY A 1210 -11.19 53.65 -65.28
N SER A 1211 -11.29 54.67 -64.43
CA SER A 1211 -11.54 54.42 -63.02
C SER A 1211 -10.41 53.55 -62.48
N PRO A 1212 -9.21 54.07 -62.40
CA PRO A 1212 -8.06 53.23 -62.02
C PRO A 1212 -8.25 52.54 -60.68
N ALA A 1213 -9.27 52.92 -59.91
CA ALA A 1213 -9.46 52.25 -58.62
C ALA A 1213 -9.68 50.76 -58.82
N SER A 1214 -10.08 50.35 -60.02
CA SER A 1214 -10.17 48.94 -60.31
C SER A 1214 -8.81 48.27 -60.14
N ILE A 1215 -7.73 49.02 -60.38
CA ILE A 1215 -6.41 48.41 -60.37
C ILE A 1215 -6.14 47.75 -59.03
N ALA A 1216 -6.55 48.38 -57.94
CA ALA A 1216 -6.34 47.80 -56.62
C ALA A 1216 -7.53 46.99 -56.13
N ASN A 1217 -8.75 47.42 -56.43
CA ASN A 1217 -9.91 46.71 -55.90
C ASN A 1217 -9.97 45.29 -56.43
N ARG A 1218 -9.70 45.09 -57.73
CA ARG A 1218 -9.69 43.74 -58.27
C ARG A 1218 -8.70 42.87 -57.51
N VAL A 1219 -7.55 43.44 -57.15
CA VAL A 1219 -6.58 42.70 -56.35
C VAL A 1219 -7.20 42.35 -55.00
N SER A 1220 -7.85 43.33 -54.37
CA SER A 1220 -8.54 43.03 -53.12
C SER A 1220 -9.67 42.04 -53.35
N TYR A 1221 -10.37 42.17 -54.48
CA TYR A 1221 -11.48 41.26 -54.72
C TYR A 1221 -10.99 39.82 -54.87
N PHE A 1222 -10.01 39.60 -55.74
CA PHE A 1222 -9.58 38.23 -55.98
C PHE A 1222 -8.94 37.61 -54.75
N CYS A 1223 -8.08 38.34 -54.06
CA CYS A 1223 -7.33 37.80 -52.93
C CYS A 1223 -8.08 37.88 -51.62
N ASN A 1224 -9.24 38.53 -51.59
CA ASN A 1224 -10.06 38.61 -50.38
C ASN A 1224 -9.27 39.26 -49.24
N PHE A 1225 -8.96 40.53 -49.41
CA PHE A 1225 -8.35 41.35 -48.38
C PHE A 1225 -9.38 42.32 -47.82
N HIS A 1226 -9.26 42.63 -46.53
CA HIS A 1226 -10.19 43.54 -45.89
C HIS A 1226 -9.54 44.85 -45.46
N GLY A 1227 -8.39 45.20 -46.02
CA GLY A 1227 -7.76 46.46 -45.70
C GLY A 1227 -8.01 47.52 -46.76
N PRO A 1228 -7.56 48.74 -46.49
CA PRO A 1228 -7.84 49.84 -47.42
C PRO A 1228 -7.22 49.60 -48.78
N SER A 1229 -7.87 50.12 -49.82
CA SER A 1229 -7.43 49.93 -51.20
C SER A 1229 -7.69 51.23 -51.95
N MET A 1230 -6.64 51.84 -52.48
CA MET A 1230 -6.74 53.11 -53.18
C MET A 1230 -5.77 53.14 -54.36
N ALA A 1231 -5.96 54.11 -55.24
CA ALA A 1231 -5.04 54.38 -56.35
C ALA A 1231 -4.64 55.85 -56.30
N VAL A 1232 -3.55 56.17 -55.60
CA VAL A 1232 -3.03 57.53 -55.51
C VAL A 1232 -2.43 57.93 -56.85
N ASP A 1233 -2.16 59.21 -57.04
CA ASP A 1233 -1.53 59.66 -58.29
C ASP A 1233 -0.79 60.97 -58.03
N THR A 1234 0.54 60.91 -58.03
CA THR A 1234 1.38 62.09 -58.09
C THR A 1234 2.34 61.88 -59.26
N MET A 1235 2.48 62.90 -60.10
CA MET A 1235 3.25 62.74 -61.33
C MET A 1235 4.64 62.22 -60.98
N CYS A 1236 5.03 61.11 -61.61
CA CYS A 1236 6.37 60.55 -61.49
C CYS A 1236 6.76 60.23 -60.04
N SER A 1237 5.83 60.32 -59.10
CA SER A 1237 6.15 60.07 -57.70
C SER A 1237 5.04 59.28 -57.03
N SER A 1238 4.21 58.58 -57.80
CA SER A 1238 3.14 57.80 -57.21
C SER A 1238 3.68 56.68 -56.35
N SER A 1239 4.71 55.99 -56.83
CA SER A 1239 5.15 54.78 -56.17
C SER A 1239 5.63 55.06 -54.76
N LEU A 1240 6.41 56.13 -54.56
CA LEU A 1240 6.85 56.49 -53.22
C LEU A 1240 5.70 57.01 -52.38
N THR A 1241 4.78 57.77 -52.98
CA THR A 1241 3.63 58.21 -52.22
C THR A 1241 2.84 57.03 -51.70
N GLY A 1242 2.60 56.02 -52.54
CA GLY A 1242 1.88 54.85 -52.07
C GLY A 1242 2.63 54.16 -50.94
N ILE A 1243 3.94 54.06 -51.05
CA ILE A 1243 4.70 53.43 -49.98
C ILE A 1243 4.54 54.21 -48.70
N HIS A 1244 4.71 55.52 -48.76
CA HIS A 1244 4.70 56.33 -47.55
C HIS A 1244 3.37 56.20 -46.81
N LEU A 1245 2.26 56.24 -47.55
CA LEU A 1245 0.97 56.07 -46.90
C LEU A 1245 0.88 54.72 -46.22
N ALA A 1246 1.32 53.67 -46.90
CA ALA A 1246 1.27 52.34 -46.30
C ALA A 1246 2.10 52.31 -45.03
N CYS A 1247 3.24 52.99 -45.04
CA CYS A 1247 4.11 52.98 -43.87
C CYS A 1247 3.36 53.46 -42.64
N HIS A 1248 2.62 54.56 -42.76
CA HIS A 1248 1.95 55.10 -41.59
C HIS A 1248 0.76 54.24 -41.19
N SER A 1249 0.02 53.72 -42.17
CA SER A 1249 -1.13 52.90 -41.84
C SER A 1249 -0.72 51.70 -40.99
N LEU A 1250 0.41 51.09 -41.32
CA LEU A 1250 0.93 50.03 -40.46
C LEU A 1250 1.25 50.58 -39.08
N GLN A 1251 1.82 51.78 -39.01
CA GLN A 1251 2.14 52.37 -37.72
C GLN A 1251 0.89 52.60 -36.89
N ARG A 1252 -0.19 53.03 -37.52
CA ARG A 1252 -1.42 53.28 -36.79
C ARG A 1252 -2.22 52.02 -36.49
N GLY A 1253 -1.84 50.89 -37.08
CA GLY A 1253 -2.49 49.63 -36.81
C GLY A 1253 -3.65 49.30 -37.72
N GLU A 1254 -3.91 50.10 -38.73
CA GLU A 1254 -5.04 49.82 -39.61
C GLU A 1254 -4.85 48.52 -40.37
N CYS A 1255 -3.62 48.26 -40.84
CA CYS A 1255 -3.31 47.08 -41.61
C CYS A 1255 -2.23 46.29 -40.89
N GLU A 1256 -2.27 44.97 -41.04
CA GLU A 1256 -1.19 44.13 -40.55
C GLU A 1256 -0.11 43.90 -41.59
N VAL A 1257 -0.48 43.89 -42.87
CA VAL A 1257 0.48 43.77 -43.97
C VAL A 1257 0.03 44.71 -45.09
N ALA A 1258 0.98 45.12 -45.92
CA ALA A 1258 0.72 46.12 -46.95
C ALA A 1258 1.32 45.67 -48.26
N ILE A 1259 0.79 46.21 -49.36
CA ILE A 1259 1.27 45.92 -50.71
C ILE A 1259 1.26 47.22 -51.50
N ALA A 1260 2.43 47.84 -51.63
CA ALA A 1260 2.59 49.08 -52.38
C ALA A 1260 3.24 48.80 -53.71
N GLY A 1261 3.18 49.74 -54.63
CA GLY A 1261 3.74 49.50 -55.94
C GLY A 1261 3.44 50.63 -56.90
N GLY A 1262 3.63 50.33 -58.18
CA GLY A 1262 3.29 51.24 -59.24
C GLY A 1262 3.19 50.46 -60.54
N VAL A 1263 2.59 51.10 -61.54
CA VAL A 1263 2.40 50.45 -62.84
C VAL A 1263 2.27 51.51 -63.92
N ASN A 1264 2.81 51.24 -65.10
CA ASN A 1264 2.74 52.15 -66.22
C ASN A 1264 3.11 51.42 -67.49
N VAL A 1265 2.34 51.65 -68.55
CA VAL A 1265 2.56 51.04 -69.85
C VAL A 1265 2.20 52.05 -70.93
N SER A 1266 2.93 52.02 -72.03
CA SER A 1266 2.73 52.95 -73.15
C SER A 1266 2.07 52.18 -74.28
N ILE A 1267 0.79 52.49 -74.54
CA ILE A 1267 0.02 51.79 -75.56
C ILE A 1267 -0.74 52.72 -76.49
N HIS A 1268 -0.63 54.04 -76.31
CA HIS A 1268 -1.27 54.98 -77.21
C HIS A 1268 -0.27 56.06 -77.60
N PRO A 1269 -0.23 56.46 -78.87
CA PRO A 1269 0.74 57.49 -79.28
C PRO A 1269 0.51 58.84 -78.61
N ASN A 1270 -0.68 59.09 -78.07
CA ASN A 1270 -0.96 60.39 -77.46
C ASN A 1270 0.10 60.75 -76.44
N LYS A 1271 0.58 59.77 -75.67
CA LYS A 1271 1.62 60.05 -74.69
C LYS A 1271 2.84 60.66 -75.38
N TYR A 1272 3.28 60.05 -76.48
CA TYR A 1272 4.41 60.60 -77.21
C TYR A 1272 4.11 61.98 -77.78
N LEU A 1273 2.90 62.17 -78.31
CA LEU A 1273 2.56 63.46 -78.88
C LEU A 1273 2.63 64.57 -77.83
N TYR A 1274 2.03 64.33 -76.67
CA TYR A 1274 2.02 65.36 -75.63
C TYR A 1274 3.41 65.64 -75.10
N LEU A 1275 4.23 64.58 -74.94
CA LEU A 1275 5.57 64.75 -74.43
C LEU A 1275 6.45 65.57 -75.36
N SER A 1276 6.04 65.76 -76.61
CA SER A 1276 6.74 66.64 -77.53
C SER A 1276 6.11 68.03 -77.57
N GLN A 1277 4.77 68.10 -77.54
CA GLN A 1277 4.11 69.39 -77.47
C GLN A 1277 4.69 70.20 -76.32
N GLY A 1278 4.77 69.60 -75.14
CA GLY A 1278 5.61 70.13 -74.09
C GLY A 1278 7.03 69.61 -74.27
N LYS A 1279 7.99 70.50 -74.06
CA LYS A 1279 9.37 70.18 -74.40
C LYS A 1279 10.01 69.30 -73.33
N PHE A 1280 9.39 68.16 -73.06
CA PHE A 1280 9.88 67.24 -72.04
C PHE A 1280 10.59 66.03 -72.62
N ALA A 1281 10.66 65.90 -73.93
CA ALA A 1281 11.28 64.75 -74.56
C ALA A 1281 12.79 64.90 -74.56
N SER A 1282 13.49 63.92 -75.14
CA SER A 1282 14.95 63.88 -75.10
C SER A 1282 15.53 63.81 -76.51
N SER A 1283 15.10 64.74 -77.38
CA SER A 1283 15.54 64.78 -78.77
C SER A 1283 15.70 63.37 -79.33
N LYS A 1284 16.83 63.11 -79.99
CA LYS A 1284 17.15 61.78 -80.46
C LYS A 1284 18.07 61.04 -79.51
N GLY A 1285 18.28 61.58 -78.32
CA GLY A 1285 19.14 60.90 -77.36
C GLY A 1285 18.63 59.50 -77.07
N ARG A 1286 19.58 58.59 -76.82
CA ARG A 1286 19.24 57.19 -76.58
C ARG A 1286 18.36 57.05 -75.34
N CYS A 1287 18.71 57.74 -74.26
CA CYS A 1287 18.01 57.62 -72.99
C CYS A 1287 18.45 58.76 -72.09
N GLU A 1288 18.01 58.72 -70.84
CA GLU A 1288 18.39 59.73 -69.87
C GLU A 1288 19.89 59.67 -69.60
N SER A 1289 20.53 60.83 -69.57
CA SER A 1289 21.95 60.95 -69.28
C SER A 1289 22.06 61.80 -68.02
N PHE A 1290 22.62 61.21 -66.96
CA PHE A 1290 22.74 61.96 -65.72
C PHE A 1290 23.58 63.22 -65.87
N GLY A 1291 24.42 63.30 -66.89
CA GLY A 1291 25.22 64.48 -67.12
C GLY A 1291 25.60 64.66 -68.56
N GLU A 1292 26.39 65.72 -68.81
CA GLU A 1292 26.93 66.05 -70.12
C GLU A 1292 25.80 66.31 -71.13
N GLY A 1293 25.14 67.44 -70.91
CA GLY A 1293 24.19 67.96 -71.88
C GLY A 1293 22.98 67.08 -72.13
N GLY A 1294 22.41 66.51 -71.07
CA GLY A 1294 21.15 65.80 -71.21
C GLY A 1294 20.00 66.79 -71.17
N ASP A 1295 19.06 66.63 -72.08
CA ASP A 1295 18.00 67.60 -72.30
C ASP A 1295 16.65 66.91 -72.41
N GLY A 1296 16.34 65.99 -71.52
CA GLY A 1296 15.04 65.38 -71.51
C GLY A 1296 15.11 63.96 -70.97
N TYR A 1297 13.97 63.28 -71.09
CA TYR A 1297 13.83 61.89 -70.69
C TYR A 1297 13.05 61.11 -71.74
N VAL A 1298 13.21 59.80 -71.72
CA VAL A 1298 12.56 58.87 -72.64
C VAL A 1298 11.52 58.07 -71.85
N PRO A 1299 10.24 58.19 -72.17
CA PRO A 1299 9.21 57.47 -71.40
C PRO A 1299 9.30 55.97 -71.63
N GLY A 1300 8.89 55.22 -70.61
CA GLY A 1300 8.96 53.77 -70.66
C GLY A 1300 7.97 53.12 -69.73
N GLU A 1301 7.75 51.82 -69.98
CA GLU A 1301 6.83 51.01 -69.19
C GLU A 1301 7.55 50.42 -67.99
N GLY A 1302 6.76 49.90 -67.04
CA GLY A 1302 7.33 49.20 -65.90
C GLY A 1302 6.28 48.91 -64.84
N VAL A 1303 6.28 47.68 -64.31
CA VAL A 1303 5.30 47.27 -63.31
C VAL A 1303 6.03 46.59 -62.16
N GLY A 1304 5.61 46.88 -60.94
CA GLY A 1304 6.29 46.33 -59.78
C GLY A 1304 5.41 46.39 -58.56
N ALA A 1305 5.86 45.72 -57.50
CA ALA A 1305 5.15 45.69 -56.23
C ALA A 1305 6.14 45.41 -55.13
N VAL A 1306 5.72 45.58 -53.88
CA VAL A 1306 6.57 45.25 -52.75
C VAL A 1306 5.73 45.06 -51.50
N LEU A 1307 5.96 43.95 -50.82
CA LEU A 1307 5.22 43.58 -49.61
C LEU A 1307 5.93 44.20 -48.40
N LEU A 1308 5.17 44.70 -47.45
CA LEU A 1308 5.72 45.38 -46.29
C LEU A 1308 5.14 44.75 -45.04
N LYS A 1309 5.92 44.75 -43.96
CA LYS A 1309 5.43 44.25 -42.68
C LYS A 1309 6.17 44.98 -41.58
N PRO A 1310 5.54 45.19 -40.42
CA PRO A 1310 6.28 45.77 -39.29
C PRO A 1310 7.42 44.86 -38.86
N LEU A 1311 8.53 45.47 -38.48
CA LEU A 1311 9.76 44.70 -38.33
C LEU A 1311 9.59 43.56 -37.34
N ALA A 1312 8.99 43.84 -36.19
CA ALA A 1312 8.92 42.82 -35.15
C ALA A 1312 8.18 41.58 -35.66
N ARG A 1313 7.08 41.77 -36.36
CA ARG A 1313 6.34 40.63 -36.87
C ARG A 1313 7.15 39.84 -37.88
N ALA A 1314 7.89 40.53 -38.75
CA ALA A 1314 8.65 39.82 -39.76
C ALA A 1314 9.64 38.85 -39.14
N ILE A 1315 10.37 39.29 -38.12
CA ILE A 1315 11.35 38.42 -37.47
C ILE A 1315 10.65 37.26 -36.77
N ALA A 1316 9.55 37.55 -36.08
CA ALA A 1316 8.87 36.50 -35.34
C ALA A 1316 8.36 35.41 -36.26
N ASP A 1317 7.69 35.79 -37.35
CA ASP A 1317 7.38 34.79 -38.37
C ASP A 1317 8.63 34.36 -39.14
N GLY A 1318 9.69 35.16 -39.12
CA GLY A 1318 10.98 34.80 -39.66
C GLY A 1318 11.18 34.97 -41.16
N ASP A 1319 10.23 35.58 -41.86
CA ASP A 1319 10.33 35.73 -43.31
C ASP A 1319 11.59 36.52 -43.67
N HIS A 1320 12.17 36.17 -44.81
CA HIS A 1320 13.40 36.79 -45.25
C HIS A 1320 13.20 38.30 -45.47
N ILE A 1321 14.17 39.10 -45.07
CA ILE A 1321 14.04 40.57 -45.05
C ILE A 1321 14.99 41.17 -46.07
N TYR A 1322 14.43 41.74 -47.15
CA TYR A 1322 15.27 42.35 -48.18
C TYR A 1322 15.86 43.68 -47.71
N GLY A 1323 15.04 44.54 -47.11
CA GLY A 1323 15.54 45.78 -46.54
C GLY A 1323 14.57 46.30 -45.50
N VAL A 1324 14.98 47.37 -44.83
CA VAL A 1324 14.17 48.00 -43.79
C VAL A 1324 13.97 49.47 -44.13
N ILE A 1325 12.71 49.90 -44.21
CA ILE A 1325 12.37 51.28 -44.53
C ILE A 1325 12.29 52.04 -43.21
N LYS A 1326 13.32 52.84 -42.93
CA LYS A 1326 13.36 53.54 -41.65
C LYS A 1326 12.40 54.71 -41.61
N GLY A 1327 12.35 55.51 -42.68
CA GLY A 1327 11.50 56.69 -42.70
C GLY A 1327 11.21 57.15 -44.10
N SER A 1328 10.18 58.00 -44.22
CA SER A 1328 9.74 58.48 -45.52
C SER A 1328 9.16 59.88 -45.35
N ALA A 1329 9.10 60.64 -46.44
CA ALA A 1329 8.57 61.99 -46.40
C ALA A 1329 8.19 62.43 -47.79
N ILE A 1330 7.26 63.39 -47.85
CA ILE A 1330 6.80 63.98 -49.10
C ILE A 1330 6.43 65.43 -48.85
N ASN A 1331 6.48 66.23 -49.91
CA ASN A 1331 5.95 67.59 -49.90
C ASN A 1331 5.90 68.07 -51.35
N HIS A 1332 5.55 69.34 -51.52
CA HIS A 1332 5.51 69.98 -52.83
C HIS A 1332 6.10 71.37 -52.72
N GLY A 1333 6.83 71.78 -53.75
CA GLY A 1333 7.58 73.01 -53.70
C GLY A 1333 6.70 74.21 -53.47
N GLY A 1334 5.73 74.41 -54.36
CA GLY A 1334 4.86 75.57 -54.29
C GLY A 1334 4.99 76.45 -55.52
N LYS A 1335 4.97 77.75 -55.29
CA LYS A 1335 5.02 78.73 -56.36
C LYS A 1335 6.45 78.91 -56.82
N THR A 1336 6.73 78.53 -58.06
CA THR A 1336 8.07 78.71 -58.62
C THR A 1336 7.98 79.57 -59.87
N ASN A 1337 9.13 79.91 -60.44
CA ASN A 1337 9.19 80.84 -61.56
C ASN A 1337 8.67 80.16 -62.83
N GLY A 1338 7.39 79.83 -62.80
CA GLY A 1338 6.77 79.08 -63.87
C GLY A 1338 6.44 77.69 -63.40
N TYR A 1339 5.58 77.00 -64.13
CA TYR A 1339 5.17 75.65 -63.77
C TYR A 1339 6.22 74.64 -64.19
N THR A 1340 6.29 73.54 -63.45
CA THR A 1340 7.20 72.43 -63.75
C THR A 1340 8.66 72.86 -63.65
N VAL A 1341 8.99 73.55 -62.56
CA VAL A 1341 10.34 73.99 -62.27
C VAL A 1341 10.67 73.60 -60.83
N PRO A 1342 11.61 72.70 -60.60
CA PRO A 1342 11.86 72.26 -59.22
C PRO A 1342 12.34 73.40 -58.35
N ASN A 1343 11.91 73.35 -57.10
CA ASN A 1343 12.31 74.33 -56.09
C ASN A 1343 13.28 73.64 -55.15
N PRO A 1344 14.57 73.96 -55.20
CA PRO A 1344 15.50 73.25 -54.31
C PRO A 1344 15.14 73.36 -52.85
N HIS A 1345 14.56 74.48 -52.42
CA HIS A 1345 14.34 74.68 -51.00
C HIS A 1345 13.43 73.61 -50.43
N SER A 1346 12.38 73.24 -51.15
CA SER A 1346 11.61 72.08 -50.73
C SER A 1346 12.45 70.82 -50.80
N GLN A 1347 13.16 70.62 -51.90
CA GLN A 1347 13.94 69.40 -52.05
C GLN A 1347 14.89 69.22 -50.89
N SER A 1348 15.36 70.34 -50.32
CA SER A 1348 16.06 70.28 -49.06
C SER A 1348 15.15 69.81 -47.93
N ARG A 1349 13.92 70.33 -47.88
CA ARG A 1349 13.09 70.09 -46.71
C ARG A 1349 12.57 68.66 -46.65
N VAL A 1350 12.09 68.13 -47.77
CA VAL A 1350 11.61 66.76 -47.75
C VAL A 1350 12.76 65.83 -47.37
N ILE A 1351 13.92 66.05 -47.97
CA ILE A 1351 15.08 65.22 -47.67
C ILE A 1351 15.48 65.39 -46.22
N ARG A 1352 15.44 66.60 -45.70
CA ARG A 1352 15.77 66.81 -44.29
C ARG A 1352 14.83 66.01 -43.39
N ARG A 1353 13.52 66.10 -43.64
CA ARG A 1353 12.57 65.50 -42.70
C ARG A 1353 12.73 63.99 -42.64
N ALA A 1354 12.85 63.35 -43.81
CA ALA A 1354 12.93 61.89 -43.81
C ALA A 1354 14.06 61.41 -42.92
N PHE A 1355 15.22 62.07 -43.02
CA PHE A 1355 16.35 61.65 -42.22
C PHE A 1355 16.10 61.89 -40.73
N GLU A 1356 15.34 62.93 -40.40
CA GLU A 1356 14.99 63.15 -38.99
C GLU A 1356 14.09 62.04 -38.46
N GLU A 1357 13.04 61.69 -39.22
CA GLU A 1357 12.10 60.68 -38.75
C GLU A 1357 12.78 59.33 -38.56
N ALA A 1358 13.63 58.93 -39.50
CA ALA A 1358 14.45 57.74 -39.31
C ALA A 1358 15.60 57.99 -38.36
N GLY A 1359 15.94 59.26 -38.10
CA GLY A 1359 17.06 59.57 -37.24
C GLY A 1359 18.34 59.03 -37.84
N ILE A 1360 18.52 59.24 -39.15
CA ILE A 1360 19.69 58.77 -39.88
C ILE A 1360 20.59 59.96 -40.15
N HIS A 1361 21.87 59.77 -39.94
CA HIS A 1361 22.84 60.85 -40.17
C HIS A 1361 23.32 60.81 -41.61
N PRO A 1362 23.20 61.91 -42.36
CA PRO A 1362 23.57 61.87 -43.78
C PRO A 1362 25.00 61.45 -44.02
N ARG A 1363 25.89 61.71 -43.07
CA ARG A 1363 27.26 61.21 -43.19
C ARG A 1363 27.27 59.70 -43.41
N THR A 1364 26.39 58.98 -42.73
CA THR A 1364 26.40 57.52 -42.81
C THR A 1364 25.78 56.99 -44.09
N VAL A 1365 25.11 57.83 -44.86
CA VAL A 1365 24.60 57.38 -46.14
C VAL A 1365 25.77 56.96 -47.02
N SER A 1366 25.54 55.92 -47.81
CA SER A 1366 26.54 55.46 -48.76
C SER A 1366 26.09 55.57 -50.20
N TYR A 1367 24.85 55.21 -50.51
CA TYR A 1367 24.36 55.25 -51.87
C TYR A 1367 23.00 55.91 -51.90
N ILE A 1368 22.84 56.90 -52.76
CA ILE A 1368 21.58 57.62 -52.93
C ILE A 1368 21.23 57.61 -54.40
N GLU A 1369 20.05 57.14 -54.73
CA GLU A 1369 19.57 57.19 -56.10
C GLU A 1369 18.80 58.49 -56.30
N ALA A 1370 19.04 59.15 -57.41
CA ALA A 1370 18.42 60.42 -57.72
C ALA A 1370 17.35 60.27 -58.78
N HIS A 1371 16.50 61.28 -58.88
CA HIS A 1371 15.44 61.28 -59.87
C HIS A 1371 15.98 61.20 -61.30
N GLY A 1372 17.24 61.57 -61.50
CA GLY A 1372 17.83 61.44 -62.81
C GLY A 1372 17.08 62.29 -63.81
N THR A 1373 16.57 61.65 -64.86
CA THR A 1373 15.85 62.25 -65.97
C THR A 1373 16.79 63.00 -66.89
N GLY A 1374 18.06 63.18 -66.54
CA GLY A 1374 19.00 63.86 -67.38
C GLY A 1374 18.56 65.21 -67.90
N THR A 1375 17.53 65.80 -67.29
CA THR A 1375 17.04 67.10 -67.73
C THR A 1375 18.06 68.19 -67.46
N SER A 1376 18.12 69.17 -68.37
CA SER A 1376 19.11 70.23 -68.24
C SER A 1376 18.89 71.03 -66.96
N LEU A 1377 17.65 71.37 -66.64
CA LEU A 1377 17.32 72.27 -65.54
C LEU A 1377 16.75 71.51 -64.36
N GLY A 1378 17.09 70.23 -64.25
CA GLY A 1378 16.70 69.44 -63.09
C GLY A 1378 17.88 68.82 -62.37
N ASP A 1379 18.96 68.57 -63.11
CA ASP A 1379 20.12 67.91 -62.50
C ASP A 1379 20.91 68.86 -61.61
N PRO A 1380 21.33 70.04 -62.07
CA PRO A 1380 22.03 70.94 -61.14
C PRO A 1380 21.20 71.31 -59.92
N ILE A 1381 19.88 71.42 -60.09
CA ILE A 1381 19.02 71.70 -58.94
C ILE A 1381 19.05 70.54 -57.96
N GLU A 1382 18.84 69.33 -58.45
CA GLU A 1382 18.74 68.18 -57.57
C GLU A 1382 20.02 68.00 -56.76
N ILE A 1383 21.16 68.31 -57.38
CA ILE A 1383 22.42 68.24 -56.67
C ILE A 1383 22.47 69.28 -55.57
N ALA A 1384 21.99 70.49 -55.87
CA ALA A 1384 22.08 71.55 -54.88
C ALA A 1384 21.27 71.22 -53.64
N GLY A 1385 20.04 70.74 -53.83
CA GLY A 1385 19.20 70.42 -52.69
C GLY A 1385 19.83 69.37 -51.81
N LEU A 1386 20.35 68.30 -52.43
CA LEU A 1386 21.08 67.31 -51.68
C LEU A 1386 22.31 67.91 -51.02
N THR A 1387 23.04 68.76 -51.75
CA THR A 1387 24.22 69.37 -51.20
C THR A 1387 23.88 70.19 -49.96
N LYS A 1388 22.84 71.01 -50.04
CA LYS A 1388 22.51 71.89 -48.93
C LYS A 1388 22.11 71.10 -47.69
N THR A 1389 21.18 70.16 -47.85
CA THR A 1389 20.66 69.43 -46.70
C THR A 1389 21.69 68.50 -46.09
N PHE A 1390 22.75 68.18 -46.82
CA PHE A 1390 23.83 67.37 -46.30
C PHE A 1390 24.91 68.19 -45.63
N GLN A 1391 25.10 69.44 -46.07
CA GLN A 1391 26.09 70.30 -45.44
C GLN A 1391 25.66 70.73 -44.05
N GLU A 1392 24.39 70.51 -43.69
CA GLU A 1392 23.97 70.78 -42.33
C GLU A 1392 24.76 69.95 -41.34
N TYR A 1393 25.17 68.75 -41.73
CA TYR A 1393 25.79 67.83 -40.79
C TYR A 1393 27.23 67.46 -41.12
N THR A 1394 27.58 67.23 -42.39
CA THR A 1394 28.95 66.87 -42.73
C THR A 1394 29.45 67.74 -43.88
N LYS A 1395 30.65 68.28 -43.71
CA LYS A 1395 31.26 69.17 -44.70
C LYS A 1395 32.25 68.44 -45.60
N GLU A 1396 32.37 67.13 -45.47
CA GLU A 1396 33.31 66.36 -46.28
C GLU A 1396 32.78 66.23 -47.71
N ASN A 1397 33.66 65.82 -48.62
CA ASN A 1397 33.29 65.68 -50.02
C ASN A 1397 33.68 64.30 -50.53
N GLN A 1398 32.99 63.89 -51.60
CA GLN A 1398 33.26 62.63 -52.28
C GLN A 1398 33.34 61.46 -51.30
N PHE A 1399 32.24 61.24 -50.59
CA PHE A 1399 32.12 60.09 -49.72
C PHE A 1399 30.90 59.22 -50.02
N CYS A 1400 30.08 59.59 -51.00
CA CYS A 1400 28.87 58.86 -51.33
C CYS A 1400 28.75 58.71 -52.84
N ALA A 1401 28.01 57.70 -53.27
CA ALA A 1401 27.83 57.40 -54.68
C ALA A 1401 26.39 57.68 -55.08
N ILE A 1402 26.21 58.10 -56.33
CA ILE A 1402 24.91 58.47 -56.87
C ILE A 1402 24.75 57.88 -58.25
N GLY A 1403 23.56 57.34 -58.53
CA GLY A 1403 23.27 56.74 -59.82
C GLY A 1403 21.78 56.60 -59.99
N SER A 1404 21.39 56.00 -61.11
CA SER A 1404 19.97 55.86 -61.42
C SER A 1404 19.73 54.67 -62.34
N ALA A 1405 18.64 53.95 -62.09
CA ALA A 1405 18.18 52.91 -62.99
C ALA A 1405 17.47 53.47 -64.22
N LYS A 1406 17.04 54.73 -64.17
CA LYS A 1406 16.38 55.29 -65.33
C LYS A 1406 17.31 55.30 -66.53
N SER A 1407 18.60 55.54 -66.31
CA SER A 1407 19.57 55.39 -67.39
C SER A 1407 19.54 54.00 -67.99
N ASN A 1408 19.10 53.00 -67.22
CA ASN A 1408 18.86 51.65 -67.76
C ASN A 1408 17.48 51.51 -68.35
N ILE A 1409 16.45 51.75 -67.56
CA ILE A 1409 15.08 51.38 -67.92
C ILE A 1409 14.23 52.56 -68.33
N GLY A 1410 14.82 53.73 -68.55
CA GLY A 1410 14.06 54.85 -69.03
C GLY A 1410 13.38 55.59 -67.90
N HIS A 1411 12.13 55.99 -68.12
CA HIS A 1411 11.37 56.75 -67.12
C HIS A 1411 9.99 56.13 -67.03
N GLY A 1412 9.72 55.41 -65.94
CA GLY A 1412 8.42 54.77 -65.80
C GLY A 1412 7.29 55.78 -65.64
N GLU A 1413 7.51 56.81 -64.84
CA GLU A 1413 6.58 57.87 -64.51
C GLU A 1413 5.51 57.41 -63.53
N SER A 1414 5.39 56.13 -63.26
CA SER A 1414 4.73 55.68 -62.03
C SER A 1414 5.51 54.60 -61.31
N ALA A 1415 6.28 53.78 -62.00
CA ALA A 1415 7.10 52.76 -61.38
C ALA A 1415 8.55 53.21 -61.20
N ALA A 1416 8.86 54.48 -61.53
CA ALA A 1416 10.20 54.97 -61.29
C ALA A 1416 10.53 54.89 -59.81
N GLY A 1417 9.55 55.11 -58.95
CA GLY A 1417 9.78 54.93 -57.52
C GLY A 1417 10.08 53.49 -57.15
N ILE A 1418 9.25 52.56 -57.63
CA ILE A 1418 9.47 51.15 -57.28
C ILE A 1418 10.70 50.61 -57.97
N ALA A 1419 10.87 50.93 -59.25
CA ALA A 1419 12.01 50.40 -59.99
C ALA A 1419 13.31 50.84 -59.34
N GLY A 1420 13.40 52.12 -58.98
CA GLY A 1420 14.54 52.56 -58.19
C GLY A 1420 14.61 51.84 -56.87
N LEU A 1421 13.46 51.61 -56.24
CA LEU A 1421 13.47 50.89 -54.96
C LEU A 1421 13.95 49.46 -55.15
N THR A 1422 13.52 48.81 -56.22
CA THR A 1422 14.00 47.46 -56.48
C THR A 1422 15.51 47.46 -56.68
N LYS A 1423 16.02 48.44 -57.42
CA LYS A 1423 17.44 48.45 -57.75
C LYS A 1423 18.29 48.43 -56.49
N ILE A 1424 17.92 49.24 -55.50
CA ILE A 1424 18.71 49.29 -54.28
C ILE A 1424 18.72 47.93 -53.60
N LEU A 1425 17.56 47.29 -53.51
CA LEU A 1425 17.50 46.05 -52.75
C LEU A 1425 18.40 44.99 -53.35
N LEU A 1426 18.43 44.88 -54.69
CA LEU A 1426 19.39 43.98 -55.33
C LEU A 1426 20.81 44.38 -54.98
N GLN A 1427 21.12 45.68 -55.04
CA GLN A 1427 22.44 46.12 -54.65
C GLN A 1427 22.72 45.80 -53.19
N MET A 1428 21.70 45.89 -52.35
CA MET A 1428 21.87 45.52 -50.95
C MET A 1428 21.91 44.02 -50.77
N LYS A 1429 21.40 43.26 -51.73
CA LYS A 1429 21.46 41.80 -51.62
C LYS A 1429 22.78 41.26 -52.17
N TYR A 1430 23.13 41.63 -53.40
CA TYR A 1430 24.33 41.12 -54.05
C TYR A 1430 25.58 41.85 -53.60
N LYS A 1431 25.44 42.91 -52.82
CA LYS A 1431 26.59 43.60 -52.23
C LYS A 1431 27.55 44.11 -53.31
N ARG A 1432 26.98 44.71 -54.36
CA ARG A 1432 27.80 45.22 -55.46
C ARG A 1432 27.16 46.46 -56.04
N LEU A 1433 27.82 47.61 -55.88
CA LEU A 1433 27.34 48.82 -56.52
C LEU A 1433 27.48 48.69 -58.02
N VAL A 1434 26.42 49.02 -58.75
CA VAL A 1434 26.36 48.76 -60.18
C VAL A 1434 26.82 50.01 -60.93
N PRO A 1435 27.44 49.88 -62.10
CA PRO A 1435 27.76 51.07 -62.88
C PRO A 1435 26.51 51.77 -63.37
N SER A 1436 26.61 53.09 -63.49
CA SER A 1436 25.61 53.89 -64.16
C SER A 1436 25.85 53.82 -65.67
N LEU A 1437 25.15 54.66 -66.42
CA LEU A 1437 25.35 54.73 -67.86
C LEU A 1437 25.37 56.18 -68.31
N HIS A 1438 26.17 56.46 -69.33
CA HIS A 1438 26.24 57.77 -69.94
C HIS A 1438 26.73 58.84 -68.98
N SER A 1439 27.41 58.42 -67.91
CA SER A 1439 28.04 59.33 -66.96
C SER A 1439 29.54 59.41 -67.18
N ARG A 1440 29.97 59.41 -68.44
CA ARG A 1440 31.40 59.43 -68.74
C ARG A 1440 31.99 60.82 -68.49
N THR A 1441 31.25 61.88 -68.83
CA THR A 1441 31.75 63.25 -68.80
C THR A 1441 31.19 64.09 -67.66
N LEU A 1442 29.91 63.93 -67.31
CA LEU A 1442 29.27 64.72 -66.27
C LEU A 1442 28.95 66.12 -66.78
N ASN A 1443 27.97 66.79 -66.19
CA ASN A 1443 27.59 68.11 -66.66
C ASN A 1443 28.70 69.11 -66.36
N PRO A 1444 29.11 69.94 -67.33
CA PRO A 1444 30.10 70.99 -67.02
C PRO A 1444 29.57 72.06 -66.09
N ASN A 1445 28.25 72.19 -65.96
CA ASN A 1445 27.68 73.23 -65.12
C ASN A 1445 28.06 73.04 -63.66
N ILE A 1446 28.07 71.80 -63.19
CA ILE A 1446 28.28 71.48 -61.79
C ILE A 1446 29.54 70.62 -61.66
N ASP A 1447 30.36 70.94 -60.66
CA ASP A 1447 31.52 70.13 -60.31
C ASP A 1447 31.18 69.33 -59.07
N PHE A 1448 31.38 68.02 -59.13
CA PHE A 1448 31.11 67.17 -57.98
C PHE A 1448 32.17 67.30 -56.90
N SER A 1449 33.25 68.01 -57.17
CA SER A 1449 34.35 68.08 -56.21
C SER A 1449 33.88 68.66 -54.88
N LYS A 1450 33.12 69.76 -54.93
CA LYS A 1450 32.53 70.28 -53.70
C LYS A 1450 31.32 69.46 -53.27
N THR A 1451 30.66 68.78 -54.21
CA THR A 1451 29.53 67.94 -53.85
C THR A 1451 30.03 66.67 -53.15
N PRO A 1452 29.21 66.09 -52.29
CA PRO A 1452 29.62 64.86 -51.62
C PRO A 1452 29.31 63.63 -52.45
N PHE A 1453 28.86 63.83 -53.70
CA PHE A 1453 28.38 62.75 -54.54
C PHE A 1453 29.31 62.55 -55.72
N VAL A 1454 29.64 61.28 -55.99
CA VAL A 1454 30.45 60.91 -57.14
C VAL A 1454 29.71 59.82 -57.88
N VAL A 1455 29.56 59.98 -59.19
CA VAL A 1455 28.73 59.08 -59.98
C VAL A 1455 29.41 57.72 -60.10
N GLN A 1456 28.68 56.67 -59.76
CA GLN A 1456 29.21 55.32 -59.86
C GLN A 1456 29.42 54.98 -61.32
N GLN A 1457 30.62 54.52 -61.66
CA GLN A 1457 30.98 54.29 -63.05
C GLN A 1457 31.31 52.85 -63.38
N GLU A 1458 31.67 52.03 -62.40
CA GLU A 1458 32.00 50.64 -62.67
C GLU A 1458 31.54 49.76 -61.51
N LEU A 1459 31.28 48.49 -61.82
CA LEU A 1459 30.85 47.54 -60.82
C LEU A 1459 31.93 47.44 -59.75
N ALA A 1460 31.53 47.57 -58.50
CA ALA A 1460 32.49 47.63 -57.42
C ALA A 1460 31.84 47.11 -56.15
N GLU A 1461 32.68 46.69 -55.21
CA GLU A 1461 32.16 46.14 -53.96
C GLU A 1461 31.53 47.26 -53.16
N TRP A 1462 30.31 47.03 -52.67
CA TRP A 1462 29.60 48.00 -51.84
C TRP A 1462 30.10 47.84 -50.41
N LYS A 1463 31.24 48.46 -50.13
CA LYS A 1463 31.93 48.24 -48.87
C LYS A 1463 31.13 48.79 -47.69
N ARG A 1464 31.20 48.09 -46.58
CA ARG A 1464 30.54 48.51 -45.34
C ARG A 1464 31.19 49.78 -44.78
N PRO A 1465 30.48 50.90 -44.70
CA PRO A 1465 31.12 52.18 -44.33
C PRO A 1465 31.63 52.19 -42.89
N VAL A 1466 32.78 52.85 -42.69
CA VAL A 1466 33.33 53.11 -41.35
C VAL A 1466 33.94 54.50 -41.37
N ILE A 1467 33.58 55.33 -40.38
CA ILE A 1467 33.75 56.78 -40.44
C ILE A 1467 34.31 57.31 -39.13
N GLU A 1468 34.34 58.64 -39.01
CA GLU A 1468 34.80 59.34 -37.80
C GLU A 1468 33.75 60.36 -37.40
N ILE A 1469 33.15 60.18 -36.23
CA ILE A 1469 32.26 61.17 -35.60
C ILE A 1469 32.50 61.19 -34.10
N ASP A 1470 32.71 62.39 -33.55
CA ASP A 1470 32.76 62.62 -32.11
C ASP A 1470 33.76 61.68 -31.43
N GLY A 1471 34.84 61.39 -32.14
CA GLY A 1471 35.90 60.53 -31.66
C GLY A 1471 35.62 59.05 -31.77
N VAL A 1472 34.52 58.67 -32.40
CA VAL A 1472 33.98 57.34 -32.25
C VAL A 1472 34.14 56.58 -33.56
N THR A 1473 34.90 55.48 -33.52
CA THR A 1473 35.12 54.66 -34.70
C THR A 1473 34.01 53.63 -34.80
N ARG A 1474 33.33 53.62 -35.93
CA ARG A 1474 32.28 52.65 -36.17
C ARG A 1474 32.21 52.34 -37.66
N GLU A 1475 31.81 51.12 -37.98
CA GLU A 1475 31.59 50.69 -39.35
C GLU A 1475 30.09 50.60 -39.55
N TYR A 1476 29.50 51.64 -40.14
CA TYR A 1476 28.04 51.73 -40.21
C TYR A 1476 27.49 50.81 -41.30
N ALA A 1477 26.20 50.52 -41.20
CA ALA A 1477 25.54 49.64 -42.16
C ALA A 1477 25.48 50.37 -43.50
N ARG A 1478 24.94 49.72 -44.51
CA ARG A 1478 24.86 50.31 -45.85
C ARG A 1478 23.49 50.95 -45.97
N ILE A 1479 23.39 52.19 -45.53
CA ILE A 1479 22.15 52.95 -45.60
C ILE A 1479 22.00 53.52 -47.00
N ALA A 1480 20.76 53.60 -47.46
CA ALA A 1480 20.49 54.13 -48.79
C ALA A 1480 19.18 54.91 -48.77
N GLY A 1481 19.12 55.93 -49.62
CA GLY A 1481 17.93 56.74 -49.73
C GLY A 1481 17.61 56.99 -51.20
N ILE A 1482 16.35 57.29 -51.46
CA ILE A 1482 15.88 57.50 -52.82
C ILE A 1482 14.96 58.72 -52.83
N SER A 1483 15.08 59.55 -53.85
CA SER A 1483 14.21 60.70 -54.03
C SER A 1483 13.55 60.60 -55.40
N SER A 1484 12.29 61.01 -55.47
CA SER A 1484 11.53 61.01 -56.72
C SER A 1484 10.78 62.32 -56.81
N PHE A 1485 11.02 63.07 -57.88
CA PHE A 1485 10.48 64.41 -58.03
C PHE A 1485 9.47 64.45 -59.16
N GLY A 1486 8.25 64.86 -58.84
CA GLY A 1486 7.21 64.93 -59.84
C GLY A 1486 7.21 66.23 -60.60
N ALA A 1487 6.82 66.15 -61.87
CA ALA A 1487 6.79 67.34 -62.71
C ALA A 1487 5.80 68.36 -62.16
N GLY A 1488 4.68 67.89 -61.61
CA GLY A 1488 3.81 68.81 -60.92
C GLY A 1488 4.53 69.52 -59.79
N GLY A 1489 5.43 68.82 -59.10
CA GLY A 1489 6.29 69.45 -58.13
C GLY A 1489 6.29 68.67 -56.82
N ALA A 1490 5.36 67.75 -56.69
CA ALA A 1490 5.36 66.86 -55.53
C ALA A 1490 6.66 66.08 -55.51
N ASN A 1491 7.22 65.91 -54.31
CA ASN A 1491 8.48 65.21 -54.16
C ASN A 1491 8.34 64.17 -53.06
N ALA A 1492 9.18 63.14 -53.14
CA ALA A 1492 9.11 62.05 -52.19
C ALA A 1492 10.49 61.48 -51.93
N HIS A 1493 10.68 60.95 -50.74
CA HIS A 1493 11.96 60.37 -50.37
C HIS A 1493 11.76 59.24 -49.36
N LEU A 1494 12.66 58.25 -49.41
CA LEU A 1494 12.60 57.09 -48.53
C LEU A 1494 13.98 56.83 -47.93
N VAL A 1495 14.00 56.19 -46.78
CA VAL A 1495 15.23 55.80 -46.11
C VAL A 1495 15.21 54.31 -45.86
N ILE A 1496 16.30 53.64 -46.21
CA ILE A 1496 16.42 52.19 -46.14
C ILE A 1496 17.66 51.85 -45.34
N GLU A 1497 17.65 50.66 -44.74
CA GLU A 1497 18.85 50.12 -44.12
C GLU A 1497 18.82 48.61 -44.26
N GLU A 1498 19.98 48.02 -44.47
CA GLU A 1498 20.02 46.57 -44.62
C GLU A 1498 19.77 45.90 -43.27
N TYR A 1499 19.23 44.69 -43.32
CA TYR A 1499 18.89 43.94 -42.13
C TYR A 1499 19.93 42.86 -41.90
N ILE A 1500 20.49 42.85 -40.70
CA ILE A 1500 21.52 41.89 -40.31
C ILE A 1500 20.98 41.09 -39.14
N GLU A 1501 21.05 39.76 -39.25
CA GLU A 1501 20.51 38.86 -38.23
C GLU A 1501 21.60 38.56 -37.20
N ALA A 1502 21.62 39.35 -36.12
CA ALA A 1502 22.65 39.18 -35.11
C ALA A 1502 22.52 37.84 -34.41
N GLU A 1503 21.30 37.32 -34.30
CA GLU A 1503 21.09 36.03 -33.65
C GLU A 1503 21.75 34.91 -34.42
N HIS A 1504 22.40 33.99 -33.68
CA HIS A 1504 23.03 32.82 -34.29
C HIS A 1504 22.09 32.16 -35.28
N ARG A 1505 22.64 31.72 -36.40
CA ARG A 1505 21.89 31.00 -37.42
C ARG A 1505 22.13 29.50 -37.30
N PRO A 1506 21.17 28.66 -37.68
CA PRO A 1506 21.24 27.22 -37.34
C PRO A 1506 22.16 26.44 -38.26
N PRO A 1507 22.30 25.14 -38.00
CA PRO A 1507 23.04 24.27 -38.92
C PRO A 1507 22.20 23.71 -40.06
N SER A 1508 22.80 22.81 -40.85
CA SER A 1508 22.09 22.16 -41.95
C SER A 1508 20.68 21.80 -41.54
N SER A 1509 20.49 21.35 -40.30
CA SER A 1509 19.18 21.08 -39.72
C SER A 1509 18.44 20.01 -40.49
N ILE A 1510 19.15 19.20 -41.27
CA ILE A 1510 18.54 18.17 -42.10
C ILE A 1510 19.40 16.92 -42.02
N SER A 1511 18.77 15.76 -41.96
CA SER A 1511 19.47 14.49 -41.95
C SER A 1511 18.48 13.38 -42.30
N SER A 1512 18.98 12.16 -42.47
CA SER A 1512 18.09 11.04 -42.74
C SER A 1512 17.16 10.78 -41.56
N LYS A 1513 17.56 11.20 -40.37
CA LYS A 1513 16.70 11.08 -39.20
C LYS A 1513 15.54 12.06 -39.29
N ASN A 1514 15.83 13.29 -39.72
CA ASN A 1514 14.83 14.31 -39.94
C ASN A 1514 15.03 14.83 -41.35
N PRO A 1515 14.55 14.11 -42.36
CA PRO A 1515 14.79 14.52 -43.75
C PRO A 1515 13.84 15.61 -44.21
N ALA A 1516 14.24 16.29 -45.26
CA ALA A 1516 13.44 17.37 -45.83
C ALA A 1516 12.30 16.80 -46.65
N VAL A 1517 11.21 17.56 -46.69
CA VAL A 1517 9.98 17.14 -47.36
C VAL A 1517 9.66 18.19 -48.41
N ILE A 1518 10.17 17.99 -49.62
CA ILE A 1518 9.96 18.95 -50.71
C ILE A 1518 8.66 18.61 -51.43
N VAL A 1519 7.79 19.61 -51.56
CA VAL A 1519 6.42 19.41 -52.03
C VAL A 1519 6.10 20.52 -53.02
N LEU A 1520 5.58 20.16 -54.18
CA LEU A 1520 5.12 21.15 -55.15
C LEU A 1520 3.74 20.78 -55.65
N SER A 1521 3.06 21.78 -56.22
CA SER A 1521 1.71 21.60 -56.74
C SER A 1521 1.41 22.73 -57.72
N ALA A 1522 0.51 22.46 -58.65
CA ALA A 1522 0.11 23.48 -59.61
C ALA A 1522 -1.29 23.17 -60.13
N LYS A 1523 -1.88 24.15 -60.81
CA LYS A 1523 -3.21 23.98 -61.38
C LYS A 1523 -3.26 22.90 -62.46
N ASN A 1524 -2.11 22.52 -63.02
CA ASN A 1524 -2.05 21.45 -64.00
C ASN A 1524 -0.63 20.92 -64.05
N LYS A 1525 -0.33 20.08 -65.04
CA LYS A 1525 0.97 19.44 -65.09
C LYS A 1525 2.01 20.31 -65.78
N ASP A 1526 1.68 20.89 -66.93
CA ASP A 1526 2.62 21.75 -67.63
C ASP A 1526 3.13 22.85 -66.72
N ARG A 1527 2.21 23.49 -65.98
CA ARG A 1527 2.63 24.47 -64.98
C ARG A 1527 3.48 23.82 -63.91
N LEU A 1528 3.12 22.60 -63.48
CA LEU A 1528 3.90 21.96 -62.43
C LEU A 1528 5.31 21.64 -62.91
N ARG A 1529 5.44 21.18 -64.15
CA ARG A 1529 6.76 20.81 -64.67
C ARG A 1529 7.67 22.03 -64.75
N GLU A 1530 7.15 23.16 -65.23
CA GLU A 1530 7.95 24.37 -65.26
C GLU A 1530 8.34 24.80 -63.86
N GLN A 1531 7.43 24.66 -62.89
CA GLN A 1531 7.79 24.97 -61.52
C GLN A 1531 8.99 24.13 -61.08
N VAL A 1532 9.01 22.86 -61.47
CA VAL A 1532 10.19 22.04 -61.23
C VAL A 1532 11.39 22.61 -61.99
N GLN A 1533 11.18 22.98 -63.25
CA GLN A 1533 12.27 23.59 -64.02
C GLN A 1533 12.81 24.81 -63.31
N ARG A 1534 11.90 25.68 -62.85
CA ARG A 1534 12.33 26.91 -62.20
C ARG A 1534 12.88 26.66 -60.80
N LEU A 1535 12.50 25.54 -60.18
CA LEU A 1535 13.00 25.26 -58.83
C LEU A 1535 14.49 24.93 -58.86
N LEU A 1536 14.86 23.93 -59.65
CA LEU A 1536 16.26 23.52 -59.68
C LEU A 1536 17.14 24.66 -60.18
N SER A 1537 16.69 25.38 -61.21
CA SER A 1537 17.48 26.48 -61.74
C SER A 1537 17.73 27.54 -60.66
N ALA A 1538 16.74 27.79 -59.81
CA ALA A 1538 16.96 28.71 -58.70
C ALA A 1538 17.96 28.15 -57.70
N ILE A 1539 17.87 26.85 -57.41
CA ILE A 1539 18.80 26.22 -56.49
C ILE A 1539 20.22 26.34 -57.00
N ARG A 1540 20.39 26.40 -58.32
CA ARG A 1540 21.74 26.53 -58.89
C ARG A 1540 22.17 27.99 -58.96
N GLU A 1541 21.43 28.82 -59.71
CA GLU A 1541 21.81 30.21 -59.85
C GLU A 1541 21.87 30.93 -58.50
N GLN A 1542 20.98 30.58 -57.57
CA GLN A 1542 21.01 31.17 -56.25
C GLN A 1542 21.98 30.47 -55.32
N VAL A 1543 22.46 29.27 -55.69
CA VAL A 1543 23.56 28.62 -54.99
C VAL A 1543 23.15 28.29 -53.56
N LEU A 1544 22.17 27.42 -53.41
CA LEU A 1544 21.68 27.06 -52.10
C LEU A 1544 22.43 25.86 -51.52
N THR A 1545 22.31 25.68 -50.22
CA THR A 1545 23.03 24.65 -49.47
C THR A 1545 22.07 23.91 -48.57
N ASP A 1546 22.61 22.91 -47.85
CA ASP A 1546 21.78 22.16 -46.91
C ASP A 1546 21.33 23.00 -45.73
N ASN A 1547 22.07 24.05 -45.39
CA ASN A 1547 21.60 24.95 -44.34
C ASN A 1547 20.30 25.62 -44.74
N ASP A 1548 20.02 25.70 -46.03
CA ASP A 1548 18.79 26.28 -46.51
C ASP A 1548 17.68 25.26 -46.73
N LEU A 1549 17.97 23.97 -46.62
CA LEU A 1549 16.94 22.97 -46.92
C LEU A 1549 15.76 23.10 -45.98
N ALA A 1550 16.02 23.14 -44.67
CA ALA A 1550 14.93 23.28 -43.72
C ALA A 1550 14.06 24.47 -44.07
N GLU A 1551 14.68 25.60 -44.38
CA GLU A 1551 13.94 26.76 -44.82
C GLU A 1551 13.25 26.49 -46.15
N ILE A 1552 13.95 25.84 -47.09
CA ILE A 1552 13.37 25.53 -48.38
C ILE A 1552 12.13 24.66 -48.21
N ALA A 1553 12.28 23.58 -47.44
CA ALA A 1553 11.14 22.69 -47.22
C ALA A 1553 9.98 23.44 -46.56
N TYR A 1554 10.29 24.25 -45.55
CA TYR A 1554 9.24 24.92 -44.80
C TYR A 1554 8.48 25.89 -45.69
N THR A 1555 9.19 26.65 -46.53
CA THR A 1555 8.51 27.63 -47.37
C THR A 1555 7.53 26.95 -48.31
N LEU A 1556 7.96 25.88 -48.98
CA LEU A 1556 7.09 25.23 -49.94
C LEU A 1556 5.96 24.46 -49.28
N GLN A 1557 6.07 24.18 -47.98
CA GLN A 1557 4.99 23.49 -47.28
C GLN A 1557 3.87 24.46 -46.90
N VAL A 1558 4.20 25.55 -46.21
CA VAL A 1558 3.22 26.54 -45.80
C VAL A 1558 3.16 27.70 -46.77
N GLY A 1559 4.29 28.08 -47.39
CA GLY A 1559 4.40 29.32 -48.13
C GLY A 1559 3.92 29.24 -49.57
N ARG A 1560 3.29 28.15 -49.97
CA ARG A 1560 2.66 28.06 -51.27
C ARG A 1560 1.25 27.51 -51.12
N GLU A 1561 0.39 27.88 -52.06
CA GLU A 1561 -0.99 27.40 -52.10
C GLU A 1561 -0.99 25.98 -52.64
N ALA A 1562 -1.72 25.09 -51.97
CA ALA A 1562 -1.85 23.70 -52.39
C ALA A 1562 -2.86 23.59 -53.53
N MET A 1563 -2.44 23.09 -54.68
CA MET A 1563 -3.24 23.11 -55.90
C MET A 1563 -3.63 21.70 -56.32
N GLU A 1564 -4.28 21.61 -57.48
CA GLU A 1564 -4.86 20.35 -57.94
C GLU A 1564 -3.80 19.32 -58.33
N GLU A 1565 -2.83 19.73 -59.13
CA GLU A 1565 -1.74 18.86 -59.55
C GLU A 1565 -0.68 18.91 -58.47
N ARG A 1566 -0.18 17.74 -58.07
CA ARG A 1566 0.66 17.64 -56.88
C ARG A 1566 1.84 16.72 -57.14
N PHE A 1567 2.95 17.01 -56.44
CA PHE A 1567 4.18 16.26 -56.57
C PHE A 1567 5.04 16.52 -55.33
N ALA A 1568 5.76 15.49 -54.87
CA ALA A 1568 6.50 15.63 -53.63
C ALA A 1568 7.62 14.60 -53.55
N VAL A 1569 8.59 14.87 -52.67
CA VAL A 1569 9.77 14.03 -52.49
C VAL A 1569 10.28 14.21 -51.07
N ILE A 1570 11.16 13.30 -50.65
CA ILE A 1570 11.84 13.37 -49.36
C ILE A 1570 13.34 13.38 -49.59
N VAL A 1571 14.05 14.31 -48.96
CA VAL A 1571 15.46 14.55 -49.24
C VAL A 1571 16.22 14.75 -47.93
N LYS A 1572 17.53 14.55 -47.99
CA LYS A 1572 18.45 14.88 -46.91
C LYS A 1572 19.46 15.95 -47.31
N SER A 1573 19.93 15.94 -48.55
CA SER A 1573 20.92 16.89 -49.02
C SER A 1573 20.43 17.58 -50.29
N ILE A 1574 20.89 18.82 -50.48
CA ILE A 1574 20.40 19.61 -51.61
C ILE A 1574 20.72 18.91 -52.92
N SER A 1575 21.86 18.22 -53.00
CA SER A 1575 22.18 17.48 -54.21
C SER A 1575 21.14 16.38 -54.46
N GLU A 1576 20.71 15.69 -53.41
CA GLU A 1576 19.71 14.66 -53.58
C GLU A 1576 18.42 15.25 -54.15
N LEU A 1577 18.03 16.42 -53.63
CA LEU A 1577 16.88 17.12 -54.20
C LEU A 1577 17.13 17.45 -55.66
N GLU A 1578 18.35 17.91 -55.99
CA GLU A 1578 18.70 18.16 -57.38
C GLU A 1578 18.55 16.88 -58.19
N ALA A 1579 19.04 15.77 -57.65
CA ALA A 1579 18.92 14.51 -58.36
C ALA A 1579 17.46 14.15 -58.60
N LYS A 1580 16.61 14.33 -57.60
CA LYS A 1580 15.22 13.94 -57.74
C LYS A 1580 14.46 14.90 -58.64
N LEU A 1581 14.68 16.21 -58.48
CA LEU A 1581 13.98 17.16 -59.34
C LEU A 1581 14.35 16.94 -60.79
N THR A 1582 15.64 16.77 -61.08
CA THR A 1582 16.05 16.38 -62.41
C THR A 1582 15.46 15.04 -62.80
N TYR A 1583 15.28 14.16 -61.81
CA TYR A 1583 14.62 12.88 -62.08
C TYR A 1583 13.20 13.12 -62.56
N TYR A 1584 12.42 13.88 -61.80
CA TYR A 1584 11.04 14.15 -62.21
C TYR A 1584 11.01 14.91 -63.54
N LEU A 1585 11.87 15.93 -63.66
CA LEU A 1585 11.82 16.76 -64.86
C LEU A 1585 12.05 15.93 -66.10
N LYS A 1586 12.99 14.99 -66.04
CA LYS A 1586 13.18 14.07 -67.14
C LYS A 1586 11.97 13.13 -67.24
N ASP A 1587 11.70 12.69 -68.47
CA ASP A 1587 10.50 11.91 -68.75
C ASP A 1587 10.65 10.52 -68.15
N GLU A 1588 10.04 10.31 -66.99
CA GLU A 1588 9.97 9.01 -66.36
C GLU A 1588 8.53 8.78 -65.90
N ALA A 1589 7.98 7.62 -66.22
CA ALA A 1589 6.57 7.36 -65.92
C ALA A 1589 6.30 7.43 -64.42
N ASP A 1590 6.85 6.50 -63.66
CA ASP A 1590 6.65 6.45 -62.22
C ASP A 1590 7.89 5.88 -61.55
N SER A 1591 8.21 6.41 -60.37
CA SER A 1591 9.36 5.96 -59.61
C SER A 1591 9.10 6.22 -58.14
N PRO A 1592 9.75 5.48 -57.25
CA PRO A 1592 9.57 5.69 -55.81
C PRO A 1592 10.33 6.93 -55.35
N ASP A 1593 10.00 7.38 -54.14
CA ASP A 1593 10.46 8.66 -53.63
C ASP A 1593 10.04 9.80 -54.55
N LEU A 1594 9.06 9.55 -55.41
CA LEU A 1594 8.50 10.56 -56.30
C LEU A 1594 6.99 10.39 -56.24
N PHE A 1595 6.34 11.12 -55.34
CA PHE A 1595 4.93 10.94 -55.05
C PHE A 1595 4.10 11.83 -55.97
N THR A 1596 3.31 11.22 -56.84
CA THR A 1596 2.41 11.96 -57.72
C THR A 1596 0.98 11.51 -57.50
N GLY A 1597 0.06 12.44 -57.75
CA GLY A 1597 -1.35 12.20 -57.52
C GLY A 1597 -2.12 13.46 -57.84
N GLN A 1598 -3.44 13.38 -57.70
CA GLN A 1598 -4.31 14.49 -58.05
C GLN A 1598 -5.38 14.66 -56.99
N VAL A 1599 -6.04 15.82 -57.05
CA VAL A 1599 -7.12 16.15 -56.12
C VAL A 1599 -8.47 16.28 -56.82
N LYS A 1600 -8.49 16.53 -58.14
CA LYS A 1600 -9.76 16.71 -58.85
C LYS A 1600 -10.68 15.52 -58.63
N ARG A 1601 -10.13 14.31 -58.56
CA ARG A 1601 -10.96 13.13 -58.46
C ARG A 1601 -11.30 12.79 -57.01
N ASN A 1602 -10.30 12.76 -56.13
CA ASN A 1602 -10.53 12.42 -54.74
C ASN A 1602 -11.02 13.65 -53.99
N LYS A 1603 -12.31 13.68 -53.69
CA LYS A 1603 -12.91 14.80 -52.99
C LYS A 1603 -13.56 14.34 -51.69
N GLU A 1604 -14.47 13.38 -51.79
CA GLU A 1604 -15.26 12.95 -50.64
C GLU A 1604 -14.44 12.11 -49.67
N THR A 1605 -13.59 11.23 -50.18
CA THR A 1605 -12.86 10.33 -49.30
C THR A 1605 -11.85 11.10 -48.45
N MET A 1606 -11.07 11.96 -49.09
CA MET A 1606 -10.13 12.78 -48.33
C MET A 1606 -10.85 13.66 -47.32
N ASP A 1607 -12.08 14.06 -47.64
CA ASP A 1607 -12.80 15.01 -46.80
C ASP A 1607 -13.04 14.42 -45.42
N VAL A 1608 -13.37 13.14 -45.35
CA VAL A 1608 -13.69 12.52 -44.07
C VAL A 1608 -12.55 12.67 -43.09
N PHE A 1609 -11.32 12.71 -43.60
CA PHE A 1609 -10.15 12.78 -42.73
C PHE A 1609 -10.20 14.01 -41.84
N ALA A 1610 -10.12 15.20 -42.44
CA ALA A 1610 -10.22 16.42 -41.63
C ALA A 1610 -11.53 16.46 -40.87
N ALA A 1611 -12.59 15.85 -41.41
CA ALA A 1611 -13.89 15.80 -40.74
C ALA A 1611 -13.95 14.56 -39.83
N ASP A 1612 -13.01 14.53 -38.88
CA ASP A 1612 -13.00 13.49 -37.86
C ASP A 1612 -11.99 13.86 -36.79
N GLU A 1613 -12.40 13.78 -35.53
CA GLU A 1613 -11.49 14.07 -34.42
C GLU A 1613 -10.52 12.92 -34.20
N ASP A 1614 -11.03 11.68 -34.17
CA ASP A 1614 -10.16 10.54 -33.97
C ASP A 1614 -9.17 10.40 -35.12
N LEU A 1615 -9.65 10.56 -36.35
CA LEU A 1615 -8.78 10.39 -37.51
C LEU A 1615 -7.70 11.45 -37.55
N GLN A 1616 -8.04 12.70 -37.20
CA GLN A 1616 -7.02 13.73 -37.11
C GLN A 1616 -5.94 13.34 -36.10
N GLN A 1617 -6.34 12.74 -34.98
CA GLN A 1617 -5.36 12.24 -34.03
C GLN A 1617 -4.47 11.17 -34.66
N ALA A 1618 -5.04 10.37 -35.55
CA ALA A 1618 -4.22 9.37 -36.25
C ALA A 1618 -3.13 10.05 -37.07
N ILE A 1619 -3.48 11.15 -37.74
CA ILE A 1619 -2.47 11.91 -38.48
C ILE A 1619 -1.49 12.57 -37.52
N ASP A 1620 -1.99 13.11 -36.42
CA ASP A 1620 -1.09 13.70 -35.42
C ASP A 1620 -0.08 12.66 -34.96
N THR A 1621 -0.52 11.41 -34.82
CA THR A 1621 0.41 10.34 -34.56
C THR A 1621 1.39 10.15 -35.72
N TRP A 1622 0.92 10.28 -36.96
CA TRP A 1622 1.81 10.10 -38.10
C TRP A 1622 2.97 11.10 -38.05
N ILE A 1623 2.66 12.39 -37.90
CA ILE A 1623 3.70 13.40 -38.02
C ILE A 1623 4.71 13.25 -36.88
N THR A 1624 4.23 13.01 -35.67
CA THR A 1624 5.12 12.79 -34.54
C THR A 1624 6.03 11.60 -34.78
N LYS A 1625 5.47 10.51 -35.30
CA LYS A 1625 6.25 9.32 -35.56
C LYS A 1625 7.17 9.49 -36.76
N GLY A 1626 6.89 10.46 -37.62
CA GLY A 1626 7.73 10.72 -38.77
C GLY A 1626 7.42 9.87 -39.98
N LYS A 1627 6.17 9.41 -40.11
CA LYS A 1627 5.77 8.65 -41.28
C LYS A 1627 5.58 9.57 -42.47
N TYR A 1628 6.65 10.26 -42.86
CA TYR A 1628 6.56 11.26 -43.93
C TYR A 1628 6.12 10.63 -45.24
N ALA A 1629 6.60 9.43 -45.55
CA ALA A 1629 6.31 8.85 -46.86
C ALA A 1629 4.82 8.61 -47.03
N LYS A 1630 4.15 8.08 -46.00
CA LYS A 1630 2.71 7.90 -46.08
C LYS A 1630 1.98 9.24 -46.17
N ILE A 1631 2.42 10.23 -45.38
CA ILE A 1631 1.74 11.52 -45.39
C ILE A 1631 1.79 12.14 -46.78
N LEU A 1632 2.97 12.15 -47.39
CA LEU A 1632 3.10 12.70 -48.75
C LEU A 1632 2.25 11.90 -49.73
N GLN A 1633 2.22 10.58 -49.58
CA GLN A 1633 1.40 9.76 -50.45
C GLN A 1633 -0.05 10.21 -50.44
N MET A 1634 -0.53 10.74 -49.31
CA MET A 1634 -1.90 11.22 -49.20
C MET A 1634 -2.04 12.68 -49.57
N TRP A 1635 -1.06 13.51 -49.21
CA TRP A 1635 -1.15 14.94 -49.52
C TRP A 1635 -1.25 15.15 -51.03
N VAL A 1636 -0.62 14.28 -51.82
CA VAL A 1636 -0.75 14.35 -53.27
C VAL A 1636 -2.15 13.91 -53.71
N GLN A 1637 -2.99 13.50 -52.78
CA GLN A 1637 -4.34 13.07 -53.11
C GLN A 1637 -5.44 14.01 -52.61
N GLY A 1638 -5.15 14.88 -51.66
CA GLY A 1638 -6.17 15.80 -51.18
C GLY A 1638 -6.11 16.13 -49.70
N LEU A 1639 -5.47 15.27 -48.91
CA LEU A 1639 -5.33 15.50 -47.48
C LEU A 1639 -4.97 16.95 -47.18
N ILE A 1640 -5.55 17.48 -46.12
CA ILE A 1640 -5.19 18.80 -45.58
C ILE A 1640 -4.75 18.61 -44.13
N PHE A 1641 -3.60 19.19 -43.81
CA PHE A 1641 -3.06 19.09 -42.45
C PHE A 1641 -2.10 20.25 -42.20
N ASP A 1642 -2.02 20.68 -40.94
CA ASP A 1642 -1.15 21.78 -40.58
C ASP A 1642 0.31 21.34 -40.65
N TRP A 1643 1.05 21.86 -41.63
CA TRP A 1643 2.45 21.51 -41.75
C TRP A 1643 3.25 21.96 -40.54
N ASN A 1644 2.77 22.97 -39.81
CA ASN A 1644 3.47 23.41 -38.61
C ASN A 1644 3.59 22.28 -37.61
N LYS A 1645 2.74 21.26 -37.70
CA LYS A 1645 2.82 20.12 -36.80
C LYS A 1645 4.17 19.42 -36.90
N LEU A 1646 4.80 19.49 -38.07
CA LEU A 1646 6.11 18.86 -38.24
C LEU A 1646 7.11 19.42 -37.23
N TYR A 1647 7.12 20.73 -37.06
CA TYR A 1647 8.12 21.42 -36.25
C TYR A 1647 7.45 21.81 -34.94
N GLY A 1648 7.81 21.11 -33.86
CA GLY A 1648 7.15 21.33 -32.59
C GLY A 1648 7.43 22.68 -31.96
N ASP A 1649 8.48 23.37 -32.40
CA ASP A 1649 8.80 24.68 -31.87
C ASP A 1649 9.95 25.25 -32.70
N THR A 1650 10.03 26.57 -32.73
CA THR A 1650 11.07 27.29 -33.46
C THR A 1650 11.16 26.78 -34.89
N LYS A 1651 10.06 26.94 -35.61
CA LYS A 1651 10.06 26.58 -37.02
C LYS A 1651 11.03 27.48 -37.77
N PRO A 1652 11.64 26.99 -38.84
CA PRO A 1652 12.72 27.73 -39.47
C PRO A 1652 12.18 28.93 -40.24
N ARG A 1653 13.10 29.79 -40.65
CA ARG A 1653 12.79 30.95 -41.46
C ARG A 1653 12.52 30.53 -42.90
N ARG A 1654 12.00 31.45 -43.69
CA ARG A 1654 11.71 31.21 -45.09
C ARG A 1654 12.80 31.80 -45.97
N ILE A 1655 12.73 31.48 -47.26
CA ILE A 1655 13.58 32.15 -48.24
C ILE A 1655 12.81 32.25 -49.55
N SER A 1656 13.22 33.19 -50.39
CA SER A 1656 12.54 33.48 -51.64
C SER A 1656 12.74 32.36 -52.66
N LEU A 1657 11.64 31.80 -53.14
CA LEU A 1657 11.72 30.77 -54.15
C LEU A 1657 10.82 31.14 -55.33
N PRO A 1658 11.06 30.59 -56.53
CA PRO A 1658 10.30 31.08 -57.70
C PRO A 1658 8.80 30.91 -57.56
N ALA A 1659 8.02 31.40 -58.51
CA ALA A 1659 6.58 31.57 -58.32
C ALA A 1659 5.84 30.85 -59.44
N TYR A 1660 4.55 31.13 -59.57
CA TYR A 1660 3.69 30.38 -60.48
C TYR A 1660 3.84 30.91 -61.92
N PRO A 1661 4.15 30.03 -62.92
CA PRO A 1661 4.26 30.48 -64.34
C PRO A 1661 2.93 30.60 -65.10
N PHE A 1662 2.30 31.76 -64.98
CA PHE A 1662 1.03 32.00 -65.66
C PHE A 1662 1.18 31.87 -67.17
N ALA A 1663 0.05 31.61 -67.84
CA ALA A 1663 0.01 31.44 -69.28
C ALA A 1663 0.30 32.77 -69.98
N ARG A 1664 0.43 32.71 -71.29
CA ARG A 1664 0.64 33.88 -72.14
C ARG A 1664 -0.47 34.01 -73.18
N GLU A 1665 -1.70 33.71 -72.80
CA GLU A 1665 -2.82 33.87 -73.72
C GLU A 1665 -2.96 35.33 -74.12
N ARG A 1666 -3.19 35.58 -75.41
CA ARG A 1666 -3.35 36.92 -75.92
C ARG A 1666 -4.79 37.39 -75.79
N TYR A 1667 -4.96 38.66 -75.43
CA TYR A 1667 -6.29 39.26 -75.33
C TYR A 1667 -6.18 40.73 -75.65
N TRP A 1668 -6.98 41.20 -76.61
CA TRP A 1668 -6.97 42.61 -76.99
C TRP A 1668 -8.32 42.97 -77.57
N LEU A 1669 -8.55 44.28 -77.71
CA LEU A 1669 -9.79 44.79 -78.28
C LEU A 1669 -10.10 44.13 -79.62
N SER B 5 21.30 42.65 77.58
CA SER B 5 22.24 42.58 78.69
C SER B 5 23.62 43.03 78.23
N VAL B 6 24.66 42.65 78.98
CA VAL B 6 25.99 43.21 78.79
C VAL B 6 26.70 42.51 77.64
N VAL B 7 27.65 43.23 77.02
CA VAL B 7 28.50 42.59 76.02
C VAL B 7 29.23 41.41 76.65
N ARG B 8 29.15 40.26 75.99
CA ARG B 8 29.88 39.07 76.42
C ARG B 8 30.40 38.34 75.19
N ASP B 9 31.33 37.42 75.43
CA ASP B 9 32.01 36.76 74.34
C ASP B 9 31.06 35.84 73.60
N VAL B 10 31.14 35.87 72.28
CA VAL B 10 30.29 35.06 71.42
C VAL B 10 31.21 34.19 70.58
N ALA B 11 30.98 32.88 70.58
CA ALA B 11 31.75 31.97 69.75
C ALA B 11 31.21 31.90 68.34
N ILE B 12 32.13 31.80 67.39
CA ILE B 12 31.82 31.43 66.01
C ILE B 12 32.08 29.93 65.92
N ILE B 13 31.02 29.15 65.75
CA ILE B 13 31.13 27.69 65.80
C ILE B 13 30.93 27.04 64.45
N GLY B 14 30.60 27.79 63.40
CA GLY B 14 30.32 27.20 62.11
C GLY B 14 30.60 28.15 60.97
N LEU B 15 31.01 27.57 59.84
CA LEU B 15 31.49 28.35 58.71
C LEU B 15 31.24 27.60 57.43
N SER B 16 30.74 28.29 56.42
CA SER B 16 30.65 27.78 55.06
C SER B 16 30.63 28.98 54.13
N GLY B 17 31.14 28.80 52.92
CA GLY B 17 31.06 29.89 51.96
C GLY B 17 31.42 29.45 50.57
N ARG B 18 30.89 30.20 49.61
CA ARG B 18 31.20 30.05 48.19
C ARG B 18 31.65 31.38 47.61
N TYR B 19 32.79 31.39 46.96
CA TYR B 19 33.41 32.61 46.47
C TYR B 19 33.95 32.29 45.08
N PRO B 20 34.33 33.31 44.32
CA PRO B 20 34.81 33.05 42.96
C PRO B 20 35.96 32.05 42.95
N GLN B 21 35.82 31.03 42.10
CA GLN B 21 36.81 29.95 42.00
C GLN B 21 37.11 29.31 43.35
N ALA B 22 36.16 29.39 44.28
CA ALA B 22 36.35 28.75 45.59
C ALA B 22 34.99 28.22 46.05
N LYS B 23 34.71 26.96 45.75
CA LYS B 23 33.41 26.37 46.05
C LYS B 23 33.26 26.03 47.53
N ASN B 24 34.34 26.12 48.30
CA ASN B 24 34.32 25.95 49.75
C ASN B 24 35.48 26.75 50.32
N VAL B 25 35.55 26.80 51.65
CA VAL B 25 36.50 27.71 52.29
C VAL B 25 37.93 27.17 52.18
N ASP B 26 38.09 25.88 51.94
CA ASP B 26 39.41 25.34 51.64
C ASP B 26 39.95 25.93 50.35
N GLU B 27 39.13 25.98 49.29
CA GLU B 27 39.60 26.59 48.05
C GLU B 27 39.90 28.06 48.26
N PHE B 28 39.08 28.76 49.04
CA PHE B 28 39.32 30.17 49.27
C PHE B 28 40.66 30.36 49.96
N TRP B 29 40.95 29.52 50.97
CA TRP B 29 42.25 29.55 51.62
C TRP B 29 43.38 29.33 50.62
N ASN B 30 43.20 28.39 49.71
CA ASN B 30 44.24 28.13 48.73
C ASN B 30 44.46 29.35 47.83
N ARG B 31 43.39 30.01 47.42
CA ARG B 31 43.54 31.21 46.60
C ARG B 31 44.24 32.31 47.38
N LEU B 32 43.85 32.52 48.64
CA LEU B 32 44.50 33.54 49.46
C LEU B 32 45.98 33.25 49.65
N LYS B 33 46.31 32.02 50.04
CA LYS B 33 47.70 31.70 50.33
C LYS B 33 48.56 31.87 49.09
N GLU B 34 47.99 31.55 47.93
CA GLU B 34 48.74 31.58 46.68
C GLU B 34 48.70 32.94 46.00
N GLY B 35 47.98 33.90 46.56
CA GLY B 35 47.94 35.23 45.98
C GLY B 35 47.21 35.28 44.65
N LYS B 36 46.12 34.55 44.53
CA LYS B 36 45.43 34.44 43.25
C LYS B 36 44.46 35.59 43.05
N ASN B 37 44.51 36.18 41.86
CA ASN B 37 43.55 37.20 41.43
C ASN B 37 42.40 36.50 40.73
N CYS B 38 41.23 36.49 41.37
CA CYS B 38 40.16 35.59 40.97
C CYS B 38 39.15 36.26 40.04
N ILE B 39 39.58 37.24 39.23
CA ILE B 39 38.64 37.99 38.42
C ILE B 39 38.64 37.42 37.01
N SER B 40 37.47 37.37 36.40
CA SER B 40 37.33 36.74 35.10
C SER B 40 36.38 37.57 34.23
N GLU B 41 36.30 37.17 32.96
CA GLU B 41 35.38 37.76 32.00
C GLU B 41 33.93 37.40 32.35
N ILE B 42 33.03 38.35 32.10
CA ILE B 42 31.59 38.12 32.30
C ILE B 42 31.16 36.89 31.52
N PRO B 43 30.61 35.87 32.17
CA PRO B 43 30.20 34.67 31.44
C PRO B 43 29.05 34.93 30.48
N LYS B 44 29.13 34.30 29.31
CA LYS B 44 28.11 34.48 28.28
C LYS B 44 26.73 34.06 28.76
N ASP B 45 26.65 33.13 29.71
CA ASP B 45 25.37 32.68 30.23
C ASP B 45 24.73 33.68 31.19
N ARG B 46 25.40 34.80 31.50
CA ARG B 46 24.71 35.89 32.18
C ARG B 46 24.10 36.85 31.17
N TRP B 47 24.93 37.45 30.33
CA TRP B 47 24.49 38.20 29.15
C TRP B 47 25.72 38.38 28.26
N ASP B 48 25.50 38.86 27.05
CA ASP B 48 26.60 39.14 26.14
C ASP B 48 27.04 40.59 26.31
N TRP B 49 28.21 40.78 26.93
CA TRP B 49 28.70 42.10 27.26
C TRP B 49 28.94 42.96 26.04
N GLN B 50 29.26 42.35 24.89
CA GLN B 50 29.56 43.15 23.69
C GLN B 50 28.36 43.99 23.28
N SER B 51 27.15 43.51 23.55
CA SER B 51 25.94 44.24 23.19
C SER B 51 25.84 45.58 23.94
N PHE B 52 26.46 45.68 25.10
CA PHE B 52 26.27 46.88 25.93
C PHE B 52 27.56 47.67 26.16
N PHE B 53 28.70 47.22 25.65
CA PHE B 53 29.97 47.77 26.08
C PHE B 53 30.22 49.09 25.34
N ASP B 54 30.65 50.11 26.08
CA ASP B 54 31.14 51.35 25.50
C ASP B 54 32.21 51.93 26.42
N GLU B 55 33.31 52.38 25.82
CA GLU B 55 34.43 52.90 26.60
C GLU B 55 34.09 54.21 27.30
N GLU B 56 33.02 54.89 26.86
CA GLU B 56 32.63 56.13 27.51
C GLU B 56 32.11 55.84 28.92
N LYS B 57 32.84 56.33 29.92
CA LYS B 57 32.45 56.11 31.30
C LYS B 57 31.29 57.03 31.66
N GLY B 58 30.34 56.51 32.41
CA GLY B 58 29.20 57.29 32.80
C GLY B 58 28.10 57.35 31.77
N LYS B 59 28.29 56.77 30.59
CA LYS B 59 27.22 56.71 29.62
C LYS B 59 26.06 55.90 30.18
N LYS B 60 24.86 56.25 29.73
CA LYS B 60 23.63 55.66 30.25
C LYS B 60 23.30 54.38 29.49
N GLU B 61 22.71 53.43 30.21
CA GLU B 61 22.32 52.13 29.63
C GLU B 61 23.53 51.46 28.97
N SER B 62 24.68 51.57 29.60
CA SER B 62 25.86 50.88 29.12
C SER B 62 26.79 50.62 30.30
N MET B 63 27.88 49.92 29.99
CA MET B 63 28.91 49.60 30.97
C MET B 63 30.27 49.65 30.28
N TYR B 64 31.31 49.92 31.07
CA TYR B 64 32.66 50.08 30.53
C TYR B 64 33.61 49.03 31.11
N THR B 65 33.09 47.94 31.65
CA THR B 65 33.94 46.84 32.10
C THR B 65 33.42 45.52 31.54
N LYS B 66 34.33 44.54 31.45
CA LYS B 66 33.97 43.18 31.07
C LYS B 66 34.28 42.17 32.17
N TRP B 67 34.51 42.61 33.41
CA TRP B 67 35.12 41.75 34.41
C TRP B 67 34.21 41.60 35.63
N GLY B 68 34.40 40.47 36.32
CA GLY B 68 33.82 40.29 37.64
C GLY B 68 34.36 39.07 38.36
N GLY B 69 34.17 39.02 39.68
CA GLY B 69 34.38 37.81 40.45
C GLY B 69 33.15 36.95 40.46
N PHE B 70 33.10 35.93 39.59
CA PHE B 70 31.91 35.10 39.40
C PHE B 70 32.13 33.75 40.07
N ILE B 71 31.10 33.26 40.77
CA ILE B 71 31.08 31.90 41.31
C ILE B 71 30.57 30.93 40.25
N ASP B 72 30.93 29.67 40.42
CA ASP B 72 30.44 28.55 39.64
C ASP B 72 29.06 28.09 40.12
N ASP B 73 28.29 27.52 39.19
CA ASP B 73 27.03 26.84 39.48
C ASP B 73 26.01 27.77 40.15
N MET B 74 25.96 29.01 39.68
CA MET B 74 25.05 29.99 40.28
C MET B 74 23.59 29.57 40.12
N ASP B 75 23.26 28.87 39.04
CA ASP B 75 21.89 28.49 38.73
C ASP B 75 21.50 27.11 39.23
N LYS B 76 22.38 26.43 39.97
CA LYS B 76 22.13 25.06 40.38
C LYS B 76 21.48 24.98 41.74
N PHE B 77 20.69 23.94 41.95
CA PHE B 77 19.92 23.76 43.18
C PHE B 77 19.48 22.31 43.26
N ASP B 78 19.21 21.87 44.49
CA ASP B 78 18.68 20.53 44.77
C ASP B 78 17.31 20.65 45.43
N PRO B 79 16.28 21.03 44.67
CA PRO B 79 14.98 21.30 45.30
C PRO B 79 14.34 20.07 45.95
N LEU B 80 14.55 18.89 45.38
CA LEU B 80 13.95 17.69 45.97
C LEU B 80 14.45 17.44 47.38
N PHE B 81 15.70 17.78 47.67
CA PHE B 81 16.20 17.65 49.03
C PHE B 81 15.29 18.35 50.03
N PHE B 82 14.73 19.49 49.63
CA PHE B 82 13.93 20.32 50.52
C PHE B 82 12.43 20.14 50.28
N GLN B 83 12.04 19.18 49.45
CA GLN B 83 10.64 18.93 49.10
C GLN B 83 10.05 20.16 48.42
N ILE B 84 10.89 20.87 47.67
CA ILE B 84 10.47 21.98 46.84
C ILE B 84 10.25 21.46 45.42
N SER B 85 9.17 21.91 44.79
CA SER B 85 8.89 21.48 43.45
C SER B 85 9.80 22.17 42.44
N PRO B 86 9.97 21.60 41.25
CA PRO B 86 10.80 22.26 40.22
C PRO B 86 10.28 23.64 39.82
N LYS B 87 8.97 23.80 39.71
CA LYS B 87 8.42 25.10 39.36
C LYS B 87 8.71 26.13 40.44
N GLU B 88 8.52 25.74 41.70
CA GLU B 88 8.82 26.65 42.80
C GLU B 88 10.30 26.98 42.82
N ALA B 89 11.16 25.99 42.54
CA ALA B 89 12.59 26.25 42.48
C ALA B 89 12.89 27.27 41.38
N GLU B 90 12.22 27.15 40.23
CA GLU B 90 12.42 28.11 39.17
C GLU B 90 12.01 29.50 39.62
N GLU B 91 10.94 29.59 40.42
CA GLU B 91 10.44 30.89 40.86
C GLU B 91 11.25 31.49 42.01
N MET B 92 12.05 30.69 42.70
CA MET B 92 12.86 31.18 43.81
C MET B 92 14.10 31.91 43.30
N ASP B 93 14.30 33.12 43.81
CA ASP B 93 15.58 33.80 43.62
C ASP B 93 16.73 32.85 43.93
N PRO B 94 17.71 32.71 43.04
CA PRO B 94 18.87 31.87 43.37
C PRO B 94 19.61 32.31 44.62
N GLN B 95 19.48 33.58 45.02
CA GLN B 95 20.06 34.01 46.28
C GLN B 95 19.48 33.23 47.45
N GLU B 96 18.17 32.98 47.42
CA GLU B 96 17.53 32.17 48.44
C GLU B 96 18.04 30.74 48.40
N ARG B 97 18.15 30.18 47.19
CA ARG B 97 18.61 28.81 47.05
C ARG B 97 20.02 28.65 47.62
N LEU B 98 20.91 29.57 47.26
CA LEU B 98 22.31 29.39 47.63
C LEU B 98 22.50 29.68 49.12
N PHE B 99 21.79 30.68 49.66
CA PHE B 99 21.91 30.89 51.10
C PHE B 99 21.37 29.71 51.88
N LEU B 100 20.25 29.14 51.43
CA LEU B 100 19.71 27.96 52.07
C LEU B 100 20.73 26.82 52.09
N GLN B 101 21.35 26.56 50.94
CA GLN B 101 22.32 25.46 50.89
C GLN B 101 23.55 25.76 51.74
N GLU B 102 24.02 27.00 51.71
CA GLU B 102 25.21 27.32 52.48
C GLU B 102 24.92 27.27 53.96
N ALA B 103 23.73 27.68 54.37
CA ALA B 103 23.35 27.59 55.78
C ALA B 103 23.23 26.15 56.24
N TYR B 104 22.57 25.30 55.45
CA TYR B 104 22.53 23.88 55.81
C TYR B 104 23.94 23.31 55.95
N ALA B 105 24.83 23.64 55.02
CA ALA B 105 26.18 23.14 55.12
C ALA B 105 26.87 23.68 56.36
N SER B 106 26.59 24.93 56.72
CA SER B 106 27.22 25.51 57.89
C SER B 106 26.73 24.84 59.15
N ILE B 107 25.50 24.33 59.12
CA ILE B 107 24.97 23.63 60.29
C ILE B 107 25.59 22.27 60.42
N GLU B 108 25.74 21.55 59.30
CA GLU B 108 26.48 20.29 59.35
C GLU B 108 27.92 20.50 59.78
N ASP B 109 28.56 21.56 59.27
CA ASP B 109 29.94 21.86 59.64
C ASP B 109 30.08 22.07 61.15
N ALA B 110 29.13 22.80 61.74
CA ALA B 110 29.15 22.98 63.19
C ALA B 110 29.09 21.64 63.91
N GLY B 111 28.60 20.60 63.26
CA GLY B 111 28.45 19.31 63.90
C GLY B 111 27.10 19.11 64.57
N TYR B 112 26.08 19.81 64.10
CA TYR B 112 24.74 19.68 64.64
C TYR B 112 23.81 19.23 63.52
N THR B 113 22.67 18.65 63.89
CA THR B 113 21.55 18.51 62.97
C THR B 113 20.54 19.62 63.20
N PRO B 114 19.65 19.88 62.23
CA PRO B 114 18.60 20.88 62.45
C PRO B 114 17.76 20.65 63.69
N THR B 115 17.54 19.39 64.08
CA THR B 115 16.75 19.12 65.28
C THR B 115 17.51 19.48 66.55
N THR B 116 18.76 19.07 66.65
CA THR B 116 19.52 19.19 67.88
C THR B 116 20.20 20.55 68.03
N LEU B 117 20.22 21.36 66.97
CA LEU B 117 20.87 22.66 67.06
C LEU B 117 20.32 23.49 68.22
N CYS B 118 19.02 23.40 68.47
CA CYS B 118 18.41 24.19 69.53
C CYS B 118 17.05 23.58 69.85
N GLU B 119 16.94 22.94 71.00
CA GLU B 119 15.73 22.20 71.32
C GLU B 119 14.55 23.13 71.48
N SER B 120 14.79 24.36 71.94
CA SER B 120 13.69 25.32 72.07
C SER B 120 13.23 25.86 70.72
N ARG B 121 13.99 25.62 69.64
CA ARG B 121 13.69 26.14 68.32
C ARG B 121 13.94 27.63 68.18
N LYS B 122 14.51 28.28 69.19
CA LYS B 122 14.76 29.73 69.15
C LYS B 122 16.08 29.99 68.42
N VAL B 123 16.09 29.67 67.14
CA VAL B 123 17.24 29.91 66.27
C VAL B 123 16.94 31.13 65.42
N GLY B 124 17.76 32.17 65.57
CA GLY B 124 17.61 33.37 64.79
C GLY B 124 18.30 33.29 63.44
N VAL B 125 17.72 33.98 62.47
CA VAL B 125 18.27 34.07 61.13
C VAL B 125 18.38 35.55 60.73
N PHE B 126 19.58 35.98 60.38
CA PHE B 126 19.89 37.37 60.06
C PHE B 126 20.71 37.35 58.78
N VAL B 127 20.22 37.97 57.72
CA VAL B 127 20.87 37.90 56.42
C VAL B 127 20.92 39.28 55.81
N GLY B 128 22.11 39.63 55.30
CA GLY B 128 22.32 40.90 54.64
C GLY B 128 22.18 40.76 53.14
N VAL B 129 21.47 41.69 52.52
CA VAL B 129 21.21 41.67 51.09
C VAL B 129 20.93 43.08 50.66
N MET B 130 21.28 43.40 49.40
CA MET B 130 21.07 44.76 48.92
C MET B 130 20.69 44.86 47.46
N ASN B 131 20.75 43.79 46.67
CA ASN B 131 20.33 43.82 45.28
C ASN B 131 19.22 42.81 45.04
N GLY B 132 18.20 43.24 44.31
CA GLY B 132 17.02 42.45 44.01
C GLY B 132 16.63 42.61 42.57
N ASN B 133 17.42 42.05 41.66
CA ASN B 133 17.20 42.25 40.23
C ASN B 133 16.61 41.04 39.54
N TYR B 134 16.21 39.98 40.22
CA TYR B 134 15.62 38.85 39.52
C TYR B 134 14.27 39.26 38.94
N PRO B 135 13.85 38.70 37.81
CA PRO B 135 12.66 39.23 37.13
C PRO B 135 11.37 39.16 37.92
N THR B 136 11.22 38.22 38.86
CA THR B 136 10.02 38.14 39.69
C THR B 136 10.07 39.08 40.88
N GLY B 137 11.13 39.86 41.04
CA GLY B 137 11.15 40.97 41.97
C GLY B 137 12.01 40.71 43.19
N ALA B 138 12.30 41.79 43.91
CA ALA B 138 12.96 41.74 45.21
C ALA B 138 11.99 41.15 46.23
N THR B 139 12.37 40.04 46.85
CA THR B 139 11.53 39.35 47.82
C THR B 139 12.45 38.94 48.97
N TYR B 140 13.13 39.93 49.54
CA TYR B 140 14.25 39.65 50.42
C TYR B 140 13.80 38.85 51.62
N TRP B 141 12.63 39.18 52.17
CA TRP B 141 12.14 38.49 53.35
C TRP B 141 12.13 36.98 53.17
N SER B 142 11.88 36.50 51.94
CA SER B 142 11.75 35.06 51.72
C SER B 142 13.10 34.36 51.81
N ILE B 143 14.20 35.09 51.64
CA ILE B 143 15.51 34.46 51.77
C ILE B 143 15.71 33.94 53.19
N ALA B 144 15.24 34.69 54.18
CA ALA B 144 15.28 34.25 55.57
C ALA B 144 14.13 33.32 55.90
N ASN B 145 12.91 33.65 55.47
CA ASN B 145 11.76 32.92 55.99
C ASN B 145 11.73 31.52 55.44
N ARG B 146 12.25 31.31 54.22
CA ARG B 146 12.27 29.95 53.70
C ARG B 146 13.17 29.08 54.56
N LEU B 147 14.31 29.62 54.98
CA LEU B 147 15.20 28.88 55.85
C LEU B 147 14.52 28.59 57.17
N SER B 148 13.92 29.60 57.79
CA SER B 148 13.31 29.36 59.10
C SER B 148 12.20 28.32 58.99
N TYR B 149 11.41 28.38 57.93
CA TYR B 149 10.35 27.40 57.73
C TYR B 149 10.92 26.00 57.56
N LEU B 150 11.86 25.84 56.62
CA LEU B 150 12.29 24.49 56.27
C LEU B 150 12.99 23.82 57.43
N LEU B 151 13.73 24.58 58.22
CA LEU B 151 14.52 24.01 59.29
C LEU B 151 13.85 24.15 60.65
N ASN B 152 12.59 24.58 60.68
CA ASN B 152 11.83 24.73 61.91
C ASN B 152 12.54 25.63 62.91
N PHE B 153 12.99 26.80 62.44
CA PHE B 153 13.54 27.83 63.29
C PHE B 153 12.45 28.83 63.64
N GLN B 154 12.35 29.19 64.91
CA GLN B 154 11.28 30.08 65.36
C GLN B 154 11.81 31.31 66.07
N GLY B 155 13.11 31.55 65.98
CA GLY B 155 13.66 32.83 66.37
C GLY B 155 13.43 33.89 65.32
N PRO B 156 13.96 35.09 65.57
CA PRO B 156 13.88 36.16 64.57
C PRO B 156 14.35 35.69 63.20
N SER B 157 13.68 36.21 62.18
CA SER B 157 14.00 35.88 60.79
C SER B 157 13.86 37.18 59.99
N VAL B 158 14.96 37.69 59.47
CA VAL B 158 14.99 39.04 58.92
C VAL B 158 16.00 39.12 57.79
N ALA B 159 15.63 39.86 56.75
CA ALA B 159 16.56 40.32 55.73
C ALA B 159 16.89 41.78 56.01
N VAL B 160 18.18 42.07 56.15
CA VAL B 160 18.65 43.43 56.41
C VAL B 160 19.33 43.93 55.14
N ASP B 161 19.19 45.21 54.87
CA ASP B 161 19.87 45.88 53.76
C ASP B 161 20.51 47.14 54.33
N THR B 162 21.82 47.10 54.54
CA THR B 162 22.61 48.29 54.84
C THR B 162 23.67 48.51 53.77
N ALA B 163 23.34 48.17 52.52
CA ALA B 163 24.30 48.20 51.43
C ALA B 163 25.53 47.33 51.72
N CYS B 164 26.73 47.87 51.51
CA CYS B 164 27.94 47.07 51.57
C CYS B 164 28.17 46.43 52.93
N SER B 165 27.98 47.18 54.01
CA SER B 165 28.18 46.67 55.36
C SER B 165 27.05 45.75 55.81
N ALA B 166 26.12 45.42 54.90
CA ALA B 166 24.85 44.85 55.32
C ALA B 166 25.05 43.56 56.10
N SER B 167 25.97 42.70 55.67
CA SER B 167 26.16 41.44 56.37
C SER B 167 26.83 41.65 57.73
N LEU B 168 27.62 42.71 57.86
CA LEU B 168 28.21 42.99 59.17
C LEU B 168 27.18 43.66 60.07
N THR B 169 26.27 44.45 59.50
CA THR B 169 25.13 44.90 60.28
C THR B 169 24.32 43.70 60.79
N ALA B 170 24.03 42.74 59.91
CA ALA B 170 23.32 41.53 60.32
C ALA B 170 24.03 40.84 61.47
N ILE B 171 25.36 40.74 61.39
CA ILE B 171 26.13 40.16 62.48
C ILE B 171 25.97 40.96 63.75
N HIS B 172 25.98 42.28 63.63
CA HIS B 172 25.79 43.13 64.80
C HIS B 172 24.45 42.87 65.44
N PHE B 173 23.40 42.74 64.63
CA PHE B 173 22.08 42.47 65.17
C PHE B 173 22.06 41.12 65.87
N ALA B 174 22.71 40.12 65.27
CA ALA B 174 22.76 38.80 65.88
C ALA B 174 23.43 38.86 67.24
N LEU B 175 24.53 39.61 67.33
CA LEU B 175 25.21 39.75 68.61
C LEU B 175 24.30 40.37 69.65
N GLU B 176 23.60 41.43 69.26
CA GLU B 176 22.66 42.02 70.20
C GLU B 176 21.62 40.99 70.64
N SER B 177 21.02 40.30 69.68
CA SER B 177 19.94 39.36 69.98
C SER B 177 20.40 38.31 70.97
N LEU B 178 21.64 37.85 70.80
CA LEU B 178 22.23 36.91 71.75
C LEU B 178 22.42 37.57 73.10
N TYR B 179 22.78 38.85 73.10
CA TYR B 179 23.02 39.53 74.36
C TYR B 179 21.73 39.64 75.16
N SER B 180 20.61 39.91 74.49
CA SER B 180 19.37 40.10 75.22
C SER B 180 18.68 38.78 75.52
N GLY B 181 19.19 37.68 74.96
CA GLY B 181 18.68 36.35 75.20
C GLY B 181 17.47 35.97 74.38
N THR B 182 17.12 36.74 73.35
CA THR B 182 16.03 36.30 72.48
C THR B 182 16.48 35.21 71.53
N SER B 183 17.77 35.06 71.29
CA SER B 183 18.27 33.90 70.58
C SER B 183 19.31 33.18 71.44
N GLU B 184 19.28 31.85 71.39
CA GLU B 184 20.38 31.04 71.90
C GLU B 184 21.40 30.68 70.84
N CYS B 185 21.00 30.59 69.58
CA CYS B 185 21.92 30.38 68.48
C CYS B 185 21.48 31.25 67.31
N ALA B 186 22.46 31.73 66.54
CA ALA B 186 22.12 32.60 65.43
C ALA B 186 22.88 32.19 64.19
N ILE B 187 22.22 32.35 63.06
CA ILE B 187 22.82 32.25 61.73
C ILE B 187 23.05 33.66 61.22
N ALA B 188 24.26 33.97 60.81
CA ALA B 188 24.58 35.29 60.27
C ALA B 188 25.39 35.14 59.00
N GLY B 189 25.17 36.02 58.04
CA GLY B 189 25.89 35.95 56.78
C GLY B 189 25.41 37.00 55.82
N GLY B 190 25.63 36.73 54.54
CA GLY B 190 25.27 37.67 53.50
C GLY B 190 25.35 37.03 52.13
N VAL B 191 24.86 37.75 51.13
CA VAL B 191 24.77 37.22 49.77
C VAL B 191 24.80 38.38 48.78
N ASN B 192 25.42 38.13 47.63
CA ASN B 192 25.34 39.05 46.49
C ASN B 192 25.53 38.25 45.22
N LEU B 193 24.55 38.31 44.32
CA LEU B 193 24.67 37.72 42.99
C LEU B 193 24.40 38.78 41.93
N ILE B 194 25.01 38.60 40.77
CA ILE B 194 24.90 39.52 39.65
C ILE B 194 24.10 38.80 38.57
N VAL B 195 22.81 39.15 38.45
CA VAL B 195 21.87 38.35 37.66
C VAL B 195 21.29 39.13 36.48
N ASP B 196 21.69 40.38 36.26
CA ASP B 196 21.09 41.18 35.21
C ASP B 196 22.02 42.32 34.83
N PRO B 197 22.15 42.64 33.54
CA PRO B 197 23.09 43.70 33.14
C PRO B 197 22.76 45.05 33.75
N VAL B 198 21.51 45.26 34.18
CA VAL B 198 21.18 46.54 34.81
C VAL B 198 22.02 46.73 36.06
N HIS B 199 22.43 45.64 36.72
CA HIS B 199 23.36 45.76 37.85
C HIS B 199 24.59 46.55 37.47
N TYR B 200 25.24 46.19 36.37
CA TYR B 200 26.44 46.88 35.94
C TYR B 200 26.13 48.24 35.33
N MET B 201 25.00 48.39 34.65
CA MET B 201 24.69 49.67 34.03
C MET B 201 24.51 50.77 35.07
N LYS B 202 23.83 50.45 36.18
CA LYS B 202 23.66 51.42 37.25
C LYS B 202 25.00 51.85 37.82
N LEU B 203 25.84 50.88 38.17
CA LEU B 203 27.16 51.18 38.75
C LEU B 203 28.04 51.93 37.75
N SER B 204 27.88 51.66 36.46
CA SER B 204 28.66 52.33 35.44
C SER B 204 28.23 53.77 35.22
N ALA B 205 26.94 54.05 35.29
CA ALA B 205 26.49 55.43 35.13
C ALA B 205 27.08 56.36 36.19
N LEU B 206 27.33 55.86 37.40
CA LEU B 206 27.95 56.68 38.44
C LEU B 206 29.48 56.58 38.44
N THR B 207 30.07 55.85 37.50
CA THR B 207 31.52 55.71 37.35
C THR B 207 32.24 55.30 38.65
N MET B 208 31.63 54.38 39.40
CA MET B 208 32.26 53.89 40.64
C MET B 208 33.21 52.73 40.40
N LEU B 209 33.14 52.07 39.25
CA LEU B 209 33.90 50.85 39.00
C LEU B 209 35.22 51.19 38.35
N SER B 210 36.23 50.35 38.63
CA SER B 210 37.44 50.35 37.82
C SER B 210 37.15 49.80 36.43
N PRO B 211 37.86 50.32 35.42
CA PRO B 211 37.89 49.64 34.11
C PRO B 211 38.64 48.32 34.09
N SER B 212 39.45 48.01 35.09
CA SER B 212 40.37 46.89 34.98
C SER B 212 39.83 45.68 35.74
N ASN B 213 40.62 44.61 35.78
CA ASN B 213 40.32 43.40 36.54
C ASN B 213 41.00 43.40 37.90
N GLN B 214 41.48 44.54 38.37
CA GLN B 214 42.26 44.63 39.59
C GLN B 214 41.61 45.60 40.56
N CYS B 215 41.22 45.09 41.72
CA CYS B 215 40.87 45.91 42.89
C CYS B 215 42.18 46.27 43.60
N LYS B 216 42.61 47.52 43.40
CA LYS B 216 43.97 47.94 43.76
C LYS B 216 44.00 48.48 45.18
N SER B 217 43.75 47.57 46.13
CA SER B 217 43.66 47.90 47.55
C SER B 217 44.93 48.56 48.07
N PHE B 218 44.80 49.84 48.45
CA PHE B 218 45.93 50.65 48.93
C PHE B 218 47.02 50.83 47.87
N GLY B 219 46.71 50.61 46.60
CA GLY B 219 47.68 50.72 45.55
C GLY B 219 47.56 52.04 44.78
N ASP B 220 48.63 52.35 44.05
CA ASP B 220 48.64 53.49 43.14
C ASP B 220 47.63 53.30 42.01
N GLN B 221 47.19 54.43 41.45
CA GLN B 221 46.30 54.48 40.29
C GLN B 221 44.92 53.92 40.60
N ALA B 222 44.55 53.92 41.88
CA ALA B 222 43.24 53.44 42.30
C ALA B 222 42.14 54.16 41.53
N ASP B 223 41.19 53.39 41.00
CA ASP B 223 40.13 53.95 40.15
C ASP B 223 38.83 53.17 40.32
N GLY B 224 38.59 52.62 41.49
CA GLY B 224 37.34 51.96 41.82
C GLY B 224 37.52 50.47 42.01
N PHE B 225 36.43 49.82 42.37
CA PHE B 225 36.45 48.40 42.69
C PHE B 225 35.99 47.57 41.49
N VAL B 226 36.32 46.29 41.54
CA VAL B 226 35.81 45.26 40.65
C VAL B 226 34.62 44.59 41.34
N ASP B 227 33.49 44.52 40.64
CA ASP B 227 32.31 43.92 41.25
C ASP B 227 32.46 42.41 41.37
N GLY B 228 31.82 41.84 42.39
CA GLY B 228 32.00 40.43 42.71
C GLY B 228 30.75 39.80 43.29
N GLU B 229 30.73 38.47 43.25
CA GLU B 229 29.66 37.67 43.84
C GLU B 229 30.18 36.87 45.03
N GLY B 230 29.28 36.53 45.94
CA GLY B 230 29.65 35.78 47.13
C GLY B 230 28.43 35.32 47.89
N VAL B 231 28.61 34.24 48.65
CA VAL B 231 27.60 33.80 49.61
C VAL B 231 28.30 33.09 50.76
N GLY B 232 27.93 33.47 51.98
CA GLY B 232 28.62 32.99 53.17
C GLY B 232 27.69 33.03 54.36
N ALA B 233 27.96 32.15 55.32
CA ALA B 233 27.19 32.13 56.56
C ALA B 233 28.11 31.72 57.70
N ILE B 234 27.87 32.30 58.87
CA ILE B 234 28.53 31.86 60.10
C ILE B 234 27.49 31.54 61.14
N VAL B 235 27.84 30.61 62.02
CA VAL B 235 27.02 30.22 63.17
C VAL B 235 27.60 30.86 64.41
N LEU B 236 26.76 31.56 65.16
CA LEU B 236 27.19 32.28 66.34
C LEU B 236 26.54 31.66 67.58
N LYS B 237 27.31 31.57 68.63
CA LYS B 237 26.87 30.95 69.87
C LYS B 237 27.59 31.57 71.06
N PRO B 238 26.92 31.77 72.19
CA PRO B 238 27.64 32.25 73.37
C PRO B 238 28.87 31.39 73.63
N LEU B 239 29.99 32.04 73.94
CA LEU B 239 31.24 31.30 74.06
C LEU B 239 31.16 30.22 75.14
N ASP B 240 30.59 30.55 76.30
CA ASP B 240 30.56 29.59 77.41
C ASP B 240 29.81 28.31 77.04
N LYS B 241 28.69 28.45 76.32
CA LYS B 241 27.93 27.26 75.95
C LYS B 241 28.64 26.49 74.85
N ALA B 242 29.32 27.21 73.96
CA ALA B 242 30.11 26.53 72.93
C ALA B 242 31.20 25.69 73.57
N ILE B 243 31.87 26.22 74.60
CA ILE B 243 32.87 25.45 75.35
C ILE B 243 32.22 24.25 76.03
N ALA B 244 31.10 24.47 76.72
CA ALA B 244 30.47 23.38 77.44
C ALA B 244 30.06 22.25 76.53
N ASP B 245 29.61 22.54 75.31
CA ASP B 245 29.17 21.46 74.45
C ASP B 245 30.31 20.76 73.71
N GLY B 246 31.56 21.21 73.87
CA GLY B 246 32.69 20.60 73.21
C GLY B 246 32.77 20.89 71.72
N ASP B 247 32.19 22.00 71.28
CA ASP B 247 32.22 22.42 69.89
C ASP B 247 33.60 22.92 69.49
N HIS B 248 33.86 22.93 68.19
CA HIS B 248 35.06 23.56 67.67
C HIS B 248 34.80 25.03 67.36
N ILE B 249 35.73 25.88 67.79
CA ILE B 249 35.52 27.33 67.86
C ILE B 249 36.56 28.01 66.99
N TYR B 250 36.10 28.68 65.94
CA TYR B 250 37.05 29.34 65.04
C TYR B 250 37.62 30.60 65.68
N GLY B 251 36.83 31.28 66.52
CA GLY B 251 37.26 32.53 67.10
C GLY B 251 36.14 33.15 67.91
N VAL B 252 36.50 34.19 68.66
CA VAL B 252 35.58 34.84 69.59
C VAL B 252 35.37 36.29 69.15
N ILE B 253 34.12 36.64 68.83
CA ILE B 253 33.75 38.02 68.57
C ILE B 253 33.58 38.72 69.91
N LYS B 254 34.41 39.72 70.17
CA LYS B 254 34.37 40.41 71.46
C LYS B 254 33.40 41.57 71.49
N GLY B 255 33.17 42.24 70.37
CA GLY B 255 32.28 43.39 70.36
C GLY B 255 32.27 44.01 68.98
N SER B 256 31.24 44.83 68.76
CA SER B 256 31.08 45.49 67.47
C SER B 256 30.34 46.82 67.65
N MET B 257 30.39 47.65 66.60
CA MET B 257 29.60 48.87 66.57
C MET B 257 29.22 49.15 65.12
N MET B 258 28.10 49.84 64.94
CA MET B 258 27.70 50.38 63.65
C MET B 258 27.21 51.82 63.84
N ASN B 259 27.48 52.65 62.84
CA ASN B 259 27.05 54.04 62.86
C ASN B 259 27.03 54.54 61.42
N ALA B 260 26.80 55.85 61.25
CA ALA B 260 26.74 56.46 59.94
C ALA B 260 27.46 57.80 59.96
N GLY B 261 27.85 58.26 58.77
CA GLY B 261 28.67 59.46 58.69
C GLY B 261 27.89 60.76 58.82
N GLY B 262 26.56 60.70 58.72
CA GLY B 262 25.85 61.95 58.80
C GLY B 262 26.14 62.83 57.60
N LYS B 263 26.11 64.15 57.79
CA LYS B 263 26.20 65.10 56.69
C LYS B 263 27.67 65.38 56.37
N THR B 264 28.08 65.02 55.15
CA THR B 264 29.39 65.36 54.62
C THR B 264 29.22 66.29 53.42
N ASN B 265 30.34 66.59 52.76
CA ASN B 265 30.38 67.61 51.71
C ASN B 265 29.56 67.22 50.49
N GLY B 266 29.28 65.92 50.37
CA GLY B 266 28.39 65.46 49.33
C GLY B 266 27.90 64.06 49.58
N TYR B 267 26.75 63.72 49.00
CA TYR B 267 26.18 62.40 49.23
C TYR B 267 27.15 61.31 48.78
N THR B 268 27.31 60.29 49.62
CA THR B 268 28.25 59.18 49.47
C THR B 268 29.71 59.51 49.77
N VAL B 269 30.05 60.72 50.22
CA VAL B 269 31.41 60.96 50.69
C VAL B 269 31.61 60.43 52.10
N PRO B 270 32.60 59.56 52.33
CA PRO B 270 32.83 59.04 53.68
C PRO B 270 33.42 60.09 54.62
N ASN B 271 33.18 59.90 55.91
CA ASN B 271 33.60 60.84 56.93
C ASN B 271 34.67 60.20 57.80
N PRO B 272 35.92 60.62 57.71
CA PRO B 272 36.95 59.95 58.52
C PRO B 272 36.80 60.14 60.02
N GLN B 273 36.26 61.28 60.47
CA GLN B 273 36.04 61.47 61.90
C GLN B 273 35.02 60.47 62.42
N ALA B 274 33.95 60.25 61.66
CA ALA B 274 32.94 59.29 62.09
C ALA B 274 33.47 57.87 62.03
N GLN B 275 34.28 57.56 61.03
CA GLN B 275 34.89 56.24 60.98
C GLN B 275 35.79 56.03 62.20
N ALA B 276 36.53 57.06 62.59
CA ALA B 276 37.40 56.95 63.75
C ALA B 276 36.58 56.72 65.03
N GLN B 277 35.49 57.47 65.18
CA GLN B 277 34.63 57.27 66.33
C GLN B 277 34.06 55.86 66.36
N LEU B 278 33.62 55.38 65.20
CA LEU B 278 33.13 54.00 65.08
C LEU B 278 34.15 53.03 65.62
N VAL B 279 35.38 53.12 65.11
CA VAL B 279 36.39 52.12 65.47
C VAL B 279 36.74 52.23 66.95
N ALA B 280 36.89 53.46 67.46
CA ALA B 280 37.16 53.65 68.88
C ALA B 280 36.05 53.06 69.75
N ASP B 281 34.80 53.21 69.34
CA ASP B 281 33.71 52.68 70.15
C ASP B 281 33.65 51.17 70.10
N ALA B 282 33.95 50.58 68.94
CA ALA B 282 33.99 49.12 68.87
C ALA B 282 35.09 48.57 69.77
N LEU B 283 36.26 49.19 69.72
CA LEU B 283 37.37 48.76 70.57
C LEU B 283 37.04 48.94 72.04
N GLN B 284 36.39 50.05 72.40
CA GLN B 284 36.01 50.28 73.78
C GLN B 284 35.03 49.21 74.26
N ARG B 285 33.99 48.91 73.45
CA ARG B 285 33.06 47.86 73.84
C ARG B 285 33.76 46.52 73.97
N ALA B 286 34.70 46.22 73.08
CA ALA B 286 35.43 44.96 73.17
C ALA B 286 36.45 44.95 74.29
N ASN B 287 36.74 46.10 74.90
CA ASN B 287 37.83 46.20 75.87
C ASN B 287 39.15 45.72 75.27
N VAL B 288 39.43 46.15 74.04
CA VAL B 288 40.65 45.77 73.32
C VAL B 288 41.46 47.03 73.06
N HIS B 289 42.71 47.05 73.51
CA HIS B 289 43.62 48.15 73.19
C HIS B 289 44.14 47.99 71.76
N ALA B 290 44.15 49.10 71.01
CA ALA B 290 44.50 49.06 69.58
C ALA B 290 45.91 48.54 69.31
N ARG B 291 46.85 48.73 70.23
CA ARG B 291 48.22 48.29 70.02
C ARG B 291 48.38 46.77 69.96
N THR B 292 47.41 45.99 70.45
CA THR B 292 47.51 44.54 70.38
C THR B 292 46.89 43.95 69.11
N VAL B 293 46.32 44.78 68.26
CA VAL B 293 45.83 44.33 66.96
C VAL B 293 46.99 44.24 66.00
N SER B 294 47.16 43.09 65.35
CA SER B 294 48.31 42.86 64.49
C SER B 294 47.93 42.55 63.05
N TYR B 295 46.65 42.43 62.75
CA TYR B 295 46.20 42.41 61.37
C TYR B 295 44.88 43.16 61.26
N LEU B 296 44.74 43.91 60.19
CA LEU B 296 43.51 44.67 59.95
C LEU B 296 43.06 44.34 58.54
N GLU B 297 41.90 43.71 58.42
CA GLU B 297 41.27 43.45 57.12
C GLU B 297 40.45 44.69 56.77
N ALA B 298 40.98 45.49 55.86
CA ALA B 298 40.34 46.74 55.52
C ALA B 298 39.17 46.52 54.55
N HIS B 299 38.25 47.48 54.56
CA HIS B 299 37.26 47.56 53.49
C HIS B 299 37.95 47.64 52.13
N GLY B 300 38.84 48.62 51.95
CA GLY B 300 39.79 48.54 50.85
C GLY B 300 39.20 48.40 49.46
N THR B 301 38.26 49.25 49.08
CA THR B 301 37.59 49.12 47.79
C THR B 301 38.42 49.65 46.62
N GLY B 302 39.55 50.32 46.88
CA GLY B 302 40.41 50.74 45.79
C GLY B 302 40.00 51.97 45.01
N THR B 303 39.34 52.92 45.66
CA THR B 303 39.02 54.19 45.03
C THR B 303 40.04 55.23 45.48
N GLU B 304 40.31 56.20 44.60
CA GLU B 304 41.31 57.23 44.90
C GLU B 304 40.84 58.16 46.02
N LEU B 305 39.52 58.39 46.10
CA LEU B 305 38.98 59.23 47.15
C LEU B 305 38.92 58.50 48.50
N GLY B 306 38.46 57.25 48.49
CA GLY B 306 38.11 56.60 49.74
C GLY B 306 39.30 56.09 50.51
N ASP B 307 40.33 55.62 49.81
CA ASP B 307 41.45 54.97 50.51
C ASP B 307 42.22 55.93 51.40
N PRO B 308 42.53 57.15 50.98
CA PRO B 308 43.27 58.05 51.89
C PRO B 308 42.42 58.41 53.09
N ILE B 309 41.12 58.57 52.85
CA ILE B 309 40.18 58.85 53.93
C ILE B 309 40.21 57.70 54.93
N GLU B 310 40.22 56.48 54.43
CA GLU B 310 40.20 55.31 55.29
C GLU B 310 41.45 55.27 56.14
N VAL B 311 42.60 55.53 55.53
CA VAL B 311 43.83 55.48 56.31
C VAL B 311 43.86 56.60 57.34
N ALA B 312 43.32 57.77 56.99
CA ALA B 312 43.27 58.86 57.95
C ALA B 312 42.38 58.50 59.14
N GLY B 313 41.24 57.88 58.86
CA GLY B 313 40.34 57.50 59.93
C GLY B 313 40.97 56.48 60.85
N LEU B 314 41.61 55.47 60.26
CA LEU B 314 42.23 54.44 61.09
C LEU B 314 43.35 55.05 61.91
N THR B 315 44.12 55.95 61.31
CA THR B 315 45.24 56.55 62.02
C THR B 315 44.73 57.35 63.21
N ARG B 316 43.64 58.09 63.00
CA ARG B 316 43.09 58.90 64.08
C ARG B 316 42.55 58.03 65.19
N ALA B 317 41.86 56.95 64.83
CA ALA B 317 41.33 56.07 65.89
C ALA B 317 42.45 55.42 66.68
N PHE B 318 43.46 54.88 66.00
CA PHE B 318 44.53 54.22 66.73
C PHE B 318 45.34 55.22 67.55
N GLU B 319 45.48 56.45 67.04
CA GLU B 319 46.32 57.41 67.73
C GLU B 319 45.68 57.88 69.03
N LYS B 320 44.41 57.56 69.24
CA LYS B 320 43.80 57.78 70.54
C LYS B 320 44.42 56.91 71.62
N ASP B 321 44.92 55.72 71.26
CA ASP B 321 45.49 54.79 72.23
C ASP B 321 47.01 54.67 72.24
N THR B 322 47.68 54.83 71.11
CA THR B 322 49.10 54.53 71.03
C THR B 322 49.76 55.35 69.94
N GLN B 323 51.03 55.71 70.16
CA GLN B 323 51.82 56.37 69.14
C GLN B 323 52.75 55.44 68.37
N ASP B 324 52.68 54.13 68.61
CA ASP B 324 53.61 53.25 67.91
C ASP B 324 53.26 53.20 66.43
N LYS B 325 54.28 53.01 65.59
CA LYS B 325 54.13 53.08 64.15
C LYS B 325 54.39 51.72 63.52
N GLN B 326 53.61 51.42 62.49
CA GLN B 326 53.82 50.27 61.61
C GLN B 326 53.99 48.98 62.41
N PHE B 327 53.08 48.77 63.36
CA PHE B 327 53.07 47.56 64.16
C PHE B 327 51.98 46.56 63.80
N CYS B 328 50.99 46.96 63.01
CA CYS B 328 49.80 46.17 62.75
C CYS B 328 49.71 45.84 61.26
N ALA B 329 49.50 44.57 60.97
CA ALA B 329 49.34 44.19 59.57
C ALA B 329 47.97 44.61 59.06
N LEU B 330 47.93 44.94 57.76
CA LEU B 330 46.72 45.45 57.13
C LEU B 330 46.54 44.78 55.78
N GLY B 331 45.30 44.41 55.46
CA GLY B 331 45.06 43.79 54.16
C GLY B 331 43.59 43.87 53.78
N SER B 332 43.30 43.41 52.56
CA SER B 332 41.91 43.29 52.12
C SER B 332 41.76 42.15 51.13
N ALA B 333 40.84 41.25 51.46
CA ALA B 333 40.40 40.16 50.58
C ALA B 333 39.88 40.62 49.22
N LYS B 334 39.40 41.86 49.11
CA LYS B 334 38.90 42.35 47.83
C LYS B 334 39.97 42.33 46.74
N SER B 335 41.23 42.39 47.13
CA SER B 335 42.31 42.34 46.14
C SER B 335 42.34 41.00 45.42
N ASN B 336 41.80 39.94 46.02
CA ASN B 336 41.73 38.63 45.38
C ASN B 336 40.44 38.45 44.59
N ILE B 337 39.30 38.69 45.22
CA ILE B 337 38.01 38.29 44.67
C ILE B 337 37.19 39.47 44.19
N GLY B 338 37.71 40.69 44.25
CA GLY B 338 36.90 41.86 43.97
C GLY B 338 35.99 42.25 45.12
N HIS B 339 35.13 43.22 44.84
CA HIS B 339 34.22 43.79 45.83
C HIS B 339 32.88 43.10 45.68
N CYS B 340 32.37 42.49 46.75
CA CYS B 340 31.13 41.73 46.69
C CYS B 340 30.00 42.34 47.52
N GLU B 341 30.06 43.65 47.79
CA GLU B 341 28.95 44.38 48.40
C GLU B 341 28.54 43.85 49.77
N SER B 342 27.26 43.47 49.93
CA SER B 342 26.77 43.05 51.23
C SER B 342 27.50 41.84 51.78
N ALA B 343 28.17 41.07 50.92
CA ALA B 343 28.93 39.92 51.38
C ALA B 343 30.40 40.25 51.63
N ALA B 344 30.79 41.52 51.50
CA ALA B 344 32.20 41.86 51.68
C ALA B 344 32.62 41.57 53.11
N GLY B 345 31.75 41.88 54.07
CA GLY B 345 32.08 41.65 55.47
C GLY B 345 32.24 40.18 55.81
N ILE B 346 31.34 39.34 55.28
CA ILE B 346 31.44 37.92 55.57
C ILE B 346 32.66 37.33 54.87
N ALA B 347 33.02 37.87 53.70
CA ALA B 347 34.25 37.42 53.05
C ALA B 347 35.48 37.78 53.88
N GLY B 348 35.51 39.00 54.41
CA GLY B 348 36.62 39.37 55.27
C GLY B 348 36.69 38.56 56.56
N VAL B 349 35.54 38.31 57.17
CA VAL B 349 35.51 37.45 58.35
C VAL B 349 36.04 36.06 58.00
N THR B 350 35.62 35.52 56.85
CA THR B 350 36.07 34.19 56.48
C THR B 350 37.59 34.18 56.31
N LYS B 351 38.12 35.22 55.67
CA LYS B 351 39.58 35.32 55.52
C LYS B 351 40.26 35.38 56.88
N ILE B 352 39.72 36.15 57.82
CA ILE B 352 40.31 36.24 59.15
C ILE B 352 40.30 34.87 59.81
N LEU B 353 39.20 34.15 59.68
CA LEU B 353 39.09 32.86 60.36
C LEU B 353 40.05 31.85 59.75
N LEU B 354 40.27 31.90 58.44
CA LEU B 354 41.24 31.01 57.82
C LEU B 354 42.65 31.38 58.25
N GLN B 355 42.96 32.68 58.31
CA GLN B 355 44.26 33.10 58.82
C GLN B 355 44.46 32.65 60.26
N LEU B 356 43.43 32.74 61.09
CA LEU B 356 43.56 32.29 62.47
C LEU B 356 43.76 30.79 62.55
N LYS B 357 43.02 30.03 61.75
CA LYS B 357 43.14 28.58 61.77
C LYS B 357 44.56 28.16 61.38
N HIS B 358 45.12 28.84 60.37
CA HIS B 358 46.44 28.48 59.86
C HIS B 358 47.56 29.31 60.46
N ALA B 359 47.23 30.29 61.31
CA ALA B 359 48.22 31.23 61.85
C ALA B 359 49.14 31.75 60.75
N GLN B 360 48.55 32.23 59.66
CA GLN B 360 49.31 32.73 58.53
C GLN B 360 48.68 34.00 57.97
N LEU B 361 49.52 34.90 57.48
CA LEU B 361 49.09 36.09 56.75
C LEU B 361 49.32 35.87 55.27
N VAL B 362 48.33 36.20 54.45
CA VAL B 362 48.44 35.95 53.01
C VAL B 362 48.74 37.24 52.27
N PRO B 363 49.24 37.16 51.04
CA PRO B 363 49.46 38.38 50.25
C PRO B 363 48.19 39.18 50.02
N SER B 364 48.35 40.50 50.04
CA SER B 364 47.38 41.44 49.47
C SER B 364 47.90 41.93 48.12
N LEU B 365 47.16 41.65 47.06
CA LEU B 365 47.68 41.81 45.71
C LEU B 365 47.61 43.27 45.26
N HIS B 366 48.40 43.60 44.24
CA HIS B 366 48.30 44.87 43.53
C HIS B 366 48.62 46.08 44.40
N SER B 367 49.53 45.94 45.35
CA SER B 367 49.98 47.07 46.16
C SER B 367 51.49 47.11 46.33
N ARG B 368 52.21 46.51 45.38
CA ARG B 368 53.67 46.57 45.39
C ARG B 368 54.16 48.01 45.38
N THR B 369 53.48 48.87 44.61
CA THR B 369 53.61 50.31 44.74
C THR B 369 52.41 50.85 45.52
N LEU B 370 52.71 51.48 46.66
CA LEU B 370 51.67 51.96 47.56
C LEU B 370 51.08 53.25 47.03
N ASN B 371 49.86 53.53 47.46
CA ASN B 371 49.26 54.81 47.17
C ASN B 371 50.27 55.91 47.48
N PRO B 372 50.73 56.67 46.48
CA PRO B 372 51.76 57.68 46.77
C PRO B 372 51.23 58.82 47.61
N ASN B 373 49.91 58.89 47.80
CA ASN B 373 49.28 59.91 48.61
C ASN B 373 49.13 59.45 50.04
N ILE B 374 49.52 58.22 50.33
CA ILE B 374 49.47 57.66 51.67
C ILE B 374 50.89 57.39 52.13
N ASP B 375 51.29 58.06 53.20
CA ASP B 375 52.61 57.89 53.81
C ASP B 375 52.45 56.89 54.97
N PHE B 376 52.67 55.60 54.68
CA PHE B 376 52.46 54.58 55.70
C PHE B 376 53.47 54.65 56.84
N THR B 377 54.61 55.32 56.66
CA THR B 377 55.57 55.43 57.76
C THR B 377 55.01 56.30 58.87
N LYS B 378 53.93 57.02 58.61
CA LYS B 378 53.24 57.82 59.61
C LYS B 378 52.02 57.11 60.16
N THR B 379 51.92 55.79 60.01
CA THR B 379 50.72 55.12 60.43
C THR B 379 51.02 53.91 61.29
N PRO B 380 50.01 53.34 61.96
CA PRO B 380 50.20 52.06 62.67
C PRO B 380 50.40 50.82 61.80
N PHE B 381 50.32 50.91 60.47
CA PHE B 381 50.03 49.72 59.68
C PHE B 381 51.16 49.44 58.70
N VAL B 382 51.32 48.15 58.39
CA VAL B 382 52.18 47.71 57.30
C VAL B 382 51.32 46.85 56.40
N VAL B 383 51.22 47.23 55.13
CA VAL B 383 50.38 46.51 54.19
C VAL B 383 51.02 45.18 53.83
N GLN B 384 50.31 44.08 54.10
CA GLN B 384 50.91 42.75 53.95
C GLN B 384 51.14 42.46 52.46
N GLN B 385 52.39 42.15 52.10
CA GLN B 385 52.70 41.93 50.69
C GLN B 385 52.87 40.47 50.30
N GLU B 386 53.33 39.64 51.24
CA GLU B 386 53.69 38.25 50.94
C GLU B 386 53.10 37.34 52.01
N LEU B 387 52.95 36.07 51.66
CA LEU B 387 52.55 35.10 52.68
C LEU B 387 53.60 35.08 53.77
N ALA B 388 53.16 35.14 55.03
CA ALA B 388 54.10 35.25 56.13
C ALA B 388 53.47 34.66 57.38
N GLU B 389 54.32 34.27 58.32
CA GLU B 389 53.81 33.87 59.62
C GLU B 389 53.18 35.07 60.31
N TRP B 390 52.04 34.82 60.95
CA TRP B 390 51.36 35.80 61.78
C TRP B 390 51.90 35.67 63.21
N ARG B 391 52.66 36.67 63.65
CA ARG B 391 53.28 36.56 64.96
C ARG B 391 52.31 37.06 66.02
N ARG B 392 52.27 36.35 67.14
CA ARG B 392 51.62 36.87 68.34
C ARG B 392 52.42 38.07 68.79
N PRO B 393 51.84 39.25 68.93
CA PRO B 393 52.66 40.41 69.29
C PRO B 393 52.99 40.45 70.77
N ILE B 394 54.19 40.94 71.06
CA ILE B 394 54.59 41.22 72.43
C ILE B 394 54.45 42.72 72.63
N VAL B 395 53.66 43.12 73.61
CA VAL B 395 53.27 44.52 73.71
C VAL B 395 53.30 44.91 75.17
N GLU B 396 53.92 46.06 75.42
CA GLU B 396 53.99 46.64 76.75
C GLU B 396 52.85 47.65 76.81
N ILE B 397 51.85 47.39 77.65
CA ILE B 397 50.83 48.40 77.90
C ILE B 397 50.78 48.59 79.40
N ASN B 398 50.69 49.85 79.82
CA ASN B 398 50.67 50.16 81.25
C ASN B 398 52.03 49.79 81.85
N GLY B 399 53.07 49.84 81.01
CA GLY B 399 54.39 49.37 81.43
C GLY B 399 54.41 47.94 81.94
N THR B 400 53.48 47.11 81.46
CA THR B 400 53.52 45.67 81.71
C THR B 400 53.63 44.96 80.36
N THR B 401 54.49 43.95 80.29
CA THR B 401 54.70 43.21 79.06
C THR B 401 54.10 41.80 79.14
N ASN B 402 53.28 41.46 78.15
CA ASN B 402 52.66 40.15 78.07
C ASN B 402 52.51 39.78 76.60
N GLU B 403 52.32 38.49 76.35
CA GLU B 403 51.95 37.99 75.04
C GLU B 403 50.44 38.08 74.90
N TYR B 404 49.98 38.68 73.81
CA TYR B 404 48.55 38.78 73.55
C TYR B 404 48.14 37.81 72.46
N PRO B 405 46.88 37.39 72.41
CA PRO B 405 46.40 36.60 71.28
C PRO B 405 46.51 37.37 69.98
N ARG B 406 46.48 36.61 68.88
CA ARG B 406 46.30 37.20 67.56
C ARG B 406 44.92 37.86 67.52
N ILE B 407 44.88 39.16 67.27
CA ILE B 407 43.61 39.91 67.23
C ILE B 407 43.56 40.71 65.93
N ALA B 408 42.42 40.61 65.24
CA ALA B 408 42.21 41.40 64.03
C ALA B 408 40.91 42.19 64.18
N GLY B 409 40.91 43.37 63.57
CA GLY B 409 39.69 44.13 63.37
C GLY B 409 39.31 44.19 61.91
N ILE B 410 38.00 44.32 61.66
CA ILE B 410 37.49 44.52 60.31
C ILE B 410 36.44 45.61 60.34
N SER B 411 36.55 46.53 59.40
CA SER B 411 35.60 47.61 59.19
C SER B 411 34.87 47.36 57.88
N SER B 412 33.60 47.77 57.80
CA SER B 412 32.89 47.74 56.54
C SER B 412 31.98 48.95 56.45
N PHE B 413 32.10 49.67 55.33
CA PHE B 413 31.44 50.95 55.14
C PHE B 413 30.57 50.86 53.90
N GLY B 414 29.33 51.31 54.02
CA GLY B 414 28.43 51.35 52.89
C GLY B 414 28.44 52.68 52.17
N ALA B 415 28.09 52.61 50.89
CA ALA B 415 28.09 53.80 50.05
C ALA B 415 27.22 54.90 50.65
N GLY B 416 26.10 54.56 51.27
CA GLY B 416 25.20 55.53 51.84
C GLY B 416 25.64 56.07 53.18
N GLY B 417 26.76 55.59 53.70
CA GLY B 417 27.34 56.09 54.93
C GLY B 417 27.15 55.20 56.13
N SER B 418 26.58 54.02 55.95
CA SER B 418 26.44 53.09 57.06
C SER B 418 27.71 52.27 57.27
N ASN B 419 28.25 52.32 58.47
CA ASN B 419 29.53 51.70 58.77
C ASN B 419 29.32 50.62 59.82
N ALA B 420 30.15 49.59 59.77
CA ALA B 420 30.18 48.58 60.83
C ALA B 420 31.62 48.13 61.07
N HIS B 421 31.87 47.66 62.28
CA HIS B 421 33.18 47.14 62.64
C HIS B 421 33.01 46.00 63.62
N VAL B 422 33.82 44.95 63.44
CA VAL B 422 33.79 43.77 64.29
C VAL B 422 35.22 43.40 64.70
N ILE B 423 35.36 42.95 65.94
CA ILE B 423 36.64 42.55 66.51
C ILE B 423 36.63 41.03 66.69
N ILE B 424 37.65 40.35 66.15
CA ILE B 424 37.72 38.89 66.16
C ILE B 424 39.04 38.47 66.79
N GLU B 425 38.97 37.58 67.78
CA GLU B 425 40.13 37.05 68.50
C GLU B 425 40.26 35.55 68.30
N GLU B 426 41.50 35.04 68.26
CA GLU B 426 41.71 33.60 68.19
C GLU B 426 41.13 32.93 69.45
N TYR B 427 40.58 31.74 69.29
CA TYR B 427 40.17 30.92 70.42
C TYR B 427 41.28 29.99 70.90
N ILE B 428 41.61 30.09 72.18
CA ILE B 428 42.66 29.27 72.79
C ILE B 428 42.03 28.35 73.83
N PRO B 429 41.91 27.06 73.58
CA PRO B 429 41.19 26.19 74.53
C PRO B 429 41.98 25.92 75.80
N GLU B 430 41.27 25.41 76.80
CA GLU B 430 41.92 24.87 77.98
C GLU B 430 42.40 23.44 77.71
N GLU B 431 43.58 23.12 78.20
CA GLU B 431 44.28 21.88 77.85
C GLU B 431 43.69 20.70 78.59
N GLN B 432 42.59 20.17 78.07
CA GLN B 432 41.94 18.99 78.63
C GLN B 432 41.94 17.93 77.52
N LYS B 433 42.87 16.97 77.61
CA LYS B 433 43.02 15.90 76.64
C LYS B 433 43.09 14.56 77.37
N GLN B 434 42.01 14.19 78.06
CA GLN B 434 41.97 12.88 78.69
C GLN B 434 42.13 11.77 77.67
N SER B 435 41.49 11.92 76.51
CA SER B 435 41.67 10.99 75.39
C SER B 435 41.31 9.56 75.81
N SER B 436 40.23 9.43 76.58
CA SER B 436 39.71 8.13 76.98
C SER B 436 38.91 7.46 75.88
N LEU B 437 38.74 8.11 74.74
CA LEU B 437 38.09 7.53 73.57
C LEU B 437 39.10 7.14 72.50
N LYS B 438 40.34 6.89 72.90
CA LYS B 438 41.38 6.51 71.94
C LYS B 438 40.90 5.35 71.07
N ILE B 439 40.91 5.56 69.76
CA ILE B 439 40.42 4.57 68.80
C ILE B 439 41.57 3.67 68.38
N THR B 440 41.44 2.39 68.68
CA THR B 440 42.43 1.38 68.35
C THR B 440 41.73 0.19 67.69
N PRO B 441 42.47 -0.82 67.22
CA PRO B 441 41.80 -2.05 66.79
C PRO B 441 41.09 -2.79 67.92
N GLN B 442 41.51 -2.59 69.17
CA GLN B 442 40.81 -3.17 70.32
C GLN B 442 39.59 -2.35 70.70
N ASN B 443 39.64 -1.03 70.50
CA ASN B 443 38.52 -0.13 70.73
C ASN B 443 38.22 0.58 69.42
N PRO B 444 37.57 -0.11 68.48
CA PRO B 444 37.33 0.50 67.17
C PRO B 444 36.21 1.51 67.21
N ALA B 445 36.16 2.32 66.16
CA ALA B 445 35.16 3.36 66.01
C ALA B 445 34.11 2.93 65.01
N ILE B 446 32.92 3.49 65.16
CA ILE B 446 31.81 3.21 64.27
C ILE B 446 31.64 4.41 63.34
N PHE B 447 31.83 4.18 62.05
CA PHE B 447 31.69 5.20 61.02
C PHE B 447 30.41 4.93 60.26
N VAL B 448 29.53 5.93 60.23
CA VAL B 448 28.25 5.82 59.54
C VAL B 448 28.17 6.88 58.46
N LEU B 449 27.61 6.50 57.31
CA LEU B 449 27.46 7.40 56.18
C LEU B 449 26.12 7.10 55.52
N SER B 450 25.45 8.14 55.04
CA SER B 450 24.16 7.94 54.41
C SER B 450 23.87 9.08 53.46
N ALA B 451 22.98 8.82 52.51
CA ALA B 451 22.60 9.81 51.52
C ALA B 451 21.22 9.46 50.97
N LYS B 452 20.67 10.36 50.17
CA LYS B 452 19.35 10.16 49.60
C LYS B 452 19.33 9.03 48.58
N ASN B 453 20.48 8.73 47.97
CA ASN B 453 20.58 7.70 46.96
C ASN B 453 22.04 7.27 46.87
N ALA B 454 22.30 6.29 46.01
CA ALA B 454 23.63 5.69 45.98
C ALA B 454 24.64 6.65 45.38
N GLU B 455 24.24 7.41 44.36
CA GLU B 455 25.16 8.37 43.75
C GLU B 455 25.64 9.39 44.78
N ARG B 456 24.73 9.91 45.59
CA ARG B 456 25.13 10.90 46.59
C ARG B 456 26.01 10.25 47.66
N LEU B 457 25.67 9.03 48.09
CA LEU B 457 26.48 8.39 49.10
C LEU B 457 27.88 8.14 48.56
N TYR B 458 27.98 7.71 47.30
CA TYR B 458 29.27 7.52 46.65
C TYR B 458 30.06 8.81 46.66
N GLU B 459 29.40 9.93 46.37
CA GLU B 459 30.11 11.21 46.39
C GLU B 459 30.55 11.55 47.81
N ILE B 460 29.73 11.20 48.80
CA ILE B 460 30.10 11.43 50.20
C ILE B 460 31.37 10.67 50.54
N VAL B 461 31.45 9.42 50.11
CA VAL B 461 32.63 8.61 50.40
C VAL B 461 33.85 9.21 49.72
N GLN B 462 33.71 9.59 48.46
CA GLN B 462 34.81 10.21 47.75
C GLN B 462 35.30 11.45 48.50
N GLN B 463 34.36 12.30 48.93
CA GLN B 463 34.74 13.52 49.61
C GLN B 463 35.39 13.23 50.96
N LEU B 464 34.96 12.17 51.63
CA LEU B 464 35.57 11.83 52.92
C LEU B 464 37.00 11.35 52.73
N LEU B 465 37.21 10.44 51.78
CA LEU B 465 38.57 10.00 51.48
C LEU B 465 39.45 11.19 51.13
N ALA B 466 38.95 12.09 50.28
CA ALA B 466 39.74 13.24 49.87
C ALA B 466 40.04 14.12 51.07
N PHE B 467 39.06 14.29 51.96
CA PHE B 467 39.26 15.14 53.12
C PHE B 467 40.30 14.55 54.07
N ILE B 468 40.22 13.24 54.31
CA ILE B 468 41.22 12.57 55.13
C ILE B 468 42.61 12.80 54.55
N GLN B 469 42.74 12.63 53.24
CA GLN B 469 44.03 12.86 52.59
C GLN B 469 44.49 14.32 52.71
N GLU B 470 43.61 15.25 52.38
CA GLU B 470 44.00 16.65 52.28
C GLU B 470 44.47 17.20 53.62
N HIS B 471 43.79 16.81 54.70
CA HIS B 471 44.07 17.34 56.03
C HIS B 471 44.91 16.39 56.87
N SER B 472 45.42 15.33 56.28
CA SER B 472 46.30 14.40 56.97
C SER B 472 45.68 13.92 58.26
N LEU B 473 44.43 13.46 58.16
CA LEU B 473 43.77 12.91 59.34
C LEU B 473 44.34 11.53 59.60
N SER B 474 44.41 11.17 60.87
CA SER B 474 45.01 9.91 61.26
C SER B 474 44.25 9.36 62.47
N ASP B 475 44.88 8.41 63.17
CA ASP B 475 44.20 7.68 64.23
C ASP B 475 43.67 8.60 65.30
N GLU B 476 44.36 9.70 65.59
CA GLU B 476 43.93 10.57 66.68
C GLU B 476 42.65 11.33 66.38
N HIS B 477 42.22 11.34 65.12
CA HIS B 477 40.99 12.01 64.73
C HIS B 477 39.79 11.07 64.65
N LEU B 478 40.02 9.75 64.79
CA LEU B 478 38.96 8.79 64.53
C LEU B 478 37.78 8.97 65.49
N ALA B 479 38.06 9.20 66.77
CA ALA B 479 36.98 9.31 67.75
C ALA B 479 36.03 10.44 67.38
N ASP B 480 36.57 11.64 67.14
CA ASP B 480 35.72 12.77 66.84
C ASP B 480 35.06 12.63 65.47
N MET B 481 35.76 12.05 64.49
CA MET B 481 35.15 11.87 63.19
C MET B 481 33.94 10.95 63.30
N ALA B 482 34.12 9.81 63.98
CA ALA B 482 33.02 8.86 64.14
C ALA B 482 31.88 9.48 64.94
N TYR B 483 32.19 10.22 66.00
CA TYR B 483 31.15 10.87 66.79
C TYR B 483 30.35 11.85 65.93
N THR B 484 31.06 12.67 65.16
CA THR B 484 30.40 13.66 64.31
C THR B 484 29.54 13.00 63.26
N LEU B 485 30.02 11.90 62.66
CA LEU B 485 29.22 11.20 61.67
C LEU B 485 28.03 10.49 62.31
N GLN B 486 28.17 10.09 63.57
CA GLN B 486 27.05 9.47 64.26
C GLN B 486 25.96 10.47 64.57
N VAL B 487 26.31 11.58 65.22
CA VAL B 487 25.32 12.50 65.76
C VAL B 487 25.14 13.77 64.92
N GLY B 488 25.96 13.98 63.90
CA GLY B 488 25.94 15.24 63.18
C GLY B 488 25.54 15.15 61.73
N ARG B 489 24.99 14.01 61.32
CA ARG B 489 24.49 13.82 59.96
C ARG B 489 23.13 13.16 60.03
N VAL B 490 22.16 13.72 59.30
CA VAL B 490 20.87 13.06 59.16
C VAL B 490 21.06 11.70 58.48
N ALA B 491 20.46 10.67 59.06
CA ALA B 491 20.53 9.32 58.52
C ALA B 491 19.53 9.16 57.37
N MET B 492 20.05 9.05 56.14
CA MET B 492 19.24 9.05 54.94
C MET B 492 19.01 7.62 54.45
N GLU B 493 18.47 7.49 53.23
CA GLU B 493 17.93 6.22 52.78
C GLU B 493 19.04 5.22 52.42
N GLU B 494 20.11 5.70 51.82
CA GLU B 494 21.20 4.83 51.38
C GLU B 494 22.34 4.98 52.38
N ARG B 495 22.69 3.88 53.04
CA ARG B 495 23.60 3.92 54.16
C ARG B 495 24.72 2.90 53.97
N ILE B 496 25.91 3.26 54.44
CA ILE B 496 26.99 2.30 54.65
C ILE B 496 27.58 2.57 56.02
N ALA B 497 28.25 1.57 56.56
CA ALA B 497 28.87 1.69 57.88
C ALA B 497 30.13 0.84 57.93
N VAL B 498 31.14 1.35 58.61
CA VAL B 498 32.45 0.69 58.67
C VAL B 498 32.93 0.73 60.10
N ILE B 499 33.48 -0.39 60.56
CA ILE B 499 34.19 -0.49 61.83
C ILE B 499 35.68 -0.49 61.54
N ALA B 500 36.43 0.36 62.23
CA ALA B 500 37.85 0.47 61.99
C ALA B 500 38.54 0.93 63.25
N GLY B 501 39.74 0.39 63.47
CA GLY B 501 40.52 0.70 64.65
C GLY B 501 41.71 1.58 64.31
N THR B 502 41.93 1.81 63.01
CA THR B 502 42.96 2.72 62.55
C THR B 502 42.45 3.49 61.34
N MET B 503 43.09 4.63 61.08
CA MET B 503 42.75 5.42 59.90
C MET B 503 43.04 4.65 58.61
N LYS B 504 44.24 4.06 58.52
CA LYS B 504 44.58 3.28 57.33
C LYS B 504 43.54 2.23 57.01
N GLU B 505 43.03 1.54 58.04
CA GLU B 505 42.00 0.54 57.82
C GLU B 505 40.74 1.17 57.22
N LEU B 506 40.31 2.30 57.77
CA LEU B 506 39.13 2.97 57.23
C LEU B 506 39.36 3.38 55.78
N GLN B 507 40.50 3.99 55.49
CA GLN B 507 40.79 4.39 54.11
C GLN B 507 40.78 3.17 53.21
N GLN B 508 41.36 2.07 53.67
CA GLN B 508 41.38 0.85 52.88
C GLN B 508 39.97 0.40 52.54
N LYS B 509 39.12 0.29 53.57
CA LYS B 509 37.79 -0.26 53.35
C LYS B 509 36.95 0.67 52.49
N LEU B 510 37.04 1.97 52.73
CA LEU B 510 36.26 2.91 51.95
C LEU B 510 36.74 2.96 50.51
N THR B 511 38.06 2.88 50.29
CA THR B 511 38.56 2.86 48.92
C THR B 511 38.12 1.60 48.21
N ALA B 512 38.11 0.47 48.91
CA ALA B 512 37.57 -0.75 48.32
C ALA B 512 36.11 -0.58 47.96
N TYR B 513 35.37 0.15 48.79
CA TYR B 513 33.97 0.42 48.50
C TYR B 513 33.83 1.28 47.24
N VAL B 514 34.64 2.33 47.16
CA VAL B 514 34.61 3.23 46.00
C VAL B 514 35.00 2.50 44.73
N LYS B 515 35.86 1.49 44.87
CA LYS B 515 36.38 0.75 43.72
C LYS B 515 35.45 -0.34 43.26
N GLY B 516 34.31 -0.53 43.93
CA GLY B 516 33.30 -1.45 43.48
C GLY B 516 33.35 -2.81 44.15
N GLN B 517 34.16 -2.97 45.19
CA GLN B 517 34.30 -4.28 45.82
C GLN B 517 33.01 -4.65 46.52
N GLU B 518 32.40 -5.75 46.09
CA GLU B 518 31.05 -6.07 46.55
C GLU B 518 31.07 -6.46 48.02
N HIS B 519 32.09 -7.21 48.43
CA HIS B 519 32.21 -7.71 49.80
C HIS B 519 33.46 -7.14 50.44
N ILE B 520 33.28 -6.41 51.53
CA ILE B 520 34.36 -5.78 52.27
C ILE B 520 34.13 -6.11 53.74
N ALA B 521 35.19 -6.55 54.42
CA ALA B 521 35.05 -7.01 55.80
C ALA B 521 34.67 -5.85 56.72
N ASP B 522 33.65 -6.08 57.55
CA ASP B 522 33.20 -5.12 58.53
C ASP B 522 32.71 -3.85 57.86
N LEU B 523 32.27 -3.97 56.61
CA LEU B 523 31.62 -2.89 55.87
C LEU B 523 30.26 -3.41 55.43
N TYR B 524 29.19 -2.72 55.81
CA TYR B 524 27.84 -3.18 55.56
C TYR B 524 27.16 -2.24 54.59
N ARG B 525 26.43 -2.80 53.63
CA ARG B 525 25.69 -1.99 52.68
C ARG B 525 24.24 -2.44 52.70
N GLY B 526 23.36 -1.50 52.40
CA GLY B 526 21.93 -1.80 52.34
C GLY B 526 21.17 -0.52 52.12
N GLN B 527 19.86 -0.67 52.05
CA GLN B 527 18.97 0.45 51.82
C GLN B 527 17.81 0.40 52.80
N VAL B 528 17.33 1.56 53.21
CA VAL B 528 16.13 1.60 54.04
C VAL B 528 14.92 1.33 53.17
N ASN B 529 14.92 1.88 51.95
CA ASN B 529 13.79 1.84 51.05
C ASN B 529 13.23 0.42 50.96
N ARG B 530 14.09 -0.56 51.24
CA ARG B 530 13.75 -1.95 50.98
C ARG B 530 12.96 -2.53 52.15
N ASN B 531 13.40 -2.25 53.37
CA ASN B 531 12.87 -2.89 54.57
C ASN B 531 11.93 -1.98 55.33
N GLN B 532 11.23 -1.09 54.63
CA GLN B 532 10.38 -0.12 55.31
C GLN B 532 9.36 -0.82 56.18
N GLU B 533 8.82 -1.94 55.70
CA GLU B 533 7.69 -2.58 56.36
C GLU B 533 8.07 -3.07 57.76
N MET B 534 9.06 -3.94 57.86
CA MET B 534 9.42 -4.51 59.16
C MET B 534 9.92 -3.45 60.11
N LEU B 535 10.54 -2.38 59.60
CA LEU B 535 10.97 -1.31 60.48
C LEU B 535 9.78 -0.76 61.25
N ASP B 536 8.73 -0.39 60.53
CA ASP B 536 7.58 0.28 61.11
C ASP B 536 7.08 -0.48 62.35
N ILE B 537 7.09 -1.81 62.28
CA ILE B 537 6.32 -2.63 63.20
C ILE B 537 7.13 -3.08 64.42
N LEU B 538 8.44 -2.93 64.38
CA LEU B 538 9.30 -3.46 65.43
C LEU B 538 9.86 -2.40 66.35
N THR B 539 10.01 -1.17 65.87
CA THR B 539 10.67 -0.14 66.67
C THR B 539 9.73 0.49 67.68
N SER B 540 8.41 0.33 67.47
CA SER B 540 7.43 0.88 68.40
C SER B 540 7.74 0.53 69.85
N ASP B 541 8.05 -0.74 70.13
CA ASP B 541 8.24 -1.16 71.51
C ASP B 541 9.63 -0.80 72.01
N ASP B 542 9.69 -0.19 73.18
CA ASP B 542 10.95 -0.04 73.89
C ASP B 542 11.63 -1.38 74.13
N GLU B 543 10.89 -2.48 74.16
CA GLU B 543 11.47 -3.82 74.32
C GLU B 543 12.68 -3.99 73.40
N LEU B 544 12.55 -3.47 72.19
CA LEU B 544 13.63 -3.59 71.23
C LEU B 544 14.67 -2.49 71.38
N GLU B 545 14.29 -1.28 71.77
CA GLU B 545 15.31 -0.29 72.09
C GLU B 545 16.21 -0.79 73.22
N GLU B 546 15.63 -1.53 74.17
CA GLU B 546 16.41 -2.18 75.21
C GLU B 546 17.27 -3.28 74.62
N THR B 547 16.73 -4.03 73.66
CA THR B 547 17.55 -5.07 73.06
C THR B 547 18.77 -4.45 72.38
N ILE B 548 18.58 -3.33 71.69
CA ILE B 548 19.70 -2.59 71.13
C ILE B 548 20.67 -2.22 72.24
N ALA B 549 20.14 -1.66 73.33
CA ALA B 549 21.00 -1.25 74.43
C ALA B 549 21.90 -2.40 74.87
N ARG B 550 21.34 -3.60 74.91
CA ARG B 550 22.12 -4.76 75.33
C ARG B 550 23.12 -5.16 74.27
N TRP B 551 22.72 -5.14 72.99
CA TRP B 551 23.66 -5.43 71.93
C TRP B 551 24.86 -4.49 71.97
N MET B 552 24.59 -3.20 72.20
CA MET B 552 25.66 -2.22 72.31
C MET B 552 26.55 -2.51 73.50
N GLU B 553 25.97 -2.72 74.68
CA GLU B 553 26.77 -3.06 75.85
C GLU B 553 27.64 -4.27 75.56
N ARG B 554 27.03 -5.35 75.10
CA ARG B 554 27.75 -6.54 74.70
C ARG B 554 28.69 -6.27 73.53
N GLY B 555 28.49 -5.17 72.82
CA GLY B 555 29.37 -4.83 71.73
C GLY B 555 29.07 -5.55 70.44
N LYS B 556 27.80 -5.91 70.21
CA LYS B 556 27.41 -6.59 68.98
C LYS B 556 27.31 -5.57 67.84
N TYR B 557 28.45 -4.95 67.57
CA TYR B 557 28.50 -3.85 66.63
C TYR B 557 28.14 -4.32 65.23
N SER B 558 28.74 -5.43 64.79
CA SER B 558 28.43 -5.97 63.47
C SER B 558 26.94 -6.17 63.27
N LYS B 559 26.24 -6.67 64.30
CA LYS B 559 24.81 -6.89 64.20
C LYS B 559 24.06 -5.58 64.11
N LEU B 560 24.39 -4.63 64.97
CA LEU B 560 23.71 -3.34 64.97
C LEU B 560 23.90 -2.65 63.63
N LEU B 561 25.12 -2.69 63.08
CA LEU B 561 25.37 -2.00 61.82
C LEU B 561 24.68 -2.71 60.66
N ASP B 562 24.63 -4.04 60.70
CA ASP B 562 23.90 -4.76 59.66
C ASP B 562 22.43 -4.43 59.73
N LEU B 563 21.91 -4.15 60.92
CA LEU B 563 20.52 -3.75 61.05
C LEU B 563 20.35 -2.26 60.76
N TRP B 564 21.29 -1.42 61.21
CA TRP B 564 21.14 0.00 61.01
C TRP B 564 21.04 0.30 59.52
N VAL B 565 21.85 -0.37 58.71
CA VAL B 565 21.96 -0.06 57.30
C VAL B 565 20.70 -0.45 56.55
N LYS B 566 19.85 -1.27 57.15
CA LYS B 566 18.56 -1.62 56.57
C LYS B 566 17.44 -0.71 57.05
N GLY B 567 17.74 0.23 57.94
CA GLY B 567 16.79 1.22 58.40
C GLY B 567 16.55 1.24 59.90
N LEU B 568 17.15 0.34 60.66
CA LEU B 568 16.92 0.32 62.10
C LEU B 568 17.45 1.62 62.71
N SER B 569 16.56 2.35 63.37
CA SER B 569 16.96 3.60 64.04
C SER B 569 17.79 3.30 65.29
N ILE B 570 18.95 3.95 65.40
CA ILE B 570 19.85 3.79 66.54
C ILE B 570 20.14 5.15 67.17
N ASP B 571 19.93 5.24 68.47
CA ASP B 571 20.27 6.43 69.26
C ASP B 571 21.75 6.37 69.59
N TRP B 572 22.56 7.00 68.73
CA TRP B 572 24.01 6.91 68.87
C TRP B 572 24.53 7.55 70.15
N ASN B 573 23.73 8.38 70.82
CA ASN B 573 24.19 8.99 72.06
C ASN B 573 24.43 7.97 73.15
N LYS B 574 23.61 6.91 73.20
CA LYS B 574 23.81 5.88 74.21
C LYS B 574 25.16 5.21 74.07
N LEU B 575 25.81 5.32 72.91
CA LEU B 575 27.13 4.76 72.74
C LEU B 575 28.16 5.36 73.69
N TYR B 576 27.91 6.55 74.22
CA TYR B 576 28.89 7.26 75.04
C TYR B 576 28.27 7.45 76.42
N GLN B 577 28.49 6.50 77.33
CA GLN B 577 27.89 6.65 78.65
C GLN B 577 28.62 7.69 79.48
N GLU B 578 29.95 7.66 79.47
CA GLU B 578 30.79 8.60 80.19
C GLU B 578 31.54 9.52 79.23
N GLU B 579 31.36 10.82 79.43
CA GLU B 579 32.03 11.83 78.61
C GLU B 579 31.51 11.85 77.19
N GLN B 580 32.20 12.60 76.32
CA GLN B 580 31.77 12.79 74.95
C GLN B 580 32.98 13.15 74.09
N PRO B 581 33.10 12.61 72.88
CA PRO B 581 34.13 13.12 71.98
C PRO B 581 33.75 14.51 71.49
N GLY B 582 34.62 15.13 70.67
CA GLY B 582 34.38 16.47 70.17
C GLY B 582 33.93 16.46 68.72
N ARG B 583 33.15 17.48 68.37
CA ARG B 583 32.74 17.67 66.99
C ARG B 583 33.87 18.28 66.18
N ILE B 584 33.99 17.85 64.93
CA ILE B 584 35.00 18.36 64.01
C ILE B 584 34.35 18.62 62.66
N SER B 585 34.98 19.49 61.89
CA SER B 585 34.55 19.75 60.52
C SER B 585 34.82 18.54 59.64
N LEU B 586 33.82 18.15 58.87
CA LEU B 586 33.95 17.13 57.84
C LEU B 586 33.14 17.59 56.64
N PRO B 587 33.38 16.99 55.47
CA PRO B 587 32.62 17.41 54.28
C PRO B 587 31.13 17.24 54.51
N THR B 588 30.36 18.10 53.86
CA THR B 588 28.92 18.15 54.05
C THR B 588 28.23 17.58 52.81
N TYR B 589 26.91 17.47 52.90
CA TYR B 589 26.15 16.73 51.91
C TYR B 589 26.35 17.38 50.54
N PRO B 590 26.65 16.61 49.50
CA PRO B 590 26.84 17.24 48.18
C PRO B 590 25.50 17.39 47.49
N PHE B 591 25.02 18.63 47.39
CA PHE B 591 23.71 18.88 46.81
C PHE B 591 23.71 18.65 45.30
N ALA B 592 22.63 18.08 44.81
CA ALA B 592 22.46 17.92 43.38
C ALA B 592 22.53 19.28 42.70
N LYS B 593 23.19 19.33 41.55
CA LYS B 593 23.38 20.55 40.79
C LYS B 593 22.44 20.65 39.59
N GLU B 594 21.18 21.00 39.82
CA GLU B 594 20.21 21.10 38.74
C GLU B 594 19.88 22.57 38.51
N SER B 595 19.78 22.95 37.24
CA SER B 595 19.56 24.33 36.85
C SER B 595 18.07 24.63 36.83
N TYR B 596 17.68 25.80 37.34
CA TYR B 596 16.31 26.25 37.28
C TYR B 596 16.32 27.74 36.94
N TRP B 597 15.57 28.13 35.92
CA TRP B 597 15.44 29.55 35.59
C TRP B 597 14.10 29.82 34.94
N THR B 598 13.67 31.07 35.07
CA THR B 598 12.39 31.52 34.57
C THR B 598 12.62 32.22 33.23
N HIS B 599 11.65 33.00 32.79
CA HIS B 599 11.79 33.80 31.59
C HIS B 599 11.28 35.21 31.86
N ALA B 600 12.10 36.20 31.51
CA ALA B 600 11.71 37.60 31.63
C ALA B 600 11.01 38.05 30.35
N GLY B 610 8.91 54.00 11.77
CA GLY B 610 7.59 53.86 12.37
C GLY B 610 6.52 53.56 11.33
N VAL B 611 5.27 53.60 11.75
CA VAL B 611 4.14 53.28 10.87
C VAL B 611 3.67 54.54 10.17
N ILE B 612 3.25 54.38 8.91
CA ILE B 612 2.62 55.47 8.18
C ILE B 612 1.26 55.80 8.79
N HIS B 613 0.53 54.77 9.21
CA HIS B 613 -0.87 54.90 9.62
C HIS B 613 -1.25 53.58 10.28
N PRO B 614 -2.07 53.59 11.35
CA PRO B 614 -2.37 52.34 12.06
C PRO B 614 -2.84 51.21 11.16
N PHE B 615 -3.38 51.55 9.99
CA PHE B 615 -3.81 50.56 9.02
C PHE B 615 -2.85 50.44 7.84
N LEU B 616 -1.86 51.32 7.73
CA LEU B 616 -0.86 51.27 6.66
C LEU B 616 0.51 51.24 7.32
N HIS B 617 1.03 50.03 7.56
CA HIS B 617 2.31 49.93 8.26
C HIS B 617 3.49 50.32 7.37
N GLN B 618 3.48 49.88 6.11
CA GLN B 618 4.60 50.17 5.22
C GLN B 618 4.11 50.21 3.79
N ASN B 619 4.77 51.06 3.00
CA ASN B 619 4.53 51.11 1.57
C ASN B 619 5.35 50.01 0.90
N THR B 620 4.69 49.19 0.09
CA THR B 620 5.36 48.07 -0.59
C THR B 620 5.08 48.12 -2.10
N SER B 621 4.84 49.31 -2.63
CA SER B 621 4.52 49.46 -4.05
C SER B 621 5.69 48.99 -4.91
N ASP B 622 5.36 48.51 -6.11
CA ASP B 622 6.35 48.14 -7.11
C ASP B 622 5.91 48.66 -8.47
N PHE B 623 6.70 48.35 -9.50
CA PHE B 623 6.41 48.83 -10.85
C PHE B 623 5.01 48.44 -11.31
N MET B 624 4.46 47.35 -10.78
CA MET B 624 3.17 46.86 -11.24
C MET B 624 1.99 47.52 -10.54
N GLU B 625 2.06 47.68 -9.22
CA GLU B 625 0.92 48.14 -8.44
C GLU B 625 1.38 49.03 -7.30
N GLN B 626 0.53 50.00 -6.96
CA GLN B 626 0.61 50.70 -5.68
C GLN B 626 0.07 49.79 -4.59
N ARG B 627 0.82 49.65 -3.48
CA ARG B 627 0.45 48.69 -2.45
C ARG B 627 0.93 49.16 -1.08
N PHE B 628 0.13 48.86 -0.06
CA PHE B 628 0.54 49.02 1.33
C PHE B 628 0.28 47.72 2.08
N SER B 629 1.09 47.47 3.11
CA SER B 629 1.07 46.20 3.84
C SER B 629 1.10 46.47 5.34
N SER B 630 0.38 45.64 6.09
CA SER B 630 0.25 45.79 7.53
C SER B 630 0.17 44.43 8.20
N MET B 631 0.89 44.28 9.31
CA MET B 631 0.86 43.04 10.09
C MET B 631 -0.02 43.29 11.31
N PHE B 632 -1.22 42.70 11.31
CA PHE B 632 -2.15 42.86 12.42
C PHE B 632 -1.96 41.71 13.42
N THR B 633 -1.68 42.07 14.67
CA THR B 633 -1.36 41.10 15.72
C THR B 633 -2.56 40.72 16.57
N GLY B 634 -3.58 41.57 16.67
CA GLY B 634 -4.70 41.35 17.54
C GLY B 634 -4.66 42.12 18.85
N GLN B 635 -3.55 42.80 19.13
CA GLN B 635 -3.47 43.67 20.31
C GLN B 635 -3.93 45.09 20.02
N GLU B 636 -4.06 45.47 18.76
CA GLU B 636 -4.57 46.80 18.44
C GLU B 636 -5.99 46.95 18.97
N PHE B 637 -6.36 48.17 19.36
CA PHE B 637 -7.67 48.37 19.98
C PHE B 637 -8.79 48.00 19.04
N PHE B 638 -8.62 48.25 17.73
CA PHE B 638 -9.67 47.96 16.77
C PHE B 638 -9.82 46.47 16.46
N LEU B 639 -9.04 45.62 17.11
CA LEU B 639 -9.17 44.18 16.99
C LEU B 639 -9.47 43.51 18.32
N SER B 640 -8.71 43.85 19.37
CA SER B 640 -8.93 43.22 20.67
C SER B 640 -10.29 43.62 21.25
N ASP B 641 -10.76 44.82 20.95
CA ASP B 641 -12.05 45.30 21.44
C ASP B 641 -13.18 45.13 20.43
N HIS B 642 -12.95 44.36 19.35
CA HIS B 642 -13.97 44.13 18.32
C HIS B 642 -14.05 42.63 18.06
N VAL B 643 -14.74 41.89 18.94
CA VAL B 643 -14.77 40.44 18.89
C VAL B 643 -16.15 40.00 18.42
N ILE B 644 -16.21 39.28 17.32
CA ILE B 644 -17.46 38.74 16.78
C ILE B 644 -17.38 37.23 16.83
N LYS B 645 -18.28 36.62 17.62
CA LYS B 645 -18.37 35.17 17.75
C LYS B 645 -17.08 34.57 18.31
N GLY B 646 -16.44 35.29 19.23
CA GLY B 646 -15.27 34.80 19.93
C GLY B 646 -13.94 35.07 19.28
N GLN B 647 -13.92 35.63 18.08
CA GLN B 647 -12.67 35.88 17.35
C GLN B 647 -12.56 37.37 17.03
N ARG B 648 -11.35 37.89 17.16
CA ARG B 648 -11.07 39.28 16.83
C ARG B 648 -11.16 39.48 15.32
N VAL B 649 -12.02 40.40 14.89
CA VAL B 649 -12.30 40.63 13.48
C VAL B 649 -12.16 42.13 13.20
N LEU B 650 -11.54 42.43 12.07
CA LEU B 650 -11.38 43.82 11.67
C LEU B 650 -12.73 44.47 11.38
N PRO B 651 -13.05 45.62 11.98
CA PRO B 651 -14.34 46.26 11.71
C PRO B 651 -14.50 46.66 10.25
N SER B 652 -15.73 46.55 9.76
CA SER B 652 -16.03 46.97 8.39
C SER B 652 -15.54 48.39 8.12
N ALA B 653 -15.75 49.30 9.08
CA ALA B 653 -15.30 50.69 8.93
C ALA B 653 -13.80 50.79 8.67
N ALA B 654 -13.02 49.87 9.23
CA ALA B 654 -11.58 49.94 9.09
C ALA B 654 -11.17 49.89 7.63
N TYR B 655 -11.86 49.11 6.81
CA TYR B 655 -11.51 49.01 5.40
C TYR B 655 -11.64 50.37 4.72
N LEU B 656 -12.73 51.10 5.01
CA LEU B 656 -12.90 52.41 4.41
C LEU B 656 -11.79 53.37 4.85
N GLU B 657 -11.46 53.38 6.14
CA GLU B 657 -10.37 54.26 6.58
C GLU B 657 -9.04 53.86 5.94
N MET B 658 -8.77 52.55 5.83
CA MET B 658 -7.56 52.08 5.18
C MET B 658 -7.47 52.57 3.76
N ALA B 659 -8.53 52.39 2.98
CA ALA B 659 -8.54 52.85 1.60
C ALA B 659 -8.33 54.36 1.53
N ARG B 660 -9.01 55.10 2.40
CA ARG B 660 -8.87 56.56 2.41
C ARG B 660 -7.41 56.96 2.63
N ALA B 661 -6.80 56.44 3.70
CA ALA B 661 -5.42 56.79 4.01
C ALA B 661 -4.49 56.38 2.88
N ALA B 662 -4.69 55.18 2.32
CA ALA B 662 -3.84 54.72 1.22
C ALA B 662 -3.92 55.67 0.05
N ILE B 663 -5.15 56.08 -0.32
CA ILE B 663 -5.32 57.01 -1.43
C ILE B 663 -4.64 58.34 -1.11
N GLN B 664 -4.78 58.81 0.13
CA GLN B 664 -4.16 60.07 0.51
C GLN B 664 -2.65 59.99 0.34
N GLN B 665 -2.05 58.85 0.68
CA GLN B 665 -0.60 58.69 0.51
C GLN B 665 -0.22 58.61 -0.96
N ALA B 666 -0.96 57.83 -1.74
CA ALA B 666 -0.57 57.58 -3.12
C ALA B 666 -0.73 58.81 -4.01
N THR B 667 -1.55 59.78 -3.60
CA THR B 667 -1.73 61.01 -4.36
C THR B 667 -0.82 62.14 -3.90
N GLY B 668 0.00 61.93 -2.88
CA GLY B 668 0.92 62.94 -2.40
C GLY B 668 0.38 63.72 -1.22
N GLY B 678 -12.67 65.72 -0.52
CA GLY B 678 -13.57 65.48 -1.62
C GLY B 678 -13.53 64.06 -2.13
N LEU B 679 -13.35 63.11 -1.22
CA LEU B 679 -13.29 61.70 -1.59
C LEU B 679 -14.69 61.08 -1.56
N ARG B 680 -14.97 60.26 -2.58
CA ARG B 680 -16.20 59.50 -2.69
C ARG B 680 -15.85 58.05 -2.95
N PHE B 681 -16.40 57.15 -2.13
CA PHE B 681 -16.35 55.72 -2.40
C PHE B 681 -17.63 55.27 -3.10
N LYS B 682 -17.50 54.26 -3.96
CA LYS B 682 -18.64 53.68 -4.64
C LYS B 682 -18.49 52.16 -4.75
N ASN B 683 -19.63 51.48 -4.62
CA ASN B 683 -19.75 50.04 -4.85
C ASN B 683 -18.73 49.26 -4.04
N VAL B 684 -18.70 49.55 -2.74
CA VAL B 684 -17.85 48.82 -1.80
C VAL B 684 -18.53 47.52 -1.42
N VAL B 685 -17.73 46.47 -1.25
CA VAL B 685 -18.21 45.18 -0.77
C VAL B 685 -17.31 44.71 0.37
N TRP B 686 -17.92 44.00 1.32
CA TRP B 686 -17.19 43.29 2.35
C TRP B 686 -17.46 41.81 2.11
N THR B 687 -16.42 41.06 1.73
CA THR B 687 -16.55 39.69 1.28
C THR B 687 -16.26 38.70 2.39
N GLN B 688 -15.14 38.87 3.09
CA GLN B 688 -14.67 37.93 4.08
C GLN B 688 -14.18 38.73 5.27
N PRO B 689 -14.47 38.28 6.49
CA PRO B 689 -13.89 38.94 7.66
C PRO B 689 -12.42 38.61 7.78
N LEU B 690 -11.66 39.57 8.26
CA LEU B 690 -10.24 39.36 8.57
C LEU B 690 -10.17 39.03 10.05
N ALA B 691 -10.08 37.74 10.36
CA ALA B 691 -9.96 37.27 11.73
C ALA B 691 -8.49 37.10 12.09
N VAL B 692 -8.12 37.58 13.28
CA VAL B 692 -6.75 37.51 13.77
C VAL B 692 -6.75 36.63 15.01
N GLY B 693 -6.32 35.39 14.85
CA GLY B 693 -6.17 34.48 15.96
C GLY B 693 -4.77 34.52 16.55
N PRO B 694 -4.24 33.35 16.97
CA PRO B 694 -2.90 33.34 17.57
C PRO B 694 -1.79 33.71 16.60
N GLU B 695 -2.02 33.64 15.29
CA GLU B 695 -1.01 33.99 14.31
C GLU B 695 -1.28 35.38 13.74
N PRO B 696 -0.30 36.28 13.75
CA PRO B 696 -0.50 37.57 13.08
C PRO B 696 -0.90 37.38 11.63
N VAL B 697 -1.68 38.35 11.11
CA VAL B 697 -2.16 38.29 9.74
C VAL B 697 -1.48 39.38 8.94
N GLN B 698 -0.99 39.01 7.75
CA GLN B 698 -0.37 39.96 6.83
C GLN B 698 -1.46 40.44 5.87
N ALA B 699 -1.83 41.70 5.98
CA ALA B 699 -2.86 42.32 5.15
C ALA B 699 -2.22 43.28 4.17
N HIS B 700 -2.88 43.46 3.03
CA HIS B 700 -2.42 44.33 1.98
C HIS B 700 -3.61 45.06 1.35
N ILE B 701 -3.35 46.27 0.89
CA ILE B 701 -4.29 47.00 0.03
C ILE B 701 -3.54 47.43 -1.22
N GLU B 702 -4.08 47.06 -2.38
CA GLU B 702 -3.56 47.47 -3.67
C GLU B 702 -4.52 48.48 -4.30
N LEU B 703 -3.95 49.52 -4.91
CA LEU B 703 -4.68 50.60 -5.54
C LEU B 703 -4.33 50.67 -7.02
N TYR B 704 -5.35 50.64 -7.87
CA TYR B 704 -5.18 50.67 -9.32
C TYR B 704 -5.83 51.95 -9.85
N PRO B 705 -5.07 52.93 -10.32
CA PRO B 705 -5.70 54.12 -10.89
C PRO B 705 -6.11 53.88 -12.32
N GLU B 706 -7.23 54.48 -12.70
CA GLU B 706 -7.75 54.39 -14.06
C GLU B 706 -7.76 55.78 -14.69
N ALA B 707 -7.85 55.80 -16.02
CA ALA B 707 -7.65 57.05 -16.75
C ALA B 707 -8.72 58.08 -16.43
N ASN B 708 -9.93 57.64 -16.07
CA ASN B 708 -11.02 58.57 -15.78
C ASN B 708 -10.96 59.13 -14.37
N GLY B 709 -9.84 58.98 -13.66
CA GLY B 709 -9.74 59.46 -12.30
C GLY B 709 -10.22 58.51 -11.23
N GLU B 710 -10.72 57.34 -11.61
CA GLU B 710 -11.23 56.36 -10.65
C GLU B 710 -10.09 55.50 -10.13
N ILE B 711 -10.12 55.22 -8.83
CA ILE B 711 -9.11 54.42 -8.16
C ILE B 711 -9.82 53.18 -7.63
N VAL B 712 -9.46 52.01 -8.15
CA VAL B 712 -10.01 50.75 -7.67
C VAL B 712 -9.11 50.22 -6.57
N PHE B 713 -9.68 49.84 -5.44
CA PHE B 713 -8.90 49.30 -4.34
C PHE B 713 -9.36 47.90 -3.99
N GLU B 714 -8.39 47.08 -3.57
CA GLU B 714 -8.67 45.73 -3.10
C GLU B 714 -7.84 45.47 -1.84
N ILE B 715 -8.51 45.00 -0.79
CA ILE B 715 -7.89 44.68 0.50
C ILE B 715 -8.01 43.18 0.72
N TYR B 716 -6.85 42.52 0.90
CA TYR B 716 -6.74 41.07 1.05
C TYR B 716 -5.70 40.75 2.12
N SER B 717 -5.56 39.48 2.44
CA SER B 717 -4.55 39.01 3.39
C SER B 717 -3.94 37.71 2.88
N ASP B 718 -2.73 37.43 3.37
CA ASP B 718 -2.00 36.22 2.97
C ASP B 718 -2.42 35.04 3.84
N SER B 719 -2.91 33.98 3.21
CA SER B 719 -3.22 32.72 3.87
C SER B 719 -2.05 31.75 3.72
N LYS B 720 -1.83 30.94 4.74
CA LYS B 720 -0.73 29.99 4.77
C LYS B 720 -1.23 28.62 4.39
N GLN B 721 -0.62 28.03 3.36
CA GLN B 721 -1.00 26.70 2.89
C GLN B 721 -0.76 25.63 3.96
N THR B 726 0.55 29.43 -2.43
CA THR B 726 0.31 30.67 -1.70
C THR B 726 -0.98 31.30 -2.21
N THR B 727 -1.79 31.86 -1.30
CA THR B 727 -3.08 32.40 -1.69
C THR B 727 -3.42 33.66 -0.92
N GLU B 728 -4.12 34.57 -1.62
CA GLU B 728 -4.59 35.83 -1.06
C GLU B 728 -6.07 35.74 -0.75
N ILE B 729 -6.46 36.12 0.46
CA ILE B 729 -7.86 36.07 0.89
C ILE B 729 -8.45 37.47 0.75
N VAL B 730 -9.47 37.60 -0.09
CA VAL B 730 -10.04 38.91 -0.39
C VAL B 730 -11.06 39.26 0.69
N HIS B 731 -10.89 40.43 1.29
CA HIS B 731 -11.79 40.94 2.32
C HIS B 731 -12.67 42.08 1.84
N SER B 732 -12.14 42.97 1.00
CA SER B 732 -12.95 44.11 0.58
C SER B 732 -12.49 44.62 -0.77
N GLN B 733 -13.45 45.09 -1.57
CA GLN B 733 -13.17 45.72 -2.86
C GLN B 733 -14.00 46.99 -2.96
N GLY B 734 -13.55 47.93 -3.81
CA GLY B 734 -14.36 49.10 -4.06
C GLY B 734 -13.70 50.06 -5.02
N SER B 735 -14.40 51.16 -5.31
CA SER B 735 -13.83 52.23 -6.11
C SER B 735 -13.92 53.55 -5.37
N ALA B 736 -13.05 54.48 -5.74
CA ALA B 736 -13.04 55.82 -5.18
C ALA B 736 -12.79 56.84 -6.28
N VAL B 737 -13.33 58.03 -6.10
CA VAL B 737 -13.08 59.18 -6.98
C VAL B 737 -12.93 60.42 -6.13
N LEU B 738 -12.02 61.30 -6.53
CA LEU B 738 -11.88 62.62 -5.93
C LEU B 738 -12.76 63.59 -6.71
N CYS B 739 -13.88 63.98 -6.11
CA CYS B 739 -14.83 64.90 -6.70
C CYS B 739 -14.98 66.12 -5.79
N SER B 740 -15.72 67.12 -6.27
CA SER B 740 -15.93 68.29 -5.44
C SER B 740 -16.91 67.93 -4.33
N ILE B 741 -16.96 68.77 -3.30
CA ILE B 741 -17.76 68.49 -2.12
C ILE B 741 -19.16 69.04 -2.32
N PRO B 742 -20.21 68.22 -2.13
CA PRO B 742 -21.57 68.73 -2.31
C PRO B 742 -22.00 69.59 -1.13
N ASP B 743 -22.87 70.56 -1.43
CA ASP B 743 -23.35 71.51 -0.42
C ASP B 743 -24.61 70.93 0.19
N ILE B 744 -24.42 70.13 1.23
CA ILE B 744 -25.53 69.47 1.93
C ILE B 744 -26.00 70.41 3.04
N PRO B 745 -27.31 70.71 3.10
CA PRO B 745 -27.78 71.59 4.19
C PRO B 745 -27.71 70.89 5.54
N SER B 746 -27.39 71.68 6.56
CA SER B 746 -27.30 71.16 7.92
C SER B 746 -28.67 70.69 8.41
N PHE B 747 -28.65 69.63 9.22
CA PHE B 747 -29.85 69.13 9.85
C PHE B 747 -30.19 69.94 11.10
N ASP B 748 -31.49 70.08 11.37
CA ASP B 748 -31.98 70.62 12.63
C ASP B 748 -32.10 69.44 13.59
N LEU B 749 -31.09 69.30 14.47
CA LEU B 749 -31.04 68.13 15.34
C LEU B 749 -32.22 68.07 16.30
N SER B 750 -32.80 69.22 16.66
CA SER B 750 -33.98 69.21 17.51
C SER B 750 -35.15 68.52 16.83
N VAL B 751 -35.35 68.81 15.55
CA VAL B 751 -36.45 68.21 14.80
C VAL B 751 -36.25 66.70 14.71
N LEU B 752 -35.03 66.27 14.38
CA LEU B 752 -34.75 64.84 14.30
C LEU B 752 -34.95 64.15 15.64
N GLN B 753 -34.51 64.77 16.73
CA GLN B 753 -34.68 64.17 18.04
C GLN B 753 -36.16 64.02 18.39
N GLU B 754 -36.98 65.01 18.05
CA GLU B 754 -38.41 64.86 18.28
C GLU B 754 -38.99 63.74 17.42
N GLN B 755 -38.58 63.67 16.14
CA GLN B 755 -39.09 62.62 15.26
C GLN B 755 -38.72 61.23 15.75
N CYS B 756 -37.63 61.09 16.51
CA CYS B 756 -37.17 59.79 16.97
C CYS B 756 -37.44 59.58 18.45
N SER B 757 -38.71 59.70 18.85
CA SER B 757 -39.09 59.67 20.26
C SER B 757 -39.89 58.43 20.65
N LEU B 758 -39.99 57.43 19.77
CA LEU B 758 -40.76 56.24 20.11
C LEU B 758 -40.18 55.55 21.34
N ARG B 759 -38.86 55.49 21.44
CA ARG B 759 -38.17 54.82 22.54
C ARG B 759 -36.73 55.32 22.52
N THR B 760 -36.08 55.23 23.67
CA THR B 760 -34.67 55.58 23.79
C THR B 760 -33.91 54.38 24.32
N LEU B 761 -32.81 54.05 23.68
CA LEU B 761 -31.95 52.94 24.06
C LEU B 761 -30.66 53.49 24.65
N SER B 762 -30.32 53.03 25.85
CA SER B 762 -29.08 53.41 26.49
C SER B 762 -27.93 52.59 25.90
N ALA B 763 -26.71 53.02 26.20
CA ALA B 763 -25.54 52.25 25.79
C ALA B 763 -25.59 50.85 26.38
N GLU B 764 -25.96 50.75 27.66
CA GLU B 764 -26.08 49.44 28.30
C GLU B 764 -27.02 48.53 27.53
N GLN B 765 -28.17 49.06 27.11
CA GLN B 765 -29.14 48.26 26.36
C GLN B 765 -28.54 47.79 25.03
N CYS B 766 -27.91 48.69 24.30
CA CYS B 766 -27.36 48.34 22.99
C CYS B 766 -26.31 47.24 23.13
N TYR B 767 -25.35 47.42 24.03
CA TYR B 767 -24.25 46.47 24.12
C TYR B 767 -24.66 45.19 24.85
N ASP B 768 -25.74 45.22 25.65
CA ASP B 768 -26.31 43.96 26.12
C ASP B 768 -26.91 43.17 24.97
N ALA B 769 -27.67 43.85 24.10
CA ALA B 769 -28.18 43.18 22.91
C ALA B 769 -27.04 42.58 22.09
N PHE B 770 -25.99 43.37 21.87
CA PHE B 770 -24.85 42.87 21.11
C PHE B 770 -24.24 41.64 21.79
N LYS B 771 -24.00 41.72 23.10
CA LYS B 771 -23.48 40.56 23.82
C LYS B 771 -24.33 39.33 23.58
N LYS B 772 -25.66 39.49 23.62
CA LYS B 772 -26.55 38.36 23.38
C LYS B 772 -26.39 37.82 21.97
N MET B 773 -26.13 38.70 21.00
CA MET B 773 -25.94 38.25 19.62
C MET B 773 -24.53 37.72 19.35
N GLY B 774 -23.70 37.58 20.39
CA GLY B 774 -22.35 37.10 20.19
C GLY B 774 -21.36 38.15 19.77
N VAL B 775 -21.69 39.42 19.95
CA VAL B 775 -20.83 40.53 19.54
C VAL B 775 -20.31 41.21 20.81
N ASP B 776 -19.02 41.03 21.09
CA ASP B 776 -18.37 41.56 22.28
C ASP B 776 -17.55 42.78 21.86
N TYR B 777 -18.07 43.95 22.20
CA TYR B 777 -17.41 45.23 21.93
C TYR B 777 -16.65 45.65 23.18
N GLY B 778 -15.33 45.84 23.04
CA GLY B 778 -14.53 46.34 24.13
C GLY B 778 -14.67 47.83 24.28
N PRO B 779 -13.96 48.38 25.28
CA PRO B 779 -14.12 49.81 25.58
C PRO B 779 -13.93 50.71 24.37
N ALA B 780 -12.96 50.41 23.52
CA ALA B 780 -12.67 51.25 22.37
C ALA B 780 -13.76 51.22 21.31
N HIS B 781 -14.68 50.25 21.37
CA HIS B 781 -15.73 50.12 20.37
C HIS B 781 -17.13 50.21 20.97
N ARG B 782 -17.27 50.92 22.08
CA ARG B 782 -18.58 51.26 22.62
C ARG B 782 -18.80 52.76 22.48
N GLY B 783 -18.81 53.24 21.23
CA GLY B 783 -19.02 54.65 20.94
C GLY B 783 -20.45 55.11 21.00
N ILE B 784 -21.41 54.19 21.14
CA ILE B 784 -22.81 54.56 21.22
C ILE B 784 -23.09 55.09 22.63
N GLU B 785 -23.53 56.34 22.71
CA GLU B 785 -24.03 56.86 23.98
C GLU B 785 -25.51 56.57 24.18
N GLN B 786 -26.30 56.68 23.11
CA GLN B 786 -27.70 56.31 23.15
C GLN B 786 -28.24 56.32 21.72
N ILE B 787 -29.39 55.68 21.54
CA ILE B 787 -30.08 55.63 20.25
C ILE B 787 -31.51 56.08 20.47
N LEU B 788 -31.93 57.14 19.79
CA LEU B 788 -33.30 57.60 19.78
C LEU B 788 -34.01 56.93 18.60
N ILE B 789 -35.10 56.22 18.87
CA ILE B 789 -35.74 55.39 17.85
C ILE B 789 -36.92 56.13 17.28
N GLY B 790 -37.03 56.14 15.94
CA GLY B 790 -38.17 56.70 15.25
C GLY B 790 -38.80 55.68 14.34
N GLN B 791 -39.61 56.12 13.38
CA GLN B 791 -40.28 55.23 12.44
C GLN B 791 -39.43 55.15 11.17
N GLU B 792 -38.92 53.96 10.88
CA GLU B 792 -38.06 53.73 9.73
C GLU B 792 -36.76 54.53 9.83
N GLN B 793 -36.41 54.99 11.02
CA GLN B 793 -35.17 55.73 11.20
C GLN B 793 -34.81 55.75 12.68
N VAL B 794 -33.51 55.94 12.94
CA VAL B 794 -33.01 56.15 14.28
C VAL B 794 -31.96 57.26 14.23
N LEU B 795 -31.74 57.88 15.40
CA LEU B 795 -30.75 58.93 15.56
C LEU B 795 -29.87 58.56 16.76
N ALA B 796 -28.61 58.24 16.51
CA ALA B 796 -27.71 57.74 17.54
C ALA B 796 -26.69 58.80 17.91
N LYS B 797 -26.52 59.02 19.21
CA LYS B 797 -25.47 59.92 19.70
C LYS B 797 -24.19 59.12 19.91
N LEU B 798 -23.10 59.55 19.29
CA LEU B 798 -21.84 58.85 19.32
C LEU B 798 -20.77 59.72 19.97
N SER B 799 -19.80 59.06 20.60
CA SER B 799 -18.68 59.76 21.21
C SER B 799 -17.46 58.85 21.19
N LEU B 800 -16.31 59.43 20.88
CA LEU B 800 -15.05 58.71 20.94
C LEU B 800 -14.79 58.24 22.38
N PRO B 801 -14.70 56.94 22.63
CA PRO B 801 -14.42 56.49 24.00
C PRO B 801 -13.13 57.10 24.54
N SER B 802 -13.16 57.48 25.83
CA SER B 802 -11.98 58.06 26.46
C SER B 802 -10.78 57.13 26.38
N SER B 803 -11.00 55.83 26.19
CA SER B 803 -9.89 54.90 26.06
C SER B 803 -8.97 55.25 24.90
N VAL B 804 -9.52 55.80 23.81
CA VAL B 804 -8.79 55.94 22.56
C VAL B 804 -8.69 57.40 22.10
N VAL B 805 -8.99 58.36 22.97
CA VAL B 805 -8.95 59.76 22.57
C VAL B 805 -7.54 60.13 22.10
N LYS B 806 -6.52 59.53 22.70
CA LYS B 806 -5.14 59.80 22.28
C LYS B 806 -4.96 59.62 20.79
N THR B 807 -5.70 58.70 20.19
CA THR B 807 -5.54 58.35 18.78
C THR B 807 -6.40 59.18 17.84
N GLN B 808 -7.16 60.16 18.35
CA GLN B 808 -8.09 60.87 17.48
C GLN B 808 -7.43 61.39 16.22
N GLY B 809 -6.21 61.89 16.33
CA GLY B 809 -5.56 62.52 15.20
C GLY B 809 -4.92 61.58 14.21
N GLN B 810 -4.86 60.28 14.53
CA GLN B 810 -4.23 59.32 13.64
C GLN B 810 -5.16 58.85 12.52
N PHE B 811 -6.46 59.11 12.63
CA PHE B 811 -7.43 58.65 11.67
C PHE B 811 -8.23 59.81 11.10
N GLY B 812 -8.66 59.65 9.85
CA GLY B 812 -9.65 60.54 9.28
C GLY B 812 -11.03 60.05 9.64
N LEU B 813 -11.37 58.84 9.21
CA LEU B 813 -12.59 58.15 9.64
C LEU B 813 -12.20 57.25 10.81
N HIS B 814 -12.39 57.73 12.02
CA HIS B 814 -11.95 56.98 13.18
C HIS B 814 -12.75 55.68 13.28
N PRO B 815 -12.09 54.51 13.35
CA PRO B 815 -12.85 53.25 13.39
C PRO B 815 -13.84 53.18 14.55
N SER B 816 -13.53 53.81 15.69
CA SER B 816 -14.46 53.79 16.81
C SER B 816 -15.76 54.50 16.46
N LEU B 817 -15.66 55.72 15.94
CA LEU B 817 -16.86 56.50 15.60
C LEU B 817 -17.62 55.86 14.44
N LEU B 818 -16.92 55.51 13.37
CA LEU B 818 -17.59 54.96 12.19
C LEU B 818 -18.21 53.61 12.49
N ASP B 819 -17.49 52.75 13.21
CA ASP B 819 -18.06 51.48 13.61
C ASP B 819 -19.26 51.68 14.53
N ALA B 820 -19.21 52.69 15.41
CA ALA B 820 -20.38 52.98 16.25
C ALA B 820 -21.56 53.41 15.39
N ALA B 821 -21.31 54.21 14.36
CA ALA B 821 -22.38 54.59 13.44
C ALA B 821 -23.01 53.36 12.81
N LEU B 822 -22.19 52.40 12.38
CA LEU B 822 -22.77 51.20 11.78
C LEU B 822 -23.45 50.33 12.83
N GLN B 823 -22.91 50.28 14.05
CA GLN B 823 -23.57 49.59 15.15
C GLN B 823 -24.97 50.12 15.36
N SER B 824 -25.15 51.45 15.22
CA SER B 824 -26.41 52.07 15.54
C SER B 824 -27.56 51.58 14.65
N SER B 825 -27.26 50.91 13.53
CA SER B 825 -28.31 50.28 12.75
C SER B 825 -29.06 49.22 13.56
N LEU B 826 -28.49 48.80 14.69
CA LEU B 826 -29.21 47.88 15.58
C LEU B 826 -30.57 48.43 15.96
N GLY B 827 -30.69 49.75 16.13
CA GLY B 827 -31.96 50.34 16.49
C GLY B 827 -33.09 49.99 15.52
N LEU B 828 -32.77 50.02 14.23
CA LEU B 828 -33.78 49.65 13.23
C LEU B 828 -34.32 48.24 13.49
N MET B 829 -33.44 47.33 13.90
CA MET B 829 -33.86 45.98 14.24
C MET B 829 -34.63 45.95 15.57
N MET B 830 -34.14 46.70 16.56
CA MET B 830 -34.80 46.74 17.86
C MET B 830 -36.23 47.23 17.73
N ALA B 831 -36.50 48.09 16.75
CA ALA B 831 -37.89 48.42 16.42
C ALA B 831 -38.71 47.15 16.28
N THR B 832 -38.16 46.14 15.58
CA THR B 832 -38.81 44.85 15.48
C THR B 832 -38.73 44.06 16.79
N SER B 833 -37.78 44.40 17.66
CA SER B 833 -37.57 43.73 18.94
C SER B 833 -36.95 42.35 18.75
N ASP B 834 -37.59 41.50 17.95
CA ASP B 834 -37.07 40.17 17.68
C ASP B 834 -35.60 40.25 17.28
N PHE B 835 -34.75 39.54 18.00
CA PHE B 835 -33.31 39.70 17.85
C PHE B 835 -32.78 38.98 16.63
N SER B 836 -31.92 39.67 15.90
CA SER B 836 -31.16 39.05 14.82
C SER B 836 -29.95 39.91 14.51
N LEU B 837 -28.88 39.26 14.08
CA LEU B 837 -27.63 39.93 13.71
C LEU B 837 -27.65 40.15 12.21
N ILE B 838 -27.45 41.40 11.79
CA ILE B 838 -27.63 41.80 10.39
C ILE B 838 -26.39 42.60 9.98
N LEU B 839 -25.35 41.88 9.39
CA LEU B 839 -24.15 42.64 9.06
C LEU B 839 -24.22 43.19 7.63
N PRO B 840 -23.53 44.30 7.37
CA PRO B 840 -23.48 44.84 6.00
C PRO B 840 -22.46 44.10 5.13
N PHE B 841 -22.85 43.85 3.89
CA PHE B 841 -21.94 43.30 2.90
C PHE B 841 -21.64 44.23 1.73
N ALA B 842 -22.29 45.39 1.65
CA ALA B 842 -22.05 46.29 0.52
C ALA B 842 -22.46 47.72 0.88
N LEU B 843 -21.85 48.67 0.18
CA LEU B 843 -22.16 50.10 0.33
C LEU B 843 -22.10 50.75 -1.04
N GLU B 844 -23.22 51.35 -1.46
CA GLU B 844 -23.28 51.94 -2.79
C GLU B 844 -22.46 53.22 -2.88
N GLU B 845 -22.52 54.07 -1.86
CA GLU B 845 -21.86 55.37 -1.93
C GLU B 845 -21.43 55.82 -0.55
N MET B 846 -20.30 56.52 -0.51
CA MET B 846 -19.85 57.24 0.67
C MET B 846 -19.24 58.54 0.19
N VAL B 847 -19.58 59.64 0.85
CA VAL B 847 -19.06 60.96 0.54
C VAL B 847 -18.46 61.51 1.82
N ILE B 848 -17.16 61.81 1.79
CA ILE B 848 -16.52 62.49 2.90
C ILE B 848 -16.65 63.99 2.65
N VAL B 849 -17.47 64.65 3.45
CA VAL B 849 -17.71 66.09 3.28
C VAL B 849 -16.79 66.91 4.16
N GLY B 850 -16.48 66.43 5.36
CA GLY B 850 -15.63 67.16 6.26
C GLY B 850 -15.00 66.24 7.27
N ASP B 851 -14.39 66.86 8.30
CA ASP B 851 -13.70 66.09 9.32
C ASP B 851 -14.70 65.61 10.38
N CYS B 852 -14.34 64.50 11.02
CA CYS B 852 -15.12 63.96 12.13
C CYS B 852 -14.68 64.57 13.45
N SER B 853 -15.62 64.69 14.37
CA SER B 853 -15.38 65.23 15.70
C SER B 853 -15.43 64.09 16.72
N SER B 854 -15.07 64.42 17.96
CA SER B 854 -15.10 63.42 19.02
C SER B 854 -16.53 63.01 19.38
N SER B 855 -17.47 63.94 19.29
CA SER B 855 -18.88 63.66 19.54
C SER B 855 -19.68 63.98 18.27
N MET B 856 -20.52 63.04 17.86
CA MET B 856 -21.24 63.17 16.60
C MET B 856 -22.62 62.52 16.72
N TRP B 857 -23.37 62.59 15.62
CA TRP B 857 -24.69 61.95 15.50
C TRP B 857 -24.72 61.09 14.24
N ALA B 858 -25.47 60.00 14.29
CA ALA B 858 -25.71 59.14 13.14
C ALA B 858 -27.20 59.06 12.89
N LEU B 859 -27.65 59.63 11.78
CA LEU B 859 -29.04 59.51 11.34
C LEU B 859 -29.13 58.35 10.36
N ILE B 860 -29.85 57.29 10.75
CA ILE B 860 -29.97 56.07 9.96
C ILE B 860 -31.41 55.96 9.47
N ARG B 861 -31.57 55.79 8.16
CA ARG B 861 -32.88 55.71 7.51
C ARG B 861 -32.95 54.55 6.55
N TYR B 862 -34.08 53.84 6.56
CA TYR B 862 -34.33 52.78 5.60
C TYR B 862 -34.57 53.38 4.21
N ARG B 863 -33.82 52.90 3.22
CA ARG B 863 -34.00 53.37 1.86
C ARG B 863 -35.39 52.98 1.37
N GLU B 864 -36.09 53.93 0.75
CA GLU B 864 -37.49 53.69 0.39
C GLU B 864 -37.63 52.38 -0.36
N GLY B 865 -38.65 51.61 0.01
CA GLY B 865 -38.80 50.26 -0.48
C GLY B 865 -38.11 49.21 0.36
N SER B 866 -37.37 49.61 1.40
CA SER B 866 -36.70 48.68 2.29
C SER B 866 -37.37 48.72 3.65
N LYS B 867 -37.66 47.54 4.20
CA LYS B 867 -38.30 47.39 5.50
C LYS B 867 -37.45 46.46 6.35
N ALA B 868 -37.67 46.49 7.66
CA ALA B 868 -37.01 45.54 8.54
C ALA B 868 -37.56 44.14 8.27
N GLY B 869 -36.66 43.15 8.30
CA GLY B 869 -37.03 41.78 8.03
C GLY B 869 -36.88 41.34 6.60
N ASP B 870 -36.40 42.20 5.71
CA ASP B 870 -36.20 41.81 4.33
C ASP B 870 -34.97 40.93 4.18
N ARG B 871 -34.96 40.14 3.10
CA ARG B 871 -33.82 39.28 2.81
C ARG B 871 -32.54 40.11 2.67
N VAL B 872 -32.64 41.32 2.13
CA VAL B 872 -31.53 42.26 2.04
C VAL B 872 -32.05 43.60 2.52
N GLU B 873 -31.59 44.04 3.69
CA GLU B 873 -32.03 45.32 4.23
C GLU B 873 -31.11 46.43 3.74
N LYS B 874 -31.72 47.53 3.27
CA LYS B 874 -30.98 48.63 2.66
C LYS B 874 -31.20 49.88 3.50
N PHE B 875 -30.13 50.59 3.84
CA PHE B 875 -30.26 51.82 4.60
C PHE B 875 -29.14 52.80 4.34
N ASP B 876 -29.38 54.06 4.73
CA ASP B 876 -28.44 55.16 4.61
C ASP B 876 -28.08 55.68 6.00
N ILE B 877 -26.87 56.22 6.12
CA ILE B 877 -26.34 56.75 7.38
C ILE B 877 -25.70 58.10 7.11
N ASP B 878 -26.13 59.12 7.85
CA ASP B 878 -25.50 60.44 7.85
C ASP B 878 -24.78 60.66 9.18
N LEU B 879 -23.47 60.90 9.12
CA LEU B 879 -22.70 61.31 10.28
C LEU B 879 -22.67 62.84 10.33
N CYS B 880 -23.15 63.40 11.43
CA CYS B 880 -23.33 64.84 11.60
C CYS B 880 -22.57 65.32 12.82
N ASP B 881 -22.15 66.57 12.79
CA ASP B 881 -21.48 67.18 13.94
C ASP B 881 -22.54 67.71 14.91
N GLU B 882 -22.07 68.33 16.00
CA GLU B 882 -22.98 68.80 17.04
C GLU B 882 -24.01 69.79 16.51
N ASN B 883 -23.74 70.46 15.40
CA ASN B 883 -24.64 71.48 14.86
C ASN B 883 -25.53 70.96 13.74
N GLY B 884 -25.43 69.68 13.39
CA GLY B 884 -26.21 69.10 12.32
C GLY B 884 -25.56 69.12 10.96
N ASN B 885 -24.32 69.61 10.86
CA ASN B 885 -23.61 69.56 9.59
C ASN B 885 -23.26 68.13 9.24
N VAL B 886 -23.48 67.76 7.97
CA VAL B 886 -23.19 66.41 7.49
C VAL B 886 -21.72 66.34 7.12
N GLN B 887 -20.94 65.58 7.89
CA GLN B 887 -19.53 65.40 7.60
C GLN B 887 -19.26 64.18 6.74
N VAL B 888 -20.06 63.11 6.88
CA VAL B 888 -19.92 61.90 6.08
C VAL B 888 -21.31 61.41 5.74
N ARG B 889 -21.58 61.24 4.45
CA ARG B 889 -22.87 60.73 3.97
C ARG B 889 -22.68 59.37 3.34
N MET B 890 -23.37 58.36 3.89
CA MET B 890 -23.32 57.00 3.36
C MET B 890 -24.69 56.62 2.83
N LYS B 891 -24.74 56.14 1.60
CA LYS B 891 -25.97 55.79 0.90
C LYS B 891 -25.88 54.37 0.39
N GLY B 892 -26.89 53.57 0.69
CA GLY B 892 -27.02 52.26 0.09
C GLY B 892 -26.24 51.15 0.75
N PHE B 893 -26.18 51.13 2.08
CA PHE B 893 -25.76 49.93 2.79
C PHE B 893 -26.74 48.82 2.45
N SER B 894 -26.20 47.65 2.13
CA SER B 894 -26.99 46.44 1.97
C SER B 894 -26.50 45.47 3.04
N THR B 895 -27.44 44.80 3.71
CA THR B 895 -27.09 43.95 4.82
C THR B 895 -27.90 42.67 4.81
N ARG B 896 -27.29 41.62 5.34
CA ARG B 896 -27.91 40.31 5.41
C ARG B 896 -27.91 39.81 6.85
N LYS B 897 -28.98 39.09 7.19
CA LYS B 897 -29.13 38.47 8.50
C LYS B 897 -28.30 37.20 8.53
N ILE B 898 -27.41 37.11 9.51
CA ILE B 898 -26.51 35.97 9.65
C ILE B 898 -26.78 35.16 10.91
N ALA B 899 -27.57 35.67 11.85
CA ALA B 899 -27.90 34.90 13.04
C ALA B 899 -29.22 35.36 13.63
N ASN B 900 -30.00 34.38 14.09
CA ASN B 900 -31.26 34.62 14.79
C ASN B 900 -31.05 34.54 16.30
N VAL B 901 -31.61 35.50 17.02
CA VAL B 901 -31.53 35.50 18.48
C VAL B 901 -30.11 35.26 18.96
N ASP B 1063 -9.88 65.41 -33.43
CA ASP B 1063 -10.80 66.53 -33.55
C ASP B 1063 -10.35 67.52 -34.60
N ILE B 1064 -10.92 67.39 -35.79
CA ILE B 1064 -10.59 68.21 -36.94
C ILE B 1064 -11.76 69.13 -37.21
N ALA B 1065 -11.54 70.43 -37.10
CA ALA B 1065 -12.57 71.42 -37.38
C ALA B 1065 -12.56 71.77 -38.86
N ILE B 1066 -13.72 72.19 -39.35
CA ILE B 1066 -13.86 72.70 -40.72
C ILE B 1066 -14.15 74.19 -40.61
N ILE B 1067 -13.24 75.00 -41.12
CA ILE B 1067 -13.34 76.44 -41.04
C ILE B 1067 -13.73 77.07 -42.37
N GLY B 1068 -14.28 76.28 -43.30
CA GLY B 1068 -14.56 76.78 -44.62
C GLY B 1068 -15.30 75.75 -45.45
N ILE B 1069 -16.09 76.20 -46.41
CA ILE B 1069 -16.70 75.30 -47.37
C ILE B 1069 -17.31 76.11 -48.50
N SER B 1070 -17.43 75.48 -49.66
CA SER B 1070 -18.06 76.10 -50.82
C SER B 1070 -18.43 75.01 -51.80
N GLY B 1071 -18.99 75.42 -52.93
CA GLY B 1071 -19.34 74.44 -53.95
C GLY B 1071 -20.16 74.96 -55.11
N ARG B 1072 -20.15 74.22 -56.20
CA ARG B 1072 -21.07 74.40 -57.31
C ARG B 1072 -21.76 73.07 -57.57
N TYR B 1073 -23.07 73.08 -57.68
CA TYR B 1073 -23.86 71.88 -57.93
C TYR B 1073 -25.01 72.22 -58.86
N PRO B 1074 -25.64 71.22 -59.48
CA PRO B 1074 -26.62 71.52 -60.52
C PRO B 1074 -27.68 72.47 -60.03
N GLN B 1075 -27.89 73.55 -60.79
CA GLN B 1075 -28.83 74.59 -60.42
C GLN B 1075 -28.48 75.17 -59.05
N ALA B 1076 -27.18 75.38 -58.82
CA ALA B 1076 -26.71 76.03 -57.62
C ALA B 1076 -25.28 76.52 -57.85
N ARG B 1077 -25.09 77.84 -57.78
CA ARG B 1077 -23.77 78.44 -57.83
C ARG B 1077 -23.15 78.63 -56.45
N ASN B 1078 -23.90 78.40 -55.38
CA ASN B 1078 -23.41 78.64 -54.03
C ASN B 1078 -24.01 77.62 -53.09
N ILE B 1079 -23.45 77.57 -51.89
CA ILE B 1079 -24.07 76.77 -50.84
C ILE B 1079 -25.45 77.33 -50.47
N HIS B 1080 -25.59 78.65 -50.41
CA HIS B 1080 -26.90 79.21 -50.09
C HIS B 1080 -27.92 78.80 -51.13
N ASP B 1081 -27.57 78.97 -52.41
CA ASP B 1081 -28.47 78.56 -53.47
C ASP B 1081 -28.79 77.08 -53.34
N PHE B 1082 -27.78 76.27 -53.03
CA PHE B 1082 -28.02 74.85 -52.79
C PHE B 1082 -28.97 74.66 -51.62
N TRP B 1083 -28.80 75.42 -50.54
CA TRP B 1083 -29.66 75.28 -49.38
C TRP B 1083 -31.11 75.60 -49.73
N LYS B 1084 -31.34 76.67 -50.50
CA LYS B 1084 -32.69 77.07 -50.84
C LYS B 1084 -33.41 75.98 -51.63
N ASN B 1085 -32.74 75.41 -52.62
CA ASN B 1085 -33.33 74.29 -53.32
C ASN B 1085 -33.56 73.13 -52.37
N LEU B 1086 -32.62 72.90 -51.45
CA LEU B 1086 -32.78 71.79 -50.53
C LEU B 1086 -34.04 71.97 -49.69
N ARG B 1087 -34.16 73.09 -48.97
CA ARG B 1087 -35.34 73.29 -48.14
C ARG B 1087 -36.58 73.51 -49.00
N ASP B 1088 -36.40 73.97 -50.24
CA ASP B 1088 -37.47 74.01 -51.22
C ASP B 1088 -37.74 72.63 -51.83
N GLY B 1089 -36.91 71.65 -51.53
CA GLY B 1089 -37.18 70.29 -51.95
C GLY B 1089 -37.35 70.20 -53.44
N LYS B 1090 -36.43 70.80 -54.18
CA LYS B 1090 -36.54 70.91 -55.62
C LYS B 1090 -35.91 69.68 -56.26
N ASP B 1091 -36.69 68.97 -57.08
CA ASP B 1091 -36.17 67.79 -57.74
C ASP B 1091 -35.28 68.30 -58.87
N CYS B 1092 -34.10 68.80 -58.48
CA CYS B 1092 -33.23 69.56 -59.35
C CYS B 1092 -32.43 68.66 -60.27
N ILE B 1093 -33.12 67.92 -61.14
CA ILE B 1093 -32.49 67.08 -62.14
C ILE B 1093 -33.25 67.26 -63.45
N THR B 1094 -32.52 67.46 -64.54
CA THR B 1094 -33.17 67.76 -65.83
C THR B 1094 -32.47 67.01 -66.95
N GLU B 1095 -32.95 67.27 -68.16
CA GLU B 1095 -32.43 66.65 -69.38
C GLU B 1095 -31.12 67.31 -69.80
N ILE B 1096 -30.36 66.59 -70.61
CA ILE B 1096 -29.02 67.04 -71.00
C ILE B 1096 -29.12 68.30 -71.84
N PRO B 1097 -28.36 69.35 -71.54
CA PRO B 1097 -28.42 70.56 -72.37
C PRO B 1097 -27.83 70.33 -73.76
N LYS B 1098 -28.27 71.16 -74.71
CA LYS B 1098 -27.83 71.04 -76.09
C LYS B 1098 -26.40 71.49 -76.32
N ASP B 1099 -25.84 72.32 -75.43
CA ASP B 1099 -24.46 72.76 -75.61
C ASP B 1099 -23.51 71.57 -75.63
N ARG B 1100 -23.85 70.52 -74.89
CA ARG B 1100 -23.08 69.29 -74.89
C ARG B 1100 -23.45 68.49 -76.15
N TRP B 1101 -23.06 67.22 -76.19
CA TRP B 1101 -23.27 66.36 -77.34
C TRP B 1101 -24.69 66.45 -77.87
N ASP B 1102 -24.89 66.11 -79.15
CA ASP B 1102 -26.19 66.29 -79.79
C ASP B 1102 -27.29 65.61 -78.98
N HIS B 1103 -27.02 64.42 -78.46
CA HIS B 1103 -27.88 63.63 -77.59
C HIS B 1103 -29.01 62.93 -78.37
N SER B 1104 -29.21 63.24 -79.64
CA SER B 1104 -30.26 62.59 -80.43
C SER B 1104 -29.73 61.42 -81.24
N LEU B 1105 -28.46 61.06 -81.05
CA LEU B 1105 -27.84 60.03 -81.88
C LEU B 1105 -28.00 58.64 -81.28
N TYR B 1106 -27.99 58.53 -79.95
CA TYR B 1106 -27.88 57.24 -79.30
C TYR B 1106 -29.13 56.83 -78.54
N PHE B 1107 -30.07 57.74 -78.29
CA PHE B 1107 -31.26 57.36 -77.56
C PHE B 1107 -32.07 56.38 -78.38
N ASP B 1108 -32.53 55.29 -77.74
CA ASP B 1108 -33.39 54.32 -78.37
C ASP B 1108 -34.46 53.76 -77.43
N GLU B 1109 -34.57 54.28 -76.21
CA GLU B 1109 -35.54 53.85 -75.21
C GLU B 1109 -35.54 52.34 -75.00
N ALA B 1110 -34.52 51.63 -75.50
CA ALA B 1110 -34.45 50.18 -75.38
C ALA B 1110 -33.02 49.79 -75.05
N LYS B 1111 -32.87 48.63 -74.41
CA LYS B 1111 -31.57 48.14 -73.97
C LYS B 1111 -30.94 47.31 -75.07
N ASP B 1112 -30.43 48.02 -76.08
CA ASP B 1112 -29.84 47.31 -77.23
C ASP B 1112 -28.71 48.16 -77.81
N LYS B 1113 -27.50 47.94 -77.30
CA LYS B 1113 -26.25 48.25 -78.00
C LYS B 1113 -26.02 49.72 -78.31
N LEU B 1114 -26.97 50.59 -77.97
CA LEU B 1114 -26.80 52.02 -78.21
C LEU B 1114 -26.20 52.77 -77.02
N GLY B 1115 -26.05 52.12 -75.88
CA GLY B 1115 -25.44 52.73 -74.72
C GLY B 1115 -26.32 53.76 -74.01
N LYS B 1116 -27.22 54.40 -74.73
CA LYS B 1116 -28.25 55.26 -74.18
C LYS B 1116 -29.54 54.44 -74.00
N SER B 1117 -30.67 55.13 -73.92
CA SER B 1117 -31.97 54.66 -73.41
C SER B 1117 -32.03 54.85 -71.89
N TYR B 1118 -30.98 55.38 -71.28
CA TYR B 1118 -31.06 56.03 -69.98
C TYR B 1118 -30.38 57.38 -70.19
N SER B 1119 -31.10 58.33 -70.79
CA SER B 1119 -30.44 59.40 -71.54
C SER B 1119 -30.68 60.79 -70.97
N LYS B 1120 -31.93 61.24 -70.87
CA LYS B 1120 -32.20 62.63 -70.50
C LYS B 1120 -32.42 62.77 -69.00
N TRP B 1121 -31.54 62.21 -68.19
CA TRP B 1121 -31.63 62.34 -66.74
C TRP B 1121 -30.21 62.54 -66.21
N GLY B 1122 -29.95 63.74 -65.70
CA GLY B 1122 -28.67 64.06 -65.11
C GLY B 1122 -28.70 65.46 -64.54
N GLY B 1123 -28.17 65.64 -63.34
CA GLY B 1123 -28.07 66.96 -62.75
C GLY B 1123 -26.81 67.61 -63.28
N PHE B 1124 -26.97 68.82 -63.81
CA PHE B 1124 -25.87 69.51 -64.45
C PHE B 1124 -25.70 70.90 -63.86
N ILE B 1125 -24.44 71.32 -63.73
CA ILE B 1125 -24.09 72.64 -63.21
C ILE B 1125 -23.95 73.60 -64.38
N ASP B 1126 -24.69 74.70 -64.33
CA ASP B 1126 -24.67 75.67 -65.41
C ASP B 1126 -23.31 76.34 -65.50
N GLY B 1127 -22.86 76.57 -66.73
CA GLY B 1127 -21.58 77.22 -66.94
C GLY B 1127 -20.40 76.35 -66.58
N VAL B 1128 -20.24 75.23 -67.29
CA VAL B 1128 -19.06 74.37 -67.08
C VAL B 1128 -17.85 74.91 -67.81
N ASP B 1129 -18.04 75.62 -68.92
CA ASP B 1129 -16.94 76.10 -69.75
C ASP B 1129 -16.65 77.57 -69.53
N GLN B 1130 -16.80 78.05 -68.30
CA GLN B 1130 -16.60 79.45 -67.97
C GLN B 1130 -15.42 79.57 -67.02
N PHE B 1131 -14.50 80.48 -67.34
CA PHE B 1131 -13.28 80.62 -66.56
C PHE B 1131 -12.77 82.04 -66.71
N ASP B 1132 -11.89 82.44 -65.79
CA ASP B 1132 -11.35 83.79 -65.73
C ASP B 1132 -9.83 83.72 -65.64
N PRO B 1133 -9.18 83.24 -66.70
CA PRO B 1133 -7.75 82.91 -66.60
C PRO B 1133 -6.86 84.07 -66.22
N LEU B 1134 -7.14 85.30 -66.68
CA LEU B 1134 -6.23 86.40 -66.38
C LEU B 1134 -6.03 86.55 -64.87
N PHE B 1135 -7.11 86.36 -64.10
CA PHE B 1135 -7.00 86.44 -62.65
C PHE B 1135 -5.96 85.46 -62.12
N PHE B 1136 -5.70 84.39 -62.87
CA PHE B 1136 -4.81 83.32 -62.45
C PHE B 1136 -3.52 83.31 -63.25
N HIS B 1137 -3.23 84.36 -64.01
CA HIS B 1137 -1.97 84.45 -64.76
C HIS B 1137 -1.82 83.27 -65.72
N ILE B 1138 -2.88 83.01 -66.47
CA ILE B 1138 -2.90 81.89 -67.41
C ILE B 1138 -3.28 82.42 -68.79
N SER B 1139 -2.49 82.08 -69.79
CA SER B 1139 -2.74 82.57 -71.13
C SER B 1139 -4.04 81.97 -71.68
N PRO B 1140 -4.76 82.72 -72.52
CA PRO B 1140 -5.97 82.14 -73.14
C PRO B 1140 -5.68 80.87 -73.90
N ARG B 1141 -4.53 80.80 -74.58
CA ARG B 1141 -4.17 79.58 -75.29
C ARG B 1141 -4.03 78.42 -74.31
N GLU B 1142 -3.36 78.65 -73.18
CA GLU B 1142 -3.18 77.59 -72.20
C GLU B 1142 -4.51 77.17 -71.58
N ALA B 1143 -5.36 78.15 -71.26
CA ALA B 1143 -6.60 77.83 -70.59
C ALA B 1143 -7.51 76.98 -71.48
N GLU B 1144 -7.47 77.21 -72.79
CA GLU B 1144 -8.39 76.53 -73.69
C GLU B 1144 -8.23 75.03 -73.66
N LEU B 1145 -7.09 74.51 -73.23
CA LEU B 1145 -6.84 73.08 -73.27
C LEU B 1145 -6.54 72.53 -71.88
N MET B 1146 -6.95 73.24 -70.83
CA MET B 1146 -6.85 72.74 -69.47
C MET B 1146 -8.19 72.13 -69.11
N ASP B 1147 -8.14 70.97 -68.49
CA ASP B 1147 -9.34 70.23 -68.17
C ASP B 1147 -10.32 71.14 -67.44
N PRO B 1148 -11.58 71.22 -67.86
CA PRO B 1148 -12.53 72.03 -67.10
C PRO B 1148 -12.59 71.60 -65.65
N GLN B 1149 -12.43 70.30 -65.38
CA GLN B 1149 -12.41 69.86 -63.99
C GLN B 1149 -11.34 70.64 -63.22
N GLU B 1150 -10.16 70.80 -63.81
CA GLU B 1150 -9.11 71.54 -63.13
C GLU B 1150 -9.53 72.97 -62.88
N ARG B 1151 -10.15 73.60 -63.88
CA ARG B 1151 -10.61 74.97 -63.71
C ARG B 1151 -11.61 75.06 -62.57
N LEU B 1152 -12.63 74.21 -62.58
CA LEU B 1152 -13.71 74.36 -61.60
C LEU B 1152 -13.20 74.11 -60.19
N PHE B 1153 -12.33 73.12 -59.99
CA PHE B 1153 -11.79 72.91 -58.65
C PHE B 1153 -10.93 74.08 -58.23
N LEU B 1154 -10.17 74.64 -59.17
CA LEU B 1154 -9.30 75.76 -58.82
C LEU B 1154 -10.11 76.95 -58.33
N GLN B 1155 -11.24 77.23 -58.98
CA GLN B 1155 -12.08 78.33 -58.53
C GLN B 1155 -12.65 78.06 -57.16
N CYS B 1156 -13.16 76.85 -56.92
CA CYS B 1156 -13.83 76.59 -55.65
C CYS B 1156 -12.87 76.72 -54.48
N VAL B 1157 -11.64 76.21 -54.63
CA VAL B 1157 -10.68 76.34 -53.54
C VAL B 1157 -10.49 77.80 -53.19
N TYR B 1158 -10.27 78.64 -54.19
CA TYR B 1158 -10.14 80.06 -53.91
C TYR B 1158 -11.43 80.61 -53.34
N GLU B 1159 -12.57 80.12 -53.81
CA GLU B 1159 -13.83 80.44 -53.15
C GLU B 1159 -13.84 79.87 -51.74
N THR B 1160 -13.28 78.68 -51.55
CA THR B 1160 -13.20 78.12 -50.21
C THR B 1160 -12.29 78.96 -49.32
N ILE B 1161 -11.10 79.30 -49.82
CA ILE B 1161 -10.20 80.11 -49.02
C ILE B 1161 -10.86 81.43 -48.67
N GLU B 1162 -11.52 82.05 -49.65
CA GLU B 1162 -12.18 83.32 -49.38
C GLU B 1162 -13.31 83.15 -48.38
N ASP B 1163 -14.04 82.05 -48.48
CA ASP B 1163 -15.13 81.82 -47.55
C ASP B 1163 -14.62 81.68 -46.12
N ALA B 1164 -13.49 80.98 -45.96
CA ALA B 1164 -12.90 80.86 -44.64
C ALA B 1164 -12.40 82.19 -44.11
N GLY B 1165 -12.27 83.21 -44.94
CA GLY B 1165 -11.72 84.46 -44.48
C GLY B 1165 -10.22 84.45 -44.32
N TYR B 1166 -9.51 83.64 -45.10
CA TYR B 1166 -8.06 83.58 -45.08
C TYR B 1166 -7.51 83.95 -46.47
N THR B 1167 -6.34 84.56 -46.47
CA THR B 1167 -5.63 84.95 -47.69
C THR B 1167 -4.53 83.94 -47.99
N ARG B 1168 -4.27 83.72 -49.28
CA ARG B 1168 -3.29 82.72 -49.66
C ARG B 1168 -1.95 82.99 -49.00
N GLU B 1169 -1.66 84.23 -48.68
CA GLU B 1169 -0.41 84.61 -48.04
C GLU B 1169 -0.48 84.58 -46.52
N THR B 1170 -1.63 84.22 -45.94
CA THR B 1170 -1.74 84.19 -44.49
C THR B 1170 -2.45 82.93 -44.02
N LEU B 1171 -2.59 81.92 -44.85
CA LEU B 1171 -3.29 80.69 -44.51
C LEU B 1171 -2.27 79.68 -44.03
N GLY B 1172 -2.20 79.49 -42.71
CA GLY B 1172 -1.13 78.67 -42.18
C GLY B 1172 0.24 79.16 -42.57
N LYS B 1173 0.37 80.45 -42.85
CA LYS B 1173 1.62 81.05 -43.31
C LYS B 1173 2.69 81.08 -42.23
N HIS B 1174 2.44 80.45 -41.08
CA HIS B 1174 3.41 80.43 -40.00
C HIS B 1174 4.54 79.46 -40.31
N GLU B 1175 5.13 79.68 -41.49
CA GLU B 1175 6.31 78.96 -41.94
C GLU B 1175 7.37 79.87 -42.54
N GLY B 1176 7.01 81.07 -43.00
CA GLY B 1176 7.96 82.02 -43.51
C GLY B 1176 8.24 81.93 -45.00
N LEU B 1177 7.71 80.92 -45.69
CA LEU B 1177 8.01 80.73 -47.10
C LEU B 1177 6.80 80.33 -47.94
N GLY B 1178 5.58 80.46 -47.42
CA GLY B 1178 4.40 80.17 -48.21
C GLY B 1178 3.30 79.50 -47.41
N GLY B 1179 3.67 78.82 -46.34
CA GLY B 1179 2.70 78.10 -45.53
C GLY B 1179 2.76 76.62 -45.85
N ASN B 1180 2.54 75.79 -44.84
CA ASN B 1180 2.55 74.34 -44.98
C ASN B 1180 1.09 73.90 -45.09
N VAL B 1181 0.62 73.75 -46.31
CA VAL B 1181 -0.78 73.44 -46.59
C VAL B 1181 -0.85 72.21 -47.47
N GLY B 1182 -1.49 71.17 -46.97
CA GLY B 1182 -1.67 69.95 -47.75
C GLY B 1182 -2.95 69.97 -48.54
N VAL B 1183 -2.93 69.29 -49.69
CA VAL B 1183 -4.06 69.25 -50.61
C VAL B 1183 -4.33 67.81 -51.00
N TYR B 1184 -5.59 67.40 -50.96
CA TYR B 1184 -5.99 66.10 -51.43
C TYR B 1184 -7.27 66.26 -52.25
N VAL B 1185 -7.29 65.70 -53.45
CA VAL B 1185 -8.43 65.82 -54.35
C VAL B 1185 -8.83 64.43 -54.83
N GLY B 1186 -10.13 64.16 -54.81
CA GLY B 1186 -10.65 62.90 -55.30
C GLY B 1186 -11.34 63.05 -56.64
N VAL B 1187 -10.85 62.35 -57.65
CA VAL B 1187 -11.44 62.36 -58.98
C VAL B 1187 -11.39 60.94 -59.53
N MET B 1188 -12.43 60.53 -60.25
CA MET B 1188 -12.48 59.17 -60.78
C MET B 1188 -11.82 59.06 -62.15
N TYR B 1189 -12.20 59.93 -63.08
CA TYR B 1189 -11.68 59.85 -64.44
C TYR B 1189 -11.76 61.21 -65.12
N GLU B 1190 -10.86 61.43 -66.07
CA GLU B 1190 -10.85 62.64 -66.89
C GLU B 1190 -11.19 62.24 -68.32
N GLU B 1191 -12.26 62.83 -68.86
CA GLU B 1191 -12.80 62.48 -70.16
C GLU B 1191 -12.68 63.64 -71.15
N TYR B 1192 -11.71 64.51 -70.92
CA TYR B 1192 -11.54 65.68 -71.79
C TYR B 1192 -10.45 65.48 -72.83
N GLN B 1193 -9.49 64.58 -72.57
CA GLN B 1193 -8.55 64.23 -73.62
C GLN B 1193 -9.19 63.37 -74.69
N LEU B 1194 -10.35 62.78 -74.42
CA LEU B 1194 -10.97 61.91 -75.41
C LEU B 1194 -11.26 62.64 -76.70
N TYR B 1195 -11.72 63.87 -76.63
CA TYR B 1195 -11.97 64.63 -77.85
C TYR B 1195 -10.69 64.75 -78.66
N ALA B 1196 -9.53 64.77 -77.99
CA ALA B 1196 -8.28 64.75 -78.73
C ALA B 1196 -8.15 63.44 -79.52
N SER B 1197 -8.52 62.32 -78.91
CA SER B 1197 -8.44 61.04 -79.62
C SER B 1197 -9.35 61.04 -80.85
N ALA B 1198 -10.57 61.56 -80.70
CA ALA B 1198 -11.48 61.64 -81.84
C ALA B 1198 -10.92 62.54 -82.92
N GLU B 1199 -10.38 63.70 -82.55
CA GLU B 1199 -9.79 64.59 -83.53
C GLU B 1199 -8.63 63.91 -84.25
N GLN B 1200 -7.76 63.25 -83.48
CA GLN B 1200 -6.65 62.52 -84.10
C GLN B 1200 -7.16 61.45 -85.03
N ALA B 1201 -8.20 60.73 -84.62
CA ALA B 1201 -8.81 59.73 -85.49
C ALA B 1201 -9.35 60.37 -86.76
N LEU B 1202 -10.01 61.52 -86.63
CA LEU B 1202 -10.56 62.21 -87.80
C LEU B 1202 -9.49 62.94 -88.57
N GLY B 1203 -8.32 63.16 -87.98
CA GLY B 1203 -7.23 63.84 -88.68
C GLY B 1203 -6.63 64.94 -87.85
N ARG B 1204 -6.20 66.01 -88.50
CA ARG B 1204 -5.64 67.18 -87.81
C ARG B 1204 -4.58 66.70 -86.82
N ALA B 1205 -4.38 67.44 -85.75
CA ALA B 1205 -3.47 67.03 -84.68
C ALA B 1205 -3.76 67.81 -83.40
N LEU B 1206 -4.05 67.09 -82.32
CA LEU B 1206 -4.39 67.72 -81.06
C LEU B 1206 -4.02 66.77 -79.92
N ALA B 1207 -3.43 67.31 -78.85
CA ALA B 1207 -2.91 66.49 -77.75
C ALA B 1207 -3.26 67.15 -76.41
N ILE B 1208 -4.30 66.65 -75.77
CA ILE B 1208 -4.63 67.02 -74.40
C ILE B 1208 -4.24 65.87 -73.48
N ALA B 1209 -3.49 66.18 -72.43
CA ALA B 1209 -3.05 65.18 -71.47
C ALA B 1209 -4.01 65.14 -70.30
N GLY B 1210 -3.96 64.03 -69.57
CA GLY B 1210 -4.82 63.83 -68.42
C GLY B 1210 -4.09 64.10 -67.12
N SER B 1211 -3.65 63.05 -66.44
CA SER B 1211 -2.89 63.23 -65.22
C SER B 1211 -3.71 64.03 -64.23
N PRO B 1212 -4.78 63.46 -63.68
CA PRO B 1212 -5.61 64.20 -62.74
C PRO B 1212 -4.85 64.80 -61.57
N ALA B 1213 -3.56 64.49 -61.45
CA ALA B 1213 -2.75 65.22 -60.47
C ALA B 1213 -2.72 66.70 -60.80
N SER B 1214 -2.88 67.05 -62.08
CA SER B 1214 -2.88 68.45 -62.47
C SER B 1214 -3.98 69.21 -61.76
N ILE B 1215 -5.04 68.50 -61.34
CA ILE B 1215 -6.09 69.14 -60.56
C ILE B 1215 -5.55 69.65 -59.23
N ALA B 1216 -4.69 68.88 -58.57
CA ALA B 1216 -4.13 69.30 -57.30
C ALA B 1216 -2.84 70.09 -57.46
N ASN B 1217 -1.96 69.67 -58.36
CA ASN B 1217 -0.67 70.34 -58.48
C ASN B 1217 -0.84 71.80 -58.87
N ARG B 1218 -1.73 72.08 -59.82
CA ARG B 1218 -1.93 73.47 -60.22
C ARG B 1218 -2.32 74.32 -59.03
N VAL B 1219 -3.12 73.77 -58.12
CA VAL B 1219 -3.54 74.52 -56.94
C VAL B 1219 -2.35 74.79 -56.03
N SER B 1220 -1.61 73.75 -55.67
CA SER B 1220 -0.41 73.94 -54.87
C SER B 1220 0.55 74.87 -55.58
N TYR B 1221 0.51 74.87 -56.91
CA TYR B 1221 1.35 75.79 -57.67
C TYR B 1221 0.90 77.22 -57.47
N PHE B 1222 -0.36 77.52 -57.79
CA PHE B 1222 -0.78 78.91 -57.78
C PHE B 1222 -0.73 79.50 -56.38
N CYS B 1223 -1.17 78.76 -55.38
CA CYS B 1223 -1.33 79.30 -54.05
C CYS B 1223 -0.07 79.16 -53.21
N ASN B 1224 1.00 78.61 -53.76
CA ASN B 1224 2.28 78.55 -53.06
C ASN B 1224 2.14 77.81 -51.74
N PHE B 1225 1.84 76.52 -51.84
CA PHE B 1225 1.66 75.67 -50.68
C PHE B 1225 2.82 74.70 -50.57
N HIS B 1226 3.20 74.38 -49.34
CA HIS B 1226 4.30 73.46 -49.10
C HIS B 1226 3.85 72.16 -48.45
N GLY B 1227 2.62 71.72 -48.69
CA GLY B 1227 2.16 70.45 -48.18
C GLY B 1227 2.08 69.39 -49.24
N PRO B 1228 1.83 68.14 -48.84
CA PRO B 1228 1.64 67.08 -49.83
C PRO B 1228 0.44 67.37 -50.70
N SER B 1229 0.51 66.94 -51.95
CA SER B 1229 -0.55 67.19 -52.93
C SER B 1229 -0.70 65.94 -53.78
N MET B 1230 -1.83 65.25 -53.64
CA MET B 1230 -2.06 63.98 -54.33
C MET B 1230 -3.48 63.95 -54.86
N ALA B 1231 -3.74 63.03 -55.78
CA ALA B 1231 -5.07 62.81 -56.34
C ALA B 1231 -5.48 61.36 -56.07
N VAL B 1232 -6.09 61.11 -54.91
CA VAL B 1232 -6.52 59.76 -54.55
C VAL B 1232 -7.68 59.40 -55.46
N ASP B 1233 -8.05 58.11 -55.48
CA ASP B 1233 -9.07 57.65 -56.41
C ASP B 1233 -9.70 56.38 -55.87
N THR B 1234 -10.95 56.49 -55.42
CA THR B 1234 -11.78 55.33 -55.13
C THR B 1234 -13.19 55.60 -55.65
N MET B 1235 -13.71 54.64 -56.41
CA MET B 1235 -14.96 54.85 -57.13
C MET B 1235 -16.04 55.35 -56.17
N CYS B 1236 -16.71 56.44 -56.55
CA CYS B 1236 -17.85 56.98 -55.81
C CYS B 1236 -17.53 57.27 -54.35
N SER B 1237 -16.26 57.14 -53.96
CA SER B 1237 -15.87 57.24 -52.56
C SER B 1237 -14.54 57.97 -52.45
N SER B 1238 -14.13 58.66 -53.51
CA SER B 1238 -12.90 59.43 -53.43
C SER B 1238 -13.04 60.54 -52.40
N SER B 1239 -14.21 61.17 -52.35
CA SER B 1239 -14.39 62.33 -51.49
C SER B 1239 -14.15 61.96 -50.04
N LEU B 1240 -14.69 60.83 -49.58
CA LEU B 1240 -14.46 60.45 -48.18
C LEU B 1240 -13.08 59.87 -47.97
N THR B 1241 -12.54 59.15 -48.96
CA THR B 1241 -11.15 58.73 -48.82
C THR B 1241 -10.22 59.93 -48.77
N GLY B 1242 -10.46 60.94 -49.61
CA GLY B 1242 -9.63 62.11 -49.56
C GLY B 1242 -9.70 62.81 -48.22
N ILE B 1243 -10.90 62.89 -47.65
CA ILE B 1243 -11.05 63.51 -46.33
C ILE B 1243 -10.34 62.66 -45.28
N HIS B 1244 -10.52 61.35 -45.34
CA HIS B 1244 -9.97 60.49 -44.31
C HIS B 1244 -8.47 60.67 -44.22
N LEU B 1245 -7.78 60.64 -45.36
CA LEU B 1245 -6.33 60.82 -45.32
C LEU B 1245 -5.97 62.17 -44.74
N ALA B 1246 -6.68 63.22 -45.15
CA ALA B 1246 -6.35 64.54 -44.66
C ALA B 1246 -6.47 64.59 -43.15
N CYS B 1247 -7.45 63.88 -42.59
CA CYS B 1247 -7.63 63.89 -41.15
C CYS B 1247 -6.40 63.36 -40.43
N HIS B 1248 -5.81 62.29 -40.94
CA HIS B 1248 -4.70 61.68 -40.21
C HIS B 1248 -3.43 62.49 -40.35
N SER B 1249 -3.24 63.12 -41.50
CA SER B 1249 -2.02 63.88 -41.69
C SER B 1249 -1.92 65.01 -40.68
N LEU B 1250 -3.05 65.67 -40.40
CA LEU B 1250 -3.02 66.79 -39.46
C LEU B 1250 -2.52 66.34 -38.09
N GLN B 1251 -3.04 65.22 -37.60
CA GLN B 1251 -2.65 64.75 -36.27
C GLN B 1251 -1.17 64.43 -36.22
N ARG B 1252 -0.66 63.75 -37.25
CA ARG B 1252 0.76 63.41 -37.24
C ARG B 1252 1.64 64.64 -37.38
N GLY B 1253 1.08 65.76 -37.82
CA GLY B 1253 1.84 67.00 -37.90
C GLY B 1253 2.50 67.30 -39.23
N GLU B 1254 2.22 66.50 -40.27
CA GLU B 1254 2.83 66.77 -41.56
C GLU B 1254 2.31 68.07 -42.17
N CYS B 1255 1.04 68.41 -41.91
CA CYS B 1255 0.44 69.65 -42.40
C CYS B 1255 -0.28 70.36 -41.27
N GLU B 1256 -0.39 71.67 -41.37
CA GLU B 1256 -1.18 72.43 -40.41
C GLU B 1256 -2.60 72.67 -40.88
N VAL B 1257 -2.80 72.86 -42.19
CA VAL B 1257 -4.10 73.13 -42.76
C VAL B 1257 -4.21 72.41 -44.10
N ALA B 1258 -5.38 71.84 -44.37
CA ALA B 1258 -5.54 70.95 -45.52
C ALA B 1258 -6.78 71.34 -46.29
N ILE B 1259 -6.85 70.89 -47.54
CA ILE B 1259 -7.96 71.21 -48.43
C ILE B 1259 -8.34 69.95 -49.19
N ALA B 1260 -9.28 69.20 -48.67
CA ALA B 1260 -9.75 68.00 -49.34
C ALA B 1260 -10.84 68.39 -50.31
N GLY B 1261 -11.38 67.43 -51.04
CA GLY B 1261 -12.48 67.75 -51.92
C GLY B 1261 -12.76 66.66 -52.92
N GLY B 1262 -13.53 67.03 -53.94
CA GLY B 1262 -13.80 66.15 -55.06
C GLY B 1262 -14.23 67.00 -56.24
N VAL B 1263 -14.26 66.39 -57.42
CA VAL B 1263 -14.71 67.07 -58.62
C VAL B 1263 -15.15 66.04 -59.64
N ASN B 1264 -16.19 66.37 -60.41
CA ASN B 1264 -16.71 65.48 -61.43
C ASN B 1264 -17.64 66.27 -62.34
N VAL B 1265 -17.38 66.19 -63.64
CA VAL B 1265 -18.24 66.81 -64.65
C VAL B 1265 -18.39 65.83 -65.80
N SER B 1266 -19.61 65.70 -66.31
CA SER B 1266 -19.94 64.78 -67.39
C SER B 1266 -20.00 65.57 -68.69
N ILE B 1267 -19.02 65.35 -69.56
CA ILE B 1267 -18.87 66.13 -70.78
C ILE B 1267 -18.72 65.27 -72.03
N HIS B 1268 -18.73 63.95 -71.90
CA HIS B 1268 -18.58 63.06 -73.04
C HIS B 1268 -19.65 61.99 -72.99
N PRO B 1269 -20.30 61.67 -74.11
CA PRO B 1269 -21.37 60.67 -74.08
C PRO B 1269 -20.91 59.29 -73.66
N ASN B 1270 -19.61 58.98 -73.82
CA ASN B 1270 -19.11 57.66 -73.47
C ASN B 1270 -19.50 57.28 -72.04
N LYS B 1271 -19.50 58.25 -71.13
CA LYS B 1271 -19.90 57.95 -69.76
C LYS B 1271 -21.31 57.37 -69.73
N TYR B 1272 -22.24 57.99 -70.46
CA TYR B 1272 -23.60 57.46 -70.51
C TYR B 1272 -23.63 56.11 -71.19
N LEU B 1273 -22.80 55.91 -72.20
CA LEU B 1273 -22.78 54.62 -72.89
C LEU B 1273 -22.43 53.49 -71.92
N TYR B 1274 -21.33 53.65 -71.19
CA TYR B 1274 -20.88 52.58 -70.30
C TYR B 1274 -21.88 52.34 -69.18
N LEU B 1275 -22.49 53.40 -68.67
CA LEU B 1275 -23.46 53.25 -67.59
C LEU B 1275 -24.68 52.45 -68.01
N SER B 1276 -24.93 52.32 -69.31
CA SER B 1276 -26.02 51.48 -69.77
C SER B 1276 -25.53 50.07 -70.11
N GLN B 1277 -24.43 49.98 -70.85
CA GLN B 1277 -23.88 48.66 -71.20
C GLN B 1277 -23.75 47.81 -69.95
N GLY B 1278 -23.15 48.38 -68.90
CA GLY B 1278 -23.35 47.84 -67.58
C GLY B 1278 -24.70 48.31 -67.04
N LYS B 1279 -25.39 47.41 -66.35
CA LYS B 1279 -26.75 47.70 -65.94
C LYS B 1279 -26.77 48.53 -64.67
N PHE B 1280 -26.09 49.67 -64.70
CA PHE B 1280 -26.04 50.58 -63.57
C PHE B 1280 -27.01 51.74 -63.70
N ALA B 1281 -27.67 51.90 -64.84
CA ALA B 1281 -28.53 53.04 -65.07
C ALA B 1281 -29.88 52.83 -64.38
N SER B 1282 -30.76 53.83 -64.49
CA SER B 1282 -32.01 53.85 -63.74
C SER B 1282 -33.21 53.96 -64.68
N SER B 1283 -33.26 53.07 -65.67
CA SER B 1283 -34.28 53.14 -66.71
C SER B 1283 -34.61 54.58 -67.05
N LYS B 1284 -35.89 54.93 -67.10
CA LYS B 1284 -36.30 56.30 -67.34
C LYS B 1284 -36.64 57.03 -66.05
N GLY B 1285 -36.41 56.40 -64.89
CA GLY B 1285 -36.72 57.07 -63.64
C GLY B 1285 -36.01 58.41 -63.55
N ARG B 1286 -36.69 59.37 -62.91
CA ARG B 1286 -36.18 60.73 -62.85
C ARG B 1286 -34.80 60.76 -62.18
N CYS B 1287 -34.66 60.08 -61.05
CA CYS B 1287 -33.44 60.15 -60.25
C CYS B 1287 -33.49 59.03 -59.22
N GLU B 1288 -32.55 59.08 -58.28
CA GLU B 1288 -32.50 58.07 -57.23
C GLU B 1288 -33.78 58.09 -56.40
N SER B 1289 -34.27 56.89 -56.09
CA SER B 1289 -35.39 56.70 -55.18
C SER B 1289 -34.91 55.79 -54.07
N PHE B 1290 -34.80 56.34 -52.86
CA PHE B 1290 -34.29 55.54 -51.75
C PHE B 1290 -35.16 54.32 -51.46
N GLY B 1291 -36.42 54.34 -51.87
CA GLY B 1291 -37.28 53.20 -51.67
C GLY B 1291 -38.29 53.07 -52.80
N GLU B 1292 -39.09 52.00 -52.72
CA GLU B 1292 -40.17 51.73 -53.67
C GLU B 1292 -39.62 51.50 -55.09
N GLY B 1293 -38.91 50.38 -55.22
CA GLY B 1293 -38.56 49.85 -56.52
C GLY B 1293 -37.62 50.69 -57.36
N GLY B 1294 -36.56 51.22 -56.75
CA GLY B 1294 -35.52 51.90 -57.53
C GLY B 1294 -34.52 50.90 -58.06
N ASP B 1295 -34.12 51.06 -59.32
CA ASP B 1295 -33.27 50.11 -60.01
C ASP B 1295 -32.14 50.82 -60.75
N GLY B 1296 -31.55 51.84 -60.15
CA GLY B 1296 -30.41 52.49 -60.75
C GLY B 1296 -30.19 53.87 -60.18
N TYR B 1297 -29.23 54.56 -60.78
CA TYR B 1297 -28.85 55.91 -60.39
C TYR B 1297 -28.63 56.77 -61.63
N VAL B 1298 -28.76 58.08 -61.46
CA VAL B 1298 -28.64 59.06 -62.52
C VAL B 1298 -27.36 59.86 -62.28
N PRO B 1299 -26.35 59.78 -63.16
CA PRO B 1299 -25.11 60.52 -62.91
C PRO B 1299 -25.30 62.02 -62.99
N GLY B 1300 -24.50 62.74 -62.21
CA GLY B 1300 -24.61 64.18 -62.12
C GLY B 1300 -23.27 64.83 -61.86
N GLU B 1301 -23.21 66.13 -62.07
CA GLU B 1301 -21.98 66.89 -61.94
C GLU B 1301 -21.88 67.51 -60.55
N GLY B 1302 -20.66 67.92 -60.20
CA GLY B 1302 -20.43 68.54 -58.91
C GLY B 1302 -18.97 68.85 -58.65
N VAL B 1303 -18.70 70.01 -58.03
CA VAL B 1303 -17.35 70.40 -57.65
C VAL B 1303 -17.40 71.07 -56.28
N GLY B 1304 -16.48 70.67 -55.40
CA GLY B 1304 -16.54 71.12 -54.03
C GLY B 1304 -15.20 71.02 -53.33
N ALA B 1305 -15.10 71.71 -52.19
CA ALA B 1305 -13.87 71.77 -51.42
C ALA B 1305 -14.21 71.98 -49.96
N VAL B 1306 -13.27 71.65 -49.07
CA VAL B 1306 -13.45 71.88 -47.65
C VAL B 1306 -12.09 72.06 -46.98
N LEU B 1307 -11.99 73.10 -46.15
CA LEU B 1307 -10.75 73.46 -45.48
C LEU B 1307 -10.78 72.91 -44.06
N LEU B 1308 -9.70 72.28 -43.62
CA LEU B 1308 -9.65 71.59 -42.35
C LEU B 1308 -8.57 72.20 -41.48
N LYS B 1309 -8.80 72.26 -40.17
CA LYS B 1309 -7.80 72.76 -39.23
C LYS B 1309 -8.03 72.09 -37.88
N PRO B 1310 -6.98 71.78 -37.12
CA PRO B 1310 -7.17 71.19 -35.80
C PRO B 1310 -7.97 72.11 -34.88
N LEU B 1311 -8.81 71.49 -34.05
CA LEU B 1311 -9.83 72.24 -33.36
C LEU B 1311 -9.23 73.30 -32.45
N ALA B 1312 -8.18 72.96 -31.72
CA ALA B 1312 -7.60 73.92 -30.78
C ALA B 1312 -7.11 75.16 -31.51
N ARG B 1313 -6.42 74.98 -32.63
CA ARG B 1313 -5.91 76.14 -33.34
C ARG B 1313 -7.04 77.03 -33.84
N ALA B 1314 -8.08 76.43 -34.43
CA ALA B 1314 -9.12 77.24 -35.05
C ALA B 1314 -9.80 78.13 -34.03
N ILE B 1315 -10.11 77.59 -32.86
CA ILE B 1315 -10.71 78.39 -31.80
C ILE B 1315 -9.73 79.48 -31.36
N ALA B 1316 -8.45 79.16 -31.33
CA ALA B 1316 -7.45 80.16 -30.95
C ALA B 1316 -7.42 81.30 -31.96
N ASP B 1317 -7.37 80.98 -33.25
CA ASP B 1317 -7.48 82.00 -34.28
C ASP B 1317 -8.91 82.52 -34.39
N GLY B 1318 -9.85 81.89 -33.70
CA GLY B 1318 -11.20 82.40 -33.63
C GLY B 1318 -12.04 82.14 -34.85
N ASP B 1319 -11.50 81.43 -35.83
CA ASP B 1319 -12.19 81.30 -37.10
C ASP B 1319 -13.50 80.55 -36.93
N HIS B 1320 -14.51 80.94 -37.69
CA HIS B 1320 -15.82 80.32 -37.58
C HIS B 1320 -15.75 78.84 -37.90
N ILE B 1321 -16.47 78.04 -37.13
CA ILE B 1321 -16.37 76.59 -37.21
C ILE B 1321 -17.71 76.03 -37.66
N TYR B 1322 -17.70 75.37 -38.82
CA TYR B 1322 -18.93 74.77 -39.32
C TYR B 1322 -19.26 73.49 -38.58
N GLY B 1323 -18.28 72.62 -38.40
CA GLY B 1323 -18.49 71.35 -37.76
C GLY B 1323 -17.20 70.81 -37.19
N VAL B 1324 -17.26 69.58 -36.69
CA VAL B 1324 -16.09 68.88 -36.18
C VAL B 1324 -16.12 67.45 -36.69
N ILE B 1325 -15.03 67.02 -37.31
CA ILE B 1325 -14.90 65.64 -37.79
C ILE B 1325 -14.27 64.84 -36.67
N LYS B 1326 -15.09 64.09 -35.94
CA LYS B 1326 -14.56 63.36 -34.78
C LYS B 1326 -13.73 62.15 -35.20
N GLY B 1327 -14.21 61.38 -36.17
CA GLY B 1327 -13.53 60.15 -36.55
C GLY B 1327 -13.88 59.71 -37.95
N SER B 1328 -13.06 58.80 -38.47
CA SER B 1328 -13.26 58.29 -39.81
C SER B 1328 -12.65 56.90 -39.92
N ALA B 1329 -13.05 56.17 -40.96
CA ALA B 1329 -12.46 54.87 -41.20
C ALA B 1329 -12.72 54.46 -42.66
N ILE B 1330 -11.91 53.51 -43.14
CA ILE B 1330 -12.08 52.98 -44.48
C ILE B 1330 -11.63 51.52 -44.49
N ASN B 1331 -12.14 50.77 -45.46
CA ASN B 1331 -11.83 49.35 -45.62
C ASN B 1331 -12.40 48.89 -46.96
N HIS B 1332 -12.33 47.60 -47.21
CA HIS B 1332 -12.85 47.01 -48.44
C HIS B 1332 -13.48 45.65 -48.13
N GLY B 1333 -14.57 45.35 -48.83
CA GLY B 1333 -15.35 44.15 -48.58
C GLY B 1333 -14.60 42.84 -48.79
N GLY B 1334 -13.91 42.71 -49.92
CA GLY B 1334 -13.12 41.53 -50.20
C GLY B 1334 -13.73 40.68 -51.29
N LYS B 1335 -13.77 39.39 -51.05
CA LYS B 1335 -14.39 38.44 -51.98
C LYS B 1335 -15.87 38.31 -51.65
N THR B 1336 -16.74 38.68 -52.60
CA THR B 1336 -18.18 38.54 -52.41
C THR B 1336 -18.76 37.70 -53.52
N ASN B 1337 -20.08 37.49 -53.50
CA ASN B 1337 -20.75 36.71 -54.52
C ASN B 1337 -20.85 37.52 -55.82
N GLY B 1338 -19.69 37.79 -56.40
CA GLY B 1338 -19.63 38.56 -57.64
C GLY B 1338 -18.99 39.92 -57.44
N TYR B 1339 -18.61 40.55 -58.54
CA TYR B 1339 -18.06 41.89 -58.51
C TYR B 1339 -19.18 42.92 -58.36
N THR B 1340 -18.84 44.04 -57.75
CA THR B 1340 -19.80 45.14 -57.56
C THR B 1340 -21.02 44.68 -56.78
N VAL B 1341 -20.78 43.86 -55.76
CA VAL B 1341 -21.82 43.38 -54.86
C VAL B 1341 -21.41 43.80 -53.45
N PRO B 1342 -22.08 44.75 -52.81
CA PRO B 1342 -21.63 45.20 -51.49
C PRO B 1342 -21.74 44.09 -50.46
N ASN B 1343 -20.82 44.13 -49.50
CA ASN B 1343 -20.75 43.16 -48.42
C ASN B 1343 -21.20 43.84 -47.13
N PRO B 1344 -22.35 43.47 -46.56
CA PRO B 1344 -22.77 44.13 -45.31
C PRO B 1344 -21.77 43.99 -44.19
N HIS B 1345 -21.05 42.88 -44.11
CA HIS B 1345 -20.18 42.67 -42.98
C HIS B 1345 -19.11 43.74 -42.89
N SER B 1346 -18.50 44.08 -44.03
CA SER B 1346 -17.58 45.21 -44.05
C SER B 1346 -18.30 46.48 -43.67
N GLN B 1347 -19.49 46.71 -44.26
CA GLN B 1347 -20.22 47.92 -43.97
C GLN B 1347 -20.51 48.03 -42.49
N SER B 1348 -20.63 46.90 -41.80
CA SER B 1348 -20.72 46.92 -40.35
C SER B 1348 -19.40 47.35 -39.73
N ARG B 1349 -18.30 46.77 -40.18
CA ARG B 1349 -17.04 47.00 -39.48
C ARG B 1349 -16.58 48.44 -39.64
N VAL B 1350 -16.59 48.95 -40.87
CA VAL B 1350 -16.07 50.29 -41.12
C VAL B 1350 -16.85 51.30 -40.28
N ILE B 1351 -18.17 51.18 -40.26
CA ILE B 1351 -18.98 52.03 -39.40
C ILE B 1351 -18.61 51.81 -37.95
N ARG B 1352 -18.47 50.54 -37.54
CA ARG B 1352 -18.17 50.26 -36.15
C ARG B 1352 -16.86 50.89 -35.73
N ARG B 1353 -15.80 50.69 -36.52
CA ARG B 1353 -14.52 51.29 -36.15
C ARG B 1353 -14.65 52.81 -36.12
N ALA B 1354 -15.42 53.38 -37.05
CA ALA B 1354 -15.55 54.83 -37.10
C ALA B 1354 -16.07 55.38 -35.79
N PHE B 1355 -17.17 54.81 -35.29
CA PHE B 1355 -17.73 55.31 -34.04
C PHE B 1355 -16.77 55.08 -32.88
N GLU B 1356 -15.97 54.00 -32.94
CA GLU B 1356 -14.97 53.77 -31.91
C GLU B 1356 -13.88 54.83 -31.96
N GLU B 1357 -13.34 55.10 -33.14
CA GLU B 1357 -12.29 56.11 -33.22
C GLU B 1357 -12.79 57.45 -32.71
N ALA B 1358 -14.05 57.78 -32.99
CA ALA B 1358 -14.61 59.01 -32.48
C ALA B 1358 -15.03 58.93 -31.03
N GLY B 1359 -15.20 57.73 -30.49
CA GLY B 1359 -15.76 57.60 -29.17
C GLY B 1359 -17.16 58.19 -29.13
N ILE B 1360 -17.96 57.88 -30.14
CA ILE B 1360 -19.36 58.30 -30.23
C ILE B 1360 -20.24 57.08 -30.02
N HIS B 1361 -21.24 57.20 -29.17
CA HIS B 1361 -22.16 56.09 -28.94
C HIS B 1361 -23.30 56.16 -29.96
N PRO B 1362 -23.59 55.07 -30.67
CA PRO B 1362 -24.60 55.16 -31.73
C PRO B 1362 -25.95 55.65 -31.24
N ARG B 1363 -26.33 55.31 -30.02
CA ARG B 1363 -27.59 55.80 -29.48
C ARG B 1363 -27.66 57.32 -29.51
N THR B 1364 -26.52 58.00 -29.37
CA THR B 1364 -26.52 59.47 -29.41
C THR B 1364 -26.65 60.03 -30.82
N VAL B 1365 -26.58 59.18 -31.85
CA VAL B 1365 -26.68 59.66 -33.22
C VAL B 1365 -28.09 60.17 -33.50
N SER B 1366 -28.18 61.13 -34.43
CA SER B 1366 -29.47 61.68 -34.85
C SER B 1366 -29.76 61.49 -36.33
N TYR B 1367 -28.80 61.80 -37.20
CA TYR B 1367 -29.04 61.76 -38.64
C TYR B 1367 -27.87 61.06 -39.30
N ILE B 1368 -28.19 60.23 -40.29
CA ILE B 1368 -27.17 59.55 -41.09
C ILE B 1368 -27.55 59.73 -42.55
N GLU B 1369 -26.58 60.12 -43.38
CA GLU B 1369 -26.79 60.14 -44.81
C GLU B 1369 -26.32 58.80 -45.37
N ALA B 1370 -27.16 58.15 -46.13
CA ALA B 1370 -26.88 56.83 -46.68
C ALA B 1370 -26.39 56.96 -48.12
N HIS B 1371 -25.64 55.95 -48.55
CA HIS B 1371 -25.13 55.96 -49.92
C HIS B 1371 -26.26 56.06 -50.93
N GLY B 1372 -27.45 55.60 -50.59
CA GLY B 1372 -28.58 55.75 -51.48
C GLY B 1372 -28.33 55.06 -52.80
N THR B 1373 -28.34 55.83 -53.88
CA THR B 1373 -28.16 55.39 -55.26
C THR B 1373 -29.42 54.72 -55.78
N GLY B 1374 -30.41 54.44 -54.94
CA GLY B 1374 -31.65 53.85 -55.39
C GLY B 1374 -31.50 52.51 -56.10
N THR B 1375 -30.34 51.87 -55.97
CA THR B 1375 -30.13 50.56 -56.58
C THR B 1375 -30.96 49.50 -55.86
N SER B 1376 -31.46 48.55 -56.65
CA SER B 1376 -32.30 47.50 -56.08
C SER B 1376 -31.52 46.65 -55.08
N LEU B 1377 -30.27 46.33 -55.38
CA LEU B 1377 -29.45 45.44 -54.56
C LEU B 1377 -28.39 46.22 -53.79
N GLY B 1378 -28.68 47.47 -53.47
CA GLY B 1378 -27.79 48.28 -52.65
C GLY B 1378 -28.45 48.83 -51.39
N ASP B 1379 -29.77 49.06 -51.44
CA ASP B 1379 -30.43 49.62 -50.26
C ASP B 1379 -30.58 48.56 -49.16
N PRO B 1380 -31.18 47.40 -49.41
CA PRO B 1380 -31.37 46.44 -48.30
C PRO B 1380 -30.05 46.00 -47.69
N ILE B 1381 -28.99 45.91 -48.48
CA ILE B 1381 -27.68 45.58 -47.92
C ILE B 1381 -27.21 46.70 -47.02
N GLU B 1382 -27.34 47.95 -47.47
CA GLU B 1382 -26.91 49.07 -46.66
C GLU B 1382 -27.71 49.15 -45.37
N ILE B 1383 -29.01 48.85 -45.44
CA ILE B 1383 -29.86 48.95 -44.26
C ILE B 1383 -29.48 47.89 -43.23
N ALA B 1384 -29.23 46.66 -43.68
CA ALA B 1384 -28.91 45.60 -42.74
C ALA B 1384 -27.61 45.90 -42.00
N GLY B 1385 -26.60 46.38 -42.72
CA GLY B 1385 -25.34 46.68 -42.07
C GLY B 1385 -25.49 47.77 -41.03
N LEU B 1386 -26.19 48.85 -41.38
CA LEU B 1386 -26.42 49.91 -40.42
C LEU B 1386 -27.18 49.40 -39.21
N THR B 1387 -28.19 48.56 -39.45
CA THR B 1387 -28.92 47.95 -38.34
C THR B 1387 -27.99 47.07 -37.52
N LYS B 1388 -27.13 46.30 -38.17
CA LYS B 1388 -26.31 45.35 -37.43
C LYS B 1388 -25.37 46.05 -36.48
N THR B 1389 -24.62 47.03 -36.97
CA THR B 1389 -23.63 47.70 -36.15
C THR B 1389 -24.24 48.54 -35.06
N PHE B 1390 -25.52 48.90 -35.19
CA PHE B 1390 -26.22 49.70 -34.19
C PHE B 1390 -26.82 48.85 -33.09
N GLN B 1391 -27.27 47.64 -33.40
CA GLN B 1391 -27.89 46.80 -32.38
C GLN B 1391 -26.89 46.33 -31.35
N GLU B 1392 -25.59 46.44 -31.64
CA GLU B 1392 -24.58 46.02 -30.67
C GLU B 1392 -24.68 46.82 -29.38
N TYR B 1393 -25.07 48.09 -29.48
CA TYR B 1393 -25.11 48.96 -28.31
C TYR B 1393 -26.52 49.35 -27.89
N THR B 1394 -27.45 49.50 -28.82
CA THR B 1394 -28.83 49.83 -28.46
C THR B 1394 -29.79 48.98 -29.27
N LYS B 1395 -30.93 48.63 -28.66
CA LYS B 1395 -31.99 47.88 -29.32
C LYS B 1395 -33.22 48.74 -29.64
N GLU B 1396 -33.15 50.04 -29.41
CA GLU B 1396 -34.29 50.91 -29.69
C GLU B 1396 -34.47 51.09 -31.19
N ASN B 1397 -35.66 51.56 -31.58
CA ASN B 1397 -36.02 51.70 -32.97
C ASN B 1397 -36.62 53.08 -33.24
N GLN B 1398 -36.46 53.52 -34.49
CA GLN B 1398 -36.99 54.79 -34.97
C GLN B 1398 -36.56 55.96 -34.09
N PHE B 1399 -35.25 56.07 -33.86
CA PHE B 1399 -34.71 57.23 -33.15
C PHE B 1399 -33.66 57.97 -33.97
N CYS B 1400 -33.38 57.55 -35.19
CA CYS B 1400 -32.45 58.25 -36.06
C CYS B 1400 -33.08 58.40 -37.44
N ALA B 1401 -32.79 59.51 -38.09
CA ALA B 1401 -33.34 59.77 -39.41
C ALA B 1401 -32.28 59.46 -40.46
N ILE B 1402 -32.72 59.08 -41.65
CA ILE B 1402 -31.82 58.67 -42.72
C ILE B 1402 -32.28 59.32 -44.02
N GLY B 1403 -31.32 59.77 -44.82
CA GLY B 1403 -31.64 60.45 -46.05
C GLY B 1403 -30.44 60.47 -46.96
N SER B 1404 -30.62 61.08 -48.14
CA SER B 1404 -29.55 61.18 -49.12
C SER B 1404 -29.77 62.41 -49.98
N ALA B 1405 -28.68 63.11 -50.29
CA ALA B 1405 -28.72 64.26 -51.20
C ALA B 1405 -28.83 63.85 -52.66
N LYS B 1406 -28.42 62.63 -53.00
CA LYS B 1406 -28.39 62.24 -54.40
C LYS B 1406 -29.77 62.34 -55.02
N SER B 1407 -30.81 62.17 -54.22
CA SER B 1407 -32.17 62.29 -54.73
C SER B 1407 -32.45 63.70 -55.25
N ASN B 1408 -31.61 64.67 -54.90
CA ASN B 1408 -31.72 66.01 -55.44
C ASN B 1408 -30.80 66.25 -56.64
N ILE B 1409 -29.50 65.99 -56.47
CA ILE B 1409 -28.50 66.38 -57.47
C ILE B 1409 -28.02 65.21 -58.31
N GLY B 1410 -28.72 64.09 -58.30
CA GLY B 1410 -28.32 62.98 -59.14
C GLY B 1410 -27.27 62.14 -58.43
N HIS B 1411 -26.20 61.81 -59.14
CA HIS B 1411 -25.11 61.03 -58.57
C HIS B 1411 -23.79 61.56 -59.13
N GLY B 1412 -22.93 62.09 -58.25
CA GLY B 1412 -21.68 62.66 -58.70
C GLY B 1412 -20.64 61.61 -59.09
N GLU B 1413 -20.47 60.60 -58.26
CA GLU B 1413 -19.46 59.56 -58.31
C GLU B 1413 -18.09 60.04 -57.82
N SER B 1414 -17.86 61.33 -57.65
CA SER B 1414 -16.67 61.79 -56.93
C SER B 1414 -16.93 62.91 -55.97
N ALA B 1415 -17.92 63.76 -56.21
CA ALA B 1415 -18.29 64.79 -55.25
C ALA B 1415 -19.45 64.34 -54.38
N ALA B 1416 -19.89 63.10 -54.53
CA ALA B 1416 -20.98 62.62 -53.70
C ALA B 1416 -20.62 62.73 -52.24
N GLY B 1417 -19.37 62.42 -51.90
CA GLY B 1417 -18.96 62.55 -50.52
C GLY B 1417 -19.00 63.98 -50.02
N ILE B 1418 -18.44 64.91 -50.81
CA ILE B 1418 -18.47 66.30 -50.37
C ILE B 1418 -19.89 66.84 -50.43
N ALA B 1419 -20.65 66.46 -51.46
CA ALA B 1419 -22.03 66.90 -51.54
C ALA B 1419 -22.82 66.40 -50.34
N GLY B 1420 -22.65 65.13 -49.99
CA GLY B 1420 -23.24 64.64 -48.77
C GLY B 1420 -22.68 65.34 -47.55
N LEU B 1421 -21.38 65.62 -47.57
CA LEU B 1421 -20.80 66.37 -46.46
C LEU B 1421 -21.37 67.77 -46.42
N THR B 1422 -21.49 68.41 -47.56
CA THR B 1422 -22.05 69.76 -47.59
C THR B 1422 -23.49 69.76 -47.10
N LYS B 1423 -24.26 68.75 -47.49
CA LYS B 1423 -25.65 68.70 -47.05
C LYS B 1423 -25.73 68.69 -45.54
N ILE B 1424 -24.90 67.88 -44.89
CA ILE B 1424 -24.99 67.79 -43.44
C ILE B 1424 -24.71 69.14 -42.82
N LEU B 1425 -23.67 69.82 -43.28
CA LEU B 1425 -23.26 71.04 -42.61
C LEU B 1425 -24.35 72.09 -42.69
N LEU B 1426 -25.02 72.20 -43.84
CA LEU B 1426 -26.11 73.18 -43.94
C LEU B 1426 -27.23 72.83 -42.96
N GLN B 1427 -27.61 71.55 -42.90
CA GLN B 1427 -28.60 71.17 -41.90
C GLN B 1427 -28.10 71.52 -40.51
N MET B 1428 -26.82 71.27 -40.25
CA MET B 1428 -26.25 71.61 -38.96
C MET B 1428 -26.15 73.10 -38.76
N LYS B 1429 -26.14 73.88 -39.84
CA LYS B 1429 -26.08 75.34 -39.71
C LYS B 1429 -27.46 75.94 -39.49
N TYR B 1430 -28.42 75.56 -40.33
CA TYR B 1430 -29.77 76.11 -40.27
C TYR B 1430 -30.62 75.43 -39.22
N LYS B 1431 -30.16 74.32 -38.64
CA LYS B 1431 -30.91 73.62 -37.61
C LYS B 1431 -32.23 73.10 -38.14
N ARG B 1432 -32.20 72.56 -39.36
CA ARG B 1432 -33.43 72.09 -39.99
C ARG B 1432 -33.13 70.88 -40.86
N LEU B 1433 -33.60 69.72 -40.44
CA LEU B 1433 -33.51 68.52 -41.27
C LEU B 1433 -34.32 68.74 -42.53
N VAL B 1434 -33.76 68.38 -43.68
CA VAL B 1434 -34.40 68.67 -44.95
C VAL B 1434 -35.19 67.45 -45.40
N PRO B 1435 -36.31 67.63 -46.10
CA PRO B 1435 -37.02 66.47 -46.63
C PRO B 1435 -36.19 65.73 -47.65
N SER B 1436 -36.40 64.42 -47.74
CA SER B 1436 -35.88 63.64 -48.85
C SER B 1436 -36.88 63.67 -49.99
N LEU B 1437 -36.64 62.87 -51.01
CA LEU B 1437 -37.49 62.82 -52.18
C LEU B 1437 -37.62 61.39 -52.66
N HIS B 1438 -38.74 61.10 -53.31
CA HIS B 1438 -38.99 59.82 -53.95
C HIS B 1438 -39.08 58.69 -52.94
N SER B 1439 -39.17 59.02 -51.65
CA SER B 1439 -39.35 58.06 -50.58
C SER B 1439 -40.74 58.11 -49.97
N ARG B 1440 -41.76 58.31 -50.80
CA ARG B 1440 -43.12 58.35 -50.29
C ARG B 1440 -43.57 56.97 -49.81
N THR B 1441 -43.17 55.91 -50.52
CA THR B 1441 -43.65 54.55 -50.29
C THR B 1441 -42.64 53.63 -49.62
N LEU B 1442 -41.35 53.79 -49.90
CA LEU B 1442 -40.29 52.98 -49.29
C LEU B 1442 -40.27 51.61 -49.93
N ASN B 1443 -39.11 50.93 -49.86
CA ASN B 1443 -39.01 49.61 -50.44
C ASN B 1443 -39.87 48.62 -49.66
N PRO B 1444 -40.73 47.85 -50.33
CA PRO B 1444 -41.51 46.83 -49.60
C PRO B 1444 -40.64 45.73 -49.03
N ASN B 1445 -39.44 45.52 -49.58
CA ASN B 1445 -38.61 44.41 -49.16
C ASN B 1445 -38.22 44.52 -47.69
N ILE B 1446 -37.91 45.73 -47.24
CA ILE B 1446 -37.34 45.98 -45.91
C ILE B 1446 -38.33 46.78 -45.08
N ASP B 1447 -38.50 46.39 -43.82
CA ASP B 1447 -39.39 47.07 -42.90
C ASP B 1447 -38.58 47.96 -41.98
N PHE B 1448 -38.91 49.24 -41.95
CA PHE B 1448 -38.17 50.19 -41.12
C PHE B 1448 -38.68 50.24 -39.70
N SER B 1449 -39.77 49.54 -39.38
CA SER B 1449 -40.23 49.49 -38.00
C SER B 1449 -39.18 48.87 -37.10
N LYS B 1450 -38.57 47.76 -37.54
CA LYS B 1450 -37.53 47.14 -36.75
C LYS B 1450 -36.22 47.91 -36.82
N THR B 1451 -35.94 48.58 -37.94
CA THR B 1451 -34.73 49.34 -38.07
C THR B 1451 -34.79 50.58 -37.20
N PRO B 1452 -33.64 51.15 -36.83
CA PRO B 1452 -33.66 52.37 -36.02
C PRO B 1452 -33.76 53.63 -36.87
N PHE B 1453 -34.07 53.49 -38.15
CA PHE B 1453 -34.00 54.59 -39.10
C PHE B 1453 -35.34 54.79 -39.80
N VAL B 1454 -35.75 56.05 -39.90
CA VAL B 1454 -36.96 56.45 -40.60
C VAL B 1454 -36.58 57.53 -41.60
N VAL B 1455 -37.00 57.36 -42.85
CA VAL B 1455 -36.61 58.29 -43.90
C VAL B 1455 -37.35 59.61 -43.72
N GLN B 1456 -36.62 60.71 -43.84
CA GLN B 1456 -37.21 62.02 -43.63
C GLN B 1456 -38.12 62.37 -44.80
N GLN B 1457 -39.31 62.89 -44.47
CA GLN B 1457 -40.32 63.24 -45.46
C GLN B 1457 -40.67 64.71 -45.50
N GLU B 1458 -40.35 65.48 -44.46
CA GLU B 1458 -40.74 66.88 -44.41
C GLU B 1458 -39.70 67.68 -43.65
N LEU B 1459 -39.62 68.97 -44.00
CA LEU B 1459 -38.74 69.88 -43.28
C LEU B 1459 -39.18 69.95 -41.83
N ALA B 1460 -38.22 69.83 -40.91
CA ALA B 1460 -38.52 69.91 -39.49
C ALA B 1460 -37.35 70.51 -38.75
N GLU B 1461 -37.62 71.09 -37.61
CA GLU B 1461 -36.54 71.56 -36.76
C GLU B 1461 -35.68 70.37 -36.35
N TRP B 1462 -34.36 70.53 -36.41
CA TRP B 1462 -33.44 69.45 -36.03
C TRP B 1462 -33.21 69.53 -34.52
N LYS B 1463 -34.06 68.84 -33.77
CA LYS B 1463 -34.06 68.98 -32.32
C LYS B 1463 -32.81 68.36 -31.68
N ARG B 1464 -32.38 68.97 -30.57
CA ARG B 1464 -31.19 68.55 -29.82
C ARG B 1464 -31.42 67.25 -29.07
N PRO B 1465 -30.50 66.28 -29.10
CA PRO B 1465 -30.77 64.99 -28.45
C PRO B 1465 -30.73 65.09 -26.93
N VAL B 1466 -31.73 64.48 -26.30
CA VAL B 1466 -31.76 64.25 -24.88
C VAL B 1466 -32.14 62.79 -24.68
N ILE B 1467 -31.32 62.05 -23.95
CA ILE B 1467 -31.53 60.61 -23.78
C ILE B 1467 -31.01 60.15 -22.42
N GLU B 1468 -31.58 59.04 -21.96
CA GLU B 1468 -31.22 58.41 -20.69
C GLU B 1468 -30.56 57.10 -21.05
N ILE B 1469 -29.29 56.98 -20.79
CA ILE B 1469 -28.57 55.74 -21.06
C ILE B 1469 -27.90 55.30 -19.78
N ASP B 1470 -28.11 54.04 -19.40
CA ASP B 1470 -27.55 53.48 -18.16
C ASP B 1470 -27.99 54.27 -16.93
N GLY B 1471 -29.27 54.62 -16.90
CA GLY B 1471 -29.82 55.35 -15.76
C GLY B 1471 -29.51 56.84 -15.76
N VAL B 1472 -28.93 57.38 -16.82
CA VAL B 1472 -28.47 58.75 -16.88
C VAL B 1472 -29.08 59.44 -18.10
N THR B 1473 -29.88 60.49 -17.85
CA THR B 1473 -30.41 61.36 -18.90
C THR B 1473 -29.42 62.50 -19.13
N ARG B 1474 -29.02 62.69 -20.39
CA ARG B 1474 -28.16 63.81 -20.72
C ARG B 1474 -28.57 64.38 -22.07
N GLU B 1475 -28.27 65.66 -22.27
CA GLU B 1475 -28.40 66.26 -23.60
C GLU B 1475 -27.00 66.31 -24.21
N TYR B 1476 -26.80 65.47 -25.22
CA TYR B 1476 -25.64 65.47 -26.08
C TYR B 1476 -25.86 66.40 -27.28
N ALA B 1477 -24.81 66.57 -28.08
CA ALA B 1477 -24.85 67.49 -29.21
C ALA B 1477 -25.57 66.84 -30.41
N ARG B 1478 -25.54 67.51 -31.56
CA ARG B 1478 -26.15 67.03 -32.79
C ARG B 1478 -25.10 66.25 -33.57
N ILE B 1479 -25.13 64.94 -33.43
CA ILE B 1479 -24.17 64.08 -34.10
C ILE B 1479 -24.76 63.56 -35.40
N ALA B 1480 -23.90 63.40 -36.41
CA ALA B 1480 -24.33 62.87 -37.70
C ALA B 1480 -23.20 62.03 -38.29
N GLY B 1481 -23.57 61.12 -39.17
CA GLY B 1481 -22.60 60.30 -39.86
C GLY B 1481 -22.96 60.21 -41.33
N ILE B 1482 -21.96 59.86 -42.13
CA ILE B 1482 -22.13 59.77 -43.58
C ILE B 1482 -21.38 58.55 -44.11
N SER B 1483 -21.91 57.94 -45.16
CA SER B 1483 -21.29 56.79 -45.81
C SER B 1483 -21.11 57.06 -47.30
N SER B 1484 -20.09 56.45 -47.88
CA SER B 1484 -19.89 56.48 -49.33
C SER B 1484 -19.34 55.13 -49.76
N PHE B 1485 -20.16 54.35 -50.43
CA PHE B 1485 -19.78 53.00 -50.84
C PHE B 1485 -19.56 52.97 -52.34
N GLY B 1486 -18.34 52.65 -52.74
CA GLY B 1486 -17.98 52.66 -54.13
C GLY B 1486 -18.30 51.38 -54.83
N ALA B 1487 -18.42 51.45 -56.15
CA ALA B 1487 -18.72 50.26 -56.93
C ALA B 1487 -17.61 49.22 -56.81
N GLY B 1488 -16.36 49.66 -56.84
CA GLY B 1488 -15.26 48.71 -56.78
C GLY B 1488 -15.29 47.88 -55.51
N GLY B 1489 -15.70 48.48 -54.39
CA GLY B 1489 -15.82 47.75 -53.15
C GLY B 1489 -15.25 48.54 -51.98
N ALA B 1490 -14.54 49.62 -52.29
CA ALA B 1490 -13.99 50.48 -51.25
C ALA B 1490 -15.11 51.14 -50.46
N ASN B 1491 -14.92 51.28 -49.15
CA ASN B 1491 -15.92 51.90 -48.29
C ASN B 1491 -15.27 52.91 -47.36
N ALA B 1492 -16.06 53.91 -46.95
CA ALA B 1492 -15.59 54.94 -46.05
C ALA B 1492 -16.76 55.50 -45.26
N HIS B 1493 -16.45 56.11 -44.12
CA HIS B 1493 -17.47 56.76 -43.31
C HIS B 1493 -16.87 57.80 -42.40
N LEU B 1494 -17.67 58.80 -42.02
CA LEU B 1494 -17.23 59.91 -41.19
C LEU B 1494 -18.19 60.14 -40.05
N VAL B 1495 -17.68 60.76 -38.98
CA VAL B 1495 -18.48 61.16 -37.83
C VAL B 1495 -18.27 62.64 -37.61
N ILE B 1496 -19.36 63.39 -37.55
CA ILE B 1496 -19.31 64.84 -37.44
C ILE B 1496 -20.13 65.27 -36.22
N GLU B 1497 -19.80 66.43 -35.68
CA GLU B 1497 -20.54 66.98 -34.56
C GLU B 1497 -20.52 68.49 -34.65
N GLU B 1498 -21.60 69.12 -34.24
CA GLU B 1498 -21.65 70.57 -34.23
C GLU B 1498 -20.73 71.10 -33.13
N TYR B 1499 -20.23 72.32 -33.34
CA TYR B 1499 -19.34 72.94 -32.38
C TYR B 1499 -20.11 73.97 -31.58
N ILE B 1500 -19.96 73.91 -30.26
CA ILE B 1500 -20.67 74.77 -29.33
C ILE B 1500 -19.71 75.84 -28.87
N GLU B 1501 -20.15 77.10 -28.95
CA GLU B 1501 -19.33 78.21 -28.50
C GLU B 1501 -19.44 78.32 -26.99
N ALA B 1502 -18.31 78.23 -26.29
CA ALA B 1502 -18.34 78.32 -24.84
C ALA B 1502 -18.74 79.72 -24.39
N GLU B 1503 -17.96 80.72 -24.79
CA GLU B 1503 -18.23 82.09 -24.41
C GLU B 1503 -17.48 83.02 -25.34
N HIS B 1504 -18.22 83.80 -26.12
CA HIS B 1504 -17.64 84.78 -27.03
C HIS B 1504 -18.73 85.64 -27.65
N ARG B 1505 -18.55 86.96 -27.64
CA ARG B 1505 -19.56 87.86 -28.17
C ARG B 1505 -18.91 89.18 -28.54
N PRO B 1506 -19.19 89.74 -29.71
CA PRO B 1506 -18.66 91.06 -30.05
C PRO B 1506 -19.49 92.16 -29.43
N PRO B 1507 -18.93 92.93 -28.48
CA PRO B 1507 -19.74 93.90 -27.73
C PRO B 1507 -19.94 95.21 -28.48
N SER B 1508 -20.21 95.13 -29.78
CA SER B 1508 -20.56 96.28 -30.61
C SER B 1508 -19.71 97.51 -30.24
N SER B 1509 -18.40 97.34 -30.36
CA SER B 1509 -17.51 98.46 -30.08
C SER B 1509 -17.67 99.58 -31.11
N ILE B 1510 -18.34 99.32 -32.22
CA ILE B 1510 -18.44 100.31 -33.29
C ILE B 1510 -19.12 101.56 -32.77
N SER B 1511 -18.53 102.71 -33.06
CA SER B 1511 -19.08 104.01 -32.68
C SER B 1511 -18.34 105.08 -33.47
N SER B 1512 -18.72 106.34 -33.25
CA SER B 1512 -18.04 107.43 -33.94
C SER B 1512 -16.59 107.55 -33.49
N LYS B 1513 -16.32 107.25 -32.22
CA LYS B 1513 -14.94 107.22 -31.75
C LYS B 1513 -14.14 106.16 -32.50
N ASN B 1514 -14.69 104.96 -32.63
CA ASN B 1514 -14.04 103.84 -33.29
C ASN B 1514 -15.04 103.25 -34.27
N PRO B 1515 -15.20 103.86 -35.44
CA PRO B 1515 -16.19 103.39 -36.41
C PRO B 1515 -15.69 102.20 -37.22
N ALA B 1516 -16.61 101.65 -38.02
CA ALA B 1516 -16.28 100.54 -38.90
C ALA B 1516 -15.64 101.05 -40.19
N VAL B 1517 -14.75 100.24 -40.76
CA VAL B 1517 -13.95 100.62 -41.92
C VAL B 1517 -14.14 99.53 -42.96
N ILE B 1518 -15.16 99.66 -43.80
CA ILE B 1518 -15.47 98.65 -44.80
C ILE B 1518 -14.66 98.94 -46.05
N VAL B 1519 -14.10 97.88 -46.65
CA VAL B 1519 -13.26 98.03 -47.84
C VAL B 1519 -13.54 96.85 -48.78
N LEU B 1520 -13.67 97.15 -50.07
CA LEU B 1520 -13.76 96.13 -51.10
C LEU B 1520 -12.70 96.38 -52.16
N SER B 1521 -12.52 95.40 -53.04
CA SER B 1521 -11.49 95.52 -54.07
C SER B 1521 -11.73 94.46 -55.13
N ALA B 1522 -11.42 94.80 -56.39
CA ALA B 1522 -11.59 93.89 -57.50
C ALA B 1522 -10.65 94.29 -58.63
N LYS B 1523 -10.44 93.35 -59.56
CA LYS B 1523 -9.46 93.53 -60.63
C LYS B 1523 -9.84 94.62 -61.60
N ASN B 1524 -11.09 95.09 -61.57
CA ASN B 1524 -11.52 96.18 -62.42
C ASN B 1524 -12.74 96.80 -61.75
N LYS B 1525 -13.48 97.63 -62.49
CA LYS B 1525 -14.68 98.22 -61.89
C LYS B 1525 -15.88 97.30 -62.03
N ASP B 1526 -16.02 96.66 -63.19
CA ASP B 1526 -17.13 95.73 -63.38
C ASP B 1526 -17.16 94.71 -62.26
N ARG B 1527 -16.02 94.10 -61.97
CA ARG B 1527 -15.97 93.16 -60.85
C ARG B 1527 -16.22 93.86 -59.53
N LEU B 1528 -15.73 95.09 -59.38
CA LEU B 1528 -15.93 95.81 -58.12
C LEU B 1528 -17.40 96.12 -57.90
N ARG B 1529 -18.10 96.57 -58.94
CA ARG B 1529 -19.50 96.93 -58.77
C ARG B 1529 -20.33 95.71 -58.38
N GLU B 1530 -20.05 94.56 -59.00
CA GLU B 1530 -20.75 93.33 -58.63
C GLU B 1530 -20.53 92.99 -57.16
N GLN B 1531 -19.29 93.13 -56.68
CA GLN B 1531 -19.03 92.77 -55.30
C GLN B 1531 -19.87 93.62 -54.37
N VAL B 1532 -20.00 94.91 -54.68
CA VAL B 1532 -20.88 95.76 -53.88
C VAL B 1532 -22.29 95.18 -53.90
N GLN B 1533 -22.80 94.84 -55.08
CA GLN B 1533 -24.17 94.34 -55.17
C GLN B 1533 -24.33 93.07 -54.35
N ARG B 1534 -23.42 92.11 -54.53
CA ARG B 1534 -23.53 90.86 -53.79
C ARG B 1534 -23.37 91.09 -52.31
N LEU B 1535 -22.52 92.04 -51.91
CA LEU B 1535 -22.42 92.36 -50.49
C LEU B 1535 -23.74 92.89 -49.95
N LEU B 1536 -24.40 93.77 -50.71
CA LEU B 1536 -25.67 94.31 -50.24
C LEU B 1536 -26.70 93.21 -50.06
N SER B 1537 -26.83 92.32 -51.05
CA SER B 1537 -27.81 91.24 -50.94
C SER B 1537 -27.50 90.33 -49.77
N ALA B 1538 -26.23 90.04 -49.54
CA ALA B 1538 -25.86 89.17 -48.42
C ALA B 1538 -26.16 89.82 -47.09
N ILE B 1539 -25.93 91.13 -46.99
CA ILE B 1539 -26.36 91.87 -45.82
C ILE B 1539 -27.87 91.76 -45.65
N ARG B 1540 -28.60 91.65 -46.76
CA ARG B 1540 -30.05 91.51 -46.67
C ARG B 1540 -30.45 90.07 -46.40
N GLU B 1541 -30.04 89.16 -47.28
CA GLU B 1541 -30.51 87.77 -47.19
C GLU B 1541 -30.10 87.12 -45.88
N GLN B 1542 -28.93 87.46 -45.34
CA GLN B 1542 -28.47 86.88 -44.08
C GLN B 1542 -28.81 87.74 -42.87
N VAL B 1543 -29.21 88.99 -43.06
CA VAL B 1543 -29.74 89.82 -41.99
C VAL B 1543 -28.67 90.07 -40.92
N LEU B 1544 -27.64 90.83 -41.27
CA LEU B 1544 -26.60 91.18 -40.33
C LEU B 1544 -26.99 92.43 -39.54
N THR B 1545 -26.40 92.55 -38.34
CA THR B 1545 -26.78 93.57 -37.36
C THR B 1545 -25.57 94.45 -37.04
N ASP B 1546 -25.77 95.40 -36.13
CA ASP B 1546 -24.70 96.29 -35.75
C ASP B 1546 -23.53 95.55 -35.13
N ASN B 1547 -23.78 94.45 -34.41
CA ASN B 1547 -22.68 93.72 -33.80
C ASN B 1547 -21.75 93.13 -34.86
N ASP B 1548 -22.31 92.67 -35.97
CA ASP B 1548 -21.53 92.06 -37.01
C ASP B 1548 -20.59 93.03 -37.68
N LEU B 1549 -20.81 94.34 -37.52
CA LEU B 1549 -20.07 95.31 -38.29
C LEU B 1549 -18.57 95.10 -38.13
N ALA B 1550 -18.10 95.07 -36.88
CA ALA B 1550 -16.67 94.86 -36.66
C ALA B 1550 -16.20 93.61 -37.37
N GLU B 1551 -16.95 92.52 -37.23
CA GLU B 1551 -16.57 91.29 -37.91
C GLU B 1551 -16.68 91.43 -39.42
N ILE B 1552 -17.72 92.11 -39.89
CA ILE B 1552 -17.87 92.31 -41.33
C ILE B 1552 -16.68 93.08 -41.88
N ALA B 1553 -16.32 94.18 -41.21
CA ALA B 1553 -15.11 94.89 -41.58
C ALA B 1553 -13.88 93.99 -41.50
N TYR B 1554 -13.78 93.22 -40.41
CA TYR B 1554 -12.57 92.44 -40.18
C TYR B 1554 -12.34 91.45 -41.30
N THR B 1555 -13.36 90.65 -41.61
CA THR B 1555 -13.20 89.69 -42.69
C THR B 1555 -12.86 90.40 -43.99
N LEU B 1556 -13.56 91.50 -44.28
CA LEU B 1556 -13.28 92.22 -45.51
C LEU B 1556 -11.91 92.87 -45.50
N GLN B 1557 -11.30 93.01 -44.33
CA GLN B 1557 -9.99 93.65 -44.24
C GLN B 1557 -8.85 92.66 -44.52
N VAL B 1558 -8.85 91.51 -43.84
CA VAL B 1558 -7.76 90.55 -43.98
C VAL B 1558 -8.17 89.43 -44.92
N GLY B 1559 -9.42 89.01 -44.85
CA GLY B 1559 -9.84 87.84 -45.57
C GLY B 1559 -10.03 88.05 -47.05
N ARG B 1560 -9.74 89.24 -47.54
CA ARG B 1560 -9.81 89.54 -48.96
C ARG B 1560 -8.46 90.08 -49.39
N GLU B 1561 -8.00 89.61 -50.54
CA GLU B 1561 -6.69 89.96 -51.03
C GLU B 1561 -6.76 91.27 -51.81
N ALA B 1562 -5.87 92.19 -51.47
CA ALA B 1562 -5.92 93.55 -52.02
C ALA B 1562 -5.80 93.49 -53.54
N MET B 1563 -6.70 94.19 -54.24
CA MET B 1563 -6.73 94.20 -55.69
C MET B 1563 -6.27 95.56 -56.21
N GLU B 1564 -6.47 95.78 -57.51
CA GLU B 1564 -6.11 97.05 -58.14
C GLU B 1564 -7.22 98.08 -57.99
N GLU B 1565 -8.44 97.74 -58.38
CA GLU B 1565 -9.59 98.63 -58.21
C GLU B 1565 -10.06 98.49 -56.78
N ARG B 1566 -10.25 99.62 -56.11
CA ARG B 1566 -10.55 99.63 -54.69
C ARG B 1566 -11.63 100.65 -54.39
N PHE B 1567 -12.38 100.38 -53.33
CA PHE B 1567 -13.41 101.28 -52.84
C PHE B 1567 -13.57 101.07 -51.34
N ALA B 1568 -13.82 102.15 -50.62
CA ALA B 1568 -13.87 102.07 -49.17
C ALA B 1568 -14.79 103.15 -48.63
N VAL B 1569 -15.29 102.92 -47.42
CA VAL B 1569 -16.17 103.86 -46.73
C VAL B 1569 -15.92 103.74 -45.24
N ILE B 1570 -16.29 104.79 -44.51
CA ILE B 1570 -16.26 104.79 -43.05
C ILE B 1570 -17.70 104.74 -42.57
N VAL B 1571 -18.00 103.80 -41.67
CA VAL B 1571 -19.37 103.56 -41.24
C VAL B 1571 -19.43 103.38 -39.73
N LYS B 1572 -20.61 103.65 -39.20
CA LYS B 1572 -20.99 103.43 -37.82
C LYS B 1572 -22.13 102.42 -37.67
N SER B 1573 -23.04 102.35 -38.63
CA SER B 1573 -24.25 101.56 -38.51
C SER B 1573 -24.53 100.77 -39.78
N ILE B 1574 -25.34 99.72 -39.64
CA ILE B 1574 -25.70 98.89 -40.78
C ILE B 1574 -26.46 99.70 -41.81
N SER B 1575 -27.44 100.47 -41.36
CA SER B 1575 -28.20 101.31 -42.30
C SER B 1575 -27.27 102.24 -43.06
N GLU B 1576 -26.24 102.76 -42.37
CA GLU B 1576 -25.30 103.65 -43.02
C GLU B 1576 -24.55 102.94 -44.14
N LEU B 1577 -24.12 101.70 -43.89
CA LEU B 1577 -23.44 100.94 -44.92
C LEU B 1577 -24.38 100.62 -46.08
N GLU B 1578 -25.61 100.24 -45.77
CA GLU B 1578 -26.57 99.94 -46.82
C GLU B 1578 -26.76 101.14 -47.74
N ALA B 1579 -26.91 102.33 -47.14
CA ALA B 1579 -27.14 103.52 -47.94
C ALA B 1579 -25.96 103.84 -48.83
N LYS B 1580 -24.75 103.85 -48.26
CA LYS B 1580 -23.59 104.29 -49.03
C LYS B 1580 -23.32 103.35 -50.19
N LEU B 1581 -23.43 102.05 -49.97
CA LEU B 1581 -23.22 101.12 -51.08
C LEU B 1581 -24.23 101.40 -52.18
N THR B 1582 -25.47 101.68 -51.80
CA THR B 1582 -26.47 102.09 -52.77
C THR B 1582 -26.07 103.41 -53.44
N TYR B 1583 -25.32 104.25 -52.73
CA TYR B 1583 -24.78 105.45 -53.36
C TYR B 1583 -23.90 105.07 -54.54
N TYR B 1584 -22.93 104.17 -54.30
CA TYR B 1584 -22.00 103.80 -55.37
C TYR B 1584 -22.72 103.20 -56.56
N LEU B 1585 -23.69 102.30 -56.31
CA LEU B 1585 -24.31 101.58 -57.41
C LEU B 1585 -24.92 102.53 -58.42
N LYS B 1586 -25.56 103.59 -57.96
CA LYS B 1586 -26.00 104.64 -58.86
C LYS B 1586 -24.79 105.35 -59.44
N ASP B 1587 -24.93 105.81 -60.69
CA ASP B 1587 -23.81 106.41 -61.39
C ASP B 1587 -23.56 107.85 -60.95
N GLU B 1588 -22.65 108.04 -60.01
CA GLU B 1588 -22.23 109.36 -59.54
C GLU B 1588 -20.72 109.37 -59.46
N ALA B 1589 -20.11 110.40 -60.07
CA ALA B 1589 -18.65 110.49 -60.03
C ALA B 1589 -18.13 110.97 -58.70
N ASP B 1590 -18.93 111.69 -57.91
CA ASP B 1590 -18.52 112.20 -56.62
C ASP B 1590 -19.50 111.73 -55.57
N SER B 1591 -18.98 111.33 -54.42
CA SER B 1591 -19.76 110.83 -53.30
C SER B 1591 -19.18 111.38 -52.01
N PRO B 1592 -20.00 111.53 -50.98
CA PRO B 1592 -19.49 112.05 -49.71
C PRO B 1592 -18.87 110.94 -48.87
N ASP B 1593 -17.61 111.12 -48.50
CA ASP B 1593 -16.93 110.18 -47.61
C ASP B 1593 -16.92 108.77 -48.19
N LEU B 1594 -16.95 108.68 -49.53
CA LEU B 1594 -16.82 107.40 -50.23
C LEU B 1594 -15.49 107.45 -50.98
N PHE B 1595 -14.50 106.75 -50.46
CA PHE B 1595 -13.13 106.87 -50.94
C PHE B 1595 -12.89 105.87 -52.06
N THR B 1596 -12.76 106.37 -53.28
CA THR B 1596 -12.52 105.55 -54.45
C THR B 1596 -11.14 105.85 -55.01
N GLY B 1597 -10.64 104.91 -55.82
CA GLY B 1597 -9.26 105.03 -56.28
C GLY B 1597 -8.86 103.81 -57.07
N GLN B 1598 -7.58 103.79 -57.44
CA GLN B 1598 -6.98 102.67 -58.15
C GLN B 1598 -5.53 102.51 -57.72
N VAL B 1599 -4.86 101.53 -58.33
CA VAL B 1599 -3.42 101.36 -58.17
C VAL B 1599 -2.69 101.33 -59.50
N LYS B 1600 -3.40 101.24 -60.63
CA LYS B 1600 -2.75 101.19 -61.93
C LYS B 1600 -1.86 102.41 -62.14
N ARG B 1601 -2.24 103.55 -61.56
CA ARG B 1601 -1.50 104.79 -61.82
C ARG B 1601 -0.39 105.00 -60.81
N ASN B 1602 -0.71 105.10 -59.53
CA ASN B 1602 0.26 105.41 -58.49
C ASN B 1602 1.04 104.15 -58.14
N LYS B 1603 2.30 104.10 -58.55
CA LYS B 1603 3.16 102.96 -58.27
C LYS B 1603 4.37 103.37 -57.46
N GLU B 1604 5.15 104.33 -57.97
CA GLU B 1604 6.38 104.73 -57.31
C GLU B 1604 6.10 105.53 -56.04
N THR B 1605 5.16 106.47 -56.10
CA THR B 1605 4.94 107.34 -54.95
C THR B 1605 4.41 106.53 -53.76
N MET B 1606 3.45 105.64 -54.02
CA MET B 1606 2.99 104.75 -52.97
C MET B 1606 4.10 103.81 -52.53
N ASP B 1607 4.96 103.40 -53.45
CA ASP B 1607 6.02 102.46 -53.12
C ASP B 1607 6.99 103.07 -52.12
N VAL B 1608 7.46 104.29 -52.40
CA VAL B 1608 8.46 104.92 -51.55
C VAL B 1608 7.93 105.16 -50.15
N PHE B 1609 6.61 105.25 -49.98
CA PHE B 1609 6.04 105.44 -48.65
C PHE B 1609 6.50 104.32 -47.73
N ALA B 1610 6.15 103.09 -48.08
CA ALA B 1610 6.53 101.96 -47.22
C ALA B 1610 8.03 101.82 -47.10
N ALA B 1611 8.79 102.28 -48.10
CA ALA B 1611 10.25 102.16 -48.09
C ALA B 1611 10.85 103.28 -47.25
N ASP B 1612 10.39 103.37 -46.01
CA ASP B 1612 10.89 104.36 -45.07
C ASP B 1612 10.32 104.07 -43.69
N GLU B 1613 11.17 104.21 -42.67
CA GLU B 1613 10.72 103.99 -41.30
C GLU B 1613 10.07 105.24 -40.73
N ASP B 1614 10.66 106.41 -40.99
CA ASP B 1614 10.08 107.65 -40.49
C ASP B 1614 8.69 107.86 -41.06
N LEU B 1615 8.53 107.61 -42.36
CA LEU B 1615 7.22 107.74 -42.97
C LEU B 1615 6.25 106.69 -42.43
N GLN B 1616 6.76 105.48 -42.17
CA GLN B 1616 5.92 104.46 -41.57
C GLN B 1616 5.42 104.91 -40.19
N GLN B 1617 6.28 105.56 -39.42
CA GLN B 1617 5.86 106.09 -38.12
C GLN B 1617 4.67 107.01 -38.26
N ALA B 1618 4.63 107.80 -39.34
CA ALA B 1618 3.53 108.72 -39.53
C ALA B 1618 2.21 107.98 -39.70
N ILE B 1619 2.22 106.91 -40.50
CA ILE B 1619 0.99 106.14 -40.70
C ILE B 1619 0.55 105.52 -39.38
N ASP B 1620 1.49 104.98 -38.61
CA ASP B 1620 1.15 104.47 -37.29
C ASP B 1620 0.54 105.57 -36.44
N THR B 1621 1.06 106.79 -36.55
CA THR B 1621 0.49 107.92 -35.84
C THR B 1621 -0.94 108.18 -36.26
N TRP B 1622 -1.22 108.14 -37.57
CA TRP B 1622 -2.59 108.31 -38.03
C TRP B 1622 -3.51 107.29 -37.38
N ILE B 1623 -3.11 106.02 -37.38
CA ILE B 1623 -3.91 104.98 -36.75
C ILE B 1623 -4.15 105.31 -35.29
N THR B 1624 -3.11 105.79 -34.62
CA THR B 1624 -3.26 106.23 -33.24
C THR B 1624 -4.29 107.35 -33.14
N LYS B 1625 -4.19 108.33 -34.06
CA LYS B 1625 -5.03 109.52 -33.96
C LYS B 1625 -6.43 109.29 -34.51
N GLY B 1626 -6.66 108.20 -35.24
CA GLY B 1626 -7.98 107.91 -35.74
C GLY B 1626 -8.33 108.62 -37.02
N LYS B 1627 -7.33 109.04 -37.80
CA LYS B 1627 -7.57 109.74 -39.04
C LYS B 1627 -7.97 108.77 -40.14
N TYR B 1628 -9.01 107.98 -39.90
CA TYR B 1628 -9.34 106.90 -40.83
C TYR B 1628 -9.65 107.43 -42.21
N ALA B 1629 -10.08 108.68 -42.31
CA ALA B 1629 -10.38 109.25 -43.63
C ALA B 1629 -9.12 109.29 -44.48
N LYS B 1630 -8.01 109.75 -43.91
CA LYS B 1630 -6.80 109.91 -44.71
C LYS B 1630 -6.22 108.56 -45.13
N ILE B 1631 -6.23 107.58 -44.23
CA ILE B 1631 -5.64 106.28 -44.57
C ILE B 1631 -6.34 105.68 -45.77
N LEU B 1632 -7.68 105.62 -45.72
CA LEU B 1632 -8.43 105.13 -46.87
C LEU B 1632 -8.16 106.01 -48.09
N GLN B 1633 -8.10 107.32 -47.88
CA GLN B 1633 -7.75 108.22 -48.97
C GLN B 1633 -6.43 107.83 -49.60
N MET B 1634 -5.51 107.26 -48.82
CA MET B 1634 -4.24 106.77 -49.37
C MET B 1634 -4.27 105.28 -49.68
N TRP B 1635 -5.07 104.51 -48.94
CA TRP B 1635 -5.15 103.07 -49.20
C TRP B 1635 -5.73 102.80 -50.58
N VAL B 1636 -6.75 103.57 -50.98
CA VAL B 1636 -7.35 103.38 -52.30
C VAL B 1636 -6.36 103.68 -53.40
N GLN B 1637 -5.27 104.34 -53.08
CA GLN B 1637 -4.25 104.66 -54.08
C GLN B 1637 -3.17 103.59 -54.17
N GLY B 1638 -3.10 102.66 -53.23
CA GLY B 1638 -2.11 101.62 -53.26
C GLY B 1638 -1.53 101.32 -51.90
N LEU B 1639 -1.58 102.31 -51.00
CA LEU B 1639 -0.96 102.21 -49.69
C LEU B 1639 -1.40 100.93 -48.98
N ILE B 1640 -0.43 100.24 -48.38
CA ILE B 1640 -0.67 98.99 -47.69
C ILE B 1640 -0.18 99.13 -46.25
N PHE B 1641 -0.99 98.67 -45.31
CA PHE B 1641 -0.63 98.72 -43.90
C PHE B 1641 -1.35 97.60 -43.18
N ASP B 1642 -0.84 97.25 -42.00
CA ASP B 1642 -1.43 96.15 -41.22
C ASP B 1642 -2.72 96.63 -40.57
N TRP B 1643 -3.82 95.94 -40.88
CA TRP B 1643 -5.08 96.24 -40.24
C TRP B 1643 -5.13 95.74 -38.81
N ASN B 1644 -4.27 94.78 -38.44
CA ASN B 1644 -4.15 94.44 -37.02
C ASN B 1644 -3.75 95.66 -36.21
N LYS B 1645 -3.09 96.63 -36.83
CA LYS B 1645 -2.65 97.80 -36.09
C LYS B 1645 -3.82 98.57 -35.51
N LEU B 1646 -5.00 98.46 -36.11
CA LEU B 1646 -6.15 99.19 -35.58
C LEU B 1646 -6.48 98.75 -34.17
N TYR B 1647 -6.58 97.44 -33.95
CA TYR B 1647 -6.87 96.90 -32.62
C TYR B 1647 -5.74 95.96 -32.25
N GLY B 1648 -5.05 96.27 -31.15
CA GLY B 1648 -3.89 95.51 -30.75
C GLY B 1648 -4.18 94.21 -30.05
N ASP B 1649 -5.45 93.89 -29.81
CA ASP B 1649 -5.79 92.66 -29.12
C ASP B 1649 -7.23 92.31 -29.41
N THR B 1650 -7.57 91.04 -29.20
CA THR B 1650 -8.92 90.53 -29.34
C THR B 1650 -9.52 90.92 -30.69
N LYS B 1651 -8.88 90.41 -31.73
CA LYS B 1651 -9.42 90.57 -33.06
C LYS B 1651 -10.77 89.86 -33.16
N PRO B 1652 -11.72 90.41 -33.89
CA PRO B 1652 -13.07 89.85 -33.93
C PRO B 1652 -13.12 88.56 -34.75
N ARG B 1653 -14.28 87.92 -34.71
CA ARG B 1653 -14.52 86.68 -35.42
C ARG B 1653 -14.70 86.95 -36.92
N ARG B 1654 -14.50 85.92 -37.72
CA ARG B 1654 -14.72 86.00 -39.16
C ARG B 1654 -16.13 85.57 -39.52
N ILE B 1655 -16.54 85.86 -40.76
CA ILE B 1655 -17.85 85.47 -41.25
C ILE B 1655 -17.73 85.07 -42.71
N SER B 1656 -18.67 84.26 -43.17
CA SER B 1656 -18.76 83.88 -44.57
C SER B 1656 -19.36 85.04 -45.36
N LEU B 1657 -18.59 85.60 -46.26
CA LEU B 1657 -19.10 86.63 -47.13
C LEU B 1657 -18.93 86.21 -48.58
N PRO B 1658 -19.74 86.73 -49.51
CA PRO B 1658 -19.64 86.29 -50.90
C PRO B 1658 -18.25 86.51 -51.46
N ALA B 1659 -17.76 85.53 -52.20
CA ALA B 1659 -16.38 85.47 -52.63
C ALA B 1659 -16.16 86.30 -53.88
N TYR B 1660 -14.96 86.23 -54.44
CA TYR B 1660 -14.63 87.04 -55.59
C TYR B 1660 -15.48 86.60 -56.79
N PRO B 1661 -16.17 87.52 -57.45
CA PRO B 1661 -17.05 87.13 -58.57
C PRO B 1661 -16.31 86.90 -59.87
N PHE B 1662 -15.82 85.66 -60.03
CA PHE B 1662 -15.00 85.32 -61.19
C PHE B 1662 -15.77 85.52 -62.48
N ALA B 1663 -15.04 85.91 -63.53
CA ALA B 1663 -15.66 86.18 -64.81
C ALA B 1663 -16.28 84.92 -65.39
N ARG B 1664 -16.96 85.08 -66.51
CA ARG B 1664 -17.58 83.99 -67.24
C ARG B 1664 -17.04 83.90 -68.67
N GLU B 1665 -15.76 84.24 -68.87
CA GLU B 1665 -15.14 84.06 -70.18
C GLU B 1665 -15.16 82.59 -70.56
N ARG B 1666 -15.48 82.31 -71.82
CA ARG B 1666 -15.57 80.94 -72.30
C ARG B 1666 -14.26 80.49 -72.95
N TYR B 1667 -13.95 79.20 -72.81
CA TYR B 1667 -12.75 78.63 -73.41
C TYR B 1667 -13.02 77.16 -73.72
N TRP B 1668 -12.98 76.80 -75.00
CA TRP B 1668 -13.20 75.42 -75.42
C TRP B 1668 -12.31 75.14 -76.62
N LEU B 1669 -12.10 73.85 -76.87
CA LEU B 1669 -11.19 73.41 -77.92
C LEU B 1669 -11.46 74.12 -79.25
N SER C 5 10.63 -63.94 72.80
CA SER C 5 11.52 -64.27 73.90
C SER C 5 12.96 -63.87 73.55
N VAL C 6 13.93 -64.47 74.24
CA VAL C 6 15.30 -63.98 74.14
C VAL C 6 15.95 -64.56 72.88
N VAL C 7 16.95 -63.82 72.36
CA VAL C 7 17.75 -64.37 71.26
C VAL C 7 18.39 -65.67 71.70
N ARG C 8 18.24 -66.70 70.88
CA ARG C 8 18.88 -67.98 71.12
C ARG C 8 19.36 -68.57 69.81
N ASP C 9 20.24 -69.56 69.91
CA ASP C 9 20.91 -70.11 68.74
C ASP C 9 19.95 -70.90 67.86
N VAL C 10 20.06 -70.70 66.54
CA VAL C 10 19.20 -71.37 65.57
C VAL C 10 20.09 -72.16 64.63
N ALA C 11 19.80 -73.44 64.46
CA ALA C 11 20.52 -74.29 63.51
C ALA C 11 19.93 -74.19 62.10
N ILE C 12 20.82 -74.22 61.11
CA ILE C 12 20.47 -74.43 59.70
C ILE C 12 20.67 -75.90 59.41
N ILE C 13 19.60 -76.65 59.15
CA ILE C 13 19.69 -78.09 59.04
C ILE C 13 19.48 -78.58 57.61
N GLY C 14 19.16 -77.70 56.68
CA GLY C 14 18.89 -78.14 55.32
C GLY C 14 19.18 -77.06 54.31
N LEU C 15 19.59 -77.48 53.12
CA LEU C 15 20.08 -76.55 52.12
C LEU C 15 19.85 -77.17 50.74
N SER C 16 19.34 -76.36 49.82
CA SER C 16 19.25 -76.72 48.41
C SER C 16 19.24 -75.43 47.61
N GLY C 17 19.75 -75.48 46.39
CA GLY C 17 19.69 -74.30 45.56
C GLY C 17 20.03 -74.59 44.12
N ARG C 18 19.52 -73.72 43.25
CA ARG C 18 19.80 -73.72 41.82
C ARG C 18 20.29 -72.34 41.44
N TYR C 19 21.45 -72.28 40.79
CA TYR C 19 22.09 -71.02 40.48
C TYR C 19 22.64 -71.14 39.07
N PRO C 20 23.05 -70.03 38.46
CA PRO C 20 23.55 -70.11 37.08
C PRO C 20 24.67 -71.14 36.98
N GLN C 21 24.52 -72.06 36.03
CA GLN C 21 25.49 -73.13 35.82
C GLN C 21 25.78 -73.90 37.10
N ALA C 22 24.84 -73.91 38.06
CA ALA C 22 25.04 -74.69 39.28
C ALA C 22 23.71 -75.27 39.75
N LYS C 23 23.41 -76.50 39.33
CA LYS C 23 22.12 -77.10 39.64
C LYS C 23 22.03 -77.59 41.07
N ASN C 24 23.14 -77.59 41.82
CA ASN C 24 23.10 -77.91 43.23
C ASN C 24 24.27 -77.19 43.91
N VAL C 25 24.33 -77.28 45.24
CA VAL C 25 25.29 -76.44 45.95
C VAL C 25 26.71 -76.96 45.83
N ASP C 26 26.88 -78.24 45.52
CA ASP C 26 28.20 -78.76 45.16
C ASP C 26 28.70 -78.13 43.87
N GLU C 27 27.83 -78.04 42.85
CA GLU C 27 28.24 -77.39 41.62
C GLU C 27 28.55 -75.94 41.88
N PHE C 28 27.77 -75.30 42.76
CA PHE C 28 28.02 -73.91 43.08
C PHE C 28 29.40 -73.79 43.71
N TRP C 29 29.71 -74.71 44.61
CA TRP C 29 31.04 -74.79 45.21
C TRP C 29 32.12 -74.95 44.16
N ASN C 30 31.88 -75.79 43.16
CA ASN C 30 32.89 -75.99 42.13
C ASN C 30 33.12 -74.70 41.35
N ARG C 31 32.05 -73.97 41.04
CA ARG C 31 32.21 -72.69 40.36
C ARG C 31 32.96 -71.69 41.22
N LEU C 32 32.61 -71.61 42.50
CA LEU C 32 33.32 -70.70 43.40
C LEU C 32 34.80 -71.07 43.51
N LYS C 33 35.09 -72.35 43.75
CA LYS C 33 36.46 -72.78 43.96
C LYS C 33 37.28 -72.51 42.71
N GLU C 34 36.67 -72.67 41.55
CA GLU C 34 37.35 -72.55 40.27
C GLU C 34 37.34 -71.12 39.76
N GLY C 35 36.70 -70.21 40.49
CA GLY C 35 36.69 -68.81 40.09
C GLY C 35 35.89 -68.56 38.83
N LYS C 36 34.76 -69.23 38.68
CA LYS C 36 34.00 -69.13 37.44
C LYS C 36 33.09 -67.91 37.47
N ASN C 37 33.14 -67.16 36.38
CA ASN C 37 32.22 -66.05 36.14
C ASN C 37 31.00 -66.60 35.40
N CYS C 38 29.86 -66.64 36.08
CA CYS C 38 28.74 -67.42 35.60
C CYS C 38 27.76 -66.62 34.77
N ILE C 39 28.22 -65.58 34.08
CA ILE C 39 27.32 -64.68 33.37
C ILE C 39 27.33 -65.10 31.90
N SER C 40 26.17 -65.02 31.26
CA SER C 40 26.05 -65.51 29.89
C SER C 40 25.17 -64.57 29.09
N GLU C 41 25.10 -64.84 27.80
CA GLU C 41 24.24 -64.10 26.90
C GLU C 41 22.78 -64.43 27.20
N ILE C 42 21.93 -63.42 27.04
CA ILE C 42 20.49 -63.61 27.21
C ILE C 42 20.03 -64.75 26.32
N PRO C 43 19.46 -65.81 26.88
CA PRO C 43 19.04 -66.95 26.05
C PRO C 43 17.91 -66.56 25.10
N LYS C 44 17.99 -67.10 23.88
CA LYS C 44 16.99 -66.80 22.86
C LYS C 44 15.59 -67.22 23.28
N ASP C 45 15.46 -68.24 24.13
CA ASP C 45 14.14 -68.67 24.57
C ASP C 45 13.51 -67.72 25.58
N ARG C 46 14.22 -66.69 26.01
CA ARG C 46 13.57 -65.61 26.75
C ARG C 46 13.04 -64.53 25.82
N TRP C 47 13.93 -63.88 25.07
CA TRP C 47 13.56 -63.00 23.98
C TRP C 47 14.80 -62.75 23.13
N ASP C 48 14.61 -62.11 21.99
CA ASP C 48 15.72 -61.74 21.13
C ASP C 48 16.19 -60.35 21.51
N TRP C 49 17.36 -60.28 22.16
CA TRP C 49 17.91 -59.03 22.70
C TRP C 49 18.21 -57.99 21.62
N GLN C 50 18.53 -58.39 20.39
CA GLN C 50 18.88 -57.41 19.37
C GLN C 50 17.73 -56.45 19.11
N SER C 51 16.49 -56.93 19.26
CA SER C 51 15.33 -56.08 19.02
C SER C 51 15.28 -54.91 19.99
N PHE C 52 15.88 -55.04 21.17
CA PHE C 52 15.73 -54.01 22.19
C PHE C 52 17.05 -53.33 22.56
N PHE C 53 18.16 -53.75 21.97
CA PHE C 53 19.48 -53.35 22.46
C PHE C 53 19.79 -51.95 21.92
N ASP C 54 20.26 -51.05 22.77
CA ASP C 54 20.81 -49.78 22.33
C ASP C 54 21.89 -49.32 23.29
N GLU C 55 23.01 -48.84 22.74
CA GLU C 55 24.13 -48.43 23.58
C GLU C 55 23.78 -47.18 24.39
N GLU C 56 22.76 -46.44 23.97
CA GLU C 56 22.38 -45.25 24.72
C GLU C 56 21.81 -45.66 26.06
N LYS C 57 22.53 -45.30 27.13
CA LYS C 57 22.11 -45.64 28.48
C LYS C 57 20.98 -44.72 28.92
N GLY C 58 20.00 -45.29 29.61
CA GLY C 58 18.87 -44.50 30.06
C GLY C 58 17.78 -44.28 29.04
N LYS C 59 17.97 -44.74 27.81
CA LYS C 59 16.90 -44.66 26.82
C LYS C 59 15.68 -45.46 27.27
N LYS C 60 14.52 -45.00 26.83
CA LYS C 60 13.25 -45.59 27.25
C LYS C 60 12.89 -46.76 26.35
N GLU C 61 12.24 -47.76 26.94
CA GLU C 61 11.82 -48.95 26.22
C GLU C 61 12.99 -49.59 25.49
N SER C 62 14.15 -49.61 26.14
CA SER C 62 15.33 -50.29 25.58
C SER C 62 16.23 -50.74 26.73
N MET C 63 17.30 -51.43 26.36
CA MET C 63 18.31 -51.90 27.31
C MET C 63 19.68 -51.84 26.66
N TYR C 64 20.72 -51.73 27.50
CA TYR C 64 22.08 -51.59 27.01
C TYR C 64 22.97 -52.74 27.47
N THR C 65 22.38 -53.86 27.88
CA THR C 65 23.16 -55.05 28.20
C THR C 65 22.58 -56.26 27.48
N LYS C 66 23.44 -57.26 27.28
CA LYS C 66 23.02 -58.55 26.75
C LYS C 66 23.29 -59.68 27.73
N TRP C 67 23.53 -59.39 29.00
CA TRP C 67 24.10 -60.35 29.92
C TRP C 67 23.19 -60.58 31.13
N GLY C 68 23.32 -61.76 31.71
CA GLY C 68 22.75 -62.05 33.02
C GLY C 68 23.26 -63.37 33.58
N GLY C 69 23.10 -63.58 34.88
CA GLY C 69 23.30 -64.90 35.45
C GLY C 69 22.03 -65.72 35.35
N PHE C 70 21.93 -66.57 34.34
CA PHE C 70 20.71 -67.32 34.05
C PHE C 70 20.89 -68.78 34.46
N ILE C 71 19.87 -69.34 35.10
CA ILE C 71 19.83 -70.75 35.40
C ILE C 71 19.28 -71.52 34.20
N ASP C 72 19.66 -72.80 34.11
CA ASP C 72 19.12 -73.73 33.14
C ASP C 72 17.76 -74.29 33.56
N ASP C 73 16.96 -74.67 32.55
CA ASP C 73 15.71 -75.41 32.74
C ASP C 73 14.72 -74.63 33.61
N MET C 74 14.66 -73.32 33.37
CA MET C 74 13.79 -72.44 34.15
C MET C 74 12.32 -72.80 33.98
N ASP C 75 11.92 -73.33 32.80
CA ASP C 75 10.53 -73.60 32.46
C ASP C 75 10.08 -75.03 32.78
N LYS C 76 10.92 -75.84 33.40
CA LYS C 76 10.60 -77.25 33.61
C LYS C 76 9.95 -77.48 34.97
N PHE C 77 9.12 -78.52 35.04
CA PHE C 77 8.35 -78.81 36.23
C PHE C 77 7.84 -80.25 36.16
N ASP C 78 7.56 -80.82 37.33
CA ASP C 78 6.98 -82.15 37.46
C ASP C 78 5.62 -82.05 38.15
N PRO C 79 4.60 -81.54 37.45
CA PRO C 79 3.31 -81.29 38.11
C PRO C 79 2.62 -82.55 38.60
N LEU C 80 2.76 -83.68 37.89
CA LEU C 80 2.10 -84.90 38.32
C LEU C 80 2.59 -85.37 39.68
N PHE C 81 3.87 -85.14 39.98
CA PHE C 81 4.40 -85.48 41.30
C PHE C 81 3.54 -84.90 42.43
N PHE C 82 3.02 -83.69 42.23
CA PHE C 82 2.28 -82.95 43.25
C PHE C 82 0.77 -83.02 43.03
N GLN C 83 0.30 -83.83 42.09
CA GLN C 83 -1.11 -83.94 41.74
C GLN C 83 -1.66 -82.61 41.21
N ILE C 84 -0.78 -81.87 40.55
CA ILE C 84 -1.16 -80.65 39.85
C ILE C 84 -1.39 -80.98 38.38
N SER C 85 -2.45 -80.42 37.80
CA SER C 85 -2.76 -80.70 36.41
C SER C 85 -1.80 -79.93 35.49
N PRO C 86 -1.65 -80.38 34.24
CA PRO C 86 -0.79 -79.63 33.30
C PRO C 86 -1.24 -78.21 33.07
N LYS C 87 -2.54 -77.96 32.97
CA LYS C 87 -3.03 -76.60 32.76
C LYS C 87 -2.70 -75.72 33.96
N GLU C 88 -2.93 -76.24 35.17
CA GLU C 88 -2.59 -75.48 36.36
C GLU C 88 -1.10 -75.21 36.39
N ALA C 89 -0.28 -76.20 35.99
CA ALA C 89 1.15 -75.98 35.94
C ALA C 89 1.50 -74.85 34.97
N GLU C 90 0.81 -74.82 33.82
CA GLU C 90 1.04 -73.75 32.86
C GLU C 90 0.70 -72.39 33.48
N GLU C 91 -0.38 -72.35 34.27
CA GLU C 91 -0.81 -71.09 34.85
C GLU C 91 0.01 -70.65 36.07
N MET C 92 0.76 -71.56 36.68
CA MET C 92 1.58 -71.21 37.83
C MET C 92 2.85 -70.48 37.40
N ASP C 93 3.09 -69.33 38.02
CA ASP C 93 4.38 -68.66 37.90
C ASP C 93 5.51 -69.67 38.13
N PRO C 94 6.50 -69.73 37.24
CA PRO C 94 7.64 -70.62 37.48
C PRO C 94 8.38 -70.34 38.78
N GLN C 95 8.30 -69.14 39.34
CA GLN C 95 8.90 -68.92 40.66
C GLN C 95 8.29 -69.85 41.70
N GLU C 96 6.98 -70.06 41.64
CA GLU C 96 6.33 -70.99 42.55
C GLU C 96 6.79 -72.41 42.29
N ARG C 97 6.89 -72.81 41.02
CA ARG C 97 7.31 -74.16 40.70
C ARG C 97 8.70 -74.43 41.25
N LEU C 98 9.63 -73.49 41.01
CA LEU C 98 11.01 -73.76 41.38
C LEU C 98 11.19 -73.68 42.88
N PHE C 99 10.50 -72.75 43.53
CA PHE C 99 10.61 -72.70 44.99
C PHE C 99 10.03 -73.96 45.60
N LEU C 100 8.91 -74.46 45.05
CA LEU C 100 8.34 -75.70 45.53
C LEU C 100 9.33 -76.85 45.42
N GLN C 101 9.98 -76.99 44.26
CA GLN C 101 10.92 -78.09 44.09
C GLN C 101 12.13 -77.92 44.98
N GLU C 102 12.64 -76.69 45.11
CA GLU C 102 13.81 -76.49 45.94
C GLU C 102 13.50 -76.72 47.41
N ALA C 103 12.31 -76.33 47.86
CA ALA C 103 11.96 -76.60 49.25
C ALA C 103 11.81 -78.10 49.51
N TYR C 104 11.11 -78.81 48.62
CA TYR C 104 11.06 -80.27 48.78
C TYR C 104 12.45 -80.89 48.81
N ALA C 105 13.33 -80.46 47.89
CA ALA C 105 14.68 -81.01 47.86
C ALA C 105 15.43 -80.66 49.13
N SER C 106 15.20 -79.46 49.66
CA SER C 106 15.88 -79.04 50.87
C SER C 106 15.43 -79.87 52.04
N ILE C 107 14.19 -80.36 51.98
CA ILE C 107 13.67 -81.22 53.04
C ILE C 107 14.29 -82.60 52.93
N GLU C 108 14.42 -83.12 51.71
CA GLU C 108 15.15 -84.37 51.54
C GLU C 108 16.60 -84.24 52.02
N ASP C 109 17.26 -83.14 51.69
CA ASP C 109 18.64 -82.93 52.12
C ASP C 109 18.75 -82.94 53.65
N ALA C 110 17.83 -82.27 54.33
CA ALA C 110 17.86 -82.31 55.79
C ALA C 110 17.71 -83.73 56.32
N GLY C 111 17.16 -84.63 55.51
CA GLY C 111 16.92 -85.98 55.95
C GLY C 111 15.56 -86.20 56.58
N TYR C 112 14.58 -85.38 56.23
CA TYR C 112 13.23 -85.54 56.75
C TYR C 112 12.26 -85.76 55.61
N THR C 113 11.11 -86.35 55.93
CA THR C 113 9.94 -86.32 55.07
C THR C 113 8.98 -85.22 55.52
N PRO C 114 8.04 -84.81 54.66
CA PRO C 114 7.05 -83.82 55.09
C PRO C 114 6.28 -84.21 56.32
N THR C 115 6.04 -85.50 56.54
CA THR C 115 5.30 -85.93 57.72
C THR C 115 6.11 -85.79 58.99
N THR C 116 7.37 -86.24 58.98
CA THR C 116 8.15 -86.33 60.20
C THR C 116 8.88 -85.04 60.56
N LEU C 117 8.92 -84.06 59.65
CA LEU C 117 9.61 -82.81 59.94
C LEU C 117 9.10 -82.14 61.22
N CYS C 118 7.79 -82.20 61.47
CA CYS C 118 7.20 -81.54 62.63
C CYS C 118 5.83 -82.12 62.88
N GLU C 119 5.69 -82.89 63.95
CA GLU C 119 4.45 -83.61 64.18
C GLU C 119 3.27 -82.67 64.40
N SER C 120 3.51 -81.50 64.98
CA SER C 120 2.42 -80.55 65.16
C SER C 120 1.98 -79.90 63.86
N ARG C 121 2.75 -80.04 62.78
CA ARG C 121 2.50 -79.40 61.50
C ARG C 121 2.75 -77.89 61.50
N LYS C 122 3.31 -77.35 62.58
CA LYS C 122 3.56 -75.92 62.70
C LYS C 122 4.89 -75.56 62.03
N VAL C 123 4.94 -75.73 60.71
CA VAL C 123 6.10 -75.37 59.92
C VAL C 123 5.79 -74.06 59.20
N GLY C 124 6.57 -73.03 59.49
CA GLY C 124 6.41 -71.75 58.84
C GLY C 124 7.11 -71.65 57.50
N VAL C 125 6.54 -70.85 56.62
CA VAL C 125 7.11 -70.57 55.31
C VAL C 125 7.20 -69.06 55.11
N PHE C 126 8.40 -68.57 54.86
CA PHE C 126 8.71 -67.15 54.74
C PHE C 126 9.58 -66.99 53.51
N VAL C 127 9.12 -66.25 52.52
CA VAL C 127 9.85 -66.16 51.25
C VAL C 127 9.93 -64.72 50.78
N GLY C 128 11.12 -64.32 50.36
CA GLY C 128 11.37 -62.98 49.86
C GLY C 128 11.28 -63.00 48.35
N VAL C 129 10.58 -62.00 47.80
CA VAL C 129 10.36 -61.91 46.35
C VAL C 129 10.09 -60.45 46.02
N MET C 130 10.46 -60.05 44.81
CA MET C 130 10.28 -58.66 44.43
C MET C 130 9.90 -58.42 42.97
N ASN C 131 9.95 -59.42 42.09
CA ASN C 131 9.53 -59.24 40.71
C ASN C 131 8.42 -60.20 40.33
N GLY C 132 7.41 -59.66 39.62
CA GLY C 132 6.21 -60.36 39.23
C GLY C 132 5.83 -60.04 37.79
N ASN C 133 6.60 -60.53 36.80
CA ASN C 133 6.38 -60.17 35.40
C ASN C 133 5.70 -61.26 34.57
N TYR C 134 5.26 -62.37 35.14
CA TYR C 134 4.60 -63.39 34.35
C TYR C 134 3.25 -62.88 33.84
N PRO C 135 2.80 -63.31 32.66
CA PRO C 135 1.62 -62.69 32.07
C PRO C 135 0.36 -62.82 32.91
N THR C 136 0.24 -63.85 33.75
CA THR C 136 -0.92 -64.01 34.62
C THR C 136 -0.83 -63.20 35.91
N GLY C 137 0.23 -62.44 36.10
CA GLY C 137 0.27 -61.44 37.15
C GLY C 137 1.17 -61.81 38.32
N ALA C 138 1.47 -60.80 39.13
CA ALA C 138 2.16 -60.97 40.41
C ALA C 138 1.20 -61.63 41.40
N THR C 139 1.57 -62.80 41.91
CA THR C 139 0.73 -63.55 42.85
C THR C 139 1.61 -64.10 43.97
N TYR C 140 2.34 -63.22 44.65
CA TYR C 140 3.43 -63.71 45.51
C TYR C 140 2.88 -64.61 46.61
N TRP C 141 1.74 -64.25 47.19
CA TRP C 141 1.19 -65.05 48.28
C TRP C 141 1.07 -66.52 47.91
N SER C 142 0.80 -66.82 46.64
CA SER C 142 0.57 -68.20 46.26
C SER C 142 1.87 -68.99 46.27
N ILE C 143 3.01 -68.31 46.18
CA ILE C 143 4.29 -69.00 46.26
C ILE C 143 4.42 -69.68 47.61
N ALA C 144 3.97 -69.02 48.66
CA ALA C 144 3.96 -69.63 49.99
C ALA C 144 2.78 -70.56 50.20
N ASN C 145 1.56 -70.16 49.82
CA ASN C 145 0.41 -70.95 50.24
C ASN C 145 0.36 -72.28 49.53
N ARG C 146 0.88 -72.36 48.30
CA ARG C 146 0.87 -73.65 47.62
C ARG C 146 1.74 -74.63 48.39
N LEU C 147 2.89 -74.16 48.87
CA LEU C 147 3.77 -75.02 49.66
C LEU C 147 3.07 -75.44 50.95
N SER C 148 2.49 -74.48 51.68
CA SER C 148 1.87 -74.84 52.95
C SER C 148 0.75 -75.85 52.75
N TYR C 149 -0.04 -75.67 51.68
CA TYR C 149 -1.11 -76.61 51.36
C TYR C 149 -0.56 -78.00 51.04
N LEU C 150 0.38 -78.07 50.09
CA LEU C 150 0.78 -79.38 49.58
C LEU C 150 1.49 -80.19 50.65
N LEU C 151 2.27 -79.55 51.51
CA LEU C 151 3.05 -80.26 52.51
C LEU C 151 2.41 -80.27 53.89
N ASN C 152 1.17 -79.81 54.01
CA ASN C 152 0.45 -79.81 55.29
C ASN C 152 1.23 -79.06 56.37
N PHE C 153 1.69 -77.86 56.03
CA PHE C 153 2.30 -76.97 57.00
C PHE C 153 1.22 -76.03 57.50
N GLN C 154 1.15 -75.85 58.81
CA GLN C 154 0.11 -75.04 59.42
C GLN C 154 0.67 -73.92 60.27
N GLY C 155 1.98 -73.67 60.19
CA GLY C 155 2.56 -72.47 60.72
C GLY C 155 2.31 -71.29 59.80
N PRO C 156 2.85 -70.14 60.16
CA PRO C 156 2.75 -68.95 59.29
C PRO C 156 3.18 -69.25 57.87
N SER C 157 2.51 -68.62 56.92
CA SER C 157 2.80 -68.78 55.50
C SER C 157 2.65 -67.42 54.86
N VAL C 158 3.77 -66.85 54.38
CA VAL C 158 3.83 -65.46 53.98
C VAL C 158 4.84 -65.26 52.88
N ALA C 159 4.51 -64.39 51.94
CA ALA C 159 5.48 -63.86 50.99
C ALA C 159 5.90 -62.47 51.48
N VAL C 160 7.15 -62.08 51.19
CA VAL C 160 7.71 -60.81 51.64
C VAL C 160 8.46 -60.14 50.50
N ASP C 161 8.36 -58.81 50.43
CA ASP C 161 9.07 -58.00 49.44
C ASP C 161 9.78 -56.87 50.17
N THR C 162 11.09 -57.01 50.34
CA THR C 162 11.94 -55.90 50.78
C THR C 162 13.00 -55.56 49.73
N ALA C 163 12.64 -55.71 48.46
CA ALA C 163 13.58 -55.56 47.35
C ALA C 163 14.77 -56.51 47.48
N CYS C 164 16.00 -55.99 47.34
CA CYS C 164 17.18 -56.84 47.23
C CYS C 164 17.55 -57.52 48.54
N SER C 165 16.94 -57.14 49.66
CA SER C 165 17.22 -57.76 50.96
C SER C 165 16.13 -58.77 51.35
N ALA C 166 15.19 -59.04 50.46
CA ALA C 166 13.95 -59.70 50.85
C ALA C 166 14.20 -61.05 51.51
N SER C 167 15.13 -61.84 50.99
CA SER C 167 15.36 -63.16 51.56
C SER C 167 16.04 -63.08 52.92
N LEU C 168 16.83 -62.03 53.16
CA LEU C 168 17.43 -61.90 54.49
C LEU C 168 16.44 -61.35 55.50
N THR C 169 15.53 -60.48 55.06
CA THR C 169 14.40 -60.14 55.91
C THR C 169 13.59 -61.37 56.25
N ALA C 170 13.29 -62.20 55.24
CA ALA C 170 12.57 -63.44 55.48
C ALA C 170 13.26 -64.32 56.52
N ILE C 171 14.58 -64.43 56.43
CA ILE C 171 15.33 -65.18 57.44
C ILE C 171 15.16 -64.54 58.80
N HIS C 172 15.21 -63.21 58.85
CA HIS C 172 15.03 -62.52 60.11
C HIS C 172 13.67 -62.84 60.70
N PHE C 173 12.63 -62.84 59.86
CA PHE C 173 11.29 -63.15 60.32
C PHE C 173 11.22 -64.57 60.84
N ALA C 174 11.84 -65.50 60.13
CA ALA C 174 11.83 -66.90 60.55
C ALA C 174 12.49 -67.04 61.93
N LEU C 175 13.61 -66.35 62.13
CA LEU C 175 14.29 -66.39 63.42
C LEU C 175 13.39 -65.86 64.51
N GLU C 176 12.71 -64.74 64.25
CA GLU C 176 11.82 -64.22 65.25
C GLU C 176 10.67 -65.18 65.54
N SER C 177 10.13 -65.81 64.49
CA SER C 177 9.04 -66.75 64.67
C SER C 177 9.47 -67.93 65.53
N LEU C 178 10.71 -68.39 65.33
CA LEU C 178 11.24 -69.44 66.17
C LEU C 178 11.43 -68.95 67.59
N TYR C 179 11.83 -67.69 67.75
CA TYR C 179 12.06 -67.17 69.09
C TYR C 179 10.75 -67.11 69.87
N SER C 180 9.65 -66.72 69.22
CA SER C 180 8.40 -66.58 69.94
C SER C 180 7.66 -67.90 70.07
N GLY C 181 8.14 -68.95 69.38
CA GLY C 181 7.58 -70.27 69.47
C GLY C 181 6.35 -70.50 68.62
N THR C 182 6.04 -69.62 67.67
CA THR C 182 4.94 -69.92 66.77
C THR C 182 5.32 -70.91 65.68
N SER C 183 6.62 -71.08 65.42
CA SER C 183 7.09 -72.18 64.60
C SER C 183 8.10 -73.00 65.38
N GLU C 184 8.05 -74.31 65.18
CA GLU C 184 9.12 -75.18 65.64
C GLU C 184 10.17 -75.45 64.56
N CYS C 185 9.82 -75.30 63.28
CA CYS C 185 10.76 -75.45 62.18
C CYS C 185 10.23 -74.64 61.01
N ALA C 186 11.15 -74.13 60.20
CA ALA C 186 10.78 -73.11 59.22
C ALA C 186 11.56 -73.30 57.93
N ILE C 187 10.89 -72.98 56.82
CA ILE C 187 11.52 -72.86 55.51
C ILE C 187 11.73 -71.38 55.26
N ALA C 188 12.96 -71.00 54.92
CA ALA C 188 13.28 -69.62 54.60
C ALA C 188 14.12 -69.58 53.34
N GLY C 189 13.92 -68.55 52.54
CA GLY C 189 14.67 -68.45 51.30
C GLY C 189 14.23 -67.25 50.49
N GLY C 190 14.45 -67.35 49.18
CA GLY C 190 14.13 -66.28 48.25
C GLY C 190 14.24 -66.77 46.84
N VAL C 191 13.77 -65.94 45.91
CA VAL C 191 13.72 -66.33 44.50
C VAL C 191 13.77 -65.08 43.64
N ASN C 192 14.42 -65.18 42.48
CA ASN C 192 14.35 -64.14 41.46
C ASN C 192 14.56 -64.78 40.11
N LEU C 193 13.59 -64.62 39.21
CA LEU C 193 13.71 -65.03 37.82
C LEU C 193 13.44 -63.87 36.88
N ILE C 194 14.05 -63.93 35.70
CA ILE C 194 13.93 -62.88 34.68
C ILE C 194 13.10 -63.45 33.54
N VAL C 195 11.82 -63.08 33.48
CA VAL C 195 10.88 -63.76 32.60
C VAL C 195 10.28 -62.84 31.53
N ASP C 196 10.69 -61.57 31.46
CA ASP C 196 10.08 -60.64 30.54
C ASP C 196 11.06 -59.50 30.30
N PRO C 197 11.20 -59.01 29.06
CA PRO C 197 12.18 -57.95 28.80
C PRO C 197 11.95 -56.67 29.56
N VAL C 198 10.73 -56.41 30.05
CA VAL C 198 10.49 -55.19 30.82
C VAL C 198 11.36 -55.16 32.07
N HIS C 199 11.73 -56.33 32.61
CA HIS C 199 12.68 -56.36 33.73
C HIS C 199 13.95 -55.59 33.41
N TYR C 200 14.57 -55.87 32.27
CA TYR C 200 15.80 -55.18 31.91
C TYR C 200 15.56 -53.74 31.47
N MET C 201 14.44 -53.45 30.81
CA MET C 201 14.20 -52.10 30.35
C MET C 201 14.07 -51.13 31.53
N LYS C 202 13.37 -51.55 32.58
CA LYS C 202 13.23 -50.72 33.76
C LYS C 202 14.58 -50.44 34.41
N LEU C 203 15.38 -51.49 34.64
CA LEU C 203 16.69 -51.32 35.27
C LEU C 203 17.63 -50.49 34.39
N SER C 204 17.50 -50.61 33.07
CA SER C 204 18.34 -49.86 32.15
C SER C 204 17.98 -48.39 32.08
N ALA C 205 16.68 -48.06 32.14
CA ALA C 205 16.29 -46.66 32.12
C ALA C 205 16.87 -45.87 33.28
N LEU C 206 17.08 -46.50 34.43
CA LEU C 206 17.71 -45.82 35.56
C LEU C 206 19.23 -45.99 35.57
N THR C 207 19.79 -46.63 34.54
CA THR C 207 21.23 -46.83 34.37
C THR C 207 21.91 -47.42 35.61
N MET C 208 21.24 -48.39 36.24
CA MET C 208 21.83 -49.05 37.40
C MET C 208 22.71 -50.22 37.02
N LEU C 209 22.59 -50.71 35.79
CA LEU C 209 23.28 -51.93 35.38
C LEU C 209 24.63 -51.57 34.77
N SER C 210 25.58 -52.46 34.93
CA SER C 210 26.77 -52.40 34.11
C SER C 210 26.44 -52.76 32.67
N PRO C 211 27.14 -52.15 31.69
CA PRO C 211 27.10 -52.67 30.32
C PRO C 211 27.78 -54.01 30.15
N SER C 212 28.60 -54.44 31.10
CA SER C 212 29.47 -55.58 30.88
C SER C 212 28.88 -56.83 31.57
N ASN C 213 29.63 -57.92 31.49
CA ASN C 213 29.28 -59.17 32.16
C ASN C 213 29.99 -59.34 33.50
N GLN C 214 30.54 -58.26 34.05
CA GLN C 214 31.34 -58.33 35.27
C GLN C 214 30.78 -57.41 36.33
N CYS C 215 30.37 -58.01 37.46
CA CYS C 215 30.10 -57.29 38.70
C CYS C 215 31.40 -57.08 39.48
N LYS C 216 31.92 -55.86 39.41
CA LYS C 216 33.28 -55.62 39.86
C LYS C 216 33.31 -55.21 41.33
N SER C 217 32.93 -56.15 42.18
CA SER C 217 32.82 -55.94 43.63
C SER C 217 34.15 -55.47 44.21
N PHE C 218 34.17 -54.24 44.71
CA PHE C 218 35.36 -53.60 45.26
C PHE C 218 36.48 -53.45 44.23
N GLY C 219 36.13 -53.52 42.94
CA GLY C 219 37.12 -53.41 41.88
C GLY C 219 37.08 -52.01 41.29
N ASP C 220 38.13 -51.68 40.57
CA ASP C 220 38.17 -50.43 39.82
C ASP C 220 37.10 -50.43 38.73
N GLN C 221 36.69 -49.23 38.34
CA GLN C 221 35.75 -49.02 37.24
C GLN C 221 34.36 -49.57 37.53
N ALA C 222 34.00 -49.71 38.80
CA ALA C 222 32.68 -50.21 39.16
C ALA C 222 31.61 -49.35 38.49
N ASP C 223 30.62 -50.00 37.86
CA ASP C 223 29.60 -49.30 37.09
C ASP C 223 28.27 -50.01 37.14
N GLY C 224 27.98 -50.69 38.24
CA GLY C 224 26.70 -51.31 38.48
C GLY C 224 26.82 -52.82 38.49
N PHE C 225 25.70 -53.46 38.77
CA PHE C 225 25.68 -54.91 38.91
C PHE C 225 25.23 -55.60 37.62
N VAL C 226 25.54 -56.89 37.56
CA VAL C 226 25.01 -57.82 36.56
C VAL C 226 23.81 -58.51 37.16
N ASP C 227 22.69 -58.49 36.45
CA ASP C 227 21.47 -59.09 36.96
C ASP C 227 21.59 -60.61 36.95
N GLY C 228 20.89 -61.24 37.90
CA GLY C 228 21.02 -62.67 38.08
C GLY C 228 19.72 -63.30 38.55
N GLU C 229 19.65 -64.62 38.38
CA GLU C 229 18.54 -65.43 38.83
C GLU C 229 18.98 -66.37 39.95
N GLY C 230 18.02 -66.75 40.79
CA GLY C 230 18.34 -67.65 41.89
C GLY C 230 17.07 -68.13 42.58
N VAL C 231 17.19 -69.31 43.19
CA VAL C 231 16.14 -69.83 44.07
C VAL C 231 16.81 -70.73 45.10
N GLY C 232 16.45 -70.53 46.36
CA GLY C 232 17.12 -71.21 47.45
C GLY C 232 16.21 -71.32 48.65
N ALA C 233 16.45 -72.36 49.44
CA ALA C 233 15.69 -72.54 50.68
C ALA C 233 16.60 -73.14 51.74
N ILE C 234 16.40 -72.72 52.98
CA ILE C 234 17.04 -73.36 54.12
C ILE C 234 15.99 -73.79 55.12
N VAL C 235 16.31 -74.84 55.85
CA VAL C 235 15.49 -75.36 56.94
C VAL C 235 16.14 -74.90 58.24
N LEU C 236 15.36 -74.27 59.09
CA LEU C 236 15.88 -73.72 60.33
C LEU C 236 15.29 -74.48 61.50
N LYS C 237 16.13 -74.71 62.49
CA LYS C 237 15.75 -75.49 63.66
C LYS C 237 16.54 -75.05 64.88
N PRO C 238 15.91 -74.98 66.06
CA PRO C 238 16.66 -74.67 67.27
C PRO C 238 17.88 -75.58 67.41
N LEU C 239 19.00 -74.98 67.79
CA LEU C 239 20.25 -75.74 67.83
C LEU C 239 20.12 -76.93 68.77
N ASP C 240 19.54 -76.73 69.95
CA ASP C 240 19.45 -77.80 70.94
C ASP C 240 18.68 -78.98 70.38
N LYS C 241 17.59 -78.70 69.67
CA LYS C 241 16.78 -79.78 69.11
C LYS C 241 17.48 -80.41 67.92
N ALA C 242 18.25 -79.61 67.17
CA ALA C 242 19.04 -80.16 66.08
C ALA C 242 20.06 -81.16 66.61
N ILE C 243 20.72 -80.81 67.71
CA ILE C 243 21.67 -81.72 68.34
C ILE C 243 20.94 -82.97 68.81
N ALA C 244 19.82 -82.80 69.51
CA ALA C 244 19.12 -83.96 70.05
C ALA C 244 18.64 -84.91 68.95
N ASP C 245 18.21 -84.38 67.80
CA ASP C 245 17.71 -85.28 66.76
C ASP C 245 18.78 -85.90 65.88
N GLY C 246 20.05 -85.56 66.07
CA GLY C 246 21.13 -86.10 65.28
C GLY C 246 21.17 -85.59 63.85
N ASP C 247 20.64 -84.40 63.60
CA ASP C 247 20.65 -83.77 62.29
C ASP C 247 22.06 -83.29 61.92
N HIS C 248 22.28 -83.10 60.61
CA HIS C 248 23.50 -82.46 60.14
C HIS C 248 23.30 -80.95 60.01
N ILE C 249 24.28 -80.21 60.52
CA ILE C 249 24.15 -78.77 60.77
C ILE C 249 25.21 -78.02 59.98
N TYR C 250 24.76 -77.19 59.03
CA TYR C 250 25.71 -76.44 58.22
C TYR C 250 26.34 -75.30 59.02
N GLY C 251 25.60 -74.73 59.97
CA GLY C 251 26.07 -73.59 60.73
C GLY C 251 24.99 -73.07 61.66
N VAL C 252 25.40 -72.17 62.55
CA VAL C 252 24.52 -71.64 63.60
C VAL C 252 24.33 -70.15 63.38
N ILE C 253 23.09 -69.74 63.14
CA ILE C 253 22.71 -68.33 63.07
C ILE C 253 22.57 -67.80 64.49
N LYS C 254 23.41 -66.83 64.85
CA LYS C 254 23.38 -66.28 66.19
C LYS C 254 22.41 -65.12 66.31
N GLY C 255 22.22 -64.36 65.23
CA GLY C 255 21.37 -63.19 65.24
C GLY C 255 21.41 -62.47 63.92
N SER C 256 20.43 -61.61 63.71
CA SER C 256 20.31 -60.83 62.49
C SER C 256 19.59 -59.52 62.82
N MET C 257 19.67 -58.56 61.89
CA MET C 257 18.90 -57.32 62.04
C MET C 257 18.53 -56.79 60.66
N MET C 258 17.42 -56.05 60.63
CA MET C 258 17.03 -55.27 59.46
C MET C 258 16.59 -53.88 59.90
N ASN C 259 16.89 -52.88 59.08
CA ASN C 259 16.48 -51.50 59.34
C ASN C 259 16.50 -50.75 58.02
N ALA C 260 16.31 -49.43 58.07
CA ALA C 260 16.30 -48.63 56.86
C ALA C 260 17.05 -47.32 57.07
N GLY C 261 17.48 -46.73 55.94
CA GLY C 261 18.33 -45.56 55.99
C GLY C 261 17.59 -44.25 56.24
N GLY C 262 16.26 -44.26 56.10
CA GLY C 262 15.57 -42.99 56.28
C GLY C 262 15.92 -42.01 55.18
N LYS C 263 15.90 -40.72 55.51
CA LYS C 263 16.06 -39.66 54.53
C LYS C 263 17.53 -39.38 54.29
N THR C 264 17.98 -39.60 53.05
CA THR C 264 19.31 -39.24 52.59
C THR C 264 19.18 -38.17 51.51
N ASN C 265 20.32 -37.85 50.88
CA ASN C 265 20.43 -36.71 49.97
C ASN C 265 19.57 -36.95 48.73
N GLY C 266 19.23 -38.22 48.50
CA GLY C 266 18.30 -38.54 47.44
C GLY C 266 17.75 -39.93 47.59
N TYR C 267 16.57 -40.17 47.00
CA TYR C 267 15.94 -41.46 47.14
C TYR C 267 16.84 -42.53 46.57
N THR C 268 16.98 -43.64 47.30
CA THR C 268 17.88 -44.75 46.99
C THR C 268 19.35 -44.45 47.27
N VAL C 269 19.70 -43.32 47.85
CA VAL C 269 21.09 -43.12 48.29
C VAL C 269 21.31 -43.83 49.61
N PRO C 270 22.30 -44.72 49.71
CA PRO C 270 22.53 -45.42 50.98
C PRO C 270 23.12 -44.52 52.06
N ASN C 271 22.85 -44.90 53.30
CA ASN C 271 23.25 -44.11 54.47
C ASN C 271 24.28 -44.90 55.24
N PRO C 272 25.55 -44.49 55.27
CA PRO C 272 26.56 -45.29 56.00
C PRO C 272 26.35 -45.37 57.50
N GLN C 273 25.80 -44.32 58.11
CA GLN C 273 25.55 -44.36 59.55
C GLN C 273 24.53 -45.42 59.93
N ALA C 274 23.46 -45.54 59.14
CA ALA C 274 22.47 -46.56 59.45
C ALA C 274 23.01 -47.95 59.20
N GLN C 275 23.83 -48.12 58.17
CA GLN C 275 24.44 -49.43 57.96
C GLN C 275 25.34 -49.79 59.14
N ALA C 276 26.06 -48.81 59.67
CA ALA C 276 26.93 -49.08 60.80
C ALA C 276 26.10 -49.47 62.02
N GLN C 277 24.99 -48.75 62.23
CA GLN C 277 24.12 -49.09 63.37
C GLN C 277 23.54 -50.49 63.21
N LEU C 278 23.12 -50.83 61.99
CA LEU C 278 22.62 -52.18 61.73
C LEU C 278 23.64 -53.20 62.16
N VAL C 279 24.88 -53.07 61.69
CA VAL C 279 25.88 -54.09 61.95
C VAL C 279 26.22 -54.15 63.43
N ALA C 280 26.38 -52.99 64.07
CA ALA C 280 26.66 -52.96 65.50
C ALA C 280 25.55 -53.62 66.30
N ASP C 281 24.29 -53.41 65.93
CA ASP C 281 23.19 -54.00 66.68
C ASP C 281 23.12 -55.49 66.45
N ALA C 282 23.42 -55.95 65.23
CA ALA C 282 23.43 -57.38 64.98
C ALA C 282 24.53 -58.06 65.81
N LEU C 283 25.72 -57.45 65.84
CA LEU C 283 26.82 -58.02 66.63
C LEU C 283 26.49 -58.02 68.12
N GLN C 284 25.89 -56.93 68.62
CA GLN C 284 25.50 -56.88 70.03
C GLN C 284 24.47 -57.94 70.37
N ARG C 285 23.42 -58.07 69.55
CA ARG C 285 22.42 -59.09 69.79
C ARG C 285 23.04 -60.48 69.74
N ALA C 286 23.98 -60.70 68.81
CA ALA C 286 24.63 -62.00 68.74
C ALA C 286 25.63 -62.21 69.87
N ASN C 287 25.97 -61.16 70.63
CA ASN C 287 27.03 -61.24 71.62
C ASN C 287 28.35 -61.70 70.99
N VAL C 288 28.67 -61.13 69.82
CA VAL C 288 29.87 -61.46 69.07
C VAL C 288 30.75 -60.21 69.00
N HIS C 289 32.00 -60.34 69.43
CA HIS C 289 32.95 -59.24 69.28
C HIS C 289 33.44 -59.19 67.83
N ALA C 290 33.48 -57.97 67.28
CA ALA C 290 33.78 -57.80 65.87
C ALA C 290 35.15 -58.37 65.48
N ARG C 291 36.09 -58.37 66.41
CA ARG C 291 37.44 -58.86 66.13
C ARG C 291 37.47 -60.37 65.85
N THR C 292 36.42 -61.11 66.22
CA THR C 292 36.40 -62.54 65.94
C THR C 292 35.78 -62.89 64.60
N VAL C 293 35.28 -61.90 63.87
CA VAL C 293 34.79 -62.13 62.51
C VAL C 293 35.98 -62.13 61.57
N SER C 294 36.12 -63.19 60.77
CA SER C 294 37.27 -63.36 59.91
C SER C 294 36.92 -63.45 58.45
N TYR C 295 35.64 -63.46 58.10
CA TYR C 295 35.22 -63.28 56.72
C TYR C 295 33.95 -62.47 56.67
N LEU C 296 33.88 -61.59 55.67
CA LEU C 296 32.70 -60.75 55.46
C LEU C 296 32.30 -60.89 54.00
N GLU C 297 31.12 -61.45 53.77
CA GLU C 297 30.50 -61.53 52.45
C GLU C 297 29.71 -60.25 52.21
N ALA C 298 30.27 -59.36 51.39
CA ALA C 298 29.64 -58.07 51.16
C ALA C 298 28.47 -58.18 50.20
N HIS C 299 27.56 -57.19 50.30
CA HIS C 299 26.56 -56.96 49.27
C HIS C 299 27.20 -56.77 47.91
N GLY C 300 28.12 -55.82 47.79
CA GLY C 300 29.03 -55.84 46.65
C GLY C 300 28.39 -55.82 45.28
N THR C 301 27.48 -54.88 45.03
CA THR C 301 26.76 -54.83 43.76
C THR C 301 27.58 -54.20 42.64
N GLY C 302 28.75 -53.66 42.94
CA GLY C 302 29.62 -53.15 41.91
C GLY C 302 29.26 -51.78 41.36
N THR C 303 28.68 -50.92 42.19
CA THR C 303 28.44 -49.54 41.80
C THR C 303 29.53 -48.66 42.39
N GLU C 304 29.85 -47.58 41.67
CA GLU C 304 30.90 -46.66 42.11
C GLU C 304 30.50 -45.90 43.37
N LEU C 305 29.20 -45.61 43.51
CA LEU C 305 28.70 -44.91 44.69
C LEU C 305 28.64 -45.80 45.93
N GLY C 306 28.12 -47.01 45.79
CA GLY C 306 27.76 -47.77 46.97
C GLY C 306 28.94 -48.42 47.67
N ASP C 307 29.93 -48.87 46.92
CA ASP C 307 31.01 -49.61 47.55
C ASP C 307 31.84 -48.78 48.52
N PRO C 308 32.22 -47.55 48.20
CA PRO C 308 33.00 -46.78 49.19
C PRO C 308 32.19 -46.47 50.43
N ILE C 309 30.91 -46.16 50.24
CA ILE C 309 30.02 -45.92 51.37
C ILE C 309 29.96 -47.16 52.24
N GLU C 310 29.85 -48.32 51.60
CA GLU C 310 29.74 -49.58 52.31
C GLU C 310 30.99 -49.84 53.14
N VAL C 311 32.16 -49.59 52.53
CA VAL C 311 33.39 -49.83 53.27
C VAL C 311 33.52 -48.84 54.41
N ALA C 312 33.07 -47.60 54.22
CA ALA C 312 33.11 -46.64 55.31
C ALA C 312 32.23 -47.11 56.47
N GLY C 313 31.04 -47.60 56.13
CA GLY C 313 30.12 -48.09 57.16
C GLY C 313 30.69 -49.27 57.91
N LEU C 314 31.28 -50.21 57.17
CA LEU C 314 31.83 -51.40 57.80
C LEU C 314 32.98 -50.99 58.69
N THR C 315 33.80 -50.04 58.23
CA THR C 315 34.94 -49.61 59.00
C THR C 315 34.45 -48.98 60.30
N ARG C 316 33.38 -48.19 60.21
CA ARG C 316 32.84 -47.54 61.38
C ARG C 316 32.28 -48.55 62.36
N ALA C 317 31.59 -49.58 61.84
CA ALA C 317 31.06 -50.60 62.72
C ALA C 317 32.18 -51.37 63.41
N PHE C 318 33.20 -51.78 62.66
CA PHE C 318 34.28 -52.54 63.27
C PHE C 318 35.04 -51.69 64.27
N GLU C 319 35.17 -50.40 63.98
CA GLU C 319 35.96 -49.52 64.84
C GLU C 319 35.30 -49.23 66.17
N LYS C 320 34.01 -49.56 66.33
CA LYS C 320 33.39 -49.52 67.65
C LYS C 320 33.99 -50.51 68.64
N ASP C 321 34.49 -51.64 68.17
CA ASP C 321 35.05 -52.68 69.04
C ASP C 321 36.57 -52.77 69.06
N THR C 322 37.24 -52.48 67.96
CA THR C 322 38.67 -52.74 67.82
C THR C 322 39.28 -51.77 66.83
N GLN C 323 40.54 -51.41 67.07
CA GLN C 323 41.31 -50.61 66.11
C GLN C 323 42.23 -51.43 65.22
N ASP C 324 42.21 -52.76 65.30
CA ASP C 324 43.12 -53.56 64.50
C ASP C 324 42.78 -53.45 63.02
N LYS C 325 43.80 -53.55 62.17
CA LYS C 325 43.66 -53.30 60.74
C LYS C 325 43.91 -54.57 59.94
N GLN C 326 43.14 -54.72 58.87
CA GLN C 326 43.36 -55.73 57.83
C GLN C 326 43.52 -57.14 58.41
N PHE C 327 42.58 -57.51 59.30
CA PHE C 327 42.57 -58.84 59.87
C PHE C 327 41.47 -59.76 59.32
N CYS C 328 40.48 -59.22 58.59
CA CYS C 328 39.30 -59.95 58.17
C CYS C 328 39.20 -60.01 56.65
N ALA C 329 38.98 -61.21 56.11
CA ALA C 329 38.81 -61.37 54.67
C ALA C 329 37.42 -60.90 54.24
N LEU C 330 37.35 -60.39 53.02
CA LEU C 330 36.13 -59.79 52.48
C LEU C 330 35.92 -60.26 51.06
N GLY C 331 34.67 -60.59 50.71
CA GLY C 331 34.38 -61.04 49.37
C GLY C 331 32.90 -60.89 49.07
N SER C 332 32.54 -61.20 47.81
CA SER C 332 31.14 -61.22 47.42
C SER C 332 30.91 -62.24 46.32
N ALA C 333 29.98 -63.15 46.58
CA ALA C 333 29.49 -64.12 45.59
C ALA C 333 28.94 -63.48 44.33
N LYS C 334 28.48 -62.22 44.37
CA LYS C 334 27.96 -61.60 43.16
C LYS C 334 29.03 -61.52 42.09
N SER C 335 30.30 -61.50 42.51
CA SER C 335 31.40 -61.48 41.55
C SER C 335 31.42 -62.77 40.74
N ASN C 336 30.85 -63.84 41.29
CA ASN C 336 30.79 -65.12 40.59
C ASN C 336 29.49 -65.21 39.80
N ILE C 337 28.35 -64.96 40.45
CA ILE C 337 27.05 -65.28 39.88
C ILE C 337 26.26 -64.04 39.51
N GLY C 338 26.83 -62.85 39.68
CA GLY C 338 26.07 -61.63 39.49
C GLY C 338 25.19 -61.31 40.68
N HIS C 339 24.37 -60.28 40.50
CA HIS C 339 23.48 -59.78 41.53
C HIS C 339 22.10 -60.37 41.27
N CYS C 340 21.55 -61.08 42.27
CA CYS C 340 20.26 -61.75 42.12
C CYS C 340 19.19 -61.20 43.07
N GLU C 341 19.26 -59.92 43.43
CA GLU C 341 18.18 -59.23 44.12
C GLU C 341 17.74 -59.95 45.39
N SER C 342 16.44 -60.29 45.47
CA SER C 342 15.90 -60.87 46.69
C SER C 342 16.58 -62.18 47.06
N ALA C 343 17.23 -62.84 46.11
CA ALA C 343 17.93 -64.08 46.44
C ALA C 343 19.40 -63.85 46.76
N ALA C 344 19.86 -62.59 46.80
CA ALA C 344 21.27 -62.33 47.03
C ALA C 344 21.69 -62.80 48.41
N GLY C 345 20.84 -62.57 49.42
CA GLY C 345 21.19 -62.95 50.77
C GLY C 345 21.33 -64.45 50.94
N ILE C 346 20.41 -65.20 50.35
CA ILE C 346 20.49 -66.65 50.48
C ILE C 346 21.68 -67.19 49.70
N ALA C 347 22.03 -66.55 48.60
CA ALA C 347 23.24 -66.96 47.87
C ALA C 347 24.49 -66.71 48.69
N GLY C 348 24.56 -65.55 49.35
CA GLY C 348 25.69 -65.29 50.21
C GLY C 348 25.75 -66.24 51.39
N VAL C 349 24.60 -66.55 51.98
CA VAL C 349 24.57 -67.53 53.05
C VAL C 349 25.07 -68.88 52.54
N THR C 350 24.66 -69.27 51.34
CA THR C 350 25.09 -70.54 50.79
C THR C 350 26.60 -70.56 50.60
N LYS C 351 27.16 -69.46 50.10
CA LYS C 351 28.60 -69.37 49.94
C LYS C 351 29.30 -69.50 51.28
N ILE C 352 28.79 -68.83 52.30
CA ILE C 352 29.40 -68.93 53.63
C ILE C 352 29.35 -70.38 54.11
N LEU C 353 28.21 -71.04 53.92
CA LEU C 353 28.05 -72.40 54.43
C LEU C 353 28.97 -73.37 53.69
N LEU C 354 29.19 -73.16 52.40
CA LEU C 354 30.12 -74.01 51.67
C LEU C 354 31.55 -73.75 52.14
N GLN C 355 31.91 -72.49 52.36
CA GLN C 355 33.23 -72.21 52.91
C GLN C 355 33.40 -72.86 54.28
N LEU C 356 32.37 -72.83 55.12
CA LEU C 356 32.49 -73.45 56.43
C LEU C 356 32.62 -74.97 56.31
N LYS C 357 31.82 -75.58 55.43
CA LYS C 357 31.87 -77.02 55.25
C LYS C 357 33.25 -77.46 54.75
N HIS C 358 33.83 -76.69 53.82
CA HIS C 358 35.10 -77.04 53.20
C HIS C 358 36.29 -76.37 53.88
N ALA C 359 36.05 -75.52 54.86
CA ALA C 359 37.11 -74.74 55.49
C ALA C 359 38.02 -74.12 54.43
N GLN C 360 37.42 -73.44 53.46
CA GLN C 360 38.17 -72.83 52.37
C GLN C 360 37.63 -71.45 52.05
N LEU C 361 38.52 -70.56 51.64
CA LEU C 361 38.16 -69.25 51.12
C LEU C 361 38.33 -69.32 49.61
N VAL C 362 37.34 -68.84 48.88
CA VAL C 362 37.36 -68.92 47.41
C VAL C 362 37.73 -67.55 46.86
N PRO C 363 38.15 -67.46 45.61
CA PRO C 363 38.43 -66.15 45.02
C PRO C 363 37.22 -65.24 45.03
N SER C 364 37.47 -63.96 45.26
CA SER C 364 36.52 -62.90 44.90
C SER C 364 37.00 -62.26 43.61
N LEU C 365 36.18 -62.37 42.56
CA LEU C 365 36.63 -62.06 41.21
C LEU C 365 36.61 -60.55 40.97
N HIS C 366 37.35 -60.12 39.96
CA HIS C 366 37.25 -58.76 39.44
C HIS C 366 37.70 -57.71 40.45
N SER C 367 38.67 -58.03 41.30
CA SER C 367 39.21 -57.05 42.24
C SER C 367 40.73 -57.09 42.29
N ARG C 368 41.38 -57.57 41.22
CA ARG C 368 42.84 -57.56 41.15
C ARG C 368 43.38 -56.14 41.29
N THR C 369 42.71 -55.16 40.69
CA THR C 369 42.91 -53.76 41.01
C THR C 369 41.77 -53.29 41.92
N LEU C 370 42.14 -52.82 43.11
CA LEU C 370 41.11 -52.45 44.08
C LEU C 370 40.56 -51.08 43.71
N ASN C 371 39.34 -50.82 44.17
CA ASN C 371 38.77 -49.50 44.05
C ASN C 371 39.77 -48.44 44.51
N PRO C 372 40.23 -47.55 43.64
CA PRO C 372 41.24 -46.57 44.06
C PRO C 372 40.69 -45.56 45.06
N ASN C 373 39.37 -45.52 45.24
CA ASN C 373 38.76 -44.62 46.19
C ASN C 373 38.62 -45.27 47.56
N ILE C 374 39.02 -46.53 47.68
CA ILE C 374 38.98 -47.26 48.93
C ILE C 374 40.42 -47.59 49.32
N ASP C 375 40.83 -47.08 50.47
CA ASP C 375 42.16 -47.34 51.01
C ASP C 375 42.01 -48.50 51.99
N PHE C 376 42.22 -49.72 51.49
CA PHE C 376 42.00 -50.88 52.33
C PHE C 376 43.02 -50.96 53.45
N THR C 377 44.15 -50.28 53.32
CA THR C 377 45.13 -50.28 54.40
C THR C 377 44.58 -49.55 55.62
N LYS C 378 43.51 -48.79 55.42
CA LYS C 378 42.82 -48.11 56.50
C LYS C 378 41.60 -48.86 56.96
N THR C 379 41.50 -50.15 56.67
CA THR C 379 40.29 -50.85 57.03
C THR C 379 40.59 -52.17 57.74
N PRO C 380 39.58 -52.79 58.36
CA PRO C 380 39.75 -54.15 58.89
C PRO C 380 39.89 -55.24 57.85
N PHE C 381 39.77 -54.96 56.56
CA PHE C 381 39.43 -56.01 55.60
C PHE C 381 40.54 -56.18 54.57
N VAL C 382 40.65 -57.40 54.07
CA VAL C 382 41.48 -57.74 52.93
C VAL C 382 40.58 -58.43 51.91
N VAL C 383 40.52 -57.89 50.70
CA VAL C 383 39.65 -58.47 49.68
C VAL C 383 40.25 -59.78 49.21
N GLN C 384 39.49 -60.86 49.38
CA GLN C 384 40.04 -62.18 49.14
C GLN C 384 40.32 -62.31 47.65
N GLN C 385 41.57 -62.61 47.31
CA GLN C 385 41.92 -62.67 45.90
C GLN C 385 42.07 -64.10 45.38
N GLU C 386 42.47 -65.02 46.24
CA GLU C 386 42.82 -66.37 45.81
C GLU C 386 42.18 -67.41 46.72
N LEU C 387 42.04 -68.63 46.19
CA LEU C 387 41.61 -69.74 47.01
C LEU C 387 42.60 -69.97 48.13
N ALA C 388 42.10 -70.13 49.35
CA ALA C 388 42.97 -70.24 50.50
C ALA C 388 42.27 -71.02 51.60
N GLU C 389 43.06 -71.60 52.48
CA GLU C 389 42.49 -72.19 53.67
C GLU C 389 41.89 -71.09 54.54
N TRP C 390 40.73 -71.37 55.11
CA TRP C 390 40.10 -70.48 56.08
C TRP C 390 40.61 -70.83 57.48
N ARG C 391 41.44 -69.95 58.04
CA ARG C 391 42.07 -70.21 59.33
C ARG C 391 41.19 -69.74 60.49
N ARG C 392 41.15 -70.55 61.54
CA ARG C 392 40.60 -70.10 62.80
C ARG C 392 41.50 -69.00 63.35
N PRO C 393 40.96 -67.80 63.62
CA PRO C 393 41.84 -66.72 64.09
C PRO C 393 42.18 -66.86 65.56
N ILE C 394 43.40 -66.44 65.91
CA ILE C 394 43.83 -66.34 67.31
C ILE C 394 43.74 -64.87 67.68
N VAL C 395 42.98 -64.56 68.73
CA VAL C 395 42.60 -63.19 69.02
C VAL C 395 42.68 -62.92 70.51
N GLU C 396 43.30 -61.79 70.85
CA GLU C 396 43.41 -61.34 72.22
C GLU C 396 42.30 -60.33 72.51
N ILE C 397 41.35 -60.70 73.37
CA ILE C 397 40.37 -59.72 73.84
C ILE C 397 40.34 -59.76 75.36
N ASN C 398 40.30 -58.60 75.99
CA ASN C 398 40.28 -58.50 77.44
C ASN C 398 41.59 -59.05 77.99
N GLY C 399 42.66 -58.93 77.20
CA GLY C 399 43.92 -59.53 77.56
C GLY C 399 43.84 -61.03 77.80
N THR C 400 42.88 -61.70 77.16
CA THR C 400 42.84 -63.16 77.14
C THR C 400 42.93 -63.63 75.69
N THR C 401 43.76 -64.65 75.46
CA THR C 401 43.94 -65.19 74.12
C THR C 401 43.32 -66.57 73.99
N ASN C 402 42.48 -66.74 72.97
CA ASN C 402 41.83 -68.02 72.72
C ASN C 402 41.66 -68.18 71.23
N GLU C 403 41.44 -69.42 70.79
CA GLU C 403 41.06 -69.72 69.42
C GLU C 403 39.55 -69.58 69.28
N TYR C 404 39.11 -68.82 68.28
CA TYR C 404 37.69 -68.65 68.07
C TYR C 404 37.21 -69.47 66.87
N PRO C 405 35.93 -69.82 66.83
CA PRO C 405 35.37 -70.46 65.63
C PRO C 405 35.47 -69.55 64.41
N ARG C 406 35.36 -70.17 63.23
CA ARG C 406 35.14 -69.42 62.00
C ARG C 406 33.81 -68.69 62.11
N ILE C 407 33.83 -67.37 62.01
CA ILE C 407 32.62 -66.57 62.10
C ILE C 407 32.56 -65.64 60.91
N ALA C 408 31.40 -65.59 60.26
CA ALA C 408 31.20 -64.67 59.16
C ALA C 408 29.95 -63.83 59.43
N GLY C 409 30.01 -62.59 58.95
CA GLY C 409 28.83 -61.75 58.87
C GLY C 409 28.45 -61.54 57.42
N ILE C 410 27.16 -61.32 57.18
CA ILE C 410 26.67 -60.98 55.85
C ILE C 410 25.69 -59.83 55.95
N SER C 411 25.85 -58.85 55.08
CA SER C 411 24.98 -57.69 54.95
C SER C 411 24.23 -57.76 53.63
N SER C 412 23.00 -57.26 53.61
CA SER C 412 22.27 -57.10 52.36
C SER C 412 21.44 -55.84 52.40
N PHE C 413 21.58 -55.03 51.36
CA PHE C 413 21.00 -53.69 51.29
C PHE C 413 20.11 -53.60 50.05
N GLY C 414 18.91 -53.09 50.23
CA GLY C 414 18.01 -52.87 49.12
C GLY C 414 18.12 -51.47 48.55
N ALA C 415 17.76 -51.36 47.27
CA ALA C 415 17.87 -50.08 46.59
C ALA C 415 17.10 -48.98 47.30
N GLY C 416 15.96 -49.29 47.88
CA GLY C 416 15.15 -48.30 48.56
C GLY C 416 15.62 -47.99 49.96
N GLY C 417 16.69 -48.64 50.42
CA GLY C 417 17.28 -48.35 51.71
C GLY C 417 16.98 -49.38 52.77
N SER C 418 16.33 -50.49 52.41
CA SER C 418 16.07 -51.55 53.37
C SER C 418 17.27 -52.46 53.50
N ASN C 419 17.75 -52.61 54.73
CA ASN C 419 18.99 -53.33 55.00
C ASN C 419 18.69 -54.56 55.85
N ALA C 420 19.52 -55.59 55.69
CA ALA C 420 19.48 -56.73 56.57
C ALA C 420 20.91 -57.22 56.79
N HIS C 421 21.12 -57.88 57.93
CA HIS C 421 22.43 -58.44 58.26
C HIS C 421 22.23 -59.72 59.06
N VAL C 422 23.04 -60.73 58.78
CA VAL C 422 22.95 -62.00 59.49
C VAL C 422 24.34 -62.44 59.95
N ILE C 423 24.38 -63.03 61.15
CA ILE C 423 25.60 -63.53 61.77
C ILE C 423 25.51 -65.05 61.79
N ILE C 424 26.53 -65.71 61.25
CA ILE C 424 26.58 -67.16 61.10
C ILE C 424 27.85 -67.68 61.75
N GLU C 425 27.71 -68.68 62.62
CA GLU C 425 28.86 -69.27 63.30
C GLU C 425 28.98 -70.73 62.87
N GLU C 426 30.23 -71.21 62.76
CA GLU C 426 30.44 -72.62 62.45
C GLU C 426 29.87 -73.49 63.57
N TYR C 427 29.32 -74.64 63.18
CA TYR C 427 28.89 -75.65 64.13
C TYR C 427 30.03 -76.62 64.40
N ILE C 428 30.39 -76.77 65.68
CA ILE C 428 31.47 -77.66 66.08
C ILE C 428 30.92 -78.80 66.92
N PRO C 429 30.83 -80.02 66.40
CA PRO C 429 30.20 -81.09 67.17
C PRO C 429 31.11 -81.59 68.29
N GLU C 430 30.51 -82.19 69.30
CA GLU C 430 31.27 -82.92 70.31
C GLU C 430 31.72 -84.27 69.76
N GLU C 431 32.96 -84.64 70.09
CA GLU C 431 33.62 -85.79 69.47
C GLU C 431 33.10 -87.08 70.11
N GLN C 432 31.96 -87.54 69.62
CA GLN C 432 31.33 -88.78 70.06
C GLN C 432 31.20 -89.69 68.84
N LYS C 433 32.08 -90.68 68.73
CA LYS C 433 32.08 -91.63 67.61
C LYS C 433 32.14 -93.06 68.19
N GLN C 434 31.09 -93.42 68.93
CA GLN C 434 30.99 -94.78 69.43
C GLN C 434 30.97 -95.78 68.27
N SER C 435 30.27 -95.45 67.20
CA SER C 435 30.29 -96.27 65.98
C SER C 435 29.81 -97.69 66.27
N SER C 436 28.78 -97.80 67.10
CA SER C 436 28.17 -99.09 67.41
C SER C 436 27.24 -99.56 66.31
N LEU C 437 27.07 -98.76 65.24
CA LEU C 437 26.30 -99.15 64.07
C LEU C 437 27.22 -99.51 62.90
N LYS C 438 28.45 -99.92 63.19
CA LYS C 438 29.39 -100.28 62.14
C LYS C 438 28.77 -101.30 61.20
N ILE C 439 28.72 -100.94 59.92
CA ILE C 439 28.10 -101.78 58.90
C ILE C 439 29.15 -102.73 58.36
N THR C 440 28.92 -104.02 58.53
CA THR C 440 29.85 -105.03 58.04
C THR C 440 29.05 -106.07 57.26
N PRO C 441 29.71 -107.05 56.65
CA PRO C 441 28.94 -108.16 56.06
C PRO C 441 28.21 -108.98 57.12
N GLN C 442 28.68 -108.95 58.36
CA GLN C 442 27.95 -109.62 59.43
C GLN C 442 26.81 -108.75 59.93
N ASN C 443 26.98 -107.43 59.86
CA ASN C 443 25.96 -106.44 60.21
C ASN C 443 25.70 -105.58 58.99
N PRO C 444 24.98 -106.08 58.00
CA PRO C 444 24.77 -105.33 56.77
C PRO C 444 23.75 -104.23 56.95
N ALA C 445 23.74 -103.29 56.01
CA ALA C 445 22.84 -102.16 56.01
C ALA C 445 21.73 -102.37 54.99
N ILE C 446 20.58 -101.74 55.25
CA ILE C 446 19.45 -101.79 54.34
C ILE C 446 19.36 -100.47 53.60
N PHE C 447 19.51 -100.52 52.28
CA PHE C 447 19.41 -99.34 51.42
C PHE C 447 18.12 -99.45 50.63
N VAL C 448 17.26 -98.44 50.77
CA VAL C 448 15.97 -98.38 50.10
C VAL C 448 15.92 -97.16 49.19
N LEU C 449 15.31 -97.33 48.02
CA LEU C 449 15.18 -96.27 47.04
C LEU C 449 13.81 -96.40 46.40
N SER C 450 13.17 -95.26 46.11
CA SER C 450 11.86 -95.31 45.50
C SER C 450 11.60 -94.03 44.73
N ALA C 451 10.66 -94.13 43.79
CA ALA C 451 10.31 -92.99 42.95
C ALA C 451 8.89 -93.19 42.43
N LYS C 452 8.37 -92.15 41.78
CA LYS C 452 7.02 -92.20 41.24
C LYS C 452 6.88 -93.20 40.10
N ASN C 453 7.99 -93.50 39.41
CA ASN C 453 7.99 -94.40 38.28
C ASN C 453 9.40 -94.92 38.08
N ALA C 454 9.57 -95.80 37.09
CA ALA C 454 10.86 -96.47 36.91
C ALA C 454 11.92 -95.53 36.37
N GLU C 455 11.53 -94.61 35.48
CA GLU C 455 12.50 -93.66 34.95
C GLU C 455 13.11 -92.82 36.05
N ARG C 456 12.28 -92.32 36.97
CA ARG C 456 12.80 -91.50 38.07
C ARG C 456 13.66 -92.33 39.00
N LEU C 457 13.24 -93.56 39.32
CA LEU C 457 14.06 -94.37 40.22
C LEU C 457 15.40 -94.68 39.58
N TYR C 458 15.41 -94.99 38.28
CA TYR C 458 16.65 -95.21 37.56
C TYR C 458 17.55 -93.99 37.66
N GLU C 459 16.98 -92.79 37.49
CA GLU C 459 17.79 -91.60 37.61
C GLU C 459 18.30 -91.44 39.03
N ILE C 460 17.50 -91.81 40.02
CA ILE C 460 17.92 -91.77 41.41
C ILE C 460 19.14 -92.66 41.61
N VAL C 461 19.10 -93.86 41.06
CA VAL C 461 20.22 -94.79 41.22
C VAL C 461 21.46 -94.22 40.56
N GLN C 462 21.31 -93.70 39.34
CA GLN C 462 22.44 -93.07 38.67
C GLN C 462 23.03 -91.97 39.53
N GLN C 463 22.17 -91.12 40.09
CA GLN C 463 22.66 -90.00 40.88
C GLN C 463 23.32 -90.47 42.15
N LEU C 464 22.85 -91.59 42.72
CA LEU C 464 23.48 -92.09 43.94
C LEU C 464 24.86 -92.64 43.62
N LEU C 465 24.96 -93.43 42.55
CA LEU C 465 26.28 -93.91 42.12
C LEU C 465 27.22 -92.74 41.88
N ALA C 466 26.74 -91.72 41.17
CA ALA C 466 27.59 -90.57 40.86
C ALA C 466 28.00 -89.84 42.13
N PHE C 467 27.07 -89.70 43.09
CA PHE C 467 27.38 -88.98 44.32
C PHE C 467 28.41 -89.75 45.14
N ILE C 468 28.21 -91.07 45.24
CA ILE C 468 29.18 -91.93 45.92
C ILE C 468 30.54 -91.74 45.29
N GLN C 469 30.61 -91.74 43.96
CA GLN C 469 31.88 -91.55 43.28
C GLN C 469 32.45 -90.17 43.58
N GLU C 470 31.63 -89.13 43.45
CA GLU C 470 32.13 -87.76 43.55
C GLU C 470 32.70 -87.48 44.93
N HIS C 471 32.04 -87.99 45.97
CA HIS C 471 32.43 -87.70 47.35
C HIS C 471 33.22 -88.83 47.99
N SER C 472 33.58 -89.86 47.22
CA SER C 472 34.41 -90.94 47.74
C SER C 472 33.79 -91.54 49.00
N LEU C 473 32.51 -91.88 48.93
CA LEU C 473 31.87 -92.51 50.06
C LEU C 473 32.32 -93.97 50.14
N SER C 474 32.42 -94.47 51.37
CA SER C 474 32.93 -95.82 51.61
C SER C 474 32.18 -96.44 52.78
N ASP C 475 32.77 -97.50 53.34
CA ASP C 475 32.08 -98.31 54.35
C ASP C 475 31.66 -97.47 55.56
N GLU C 476 32.46 -96.46 55.92
CA GLU C 476 32.15 -95.70 57.12
C GLU C 476 30.92 -94.83 56.94
N HIS C 477 30.44 -94.65 55.71
CA HIS C 477 29.26 -93.86 55.43
C HIS C 477 28.00 -94.70 55.30
N LEU C 478 28.12 -96.03 55.31
CA LEU C 478 26.98 -96.88 55.01
C LEU C 478 25.86 -96.72 56.04
N ALA C 479 26.20 -96.67 57.32
CA ALA C 479 25.17 -96.59 58.36
C ALA C 479 24.31 -95.35 58.17
N ASP C 480 24.93 -94.18 58.05
CA ASP C 480 24.18 -92.95 57.92
C ASP C 480 23.45 -92.88 56.59
N MET C 481 24.05 -93.40 55.52
CA MET C 481 23.37 -93.39 54.22
C MET C 481 22.09 -94.22 54.30
N ALA C 482 22.19 -95.42 54.85
CA ALA C 482 21.03 -96.29 54.96
C ALA C 482 19.97 -95.67 55.86
N TYR C 483 20.39 -95.08 56.97
CA TYR C 483 19.42 -94.45 57.86
C TYR C 483 18.69 -93.32 57.14
N THR C 484 19.44 -92.46 56.45
CA THR C 484 18.83 -91.33 55.76
C THR C 484 17.86 -91.78 54.67
N LEU C 485 18.23 -92.81 53.91
CA LEU C 485 17.34 -93.31 52.88
C LEU C 485 16.13 -94.03 53.48
N GLN C 486 16.29 -94.60 54.67
CA GLN C 486 15.17 -95.25 55.33
C GLN C 486 14.16 -94.23 55.81
N VAL C 487 14.61 -93.24 56.58
CA VAL C 487 13.70 -92.34 57.27
C VAL C 487 13.60 -90.98 56.59
N GLY C 488 14.41 -90.71 55.57
CA GLY C 488 14.48 -89.38 55.01
C GLY C 488 14.05 -89.25 53.56
N ARG C 489 13.40 -90.28 53.02
CA ARG C 489 12.84 -90.25 51.66
C ARG C 489 11.44 -90.82 51.71
N VAL C 490 10.49 -90.10 51.10
CA VAL C 490 9.15 -90.63 50.94
C VAL C 490 9.19 -91.89 50.07
N ALA C 491 8.52 -92.94 50.55
CA ALA C 491 8.44 -94.20 49.80
C ALA C 491 7.40 -94.09 48.71
N MET C 492 7.85 -94.07 47.46
CA MET C 492 7.01 -93.82 46.29
C MET C 492 6.65 -95.14 45.61
N GLU C 493 6.09 -95.05 44.40
CA GLU C 493 5.42 -96.20 43.81
C GLU C 493 6.43 -97.24 43.32
N GLU C 494 7.54 -96.79 42.76
CA GLU C 494 8.54 -97.68 42.19
C GLU C 494 9.70 -97.78 43.18
N ARG C 495 9.96 -98.99 43.68
CA ARG C 495 10.91 -99.16 44.77
C ARG C 495 11.93 -100.23 44.41
N ILE C 496 13.15 -100.03 44.88
CA ILE C 496 14.16 -101.08 44.93
C ILE C 496 14.82 -101.03 46.31
N ALA C 497 15.43 -102.16 46.69
CA ALA C 497 16.09 -102.28 47.98
C ALA C 497 17.26 -103.22 47.84
N VAL C 498 18.36 -102.91 48.53
CA VAL C 498 19.60 -103.67 48.40
C VAL C 498 20.17 -103.92 49.79
N ILE C 499 20.64 -105.13 50.03
CA ILE C 499 21.40 -105.48 51.22
C ILE C 499 22.87 -105.52 50.83
N ALA C 500 23.70 -104.81 51.59
CA ALA C 500 25.13 -104.73 51.31
C ALA C 500 25.87 -104.48 52.60
N GLY C 501 27.05 -105.09 52.72
CA GLY C 501 27.86 -104.97 53.91
C GLY C 501 29.10 -104.11 53.70
N THR C 502 29.35 -103.72 52.46
CA THR C 502 30.44 -102.82 52.13
C THR C 502 30.01 -101.86 51.04
N MET C 503 30.73 -100.74 50.95
CA MET C 503 30.45 -99.79 49.88
C MET C 503 30.68 -100.43 48.52
N LYS C 504 31.82 -101.11 48.36
CA LYS C 504 32.10 -101.77 47.10
C LYS C 504 30.95 -102.68 46.72
N GLU C 505 30.39 -103.39 47.70
CA GLU C 505 29.24 -104.25 47.45
C GLU C 505 28.05 -103.45 46.93
N LEU C 506 27.76 -102.32 47.56
CA LEU C 506 26.68 -101.47 47.10
C LEU C 506 26.92 -100.98 45.67
N GLN C 507 28.12 -100.47 45.39
CA GLN C 507 28.40 -100.01 44.03
C GLN C 507 28.25 -101.14 43.03
N GLN C 508 28.71 -102.34 43.39
CA GLN C 508 28.59 -103.47 42.48
C GLN C 508 27.12 -103.73 42.15
N LYS C 509 26.29 -103.86 43.19
CA LYS C 509 24.91 -104.24 42.97
C LYS C 509 24.15 -103.14 42.25
N LEU C 510 24.39 -101.88 42.62
CA LEU C 510 23.68 -100.79 41.96
C LEU C 510 24.11 -100.64 40.51
N THR C 511 25.40 -100.81 40.23
CA THR C 511 25.84 -100.74 38.85
C THR C 511 25.24 -101.86 38.03
N ALA C 512 25.16 -103.06 38.61
CA ALA C 512 24.48 -104.14 37.91
C ALA C 512 23.02 -103.80 37.63
N TYR C 513 22.37 -103.12 38.58
CA TYR C 513 20.98 -102.71 38.36
C TYR C 513 20.88 -101.70 37.22
N VAL C 514 21.77 -100.70 37.22
CA VAL C 514 21.79 -99.68 36.17
C VAL C 514 22.08 -100.30 34.82
N LYS C 515 22.83 -101.39 34.81
CA LYS C 515 23.25 -102.04 33.58
C LYS C 515 22.19 -102.97 33.00
N GLY C 516 21.05 -103.13 33.66
CA GLY C 516 19.97 -103.90 33.10
C GLY C 516 19.90 -105.34 33.57
N GLN C 517 20.68 -105.71 34.58
CA GLN C 517 20.71 -107.09 35.02
C GLN C 517 19.39 -107.46 35.67
N GLU C 518 18.71 -108.45 35.11
CA GLU C 518 17.34 -108.75 35.54
C GLU C 518 17.34 -109.33 36.95
N HIS C 519 18.31 -110.18 37.27
CA HIS C 519 18.39 -110.85 38.56
C HIS C 519 19.67 -110.43 39.25
N ILE C 520 19.53 -109.81 40.42
CA ILE C 520 20.67 -109.34 41.21
C ILE C 520 20.49 -109.81 42.65
N ALA C 521 21.54 -110.38 43.23
CA ALA C 521 21.45 -110.96 44.55
C ALA C 521 21.20 -109.87 45.59
N ASP C 522 20.22 -110.11 46.46
CA ASP C 522 19.90 -109.19 47.55
C ASP C 522 19.44 -107.84 47.04
N LEU C 523 18.90 -107.80 45.83
CA LEU C 523 18.25 -106.60 45.29
C LEU C 523 16.83 -106.98 44.90
N TYR C 524 15.85 -106.28 45.45
CA TYR C 524 14.45 -106.60 45.26
C TYR C 524 13.75 -105.48 44.49
N ARG C 525 12.91 -105.86 43.53
CA ARG C 525 12.14 -104.90 42.76
C ARG C 525 10.66 -105.26 42.86
N GLY C 526 9.82 -104.24 42.73
CA GLY C 526 8.39 -104.44 42.75
C GLY C 526 7.71 -103.10 42.73
N GLN C 527 6.37 -103.15 42.77
CA GLN C 527 5.57 -101.94 42.73
C GLN C 527 4.50 -102.02 43.80
N VAL C 528 4.17 -100.85 44.35
CA VAL C 528 3.06 -100.77 45.30
C VAL C 528 1.74 -100.87 44.55
N ASN C 529 1.67 -100.22 43.38
CA ASN C 529 0.41 -100.13 42.65
C ASN C 529 -0.31 -101.46 42.56
N ARG C 530 0.44 -102.56 42.63
CA ARG C 530 -0.13 -103.88 42.32
C ARG C 530 -0.84 -104.48 43.53
N ASN C 531 -0.24 -104.37 44.71
CA ASN C 531 -0.71 -105.09 45.88
C ASN C 531 -1.43 -104.16 46.85
N GLN C 532 -2.10 -103.14 46.34
CA GLN C 532 -2.73 -102.14 47.21
C GLN C 532 -3.73 -102.82 48.14
N GLU C 533 -4.45 -103.82 47.63
CA GLU C 533 -5.58 -104.39 48.36
C GLU C 533 -5.12 -105.05 49.67
N MET C 534 -4.22 -106.02 49.57
CA MET C 534 -3.81 -106.73 50.78
C MET C 534 -3.14 -105.80 51.78
N LEU C 535 -2.48 -104.75 51.30
CA LEU C 535 -1.87 -103.79 52.22
C LEU C 535 -2.92 -103.22 53.17
N ASP C 536 -4.02 -102.70 52.60
CA ASP C 536 -5.03 -102.00 53.40
C ASP C 536 -5.44 -102.79 54.63
N ILE C 537 -5.57 -104.11 54.50
CA ILE C 537 -6.32 -104.91 55.47
C ILE C 537 -5.45 -105.50 56.57
N LEU C 538 -4.13 -105.50 56.40
CA LEU C 538 -3.23 -106.17 57.32
C LEU C 538 -2.44 -105.22 58.21
N THR C 539 -2.18 -103.99 57.75
CA THR C 539 -1.31 -103.09 58.49
C THR C 539 -2.04 -102.37 59.61
N SER C 540 -3.37 -102.33 59.58
CA SER C 540 -4.15 -101.68 60.63
C SER C 540 -3.71 -102.12 62.02
N ASP C 541 -3.56 -103.43 62.21
CA ASP C 541 -3.28 -103.97 63.54
C ASP C 541 -1.80 -103.84 63.87
N ASP C 542 -1.49 -103.32 65.07
CA ASP C 542 -0.13 -103.40 65.60
C ASP C 542 0.38 -104.83 65.67
N GLU C 543 -0.50 -105.83 65.73
CA GLU C 543 -0.10 -107.23 65.73
C GLU C 543 0.96 -107.49 64.65
N LEU C 544 0.76 -106.86 63.50
CA LEU C 544 1.69 -107.04 62.41
C LEU C 544 2.88 -106.11 62.49
N GLU C 545 2.72 -104.88 63.00
CA GLU C 545 3.91 -104.07 63.24
C GLU C 545 4.85 -104.77 64.22
N GLU C 546 4.29 -105.51 65.18
CA GLU C 546 5.09 -106.34 66.07
C GLU C 546 5.72 -107.48 65.31
N THR C 547 4.98 -108.08 64.37
CA THR C 547 5.56 -109.17 63.60
C THR C 547 6.78 -108.66 62.82
N ILE C 548 6.65 -107.46 62.23
CA ILE C 548 7.80 -106.82 61.59
C ILE C 548 8.93 -106.65 62.59
N ALA C 549 8.61 -106.11 63.78
CA ALA C 549 9.65 -105.89 64.79
C ALA C 549 10.43 -107.17 65.05
N ARG C 550 9.74 -108.30 65.09
CA ARG C 550 10.40 -109.57 65.34
C ARG C 550 11.21 -110.00 64.13
N TRP C 551 10.67 -109.82 62.93
CA TRP C 551 11.43 -110.13 61.73
C TRP C 551 12.74 -109.35 61.70
N MET C 552 12.68 -108.07 62.05
CA MET C 552 13.88 -107.23 62.10
C MET C 552 14.87 -107.74 63.15
N GLU C 553 14.39 -107.96 64.38
CA GLU C 553 15.28 -108.47 65.42
C GLU C 553 15.93 -109.77 64.97
N ARG C 554 15.12 -110.73 64.52
CA ARG C 554 15.63 -111.99 63.98
C ARG C 554 16.48 -111.77 62.74
N GLY C 555 16.38 -110.61 62.10
CA GLY C 555 17.20 -110.32 60.94
C GLY C 555 16.67 -110.89 59.66
N LYS C 556 15.35 -111.07 59.54
CA LYS C 556 14.76 -111.60 58.32
C LYS C 556 14.68 -110.48 57.27
N TYR C 557 15.86 -109.96 56.94
CA TYR C 557 15.93 -108.79 56.09
C TYR C 557 15.36 -109.09 54.71
N SER C 558 15.77 -110.22 54.12
CA SER C 558 15.25 -110.62 52.82
C SER C 558 13.72 -110.62 52.80
N LYS C 559 13.11 -111.12 53.87
CA LYS C 559 11.66 -111.17 53.95
C LYS C 559 11.05 -109.77 54.02
N LEU C 560 11.59 -108.94 54.89
CA LEU C 560 11.05 -107.58 55.03
C LEU C 560 11.17 -106.83 53.71
N LEU C 561 12.31 -106.96 53.04
CA LEU C 561 12.50 -106.22 51.80
C LEU C 561 11.62 -106.77 50.69
N ASP C 562 11.42 -108.09 50.64
CA ASP C 562 10.51 -108.64 49.64
C ASP C 562 9.09 -108.16 49.90
N LEU C 563 8.74 -107.92 51.16
CA LEU C 563 7.42 -107.37 51.46
C LEU C 563 7.42 -105.86 51.31
N TRP C 564 8.51 -105.20 51.72
CA TRP C 564 8.56 -103.75 51.65
C TRP C 564 8.36 -103.28 50.22
N VAL C 565 8.99 -103.96 49.26
CA VAL C 565 9.00 -103.51 47.89
C VAL C 565 7.63 -103.65 47.25
N LYS C 566 6.73 -104.41 47.87
CA LYS C 566 5.36 -104.52 47.40
C LYS C 566 4.43 -103.52 48.08
N GLY C 567 4.94 -102.73 49.02
CA GLY C 567 4.15 -101.68 49.65
C GLY C 567 4.03 -101.80 51.15
N LEU C 568 4.55 -102.85 51.76
CA LEU C 568 4.43 -103.00 53.21
C LEU C 568 5.17 -101.86 53.91
N SER C 569 4.43 -101.10 54.72
CA SER C 569 5.02 -100.02 55.48
C SER C 569 5.89 -100.58 56.59
N ILE C 570 7.11 -100.09 56.69
CA ILE C 570 8.04 -100.51 57.72
C ILE C 570 8.53 -99.28 58.48
N ASP C 571 8.42 -99.32 59.80
CA ASP C 571 8.96 -98.26 60.65
C ASP C 571 10.44 -98.55 60.84
N TRP C 572 11.25 -97.96 59.97
CA TRP C 572 12.68 -98.26 59.96
C TRP C 572 13.35 -97.82 61.24
N ASN C 573 12.71 -96.97 62.04
CA ASN C 573 13.31 -96.55 63.29
C ASN C 573 13.50 -97.73 64.23
N LYS C 574 12.57 -98.69 64.20
CA LYS C 574 12.71 -99.86 65.05
C LYS C 574 13.97 -100.65 64.73
N LEU C 575 14.54 -100.43 63.55
CA LEU C 575 15.80 -101.06 63.20
C LEU C 575 16.93 -100.68 64.15
N TYR C 576 16.80 -99.55 64.85
CA TYR C 576 17.86 -99.01 65.69
C TYR C 576 17.35 -98.97 67.12
N GLN C 577 17.59 -100.04 67.87
CA GLN C 577 17.09 -100.10 69.23
C GLN C 577 17.92 -99.22 70.15
N GLU C 578 19.25 -99.29 70.03
CA GLU C 578 20.16 -98.48 70.84
C GLU C 578 20.79 -97.43 69.96
N GLU C 579 20.67 -96.17 70.35
CA GLU C 579 21.25 -95.07 69.59
C GLU C 579 20.52 -94.91 68.26
N GLN C 580 21.09 -94.10 67.37
CA GLN C 580 20.48 -93.76 66.10
C GLN C 580 21.60 -93.36 65.17
N PRO C 581 21.58 -93.78 63.91
CA PRO C 581 22.55 -93.21 62.97
C PRO C 581 22.23 -91.76 62.65
N GLY C 582 23.07 -91.14 61.85
CA GLY C 582 22.91 -89.74 61.51
C GLY C 582 22.39 -89.51 60.10
N ARG C 583 21.67 -88.40 59.94
CA ARG C 583 21.22 -87.99 58.62
C ARG C 583 22.39 -87.36 57.88
N ILE C 584 22.46 -87.60 56.58
CA ILE C 584 23.51 -87.04 55.74
C ILE C 584 22.90 -86.53 54.45
N SER C 585 23.61 -85.60 53.81
CA SER C 585 23.20 -85.12 52.51
C SER C 585 23.38 -86.22 51.47
N LEU C 586 22.34 -86.41 50.67
CA LEU C 586 22.39 -87.31 49.52
C LEU C 586 21.61 -86.66 48.39
N PRO C 587 21.78 -87.15 47.17
CA PRO C 587 21.07 -86.55 46.04
C PRO C 587 19.57 -86.59 46.29
N THR C 588 18.87 -85.61 45.72
CA THR C 588 17.44 -85.44 45.95
C THR C 588 16.66 -85.86 44.70
N TYR C 589 15.35 -85.84 44.85
CA TYR C 589 14.47 -86.46 43.86
C TYR C 589 14.66 -85.81 42.49
N PRO C 590 14.82 -86.59 41.42
CA PRO C 590 15.01 -85.97 40.11
C PRO C 590 13.68 -85.66 39.44
N PHE C 591 13.06 -84.55 39.84
CA PHE C 591 11.76 -84.19 39.30
C PHE C 591 11.77 -84.21 37.79
N ALA C 592 10.66 -84.68 37.20
CA ALA C 592 10.53 -84.63 35.76
C ALA C 592 10.65 -83.19 35.28
N LYS C 593 11.35 -83.02 34.16
CA LYS C 593 11.60 -81.72 33.55
C LYS C 593 10.70 -81.50 32.34
N GLU C 594 9.44 -81.13 32.58
CA GLU C 594 8.49 -80.92 31.50
C GLU C 594 8.20 -79.43 31.41
N SER C 595 8.13 -78.92 30.18
CA SER C 595 7.95 -77.49 29.96
C SER C 595 6.46 -77.16 29.98
N TYR C 596 6.12 -76.05 30.64
CA TYR C 596 4.77 -75.53 30.66
C TYR C 596 4.83 -74.02 30.53
N TRP C 597 4.06 -73.47 29.59
CA TRP C 597 4.00 -72.03 29.47
C TRP C 597 2.64 -71.62 28.92
N THR C 598 2.26 -70.39 29.24
CA THR C 598 0.97 -69.84 28.86
C THR C 598 1.14 -68.97 27.62
N HIS C 599 0.16 -68.13 27.35
CA HIS C 599 0.23 -67.17 26.27
C HIS C 599 -0.22 -65.81 26.77
N ALA C 600 0.59 -64.78 26.51
CA ALA C 600 0.23 -63.42 26.85
C ALA C 600 -0.57 -62.76 25.73
N GLY C 610 -6.45 -55.03 7.51
CA GLY C 610 -5.95 -56.38 7.30
C GLY C 610 -5.91 -56.77 5.84
N VAL C 611 -5.65 -58.04 5.56
CA VAL C 611 -5.52 -58.51 4.19
C VAL C 611 -6.88 -58.97 3.68
N ILE C 612 -7.12 -58.74 2.39
CA ILE C 612 -8.33 -59.25 1.75
C ILE C 612 -8.25 -60.77 1.64
N HIS C 613 -7.07 -61.30 1.37
CA HIS C 613 -6.86 -62.71 1.05
C HIS C 613 -5.36 -62.96 1.06
N PRO C 614 -4.90 -64.13 1.54
CA PRO C 614 -3.45 -64.36 1.67
C PRO C 614 -2.66 -64.05 0.40
N PHE C 615 -3.32 -64.10 -0.75
CA PHE C 615 -2.70 -63.77 -2.02
C PHE C 615 -3.11 -62.40 -2.54
N LEU C 616 -4.09 -61.74 -1.92
CA LEU C 616 -4.54 -60.41 -2.31
C LEU C 616 -4.44 -59.51 -1.09
N HIS C 617 -3.30 -58.83 -0.92
CA HIS C 617 -3.11 -58.02 0.28
C HIS C 617 -3.93 -56.74 0.23
N GLN C 618 -3.96 -56.07 -0.92
CA GLN C 618 -4.68 -54.81 -1.03
C GLN C 618 -5.16 -54.60 -2.46
N ASN C 619 -6.31 -53.94 -2.57
CA ASN C 619 -6.83 -53.52 -3.86
C ASN C 619 -6.15 -52.23 -4.27
N THR C 620 -5.58 -52.21 -5.49
CA THR C 620 -4.87 -51.04 -6.00
C THR C 620 -5.41 -50.63 -7.36
N SER C 621 -6.67 -50.93 -7.63
CA SER C 621 -7.27 -50.62 -8.92
C SER C 621 -7.29 -49.12 -9.17
N ASP C 622 -7.22 -48.74 -10.45
CA ASP C 622 -7.35 -47.36 -10.87
C ASP C 622 -8.25 -47.29 -12.09
N PHE C 623 -8.42 -46.08 -12.63
CA PHE C 623 -9.32 -45.87 -13.76
C PHE C 623 -8.95 -46.75 -14.95
N MET C 624 -7.68 -47.16 -15.05
CA MET C 624 -7.23 -47.93 -16.21
C MET C 624 -7.47 -49.42 -16.05
N GLU C 625 -7.14 -49.99 -14.88
CA GLU C 625 -7.17 -51.43 -14.70
C GLU C 625 -7.65 -51.78 -13.30
N GLN C 626 -8.33 -52.93 -13.21
CA GLN C 626 -8.53 -53.60 -11.93
C GLN C 626 -7.24 -54.30 -11.52
N ARG C 627 -6.81 -54.10 -10.28
CA ARG C 627 -5.52 -54.59 -9.84
C ARG C 627 -5.53 -54.91 -8.34
N PHE C 628 -4.79 -55.96 -7.97
CA PHE C 628 -4.50 -56.27 -6.58
C PHE C 628 -3.00 -56.45 -6.42
N SER C 629 -2.49 -56.14 -5.22
CA SER C 629 -1.07 -56.12 -4.94
C SER C 629 -0.79 -56.83 -3.61
N SER C 630 0.34 -57.54 -3.56
CA SER C 630 0.71 -58.33 -2.40
C SER C 630 2.22 -58.31 -2.22
N MET C 631 2.67 -58.14 -0.98
CA MET C 631 4.10 -58.16 -0.65
C MET C 631 4.41 -59.51 -0.02
N PHE C 632 5.10 -60.38 -0.77
CA PHE C 632 5.45 -61.71 -0.29
C PHE C 632 6.83 -61.65 0.34
N THR C 633 6.91 -62.07 1.62
CA THR C 633 8.14 -61.99 2.40
C THR C 633 8.95 -63.28 2.41
N GLY C 634 8.31 -64.42 2.18
CA GLY C 634 8.95 -65.71 2.30
C GLY C 634 8.70 -66.45 3.59
N GLN C 635 8.03 -65.81 4.56
CA GLN C 635 7.64 -66.50 5.78
C GLN C 635 6.26 -67.16 5.67
N GLU C 636 5.48 -66.83 4.65
CA GLU C 636 4.19 -67.49 4.46
C GLU C 636 4.42 -68.98 4.23
N PHE C 637 3.46 -69.80 4.68
CA PHE C 637 3.66 -71.25 4.58
C PHE C 637 3.80 -71.71 3.14
N PHE C 638 3.09 -71.05 2.20
CA PHE C 638 3.14 -71.45 0.80
C PHE C 638 4.43 -71.04 0.11
N LEU C 639 5.36 -70.42 0.83
CA LEU C 639 6.68 -70.07 0.30
C LEU C 639 7.80 -70.72 1.09
N SER C 640 7.76 -70.62 2.43
CA SER C 640 8.83 -71.21 3.23
C SER C 640 8.84 -72.73 3.13
N ASP C 641 7.67 -73.35 2.95
CA ASP C 641 7.54 -74.79 2.81
C ASP C 641 7.48 -75.26 1.37
N HIS C 642 7.79 -74.39 0.40
CA HIS C 642 7.76 -74.75 -1.02
C HIS C 642 9.08 -74.29 -1.65
N VAL C 643 10.15 -75.06 -1.46
CA VAL C 643 11.49 -74.67 -1.87
C VAL C 643 11.89 -75.53 -3.06
N ILE C 644 12.18 -74.89 -4.19
CA ILE C 644 12.64 -75.58 -5.39
C ILE C 644 14.05 -75.12 -5.69
N LYS C 645 15.00 -76.06 -5.65
CA LYS C 645 16.42 -75.81 -5.94
C LYS C 645 17.01 -74.77 -4.98
N GLY C 646 16.58 -74.82 -3.72
CA GLY C 646 17.15 -74.00 -2.67
C GLY C 646 16.51 -72.64 -2.47
N GLN C 647 15.57 -72.25 -3.32
CA GLN C 647 14.92 -70.94 -3.24
C GLN C 647 13.42 -71.12 -3.06
N ARG C 648 12.83 -70.28 -2.22
CA ARG C 648 11.39 -70.28 -2.02
C ARG C 648 10.68 -69.74 -3.25
N VAL C 649 9.78 -70.56 -3.81
CA VAL C 649 9.10 -70.25 -5.06
C VAL C 649 7.61 -70.40 -4.85
N LEU C 650 6.84 -69.48 -5.40
CA LEU C 650 5.39 -69.55 -5.31
C LEU C 650 4.86 -70.76 -6.06
N PRO C 651 4.03 -71.61 -5.44
CA PRO C 651 3.50 -72.77 -6.15
C PRO C 651 2.64 -72.37 -7.34
N SER C 652 2.71 -73.20 -8.39
CA SER C 652 1.88 -72.97 -9.57
C SER C 652 0.40 -72.83 -9.20
N ALA C 653 -0.07 -73.67 -8.27
CA ALA C 653 -1.47 -73.61 -7.84
C ALA C 653 -1.84 -72.23 -7.28
N ALA C 654 -0.87 -71.56 -6.65
CA ALA C 654 -1.16 -70.28 -6.02
C ALA C 654 -1.69 -69.27 -7.03
N TYR C 655 -1.16 -69.30 -8.25
CA TYR C 655 -1.61 -68.35 -9.27
C TYR C 655 -3.10 -68.54 -9.55
N LEU C 656 -3.54 -69.80 -9.68
CA LEU C 656 -4.95 -70.05 -9.95
C LEU C 656 -5.81 -69.55 -8.78
N GLU C 657 -5.40 -69.84 -7.55
CA GLU C 657 -6.20 -69.35 -6.42
C GLU C 657 -6.22 -67.81 -6.38
N MET C 658 -5.07 -67.18 -6.65
CA MET C 658 -5.01 -65.73 -6.70
C MET C 658 -5.99 -65.16 -7.72
N ALA C 659 -5.95 -65.68 -8.94
CA ALA C 659 -6.88 -65.21 -9.97
C ALA C 659 -8.32 -65.42 -9.55
N ARG C 660 -8.62 -66.59 -8.98
CA ARG C 660 -9.99 -66.87 -8.54
C ARG C 660 -10.46 -65.84 -7.52
N ALA C 661 -9.67 -65.63 -6.46
CA ALA C 661 -10.05 -64.67 -5.42
C ALA C 661 -10.18 -63.27 -6.00
N ALA C 662 -9.24 -62.87 -6.86
CA ALA C 662 -9.30 -61.54 -7.45
C ALA C 662 -10.59 -61.37 -8.23
N ILE C 663 -10.95 -62.36 -9.05
CA ILE C 663 -12.18 -62.28 -9.83
C ILE C 663 -13.38 -62.21 -8.89
N GLN C 664 -13.37 -63.00 -7.82
CA GLN C 664 -14.47 -62.97 -6.87
C GLN C 664 -14.65 -61.59 -6.27
N GLN C 665 -13.54 -60.91 -5.97
CA GLN C 665 -13.63 -59.55 -5.42
C GLN C 665 -14.11 -58.56 -6.48
N ALA C 666 -13.57 -58.64 -7.68
CA ALA C 666 -13.87 -57.63 -8.69
C ALA C 666 -15.32 -57.72 -9.19
N THR C 667 -15.97 -58.87 -9.03
CA THR C 667 -17.36 -59.03 -9.45
C THR C 667 -18.36 -58.77 -8.32
N GLY C 668 -17.89 -58.45 -7.12
CA GLY C 668 -18.79 -58.16 -6.02
C GLY C 668 -19.02 -59.35 -5.11
N GLY C 678 -19.06 -71.37 -10.58
CA GLY C 678 -19.13 -71.61 -12.02
C GLY C 678 -17.98 -70.96 -12.77
N LEU C 679 -16.80 -70.93 -12.17
CA LEU C 679 -15.64 -70.33 -12.79
C LEU C 679 -14.88 -71.37 -13.62
N ARG C 680 -14.45 -70.94 -14.80
CA ARG C 680 -13.63 -71.74 -15.72
C ARG C 680 -12.42 -70.92 -16.12
N PHE C 681 -11.24 -71.50 -15.95
CA PHE C 681 -10.00 -70.94 -16.49
C PHE C 681 -9.67 -71.61 -17.82
N LYS C 682 -9.06 -70.85 -18.72
CA LYS C 682 -8.62 -71.37 -20.00
C LYS C 682 -7.28 -70.76 -20.40
N ASN C 683 -6.46 -71.62 -21.03
CA ASN C 683 -5.19 -71.23 -21.63
C ASN C 683 -4.30 -70.48 -20.64
N VAL C 684 -4.12 -71.11 -19.48
CA VAL C 684 -3.21 -70.59 -18.46
C VAL C 684 -1.79 -70.97 -18.81
N VAL C 685 -0.85 -70.07 -18.53
CA VAL C 685 0.57 -70.34 -18.70
C VAL C 685 1.30 -69.94 -17.42
N TRP C 686 2.37 -70.67 -17.12
CA TRP C 686 3.31 -70.30 -16.07
C TRP C 686 4.63 -70.02 -16.78
N THR C 687 5.06 -68.76 -16.75
CA THR C 687 6.20 -68.30 -17.53
C THR C 687 7.48 -68.26 -16.71
N GLN C 688 7.42 -67.65 -15.53
CA GLN C 688 8.59 -67.42 -14.72
C GLN C 688 8.21 -67.74 -13.28
N PRO C 689 9.08 -68.40 -12.53
CA PRO C 689 8.81 -68.60 -11.11
C PRO C 689 8.99 -67.30 -10.35
N LEU C 690 8.18 -67.12 -9.32
CA LEU C 690 8.31 -65.99 -8.41
C LEU C 690 9.14 -66.48 -7.22
N ALA C 691 10.43 -66.18 -7.25
CA ALA C 691 11.33 -66.56 -6.17
C ALA C 691 11.43 -65.40 -5.18
N VAL C 692 11.36 -65.74 -3.89
CA VAL C 692 11.44 -64.76 -2.82
C VAL C 692 12.69 -65.06 -2.01
N GLY C 693 13.75 -64.27 -2.22
CA GLY C 693 14.96 -64.37 -1.46
C GLY C 693 14.96 -63.45 -0.26
N PRO C 694 16.12 -62.86 0.05
CA PRO C 694 16.18 -61.97 1.23
C PRO C 694 15.37 -60.69 1.08
N GLU C 695 15.01 -60.30 -0.15
CA GLU C 695 14.20 -59.11 -0.36
C GLU C 695 12.76 -59.47 -0.63
N PRO C 696 11.80 -58.89 0.10
CA PRO C 696 10.39 -59.12 -0.23
C PRO C 696 10.10 -58.78 -1.68
N VAL C 697 9.13 -59.48 -2.25
CA VAL C 697 8.75 -59.29 -3.65
C VAL C 697 7.37 -58.64 -3.69
N GLN C 698 7.23 -57.61 -4.53
CA GLN C 698 5.96 -56.94 -4.74
C GLN C 698 5.31 -57.58 -5.96
N ALA C 699 4.21 -58.31 -5.74
CA ALA C 699 3.48 -58.99 -6.79
C ALA C 699 2.17 -58.27 -7.06
N HIS C 700 1.68 -58.40 -8.29
CA HIS C 700 0.44 -57.79 -8.70
C HIS C 700 -0.31 -58.73 -9.63
N ILE C 701 -1.64 -58.65 -9.59
CA ILE C 701 -2.50 -59.28 -10.58
C ILE C 701 -3.43 -58.21 -11.14
N GLU C 702 -3.43 -58.06 -12.46
CA GLU C 702 -4.33 -57.17 -13.17
C GLU C 702 -5.38 -57.99 -13.92
N LEU C 703 -6.62 -57.51 -13.88
CA LEU C 703 -7.76 -58.17 -14.51
C LEU C 703 -8.38 -57.24 -15.53
N TYR C 704 -8.54 -57.73 -16.75
CA TYR C 704 -9.10 -56.97 -17.87
C TYR C 704 -10.39 -57.64 -18.32
N PRO C 705 -11.56 -57.06 -18.07
CA PRO C 705 -12.78 -57.68 -18.56
C PRO C 705 -13.01 -57.34 -20.03
N GLU C 706 -13.58 -58.29 -20.75
CA GLU C 706 -13.90 -58.12 -22.15
C GLU C 706 -15.41 -58.25 -22.33
N ALA C 707 -15.89 -57.75 -23.48
CA ALA C 707 -17.33 -57.60 -23.67
C ALA C 707 -18.05 -58.94 -23.68
N ASN C 708 -17.38 -60.01 -24.10
CA ASN C 708 -18.00 -61.32 -24.17
C ASN C 708 -18.04 -62.05 -22.83
N GLY C 709 -17.77 -61.36 -21.73
CA GLY C 709 -17.76 -61.99 -20.42
C GLY C 709 -16.43 -62.61 -20.02
N GLU C 710 -15.42 -62.56 -20.88
CA GLU C 710 -14.13 -63.14 -20.58
C GLU C 710 -13.27 -62.15 -19.79
N ILE C 711 -12.55 -62.66 -18.80
CA ILE C 711 -11.68 -61.87 -17.94
C ILE C 711 -10.26 -62.37 -18.16
N VAL C 712 -9.42 -61.51 -18.71
CA VAL C 712 -8.00 -61.84 -18.90
C VAL C 712 -7.24 -61.40 -17.67
N PHE C 713 -6.42 -62.29 -17.11
CA PHE C 713 -5.63 -61.94 -15.95
C PHE C 713 -4.14 -62.11 -16.23
N GLU C 714 -3.35 -61.23 -15.61
CA GLU C 714 -1.89 -61.30 -15.69
C GLU C 714 -1.31 -61.07 -14.30
N ILE C 715 -0.43 -61.98 -13.88
CA ILE C 715 0.25 -61.92 -12.59
C ILE C 715 1.74 -61.70 -12.84
N TYR C 716 2.26 -60.62 -12.27
CA TYR C 716 3.65 -60.19 -12.45
C TYR C 716 4.20 -59.67 -11.13
N SER C 717 5.49 -59.34 -11.11
CA SER C 717 6.12 -58.76 -9.93
C SER C 717 7.08 -57.65 -10.36
N ASP C 718 7.38 -56.75 -9.43
CA ASP C 718 8.26 -55.62 -9.69
C ASP C 718 9.71 -56.03 -9.47
N SER C 719 10.54 -55.87 -10.51
CA SER C 719 11.97 -56.09 -10.43
C SER C 719 12.68 -54.76 -10.21
N LYS C 720 13.77 -54.80 -9.45
CA LYS C 720 14.52 -53.59 -9.11
C LYS C 720 15.73 -53.48 -10.02
N GLN C 721 15.85 -52.35 -10.71
CA GLN C 721 16.96 -52.10 -11.63
C GLN C 721 18.30 -52.07 -10.88
N THR C 726 12.36 -49.20 -14.57
CA THR C 726 11.50 -50.07 -13.77
C THR C 726 10.89 -51.13 -14.68
N THR C 727 10.78 -52.37 -14.20
CA THR C 727 10.31 -53.46 -15.04
C THR C 727 9.44 -54.43 -14.27
N GLU C 728 8.45 -54.98 -14.96
CA GLU C 728 7.52 -55.96 -14.42
C GLU C 728 7.90 -57.35 -14.94
N ILE C 729 8.01 -58.32 -14.03
CA ILE C 729 8.37 -59.69 -14.39
C ILE C 729 7.09 -60.52 -14.45
N VAL C 730 6.80 -61.06 -15.63
CA VAL C 730 5.55 -61.79 -15.84
C VAL C 730 5.73 -63.22 -15.38
N HIS C 731 4.83 -63.66 -14.50
CA HIS C 731 4.84 -65.02 -13.97
C HIS C 731 3.71 -65.87 -14.52
N SER C 732 2.52 -65.31 -14.73
CA SER C 732 1.41 -66.13 -15.20
C SER C 732 0.42 -65.29 -15.96
N GLN C 733 -0.19 -65.88 -16.99
CA GLN C 733 -1.27 -65.26 -17.76
C GLN C 733 -2.39 -66.27 -17.95
N GLY C 734 -3.60 -65.78 -18.18
CA GLY C 734 -4.68 -66.69 -18.51
C GLY C 734 -5.99 -65.97 -18.73
N SER C 735 -7.03 -66.74 -19.05
CA SER C 735 -8.38 -66.21 -19.17
C SER C 735 -9.33 -66.97 -18.27
N ALA C 736 -10.43 -66.32 -17.90
CA ALA C 736 -11.48 -66.93 -17.10
C ALA C 736 -12.84 -66.51 -17.63
N VAL C 737 -13.83 -67.39 -17.45
CA VAL C 737 -15.21 -67.09 -17.78
C VAL C 737 -16.10 -67.69 -16.69
N LEU C 738 -17.16 -66.97 -16.34
CA LEU C 738 -18.19 -67.49 -15.44
C LEU C 738 -19.26 -68.17 -16.29
N CYS C 739 -19.27 -69.50 -16.26
CA CYS C 739 -20.23 -70.31 -17.00
C CYS C 739 -21.02 -71.16 -16.02
N SER C 740 -22.03 -71.86 -16.53
CA SER C 740 -22.79 -72.74 -15.66
C SER C 740 -21.95 -73.96 -15.33
N ILE C 741 -22.37 -74.68 -14.29
CA ILE C 741 -21.58 -75.80 -13.78
C ILE C 741 -22.00 -77.07 -14.52
N PRO C 742 -21.06 -77.81 -15.10
CA PRO C 742 -21.43 -79.05 -15.80
C PRO C 742 -21.76 -80.16 -14.82
N ASP C 743 -22.66 -81.05 -15.26
CA ASP C 743 -23.13 -82.16 -14.44
C ASP C 743 -22.23 -83.35 -14.70
N ILE C 744 -21.13 -83.42 -13.95
CA ILE C 744 -20.15 -84.49 -14.09
C ILE C 744 -20.57 -85.65 -13.18
N PRO C 745 -20.67 -86.87 -13.70
CA PRO C 745 -21.05 -87.99 -12.83
C PRO C 745 -19.94 -88.33 -11.84
N SER C 746 -20.35 -88.72 -10.64
CA SER C 746 -19.40 -89.10 -9.60
C SER C 746 -18.62 -90.34 -10.00
N PHE C 747 -17.36 -90.39 -9.58
CA PHE C 747 -16.52 -91.56 -9.78
C PHE C 747 -16.80 -92.62 -8.72
N ASP C 748 -16.67 -93.88 -9.12
CA ASP C 748 -16.67 -95.01 -8.19
C ASP C 748 -15.23 -95.21 -7.73
N LEU C 749 -14.91 -94.69 -6.55
CA LEU C 749 -13.52 -94.69 -6.08
C LEU C 749 -12.98 -96.11 -5.91
N SER C 750 -13.86 -97.07 -5.61
CA SER C 750 -13.40 -98.46 -5.49
C SER C 750 -12.86 -98.97 -6.83
N VAL C 751 -13.57 -98.67 -7.91
CA VAL C 751 -13.13 -99.11 -9.23
C VAL C 751 -11.79 -98.48 -9.59
N LEU C 752 -11.65 -97.18 -9.34
CA LEU C 752 -10.39 -96.51 -9.64
C LEU C 752 -9.25 -97.07 -8.80
N GLN C 753 -9.51 -97.34 -7.52
CA GLN C 753 -8.46 -97.91 -6.67
C GLN C 753 -8.02 -99.28 -7.17
N GLU C 754 -8.96 -100.10 -7.62
CA GLU C 754 -8.56 -101.39 -8.17
C GLU C 754 -7.76 -101.20 -9.46
N GLN C 755 -8.19 -100.27 -10.32
CA GLN C 755 -7.46 -100.04 -11.57
C GLN C 755 -6.04 -99.55 -11.33
N CYS C 756 -5.79 -98.90 -10.18
CA CYS C 756 -4.47 -98.35 -9.90
C CYS C 756 -3.72 -99.18 -8.86
N SER C 757 -3.53 -100.46 -9.13
CA SER C 757 -2.97 -101.39 -8.16
C SER C 757 -1.59 -101.92 -8.56
N LEU C 758 -0.95 -101.34 -9.59
CA LEU C 758 0.37 -101.81 -9.98
C LEU C 758 1.38 -101.67 -8.85
N ARG C 759 1.29 -100.57 -8.11
CA ARG C 759 2.23 -100.26 -7.04
C ARG C 759 1.58 -99.17 -6.20
N THR C 760 1.99 -99.07 -4.94
CA THR C 760 1.53 -98.02 -4.05
C THR C 760 2.75 -97.28 -3.52
N LEU C 761 2.70 -95.96 -3.58
CA LEU C 761 3.76 -95.08 -3.11
C LEU C 761 3.30 -94.39 -1.84
N SER C 762 4.11 -94.51 -0.78
CA SER C 762 3.83 -93.81 0.46
C SER C 762 4.26 -92.35 0.35
N ALA C 763 3.81 -91.55 1.32
CA ALA C 763 4.25 -90.16 1.37
C ALA C 763 5.76 -90.08 1.48
N GLU C 764 6.35 -90.93 2.34
CA GLU C 764 7.80 -90.94 2.48
C GLU C 764 8.48 -91.16 1.14
N GLN C 765 7.97 -92.11 0.34
CA GLN C 765 8.58 -92.39 -0.96
C GLN C 765 8.48 -91.18 -1.88
N CYS C 766 7.30 -90.56 -1.94
CA CYS C 766 7.10 -89.42 -2.83
C CYS C 766 8.04 -88.28 -2.47
N TYR C 767 8.07 -87.90 -1.20
CA TYR C 767 8.87 -86.74 -0.81
C TYR C 767 10.35 -87.06 -0.72
N ASP C 768 10.74 -88.33 -0.59
CA ASP C 768 12.14 -88.68 -0.80
C ASP C 768 12.54 -88.47 -2.26
N ALA C 769 11.69 -88.92 -3.20
CA ALA C 769 11.97 -88.67 -4.61
C ALA C 769 12.10 -87.16 -4.86
N PHE C 770 11.16 -86.39 -4.32
CA PHE C 770 11.22 -84.94 -4.50
C PHE C 770 12.53 -84.37 -3.93
N LYS C 771 12.88 -84.77 -2.71
CA LYS C 771 14.15 -84.32 -2.14
C LYS C 771 15.31 -84.61 -3.07
N LYS C 772 15.34 -85.80 -3.66
CA LYS C 772 16.41 -86.14 -4.58
C LYS C 772 16.39 -85.24 -5.82
N MET C 773 15.21 -84.82 -6.27
CA MET C 773 15.12 -83.95 -7.42
C MET C 773 15.35 -82.47 -7.06
N GLY C 774 15.74 -82.18 -5.83
CA GLY C 774 15.96 -80.80 -5.43
C GLY C 774 14.71 -80.06 -5.03
N VAL C 775 13.62 -80.77 -4.73
CA VAL C 775 12.36 -80.16 -4.36
C VAL C 775 12.12 -80.47 -2.88
N ASP C 776 12.22 -79.43 -2.05
CA ASP C 776 12.08 -79.53 -0.60
C ASP C 776 10.69 -79.00 -0.23
N TYR C 777 9.78 -79.92 0.08
CA TYR C 777 8.43 -79.58 0.51
C TYR C 777 8.38 -79.58 2.04
N GLY C 778 8.00 -78.46 2.63
CA GLY C 778 7.83 -78.38 4.05
C GLY C 778 6.51 -78.97 4.49
N PRO C 779 6.27 -78.95 5.80
CA PRO C 779 5.06 -79.62 6.33
C PRO C 779 3.78 -79.18 5.65
N ALA C 780 3.65 -77.89 5.35
CA ALA C 780 2.43 -77.38 4.76
C ALA C 780 2.21 -77.84 3.33
N HIS C 781 3.24 -78.39 2.67
CA HIS C 781 3.13 -78.81 1.28
C HIS C 781 3.42 -80.29 1.09
N ARG C 782 3.18 -81.09 2.12
CA ARG C 782 3.21 -82.55 1.99
C ARG C 782 1.80 -83.10 2.14
N GLY C 783 0.91 -82.68 1.23
CA GLY C 783 -0.47 -83.13 1.23
C GLY C 783 -0.71 -84.50 0.67
N ILE C 784 0.31 -85.13 0.09
CA ILE C 784 0.16 -86.47 -0.46
C ILE C 784 0.20 -87.48 0.69
N GLU C 785 -0.88 -88.23 0.85
CA GLU C 785 -0.86 -89.35 1.78
C GLU C 785 -0.34 -90.62 1.13
N GLN C 786 -0.72 -90.87 -0.12
CA GLN C 786 -0.20 -91.99 -0.90
C GLN C 786 -0.65 -91.82 -2.34
N ILE C 787 0.03 -92.54 -3.24
CA ILE C 787 -0.31 -92.56 -4.65
C ILE C 787 -0.47 -94.02 -5.08
N LEU C 788 -1.65 -94.36 -5.59
CA LEU C 788 -1.90 -95.66 -6.18
C LEU C 788 -1.61 -95.56 -7.67
N ILE C 789 -0.73 -96.42 -8.18
CA ILE C 789 -0.24 -96.30 -9.55
C ILE C 789 -0.99 -97.27 -10.44
N GLY C 790 -1.45 -96.77 -11.59
CA GLY C 790 -2.08 -97.60 -12.59
C GLY C 790 -1.38 -97.46 -13.93
N GLN C 791 -2.03 -97.87 -15.00
CA GLN C 791 -1.46 -97.78 -16.34
C GLN C 791 -1.93 -96.48 -16.99
N GLU C 792 -0.98 -95.59 -17.27
CA GLU C 792 -1.28 -94.27 -17.85
C GLU C 792 -2.16 -93.43 -16.92
N GLN C 793 -2.19 -93.77 -15.64
CA GLN C 793 -2.97 -93.00 -14.68
C GLN C 793 -2.51 -93.34 -13.27
N VAL C 794 -2.75 -92.40 -12.36
CA VAL C 794 -2.54 -92.61 -10.93
C VAL C 794 -3.71 -92.01 -10.17
N LEU C 795 -3.90 -92.49 -8.94
CA LEU C 795 -4.94 -91.99 -8.05
C LEU C 795 -4.27 -91.67 -6.72
N ALA C 796 -4.23 -90.39 -6.36
CA ALA C 796 -3.50 -89.93 -5.19
C ALA C 796 -4.48 -89.52 -4.10
N LYS C 797 -4.25 -89.99 -2.88
CA LYS C 797 -5.03 -89.57 -1.73
C LYS C 797 -4.36 -88.34 -1.11
N LEU C 798 -5.12 -87.26 -0.97
CA LEU C 798 -4.60 -85.99 -0.48
C LEU C 798 -5.31 -85.60 0.81
N SER C 799 -4.60 -84.86 1.65
CA SER C 799 -5.16 -84.36 2.90
C SER C 799 -4.48 -83.06 3.27
N LEU C 800 -5.26 -82.10 3.73
CA LEU C 800 -4.71 -80.84 4.23
C LEU C 800 -3.81 -81.13 5.44
N PRO C 801 -2.52 -80.80 5.37
CA PRO C 801 -1.66 -81.03 6.54
C PRO C 801 -2.18 -80.33 7.78
N SER C 802 -2.09 -81.02 8.92
CA SER C 802 -2.55 -80.45 10.19
C SER C 802 -1.85 -79.13 10.49
N SER C 803 -0.68 -78.88 9.90
CA SER C 803 0.00 -77.61 10.12
C SER C 803 -0.84 -76.42 9.71
N VAL C 804 -1.67 -76.56 8.67
CA VAL C 804 -2.33 -75.42 8.04
C VAL C 804 -3.86 -75.55 8.06
N VAL C 805 -4.41 -76.45 8.88
CA VAL C 805 -5.86 -76.62 8.91
C VAL C 805 -6.53 -75.32 9.32
N LYS C 806 -5.89 -74.54 10.19
CA LYS C 806 -6.45 -73.26 10.60
C LYS C 806 -6.82 -72.40 9.40
N THR C 807 -6.09 -72.51 8.31
CA THR C 807 -6.28 -71.67 7.13
C THR C 807 -7.28 -72.22 6.13
N GLN C 808 -7.93 -73.36 6.41
CA GLN C 808 -8.78 -73.98 5.40
C GLN C 808 -9.78 -73.00 4.82
N GLY C 809 -10.36 -72.14 5.65
CA GLY C 809 -11.41 -71.26 5.20
C GLY C 809 -10.96 -70.02 4.46
N GLN C 810 -9.66 -69.75 4.44
CA GLN C 810 -9.15 -68.56 3.77
C GLN C 810 -9.00 -68.75 2.27
N PHE C 811 -9.04 -69.98 1.78
CA PHE C 811 -8.83 -70.26 0.37
C PHE C 811 -10.02 -71.01 -0.21
N GLY C 812 -10.26 -70.79 -1.51
CA GLY C 812 -11.17 -71.64 -2.25
C GLY C 812 -10.42 -72.85 -2.77
N LEU C 813 -9.40 -72.61 -3.59
CA LEU C 813 -8.46 -73.65 -4.03
C LEU C 813 -7.27 -73.58 -3.09
N HIS C 814 -7.27 -74.40 -2.06
CA HIS C 814 -6.21 -74.33 -1.06
C HIS C 814 -4.88 -74.70 -1.71
N PRO C 815 -3.85 -73.84 -1.61
CA PRO C 815 -2.58 -74.17 -2.26
C PRO C 815 -1.98 -75.49 -1.82
N SER C 816 -2.20 -75.90 -0.57
CA SER C 816 -1.67 -77.18 -0.11
C SER C 816 -2.31 -78.34 -0.88
N LEU C 817 -3.64 -78.36 -0.96
CA LEU C 817 -4.33 -79.45 -1.64
C LEU C 817 -4.06 -79.42 -3.15
N LEU C 818 -4.19 -78.25 -3.77
CA LEU C 818 -4.03 -78.16 -5.21
C LEU C 818 -2.59 -78.46 -5.63
N ASP C 819 -1.62 -77.92 -4.88
CA ASP C 819 -0.23 -78.24 -5.15
C ASP C 819 0.05 -79.71 -4.94
N ALA C 820 -0.58 -80.33 -3.94
CA ALA C 820 -0.42 -81.77 -3.75
C ALA C 820 -0.96 -82.54 -4.95
N ALA C 821 -2.11 -82.10 -5.48
CA ALA C 821 -2.66 -82.72 -6.68
C ALA C 821 -1.66 -82.64 -7.83
N LEU C 822 -1.02 -81.49 -8.01
CA LEU C 822 -0.05 -81.38 -9.10
C LEU C 822 1.21 -82.19 -8.78
N GLN C 823 1.62 -82.23 -7.51
CA GLN C 823 2.73 -83.09 -7.12
C GLN C 823 2.47 -84.54 -7.52
N SER C 824 1.23 -84.99 -7.38
CA SER C 824 0.90 -86.39 -7.61
C SER C 824 1.18 -86.84 -9.03
N SER C 825 1.37 -85.91 -9.98
CA SER C 825 1.81 -86.31 -11.31
C SER C 825 3.16 -86.99 -11.28
N LEU C 826 3.90 -86.90 -10.16
CA LEU C 826 5.14 -87.64 -10.02
C LEU C 826 4.93 -89.13 -10.24
N GLY C 827 3.78 -89.66 -9.84
CA GLY C 827 3.52 -91.08 -10.03
C GLY C 827 3.62 -91.52 -11.48
N LEU C 828 3.11 -90.70 -12.40
CA LEU C 828 3.22 -91.01 -13.82
C LEU C 828 4.68 -91.21 -14.22
N MET C 829 5.57 -90.38 -13.67
CA MET C 829 7.00 -90.51 -13.93
C MET C 829 7.57 -91.73 -13.22
N MET C 830 7.18 -91.96 -11.98
CA MET C 830 7.68 -93.11 -11.22
C MET C 830 7.34 -94.42 -11.92
N ALA C 831 6.23 -94.46 -12.66
CA ALA C 831 5.98 -95.58 -13.54
C ALA C 831 7.21 -95.88 -14.40
N THR C 832 7.83 -94.83 -14.94
CA THR C 832 9.08 -94.98 -15.67
C THR C 832 10.26 -95.26 -14.75
N SER C 833 10.13 -94.92 -13.46
CA SER C 833 11.18 -95.12 -12.47
C SER C 833 12.31 -94.12 -12.66
N ASP C 834 12.91 -94.09 -13.86
CA ASP C 834 13.98 -93.15 -14.15
C ASP C 834 13.59 -91.75 -13.73
N PHE C 835 14.41 -91.15 -12.87
CA PHE C 835 14.03 -89.90 -12.23
C PHE C 835 14.21 -88.70 -13.16
N SER C 836 13.20 -87.83 -13.16
CA SER C 836 13.31 -86.54 -13.82
C SER C 836 12.25 -85.61 -13.26
N LEU C 837 12.57 -84.32 -13.24
CA LEU C 837 11.69 -83.28 -12.75
C LEU C 837 10.95 -82.70 -13.95
N ILE C 838 9.62 -82.69 -13.89
CA ILE C 838 8.78 -82.34 -15.03
C ILE C 838 7.74 -81.33 -14.55
N LEU C 839 8.07 -79.98 -14.69
CA LEU C 839 7.10 -79.01 -14.18
C LEU C 839 6.10 -78.60 -15.26
N PRO C 840 4.89 -78.20 -14.85
CA PRO C 840 3.91 -77.71 -15.83
C PRO C 840 4.17 -76.26 -16.21
N PHE C 841 4.01 -75.98 -17.51
CA PHE C 841 4.06 -74.61 -18.00
C PHE C 841 2.75 -74.10 -18.58
N ALA C 842 1.72 -74.94 -18.69
CA ALA C 842 0.46 -74.51 -19.29
C ALA C 842 -0.69 -75.40 -18.83
N LEU C 843 -1.90 -74.83 -18.87
CA LEU C 843 -3.13 -75.55 -18.54
C LEU C 843 -4.23 -75.10 -19.49
N GLU C 844 -4.79 -76.03 -20.25
CA GLU C 844 -5.81 -75.67 -21.24
C GLU C 844 -7.12 -75.27 -20.58
N GLU C 845 -7.54 -76.00 -19.54
CA GLU C 845 -8.85 -75.77 -18.96
C GLU C 845 -8.84 -76.13 -17.48
N MET C 846 -9.61 -75.37 -16.72
CA MET C 846 -9.91 -75.70 -15.33
C MET C 846 -11.37 -75.32 -15.09
N VAL C 847 -12.11 -76.22 -14.44
CA VAL C 847 -13.51 -75.99 -14.11
C VAL C 847 -13.65 -76.19 -12.61
N ILE C 848 -14.09 -75.15 -11.91
CA ILE C 848 -14.40 -75.27 -10.49
C ILE C 848 -15.87 -75.69 -10.39
N VAL C 849 -16.10 -76.92 -9.98
CA VAL C 849 -17.46 -77.45 -9.88
C VAL C 849 -18.03 -77.28 -8.49
N GLY C 850 -17.20 -77.40 -7.47
CA GLY C 850 -17.67 -77.26 -6.10
C GLY C 850 -16.54 -76.92 -5.18
N ASP C 851 -16.81 -77.00 -3.88
CA ASP C 851 -15.82 -76.66 -2.87
C ASP C 851 -14.89 -77.83 -2.61
N CYS C 852 -13.67 -77.51 -2.18
CA CYS C 852 -12.69 -78.51 -1.79
C CYS C 852 -12.85 -78.87 -0.32
N SER C 853 -12.53 -80.12 0.00
CA SER C 853 -12.58 -80.64 1.36
C SER C 853 -11.16 -80.82 1.89
N SER C 854 -11.07 -81.14 3.18
CA SER C 854 -9.75 -81.34 3.78
C SER C 854 -9.08 -82.62 3.28
N SER C 855 -9.87 -83.65 2.95
CA SER C 855 -9.35 -84.89 2.38
C SER C 855 -10.00 -85.10 1.02
N MET C 856 -9.17 -85.38 0.01
CA MET C 856 -9.65 -85.49 -1.37
C MET C 856 -8.84 -86.54 -2.12
N TRP C 857 -9.20 -86.72 -3.39
CA TRP C 857 -8.49 -87.61 -4.31
C TRP C 857 -8.14 -86.86 -5.58
N ALA C 858 -7.00 -87.23 -6.18
CA ALA C 858 -6.58 -86.69 -7.47
C ALA C 858 -6.42 -87.84 -8.45
N LEU C 859 -7.28 -87.89 -9.46
CA LEU C 859 -7.17 -88.85 -10.55
C LEU C 859 -6.41 -88.19 -11.69
N ILE C 860 -5.22 -88.68 -11.99
CA ILE C 860 -4.34 -88.11 -13.00
C ILE C 860 -4.23 -89.08 -14.17
N ARG C 861 -4.52 -88.60 -15.37
CA ARG C 861 -4.53 -89.42 -16.58
C ARG C 861 -3.78 -88.74 -17.71
N TYR C 862 -2.98 -89.52 -18.43
CA TYR C 862 -2.31 -89.02 -19.63
C TYR C 862 -3.32 -88.79 -20.74
N ARG C 863 -3.32 -87.58 -21.31
CA ARG C 863 -4.22 -87.27 -22.41
C ARG C 863 -3.85 -88.14 -23.61
N GLU C 864 -4.87 -88.73 -24.25
CA GLU C 864 -4.61 -89.71 -25.30
C GLU C 864 -3.64 -89.13 -26.32
N GLY C 865 -2.67 -89.95 -26.72
CA GLY C 865 -1.57 -89.49 -27.54
C GLY C 865 -0.38 -88.99 -26.76
N SER C 866 -0.47 -88.92 -25.43
CA SER C 866 0.63 -88.48 -24.58
C SER C 866 1.15 -89.65 -23.78
N LYS C 867 2.47 -89.82 -23.77
CA LYS C 867 3.13 -90.88 -23.05
C LYS C 867 4.21 -90.27 -22.15
N ALA C 868 4.66 -91.04 -21.17
CA ALA C 868 5.77 -90.61 -20.34
C ALA C 868 7.04 -90.57 -21.19
N GLY C 869 7.86 -89.54 -20.96
CA GLY C 869 9.09 -89.36 -21.72
C GLY C 869 8.97 -88.48 -22.94
N ASP C 870 7.81 -87.91 -23.21
CA ASP C 870 7.65 -87.04 -24.35
C ASP C 870 8.28 -85.67 -24.08
N ARG C 871 8.62 -84.98 -25.17
CA ARG C 871 9.18 -83.63 -25.04
C ARG C 871 8.22 -82.70 -24.32
N VAL C 872 6.91 -82.90 -24.51
CA VAL C 872 5.87 -82.16 -23.80
C VAL C 872 4.87 -83.19 -23.32
N GLU C 873 4.80 -83.43 -22.01
CA GLU C 873 3.86 -84.39 -21.46
C GLU C 873 2.54 -83.70 -21.14
N LYS C 874 1.44 -84.31 -21.56
CA LYS C 874 0.11 -83.73 -21.41
C LYS C 874 -0.72 -84.64 -20.52
N PHE C 875 -1.39 -84.04 -19.53
CA PHE C 875 -2.26 -84.85 -18.66
C PHE C 875 -3.39 -84.03 -18.07
N ASP C 876 -4.39 -84.76 -17.55
CA ASP C 876 -5.57 -84.21 -16.90
C ASP C 876 -5.62 -84.65 -15.44
N ILE C 877 -6.20 -83.80 -14.59
CA ILE C 877 -6.32 -84.05 -13.16
C ILE C 877 -7.75 -83.75 -12.72
N ASP C 878 -8.38 -84.74 -12.06
CA ASP C 878 -9.67 -84.56 -11.42
C ASP C 878 -9.50 -84.59 -9.91
N LEU C 879 -9.90 -83.51 -9.24
CA LEU C 879 -9.97 -83.47 -7.78
C LEU C 879 -11.37 -83.88 -7.35
N CYS C 880 -11.45 -84.94 -6.54
CA CYS C 880 -12.70 -85.54 -6.14
C CYS C 880 -12.81 -85.56 -4.63
N ASP C 881 -14.04 -85.53 -4.12
CA ASP C 881 -14.28 -85.63 -2.68
C ASP C 881 -14.31 -87.11 -2.28
N GLU C 882 -14.56 -87.36 -0.98
CA GLU C 882 -14.52 -88.72 -0.47
C GLU C 882 -15.49 -89.65 -1.18
N ASN C 883 -16.54 -89.11 -1.79
CA ASN C 883 -17.56 -89.92 -2.43
C ASN C 883 -17.36 -90.05 -3.94
N GLY C 884 -16.31 -89.47 -4.50
CA GLY C 884 -16.06 -89.51 -5.91
C GLY C 884 -16.64 -88.36 -6.71
N ASN C 885 -17.27 -87.39 -6.06
CA ASN C 885 -17.76 -86.21 -6.76
C ASN C 885 -16.59 -85.37 -7.24
N VAL C 886 -16.67 -84.90 -8.48
CA VAL C 886 -15.62 -84.08 -9.07
C VAL C 886 -15.86 -82.63 -8.66
N GLN C 887 -14.98 -82.09 -7.82
CA GLN C 887 -15.09 -80.70 -7.39
C GLN C 887 -14.29 -79.76 -8.28
N VAL C 888 -13.15 -80.22 -8.82
CA VAL C 888 -12.33 -79.41 -9.71
C VAL C 888 -11.83 -80.32 -10.83
N ARG C 889 -12.08 -79.93 -12.08
CA ARG C 889 -11.64 -80.69 -13.24
C ARG C 889 -10.61 -79.88 -14.00
N MET C 890 -9.40 -80.43 -14.16
CA MET C 890 -8.34 -79.78 -14.90
C MET C 890 -8.00 -80.63 -16.13
N LYS C 891 -7.98 -79.98 -17.29
CA LYS C 891 -7.76 -80.65 -18.57
C LYS C 891 -6.62 -79.95 -19.31
N GLY C 892 -5.65 -80.73 -19.76
CA GLY C 892 -4.64 -80.21 -20.65
C GLY C 892 -3.47 -79.52 -19.98
N PHE C 893 -2.99 -80.05 -18.86
CA PHE C 893 -1.68 -79.67 -18.36
C PHE C 893 -0.65 -80.05 -19.41
N SER C 894 0.27 -79.14 -19.70
CA SER C 894 1.42 -79.41 -20.52
C SER C 894 2.64 -79.17 -19.65
N THR C 895 3.60 -80.09 -19.72
CA THR C 895 4.75 -80.03 -18.83
C THR C 895 6.02 -80.38 -19.58
N ARG C 896 7.12 -79.80 -19.09
CA ARG C 896 8.44 -79.99 -19.66
C ARG C 896 9.41 -80.50 -18.60
N LYS C 897 10.32 -81.35 -19.04
CA LYS C 897 11.37 -81.89 -18.18
C LYS C 897 12.46 -80.83 -18.05
N ILE C 898 12.79 -80.47 -16.81
CA ILE C 898 13.79 -79.46 -16.54
C ILE C 898 15.01 -80.01 -15.83
N ALA C 899 14.96 -81.24 -15.32
CA ALA C 899 16.14 -81.83 -14.69
C ALA C 899 16.08 -83.34 -14.76
N ASN C 900 17.25 -83.95 -15.00
CA ASN C 900 17.42 -85.39 -15.01
C ASN C 900 18.00 -85.84 -13.67
N VAL C 901 17.43 -86.91 -13.11
CA VAL C 901 17.93 -87.48 -11.86
C VAL C 901 18.15 -86.40 -10.82
N ASP C 1063 -4.92 -52.75 -42.78
CA ASP C 1063 -4.39 -54.05 -43.19
C ASP C 1063 -5.38 -54.84 -44.01
N ILE C 1064 -5.28 -54.70 -45.33
CA ILE C 1064 -6.16 -55.40 -46.26
C ILE C 1064 -5.29 -56.27 -47.15
N ALA C 1065 -5.58 -57.56 -47.19
CA ALA C 1065 -4.82 -58.48 -47.99
C ALA C 1065 -5.36 -58.55 -49.42
N ILE C 1066 -4.45 -58.78 -50.36
CA ILE C 1066 -4.80 -59.12 -51.73
C ILE C 1066 -4.50 -60.60 -51.92
N ILE C 1067 -5.53 -61.39 -52.20
CA ILE C 1067 -5.41 -62.84 -52.30
C ILE C 1067 -5.57 -63.33 -53.73
N GLY C 1068 -5.41 -62.46 -54.71
CA GLY C 1068 -5.57 -62.86 -56.10
C GLY C 1068 -5.20 -61.72 -57.01
N ILE C 1069 -4.86 -61.99 -58.27
CA ILE C 1069 -4.71 -60.92 -59.25
C ILE C 1069 -4.66 -61.52 -60.64
N SER C 1070 -5.09 -60.76 -61.62
CA SER C 1070 -4.96 -61.11 -63.02
C SER C 1070 -5.08 -59.85 -63.85
N GLY C 1071 -4.64 -59.92 -65.09
CA GLY C 1071 -4.68 -58.75 -65.93
C GLY C 1071 -4.21 -59.00 -67.34
N ARG C 1072 -4.83 -58.34 -68.31
CA ARG C 1072 -4.48 -58.45 -69.71
C ARG C 1072 -3.95 -57.10 -70.18
N TYR C 1073 -2.68 -57.09 -70.58
CA TYR C 1073 -1.97 -55.88 -70.95
C TYR C 1073 -1.40 -56.07 -72.34
N PRO C 1074 -1.02 -54.98 -73.02
CA PRO C 1074 -0.59 -55.12 -74.41
C PRO C 1074 0.53 -56.14 -74.53
N GLN C 1075 0.38 -57.04 -75.51
CA GLN C 1075 1.34 -58.12 -75.74
C GLN C 1075 1.50 -58.98 -74.48
N ALA C 1076 0.38 -59.22 -73.79
CA ALA C 1076 0.43 -60.01 -72.56
C ALA C 1076 -0.97 -60.47 -72.21
N ARG C 1077 -1.19 -61.79 -72.20
CA ARG C 1077 -2.44 -62.37 -71.74
C ARG C 1077 -2.42 -62.77 -70.27
N ASN C 1078 -1.26 -62.70 -69.61
CA ASN C 1078 -1.15 -63.16 -68.23
C ASN C 1078 -0.15 -62.30 -67.48
N ILE C 1079 -0.20 -62.41 -66.16
CA ILE C 1079 0.80 -61.73 -65.33
C ILE C 1079 2.19 -62.32 -65.57
N HIS C 1080 2.30 -63.64 -65.76
CA HIS C 1080 3.61 -64.19 -66.06
C HIS C 1080 4.15 -63.61 -67.35
N ASP C 1081 3.35 -63.67 -68.41
CA ASP C 1081 3.77 -63.09 -69.66
C ASP C 1081 3.97 -61.60 -69.52
N PHE C 1082 3.12 -60.95 -68.73
CA PHE C 1082 3.41 -59.57 -68.35
C PHE C 1082 4.72 -59.49 -67.61
N TRP C 1083 5.01 -60.47 -66.76
CA TRP C 1083 6.26 -60.46 -66.03
C TRP C 1083 7.45 -60.52 -66.98
N LYS C 1084 7.38 -61.39 -67.98
CA LYS C 1084 8.53 -61.59 -68.86
C LYS C 1084 8.86 -60.33 -69.62
N ASN C 1085 7.84 -59.61 -70.09
CA ASN C 1085 8.10 -58.35 -70.77
C ASN C 1085 8.81 -57.37 -69.85
N LEU C 1086 8.38 -57.32 -68.58
CA LEU C 1086 8.99 -56.36 -67.66
C LEU C 1086 10.46 -56.66 -67.46
N ARG C 1087 10.79 -57.85 -66.96
CA ARG C 1087 12.19 -58.17 -66.71
C ARG C 1087 12.99 -58.12 -68.00
N ASP C 1088 12.35 -58.35 -69.14
CA ASP C 1088 12.99 -58.16 -70.42
C ASP C 1088 13.01 -56.71 -70.88
N GLY C 1089 12.32 -55.82 -70.17
CA GLY C 1089 12.37 -54.41 -70.52
C GLY C 1089 11.94 -54.16 -71.95
N LYS C 1090 10.83 -54.75 -72.35
CA LYS C 1090 10.39 -54.75 -73.75
C LYS C 1090 9.38 -53.62 -73.98
N ASP C 1091 9.61 -52.83 -75.02
CA ASP C 1091 8.74 -51.70 -75.34
C ASP C 1091 7.56 -52.24 -76.13
N CYS C 1092 6.55 -52.72 -75.42
CA CYS C 1092 5.40 -53.36 -76.04
C CYS C 1092 4.38 -52.33 -76.50
N ILE C 1093 4.83 -51.35 -77.27
CA ILE C 1093 3.95 -50.33 -77.85
C ILE C 1093 4.19 -50.34 -79.35
N THR C 1094 3.12 -50.56 -80.12
CA THR C 1094 3.23 -50.67 -81.56
C THR C 1094 2.13 -49.85 -82.23
N GLU C 1095 2.13 -49.87 -83.56
CA GLU C 1095 1.18 -49.10 -84.33
C GLU C 1095 -0.20 -49.73 -84.24
N ILE C 1096 -1.22 -48.92 -84.51
CA ILE C 1096 -2.60 -49.41 -84.41
C ILE C 1096 -2.81 -50.56 -85.39
N PRO C 1097 -3.33 -51.71 -84.96
CA PRO C 1097 -3.59 -52.80 -85.90
C PRO C 1097 -4.67 -52.43 -86.89
N LYS C 1098 -4.58 -53.06 -88.07
CA LYS C 1098 -5.53 -52.80 -89.15
C LYS C 1098 -6.92 -53.37 -88.85
N ASP C 1099 -7.05 -54.24 -87.85
CA ASP C 1099 -8.37 -54.71 -87.47
C ASP C 1099 -9.27 -53.55 -87.07
N ARG C 1100 -8.69 -52.53 -86.44
CA ARG C 1100 -9.43 -51.35 -86.02
C ARG C 1100 -9.61 -50.42 -87.23
N TRP C 1101 -9.97 -49.17 -86.96
CA TRP C 1101 -10.19 -48.18 -88.02
C TRP C 1101 -9.01 -48.19 -89.00
N ASP C 1102 -9.27 -47.77 -90.24
CA ASP C 1102 -8.25 -47.86 -91.29
C ASP C 1102 -6.96 -47.15 -90.88
N HIS C 1103 -7.09 -46.05 -90.15
CA HIS C 1103 -5.99 -45.29 -89.54
C HIS C 1103 -5.26 -44.40 -90.54
N SER C 1104 -5.57 -44.46 -91.84
CA SER C 1104 -4.86 -43.67 -92.84
C SER C 1104 -5.56 -42.36 -93.17
N LEU C 1105 -6.67 -42.06 -92.50
CA LEU C 1105 -7.51 -40.93 -92.89
C LEU C 1105 -7.05 -39.61 -92.30
N TYR C 1106 -6.59 -39.61 -91.05
CA TYR C 1106 -6.39 -38.39 -90.31
C TYR C 1106 -4.94 -38.04 -90.04
N PHE C 1107 -4.02 -38.98 -90.22
CA PHE C 1107 -2.61 -38.69 -89.93
C PHE C 1107 -2.09 -37.68 -90.95
N ASP C 1108 -1.46 -36.61 -90.44
CA ASP C 1108 -0.90 -35.57 -91.29
C ASP C 1108 0.43 -35.05 -90.78
N GLU C 1109 1.02 -35.65 -89.74
CA GLU C 1109 2.32 -35.30 -89.18
C GLU C 1109 2.44 -33.82 -88.83
N ALA C 1110 1.33 -33.10 -88.79
CA ALA C 1110 1.32 -31.69 -88.42
C ALA C 1110 0.14 -31.43 -87.51
N LYS C 1111 0.28 -30.42 -86.64
CA LYS C 1111 -0.76 -30.09 -85.67
C LYS C 1111 -1.74 -29.10 -86.31
N ASP C 1112 -2.63 -29.66 -87.14
CA ASP C 1112 -3.61 -28.82 -87.82
C ASP C 1112 -4.91 -29.61 -88.02
N LYS C 1113 -5.80 -29.51 -87.03
CA LYS C 1113 -7.23 -29.73 -87.19
C LYS C 1113 -7.64 -31.16 -87.55
N LEU C 1114 -6.69 -32.06 -87.79
CA LEU C 1114 -7.06 -33.42 -88.14
C LEU C 1114 -7.25 -34.33 -86.93
N GLY C 1115 -6.88 -33.86 -85.74
CA GLY C 1115 -6.98 -34.65 -84.53
C GLY C 1115 -5.91 -35.72 -84.39
N LYS C 1116 -5.36 -36.19 -85.49
CA LYS C 1116 -4.21 -37.08 -85.53
C LYS C 1116 -2.94 -36.25 -85.78
N SER C 1117 -1.88 -36.92 -86.24
CA SER C 1117 -0.47 -36.50 -86.22
C SER C 1117 0.15 -36.88 -84.89
N TYR C 1118 -0.61 -37.51 -83.99
CA TYR C 1118 -0.07 -38.39 -82.95
C TYR C 1118 -0.92 -39.65 -83.11
N SER C 1119 -0.55 -40.49 -84.06
CA SER C 1119 -1.50 -41.45 -84.63
C SER C 1119 -1.11 -42.90 -84.39
N LYS C 1120 0.07 -43.32 -84.84
CA LYS C 1120 0.45 -44.73 -84.77
C LYS C 1120 1.30 -45.01 -83.53
N TRP C 1121 0.81 -44.64 -82.36
CA TRP C 1121 1.53 -44.92 -81.11
C TRP C 1121 0.51 -45.25 -80.04
N GLY C 1122 0.45 -46.53 -79.65
CA GLY C 1122 -0.44 -46.96 -78.59
C GLY C 1122 -0.25 -48.41 -78.25
N GLY C 1123 -0.28 -48.74 -76.96
CA GLY C 1123 -0.20 -50.13 -76.52
C GLY C 1123 -1.59 -50.73 -76.56
N PHE C 1124 -1.67 -51.94 -77.12
CA PHE C 1124 -2.95 -52.59 -77.30
C PHE C 1124 -2.87 -54.06 -76.87
N ILE C 1125 -3.95 -54.54 -76.25
CA ILE C 1125 -4.06 -55.93 -75.86
C ILE C 1125 -4.67 -56.71 -77.02
N ASP C 1126 -4.08 -57.86 -77.33
CA ASP C 1126 -4.53 -58.64 -78.49
C ASP C 1126 -5.90 -59.27 -78.23
N GLY C 1127 -6.75 -59.22 -79.25
CA GLY C 1127 -8.03 -59.90 -79.23
C GLY C 1127 -9.07 -59.26 -78.35
N VAL C 1128 -9.45 -58.01 -78.66
CA VAL C 1128 -10.44 -57.31 -77.85
C VAL C 1128 -11.85 -57.81 -78.12
N ASP C 1129 -12.09 -58.40 -79.28
CA ASP C 1129 -13.42 -58.88 -79.66
C ASP C 1129 -13.56 -60.38 -79.50
N GLN C 1130 -12.83 -60.98 -78.56
CA GLN C 1130 -12.88 -62.41 -78.32
C GLN C 1130 -13.69 -62.66 -77.05
N PHE C 1131 -14.68 -63.55 -77.15
CA PHE C 1131 -15.60 -63.78 -76.05
C PHE C 1131 -16.11 -65.20 -76.15
N ASP C 1132 -16.56 -65.74 -75.02
CA ASP C 1132 -17.07 -67.11 -74.94
C ASP C 1132 -18.41 -67.07 -74.21
N PRO C 1133 -19.41 -66.45 -74.81
CA PRO C 1133 -20.66 -66.21 -74.09
C PRO C 1133 -21.34 -67.47 -73.59
N LEU C 1134 -21.25 -68.59 -74.32
CA LEU C 1134 -21.93 -69.81 -73.88
C LEU C 1134 -21.52 -70.18 -72.47
N PHE C 1135 -20.24 -70.01 -72.14
CA PHE C 1135 -19.79 -70.27 -70.78
C PHE C 1135 -20.54 -69.40 -69.78
N PHE C 1136 -20.99 -68.22 -70.22
CA PHE C 1136 -21.64 -67.25 -69.35
C PHE C 1136 -23.15 -67.20 -69.53
N HIS C 1137 -23.72 -68.12 -70.31
CA HIS C 1137 -25.17 -68.17 -70.50
C HIS C 1137 -25.68 -66.85 -71.04
N ILE C 1138 -25.06 -66.38 -72.12
CA ILE C 1138 -25.44 -65.15 -72.79
C ILE C 1138 -25.62 -65.49 -74.28
N SER C 1139 -26.75 -65.09 -74.85
CA SER C 1139 -27.01 -65.36 -76.25
C SER C 1139 -26.02 -64.59 -77.12
N PRO C 1140 -25.56 -65.19 -78.23
CA PRO C 1140 -24.63 -64.46 -79.10
C PRO C 1140 -25.18 -63.13 -79.58
N ARG C 1141 -26.48 -63.07 -79.84
CA ARG C 1141 -27.09 -61.80 -80.21
C ARG C 1141 -26.94 -60.79 -79.09
N GLU C 1142 -27.14 -61.22 -77.84
CA GLU C 1142 -26.81 -60.35 -76.72
C GLU C 1142 -25.32 -60.05 -76.69
N ALA C 1143 -24.49 -61.06 -76.96
CA ALA C 1143 -23.05 -60.87 -76.89
C ALA C 1143 -22.56 -59.88 -77.94
N GLU C 1144 -23.12 -59.95 -79.15
CA GLU C 1144 -22.63 -59.10 -80.23
C GLU C 1144 -22.86 -57.63 -79.98
N LEU C 1145 -23.70 -57.27 -78.99
CA LEU C 1145 -23.92 -55.88 -78.65
C LEU C 1145 -23.63 -55.61 -77.17
N MET C 1146 -22.81 -56.42 -76.54
CA MET C 1146 -22.32 -56.15 -75.19
C MET C 1146 -20.96 -55.49 -75.32
N ASP C 1147 -20.83 -54.33 -74.70
CA ASP C 1147 -19.64 -53.52 -74.90
C ASP C 1147 -18.41 -54.33 -74.49
N PRO C 1148 -17.42 -54.48 -75.37
CA PRO C 1148 -16.29 -55.37 -75.04
C PRO C 1148 -15.63 -55.06 -73.71
N GLN C 1149 -15.65 -53.79 -73.28
CA GLN C 1149 -15.14 -53.48 -71.95
C GLN C 1149 -15.79 -54.37 -70.90
N GLU C 1150 -17.11 -54.54 -71.00
CA GLU C 1150 -17.80 -55.44 -70.08
C GLU C 1150 -17.30 -56.87 -70.25
N ARG C 1151 -17.11 -57.30 -71.49
CA ARG C 1151 -16.69 -58.68 -71.74
C ARG C 1151 -15.37 -58.98 -71.04
N LEU C 1152 -14.36 -58.16 -71.29
CA LEU C 1152 -13.05 -58.46 -70.72
C LEU C 1152 -13.07 -58.39 -69.20
N PHE C 1153 -13.74 -57.38 -68.64
CA PHE C 1153 -13.76 -57.29 -67.18
C PHE C 1153 -14.45 -58.51 -66.58
N LEU C 1154 -15.53 -58.97 -67.20
CA LEU C 1154 -16.18 -60.19 -66.73
C LEU C 1154 -15.24 -61.37 -66.83
N GLN C 1155 -14.55 -61.51 -67.97
CA GLN C 1155 -13.63 -62.63 -68.10
C GLN C 1155 -12.47 -62.51 -67.12
N CYS C 1156 -11.99 -61.28 -66.89
CA CYS C 1156 -10.87 -61.12 -65.97
C CYS C 1156 -11.26 -61.49 -64.54
N VAL C 1157 -12.41 -61.01 -64.07
CA VAL C 1157 -12.78 -61.26 -62.68
C VAL C 1157 -12.87 -62.75 -62.42
N TYR C 1158 -13.51 -63.48 -63.32
CA TYR C 1158 -13.59 -64.93 -63.16
C TYR C 1158 -12.19 -65.53 -63.09
N GLU C 1159 -11.26 -64.99 -63.87
CA GLU C 1159 -9.88 -65.47 -63.76
C GLU C 1159 -9.33 -65.20 -62.37
N THR C 1160 -9.63 -64.04 -61.81
CA THR C 1160 -9.10 -63.69 -60.50
C THR C 1160 -9.62 -64.63 -59.41
N ILE C 1161 -10.92 -64.93 -59.44
CA ILE C 1161 -11.47 -65.85 -58.47
C ILE C 1161 -10.82 -67.22 -58.63
N GLU C 1162 -10.62 -67.65 -59.87
CA GLU C 1162 -9.90 -68.90 -60.09
C GLU C 1162 -8.47 -68.80 -59.57
N ASP C 1163 -7.82 -67.67 -59.80
CA ASP C 1163 -6.44 -67.52 -59.33
C ASP C 1163 -6.38 -67.53 -57.82
N ALA C 1164 -7.35 -66.91 -57.16
CA ALA C 1164 -7.37 -66.94 -55.71
C ALA C 1164 -7.56 -68.33 -55.16
N GLY C 1165 -7.95 -69.29 -55.99
CA GLY C 1165 -8.26 -70.61 -55.50
C GLY C 1165 -9.60 -70.70 -54.80
N TYR C 1166 -10.54 -69.84 -55.17
CA TYR C 1166 -11.90 -69.88 -54.66
C TYR C 1166 -12.87 -70.07 -55.81
N THR C 1167 -13.98 -70.76 -55.54
CA THR C 1167 -15.07 -70.90 -56.47
C THR C 1167 -16.18 -69.93 -56.12
N ARG C 1168 -16.93 -69.49 -57.14
CA ARG C 1168 -17.91 -68.44 -56.90
C ARG C 1168 -18.84 -68.78 -55.75
N GLU C 1169 -19.19 -70.06 -55.61
CA GLU C 1169 -20.13 -70.49 -54.59
C GLU C 1169 -19.47 -70.71 -53.24
N THR C 1170 -18.16 -70.47 -53.14
CA THR C 1170 -17.48 -70.59 -51.85
C THR C 1170 -16.55 -69.42 -51.59
N LEU C 1171 -16.74 -68.29 -52.27
CA LEU C 1171 -15.96 -67.08 -52.02
C LEU C 1171 -16.76 -66.16 -51.11
N GLY C 1172 -16.38 -66.12 -49.84
CA GLY C 1172 -17.18 -65.38 -48.90
C GLY C 1172 -18.62 -65.82 -48.88
N LYS C 1173 -18.91 -67.05 -49.32
CA LYS C 1173 -20.25 -67.61 -49.31
C LYS C 1173 -20.79 -67.82 -47.91
N HIS C 1174 -20.02 -67.42 -46.89
CA HIS C 1174 -20.44 -67.57 -45.50
C HIS C 1174 -21.47 -66.50 -45.15
N GLU C 1175 -22.54 -66.50 -45.95
CA GLU C 1175 -23.72 -65.70 -45.72
C GLU C 1175 -25.01 -66.49 -45.82
N GLY C 1176 -24.99 -67.65 -46.48
CA GLY C 1176 -26.15 -68.51 -46.58
C GLY C 1176 -27.00 -68.31 -47.82
N LEU C 1177 -26.72 -67.29 -48.63
CA LEU C 1177 -27.56 -67.01 -49.78
C LEU C 1177 -26.81 -66.54 -51.03
N GLY C 1178 -25.49 -66.61 -51.06
CA GLY C 1178 -24.76 -66.20 -52.25
C GLY C 1178 -23.40 -65.58 -51.99
N GLY C 1179 -23.17 -65.10 -50.79
CA GLY C 1179 -21.89 -64.49 -50.45
C GLY C 1179 -21.98 -62.97 -50.45
N ASN C 1180 -21.30 -62.35 -49.49
CA ASN C 1180 -21.32 -60.91 -49.29
C ASN C 1180 -20.02 -60.36 -49.85
N VAL C 1181 -20.00 -60.01 -51.12
CA VAL C 1181 -18.79 -59.59 -51.81
C VAL C 1181 -19.05 -58.26 -52.50
N GLY C 1182 -18.22 -57.28 -52.19
CA GLY C 1182 -18.34 -55.98 -52.83
C GLY C 1182 -17.59 -55.90 -54.13
N VAL C 1183 -18.05 -55.02 -55.02
CA VAL C 1183 -17.47 -54.84 -56.34
C VAL C 1183 -17.33 -53.36 -56.63
N TYR C 1184 -16.19 -52.97 -57.16
CA TYR C 1184 -15.96 -51.60 -57.63
C TYR C 1184 -15.10 -51.65 -58.89
N VAL C 1185 -15.43 -50.82 -59.88
CA VAL C 1185 -14.67 -50.74 -61.11
C VAL C 1185 -14.51 -49.28 -61.49
N GLY C 1186 -13.32 -48.92 -61.97
CA GLY C 1186 -13.06 -47.57 -62.42
C GLY C 1186 -12.95 -47.46 -63.94
N VAL C 1187 -13.82 -46.67 -64.55
CA VAL C 1187 -13.82 -46.46 -66.00
C VAL C 1187 -14.08 -45.00 -66.29
N MET C 1188 -13.44 -44.47 -67.33
CA MET C 1188 -13.62 -43.08 -67.71
C MET C 1188 -14.80 -42.89 -68.67
N TYR C 1189 -14.75 -43.58 -69.82
CA TYR C 1189 -15.71 -43.35 -70.88
C TYR C 1189 -15.93 -44.64 -71.66
N GLU C 1190 -17.09 -44.72 -72.31
CA GLU C 1190 -17.44 -45.84 -73.19
C GLU C 1190 -17.55 -45.32 -74.62
N GLU C 1191 -16.77 -45.91 -75.52
CA GLU C 1191 -16.69 -45.47 -76.90
C GLU C 1191 -17.16 -46.58 -77.85
N TYR C 1192 -18.16 -47.35 -77.42
CA TYR C 1192 -18.73 -48.40 -78.26
C TYR C 1192 -20.14 -48.08 -78.72
N GLN C 1193 -20.87 -47.25 -77.97
CA GLN C 1193 -22.17 -46.78 -78.44
C GLN C 1193 -22.01 -45.69 -79.49
N LEU C 1194 -20.81 -45.15 -79.67
CA LEU C 1194 -20.60 -44.16 -80.72
C LEU C 1194 -20.85 -44.73 -82.11
N TYR C 1195 -20.54 -46.02 -82.30
CA TYR C 1195 -20.81 -46.65 -83.59
C TYR C 1195 -22.31 -46.71 -83.86
N ALA C 1196 -23.12 -46.88 -82.82
CA ALA C 1196 -24.56 -46.79 -83.00
C ALA C 1196 -24.95 -45.39 -83.50
N SER C 1197 -24.36 -44.35 -82.92
CA SER C 1197 -24.65 -43.00 -83.36
C SER C 1197 -24.24 -42.79 -84.82
N ALA C 1198 -23.07 -43.31 -85.19
CA ALA C 1198 -22.61 -43.17 -86.57
C ALA C 1198 -23.57 -43.85 -87.54
N GLU C 1199 -24.00 -45.07 -87.22
CA GLU C 1199 -24.93 -45.77 -88.09
C GLU C 1199 -26.28 -45.06 -88.15
N GLN C 1200 -26.78 -44.62 -87.00
CA GLN C 1200 -28.06 -43.90 -86.99
C GLN C 1200 -27.98 -42.68 -87.88
N ALA C 1201 -26.87 -41.93 -87.81
CA ALA C 1201 -26.69 -40.82 -88.72
C ALA C 1201 -26.63 -41.29 -90.17
N LEU C 1202 -25.94 -42.40 -90.42
CA LEU C 1202 -25.85 -42.94 -91.77
C LEU C 1202 -27.11 -43.65 -92.20
N GLY C 1203 -28.01 -43.96 -91.27
CA GLY C 1203 -29.27 -44.60 -91.60
C GLY C 1203 -29.57 -45.79 -90.71
N ARG C 1204 -30.27 -46.77 -91.25
CA ARG C 1204 -30.58 -48.01 -90.54
C ARG C 1204 -31.11 -47.65 -89.15
N ALA C 1205 -30.91 -48.54 -88.17
CA ALA C 1205 -31.31 -48.27 -86.79
C ALA C 1205 -30.57 -49.20 -85.83
N LEU C 1206 -29.85 -48.62 -84.88
CA LEU C 1206 -29.03 -49.39 -83.96
C LEU C 1206 -28.84 -48.60 -82.68
N ALA C 1207 -28.95 -49.26 -81.53
CA ALA C 1207 -28.95 -48.57 -80.23
C ALA C 1207 -28.14 -49.38 -79.23
N ILE C 1208 -26.87 -49.04 -79.07
CA ILE C 1208 -26.04 -49.57 -77.99
C ILE C 1208 -26.01 -48.55 -76.87
N ALA C 1209 -26.30 -49.00 -75.65
CA ALA C 1209 -26.30 -48.14 -74.49
C ALA C 1209 -24.99 -48.29 -73.74
N GLY C 1210 -24.71 -47.32 -72.87
CA GLY C 1210 -23.52 -47.34 -72.07
C GLY C 1210 -23.75 -47.76 -70.63
N SER C 1211 -23.83 -46.79 -69.71
CA SER C 1211 -24.10 -47.11 -68.32
C SER C 1211 -23.01 -48.03 -67.79
N PRO C 1212 -21.80 -47.53 -67.58
CA PRO C 1212 -20.70 -48.39 -67.13
C PRO C 1212 -21.02 -49.18 -65.88
N ALA C 1213 -22.11 -48.86 -65.19
CA ALA C 1213 -22.51 -49.70 -64.08
C ALA C 1213 -22.77 -51.14 -64.55
N SER C 1214 -23.14 -51.29 -65.82
CA SER C 1214 -23.32 -52.64 -66.36
C SER C 1214 -22.00 -53.40 -66.34
N ILE C 1215 -20.88 -52.69 -66.34
CA ILE C 1215 -19.60 -53.36 -66.24
C ILE C 1215 -19.49 -54.11 -64.93
N ALA C 1216 -19.95 -53.50 -63.84
CA ALA C 1216 -19.88 -54.14 -62.54
C ALA C 1216 -21.11 -54.97 -62.22
N ASN C 1217 -22.31 -54.47 -62.55
CA ASN C 1217 -23.51 -55.17 -62.14
C ASN C 1217 -23.56 -56.58 -62.74
N ARG C 1218 -23.20 -56.72 -64.01
CA ARG C 1218 -23.26 -58.03 -64.64
C ARG C 1218 -22.46 -59.04 -63.84
N VAL C 1219 -21.32 -58.62 -63.29
CA VAL C 1219 -20.51 -59.53 -62.48
C VAL C 1219 -21.30 -59.98 -61.26
N SER C 1220 -21.85 -59.03 -60.50
CA SER C 1220 -22.60 -59.39 -59.32
C SER C 1220 -23.75 -60.31 -59.67
N TYR C 1221 -24.34 -60.12 -60.84
CA TYR C 1221 -25.42 -60.99 -61.27
C TYR C 1221 -24.89 -62.37 -61.62
N PHE C 1222 -23.89 -62.45 -62.49
CA PHE C 1222 -23.44 -63.76 -62.93
C PHE C 1222 -22.88 -64.57 -61.77
N CYS C 1223 -22.09 -63.95 -60.91
CA CYS C 1223 -21.46 -64.64 -59.80
C CYS C 1223 -22.31 -64.65 -58.54
N ASN C 1224 -23.46 -63.99 -58.55
CA ASN C 1224 -24.37 -64.00 -57.40
C ASN C 1224 -23.67 -63.46 -56.15
N PHE C 1225 -23.30 -62.19 -56.22
CA PHE C 1225 -22.77 -61.46 -55.09
C PHE C 1225 -23.84 -60.53 -54.55
N HIS C 1226 -23.87 -60.36 -53.23
CA HIS C 1226 -24.83 -59.47 -52.60
C HIS C 1226 -24.18 -58.20 -52.06
N GLY C 1227 -23.08 -57.75 -52.67
CA GLY C 1227 -22.38 -56.59 -52.17
C GLY C 1227 -22.61 -55.34 -53.00
N PRO C 1228 -22.16 -54.19 -52.50
CA PRO C 1228 -22.30 -52.97 -53.29
C PRO C 1228 -21.55 -53.09 -54.61
N SER C 1229 -22.12 -52.53 -55.67
CA SER C 1229 -21.55 -52.68 -57.02
C SER C 1229 -21.71 -51.35 -57.74
N MET C 1230 -20.61 -50.64 -57.93
CA MET C 1230 -20.63 -49.29 -58.48
C MET C 1230 -19.56 -49.15 -59.52
N ALA C 1231 -19.60 -48.04 -60.25
CA ALA C 1231 -18.56 -47.67 -61.21
C ALA C 1231 -18.08 -46.26 -60.89
N VAL C 1232 -17.05 -46.13 -60.06
CA VAL C 1232 -16.46 -44.83 -59.77
C VAL C 1232 -15.72 -44.36 -61.00
N ASP C 1233 -15.34 -43.08 -61.03
CA ASP C 1233 -14.68 -42.53 -62.21
C ASP C 1233 -13.86 -41.31 -61.78
N THR C 1234 -12.55 -41.49 -61.69
CA THR C 1234 -11.62 -40.37 -61.59
C THR C 1234 -10.56 -40.52 -62.67
N MET C 1235 -10.40 -39.48 -63.47
CA MET C 1235 -9.58 -39.56 -64.67
C MET C 1235 -8.22 -40.13 -64.31
N CYS C 1236 -7.80 -41.17 -65.03
CA CYS C 1236 -6.49 -41.80 -64.88
C CYS C 1236 -6.22 -42.30 -63.47
N SER C 1237 -7.19 -42.17 -62.57
CA SER C 1237 -6.98 -42.54 -61.17
C SER C 1237 -8.21 -43.25 -60.63
N SER C 1238 -9.09 -43.71 -61.50
CA SER C 1238 -10.23 -44.50 -61.05
C SER C 1238 -9.75 -45.77 -60.37
N SER C 1239 -8.68 -46.36 -60.87
CA SER C 1239 -8.20 -47.62 -60.34
C SER C 1239 -7.87 -47.48 -58.87
N LEU C 1240 -7.20 -46.38 -58.48
CA LEU C 1240 -6.83 -46.20 -57.08
C LEU C 1240 -8.03 -45.75 -56.24
N THR C 1241 -8.92 -44.95 -56.81
CA THR C 1241 -10.14 -44.61 -56.09
C THR C 1241 -10.99 -45.85 -55.84
N GLY C 1242 -11.08 -46.73 -56.83
CA GLY C 1242 -11.84 -47.94 -56.62
C GLY C 1242 -11.26 -48.78 -55.50
N ILE C 1243 -9.94 -48.87 -55.45
CA ILE C 1243 -9.29 -49.64 -54.39
C ILE C 1243 -9.55 -48.98 -53.05
N HIS C 1244 -9.38 -47.65 -52.99
CA HIS C 1244 -9.47 -46.96 -51.72
C HIS C 1244 -10.83 -47.17 -51.08
N LEU C 1245 -11.91 -46.97 -51.84
CA LEU C 1245 -13.24 -47.18 -51.28
C LEU C 1245 -13.40 -48.62 -50.82
N ALA C 1246 -12.89 -49.57 -51.61
CA ALA C 1246 -13.06 -50.97 -51.25
C ALA C 1246 -12.39 -51.27 -49.92
N CYS C 1247 -11.21 -50.69 -49.68
CA CYS C 1247 -10.53 -50.93 -48.42
C CYS C 1247 -11.39 -50.48 -47.25
N HIS C 1248 -11.90 -49.25 -47.28
CA HIS C 1248 -12.58 -48.73 -46.11
C HIS C 1248 -13.85 -49.50 -45.82
N SER C 1249 -14.60 -49.85 -46.86
CA SER C 1249 -15.82 -50.61 -46.64
C SER C 1249 -15.50 -51.94 -45.94
N LEU C 1250 -14.34 -52.53 -46.25
CA LEU C 1250 -13.96 -53.74 -45.55
C LEU C 1250 -13.80 -53.48 -44.06
N GLN C 1251 -13.11 -52.39 -43.71
CA GLN C 1251 -12.87 -52.11 -42.30
C GLN C 1251 -14.15 -51.81 -41.56
N ARG C 1252 -15.09 -51.10 -42.20
CA ARG C 1252 -16.36 -50.85 -41.53
C ARG C 1252 -17.16 -52.11 -41.33
N GLY C 1253 -16.94 -53.14 -42.14
CA GLY C 1253 -17.70 -54.37 -42.05
C GLY C 1253 -18.87 -54.50 -43.01
N GLU C 1254 -19.01 -53.59 -43.99
CA GLU C 1254 -20.07 -53.75 -44.97
C GLU C 1254 -19.85 -55.00 -45.82
N CYS C 1255 -18.61 -55.27 -46.20
CA CYS C 1255 -18.30 -56.37 -47.09
C CYS C 1255 -17.25 -57.27 -46.45
N GLU C 1256 -17.32 -58.55 -46.76
CA GLU C 1256 -16.31 -59.50 -46.30
C GLU C 1256 -15.20 -59.70 -47.31
N VAL C 1257 -15.48 -59.55 -48.59
CA VAL C 1257 -14.51 -59.71 -49.66
C VAL C 1257 -14.86 -58.74 -50.77
N ALA C 1258 -13.85 -58.20 -51.45
CA ALA C 1258 -14.09 -57.16 -52.44
C ALA C 1258 -13.31 -57.47 -53.71
N ILE C 1259 -13.81 -56.94 -54.83
CA ILE C 1259 -13.17 -57.13 -56.13
C ILE C 1259 -13.08 -55.77 -56.82
N ALA C 1260 -12.02 -55.04 -56.55
CA ALA C 1260 -11.82 -53.75 -57.17
C ALA C 1260 -11.19 -53.95 -58.53
N GLY C 1261 -10.80 -52.88 -59.18
CA GLY C 1261 -10.09 -53.04 -60.43
C GLY C 1261 -10.11 -51.80 -61.28
N GLY C 1262 -9.93 -52.03 -62.58
CA GLY C 1262 -10.05 -50.98 -63.58
C GLY C 1262 -10.26 -51.66 -64.91
N VAL C 1263 -10.57 -50.86 -65.93
CA VAL C 1263 -10.65 -51.39 -67.29
C VAL C 1263 -10.60 -50.24 -68.29
N ASN C 1264 -9.98 -50.49 -69.44
CA ASN C 1264 -9.95 -49.50 -70.50
C ASN C 1264 -9.57 -50.17 -71.81
N VAL C 1265 -10.23 -49.76 -72.89
CA VAL C 1265 -9.94 -50.22 -74.24
C VAL C 1265 -10.14 -49.06 -75.20
N SER C 1266 -9.31 -49.00 -76.24
CA SER C 1266 -9.41 -47.99 -77.29
C SER C 1266 -9.94 -48.66 -78.55
N ILE C 1267 -11.13 -48.25 -79.01
CA ILE C 1267 -11.72 -48.81 -80.21
C ILE C 1267 -12.27 -47.75 -81.15
N HIS C 1268 -12.16 -46.47 -80.82
CA HIS C 1268 -12.68 -45.40 -81.67
C HIS C 1268 -11.64 -44.32 -81.87
N PRO C 1269 -11.49 -43.78 -83.08
CA PRO C 1269 -10.47 -42.73 -83.29
C PRO C 1269 -10.72 -41.46 -82.50
N ASN C 1270 -11.94 -41.21 -82.05
CA ASN C 1270 -12.25 -39.97 -81.35
C ASN C 1270 -11.29 -39.71 -80.21
N LYS C 1271 -10.92 -40.77 -79.47
CA LYS C 1271 -9.94 -40.62 -78.42
C LYS C 1271 -8.66 -39.99 -78.98
N TYR C 1272 -8.19 -40.52 -80.11
CA TYR C 1272 -6.97 -39.98 -80.72
C TYR C 1272 -7.18 -38.54 -81.18
N LEU C 1273 -8.36 -38.23 -81.72
CA LEU C 1273 -8.64 -36.86 -82.13
C LEU C 1273 -8.59 -35.92 -80.93
N TYR C 1274 -9.29 -36.28 -79.85
CA TYR C 1274 -9.37 -35.38 -78.70
C TYR C 1274 -8.00 -35.21 -78.06
N LEU C 1275 -7.23 -36.30 -77.96
CA LEU C 1275 -5.91 -36.24 -77.34
C LEU C 1275 -4.95 -35.35 -78.10
N SER C 1276 -5.25 -35.03 -79.37
CA SER C 1276 -4.42 -34.10 -80.13
C SER C 1276 -4.97 -32.69 -80.10
N GLN C 1277 -6.29 -32.52 -80.24
CA GLN C 1277 -6.89 -31.21 -80.14
C GLN C 1277 -6.45 -30.53 -78.86
N GLY C 1278 -6.51 -31.26 -77.75
CA GLY C 1278 -5.75 -30.88 -76.58
C GLY C 1278 -4.33 -31.40 -76.70
N LYS C 1279 -3.38 -30.58 -76.26
CA LYS C 1279 -1.98 -30.91 -76.46
C LYS C 1279 -1.52 -31.92 -75.40
N PHE C 1280 -2.19 -33.05 -75.33
CA PHE C 1280 -1.86 -34.09 -74.38
C PHE C 1280 -1.15 -35.28 -75.02
N ALA C 1281 -0.87 -35.22 -76.32
CA ALA C 1281 -0.18 -36.30 -77.00
C ALA C 1281 1.32 -36.12 -76.85
N SER C 1282 2.08 -37.06 -77.44
CA SER C 1282 3.52 -37.12 -77.24
C SER C 1282 4.27 -37.09 -78.58
N SER C 1283 3.98 -36.09 -79.40
CA SER C 1283 4.52 -35.99 -80.75
C SER C 1283 4.64 -37.35 -81.40
N LYS C 1284 5.79 -37.65 -82.00
CA LYS C 1284 6.04 -38.97 -82.55
C LYS C 1284 6.88 -39.83 -81.63
N GLY C 1285 7.11 -39.40 -80.39
CA GLY C 1285 7.87 -40.20 -79.46
C GLY C 1285 7.28 -41.58 -79.31
N ARG C 1286 8.16 -42.56 -79.16
CA ARG C 1286 7.72 -43.95 -79.08
C ARG C 1286 6.70 -44.15 -77.96
N CYS C 1287 6.99 -43.60 -76.79
CA CYS C 1287 6.14 -43.79 -75.62
C CYS C 1287 6.60 -42.80 -74.55
N GLU C 1288 6.06 -42.97 -73.35
CA GLU C 1288 6.39 -42.06 -72.26
C GLU C 1288 7.87 -42.13 -71.93
N SER C 1289 8.43 -40.97 -71.57
CA SER C 1289 9.81 -40.87 -71.13
C SER C 1289 9.80 -40.15 -69.79
N PHE C 1290 10.18 -40.84 -68.73
CA PHE C 1290 10.21 -40.21 -67.41
C PHE C 1290 11.16 -39.04 -67.37
N GLY C 1291 12.13 -38.97 -68.28
CA GLY C 1291 13.07 -37.87 -68.30
C GLY C 1291 13.49 -37.53 -69.71
N GLU C 1292 14.34 -36.51 -69.82
CA GLU C 1292 14.93 -36.08 -71.09
C GLU C 1292 13.83 -35.65 -72.08
N GLY C 1293 13.17 -34.55 -71.73
CA GLY C 1293 12.32 -33.85 -72.68
C GLY C 1293 11.10 -34.62 -73.15
N GLY C 1294 10.39 -35.26 -72.24
CA GLY C 1294 9.10 -35.84 -72.58
C GLY C 1294 8.04 -34.75 -72.63
N ASP C 1295 7.18 -34.82 -73.64
CA ASP C 1295 6.19 -33.77 -73.90
C ASP C 1295 4.80 -34.37 -74.10
N GLY C 1296 4.48 -35.42 -73.35
CA GLY C 1296 3.16 -36.02 -73.47
C GLY C 1296 3.21 -37.50 -73.12
N TYR C 1297 2.09 -38.16 -73.40
CA TYR C 1297 1.90 -39.56 -73.12
C TYR C 1297 1.23 -40.25 -74.30
N VAL C 1298 1.44 -41.54 -74.42
CA VAL C 1298 0.86 -42.39 -75.46
C VAL C 1298 -0.24 -43.22 -74.81
N PRO C 1299 -1.49 -43.12 -75.26
CA PRO C 1299 -2.55 -43.93 -74.66
C PRO C 1299 -2.40 -45.42 -74.96
N GLY C 1300 -2.91 -46.23 -74.04
CA GLY C 1300 -2.84 -47.68 -74.20
C GLY C 1300 -4.04 -48.35 -73.55
N GLU C 1301 -4.24 -49.61 -73.92
CA GLU C 1301 -5.37 -50.40 -73.45
C GLU C 1301 -5.01 -51.10 -72.13
N GLY C 1302 -6.03 -51.70 -71.51
CA GLY C 1302 -5.79 -52.39 -70.25
C GLY C 1302 -7.05 -52.90 -69.56
N VAL C 1303 -6.93 -54.04 -68.88
CA VAL C 1303 -8.00 -54.57 -68.04
C VAL C 1303 -7.37 -55.33 -66.87
N GLY C 1304 -7.91 -55.13 -65.68
CA GLY C 1304 -7.33 -55.74 -64.49
C GLY C 1304 -8.30 -55.84 -63.35
N ALA C 1305 -7.95 -56.69 -62.39
CA ALA C 1305 -8.79 -56.95 -61.22
C ALA C 1305 -7.91 -57.36 -60.06
N VAL C 1306 -8.44 -57.24 -58.84
CA VAL C 1306 -7.71 -57.66 -57.65
C VAL C 1306 -8.67 -57.92 -56.51
N LEU C 1307 -8.55 -59.10 -55.90
CA LEU C 1307 -9.48 -59.56 -54.88
C LEU C 1307 -8.93 -59.20 -53.51
N LEU C 1308 -9.76 -58.62 -52.66
CA LEU C 1308 -9.32 -58.03 -51.40
C LEU C 1308 -10.05 -58.69 -50.25
N LYS C 1309 -9.32 -58.96 -49.16
CA LYS C 1309 -9.87 -59.61 -47.98
C LYS C 1309 -9.13 -59.10 -46.76
N PRO C 1310 -9.76 -59.05 -45.58
CA PRO C 1310 -9.03 -58.63 -44.38
C PRO C 1310 -7.91 -59.59 -44.06
N LEU C 1311 -6.80 -59.04 -43.56
CA LEU C 1311 -5.60 -59.85 -43.47
C LEU C 1311 -5.81 -61.05 -42.55
N ALA C 1312 -6.40 -60.83 -41.38
CA ALA C 1312 -6.50 -61.92 -40.42
C ALA C 1312 -7.22 -63.12 -41.03
N ARG C 1313 -8.27 -62.86 -41.81
CA ARG C 1313 -8.96 -63.95 -42.48
C ARG C 1313 -8.03 -64.66 -43.45
N ALA C 1314 -7.23 -63.90 -44.20
CA ALA C 1314 -6.40 -64.51 -45.24
C ALA C 1314 -5.41 -65.49 -44.65
N ILE C 1315 -4.80 -65.14 -43.53
CA ILE C 1315 -3.93 -66.10 -42.85
C ILE C 1315 -4.76 -67.28 -42.34
N ALA C 1316 -5.96 -67.01 -41.82
CA ALA C 1316 -6.75 -68.07 -41.22
C ALA C 1316 -7.15 -69.12 -42.26
N ASP C 1317 -7.72 -68.69 -43.37
CA ASP C 1317 -8.13 -69.63 -44.41
C ASP C 1317 -6.95 -70.28 -45.12
N GLY C 1318 -5.76 -69.74 -44.96
CA GLY C 1318 -4.60 -70.25 -45.65
C GLY C 1318 -4.50 -69.80 -47.08
N ASP C 1319 -5.39 -68.94 -47.56
CA ASP C 1319 -5.32 -68.47 -48.92
C ASP C 1319 -4.00 -67.73 -49.14
N HIS C 1320 -3.38 -68.01 -50.29
CA HIS C 1320 -2.12 -67.38 -50.60
C HIS C 1320 -2.28 -65.88 -50.76
N ILE C 1321 -1.27 -65.12 -50.35
CA ILE C 1321 -1.34 -63.67 -50.29
C ILE C 1321 -0.24 -63.09 -51.18
N TYR C 1322 -0.62 -62.14 -52.04
CA TYR C 1322 0.38 -61.43 -52.82
C TYR C 1322 1.03 -60.31 -52.02
N GLY C 1323 0.21 -59.47 -51.38
CA GLY C 1323 0.72 -58.34 -50.62
C GLY C 1323 -0.30 -57.88 -49.61
N VAL C 1324 0.02 -56.76 -48.96
CA VAL C 1324 -0.88 -56.13 -47.99
C VAL C 1324 -0.93 -54.64 -48.25
N ILE C 1325 -2.14 -54.09 -48.37
CA ILE C 1325 -2.35 -52.66 -48.57
C ILE C 1325 -2.47 -52.03 -47.19
N LYS C 1326 -1.43 -51.30 -46.77
CA LYS C 1326 -1.47 -50.72 -45.44
C LYS C 1326 -2.43 -49.54 -45.36
N GLY C 1327 -2.33 -48.61 -46.30
CA GLY C 1327 -3.08 -47.37 -46.20
C GLY C 1327 -3.28 -46.72 -47.54
N SER C 1328 -4.25 -45.81 -47.58
CA SER C 1328 -4.65 -45.18 -48.82
C SER C 1328 -5.22 -43.80 -48.51
N ALA C 1329 -5.26 -42.94 -49.53
CA ALA C 1329 -5.81 -41.61 -49.32
C ALA C 1329 -6.07 -40.96 -50.68
N ILE C 1330 -6.96 -39.96 -50.68
CA ILE C 1330 -7.27 -39.20 -51.87
C ILE C 1330 -7.64 -37.78 -51.47
N ASN C 1331 -7.54 -36.87 -52.42
CA ASN C 1331 -7.98 -35.49 -52.26
C ASN C 1331 -7.94 -34.83 -53.63
N HIS C 1332 -8.21 -33.54 -53.69
CA HIS C 1332 -8.15 -32.78 -54.92
C HIS C 1332 -7.47 -31.46 -54.66
N GLY C 1333 -6.63 -31.03 -55.61
CA GLY C 1333 -5.80 -29.86 -55.42
C GLY C 1333 -6.57 -28.58 -55.20
N GLY C 1334 -7.62 -28.34 -55.99
CA GLY C 1334 -8.42 -27.15 -55.87
C GLY C 1334 -8.20 -26.20 -57.03
N LYS C 1335 -8.10 -24.92 -56.71
CA LYS C 1335 -7.89 -23.89 -57.71
C LYS C 1335 -6.40 -23.72 -57.97
N THR C 1336 -5.98 -23.89 -59.22
CA THR C 1336 -4.59 -23.72 -59.61
C THR C 1336 -4.47 -22.65 -60.68
N ASN C 1337 -3.26 -22.43 -61.18
CA ASN C 1337 -3.01 -21.48 -62.25
C ASN C 1337 -3.40 -22.12 -63.60
N GLY C 1338 -4.67 -22.46 -63.71
CA GLY C 1338 -5.20 -23.10 -64.90
C GLY C 1338 -5.72 -24.49 -64.64
N TYR C 1339 -6.61 -24.96 -65.51
CA TYR C 1339 -7.16 -26.30 -65.41
C TYR C 1339 -6.14 -27.31 -65.91
N THR C 1340 -6.19 -28.52 -65.34
CA THR C 1340 -5.28 -29.60 -65.70
C THR C 1340 -3.84 -29.23 -65.40
N VAL C 1341 -3.64 -28.59 -64.24
CA VAL C 1341 -2.32 -28.20 -63.78
C VAL C 1341 -2.13 -28.84 -62.40
N PRO C 1342 -1.23 -29.80 -62.23
CA PRO C 1342 -1.08 -30.42 -60.91
C PRO C 1342 -0.61 -29.42 -59.87
N ASN C 1343 -1.12 -29.60 -58.67
CA ASN C 1343 -0.77 -28.76 -57.53
C ASN C 1343 0.16 -29.56 -56.64
N PRO C 1344 1.44 -29.21 -56.56
CA PRO C 1344 2.36 -30.01 -55.72
C PRO C 1344 1.92 -30.13 -54.27
N HIS C 1345 1.36 -29.07 -53.70
CA HIS C 1345 1.04 -29.11 -52.28
C HIS C 1345 0.00 -30.19 -51.99
N SER C 1346 -1.01 -30.30 -52.85
CA SER C 1346 -1.98 -31.36 -52.69
C SER C 1346 -1.33 -32.72 -52.83
N GLN C 1347 -0.44 -32.87 -53.79
CA GLN C 1347 0.24 -34.14 -53.98
C GLN C 1347 1.05 -34.51 -52.74
N SER C 1348 1.60 -33.50 -52.07
CA SER C 1348 2.31 -33.76 -50.82
C SER C 1348 1.36 -34.27 -49.76
N ARG C 1349 0.23 -33.60 -49.56
CA ARG C 1349 -0.62 -33.91 -48.41
C ARG C 1349 -1.19 -35.32 -48.51
N VAL C 1350 -1.69 -35.68 -49.69
CA VAL C 1350 -2.33 -36.99 -49.84
C VAL C 1350 -1.33 -38.09 -49.55
N ILE C 1351 -0.13 -37.97 -50.11
CA ILE C 1351 0.93 -38.94 -49.82
C ILE C 1351 1.26 -38.91 -48.33
N ARG C 1352 1.36 -37.72 -47.76
CA ARG C 1352 1.65 -37.61 -46.34
C ARG C 1352 0.62 -38.38 -45.52
N ARG C 1353 -0.66 -38.15 -45.79
CA ARG C 1353 -1.69 -38.80 -44.97
C ARG C 1353 -1.62 -40.30 -45.12
N ALA C 1354 -1.34 -40.79 -46.33
CA ALA C 1354 -1.30 -42.23 -46.56
C ALA C 1354 -0.33 -42.89 -45.60
N PHE C 1355 0.90 -42.37 -45.52
CA PHE C 1355 1.87 -42.96 -44.60
C PHE C 1355 1.44 -42.78 -43.16
N GLU C 1356 0.77 -41.67 -42.85
CA GLU C 1356 0.28 -41.46 -41.50
C GLU C 1356 -0.73 -42.54 -41.12
N GLU C 1357 -1.70 -42.82 -41.99
CA GLU C 1357 -2.62 -43.91 -41.72
C GLU C 1357 -1.91 -45.25 -41.75
N ALA C 1358 -1.02 -45.46 -42.72
CA ALA C 1358 -0.27 -46.69 -42.77
C ALA C 1358 0.78 -46.79 -41.67
N GLY C 1359 1.09 -45.67 -41.02
CA GLY C 1359 2.06 -45.68 -39.94
C GLY C 1359 3.39 -46.19 -40.44
N ILE C 1360 3.79 -45.73 -41.62
CA ILE C 1360 5.05 -46.13 -42.25
C ILE C 1360 5.97 -44.92 -42.27
N HIS C 1361 7.17 -45.09 -41.79
CA HIS C 1361 8.14 -44.01 -41.83
C HIS C 1361 8.78 -43.95 -43.22
N PRO C 1362 8.75 -42.80 -43.90
CA PRO C 1362 9.23 -42.77 -45.29
C PRO C 1362 10.65 -43.25 -45.43
N ARG C 1363 11.44 -43.14 -44.36
CA ARG C 1363 12.80 -43.66 -44.41
C ARG C 1363 12.81 -45.15 -44.68
N THR C 1364 11.71 -45.85 -44.40
CA THR C 1364 11.63 -47.30 -44.61
C THR C 1364 11.21 -47.70 -46.01
N VAL C 1365 10.72 -46.77 -46.84
CA VAL C 1365 10.24 -47.12 -48.18
C VAL C 1365 11.40 -47.55 -49.07
N SER C 1366 11.11 -48.39 -50.05
CA SER C 1366 12.10 -48.83 -51.01
C SER C 1366 11.85 -48.35 -52.42
N TYR C 1367 10.65 -48.54 -52.96
CA TYR C 1367 10.38 -48.27 -54.36
C TYR C 1367 9.04 -47.55 -54.46
N ILE C 1368 9.03 -46.44 -55.20
CA ILE C 1368 7.81 -45.70 -55.48
C ILE C 1368 7.68 -45.62 -56.99
N GLU C 1369 6.54 -46.07 -57.51
CA GLU C 1369 6.24 -45.88 -58.91
C GLU C 1369 5.50 -44.57 -59.06
N ALA C 1370 5.94 -43.73 -59.98
CA ALA C 1370 5.42 -42.38 -60.12
C ALA C 1370 4.41 -42.31 -61.24
N HIS C 1371 3.57 -41.28 -61.18
CA HIS C 1371 2.55 -41.10 -62.21
C HIS C 1371 3.17 -40.97 -63.59
N GLY C 1372 4.38 -40.45 -63.69
CA GLY C 1372 5.05 -40.44 -64.97
C GLY C 1372 4.24 -39.68 -66.00
N THR C 1373 3.88 -40.37 -67.07
CA THR C 1373 3.25 -39.84 -68.28
C THR C 1373 4.26 -39.11 -69.15
N GLY C 1374 5.49 -38.93 -68.69
CA GLY C 1374 6.49 -38.22 -69.47
C GLY C 1374 6.12 -36.80 -69.82
N THR C 1375 5.15 -36.21 -69.11
CA THR C 1375 4.74 -34.83 -69.36
C THR C 1375 5.83 -33.88 -68.92
N SER C 1376 6.01 -32.81 -69.71
CA SER C 1376 7.05 -31.84 -69.40
C SER C 1376 6.76 -31.13 -68.08
N LEU C 1377 5.49 -30.82 -67.81
CA LEU C 1377 5.10 -30.01 -66.66
C LEU C 1377 4.47 -30.85 -65.57
N GLY C 1378 4.76 -32.15 -65.57
CA GLY C 1378 4.24 -33.06 -64.56
C GLY C 1378 5.29 -33.79 -63.76
N ASP C 1379 6.46 -34.05 -64.37
CA ASP C 1379 7.51 -34.75 -63.64
C ASP C 1379 8.18 -33.84 -62.62
N PRO C 1380 8.66 -32.64 -62.96
CA PRO C 1380 9.27 -31.79 -61.93
C PRO C 1380 8.33 -31.44 -60.80
N ILE C 1381 7.03 -31.30 -61.09
CA ILE C 1381 6.07 -31.03 -60.03
C ILE C 1381 5.95 -32.23 -59.11
N GLU C 1382 5.79 -33.42 -59.69
CA GLU C 1382 5.63 -34.63 -58.88
C GLU C 1382 6.88 -34.87 -58.06
N ILE C 1383 8.06 -34.61 -58.64
CA ILE C 1383 9.30 -34.76 -57.89
C ILE C 1383 9.34 -33.77 -56.74
N ALA C 1384 8.86 -32.55 -56.96
CA ALA C 1384 8.85 -31.57 -55.89
C ALA C 1384 7.96 -32.04 -54.74
N GLY C 1385 6.76 -32.50 -55.06
CA GLY C 1385 5.84 -32.91 -54.00
C GLY C 1385 6.37 -34.10 -53.23
N LEU C 1386 6.85 -35.12 -53.93
CA LEU C 1386 7.42 -36.28 -53.26
C LEU C 1386 8.62 -35.87 -52.43
N THR C 1387 9.46 -34.99 -52.97
CA THR C 1387 10.58 -34.50 -52.19
C THR C 1387 10.11 -33.80 -50.93
N LYS C 1388 9.09 -32.96 -51.05
CA LYS C 1388 8.67 -32.16 -49.91
C LYS C 1388 8.12 -33.05 -48.78
N THR C 1389 7.27 -34.00 -49.11
CA THR C 1389 6.64 -34.83 -48.09
C THR C 1389 7.59 -35.84 -47.47
N PHE C 1390 8.68 -36.17 -48.17
CA PHE C 1390 9.70 -37.06 -47.62
C PHE C 1390 10.73 -36.33 -46.78
N GLN C 1391 11.05 -35.09 -47.14
CA GLN C 1391 12.07 -34.35 -46.41
C GLN C 1391 11.60 -33.99 -45.01
N GLU C 1392 10.31 -34.11 -44.73
CA GLU C 1392 9.81 -33.77 -43.40
C GLU C 1392 10.45 -34.64 -42.33
N TYR C 1393 10.65 -35.92 -42.62
CA TYR C 1393 11.16 -36.86 -41.64
C TYR C 1393 12.62 -37.24 -41.85
N THR C 1394 13.09 -37.27 -43.09
CA THR C 1394 14.47 -37.66 -43.36
C THR C 1394 15.05 -36.77 -44.46
N LYS C 1395 16.32 -36.38 -44.29
CA LYS C 1395 17.02 -35.54 -45.25
C LYS C 1395 18.03 -36.29 -46.10
N GLU C 1396 18.17 -37.60 -45.90
CA GLU C 1396 19.11 -38.37 -46.69
C GLU C 1396 18.71 -38.35 -48.17
N ASN C 1397 19.65 -38.74 -49.02
CA ASN C 1397 19.43 -38.72 -50.46
C ASN C 1397 19.86 -40.04 -51.07
N GLN C 1398 19.24 -40.37 -52.20
CA GLN C 1398 19.51 -41.59 -52.96
C GLN C 1398 19.45 -42.82 -52.06
N PHE C 1399 18.28 -43.04 -51.48
CA PHE C 1399 18.00 -44.27 -50.74
C PHE C 1399 16.74 -44.98 -51.23
N CYS C 1400 16.06 -44.43 -52.23
CA CYS C 1400 14.83 -45.01 -52.77
C CYS C 1400 14.92 -45.00 -54.28
N ALA C 1401 14.21 -45.94 -54.91
CA ALA C 1401 14.20 -46.10 -56.34
C ALA C 1401 12.83 -45.74 -56.91
N ILE C 1402 12.83 -45.17 -58.11
CA ILE C 1402 11.62 -44.66 -58.74
C ILE C 1402 11.59 -45.13 -60.19
N GLY C 1403 10.39 -45.44 -60.68
CA GLY C 1403 10.22 -45.83 -62.06
C GLY C 1403 8.75 -45.78 -62.41
N SER C 1404 8.44 -46.16 -63.64
CA SER C 1404 7.05 -46.19 -64.07
C SER C 1404 6.84 -47.30 -65.09
N ALA C 1405 5.76 -48.05 -64.91
CA ALA C 1405 5.36 -49.06 -65.88
C ALA C 1405 4.90 -48.45 -67.19
N LYS C 1406 4.51 -47.17 -67.17
CA LYS C 1406 3.92 -46.58 -68.35
C LYS C 1406 4.88 -46.61 -69.51
N SER C 1407 6.19 -46.53 -69.24
CA SER C 1407 7.16 -46.62 -70.32
C SER C 1407 7.09 -47.96 -71.03
N ASN C 1408 6.47 -48.97 -70.42
CA ASN C 1408 6.30 -50.27 -71.06
C ASN C 1408 4.97 -50.38 -71.81
N ILE C 1409 3.86 -50.17 -71.12
CA ILE C 1409 2.53 -50.43 -71.66
C ILE C 1409 1.80 -49.17 -72.06
N GLY C 1410 2.45 -48.01 -72.03
CA GLY C 1410 1.77 -46.79 -72.40
C GLY C 1410 1.05 -46.18 -71.23
N HIS C 1411 -0.19 -45.76 -71.44
CA HIS C 1411 -1.00 -45.13 -70.39
C HIS C 1411 -2.44 -45.57 -70.56
N GLY C 1412 -2.97 -46.33 -69.59
CA GLY C 1412 -4.33 -46.83 -69.72
C GLY C 1412 -5.38 -45.75 -69.67
N GLU C 1413 -5.24 -44.81 -68.75
CA GLU C 1413 -6.19 -43.78 -68.36
C GLU C 1413 -7.29 -44.33 -67.45
N SER C 1414 -7.46 -45.63 -67.33
CA SER C 1414 -8.24 -46.19 -66.22
C SER C 1414 -7.60 -47.40 -65.58
N ALA C 1415 -6.83 -48.19 -66.30
CA ALA C 1415 -6.10 -49.31 -65.73
C ALA C 1415 -4.69 -48.91 -65.34
N ALA C 1416 -4.37 -47.61 -65.46
CA ALA C 1416 -3.03 -47.17 -65.10
C ALA C 1416 -2.74 -47.53 -63.65
N GLY C 1417 -3.72 -47.37 -62.77
CA GLY C 1417 -3.48 -47.69 -61.38
C GLY C 1417 -3.27 -49.18 -61.15
N ILE C 1418 -4.16 -50.01 -61.68
CA ILE C 1418 -4.01 -51.44 -61.44
C ILE C 1418 -2.76 -51.97 -62.12
N ALA C 1419 -2.47 -51.47 -63.32
CA ALA C 1419 -1.26 -51.89 -63.99
C ALA C 1419 -0.05 -51.57 -63.13
N GLY C 1420 -0.02 -50.37 -62.56
CA GLY C 1420 1.04 -50.05 -61.62
C GLY C 1420 0.99 -50.94 -60.39
N LEU C 1421 -0.21 -51.21 -59.88
CA LEU C 1421 -0.31 -52.09 -58.73
C LEU C 1421 0.14 -53.50 -59.08
N THR C 1422 -0.22 -53.97 -60.27
CA THR C 1422 0.26 -55.28 -60.69
C THR C 1422 1.77 -55.29 -60.81
N LYS C 1423 2.35 -54.22 -61.36
CA LYS C 1423 3.79 -54.20 -61.54
C LYS C 1423 4.50 -54.37 -60.21
N ILE C 1424 4.05 -53.62 -59.21
CA ILE C 1424 4.72 -53.68 -57.92
C ILE C 1424 4.66 -55.09 -57.34
N LEU C 1425 3.50 -55.73 -57.45
CA LEU C 1425 3.35 -57.04 -56.83
C LEU C 1425 4.31 -58.05 -57.44
N LEU C 1426 4.44 -58.05 -58.77
CA LEU C 1426 5.35 -59.00 -59.39
C LEU C 1426 6.78 -58.76 -58.93
N GLN C 1427 7.19 -57.49 -58.80
CA GLN C 1427 8.50 -57.20 -58.26
C GLN C 1427 8.62 -57.71 -56.83
N MET C 1428 7.57 -57.55 -56.04
CA MET C 1428 7.61 -58.04 -54.66
C MET C 1428 7.51 -59.55 -54.59
N LYS C 1429 6.97 -60.20 -55.61
CA LYS C 1429 6.93 -61.66 -55.64
C LYS C 1429 8.22 -62.23 -56.24
N TYR C 1430 8.70 -61.64 -57.33
CA TYR C 1430 9.94 -62.07 -57.96
C TYR C 1430 11.17 -61.43 -57.32
N LYS C 1431 10.98 -60.45 -56.44
CA LYS C 1431 12.10 -59.85 -55.72
C LYS C 1431 13.15 -59.30 -56.67
N ARG C 1432 12.70 -58.72 -57.79
CA ARG C 1432 13.65 -58.24 -58.78
C ARG C 1432 13.15 -56.93 -59.38
N LEU C 1433 13.77 -55.82 -58.98
CA LEU C 1433 13.39 -54.53 -59.51
C LEU C 1433 13.62 -54.53 -61.00
N VAL C 1434 12.68 -53.97 -61.75
CA VAL C 1434 12.73 -54.06 -63.20
C VAL C 1434 13.34 -52.79 -63.78
N PRO C 1435 14.07 -52.85 -64.89
CA PRO C 1435 14.52 -51.62 -65.54
C PRO C 1435 13.34 -50.82 -66.06
N SER C 1436 13.50 -49.50 -66.05
CA SER C 1436 12.56 -48.59 -66.67
C SER C 1436 12.98 -48.37 -68.13
N LEU C 1437 12.25 -47.51 -68.83
CA LEU C 1437 12.53 -47.25 -70.23
C LEU C 1437 12.51 -45.74 -70.49
N HIS C 1438 13.47 -45.28 -71.28
CA HIS C 1438 13.59 -43.89 -71.69
C HIS C 1438 13.96 -42.96 -70.53
N SER C 1439 14.65 -43.48 -69.53
CA SER C 1439 15.28 -42.67 -68.49
C SER C 1439 16.79 -42.66 -68.61
N ARG C 1440 17.30 -42.68 -69.84
CA ARG C 1440 18.74 -42.79 -70.03
C ARG C 1440 19.46 -41.53 -69.54
N THR C 1441 18.90 -40.36 -69.83
CA THR C 1441 19.52 -39.07 -69.56
C THR C 1441 18.89 -38.30 -68.43
N LEU C 1442 17.59 -38.46 -68.19
CA LEU C 1442 16.87 -37.74 -67.15
C LEU C 1442 16.63 -36.31 -67.60
N ASN C 1443 15.58 -35.68 -67.08
CA ASN C 1443 15.31 -34.31 -67.46
C ASN C 1443 16.38 -33.39 -66.88
N PRO C 1444 16.99 -32.53 -67.70
CA PRO C 1444 17.97 -31.58 -67.16
C PRO C 1444 17.35 -30.59 -66.18
N ASN C 1445 16.03 -30.39 -66.24
CA ASN C 1445 15.39 -29.38 -65.41
C ASN C 1445 15.57 -29.68 -63.92
N ILE C 1446 15.49 -30.94 -63.53
CA ILE C 1446 15.56 -31.34 -62.13
C ILE C 1446 16.80 -32.18 -61.91
N ASP C 1447 17.43 -31.99 -60.75
CA ASP C 1447 18.57 -32.78 -60.33
C ASP C 1447 18.11 -33.82 -59.32
N PHE C 1448 18.46 -35.08 -59.58
CA PHE C 1448 18.13 -36.14 -58.64
C PHE C 1448 19.17 -36.33 -57.55
N SER C 1449 20.27 -35.58 -57.58
CA SER C 1449 21.26 -35.68 -56.51
C SER C 1449 20.64 -35.31 -55.17
N LYS C 1450 19.91 -34.20 -55.12
CA LYS C 1450 19.30 -33.77 -53.87
C LYS C 1450 18.08 -34.61 -53.52
N THR C 1451 17.40 -35.16 -54.53
CA THR C 1451 16.23 -35.98 -54.30
C THR C 1451 16.61 -37.34 -53.74
N PRO C 1452 15.71 -37.97 -52.98
CA PRO C 1452 16.02 -39.30 -52.45
C PRO C 1452 15.73 -40.41 -53.44
N PHE C 1453 15.47 -40.05 -54.70
CA PHE C 1453 15.04 -41.01 -55.71
C PHE C 1453 16.07 -41.10 -56.83
N VAL C 1454 16.31 -42.33 -57.28
CA VAL C 1454 17.10 -42.59 -58.48
C VAL C 1454 16.27 -43.46 -59.40
N VAL C 1455 16.18 -43.06 -60.67
CA VAL C 1455 15.41 -43.85 -61.61
C VAL C 1455 16.08 -45.21 -61.78
N GLN C 1456 15.29 -46.28 -61.68
CA GLN C 1456 15.83 -47.60 -61.86
C GLN C 1456 16.25 -47.76 -63.32
N GLN C 1457 17.43 -48.34 -63.54
CA GLN C 1457 17.99 -48.42 -64.88
C GLN C 1457 18.31 -49.83 -65.34
N GLU C 1458 18.46 -50.79 -64.44
CA GLU C 1458 18.73 -52.16 -64.84
C GLU C 1458 18.14 -53.13 -63.83
N LEU C 1459 17.89 -54.35 -64.29
CA LEU C 1459 17.42 -55.39 -63.40
C LEU C 1459 18.41 -55.55 -62.27
N ALA C 1460 17.93 -55.41 -61.03
CA ALA C 1460 18.78 -55.51 -59.87
C ALA C 1460 17.99 -56.10 -58.72
N GLU C 1461 18.69 -56.84 -57.87
CA GLU C 1461 18.01 -57.53 -56.78
C GLU C 1461 17.32 -56.50 -55.89
N TRP C 1462 16.09 -56.81 -55.46
CA TRP C 1462 15.35 -55.96 -54.54
C TRP C 1462 15.78 -56.33 -53.13
N LYS C 1463 16.90 -55.76 -52.70
CA LYS C 1463 17.45 -56.09 -51.38
C LYS C 1463 16.53 -55.64 -50.28
N ARG C 1464 16.49 -56.42 -49.20
CA ARG C 1464 15.78 -56.02 -47.99
C ARG C 1464 16.43 -54.75 -47.43
N PRO C 1465 15.68 -53.67 -47.20
CA PRO C 1465 16.33 -52.44 -46.70
C PRO C 1465 16.88 -52.62 -45.29
N VAL C 1466 18.10 -52.13 -45.10
CA VAL C 1466 18.72 -52.05 -43.78
C VAL C 1466 19.20 -50.61 -43.59
N ILE C 1467 18.85 -50.02 -42.46
CA ILE C 1467 19.15 -48.65 -42.15
C ILE C 1467 19.36 -48.53 -40.65
N GLU C 1468 19.64 -47.31 -40.20
CA GLU C 1468 19.66 -46.97 -38.79
C GLU C 1468 18.92 -45.64 -38.67
N ILE C 1469 17.84 -45.63 -37.88
CA ILE C 1469 17.07 -44.42 -37.60
C ILE C 1469 17.31 -44.03 -36.15
N ASP C 1470 17.72 -42.79 -35.92
CA ASP C 1470 17.76 -42.28 -34.57
C ASP C 1470 18.55 -43.19 -33.65
N GLY C 1471 19.63 -43.77 -34.14
CA GLY C 1471 20.43 -44.64 -33.31
C GLY C 1471 20.09 -46.11 -33.40
N VAL C 1472 19.01 -46.47 -34.07
CA VAL C 1472 18.48 -47.82 -34.09
C VAL C 1472 18.56 -48.39 -35.50
N THR C 1473 19.32 -49.46 -35.66
CA THR C 1473 19.53 -50.12 -36.94
C THR C 1473 18.59 -51.31 -37.05
N ARG C 1474 17.89 -51.39 -38.17
CA ARG C 1474 16.97 -52.49 -38.39
C ARG C 1474 16.93 -52.79 -39.88
N GLU C 1475 16.60 -54.03 -40.20
CA GLU C 1475 16.44 -54.45 -41.58
C GLU C 1475 14.95 -54.40 -41.89
N TYR C 1476 14.48 -53.24 -42.36
CA TYR C 1476 13.05 -53.05 -42.53
C TYR C 1476 12.54 -53.93 -43.67
N ALA C 1477 11.25 -54.21 -43.65
CA ALA C 1477 10.63 -55.07 -44.64
C ALA C 1477 10.58 -54.33 -45.98
N ARG C 1478 9.96 -54.93 -46.99
CA ARG C 1478 9.93 -54.37 -48.32
C ARG C 1478 8.61 -53.61 -48.47
N ILE C 1479 8.69 -52.33 -48.41
CA ILE C 1479 7.55 -51.46 -48.64
C ILE C 1479 7.75 -50.77 -49.99
N ALA C 1480 6.64 -50.42 -50.63
CA ALA C 1480 6.67 -49.67 -51.89
C ALA C 1480 5.45 -48.76 -51.93
N GLY C 1481 5.51 -47.76 -52.80
CA GLY C 1481 4.45 -46.78 -52.90
C GLY C 1481 4.06 -46.54 -54.35
N ILE C 1482 2.84 -46.04 -54.52
CA ILE C 1482 2.31 -45.73 -55.85
C ILE C 1482 1.39 -44.52 -55.76
N SER C 1483 1.36 -43.74 -56.84
CA SER C 1483 0.49 -42.58 -56.96
C SER C 1483 -0.26 -42.64 -58.29
N SER C 1484 -1.42 -41.99 -58.33
CA SER C 1484 -2.18 -41.84 -59.56
C SER C 1484 -2.78 -40.45 -59.59
N PHE C 1485 -2.25 -39.58 -60.44
CA PHE C 1485 -2.71 -38.21 -60.54
C PHE C 1485 -3.55 -38.04 -61.80
N GLY C 1486 -4.83 -37.74 -61.62
CA GLY C 1486 -5.70 -37.54 -62.75
C GLY C 1486 -5.54 -36.16 -63.33
N ALA C 1487 -5.86 -36.05 -64.62
CA ALA C 1487 -5.70 -34.78 -65.30
C ALA C 1487 -6.57 -33.70 -64.65
N GLY C 1488 -7.79 -34.06 -64.25
CA GLY C 1488 -8.64 -33.10 -63.60
C GLY C 1488 -8.06 -32.56 -62.31
N GLY C 1489 -7.43 -33.42 -61.53
CA GLY C 1489 -6.83 -32.99 -60.28
C GLY C 1489 -7.11 -33.95 -59.15
N ALA C 1490 -7.96 -34.94 -59.41
CA ALA C 1490 -8.15 -36.01 -58.45
C ALA C 1490 -6.85 -36.77 -58.28
N ASN C 1491 -6.44 -36.99 -57.04
CA ASN C 1491 -5.18 -37.64 -56.75
C ASN C 1491 -5.39 -38.77 -55.76
N ALA C 1492 -4.53 -39.78 -55.85
CA ALA C 1492 -4.66 -40.95 -54.98
C ALA C 1492 -3.29 -41.56 -54.71
N HIS C 1493 -3.21 -42.29 -53.61
CA HIS C 1493 -1.95 -42.91 -53.21
C HIS C 1493 -2.22 -44.18 -52.43
N LEU C 1494 -1.31 -45.14 -52.54
CA LEU C 1494 -1.41 -46.41 -51.84
C LEU C 1494 -0.07 -46.78 -51.22
N VAL C 1495 -0.13 -47.55 -50.15
CA VAL C 1495 1.04 -48.06 -49.45
C VAL C 1495 0.90 -49.56 -49.32
N ILE C 1496 1.94 -50.28 -49.71
CA ILE C 1496 1.91 -51.73 -49.79
C ILE C 1496 3.08 -52.29 -49.01
N GLU C 1497 2.92 -53.49 -48.49
CA GLU C 1497 4.00 -54.14 -47.77
C GLU C 1497 3.98 -55.63 -48.05
N GLU C 1498 5.16 -56.21 -48.12
CA GLU C 1498 5.27 -57.64 -48.32
C GLU C 1498 4.71 -58.38 -47.12
N TYR C 1499 4.23 -59.59 -47.36
CA TYR C 1499 3.70 -60.42 -46.31
C TYR C 1499 4.72 -61.48 -45.92
N ILE C 1500 5.01 -61.58 -44.63
CA ILE C 1500 6.00 -62.49 -44.10
C ILE C 1500 5.27 -63.66 -43.46
N GLU C 1501 5.60 -64.87 -43.88
CA GLU C 1501 5.00 -66.06 -43.31
C GLU C 1501 5.67 -66.35 -41.98
N ALA C 1502 4.88 -66.43 -40.91
CA ALA C 1502 5.44 -66.65 -39.59
C ALA C 1502 6.01 -68.05 -39.45
N GLU C 1503 5.16 -69.06 -39.58
CA GLU C 1503 5.60 -70.45 -39.48
C GLU C 1503 4.57 -71.32 -40.18
N HIS C 1504 4.96 -71.90 -41.32
CA HIS C 1504 4.07 -72.78 -42.08
C HIS C 1504 4.86 -73.55 -43.12
N ARG C 1505 4.65 -74.87 -43.15
CA ARG C 1505 5.30 -75.71 -44.13
C ARG C 1505 4.49 -76.99 -44.28
N PRO C 1506 4.24 -77.46 -45.50
CA PRO C 1506 3.61 -78.76 -45.67
C PRO C 1506 4.64 -79.87 -45.59
N PRO C 1507 4.52 -80.78 -44.61
CA PRO C 1507 5.55 -81.83 -44.47
C PRO C 1507 5.39 -82.95 -45.49
N SER C 1508 5.12 -82.58 -46.74
CA SER C 1508 5.08 -83.52 -47.86
C SER C 1508 4.36 -84.81 -47.48
N SER C 1509 3.08 -84.66 -47.14
CA SER C 1509 2.30 -85.82 -46.73
C SER C 1509 2.07 -86.80 -47.87
N ILE C 1510 2.40 -86.42 -49.11
CA ILE C 1510 2.14 -87.30 -50.24
C ILE C 1510 2.90 -88.60 -50.06
N SER C 1511 2.19 -89.71 -50.25
CA SER C 1511 2.79 -91.04 -50.18
C SER C 1511 1.83 -92.02 -50.86
N SER C 1512 2.23 -93.29 -50.92
CA SER C 1512 1.35 -94.30 -51.48
C SER C 1512 0.11 -94.51 -50.61
N LYS C 1513 0.27 -94.38 -49.29
CA LYS C 1513 -0.87 -94.54 -48.39
C LYS C 1513 -1.94 -93.49 -48.68
N ASN C 1514 -1.52 -92.24 -48.84
CA ASN C 1514 -2.43 -91.12 -49.11
C ASN C 1514 -1.82 -90.34 -50.27
N PRO C 1515 -2.04 -90.79 -51.50
CA PRO C 1515 -1.43 -90.12 -52.66
C PRO C 1515 -2.20 -88.85 -53.05
N ALA C 1516 -1.59 -88.10 -53.97
CA ALA C 1516 -2.23 -86.90 -54.49
C ALA C 1516 -3.30 -87.27 -55.51
N VAL C 1517 -4.39 -86.50 -55.50
CA VAL C 1517 -5.55 -86.78 -56.35
C VAL C 1517 -5.75 -85.55 -57.23
N ILE C 1518 -5.20 -85.59 -58.43
CA ILE C 1518 -5.27 -84.46 -59.36
C ILE C 1518 -6.53 -84.60 -60.19
N VAL C 1519 -7.28 -83.51 -60.32
CA VAL C 1519 -8.55 -83.51 -61.02
C VAL C 1519 -8.67 -82.24 -61.84
N LEU C 1520 -9.06 -82.38 -63.09
CA LEU C 1520 -9.32 -81.24 -63.96
C LEU C 1520 -10.70 -81.36 -64.59
N SER C 1521 -11.21 -80.24 -65.08
CA SER C 1521 -12.54 -80.21 -65.66
C SER C 1521 -12.66 -79.00 -66.57
N ALA C 1522 -13.47 -79.15 -67.63
CA ALA C 1522 -13.69 -78.07 -68.59
C ALA C 1522 -15.03 -78.29 -69.28
N LYS C 1523 -15.50 -77.25 -69.98
CA LYS C 1523 -16.78 -77.31 -70.68
C LYS C 1523 -16.78 -78.27 -71.86
N ASN C 1524 -15.62 -78.65 -72.38
CA ASN C 1524 -15.52 -79.63 -73.44
C ASN C 1524 -14.10 -80.17 -73.46
N LYS C 1525 -13.83 -81.13 -74.33
CA LYS C 1525 -12.55 -81.82 -74.29
C LYS C 1525 -11.41 -80.91 -74.77
N ASP C 1526 -11.66 -80.16 -75.83
CA ASP C 1526 -10.64 -79.24 -76.34
C ASP C 1526 -10.19 -78.29 -75.24
N ARG C 1527 -11.14 -77.69 -74.52
CA ARG C 1527 -10.77 -76.86 -73.38
C ARG C 1527 -10.07 -77.71 -72.32
N LEU C 1528 -10.55 -78.93 -72.10
CA LEU C 1528 -9.90 -79.78 -71.11
C LEU C 1528 -8.48 -80.12 -71.53
N ARG C 1529 -8.28 -80.44 -72.81
CA ARG C 1529 -6.95 -80.78 -73.29
C ARG C 1529 -5.99 -79.62 -73.11
N GLU C 1530 -6.47 -78.39 -73.37
CA GLU C 1530 -5.65 -77.21 -73.12
C GLU C 1530 -5.29 -77.09 -71.65
N GLN C 1531 -6.25 -77.34 -70.76
CA GLN C 1531 -5.96 -77.21 -69.33
C GLN C 1531 -4.84 -78.16 -68.94
N VAL C 1532 -4.89 -79.39 -69.45
CA VAL C 1532 -3.77 -80.29 -69.27
C VAL C 1532 -2.51 -79.69 -69.86
N GLN C 1533 -2.64 -79.08 -71.04
CA GLN C 1533 -1.49 -78.43 -71.66
C GLN C 1533 -0.96 -77.32 -70.77
N ARG C 1534 -1.83 -76.40 -70.35
CA ARG C 1534 -1.38 -75.26 -69.56
C ARG C 1534 -0.94 -75.69 -68.16
N LEU C 1535 -1.61 -76.68 -67.57
CA LEU C 1535 -1.12 -77.20 -66.30
C LEU C 1535 0.28 -77.78 -66.46
N LEU C 1536 0.52 -78.51 -67.55
CA LEU C 1536 1.81 -79.18 -67.73
C LEU C 1536 2.93 -78.16 -67.85
N SER C 1537 2.73 -77.13 -68.68
CA SER C 1537 3.75 -76.11 -68.82
C SER C 1537 3.98 -75.36 -67.51
N ALA C 1538 2.91 -75.12 -66.75
CA ALA C 1538 3.05 -74.31 -65.55
C ALA C 1538 3.92 -75.02 -64.50
N ILE C 1539 3.76 -76.33 -64.37
CA ILE C 1539 4.57 -77.07 -63.41
C ILE C 1539 6.05 -76.89 -63.70
N ARG C 1540 6.40 -76.72 -64.98
CA ARG C 1540 7.80 -76.57 -65.36
C ARG C 1540 8.25 -75.13 -65.25
N GLU C 1541 7.55 -74.22 -65.95
CA GLU C 1541 7.96 -72.83 -65.96
C GLU C 1541 7.93 -72.22 -64.57
N GLN C 1542 7.04 -72.69 -63.70
CA GLN C 1542 7.06 -72.29 -62.30
C GLN C 1542 7.88 -73.24 -61.43
N VAL C 1543 8.23 -74.42 -61.94
CA VAL C 1543 9.14 -75.33 -61.25
C VAL C 1543 8.54 -75.78 -59.93
N LEU C 1544 7.47 -76.55 -59.99
CA LEU C 1544 6.85 -77.06 -58.79
C LEU C 1544 7.49 -78.37 -58.35
N THR C 1545 7.44 -78.63 -57.05
CA THR C 1545 8.13 -79.74 -56.42
C THR C 1545 7.11 -80.66 -55.75
N ASP C 1546 7.60 -81.81 -55.27
CA ASP C 1546 6.72 -82.78 -54.64
C ASP C 1546 6.02 -82.21 -53.42
N ASN C 1547 6.64 -81.26 -52.72
CA ASN C 1547 5.98 -80.63 -51.58
C ASN C 1547 4.73 -79.89 -52.01
N ASP C 1548 4.70 -79.43 -53.26
CA ASP C 1548 3.56 -78.67 -53.75
C ASP C 1548 2.37 -79.54 -54.10
N LEU C 1549 2.56 -80.86 -54.23
CA LEU C 1549 1.50 -81.70 -54.75
C LEU C 1549 0.22 -81.57 -53.93
N ALA C 1550 0.32 -81.76 -52.61
CA ALA C 1550 -0.85 -81.65 -51.77
C ALA C 1550 -1.55 -80.31 -51.99
N GLU C 1551 -0.76 -79.24 -52.09
CA GLU C 1551 -1.34 -77.94 -52.41
C GLU C 1551 -1.86 -77.89 -53.83
N ILE C 1552 -1.12 -78.46 -54.78
CA ILE C 1552 -1.56 -78.45 -56.17
C ILE C 1552 -2.91 -79.15 -56.30
N ALA C 1553 -3.01 -80.34 -55.73
CA ALA C 1553 -4.28 -81.06 -55.77
C ALA C 1553 -5.39 -80.29 -55.06
N TYR C 1554 -5.07 -79.72 -53.89
CA TYR C 1554 -6.11 -79.05 -53.10
C TYR C 1554 -6.70 -77.89 -53.87
N THR C 1555 -5.85 -77.06 -54.47
CA THR C 1555 -6.36 -75.96 -55.27
C THR C 1555 -7.17 -76.48 -56.44
N LEU C 1556 -6.68 -77.51 -57.11
CA LEU C 1556 -7.44 -78.09 -58.22
C LEU C 1556 -8.70 -78.77 -57.74
N GLN C 1557 -8.83 -79.03 -56.42
CA GLN C 1557 -10.00 -79.71 -55.90
C GLN C 1557 -11.12 -78.72 -55.56
N VAL C 1558 -10.77 -77.60 -54.95
CA VAL C 1558 -11.77 -76.63 -54.51
C VAL C 1558 -11.74 -75.39 -55.40
N GLY C 1559 -10.55 -75.01 -55.85
CA GLY C 1559 -10.35 -73.78 -56.57
C GLY C 1559 -10.67 -73.85 -58.04
N ARG C 1560 -11.26 -74.95 -58.49
CA ARG C 1560 -11.78 -75.06 -59.85
C ARG C 1560 -13.19 -75.60 -59.76
N GLU C 1561 -14.11 -74.96 -60.48
CA GLU C 1561 -15.51 -75.30 -60.38
C GLU C 1561 -15.84 -76.45 -61.31
N ALA C 1562 -16.52 -77.47 -60.78
CA ALA C 1562 -16.69 -78.73 -61.50
C ALA C 1562 -17.41 -78.49 -62.81
N MET C 1563 -16.87 -79.06 -63.89
CA MET C 1563 -17.40 -78.84 -65.23
C MET C 1563 -18.03 -80.12 -65.77
N GLU C 1564 -18.40 -80.08 -67.06
CA GLU C 1564 -19.03 -81.23 -67.70
C GLU C 1564 -18.00 -82.26 -68.15
N GLU C 1565 -16.95 -81.83 -68.84
CA GLU C 1565 -15.88 -82.74 -69.26
C GLU C 1565 -14.84 -82.76 -68.16
N ARG C 1566 -14.41 -83.96 -67.77
CA ARG C 1566 -13.63 -84.14 -66.55
C ARG C 1566 -12.50 -85.13 -66.78
N PHE C 1567 -11.46 -85.02 -65.95
CA PHE C 1567 -10.34 -85.96 -65.96
C PHE C 1567 -9.64 -85.92 -64.61
N ALA C 1568 -9.10 -87.07 -64.20
CA ALA C 1568 -8.42 -87.17 -62.91
C ALA C 1568 -7.40 -88.29 -62.95
N VAL C 1569 -6.43 -88.22 -62.03
CA VAL C 1569 -5.43 -89.25 -61.84
C VAL C 1569 -5.03 -89.28 -60.38
N ILE C 1570 -4.43 -90.39 -59.96
CA ILE C 1570 -3.83 -90.52 -58.64
C ILE C 1570 -2.33 -90.52 -58.81
N VAL C 1571 -1.64 -89.67 -58.05
CA VAL C 1571 -0.21 -89.47 -58.21
C VAL C 1571 0.47 -89.46 -56.85
N LYS C 1572 1.77 -89.79 -56.87
CA LYS C 1572 2.66 -89.73 -55.73
C LYS C 1572 3.81 -88.75 -55.94
N SER C 1573 4.23 -88.54 -57.18
CA SER C 1573 5.37 -87.69 -57.50
C SER C 1573 5.02 -86.76 -58.64
N ILE C 1574 5.74 -85.64 -58.71
CA ILE C 1574 5.53 -84.69 -59.80
C ILE C 1574 5.80 -85.36 -61.14
N SER C 1575 6.88 -86.12 -61.23
CA SER C 1575 7.18 -86.84 -62.46
C SER C 1575 6.04 -87.79 -62.81
N GLU C 1576 5.48 -88.47 -61.80
CA GLU C 1576 4.37 -89.38 -62.04
C GLU C 1576 3.20 -88.62 -62.65
N LEU C 1577 2.90 -87.43 -62.13
CA LEU C 1577 1.87 -86.61 -62.75
C LEU C 1577 2.29 -86.18 -64.16
N GLU C 1578 3.55 -85.80 -64.33
CA GLU C 1578 4.02 -85.35 -65.64
C GLU C 1578 3.80 -86.42 -66.68
N ALA C 1579 4.17 -87.66 -66.36
CA ALA C 1579 4.05 -88.74 -67.32
C ALA C 1579 2.59 -88.98 -67.69
N LYS C 1580 1.72 -89.07 -66.68
CA LYS C 1580 0.32 -89.34 -66.97
C LYS C 1580 -0.30 -88.21 -67.77
N LEU C 1581 0.06 -86.97 -67.46
CA LEU C 1581 -0.52 -85.84 -68.17
C LEU C 1581 -0.16 -85.88 -69.64
N THR C 1582 1.13 -86.10 -69.94
CA THR C 1582 1.53 -86.23 -71.34
C THR C 1582 0.83 -87.39 -72.00
N TYR C 1583 0.54 -88.43 -71.22
CA TYR C 1583 -0.16 -89.60 -71.74
C TYR C 1583 -1.50 -89.20 -72.34
N TYR C 1584 -2.31 -88.47 -71.57
CA TYR C 1584 -3.60 -88.01 -72.07
C TYR C 1584 -3.43 -87.11 -73.30
N LEU C 1585 -2.40 -86.26 -73.29
CA LEU C 1585 -2.16 -85.40 -74.44
C LEU C 1585 -2.01 -86.23 -75.72
N LYS C 1586 -1.25 -87.30 -75.65
CA LYS C 1586 -1.11 -88.19 -76.79
C LYS C 1586 -2.42 -88.92 -77.03
N ASP C 1587 -2.77 -89.08 -78.31
CA ASP C 1587 -4.08 -89.58 -78.69
C ASP C 1587 -4.20 -91.07 -78.37
N GLU C 1588 -4.79 -91.39 -77.22
CA GLU C 1588 -5.06 -92.76 -76.82
C GLU C 1588 -6.43 -92.84 -76.19
N ALA C 1589 -7.26 -93.77 -76.67
CA ALA C 1589 -8.59 -93.94 -76.12
C ALA C 1589 -8.58 -94.72 -74.80
N ASP C 1590 -7.49 -95.40 -74.47
CA ASP C 1590 -7.36 -96.08 -73.19
C ASP C 1590 -6.04 -95.68 -72.55
N SER C 1591 -6.06 -95.55 -71.22
CA SER C 1591 -4.89 -95.13 -70.47
C SER C 1591 -4.86 -95.87 -69.13
N PRO C 1592 -3.67 -96.03 -68.54
CA PRO C 1592 -3.58 -96.73 -67.25
C PRO C 1592 -3.83 -95.80 -66.08
N ASP C 1593 -4.81 -96.14 -65.24
CA ASP C 1593 -5.10 -95.39 -64.02
C ASP C 1593 -5.40 -93.92 -64.34
N LEU C 1594 -5.90 -93.67 -65.55
CA LEU C 1594 -6.31 -92.34 -65.99
C LEU C 1594 -7.81 -92.36 -66.18
N PHE C 1595 -8.53 -91.77 -65.23
CA PHE C 1595 -9.99 -91.85 -65.19
C PHE C 1595 -10.57 -90.72 -66.05
N THR C 1596 -11.25 -91.10 -67.12
CA THR C 1596 -11.98 -90.15 -67.95
C THR C 1596 -13.46 -90.46 -67.90
N GLY C 1597 -14.27 -89.43 -68.16
CA GLY C 1597 -15.71 -89.56 -68.04
C GLY C 1597 -16.36 -88.22 -68.33
N GLN C 1598 -17.69 -88.22 -68.24
CA GLN C 1598 -18.46 -87.02 -68.55
C GLN C 1598 -19.64 -86.92 -67.60
N VAL C 1599 -20.43 -85.86 -67.78
CA VAL C 1599 -21.68 -85.66 -67.06
C VAL C 1599 -22.87 -85.55 -68.00
N LYS C 1600 -22.64 -85.31 -69.28
CA LYS C 1600 -23.75 -85.18 -70.23
C LYS C 1600 -24.61 -86.44 -70.22
N ARG C 1601 -24.02 -87.60 -69.95
CA ARG C 1601 -24.75 -88.85 -70.05
C ARG C 1601 -25.44 -89.21 -68.73
N ASN C 1602 -24.66 -89.41 -67.67
CA ASN C 1602 -25.21 -89.87 -66.39
C ASN C 1602 -25.74 -88.68 -65.61
N LYS C 1603 -27.06 -88.57 -65.53
CA LYS C 1603 -27.70 -87.50 -64.79
C LYS C 1603 -28.54 -88.07 -63.65
N GLU C 1604 -29.49 -88.95 -63.99
CA GLU C 1604 -30.38 -89.50 -62.97
C GLU C 1604 -29.64 -90.47 -62.06
N THR C 1605 -28.79 -91.33 -62.63
CA THR C 1605 -28.13 -92.34 -61.83
C THR C 1605 -27.18 -91.71 -60.83
N MET C 1606 -26.37 -90.74 -61.27
CA MET C 1606 -25.54 -90.00 -60.34
C MET C 1606 -26.38 -89.15 -59.41
N ASP C 1607 -27.49 -88.62 -59.91
CA ASP C 1607 -28.33 -87.75 -59.09
C ASP C 1607 -28.86 -88.51 -57.88
N VAL C 1608 -29.39 -89.71 -58.10
CA VAL C 1608 -30.00 -90.45 -57.01
C VAL C 1608 -29.01 -90.82 -55.93
N PHE C 1609 -27.72 -90.90 -56.26
CA PHE C 1609 -26.72 -91.28 -55.27
C PHE C 1609 -26.74 -90.32 -54.09
N ALA C 1610 -26.42 -89.05 -54.34
CA ALA C 1610 -26.43 -88.08 -53.25
C ALA C 1610 -27.81 -87.97 -52.61
N ALA C 1611 -28.86 -88.35 -53.34
CA ALA C 1611 -30.22 -88.29 -52.82
C ALA C 1611 -30.52 -89.55 -52.01
N ASP C 1612 -29.62 -89.85 -51.07
CA ASP C 1612 -29.79 -90.96 -50.16
C ASP C 1612 -28.72 -90.87 -49.08
N GLU C 1613 -29.15 -90.96 -47.81
CA GLU C 1613 -28.20 -90.87 -46.71
C GLU C 1613 -27.42 -92.17 -46.55
N ASP C 1614 -28.10 -93.30 -46.68
CA ASP C 1614 -27.44 -94.59 -46.59
C ASP C 1614 -26.40 -94.73 -47.69
N LEU C 1615 -26.75 -94.31 -48.91
CA LEU C 1615 -25.78 -94.30 -49.99
C LEU C 1615 -24.65 -93.34 -49.70
N GLN C 1616 -24.96 -92.18 -49.09
CA GLN C 1616 -23.91 -91.22 -48.77
C GLN C 1616 -22.90 -91.81 -47.80
N GLN C 1617 -23.38 -92.57 -46.81
CA GLN C 1617 -22.48 -93.23 -45.89
C GLN C 1617 -21.47 -94.09 -46.64
N ALA C 1618 -21.89 -94.70 -47.74
CA ALA C 1618 -20.99 -95.55 -48.51
C ALA C 1618 -19.82 -94.74 -49.08
N ILE C 1619 -20.11 -93.57 -49.65
CA ILE C 1619 -19.04 -92.75 -50.20
C ILE C 1619 -18.09 -92.32 -49.09
N ASP C 1620 -18.63 -91.95 -47.93
CA ASP C 1620 -17.77 -91.56 -46.83
C ASP C 1620 -16.89 -92.72 -46.39
N THR C 1621 -17.44 -93.93 -46.40
CA THR C 1621 -16.63 -95.09 -46.08
C THR C 1621 -15.51 -95.27 -47.09
N TRP C 1622 -15.78 -95.00 -48.37
CA TRP C 1622 -14.73 -95.07 -49.38
C TRP C 1622 -13.55 -94.19 -49.01
N ILE C 1623 -13.82 -92.94 -48.65
CA ILE C 1623 -12.75 -92.00 -48.30
C ILE C 1623 -11.95 -92.54 -47.13
N THR C 1624 -12.65 -93.02 -46.10
CA THR C 1624 -11.97 -93.56 -44.93
C THR C 1624 -11.06 -94.71 -45.31
N LYS C 1625 -11.56 -95.63 -46.13
CA LYS C 1625 -10.76 -96.79 -46.52
C LYS C 1625 -9.71 -96.44 -47.57
N GLY C 1626 -9.84 -95.30 -48.24
CA GLY C 1626 -8.86 -94.90 -49.23
C GLY C 1626 -9.10 -95.44 -50.62
N LYS C 1627 -10.34 -95.80 -50.94
CA LYS C 1627 -10.66 -96.31 -52.28
C LYS C 1627 -10.69 -95.16 -53.28
N TYR C 1628 -9.59 -94.42 -53.38
CA TYR C 1628 -9.56 -93.23 -54.23
C TYR C 1628 -9.81 -93.56 -55.69
N ALA C 1629 -9.37 -94.73 -56.14
CA ALA C 1629 -9.59 -95.10 -57.54
C ALA C 1629 -11.08 -95.19 -57.84
N LYS C 1630 -11.84 -95.82 -56.95
CA LYS C 1630 -13.28 -95.94 -57.15
C LYS C 1630 -13.96 -94.58 -57.11
N ILE C 1631 -13.53 -93.71 -56.20
CA ILE C 1631 -14.15 -92.39 -56.07
C ILE C 1631 -14.02 -91.61 -57.38
N LEU C 1632 -12.80 -91.59 -57.95
CA LEU C 1632 -12.62 -90.94 -59.24
C LEU C 1632 -13.41 -91.65 -60.32
N GLN C 1633 -13.47 -92.98 -60.26
CA GLN C 1633 -14.16 -93.74 -61.29
C GLN C 1633 -15.60 -93.25 -61.48
N MET C 1634 -16.24 -92.77 -60.42
CA MET C 1634 -17.57 -92.20 -60.54
C MET C 1634 -17.56 -90.69 -60.66
N TRP C 1635 -16.60 -90.00 -60.03
CA TRP C 1635 -16.59 -88.55 -60.09
C TRP C 1635 -16.45 -88.08 -61.53
N VAL C 1636 -15.72 -88.84 -62.35
CA VAL C 1636 -15.65 -88.56 -63.78
C VAL C 1636 -17.01 -88.75 -64.42
N GLN C 1637 -17.95 -89.35 -63.71
CA GLN C 1637 -19.32 -89.52 -64.21
C GLN C 1637 -20.30 -88.52 -63.62
N GLY C 1638 -19.92 -87.75 -62.61
CA GLY C 1638 -20.80 -86.73 -62.07
C GLY C 1638 -20.79 -86.63 -60.57
N LEU C 1639 -20.40 -87.70 -59.89
CA LEU C 1639 -20.46 -87.76 -58.44
C LEU C 1639 -19.81 -86.54 -57.80
N ILE C 1640 -20.45 -86.04 -56.74
CA ILE C 1640 -19.99 -84.85 -56.03
C ILE C 1640 -19.86 -85.18 -54.56
N PHE C 1641 -18.75 -84.77 -53.96
CA PHE C 1641 -18.45 -85.05 -52.57
C PHE C 1641 -17.50 -83.98 -52.06
N ASP C 1642 -17.53 -83.74 -50.75
CA ASP C 1642 -16.65 -82.73 -50.16
C ASP C 1642 -15.22 -83.23 -50.22
N TRP C 1643 -14.36 -82.48 -50.90
CA TRP C 1643 -12.94 -82.81 -50.90
C TRP C 1643 -12.33 -82.63 -49.51
N ASN C 1644 -12.85 -81.71 -48.70
CA ASN C 1644 -12.30 -81.52 -47.36
C ASN C 1644 -12.40 -82.79 -46.53
N LYS C 1645 -13.33 -83.68 -46.85
CA LYS C 1645 -13.44 -84.92 -46.09
C LYS C 1645 -12.15 -85.73 -46.16
N LEU C 1646 -11.39 -85.59 -47.26
CA LEU C 1646 -10.17 -86.36 -47.40
C LEU C 1646 -9.23 -86.13 -46.22
N TYR C 1647 -9.10 -84.88 -45.79
CA TYR C 1647 -8.26 -84.52 -44.65
C TYR C 1647 -9.10 -83.72 -43.67
N GLY C 1648 -9.17 -84.20 -42.42
CA GLY C 1648 -10.05 -83.62 -41.43
C GLY C 1648 -9.52 -82.38 -40.76
N ASP C 1649 -8.30 -81.97 -41.04
CA ASP C 1649 -7.77 -80.77 -40.41
C ASP C 1649 -6.57 -80.27 -41.20
N THR C 1650 -6.22 -79.02 -40.96
CA THR C 1650 -5.03 -78.38 -41.53
C THR C 1650 -5.01 -78.57 -43.05
N LYS C 1651 -6.00 -78.00 -43.71
CA LYS C 1651 -5.98 -77.97 -45.15
C LYS C 1651 -4.75 -77.19 -45.62
N PRO C 1652 -4.12 -77.63 -46.69
CA PRO C 1652 -2.90 -76.97 -47.15
C PRO C 1652 -3.23 -75.62 -47.78
N ARG C 1653 -2.17 -74.88 -48.10
CA ARG C 1653 -2.29 -73.60 -48.77
C ARG C 1653 -2.66 -73.81 -50.24
N ARG C 1654 -3.25 -72.77 -50.84
CA ARG C 1654 -3.52 -72.77 -52.27
C ARG C 1654 -2.30 -72.25 -53.02
N ILE C 1655 -2.36 -72.35 -54.35
CA ILE C 1655 -1.31 -71.79 -55.20
C ILE C 1655 -1.95 -71.23 -56.46
N SER C 1656 -1.30 -70.22 -57.02
CA SER C 1656 -1.77 -69.62 -58.26
C SER C 1656 -1.55 -70.62 -59.39
N LEU C 1657 -2.64 -71.20 -59.88
CA LEU C 1657 -2.62 -72.12 -61.00
C LEU C 1657 -3.33 -71.50 -62.19
N PRO C 1658 -3.01 -71.91 -63.41
CA PRO C 1658 -3.59 -71.25 -64.58
C PRO C 1658 -5.11 -71.28 -64.53
N ALA C 1659 -5.73 -70.21 -65.02
CA ALA C 1659 -7.18 -70.07 -64.97
C ALA C 1659 -7.82 -70.76 -66.17
N TYR C 1660 -9.15 -70.75 -66.20
CA TYR C 1660 -9.89 -71.50 -67.22
C TYR C 1660 -9.66 -70.89 -68.59
N PRO C 1661 -9.37 -71.70 -69.62
CA PRO C 1661 -9.09 -71.13 -70.96
C PRO C 1661 -10.35 -70.84 -71.78
N PHE C 1662 -10.90 -69.64 -71.58
CA PHE C 1662 -12.07 -69.24 -72.33
C PHE C 1662 -11.81 -69.32 -73.84
N ALA C 1663 -12.87 -69.51 -74.61
CA ALA C 1663 -12.75 -69.58 -76.06
C ALA C 1663 -12.48 -68.19 -76.63
N ARG C 1664 -12.11 -68.18 -77.92
CA ARG C 1664 -11.78 -66.95 -78.64
C ARG C 1664 -12.77 -66.69 -79.77
N GLU C 1665 -14.04 -67.00 -79.55
CA GLU C 1665 -15.05 -66.66 -80.54
C GLU C 1665 -15.10 -65.14 -80.73
N ARG C 1666 -15.23 -64.70 -81.98
CA ARG C 1666 -15.30 -63.28 -82.29
C ARG C 1666 -16.75 -62.81 -82.31
N TYR C 1667 -16.97 -61.60 -81.81
CA TYR C 1667 -18.30 -61.00 -81.83
C TYR C 1667 -18.15 -59.49 -81.94
N TRP C 1668 -18.77 -58.91 -82.96
CA TRP C 1668 -18.72 -57.47 -83.20
C TRP C 1668 -20.04 -57.03 -83.82
N LEU C 1669 -20.32 -55.74 -83.72
CA LEU C 1669 -21.57 -55.19 -84.26
C LEU C 1669 -21.78 -55.62 -85.70
N SER D 5 10.49 -60.31 73.27
CA SER D 5 10.23 -60.27 74.71
C SER D 5 8.77 -60.61 74.97
N VAL D 6 8.26 -60.22 76.14
CA VAL D 6 6.95 -60.72 76.58
C VAL D 6 5.84 -59.89 75.95
N VAL D 7 4.68 -60.50 75.79
CA VAL D 7 3.48 -59.78 75.36
C VAL D 7 3.16 -58.64 76.34
N ARG D 8 2.97 -57.44 75.78
CA ARG D 8 2.56 -56.30 76.60
C ARG D 8 1.55 -55.49 75.79
N ASP D 9 0.84 -54.61 76.50
CA ASP D 9 -0.25 -53.88 75.88
C ASP D 9 0.26 -52.84 74.88
N VAL D 10 -0.40 -52.75 73.73
CA VAL D 10 -0.03 -51.83 72.67
C VAL D 10 -1.23 -50.91 72.39
N ALA D 11 -0.99 -49.60 72.41
CA ALA D 11 -2.00 -48.60 72.07
C ALA D 11 -2.09 -48.35 70.57
N ILE D 12 -3.31 -48.12 70.09
CA ILE D 12 -3.57 -47.58 68.77
C ILE D 12 -3.78 -46.08 68.96
N ILE D 13 -2.86 -45.27 68.47
CA ILE D 13 -2.86 -43.84 68.75
C ILE D 13 -3.23 -42.98 67.55
N GLY D 14 -3.39 -43.56 66.38
CA GLY D 14 -3.67 -42.76 65.19
C GLY D 14 -4.45 -43.55 64.17
N LEU D 15 -5.29 -42.84 63.42
CA LEU D 15 -6.23 -43.49 62.54
C LEU D 15 -6.55 -42.57 61.38
N SER D 16 -6.53 -43.13 60.17
CA SER D 16 -7.03 -42.49 58.96
C SER D 16 -7.41 -43.60 58.01
N GLY D 17 -8.38 -43.35 57.14
CA GLY D 17 -8.70 -44.34 56.14
C GLY D 17 -9.61 -43.78 55.07
N ARG D 18 -9.55 -44.42 53.91
CA ARG D 18 -10.42 -44.11 52.79
C ARG D 18 -11.10 -45.38 52.33
N TYR D 19 -12.42 -45.33 52.25
CA TYR D 19 -13.25 -46.49 51.93
C TYR D 19 -14.31 -46.01 50.96
N PRO D 20 -15.05 -46.94 50.35
CA PRO D 20 -16.05 -46.53 49.36
C PRO D 20 -17.04 -45.51 49.91
N GLN D 21 -17.20 -44.41 49.16
CA GLN D 21 -18.09 -43.31 49.55
C GLN D 21 -17.77 -42.79 50.96
N ALA D 22 -16.52 -42.98 51.42
CA ALA D 22 -16.13 -42.47 52.72
C ALA D 22 -14.68 -42.00 52.65
N LYS D 23 -14.49 -40.72 52.38
CA LYS D 23 -13.15 -40.16 52.19
C LYS D 23 -12.40 -39.97 53.50
N ASN D 24 -13.07 -40.14 54.63
CA ASN D 24 -12.45 -40.10 55.95
C ASN D 24 -13.27 -40.96 56.90
N VAL D 25 -12.75 -41.13 58.12
CA VAL D 25 -13.35 -42.10 59.04
C VAL D 25 -14.65 -41.56 59.63
N ASP D 26 -14.87 -40.24 59.58
CA ASP D 26 -16.17 -39.68 59.95
C ASP D 26 -17.23 -40.16 58.97
N GLU D 27 -16.94 -40.10 57.68
CA GLU D 27 -17.89 -40.61 56.71
C GLU D 27 -18.08 -42.10 56.91
N PHE D 28 -17.00 -42.82 57.24
CA PHE D 28 -17.10 -44.26 57.44
C PHE D 28 -18.05 -44.57 58.59
N TRP D 29 -17.92 -43.83 59.71
CA TRP D 29 -18.84 -43.98 60.82
C TRP D 29 -20.29 -43.70 60.39
N ASN D 30 -20.49 -42.65 59.60
CA ASN D 30 -21.85 -42.34 59.18
C ASN D 30 -22.44 -43.45 58.32
N ARG D 31 -21.63 -44.01 57.41
CA ARG D 31 -22.11 -45.11 56.59
C ARG D 31 -22.43 -46.34 57.44
N LEU D 32 -21.56 -46.68 58.40
CA LEU D 32 -21.83 -47.82 59.26
C LEU D 32 -23.11 -47.63 60.05
N LYS D 33 -23.27 -46.47 60.70
CA LYS D 33 -24.42 -46.26 61.55
C LYS D 33 -25.71 -46.33 60.75
N GLU D 34 -25.67 -45.86 59.50
CA GLU D 34 -26.86 -45.76 58.67
C GLU D 34 -27.15 -47.02 57.86
N GLY D 35 -26.29 -48.03 57.94
CA GLY D 35 -26.56 -49.27 57.22
C GLY D 35 -26.47 -49.11 55.72
N LYS D 36 -25.49 -48.36 55.24
CA LYS D 36 -25.41 -48.05 53.82
C LYS D 36 -24.67 -49.16 53.07
N ASN D 37 -25.25 -49.58 51.95
CA ASN D 37 -24.61 -50.50 51.03
C ASN D 37 -23.81 -49.70 50.01
N CYS D 38 -22.49 -49.78 50.12
CA CYS D 38 -21.63 -48.83 49.42
C CYS D 38 -21.13 -49.36 48.09
N ILE D 39 -21.91 -50.21 47.43
CA ILE D 39 -21.43 -50.85 46.21
C ILE D 39 -22.00 -50.10 45.02
N SER D 40 -21.20 -49.97 43.96
CA SER D 40 -21.60 -49.16 42.83
C SER D 40 -21.18 -49.85 41.53
N GLU D 41 -21.62 -49.27 40.43
CA GLU D 41 -21.24 -49.71 39.10
C GLU D 41 -19.77 -49.38 38.86
N ILE D 42 -19.11 -50.26 38.12
CA ILE D 42 -17.72 -50.03 37.72
C ILE D 42 -17.64 -48.68 37.01
N PRO D 43 -16.85 -47.73 37.51
CA PRO D 43 -16.80 -46.42 36.85
C PRO D 43 -16.20 -46.52 35.47
N LYS D 44 -16.77 -45.74 34.54
CA LYS D 44 -16.31 -45.74 33.16
C LYS D 44 -14.85 -45.32 33.03
N ASP D 45 -14.36 -44.50 33.95
CA ASP D 45 -12.97 -44.05 33.89
C ASP D 45 -11.99 -45.14 34.36
N ARG D 46 -12.49 -46.29 34.81
CA ARG D 46 -11.63 -47.45 34.99
C ARG D 46 -11.58 -48.28 33.71
N TRP D 47 -12.74 -48.78 33.29
CA TRP D 47 -12.91 -49.38 31.98
C TRP D 47 -14.41 -49.47 31.71
N ASP D 48 -14.76 -49.81 30.48
CA ASP D 48 -16.17 -50.00 30.12
C ASP D 48 -16.50 -51.47 30.33
N TRP D 49 -17.27 -51.75 31.38
CA TRP D 49 -17.59 -53.12 31.76
C TRP D 49 -18.35 -53.87 30.67
N GLN D 50 -19.13 -53.16 29.85
CA GLN D 50 -19.95 -53.83 28.84
C GLN D 50 -19.07 -54.60 27.84
N SER D 51 -17.85 -54.13 27.60
CA SER D 51 -16.98 -54.84 26.66
C SER D 51 -16.63 -56.22 27.14
N PHE D 52 -16.65 -56.45 28.46
CA PHE D 52 -16.19 -57.72 29.01
C PHE D 52 -17.28 -58.51 29.74
N PHE D 53 -18.49 -57.99 29.84
CA PHE D 53 -19.47 -58.57 30.75
C PHE D 53 -20.09 -59.79 30.05
N ASP D 54 -20.18 -60.91 30.75
CA ASP D 54 -20.94 -62.07 30.28
C ASP D 54 -21.52 -62.81 31.48
N GLU D 55 -22.78 -63.20 31.36
CA GLU D 55 -23.45 -63.87 32.47
C GLU D 55 -22.89 -65.26 32.72
N GLU D 56 -22.18 -65.83 31.75
CA GLU D 56 -21.58 -67.14 31.93
C GLU D 56 -20.47 -67.08 32.97
N LYS D 57 -20.69 -67.74 34.10
CA LYS D 57 -19.71 -67.74 35.18
C LYS D 57 -18.56 -68.68 34.84
N GLY D 58 -17.35 -68.27 35.16
CA GLY D 58 -16.18 -69.08 34.90
C GLY D 58 -15.62 -69.01 33.49
N LYS D 59 -16.27 -68.28 32.58
CA LYS D 59 -15.72 -68.07 31.25
C LYS D 59 -14.39 -67.34 31.31
N LYS D 60 -13.54 -67.63 30.32
CA LYS D 60 -12.19 -67.09 30.29
C LYS D 60 -12.19 -65.73 29.60
N GLU D 61 -11.30 -64.85 30.08
CA GLU D 61 -11.17 -63.50 29.53
C GLU D 61 -12.51 -62.77 29.52
N SER D 62 -13.30 -62.96 30.58
CA SER D 62 -14.56 -62.25 30.75
C SER D 62 -14.85 -62.13 32.24
N MET D 63 -15.95 -61.43 32.55
CA MET D 63 -16.42 -61.26 33.91
C MET D 63 -17.95 -61.25 33.91
N TYR D 64 -18.55 -61.64 35.03
CA TYR D 64 -20.00 -61.74 35.12
C TYR D 64 -20.57 -60.80 36.18
N THR D 65 -19.82 -59.78 36.57
CA THR D 65 -20.33 -58.75 37.46
C THR D 65 -20.05 -57.37 36.89
N LYS D 66 -20.86 -56.40 37.33
CA LYS D 66 -20.64 -54.99 36.99
C LYS D 66 -20.39 -54.13 38.22
N TRP D 67 -20.09 -54.73 39.37
CA TRP D 67 -20.14 -54.03 40.64
C TRP D 67 -18.78 -54.08 41.34
N GLY D 68 -18.55 -53.08 42.17
CA GLY D 68 -17.44 -53.09 43.11
C GLY D 68 -17.53 -51.97 44.13
N GLY D 69 -16.78 -52.09 45.22
CA GLY D 69 -16.59 -50.99 46.13
C GLY D 69 -15.42 -50.08 45.74
N PHE D 70 -15.71 -48.98 45.07
CA PHE D 70 -14.69 -48.09 44.53
C PHE D 70 -14.63 -46.84 45.39
N ILE D 71 -13.41 -46.37 45.69
CA ILE D 71 -13.21 -45.09 46.34
C ILE D 71 -13.19 -43.98 45.29
N ASP D 72 -13.51 -42.77 45.74
CA ASP D 72 -13.39 -41.56 44.93
C ASP D 72 -11.95 -41.05 44.85
N ASP D 73 -11.65 -40.37 43.75
CA ASP D 73 -10.39 -39.63 43.58
C ASP D 73 -9.17 -40.54 43.69
N MET D 74 -9.30 -41.74 43.13
CA MET D 74 -8.22 -42.71 43.22
C MET D 74 -6.94 -42.23 42.54
N ASP D 75 -7.07 -41.42 41.48
CA ASP D 75 -5.94 -40.97 40.67
C ASP D 75 -5.34 -39.64 41.12
N LYS D 76 -5.81 -39.06 42.22
CA LYS D 76 -5.38 -37.73 42.62
C LYS D 76 -4.21 -37.80 43.59
N PHE D 77 -3.38 -36.76 43.56
CA PHE D 77 -2.16 -36.71 44.35
C PHE D 77 -1.67 -35.27 44.42
N ASP D 78 -0.89 -34.98 45.46
CA ASP D 78 -0.26 -33.67 45.64
C ASP D 78 1.26 -33.84 45.64
N PRO D 79 1.85 -34.11 44.48
CA PRO D 79 3.30 -34.43 44.45
C PRO D 79 4.20 -33.30 44.89
N LEU D 80 3.84 -32.04 44.62
CA LEU D 80 4.71 -30.93 45.02
C LEU D 80 4.88 -30.86 46.53
N PHE D 81 3.85 -31.22 47.28
CA PHE D 81 3.99 -31.25 48.74
C PHE D 81 5.20 -32.07 49.15
N PHE D 82 5.46 -33.15 48.43
CA PHE D 82 6.51 -34.09 48.79
C PHE D 82 7.78 -33.90 47.96
N GLN D 83 7.82 -32.84 47.15
CA GLN D 83 8.94 -32.55 46.26
C GLN D 83 9.14 -33.66 45.22
N ILE D 84 8.03 -34.29 44.84
CA ILE D 84 8.01 -35.26 43.76
C ILE D 84 7.63 -34.57 42.47
N SER D 85 8.32 -34.92 41.39
CA SER D 85 8.03 -34.31 40.10
C SER D 85 6.75 -34.90 39.51
N PRO D 86 6.11 -34.19 38.58
CA PRO D 86 4.90 -34.75 37.93
C PRO D 86 5.14 -36.05 37.20
N LYS D 87 6.27 -36.18 36.51
CA LYS D 87 6.57 -37.41 35.80
C LYS D 87 6.73 -38.57 36.77
N GLU D 88 7.46 -38.35 37.86
CA GLU D 88 7.62 -39.39 38.85
C GLU D 88 6.27 -39.74 39.47
N ALA D 89 5.43 -38.74 39.70
CA ALA D 89 4.10 -39.01 40.23
C ALA D 89 3.31 -39.90 39.27
N GLU D 90 3.42 -39.62 37.97
CA GLU D 90 2.76 -40.46 36.98
C GLU D 90 3.28 -41.89 37.05
N GLU D 91 4.59 -42.05 37.28
CA GLU D 91 5.20 -43.37 37.31
C GLU D 91 4.96 -44.12 38.61
N MET D 92 4.57 -43.42 39.68
CA MET D 92 4.31 -44.08 40.96
C MET D 92 2.96 -44.77 40.95
N ASP D 93 2.97 -46.04 41.34
CA ASP D 93 1.72 -46.73 41.63
C ASP D 93 0.85 -45.86 42.53
N PRO D 94 -0.42 -45.64 42.16
CA PRO D 94 -1.30 -44.88 43.05
C PRO D 94 -1.45 -45.48 44.43
N GLN D 95 -1.19 -46.79 44.59
CA GLN D 95 -1.18 -47.39 45.92
C GLN D 95 -0.14 -46.73 46.81
N GLU D 96 1.03 -46.44 46.25
CA GLU D 96 2.07 -45.72 46.98
C GLU D 96 1.63 -44.31 47.33
N ARG D 97 1.02 -43.63 46.35
CA ARG D 97 0.58 -42.26 46.58
C ARG D 97 -0.43 -42.20 47.70
N LEU D 98 -1.42 -43.10 47.66
CA LEU D 98 -2.52 -43.02 48.61
C LEU D 98 -2.08 -43.48 49.98
N PHE D 99 -1.22 -44.50 50.06
CA PHE D 99 -0.72 -44.88 51.37
C PHE D 99 0.13 -43.78 51.97
N LEU D 100 0.96 -43.13 51.15
CA LEU D 100 1.75 -42.01 51.64
C LEU D 100 0.86 -40.91 52.22
N GLN D 101 -0.19 -40.54 51.49
CA GLN D 101 -1.07 -39.47 51.96
C GLN D 101 -1.85 -39.90 53.20
N GLU D 102 -2.34 -41.14 53.22
CA GLU D 102 -3.11 -41.60 54.36
C GLU D 102 -2.24 -41.72 55.59
N ALA D 103 -1.00 -42.17 55.42
CA ALA D 103 -0.07 -42.24 56.55
C ALA D 103 0.27 -40.86 57.09
N TYR D 104 0.55 -39.91 56.20
CA TYR D 104 0.76 -38.54 56.66
C TYR D 104 -0.43 -38.03 57.44
N ALA D 105 -1.64 -38.27 56.93
CA ALA D 105 -2.82 -37.82 57.64
C ALA D 105 -2.95 -38.53 58.98
N SER D 106 -2.58 -39.80 59.03
CA SER D 106 -2.67 -40.55 60.28
C SER D 106 -1.69 -40.00 61.30
N ILE D 107 -0.58 -39.45 60.81
CA ILE D 107 0.41 -38.88 61.71
C ILE D 107 -0.09 -37.54 62.25
N GLU D 108 -0.69 -36.72 61.38
CA GLU D 108 -1.32 -35.50 61.87
C GLU D 108 -2.45 -35.81 62.85
N ASP D 109 -3.26 -36.82 62.55
CA ASP D 109 -4.34 -37.19 63.45
C ASP D 109 -3.80 -37.58 64.81
N ALA D 110 -2.72 -38.36 64.86
CA ALA D 110 -2.12 -38.69 66.13
C ALA D 110 -1.66 -37.46 66.89
N GLY D 111 -1.43 -36.37 66.17
CA GLY D 111 -0.94 -35.16 66.80
C GLY D 111 0.55 -35.06 66.86
N TYR D 112 1.26 -35.71 65.94
CA TYR D 112 2.71 -35.63 65.91
C TYR D 112 3.14 -35.05 64.57
N THR D 113 4.34 -34.50 64.53
CA THR D 113 5.03 -34.23 63.27
C THR D 113 6.02 -35.33 62.95
N PRO D 114 6.47 -35.42 61.70
CA PRO D 114 7.50 -36.41 61.38
C PRO D 114 8.73 -36.31 62.25
N THR D 115 9.08 -35.09 62.68
CA THR D 115 10.26 -34.95 63.52
C THR D 115 10.02 -35.48 64.93
N THR D 116 8.89 -35.12 65.53
CA THR D 116 8.65 -35.43 66.93
C THR D 116 8.05 -36.82 67.14
N LEU D 117 7.61 -37.48 66.08
CA LEU D 117 7.01 -38.81 66.25
C LEU D 117 7.95 -39.76 66.99
N CYS D 118 9.24 -39.67 66.71
CA CYS D 118 10.21 -40.57 67.34
C CYS D 118 11.59 -39.99 67.19
N GLU D 119 12.17 -39.51 68.29
CA GLU D 119 13.44 -38.80 68.20
C GLU D 119 14.55 -39.72 67.72
N SER D 120 14.46 -41.01 68.07
CA SER D 120 15.48 -41.95 67.62
C SER D 120 15.37 -42.26 66.13
N ARG D 121 14.27 -41.89 65.49
CA ARG D 121 14.01 -42.20 64.09
C ARG D 121 13.69 -43.68 63.85
N LYS D 122 13.55 -44.47 64.92
CA LYS D 122 13.26 -45.90 64.79
C LYS D 122 11.76 -46.11 64.64
N VAL D 123 11.23 -45.62 63.52
CA VAL D 123 9.82 -45.80 63.18
C VAL D 123 9.74 -46.90 62.13
N GLY D 124 9.05 -47.98 62.47
CA GLY D 124 8.84 -49.07 61.54
C GLY D 124 7.65 -48.84 60.64
N VAL D 125 7.74 -49.37 59.43
CA VAL D 125 6.67 -49.32 58.45
C VAL D 125 6.38 -50.73 57.94
N PHE D 126 5.14 -51.16 58.09
CA PHE D 126 4.69 -52.52 57.77
C PHE D 126 3.41 -52.37 56.99
N VAL D 127 3.38 -52.83 55.74
CA VAL D 127 2.23 -52.61 54.88
C VAL D 127 1.87 -53.91 54.16
N GLY D 128 0.58 -54.22 54.17
CA GLY D 128 0.06 -55.39 53.51
C GLY D 128 -0.48 -55.03 52.13
N VAL D 129 -0.13 -55.85 51.14
CA VAL D 129 -0.53 -55.60 49.76
C VAL D 129 -0.51 -56.93 49.04
N MET D 130 -1.37 -57.08 48.04
CA MET D 130 -1.42 -58.35 47.33
C MET D 130 -1.70 -58.27 45.85
N ASN D 131 -2.06 -57.11 45.30
CA ASN D 131 -2.27 -56.98 43.86
C ASN D 131 -1.36 -55.90 43.28
N GLY D 132 -0.75 -56.22 42.14
CA GLY D 132 0.20 -55.35 41.48
C GLY D 132 -0.05 -55.31 39.98
N ASN D 133 -1.13 -54.67 39.58
CA ASN D 133 -1.57 -54.63 38.18
C ASN D 133 -1.30 -53.31 37.48
N TYR D 134 -0.61 -52.34 38.07
CA TYR D 134 -0.37 -51.10 37.35
C TYR D 134 0.60 -51.36 36.20
N PRO D 135 0.48 -50.63 35.08
CA PRO D 135 1.23 -51.01 33.88
C PRO D 135 2.75 -50.99 34.02
N THR D 136 3.32 -50.18 34.92
CA THR D 136 4.76 -50.18 35.12
C THR D 136 5.23 -51.28 36.07
N GLY D 137 4.32 -52.11 36.57
CA GLY D 137 4.69 -53.34 37.25
C GLY D 137 4.46 -53.27 38.74
N ALA D 138 4.49 -54.46 39.36
CA ALA D 138 4.47 -54.60 40.81
C ALA D 138 5.81 -54.15 41.39
N THR D 139 5.79 -53.15 42.26
CA THR D 139 7.00 -52.58 42.87
C THR D 139 6.66 -52.36 44.35
N TYR D 140 6.21 -53.42 45.02
CA TYR D 140 5.57 -53.25 46.31
C TYR D 140 6.52 -52.61 47.32
N TRP D 141 7.79 -53.01 47.32
CA TRP D 141 8.75 -52.50 48.28
C TRP D 141 8.76 -50.98 48.31
N SER D 142 8.54 -50.33 47.17
CA SER D 142 8.65 -48.89 47.11
C SER D 142 7.50 -48.20 47.83
N ILE D 143 6.40 -48.89 48.02
CA ILE D 143 5.28 -48.32 48.77
C ILE D 143 5.70 -47.99 50.20
N ALA D 144 6.50 -48.86 50.80
CA ALA D 144 7.07 -48.61 52.12
C ALA D 144 8.28 -47.70 52.06
N ASN D 145 9.20 -47.95 51.12
CA ASN D 145 10.47 -47.25 51.20
C ASN D 145 10.30 -45.78 50.87
N ARG D 146 9.32 -45.43 50.03
CA ARG D 146 9.11 -44.01 49.76
C ARG D 146 8.72 -43.29 51.03
N LEU D 147 7.85 -43.90 51.83
CA LEU D 147 7.45 -43.29 53.09
C LEU D 147 8.65 -43.17 54.02
N SER D 148 9.41 -44.26 54.19
CA SER D 148 10.53 -44.20 55.12
C SER D 148 11.54 -43.15 54.69
N TYR D 149 11.79 -43.05 53.39
CA TYR D 149 12.69 -42.03 52.87
C TYR D 149 12.17 -40.63 53.13
N LEU D 150 10.93 -40.36 52.71
CA LEU D 150 10.43 -39.00 52.74
C LEU D 150 10.26 -38.51 54.17
N LEU D 151 9.87 -39.40 55.07
CA LEU D 151 9.58 -39.01 56.44
C LEU D 151 10.73 -39.30 57.40
N ASN D 152 11.88 -39.71 56.89
CA ASN D 152 13.07 -39.98 57.70
C ASN D 152 12.78 -41.00 58.81
N PHE D 153 12.15 -42.11 58.44
CA PHE D 153 11.95 -43.23 59.33
C PHE D 153 13.06 -44.24 59.11
N GLN D 154 13.64 -44.74 60.20
CA GLN D 154 14.78 -45.64 60.11
C GLN D 154 14.52 -46.96 60.81
N GLY D 155 13.28 -47.23 61.19
CA GLY D 155 12.91 -48.56 61.59
C GLY D 155 12.71 -49.49 60.41
N PRO D 156 12.32 -50.71 60.68
CA PRO D 156 12.00 -51.65 59.59
C PRO D 156 11.04 -51.07 58.58
N SER D 157 11.24 -51.43 57.32
CA SER D 157 10.40 -50.96 56.23
C SER D 157 10.19 -52.11 55.26
N VAL D 158 8.95 -52.59 55.16
CA VAL D 158 8.66 -53.85 54.50
C VAL D 158 7.26 -53.82 53.88
N ALA D 159 7.14 -54.39 52.69
CA ALA D 159 5.85 -54.73 52.09
C ALA D 159 5.58 -56.21 52.28
N VAL D 160 4.42 -56.54 52.85
CA VAL D 160 4.05 -57.91 53.18
C VAL D 160 2.88 -58.34 52.30
N ASP D 161 2.86 -59.63 51.93
CA ASP D 161 1.80 -60.22 51.13
C ASP D 161 1.34 -61.49 51.83
N THR D 162 0.19 -61.43 52.48
CA THR D 162 -0.51 -62.62 52.96
C THR D 162 -1.88 -62.73 52.30
N ALA D 163 -1.99 -62.31 51.04
CA ALA D 163 -3.28 -62.22 50.36
C ALA D 163 -4.26 -61.33 51.12
N CYS D 164 -5.46 -61.84 51.42
CA CYS D 164 -6.50 -61.02 52.02
C CYS D 164 -6.20 -60.63 53.47
N SER D 165 -5.45 -61.45 54.20
CA SER D 165 -5.14 -61.20 55.60
C SER D 165 -3.95 -60.27 55.75
N ALA D 166 -3.46 -59.71 54.64
CA ALA D 166 -2.13 -59.09 54.64
C ALA D 166 -2.02 -57.98 55.67
N SER D 167 -3.04 -57.14 55.80
CA SER D 167 -2.92 -56.03 56.75
C SER D 167 -2.96 -56.50 58.19
N LEU D 168 -3.65 -57.61 58.46
CA LEU D 168 -3.63 -58.11 59.83
C LEU D 168 -2.33 -58.86 60.12
N THR D 169 -1.76 -59.52 59.12
CA THR D 169 -0.41 -60.01 59.27
C THR D 169 0.57 -58.88 59.56
N ALA D 170 0.48 -57.80 58.79
CA ALA D 170 1.33 -56.64 58.99
C ALA D 170 1.20 -56.13 60.42
N ILE D 171 -0.02 -56.08 60.93
CA ILE D 171 -0.23 -55.67 62.32
C ILE D 171 0.47 -56.65 63.26
N HIS D 172 0.37 -57.95 62.97
CA HIS D 172 1.04 -58.92 63.82
C HIS D 172 2.54 -58.68 63.84
N PHE D 173 3.13 -58.42 62.67
CA PHE D 173 4.57 -58.17 62.64
C PHE D 173 4.91 -56.90 63.41
N ALA D 174 4.10 -55.85 63.26
CA ALA D 174 4.36 -54.61 63.99
C ALA D 174 4.34 -54.84 65.48
N LEU D 175 3.35 -55.61 65.95
CA LEU D 175 3.27 -55.92 67.38
C LEU D 175 4.51 -56.65 67.82
N GLU D 176 4.97 -57.61 67.01
CA GLU D 176 6.22 -58.28 67.35
C GLU D 176 7.37 -57.28 67.43
N SER D 177 7.45 -56.37 66.46
CA SER D 177 8.57 -55.43 66.42
C SER D 177 8.60 -54.59 67.68
N LEU D 178 7.42 -54.19 68.15
CA LEU D 178 7.33 -53.48 69.41
C LEU D 178 7.70 -54.37 70.58
N TYR D 179 7.33 -55.65 70.50
CA TYR D 179 7.64 -56.54 71.62
C TYR D 179 9.15 -56.71 71.76
N SER D 180 9.86 -56.83 70.66
CA SER D 180 11.30 -57.05 70.75
C SER D 180 12.06 -55.74 70.89
N GLY D 181 11.37 -54.61 70.75
CA GLY D 181 11.94 -53.30 70.91
C GLY D 181 12.71 -52.78 69.73
N THR D 182 12.59 -53.40 68.55
CA THR D 182 13.22 -52.84 67.37
C THR D 182 12.46 -51.66 66.80
N SER D 183 11.19 -51.50 67.16
CA SER D 183 10.48 -50.27 66.85
C SER D 183 9.95 -49.68 68.14
N GLU D 184 10.00 -48.35 68.22
CA GLU D 184 9.28 -47.64 69.26
C GLU D 184 7.90 -47.17 68.84
N CYS D 185 7.71 -46.79 67.57
CA CYS D 185 6.40 -46.42 67.05
C CYS D 185 6.29 -46.93 65.63
N ALA D 186 5.13 -47.53 65.32
CA ALA D 186 5.00 -48.24 64.06
C ALA D 186 3.79 -47.74 63.29
N ILE D 187 3.93 -47.74 61.97
CA ILE D 187 2.85 -47.51 61.03
C ILE D 187 2.43 -48.87 60.50
N ALA D 188 1.14 -49.19 60.59
CA ALA D 188 0.62 -50.45 60.07
C ALA D 188 -0.66 -50.20 59.28
N GLY D 189 -0.85 -50.98 58.23
CA GLY D 189 -2.03 -50.81 57.41
C GLY D 189 -2.01 -51.74 56.22
N GLY D 190 -2.75 -51.35 55.18
CA GLY D 190 -2.87 -52.16 54.00
C GLY D 190 -3.52 -51.35 52.90
N VAL D 191 -3.52 -51.92 51.69
CA VAL D 191 -4.02 -51.21 50.52
C VAL D 191 -4.49 -52.24 49.50
N ASN D 192 -5.55 -51.88 48.77
CA ASN D 192 -5.99 -52.65 47.61
C ASN D 192 -6.69 -51.67 46.68
N LEU D 193 -6.21 -51.56 45.45
CA LEU D 193 -6.87 -50.79 44.41
C LEU D 193 -7.13 -51.66 43.19
N ILE D 194 -8.18 -51.31 42.46
CA ILE D 194 -8.60 -52.04 41.27
C ILE D 194 -8.29 -51.17 40.07
N VAL D 195 -7.18 -51.46 39.38
CA VAL D 195 -6.64 -50.56 38.37
C VAL D 195 -6.63 -51.16 36.98
N ASP D 196 -7.13 -52.39 36.80
CA ASP D 196 -7.07 -53.06 35.52
C ASP D 196 -8.13 -54.15 35.48
N PRO D 197 -8.83 -54.32 34.35
CA PRO D 197 -9.90 -55.33 34.30
C PRO D 197 -9.42 -56.75 34.55
N VAL D 198 -8.13 -57.04 34.38
CA VAL D 198 -7.64 -58.39 34.64
C VAL D 198 -7.89 -58.78 36.09
N HIS D 199 -7.94 -57.80 36.99
CA HIS D 199 -8.30 -58.10 38.38
C HIS D 199 -9.62 -58.85 38.45
N TYR D 200 -10.65 -58.35 37.77
CA TYR D 200 -11.96 -59.01 37.80
C TYR D 200 -11.99 -60.29 36.97
N MET D 201 -11.28 -60.36 35.85
CA MET D 201 -11.32 -61.57 35.04
C MET D 201 -10.77 -62.77 35.78
N LYS D 202 -9.67 -62.58 36.50
CA LYS D 202 -9.07 -63.67 37.27
C LYS D 202 -10.04 -64.17 38.34
N LEU D 203 -10.58 -63.25 39.15
CA LEU D 203 -11.51 -63.62 40.23
C LEU D 203 -12.79 -64.25 39.68
N SER D 204 -13.24 -63.81 38.51
CA SER D 204 -14.47 -64.35 37.92
C SER D 204 -14.25 -65.75 37.35
N ALA D 205 -13.09 -66.01 36.75
CA ALA D 205 -12.82 -67.34 36.22
C ALA D 205 -12.88 -68.42 37.29
N LEU D 206 -12.54 -68.11 38.54
CA LEU D 206 -12.64 -69.07 39.63
C LEU D 206 -14.00 -69.02 40.33
N THR D 207 -14.92 -68.20 39.82
CA THR D 207 -16.29 -68.06 40.33
C THR D 207 -16.37 -67.81 41.84
N MET D 208 -15.47 -66.97 42.34
CA MET D 208 -15.50 -66.63 43.77
C MET D 208 -16.40 -65.45 44.06
N LEU D 209 -16.77 -64.66 43.05
CA LEU D 209 -17.51 -63.43 43.26
C LEU D 209 -19.00 -63.69 43.18
N SER D 210 -19.77 -62.92 43.93
CA SER D 210 -21.19 -62.82 43.67
C SER D 210 -21.47 -62.07 42.37
N PRO D 211 -22.53 -62.45 41.66
CA PRO D 211 -23.04 -61.59 40.58
C PRO D 211 -23.69 -60.31 41.07
N SER D 212 -24.03 -60.20 42.36
CA SER D 212 -24.87 -59.11 42.82
C SER D 212 -24.01 -58.06 43.51
N ASN D 213 -24.66 -57.03 44.05
CA ASN D 213 -24.01 -55.98 44.83
C ASN D 213 -24.08 -56.19 46.33
N GLN D 214 -24.39 -57.41 46.79
CA GLN D 214 -24.57 -57.65 48.23
C GLN D 214 -23.66 -58.78 48.68
N CYS D 215 -22.76 -58.46 49.61
CA CYS D 215 -22.01 -59.44 50.40
C CYS D 215 -22.88 -59.88 51.57
N LYS D 216 -23.45 -61.07 51.46
CA LYS D 216 -24.53 -61.52 52.33
C LYS D 216 -23.95 -62.26 53.53
N SER D 217 -23.24 -61.50 54.37
CA SER D 217 -22.53 -62.05 55.53
C SER D 217 -23.46 -62.80 56.46
N PHE D 218 -23.25 -64.11 56.55
CA PHE D 218 -24.09 -65.00 57.36
C PHE D 218 -25.54 -65.01 56.91
N GLY D 219 -25.81 -64.56 55.68
CA GLY D 219 -27.15 -64.51 55.16
C GLY D 219 -27.41 -65.69 54.22
N ASP D 220 -28.68 -65.92 53.97
CA ASP D 220 -29.11 -66.90 52.99
C ASP D 220 -28.65 -66.50 51.58
N GLN D 221 -28.53 -67.50 50.72
CA GLN D 221 -28.20 -67.33 49.30
C GLN D 221 -26.80 -66.79 49.09
N ALA D 222 -25.90 -66.98 50.04
CA ALA D 222 -24.52 -66.55 49.90
C ALA D 222 -23.92 -67.11 48.63
N ASP D 223 -23.26 -66.26 47.84
CA ASP D 223 -22.73 -66.66 46.54
C ASP D 223 -21.45 -65.92 46.21
N GLY D 224 -20.67 -65.56 47.23
CA GLY D 224 -19.36 -64.97 47.06
C GLY D 224 -19.35 -63.53 47.53
N PHE D 225 -18.17 -62.94 47.46
CA PHE D 225 -17.97 -61.58 47.96
C PHE D 225 -18.06 -60.57 46.83
N VAL D 226 -18.27 -59.32 47.20
CA VAL D 226 -18.14 -58.17 46.32
C VAL D 226 -16.74 -57.62 46.49
N ASP D 227 -16.03 -57.44 45.38
CA ASP D 227 -14.66 -56.95 45.47
C ASP D 227 -14.66 -55.47 45.84
N GLY D 228 -13.61 -55.05 46.53
CA GLY D 228 -13.56 -53.71 47.07
C GLY D 228 -12.16 -53.13 47.10
N GLU D 229 -12.10 -51.80 47.23
CA GLU D 229 -10.85 -51.06 47.36
C GLU D 229 -10.77 -50.44 48.75
N GLY D 230 -9.55 -50.20 49.22
CA GLY D 230 -9.36 -49.61 50.54
C GLY D 230 -7.93 -49.22 50.77
N VAL D 231 -7.74 -48.24 51.65
CA VAL D 231 -6.43 -47.87 52.16
C VAL D 231 -6.59 -47.31 53.57
N GLY D 232 -5.76 -47.79 54.49
CA GLY D 232 -5.90 -47.44 55.90
C GLY D 232 -4.58 -47.57 56.60
N ALA D 233 -4.41 -46.78 57.65
CA ALA D 233 -3.21 -46.88 58.46
C ALA D 233 -3.54 -46.58 59.92
N ILE D 234 -2.87 -47.29 60.81
CA ILE D 234 -2.92 -46.98 62.23
C ILE D 234 -1.50 -46.79 62.75
N VAL D 235 -1.38 -45.97 63.78
CA VAL D 235 -0.13 -45.74 64.49
C VAL D 235 -0.19 -46.54 65.77
N LEU D 236 0.81 -47.35 66.00
CA LEU D 236 0.82 -48.23 67.16
C LEU D 236 1.93 -47.79 68.10
N LYS D 237 1.63 -47.84 69.37
CA LYS D 237 2.58 -47.38 70.38
C LYS D 237 2.37 -48.13 71.69
N PRO D 238 3.44 -48.48 72.40
CA PRO D 238 3.26 -49.10 73.71
C PRO D 238 2.31 -48.30 74.59
N LEU D 239 1.41 -49.02 75.27
CA LEU D 239 0.36 -48.34 76.02
C LEU D 239 0.93 -47.40 77.07
N ASP D 240 1.96 -47.86 77.80
CA ASP D 240 2.51 -47.05 78.89
C ASP D 240 3.04 -45.72 78.37
N LYS D 241 3.71 -45.75 77.23
CA LYS D 241 4.27 -44.51 76.70
C LYS D 241 3.17 -43.64 76.11
N ALA D 242 2.14 -44.28 75.54
CA ALA D 242 1.01 -43.51 75.04
C ALA D 242 0.32 -42.75 76.18
N ILE D 243 0.13 -43.41 77.32
CA ILE D 243 -0.43 -42.74 78.49
C ILE D 243 0.47 -41.61 78.95
N ALA D 244 1.78 -41.89 79.10
CA ALA D 244 2.68 -40.87 79.60
C ALA D 244 2.74 -39.65 78.70
N ASP D 245 2.65 -39.84 77.38
CA ASP D 245 2.75 -38.68 76.49
C ASP D 245 1.44 -37.91 76.32
N GLY D 246 0.35 -38.38 76.93
CA GLY D 246 -0.92 -37.69 76.81
C GLY D 246 -1.60 -37.82 75.46
N ASP D 247 -1.30 -38.87 74.72
CA ASP D 247 -1.93 -39.10 73.43
C ASP D 247 -3.39 -39.52 73.58
N HIS D 248 -4.17 -39.35 72.53
CA HIS D 248 -5.51 -39.91 72.52
C HIS D 248 -5.46 -41.32 71.96
N ILE D 249 -6.11 -42.25 72.64
CA ILE D 249 -5.94 -43.67 72.43
C ILE D 249 -7.28 -44.28 72.04
N TYR D 250 -7.37 -44.81 70.83
CA TYR D 250 -8.63 -45.39 70.38
C TYR D 250 -8.89 -46.72 71.07
N GLY D 251 -7.83 -47.47 71.38
CA GLY D 251 -7.99 -48.79 71.96
C GLY D 251 -6.66 -49.49 72.12
N VAL D 252 -6.70 -50.61 72.85
CA VAL D 252 -5.51 -51.37 73.22
C VAL D 252 -5.59 -52.76 72.57
N ILE D 253 -4.63 -53.07 71.71
CA ILE D 253 -4.50 -54.41 71.15
C ILE D 253 -3.83 -55.28 72.19
N LYS D 254 -4.54 -56.31 72.66
CA LYS D 254 -4.02 -57.18 73.70
C LYS D 254 -3.21 -58.35 73.14
N GLY D 255 -3.54 -58.81 71.94
CA GLY D 255 -2.84 -59.93 71.36
C GLY D 255 -3.45 -60.32 70.03
N SER D 256 -2.67 -61.09 69.27
CA SER D 256 -3.07 -61.55 67.95
C SER D 256 -2.36 -62.88 67.67
N MET D 257 -2.81 -63.58 66.64
CA MET D 257 -2.12 -64.76 66.17
C MET D 257 -2.33 -64.87 64.68
N MET D 258 -1.37 -65.52 64.02
CA MET D 258 -1.51 -65.90 62.62
C MET D 258 -1.03 -67.33 62.42
N ASN D 259 -1.70 -68.04 61.51
CA ASN D 259 -1.34 -69.42 61.20
C ASN D 259 -1.90 -69.74 59.81
N ALA D 260 -1.82 -71.00 59.40
CA ALA D 260 -2.29 -71.43 58.10
C ALA D 260 -3.02 -72.76 58.20
N GLY D 261 -3.87 -73.03 57.20
CA GLY D 261 -4.72 -74.22 57.25
C GLY D 261 -4.03 -75.51 56.85
N GLY D 262 -2.86 -75.43 56.24
CA GLY D 262 -2.24 -76.67 55.81
C GLY D 262 -3.04 -77.37 54.75
N LYS D 263 -2.96 -78.70 54.72
CA LYS D 263 -3.54 -79.51 53.66
C LYS D 263 -5.01 -79.78 53.96
N THR D 264 -5.90 -79.29 53.10
CA THR D 264 -7.31 -79.59 53.15
C THR D 264 -7.73 -80.35 51.89
N ASN D 265 -9.04 -80.56 51.75
CA ASN D 265 -9.59 -81.45 50.72
C ASN D 265 -9.37 -80.89 49.31
N GLY D 266 -9.08 -79.59 49.26
CA GLY D 266 -8.68 -78.98 48.01
C GLY D 266 -8.04 -77.65 48.25
N TYR D 267 -7.22 -77.20 47.31
CA TYR D 267 -6.50 -75.95 47.49
C TYR D 267 -7.49 -74.79 47.66
N THR D 268 -7.23 -73.92 48.64
CA THR D 268 -8.08 -72.79 49.05
C THR D 268 -9.32 -73.18 49.87
N VAL D 269 -9.51 -74.45 50.25
CA VAL D 269 -10.58 -74.79 51.19
C VAL D 269 -10.17 -74.47 52.62
N PRO D 270 -10.95 -73.69 53.36
CA PRO D 270 -10.59 -73.37 54.74
C PRO D 270 -10.74 -74.55 55.70
N ASN D 271 -9.96 -74.49 56.78
CA ASN D 271 -9.89 -75.56 57.76
C ASN D 271 -10.48 -75.08 59.08
N PRO D 272 -11.64 -75.56 59.49
CA PRO D 272 -12.21 -75.06 60.76
C PRO D 272 -11.38 -75.42 61.98
N GLN D 273 -10.70 -76.57 61.97
CA GLN D 273 -9.86 -76.93 63.09
C GLN D 273 -8.70 -75.95 63.25
N ALA D 274 -8.08 -75.56 62.14
CA ALA D 274 -6.99 -74.61 62.23
C ALA D 274 -7.47 -73.23 62.62
N GLN D 275 -8.65 -72.84 62.13
CA GLN D 275 -9.20 -71.55 62.57
C GLN D 275 -9.47 -71.57 64.06
N ALA D 276 -9.98 -72.69 64.58
CA ALA D 276 -10.26 -72.77 66.01
C ALA D 276 -8.98 -72.69 66.83
N GLN D 277 -7.94 -73.39 66.37
CA GLN D 277 -6.66 -73.31 67.07
C GLN D 277 -6.12 -71.90 67.04
N LEU D 278 -6.21 -71.24 65.88
CA LEU D 278 -5.79 -69.85 65.75
C LEU D 278 -6.47 -68.97 66.80
N VAL D 279 -7.80 -69.04 66.85
CA VAL D 279 -8.52 -68.13 67.73
C VAL D 279 -8.23 -68.45 69.19
N ALA D 280 -8.19 -69.74 69.54
CA ALA D 280 -7.85 -70.12 70.91
C ALA D 280 -6.48 -69.61 71.30
N ASP D 281 -5.51 -69.67 70.38
CA ASP D 281 -4.17 -69.23 70.69
C ASP D 281 -4.10 -67.72 70.82
N ALA D 282 -4.87 -67.00 70.00
CA ALA D 282 -4.90 -65.54 70.14
C ALA D 282 -5.49 -65.14 71.47
N LEU D 283 -6.59 -65.79 71.87
CA LEU D 283 -7.20 -65.49 73.16
C LEU D 283 -6.28 -65.85 74.32
N GLN D 284 -5.58 -66.98 74.21
CA GLN D 284 -4.62 -67.37 75.25
C GLN D 284 -3.50 -66.35 75.38
N ARG D 285 -2.93 -65.92 74.26
CA ARG D 285 -1.89 -64.89 74.32
C ARG D 285 -2.43 -63.60 74.93
N ALA D 286 -3.67 -63.25 74.59
CA ALA D 286 -4.23 -62.04 75.18
C ALA D 286 -4.64 -62.23 76.62
N ASN D 287 -4.66 -63.46 77.13
CA ASN D 287 -5.19 -63.75 78.46
C ASN D 287 -6.62 -63.23 78.60
N VAL D 288 -7.44 -63.48 77.58
CA VAL D 288 -8.83 -63.05 77.54
C VAL D 288 -9.72 -64.29 77.50
N HIS D 289 -10.65 -64.39 78.45
CA HIS D 289 -11.63 -65.46 78.44
C HIS D 289 -12.72 -65.15 77.40
N ALA D 290 -13.09 -66.18 76.63
CA ALA D 290 -14.01 -65.99 75.50
C ALA D 290 -15.36 -65.44 75.92
N ARG D 291 -15.79 -65.73 77.15
CA ARG D 291 -17.09 -65.25 77.62
C ARG D 291 -17.15 -63.74 77.74
N THR D 292 -16.00 -63.06 77.79
CA THR D 292 -16.00 -61.60 77.87
C THR D 292 -15.99 -60.93 76.50
N VAL D 293 -15.93 -61.70 75.42
CA VAL D 293 -16.04 -61.13 74.07
C VAL D 293 -17.51 -60.94 73.77
N SER D 294 -17.88 -59.71 73.39
CA SER D 294 -19.29 -59.37 73.18
C SER D 294 -19.61 -58.89 71.78
N TYR D 295 -18.61 -58.73 70.92
CA TYR D 295 -18.84 -58.53 69.49
C TYR D 295 -17.78 -59.24 68.69
N LEU D 296 -18.20 -59.82 67.57
CA LEU D 296 -17.25 -60.49 66.69
C LEU D 296 -17.48 -59.94 65.30
N GLU D 297 -16.47 -59.27 64.77
CA GLU D 297 -16.43 -58.78 63.40
C GLU D 297 -15.89 -59.91 62.54
N ALA D 298 -16.78 -60.56 61.81
CA ALA D 298 -16.39 -61.73 61.03
C ALA D 298 -15.69 -61.35 59.72
N HIS D 299 -14.90 -62.30 59.23
CA HIS D 299 -14.39 -62.26 57.87
C HIS D 299 -15.52 -62.15 56.86
N GLY D 300 -16.47 -63.08 56.91
CA GLY D 300 -17.75 -62.86 56.28
C GLY D 300 -17.72 -62.55 54.79
N THR D 301 -17.03 -63.36 53.99
CA THR D 301 -16.91 -63.06 52.56
C THR D 301 -18.15 -63.47 51.76
N GLY D 302 -19.11 -64.15 52.39
CA GLY D 302 -20.35 -64.47 51.72
C GLY D 302 -20.33 -65.62 50.75
N THR D 303 -19.49 -66.63 50.98
CA THR D 303 -19.50 -67.84 50.19
C THR D 303 -20.27 -68.93 50.94
N GLU D 304 -20.91 -69.83 50.18
CA GLU D 304 -21.71 -70.89 50.78
C GLU D 304 -20.83 -71.89 51.51
N LEU D 305 -19.61 -72.11 51.04
CA LEU D 305 -18.69 -73.03 51.71
C LEU D 305 -18.13 -72.42 52.97
N GLY D 306 -17.71 -71.16 52.90
CA GLY D 306 -16.90 -70.60 53.97
C GLY D 306 -17.70 -70.22 55.20
N ASP D 307 -18.93 -69.75 55.02
CA ASP D 307 -19.66 -69.23 56.19
C ASP D 307 -19.97 -70.31 57.22
N PRO D 308 -20.44 -71.50 56.85
CA PRO D 308 -20.70 -72.51 57.88
C PRO D 308 -19.44 -72.99 58.56
N ILE D 309 -18.36 -73.12 57.78
CA ILE D 309 -17.08 -73.50 58.34
C ILE D 309 -16.62 -72.48 59.36
N GLU D 310 -16.76 -71.20 59.02
CA GLU D 310 -16.32 -70.15 59.92
C GLU D 310 -17.10 -70.19 61.21
N VAL D 311 -18.43 -70.38 61.13
CA VAL D 311 -19.20 -70.42 62.36
C VAL D 311 -18.85 -71.65 63.18
N ALA D 312 -18.57 -72.77 62.51
CA ALA D 312 -18.17 -73.97 63.24
C ALA D 312 -16.84 -73.76 63.97
N GLY D 313 -15.89 -73.10 63.28
CA GLY D 313 -14.59 -72.85 63.88
C GLY D 313 -14.73 -71.94 65.09
N LEU D 314 -15.52 -70.89 64.95
CA LEU D 314 -15.69 -69.95 66.05
C LEU D 314 -16.35 -70.67 67.21
N THR D 315 -17.32 -71.54 66.91
CA THR D 315 -18.04 -72.24 67.96
C THR D 315 -17.06 -73.14 68.71
N ARG D 316 -16.19 -73.82 67.96
CA ARG D 316 -15.23 -74.72 68.59
C ARG D 316 -14.24 -73.95 69.45
N ALA D 317 -13.76 -72.80 68.98
CA ALA D 317 -12.81 -72.04 69.78
C ALA D 317 -13.46 -71.53 71.06
N PHE D 318 -14.65 -70.96 70.97
CA PHE D 318 -15.29 -70.44 72.17
C PHE D 318 -15.65 -71.56 73.13
N GLU D 319 -15.99 -72.73 72.60
CA GLU D 319 -16.46 -73.81 73.44
C GLU D 319 -15.36 -74.43 74.30
N LYS D 320 -14.09 -74.10 74.04
CA LYS D 320 -13.02 -74.49 74.97
C LYS D 320 -13.13 -73.84 76.35
N ASP D 321 -13.68 -72.64 76.45
CA ASP D 321 -13.79 -71.92 77.73
C ASP D 321 -15.17 -71.89 78.35
N THR D 322 -16.25 -71.88 77.56
CA THR D 322 -17.58 -71.65 78.07
C THR D 322 -18.60 -72.32 77.17
N GLN D 323 -19.69 -72.80 77.78
CA GLN D 323 -20.83 -73.34 77.05
C GLN D 323 -21.97 -72.35 76.88
N ASP D 324 -21.80 -71.09 77.28
CA ASP D 324 -22.91 -70.15 77.19
C ASP D 324 -23.22 -69.85 75.72
N LYS D 325 -24.49 -69.57 75.45
CA LYS D 325 -24.99 -69.43 74.09
C LYS D 325 -25.47 -68.01 73.81
N GLN D 326 -25.21 -67.58 72.57
CA GLN D 326 -25.78 -66.36 72.01
C GLN D 326 -25.59 -65.14 72.92
N PHE D 327 -24.34 -64.94 73.38
CA PHE D 327 -24.01 -63.79 74.19
C PHE D 327 -23.22 -62.71 73.44
N CYS D 328 -22.69 -63.01 72.26
CA CYS D 328 -21.77 -62.12 71.55
C CYS D 328 -22.38 -61.73 70.20
N ALA D 329 -22.38 -60.43 69.92
CA ALA D 329 -22.88 -59.94 68.63
C ALA D 329 -21.88 -60.22 67.51
N LEU D 330 -22.42 -60.43 66.31
CA LEU D 330 -21.60 -60.80 65.17
C LEU D 330 -22.03 -60.00 63.94
N GLY D 331 -21.05 -59.52 63.19
CA GLY D 331 -21.31 -58.75 61.98
C GLY D 331 -20.06 -58.73 61.12
N SER D 332 -20.21 -58.13 59.93
CA SER D 332 -19.05 -57.91 59.07
C SER D 332 -19.24 -56.66 58.23
N ALA D 333 -18.25 -55.77 58.32
CA ALA D 333 -18.17 -54.59 57.48
C ALA D 333 -18.19 -54.87 55.99
N LYS D 334 -17.81 -56.08 55.56
CA LYS D 334 -17.85 -56.39 54.13
C LYS D 334 -19.26 -56.27 53.57
N SER D 335 -20.27 -56.43 54.42
CA SER D 335 -21.65 -56.29 53.97
C SER D 335 -21.96 -54.86 53.50
N ASN D 336 -21.20 -53.88 54.00
CA ASN D 336 -21.39 -52.49 53.57
C ASN D 336 -20.49 -52.15 52.38
N ILE D 337 -19.19 -52.43 52.49
CA ILE D 337 -18.21 -51.90 51.57
C ILE D 337 -17.64 -52.97 50.66
N GLY D 338 -18.11 -54.20 50.76
CA GLY D 338 -17.50 -55.30 50.04
C GLY D 338 -16.22 -55.78 50.67
N HIS D 339 -15.57 -56.70 49.96
CA HIS D 339 -14.35 -57.34 50.41
C HIS D 339 -13.19 -56.60 49.75
N CYS D 340 -12.31 -56.02 50.56
CA CYS D 340 -11.20 -55.22 50.04
C CYS D 340 -9.85 -55.93 50.16
N GLU D 341 -9.84 -57.25 50.31
CA GLU D 341 -8.59 -58.01 50.25
C GLU D 341 -7.62 -57.59 51.34
N SER D 342 -6.41 -57.17 50.95
CA SER D 342 -5.38 -56.84 51.93
C SER D 342 -5.82 -55.73 52.87
N ALA D 343 -6.80 -54.93 52.49
CA ALA D 343 -7.29 -53.89 53.38
C ALA D 343 -8.48 -54.30 54.22
N ALA D 344 -8.91 -55.57 54.14
CA ALA D 344 -10.09 -55.98 54.89
C ALA D 344 -9.85 -55.87 56.39
N GLY D 345 -8.64 -56.25 56.83
CA GLY D 345 -8.34 -56.22 58.25
C GLY D 345 -8.33 -54.81 58.81
N ILE D 346 -7.75 -53.86 58.08
CA ILE D 346 -7.70 -52.48 58.58
C ILE D 346 -9.08 -51.86 58.59
N ALA D 347 -9.93 -52.24 57.63
CA ALA D 347 -11.31 -51.77 57.66
C ALA D 347 -12.04 -52.31 58.87
N GLY D 348 -11.85 -53.59 59.18
CA GLY D 348 -12.47 -54.14 60.37
C GLY D 348 -11.94 -53.52 61.66
N VAL D 349 -10.63 -53.29 61.74
CA VAL D 349 -10.09 -52.61 62.92
C VAL D 349 -10.70 -51.22 63.06
N THR D 350 -10.81 -50.48 61.95
CA THR D 350 -11.36 -49.14 62.03
C THR D 350 -12.80 -49.18 62.51
N LYS D 351 -13.57 -50.15 62.00
CA LYS D 351 -14.95 -50.29 62.44
C LYS D 351 -15.01 -50.57 63.94
N ILE D 352 -14.13 -51.45 64.42
CA ILE D 352 -14.12 -51.74 65.86
C ILE D 352 -13.82 -50.48 66.66
N LEU D 353 -12.85 -49.70 66.20
CA LEU D 353 -12.45 -48.50 66.94
C LEU D 353 -13.57 -47.46 66.94
N LEU D 354 -14.30 -47.34 65.82
CA LEU D 354 -15.44 -46.43 65.78
C LEU D 354 -16.56 -46.90 66.69
N GLN D 355 -16.82 -48.21 66.71
CA GLN D 355 -17.81 -48.73 67.65
C GLN D 355 -17.41 -48.44 69.07
N LEU D 356 -16.12 -48.58 69.41
CA LEU D 356 -15.71 -48.27 70.77
C LEU D 356 -15.86 -46.79 71.07
N LYS D 357 -15.47 -45.93 70.13
CA LYS D 357 -15.57 -44.49 70.34
C LYS D 357 -17.01 -44.06 70.57
N HIS D 358 -17.95 -44.62 69.79
CA HIS D 358 -19.35 -44.23 69.89
C HIS D 358 -20.19 -45.13 70.78
N ALA D 359 -19.60 -46.20 71.34
CA ALA D 359 -20.34 -47.19 72.10
C ALA D 359 -21.63 -47.60 71.41
N GLN D 360 -21.52 -47.98 70.13
CA GLN D 360 -22.67 -48.35 69.34
C GLN D 360 -22.37 -49.56 68.49
N LEU D 361 -23.40 -50.39 68.26
CA LEU D 361 -23.33 -51.52 67.35
C LEU D 361 -24.07 -51.11 66.08
N VAL D 362 -23.49 -51.37 64.93
CA VAL D 362 -24.10 -50.93 63.68
C VAL D 362 -24.76 -52.13 63.00
N PRO D 363 -25.69 -51.91 62.07
CA PRO D 363 -26.29 -53.02 61.34
C PRO D 363 -25.27 -53.83 60.57
N SER D 364 -25.49 -55.14 60.52
CA SER D 364 -24.89 -56.02 59.53
C SER D 364 -25.92 -56.33 58.44
N LEU D 365 -25.62 -55.93 57.21
CA LEU D 365 -26.66 -55.92 56.20
C LEU D 365 -26.85 -57.32 55.65
N HIS D 366 -28.00 -57.56 55.02
CA HIS D 366 -28.25 -58.76 54.24
C HIS D 366 -28.21 -60.04 55.08
N SER D 367 -28.62 -59.96 56.34
CA SER D 367 -28.72 -61.14 57.19
C SER D 367 -30.02 -61.18 57.99
N ARG D 368 -31.05 -60.49 57.50
CA ARG D 368 -32.36 -60.54 58.15
C ARG D 368 -32.88 -61.96 58.22
N THR D 369 -32.65 -62.75 57.17
CA THR D 369 -32.77 -64.20 57.18
C THR D 369 -31.39 -64.83 57.29
N LEU D 370 -31.18 -65.60 58.35
CA LEU D 370 -29.86 -66.15 58.56
C LEU D 370 -29.65 -67.33 57.63
N ASN D 371 -28.38 -67.62 57.35
CA ASN D 371 -28.06 -68.84 56.62
C ASN D 371 -28.80 -70.01 57.24
N PRO D 372 -29.72 -70.66 56.51
CA PRO D 372 -30.48 -71.75 57.12
C PRO D 372 -29.62 -72.95 57.47
N ASN D 373 -28.38 -72.98 56.98
CA ASN D 373 -27.49 -74.08 57.28
C ASN D 373 -26.67 -73.80 58.52
N ILE D 374 -26.83 -72.62 59.11
CA ILE D 374 -26.15 -72.22 60.33
C ILE D 374 -27.20 -72.03 61.41
N ASP D 375 -27.10 -72.82 62.47
CA ASP D 375 -28.00 -72.71 63.62
C ASP D 375 -27.34 -71.85 64.69
N PHE D 376 -27.65 -70.55 64.66
CA PHE D 376 -27.00 -69.66 65.61
C PHE D 376 -27.48 -69.92 67.02
N THR D 377 -28.63 -70.59 67.17
CA THR D 377 -29.11 -70.91 68.51
C THR D 377 -28.19 -71.93 69.17
N LYS D 378 -27.33 -72.55 68.38
CA LYS D 378 -26.33 -73.48 68.85
C LYS D 378 -24.96 -72.81 68.97
N THR D 379 -24.91 -71.48 69.02
CA THR D 379 -23.63 -70.81 69.02
C THR D 379 -23.53 -69.76 70.12
N PRO D 380 -22.33 -69.27 70.40
CA PRO D 380 -22.19 -68.11 71.31
C PRO D 380 -22.71 -66.78 70.79
N PHE D 381 -23.14 -66.68 69.55
CA PHE D 381 -23.19 -65.39 68.86
C PHE D 381 -24.62 -65.05 68.45
N VAL D 382 -24.90 -63.75 68.38
CA VAL D 382 -26.13 -63.22 67.80
C VAL D 382 -25.75 -62.22 66.73
N VAL D 383 -26.21 -62.44 65.50
CA VAL D 383 -25.87 -61.56 64.40
C VAL D 383 -26.58 -60.22 64.54
N GLN D 384 -25.80 -59.14 64.62
CA GLN D 384 -26.36 -57.84 64.93
C GLN D 384 -27.22 -57.36 63.77
N GLN D 385 -28.48 -57.03 64.05
CA GLN D 385 -29.39 -56.65 62.98
C GLN D 385 -29.67 -55.14 62.92
N GLU D 386 -29.61 -54.45 64.05
CA GLU D 386 -30.02 -53.06 64.09
C GLU D 386 -28.98 -52.24 64.84
N LEU D 387 -28.99 -50.93 64.59
CA LEU D 387 -28.13 -50.05 65.37
C LEU D 387 -28.53 -50.15 66.84
N ALA D 388 -27.54 -50.29 67.71
CA ALA D 388 -27.81 -50.51 69.12
C ALA D 388 -26.65 -50.01 69.96
N GLU D 389 -26.93 -49.71 71.22
CA GLU D 389 -25.88 -49.41 72.19
C GLU D 389 -25.03 -50.66 72.45
N TRP D 390 -23.72 -50.47 72.54
CA TRP D 390 -22.80 -51.53 72.93
C TRP D 390 -22.65 -51.57 74.45
N ARG D 391 -23.21 -52.61 75.07
CA ARG D 391 -23.23 -52.73 76.52
C ARG D 391 -21.97 -53.39 77.04
N ARG D 392 -21.48 -52.86 78.15
CA ARG D 392 -20.46 -53.58 78.91
C ARG D 392 -21.10 -54.85 79.46
N PRO D 393 -20.54 -56.02 79.17
CA PRO D 393 -21.20 -57.25 79.64
C PRO D 393 -20.91 -57.51 81.11
N ILE D 394 -21.90 -58.07 81.81
CA ILE D 394 -21.72 -58.54 83.18
C ILE D 394 -21.55 -60.06 83.08
N VAL D 395 -20.44 -60.57 83.60
CA VAL D 395 -20.05 -61.94 83.34
C VAL D 395 -19.53 -62.58 84.62
N GLU D 396 -20.02 -63.80 84.87
CA GLU D 396 -19.58 -64.59 85.99
C GLU D 396 -18.52 -65.57 85.53
N ILE D 397 -17.28 -65.39 85.97
CA ILE D 397 -16.25 -66.39 85.71
C ILE D 397 -15.57 -66.74 87.03
N ASN D 398 -15.34 -68.03 87.24
CA ASN D 398 -14.70 -68.48 88.48
C ASN D 398 -15.63 -68.18 89.66
N GLY D 399 -16.93 -68.16 89.38
CA GLY D 399 -17.89 -67.75 90.39
C GLY D 399 -17.62 -66.37 90.94
N THR D 400 -16.98 -65.50 90.15
CA THR D 400 -16.86 -64.09 90.49
C THR D 400 -17.53 -63.26 89.40
N THR D 401 -18.30 -62.26 89.82
CA THR D 401 -19.00 -61.39 88.87
C THR D 401 -18.40 -59.99 88.86
N ASN D 402 -18.05 -59.52 87.67
CA ASN D 402 -17.49 -58.19 87.50
C ASN D 402 -17.95 -57.63 86.15
N GLU D 403 -17.85 -56.33 86.00
CA GLU D 403 -18.04 -55.67 84.72
C GLU D 403 -16.74 -55.69 83.94
N TYR D 404 -16.80 -56.15 82.69
CA TYR D 404 -15.63 -56.17 81.84
C TYR D 404 -15.70 -55.05 80.81
N PRO D 405 -14.57 -54.61 80.28
CA PRO D 405 -14.58 -53.66 79.17
C PRO D 405 -15.26 -54.24 77.93
N ARG D 406 -15.67 -53.33 77.04
CA ARG D 406 -16.08 -53.74 75.69
C ARG D 406 -14.89 -54.36 74.97
N ILE D 407 -15.02 -55.62 74.56
CA ILE D 407 -13.96 -56.33 73.86
C ILE D 407 -14.52 -56.95 72.59
N ALA D 408 -13.81 -56.75 71.49
CA ALA D 408 -14.19 -57.35 70.20
C ALA D 408 -13.01 -58.16 69.68
N GLY D 409 -13.33 -59.23 68.97
CA GLY D 409 -12.35 -59.95 68.18
C GLY D 409 -12.60 -59.75 66.70
N ILE D 410 -11.52 -59.84 65.91
CA ILE D 410 -11.65 -59.80 64.46
C ILE D 410 -10.78 -60.88 63.83
N SER D 411 -11.37 -61.59 62.88
CA SER D 411 -10.69 -62.62 62.09
C SER D 411 -10.56 -62.14 60.66
N SER D 412 -9.48 -62.54 60.00
CA SER D 412 -9.33 -62.34 58.57
C SER D 412 -8.59 -63.53 57.97
N PHE D 413 -9.15 -64.09 56.91
CA PHE D 413 -8.65 -65.34 56.33
C PHE D 413 -8.32 -65.08 54.87
N GLY D 414 -7.13 -65.54 54.45
CA GLY D 414 -6.75 -65.42 53.05
C GLY D 414 -7.09 -66.63 52.23
N ALA D 415 -7.25 -66.38 50.92
CA ALA D 415 -7.62 -67.43 49.99
C ALA D 415 -6.65 -68.60 50.00
N GLY D 416 -5.36 -68.36 50.18
CA GLY D 416 -4.39 -69.43 50.17
C GLY D 416 -4.30 -70.18 51.47
N GLY D 417 -5.11 -69.80 52.46
CA GLY D 417 -5.19 -70.50 53.73
C GLY D 417 -4.48 -69.80 54.86
N SER D 418 -3.98 -68.61 54.62
CA SER D 418 -3.33 -67.82 55.67
C SER D 418 -4.37 -67.04 56.48
N ASN D 419 -4.36 -67.25 57.80
CA ASN D 419 -5.36 -66.71 58.71
C ASN D 419 -4.66 -65.76 59.67
N ALA D 420 -5.41 -64.77 60.14
CA ALA D 420 -4.94 -63.91 61.21
C ALA D 420 -6.10 -63.60 62.14
N HIS D 421 -5.75 -63.28 63.39
CA HIS D 421 -6.74 -62.91 64.40
C HIS D 421 -6.12 -61.87 65.32
N VAL D 422 -6.92 -60.87 65.66
CA VAL D 422 -6.48 -59.79 66.54
C VAL D 422 -7.53 -59.54 67.62
N ILE D 423 -7.05 -59.26 68.83
CA ILE D 423 -7.88 -58.99 69.98
C ILE D 423 -7.72 -57.51 70.31
N ILE D 424 -8.84 -56.78 70.40
CA ILE D 424 -8.84 -55.35 70.60
C ILE D 424 -9.70 -55.03 71.83
N GLU D 425 -9.15 -54.26 72.76
CA GLU D 425 -9.85 -53.87 73.98
C GLU D 425 -10.05 -52.36 74.00
N GLU D 426 -11.16 -51.93 74.58
CA GLU D 426 -11.39 -50.50 74.75
C GLU D 426 -10.29 -49.91 75.64
N TYR D 427 -9.90 -48.68 75.33
CA TYR D 427 -9.00 -47.93 76.20
C TYR D 427 -9.82 -47.13 77.19
N ILE D 428 -9.58 -47.33 78.49
CA ILE D 428 -10.31 -46.62 79.53
C ILE D 428 -9.33 -45.72 80.28
N PRO D 429 -9.36 -44.40 80.10
CA PRO D 429 -8.34 -43.56 80.74
C PRO D 429 -8.55 -43.43 82.24
N GLU D 430 -7.49 -43.12 82.97
CA GLU D 430 -7.64 -42.73 84.37
C GLU D 430 -8.16 -41.30 84.45
N GLU D 431 -9.08 -41.06 85.39
CA GLU D 431 -9.82 -39.81 85.44
C GLU D 431 -8.97 -38.71 86.07
N GLN D 432 -8.14 -38.10 85.23
CA GLN D 432 -7.29 -36.97 85.64
C GLN D 432 -7.69 -35.81 84.75
N LYS D 433 -8.48 -34.90 85.32
CA LYS D 433 -8.98 -33.71 84.62
C LYS D 433 -8.71 -32.49 85.51
N GLN D 434 -7.45 -32.21 85.76
CA GLN D 434 -7.08 -31.00 86.50
C GLN D 434 -7.59 -29.75 85.79
N SER D 435 -7.49 -29.73 84.46
CA SER D 435 -8.06 -28.64 83.65
C SER D 435 -7.49 -27.30 84.07
N SER D 436 -6.19 -27.27 84.35
CA SER D 436 -5.49 -26.03 84.68
C SER D 436 -5.17 -25.21 83.45
N LEU D 437 -5.51 -25.72 82.26
CA LEU D 437 -5.37 -24.98 81.01
C LEU D 437 -6.72 -24.46 80.51
N LYS D 438 -7.68 -24.26 81.41
CA LYS D 438 -8.99 -23.78 81.04
C LYS D 438 -8.87 -22.50 80.22
N ILE D 439 -9.42 -22.53 79.01
CA ILE D 439 -9.33 -21.40 78.09
C ILE D 439 -10.50 -20.47 78.34
N THR D 440 -10.19 -19.24 78.73
CA THR D 440 -11.21 -18.22 78.99
C THR D 440 -10.80 -16.94 78.27
N PRO D 441 -11.64 -15.90 78.30
CA PRO D 441 -11.19 -14.59 77.79
C PRO D 441 -10.06 -13.99 78.59
N GLN D 442 -9.91 -14.37 79.86
CA GLN D 442 -8.78 -13.90 80.65
C GLN D 442 -7.53 -14.71 80.36
N ASN D 443 -7.69 -15.99 80.02
CA ASN D 443 -6.60 -16.87 79.63
C ASN D 443 -6.93 -17.37 78.23
N PRO D 444 -6.75 -16.54 77.21
CA PRO D 444 -7.14 -16.93 75.85
C PRO D 444 -6.16 -17.92 75.25
N ALA D 445 -6.60 -18.56 74.18
CA ALA D 445 -5.81 -19.54 73.49
C ALA D 445 -5.26 -18.96 72.20
N ILE D 446 -4.12 -19.50 71.77
CA ILE D 446 -3.47 -19.11 70.53
C ILE D 446 -3.74 -20.18 69.50
N PHE D 447 -4.43 -19.80 68.43
CA PHE D 447 -4.75 -20.69 67.32
C PHE D 447 -3.88 -20.30 66.14
N VAL D 448 -3.11 -21.26 65.63
CA VAL D 448 -2.22 -21.03 64.51
C VAL D 448 -2.61 -21.94 63.36
N LEU D 449 -2.56 -21.40 62.15
CA LEU D 449 -2.89 -22.13 60.93
C LEU D 449 -1.93 -21.69 59.83
N SER D 450 -1.54 -22.63 58.98
CA SER D 450 -0.62 -22.31 57.91
C SER D 450 -0.79 -23.30 56.77
N ALA D 451 -0.37 -22.88 55.59
CA ALA D 451 -0.47 -23.72 54.40
C ALA D 451 0.56 -23.26 53.39
N LYS D 452 0.70 -24.04 52.31
CA LYS D 452 1.66 -23.73 51.27
C LYS D 452 1.29 -22.48 50.51
N ASN D 453 0.02 -22.12 50.49
CA ASN D 453 -0.45 -20.95 49.75
C ASN D 453 -1.78 -20.51 50.35
N ALA D 454 -2.33 -19.43 49.81
CA ALA D 454 -3.52 -18.85 50.42
C ALA D 454 -4.73 -19.74 50.18
N GLU D 455 -4.82 -20.34 48.99
CA GLU D 455 -5.94 -21.23 48.70
C GLU D 455 -5.98 -22.39 49.67
N ARG D 456 -4.82 -23.01 49.94
CA ARG D 456 -4.80 -24.12 50.87
C ARG D 456 -5.11 -23.67 52.28
N LEU D 457 -4.57 -22.53 52.71
CA LEU D 457 -4.85 -22.07 54.06
C LEU D 457 -6.34 -21.77 54.21
N TYR D 458 -6.92 -21.14 53.20
CA TYR D 458 -8.36 -20.88 53.19
C TYR D 458 -9.15 -22.17 53.33
N GLU D 459 -8.73 -23.21 52.60
CA GLU D 459 -9.44 -24.49 52.71
C GLU D 459 -9.26 -25.07 54.10
N ILE D 460 -8.09 -24.88 54.70
CA ILE D 460 -7.86 -25.35 56.06
C ILE D 460 -8.84 -24.68 57.02
N VAL D 461 -9.01 -23.36 56.86
CA VAL D 461 -9.91 -22.64 57.75
C VAL D 461 -11.35 -23.13 57.56
N GLN D 462 -11.77 -23.27 56.30
CA GLN D 462 -13.11 -23.78 56.04
C GLN D 462 -13.31 -25.13 56.71
N GLN D 463 -12.33 -26.02 56.54
CA GLN D 463 -12.47 -27.37 57.09
C GLN D 463 -12.45 -27.34 58.61
N LEU D 464 -11.72 -26.40 59.21
CA LEU D 464 -11.71 -26.32 60.67
C LEU D 464 -13.05 -25.85 61.19
N LEU D 465 -13.61 -24.79 60.57
CA LEU D 465 -14.94 -24.35 60.96
C LEU D 465 -15.94 -25.49 60.83
N ALA D 466 -15.88 -26.21 59.70
CA ALA D 466 -16.82 -27.30 59.48
C ALA D 466 -16.62 -28.39 60.53
N PHE D 467 -15.38 -28.68 60.89
CA PHE D 467 -15.12 -29.73 61.86
C PHE D 467 -15.65 -29.34 63.23
N ILE D 468 -15.40 -28.09 63.63
CA ILE D 468 -15.94 -27.56 64.88
C ILE D 468 -17.44 -27.72 64.91
N GLN D 469 -18.11 -27.36 63.81
CA GLN D 469 -19.55 -27.50 63.73
C GLN D 469 -19.97 -28.97 63.82
N GLU D 470 -19.31 -29.83 63.05
CA GLU D 470 -19.73 -31.22 62.92
C GLU D 470 -19.63 -31.93 64.26
N HIS D 471 -18.58 -31.65 65.02
CA HIS D 471 -18.31 -32.34 66.27
C HIS D 471 -18.75 -31.53 67.47
N SER D 472 -19.42 -30.40 67.23
CA SER D 472 -19.95 -29.58 68.32
C SER D 472 -18.84 -29.24 69.31
N LEU D 473 -17.73 -28.77 68.78
CA LEU D 473 -16.63 -28.36 69.65
C LEU D 473 -16.99 -27.03 70.29
N SER D 474 -16.52 -26.85 71.52
CA SER D 474 -16.85 -25.67 72.31
C SER D 474 -15.64 -25.29 73.15
N ASP D 475 -15.87 -24.47 74.18
CA ASP D 475 -14.78 -23.90 74.95
C ASP D 475 -13.90 -24.97 75.59
N GLU D 476 -14.46 -26.11 75.97
CA GLU D 476 -13.67 -27.12 76.66
C GLU D 476 -12.67 -27.81 75.75
N HIS D 477 -12.78 -27.62 74.43
CA HIS D 477 -11.85 -28.20 73.47
C HIS D 477 -10.76 -27.23 73.05
N LEU D 478 -10.85 -25.96 73.48
CA LEU D 478 -9.94 -24.94 72.96
C LEU D 478 -8.49 -25.25 73.30
N ALA D 479 -8.22 -25.68 74.53
CA ALA D 479 -6.84 -25.94 74.94
C ALA D 479 -6.18 -26.97 74.04
N ASP D 480 -6.83 -28.13 73.88
CA ASP D 480 -6.24 -29.19 73.06
C ASP D 480 -6.19 -28.81 71.59
N MET D 481 -7.19 -28.09 71.11
CA MET D 481 -7.17 -27.67 69.71
C MET D 481 -5.96 -26.77 69.46
N ALA D 482 -5.77 -25.77 70.31
CA ALA D 482 -4.65 -24.85 70.14
C ALA D 482 -3.31 -25.58 70.30
N TYR D 483 -3.22 -26.49 71.27
CA TYR D 483 -1.97 -27.24 71.46
C TYR D 483 -1.65 -28.06 70.22
N THR D 484 -2.65 -28.78 69.71
CA THR D 484 -2.44 -29.62 68.53
C THR D 484 -2.06 -28.80 67.31
N LEU D 485 -2.69 -27.65 67.13
CA LEU D 485 -2.34 -26.80 66.00
C LEU D 485 -0.97 -26.18 66.18
N GLN D 486 -0.56 -25.95 67.42
CA GLN D 486 0.77 -25.42 67.68
C GLN D 486 1.85 -26.45 67.36
N VAL D 487 1.73 -27.64 67.95
CA VAL D 487 2.81 -28.62 67.92
C VAL D 487 2.55 -29.76 66.92
N GLY D 488 1.37 -29.82 66.33
CA GLY D 488 1.01 -30.97 65.51
C GLY D 488 0.77 -30.64 64.06
N ARG D 489 1.17 -29.44 63.65
CA ARG D 489 1.08 -29.00 62.25
C ARG D 489 2.39 -28.33 61.85
N VAL D 490 2.93 -28.74 60.71
CA VAL D 490 4.09 -28.05 60.16
C VAL D 490 3.70 -26.61 59.84
N ALA D 491 4.55 -25.66 60.27
CA ALA D 491 4.33 -24.25 60.00
C ALA D 491 4.77 -23.92 58.58
N MET D 492 3.81 -23.63 57.70
CA MET D 492 4.07 -23.46 56.28
C MET D 492 4.16 -21.97 55.93
N GLU D 493 4.19 -21.67 54.63
CA GLU D 493 4.57 -20.34 54.19
C GLU D 493 3.47 -19.32 54.42
N GLU D 494 2.21 -19.72 54.22
CA GLU D 494 1.08 -18.82 54.36
C GLU D 494 0.43 -19.13 55.70
N ARG D 495 0.41 -18.15 56.59
CA ARG D 495 -0.01 -18.38 57.96
C ARG D 495 -1.06 -17.36 58.38
N ILE D 496 -1.98 -17.80 59.24
CA ILE D 496 -2.85 -16.91 59.98
C ILE D 496 -2.86 -17.36 61.44
N ALA D 497 -3.22 -16.44 62.32
CA ALA D 497 -3.26 -16.72 63.75
C ALA D 497 -4.37 -15.90 64.40
N VAL D 498 -5.05 -16.51 65.37
CA VAL D 498 -6.20 -15.89 66.03
C VAL D 498 -6.07 -16.10 67.53
N ILE D 499 -6.35 -15.05 68.29
CA ILE D 499 -6.48 -15.13 69.74
C ILE D 499 -7.97 -15.14 70.07
N ALA D 500 -8.39 -16.10 70.88
CA ALA D 500 -9.79 -16.24 71.23
C ALA D 500 -9.89 -16.89 72.61
N GLY D 501 -10.86 -16.45 73.38
CA GLY D 501 -11.07 -16.92 74.73
C GLY D 501 -12.29 -17.82 74.83
N THR D 502 -13.05 -17.89 73.74
CA THR D 502 -14.20 -18.79 73.65
C THR D 502 -14.26 -19.38 72.25
N MET D 503 -14.97 -20.50 72.15
CA MET D 503 -15.17 -21.12 70.85
C MET D 503 -15.94 -20.17 69.94
N LYS D 504 -17.04 -19.60 70.45
CA LYS D 504 -17.82 -18.67 69.65
C LYS D 504 -16.93 -17.56 69.09
N GLU D 505 -16.01 -17.04 69.90
CA GLU D 505 -15.09 -16.01 69.44
C GLU D 505 -14.23 -16.51 68.28
N LEU D 506 -13.67 -17.71 68.42
CA LEU D 506 -12.88 -18.28 67.34
C LEU D 506 -13.69 -18.43 66.07
N GLN D 507 -14.89 -19.01 66.19
CA GLN D 507 -15.75 -19.17 65.02
C GLN D 507 -16.04 -17.83 64.38
N GLN D 508 -16.32 -16.82 65.21
CA GLN D 508 -16.61 -15.49 64.67
C GLN D 508 -15.43 -14.98 63.85
N LYS D 509 -14.24 -15.00 64.44
CA LYS D 509 -13.09 -14.41 63.77
C LYS D 509 -12.71 -15.19 62.52
N LEU D 510 -12.75 -16.52 62.60
CA LEU D 510 -12.39 -17.32 61.45
C LEU D 510 -13.42 -17.18 60.34
N THR D 511 -14.70 -17.11 60.69
CA THR D 511 -15.72 -16.91 59.67
C THR D 511 -15.56 -15.54 59.01
N ALA D 512 -15.23 -14.52 59.80
CA ALA D 512 -14.94 -13.21 59.23
C ALA D 512 -13.76 -13.29 58.28
N TYR D 513 -12.77 -14.11 58.61
CA TYR D 513 -11.63 -14.28 57.72
C TYR D 513 -12.08 -14.95 56.42
N VAL D 514 -12.88 -16.00 56.54
CA VAL D 514 -13.39 -16.73 55.38
C VAL D 514 -14.24 -15.82 54.50
N LYS D 515 -14.92 -14.85 55.11
CA LYS D 515 -15.81 -13.97 54.37
C LYS D 515 -15.09 -12.83 53.69
N GLY D 516 -13.78 -12.73 53.86
CA GLY D 516 -12.99 -11.75 53.15
C GLY D 516 -12.71 -10.49 53.93
N GLN D 517 -13.02 -10.47 55.22
CA GLN D 517 -12.85 -9.26 56.01
C GLN D 517 -11.37 -8.96 56.17
N GLU D 518 -10.95 -7.79 55.69
CA GLU D 518 -9.52 -7.50 55.61
C GLU D 518 -8.93 -7.31 56.99
N HIS D 519 -9.68 -6.67 57.89
CA HIS D 519 -9.20 -6.39 59.25
C HIS D 519 -10.10 -7.09 60.25
N ILE D 520 -9.51 -7.98 61.03
CA ILE D 520 -10.21 -8.75 62.04
C ILE D 520 -9.40 -8.64 63.33
N ALA D 521 -10.08 -8.35 64.44
CA ALA D 521 -9.38 -8.11 65.69
C ALA D 521 -8.70 -9.39 66.17
N ASP D 522 -7.42 -9.25 66.52
CA ASP D 522 -6.65 -10.37 67.07
C ASP D 522 -6.52 -11.50 66.06
N LEU D 523 -6.62 -11.17 64.77
CA LEU D 523 -6.35 -12.10 63.68
C LEU D 523 -5.28 -11.48 62.80
N TYR D 524 -4.17 -12.20 62.63
CA TYR D 524 -3.00 -11.69 61.92
C TYR D 524 -2.77 -12.46 60.64
N ARG D 525 -2.46 -11.75 59.56
CA ARG D 525 -2.15 -12.37 58.29
C ARG D 525 -0.78 -11.89 57.83
N GLY D 526 -0.09 -12.75 57.08
CA GLY D 526 1.20 -12.38 56.53
C GLY D 526 1.81 -13.58 55.83
N GLN D 527 3.01 -13.36 55.31
CA GLN D 527 3.74 -14.37 54.58
C GLN D 527 5.18 -14.39 55.07
N VAL D 528 5.77 -15.59 55.07
CA VAL D 528 7.19 -15.69 55.40
C VAL D 528 8.04 -15.19 54.23
N ASN D 529 7.61 -15.50 53.01
CA ASN D 529 8.41 -15.22 51.82
C ASN D 529 8.96 -13.80 51.84
N ARG D 530 8.31 -12.88 52.54
CA ARG D 530 8.65 -11.47 52.42
C ARG D 530 9.81 -11.09 53.29
N ASN D 531 9.83 -11.56 54.54
CA ASN D 531 10.79 -11.10 55.54
C ASN D 531 11.89 -12.12 55.79
N GLN D 532 12.24 -12.90 54.76
CA GLN D 532 13.21 -13.97 54.96
C GLN D 532 14.52 -13.43 55.51
N GLU D 533 14.94 -12.26 55.04
CA GLU D 533 16.26 -11.76 55.35
C GLU D 533 16.44 -11.50 56.84
N MET D 534 15.59 -10.64 57.40
CA MET D 534 15.75 -10.28 58.82
C MET D 534 15.56 -11.49 59.72
N LEU D 535 14.74 -12.45 59.30
CA LEU D 535 14.58 -13.67 60.09
C LEU D 535 15.93 -14.33 60.29
N ASP D 536 16.64 -14.56 59.18
CA ASP D 536 17.88 -15.31 59.21
C ASP D 536 18.82 -14.81 60.31
N ILE D 537 18.87 -13.49 60.50
CA ILE D 537 19.98 -12.87 61.22
C ILE D 537 19.68 -12.68 62.70
N LEU D 538 18.42 -12.82 63.12
CA LEU D 538 18.03 -12.52 64.48
C LEU D 538 17.75 -13.75 65.32
N THR D 539 17.33 -14.85 64.69
CA THR D 539 16.91 -16.01 65.44
C THR D 539 18.11 -16.85 65.88
N SER D 540 19.27 -16.64 65.25
CA SER D 540 20.48 -17.36 65.61
C SER D 540 20.73 -17.32 67.11
N ASP D 541 20.63 -16.14 67.72
CA ASP D 541 20.98 -16.01 69.12
C ASP D 541 19.83 -16.46 70.00
N ASP D 542 20.13 -17.32 70.97
CA ASP D 542 19.18 -17.61 72.04
C ASP D 542 18.73 -16.36 72.77
N GLU D 543 19.53 -15.28 72.74
CA GLU D 543 19.14 -14.02 73.37
C GLU D 543 17.71 -13.66 73.01
N LEU D 544 17.36 -13.92 71.75
CA LEU D 544 16.03 -13.62 71.28
C LEU D 544 15.03 -14.72 71.58
N GLU D 545 15.45 -15.99 71.58
CA GLU D 545 14.54 -17.04 72.04
C GLU D 545 14.13 -16.78 73.50
N GLU D 546 15.05 -16.24 74.29
CA GLU D 546 14.73 -15.82 75.64
C GLU D 546 13.78 -14.64 75.63
N THR D 547 13.99 -13.71 74.70
CA THR D 547 13.08 -12.57 74.64
C THR D 547 11.66 -13.05 74.33
N ILE D 548 11.54 -14.02 73.42
CA ILE D 548 10.25 -14.65 73.17
C ILE D 548 9.71 -15.24 74.47
N ALA D 549 10.55 -16.00 75.18
CA ALA D 549 10.10 -16.62 76.42
C ALA D 549 9.48 -15.59 77.34
N ARG D 550 10.10 -14.40 77.40
CA ARG D 550 9.59 -13.36 78.28
C ARG D 550 8.29 -12.77 77.73
N TRP D 551 8.23 -12.55 76.42
CA TRP D 551 6.98 -12.07 75.82
C TRP D 551 5.82 -13.02 76.12
N MET D 552 6.08 -14.33 76.01
CA MET D 552 5.07 -15.32 76.32
C MET D 552 4.67 -15.27 77.79
N GLU D 553 5.65 -15.29 78.69
CA GLU D 553 5.34 -15.20 80.12
C GLU D 553 4.51 -13.95 80.39
N ARG D 554 4.99 -12.80 79.95
CA ARG D 554 4.25 -11.55 80.07
C ARG D 554 2.95 -11.58 79.29
N GLY D 555 2.81 -12.52 78.35
CA GLY D 555 1.58 -12.65 77.62
C GLY D 555 1.46 -11.69 76.45
N LYS D 556 2.59 -11.29 75.86
CA LYS D 556 2.56 -10.36 74.73
C LYS D 556 2.20 -11.14 73.47
N TYR D 557 1.00 -11.71 73.51
CA TYR D 557 0.57 -12.63 72.46
C TYR D 557 0.44 -11.90 71.13
N SER D 558 -0.22 -10.74 71.13
CA SER D 558 -0.36 -9.97 69.90
C SER D 558 0.97 -9.73 69.22
N LYS D 559 2.01 -9.41 70.00
CA LYS D 559 3.34 -9.16 69.44
C LYS D 559 3.92 -10.43 68.84
N LEU D 560 3.86 -11.53 69.59
CA LEU D 560 4.41 -12.79 69.10
C LEU D 560 3.73 -13.21 67.81
N LEU D 561 2.40 -13.09 67.76
CA LEU D 561 1.67 -13.51 66.57
C LEU D 561 1.94 -12.58 65.39
N ASP D 562 2.07 -11.29 65.65
CA ASP D 562 2.42 -10.38 64.56
C ASP D 562 3.80 -10.70 64.03
N LEU D 563 4.69 -11.20 64.87
CA LEU D 563 6.01 -11.61 64.39
C LEU D 563 5.99 -13.01 63.80
N TRP D 564 5.24 -13.93 64.42
CA TRP D 564 5.20 -15.30 63.94
C TRP D 564 4.72 -15.36 62.50
N VAL D 565 3.69 -14.58 62.18
CA VAL D 565 3.03 -14.67 60.88
C VAL D 565 3.92 -14.16 59.76
N LYS D 566 4.97 -13.42 60.09
CA LYS D 566 5.95 -12.96 59.11
C LYS D 566 7.12 -13.93 58.98
N GLY D 567 7.14 -15.00 59.78
CA GLY D 567 8.15 -16.03 59.69
C GLY D 567 8.94 -16.28 60.96
N LEU D 568 8.72 -15.50 62.03
CA LEU D 568 9.48 -15.70 63.24
C LEU D 568 9.18 -17.09 63.82
N SER D 569 10.22 -17.90 63.97
CA SER D 569 10.05 -19.23 64.54
C SER D 569 9.76 -19.13 66.03
N ILE D 570 8.70 -19.81 66.47
CA ILE D 570 8.30 -19.84 67.87
C ILE D 570 8.21 -21.28 68.35
N ASP D 571 8.89 -21.58 69.45
CA ASP D 571 8.80 -22.90 70.10
C ASP D 571 7.55 -22.91 70.96
N TRP D 572 6.45 -23.39 70.39
CA TRP D 572 5.16 -23.34 71.07
C TRP D 572 5.14 -24.19 72.33
N ASN D 573 6.09 -25.11 72.50
CA ASN D 573 6.10 -25.92 73.71
C ASN D 573 6.36 -25.08 74.94
N LYS D 574 7.19 -24.04 74.81
CA LYS D 574 7.46 -23.17 75.96
C LYS D 574 6.20 -22.50 76.46
N LEU D 575 5.14 -22.46 75.65
CA LEU D 575 3.88 -21.91 76.09
C LEU D 575 3.31 -22.65 77.29
N TYR D 576 3.73 -23.89 77.51
CA TYR D 576 3.16 -24.73 78.56
C TYR D 576 4.28 -25.06 79.52
N GLN D 577 4.44 -24.22 80.55
CA GLN D 577 5.52 -24.45 81.50
C GLN D 577 5.17 -25.60 82.42
N GLU D 578 3.94 -25.62 82.93
CA GLU D 578 3.46 -26.67 83.82
C GLU D 578 2.41 -27.51 83.11
N GLU D 579 2.66 -28.82 83.07
CA GLU D 579 1.73 -29.75 82.45
C GLU D 579 1.69 -29.55 80.94
N GLN D 580 0.72 -30.20 80.29
CA GLN D 580 0.62 -30.19 78.83
C GLN D 580 -0.83 -30.46 78.47
N PRO D 581 -1.41 -29.76 77.49
CA PRO D 581 -2.73 -30.17 77.00
C PRO D 581 -2.64 -31.47 76.22
N GLY D 582 -3.78 -31.97 75.76
CA GLY D 582 -3.85 -33.22 75.03
C GLY D 582 -4.04 -33.02 73.55
N ARG D 583 -3.52 -33.97 72.77
CA ARG D 583 -3.73 -33.99 71.34
C ARG D 583 -5.12 -34.51 71.01
N ILE D 584 -5.74 -33.93 69.97
CA ILE D 584 -7.05 -34.34 69.51
C ILE D 584 -7.04 -34.39 67.99
N SER D 585 -7.97 -35.17 67.44
CA SER D 585 -8.15 -35.22 66.00
C SER D 585 -8.71 -33.91 65.48
N LEU D 586 -8.10 -33.40 64.41
CA LEU D 586 -8.60 -32.25 63.68
C LEU D 586 -8.38 -32.52 62.20
N PRO D 587 -9.05 -31.77 61.34
CA PRO D 587 -8.87 -32.00 59.90
C PRO D 587 -7.39 -31.87 59.52
N THR D 588 -7.02 -32.62 58.50
CA THR D 588 -5.65 -32.72 58.05
C THR D 588 -5.49 -31.96 56.74
N TYR D 589 -4.25 -31.90 56.27
CA TYR D 589 -3.92 -31.01 55.17
C TYR D 589 -4.75 -31.38 53.96
N PRO D 590 -5.38 -30.42 53.29
CA PRO D 590 -6.20 -30.76 52.13
C PRO D 590 -5.33 -30.83 50.88
N PHE D 591 -4.65 -31.96 50.74
CA PHE D 591 -3.73 -32.15 49.64
C PHE D 591 -4.39 -31.82 48.31
N ALA D 592 -3.64 -31.20 47.42
CA ALA D 592 -4.14 -30.93 46.08
C ALA D 592 -4.52 -32.23 45.38
N LYS D 593 -5.63 -32.19 44.64
CA LYS D 593 -6.14 -33.36 43.94
C LYS D 593 -5.84 -33.30 42.44
N GLU D 594 -4.61 -33.63 42.04
CA GLU D 594 -4.22 -33.61 40.63
C GLU D 594 -4.04 -35.04 40.15
N SER D 595 -4.54 -35.30 38.95
CA SER D 595 -4.52 -36.64 38.36
C SER D 595 -3.20 -36.89 37.65
N TYR D 596 -2.65 -38.08 37.83
CA TYR D 596 -1.45 -38.49 37.13
C TYR D 596 -1.62 -39.94 36.70
N TRP D 597 -1.40 -40.21 35.41
CA TRP D 597 -1.47 -41.57 34.90
C TRP D 597 -0.53 -41.72 33.72
N THR D 598 -0.11 -42.97 33.48
CA THR D 598 0.83 -43.29 32.43
C THR D 598 0.05 -43.82 31.23
N HIS D 599 0.77 -44.48 30.32
CA HIS D 599 0.16 -45.13 29.17
C HIS D 599 0.73 -46.53 29.01
N ALA D 600 -0.15 -47.52 28.90
CA ALA D 600 0.27 -48.88 28.63
C ALA D 600 0.41 -49.14 27.14
N GLY D 610 -1.85 -49.92 6.29
CA GLY D 610 -2.32 -48.64 6.78
C GLY D 610 -3.33 -48.00 5.86
N VAL D 611 -3.67 -46.74 6.14
CA VAL D 611 -4.66 -46.02 5.35
C VAL D 611 -3.97 -45.33 4.19
N ILE D 612 -4.67 -45.25 3.07
CA ILE D 612 -4.15 -44.50 1.92
C ILE D 612 -4.09 -43.01 2.23
N HIS D 613 -5.05 -42.51 3.00
CA HIS D 613 -5.26 -41.09 3.21
C HIS D 613 -6.25 -40.96 4.37
N PRO D 614 -6.10 -39.95 5.25
CA PRO D 614 -6.98 -39.86 6.43
C PRO D 614 -8.47 -39.95 6.09
N PHE D 615 -8.83 -39.61 4.85
CA PHE D 615 -10.19 -39.72 4.36
C PHE D 615 -10.42 -40.88 3.41
N LEU D 616 -9.35 -41.57 2.99
CA LEU D 616 -9.43 -42.74 2.11
C LEU D 616 -8.70 -43.88 2.80
N HIS D 617 -9.43 -44.69 3.55
CA HIS D 617 -8.79 -45.76 4.31
C HIS D 617 -8.35 -46.90 3.40
N GLN D 618 -9.19 -47.32 2.46
CA GLN D 618 -8.85 -48.45 1.61
C GLN D 618 -9.58 -48.35 0.27
N ASN D 619 -8.90 -48.86 -0.75
CA ASN D 619 -9.48 -48.97 -2.08
C ASN D 619 -10.36 -50.20 -2.16
N THR D 620 -11.61 -50.02 -2.59
CA THR D 620 -12.57 -51.11 -2.70
C THR D 620 -13.19 -51.18 -4.09
N SER D 621 -12.47 -50.71 -5.11
CA SER D 621 -13.01 -50.70 -6.46
C SER D 621 -13.31 -52.12 -6.93
N ASP D 622 -14.31 -52.23 -7.81
CA ASP D 622 -14.65 -53.48 -8.47
C ASP D 622 -14.86 -53.18 -9.95
N PHE D 623 -15.23 -54.21 -10.71
CA PHE D 623 -15.43 -54.03 -12.16
C PHE D 623 -16.46 -52.96 -12.46
N MET D 624 -17.38 -52.68 -11.52
CA MET D 624 -18.46 -51.74 -11.79
C MET D 624 -18.03 -50.30 -11.54
N GLU D 625 -17.34 -50.04 -10.42
CA GLU D 625 -17.08 -48.68 -9.99
C GLU D 625 -15.70 -48.58 -9.36
N GLN D 626 -15.07 -47.43 -9.57
CA GLN D 626 -13.94 -47.03 -8.73
C GLN D 626 -14.49 -46.57 -7.40
N ARG D 627 -13.91 -47.07 -6.31
CA ARG D 627 -14.48 -46.83 -4.99
C ARG D 627 -13.39 -46.85 -3.92
N PHE D 628 -13.55 -45.98 -2.93
CA PHE D 628 -12.74 -46.00 -1.71
C PHE D 628 -13.67 -45.97 -0.52
N SER D 629 -13.22 -46.56 0.59
CA SER D 629 -14.03 -46.74 1.79
C SER D 629 -13.24 -46.34 3.02
N SER D 630 -13.94 -45.75 3.99
CA SER D 630 -13.31 -45.26 5.21
C SER D 630 -14.27 -45.44 6.37
N MET D 631 -13.75 -45.95 7.50
CA MET D 631 -14.54 -46.10 8.71
C MET D 631 -14.13 -45.01 9.69
N PHE D 632 -15.03 -44.04 9.89
CA PHE D 632 -14.76 -42.93 10.79
C PHE D 632 -15.25 -43.26 12.19
N THR D 633 -14.35 -43.15 13.16
CA THR D 633 -14.66 -43.51 14.55
C THR D 633 -15.19 -42.33 15.35
N GLY D 634 -14.84 -41.11 14.94
CA GLY D 634 -15.18 -39.92 15.70
C GLY D 634 -14.06 -39.43 16.58
N GLN D 635 -12.95 -40.16 16.65
CA GLN D 635 -11.79 -39.74 17.41
C GLN D 635 -10.83 -38.89 16.59
N GLU D 636 -10.97 -38.89 15.27
CA GLU D 636 -10.12 -38.08 14.41
C GLU D 636 -10.34 -36.60 14.68
N PHE D 637 -9.29 -35.80 14.49
CA PHE D 637 -9.37 -34.39 14.86
C PHE D 637 -10.45 -33.67 14.07
N PHE D 638 -10.68 -34.06 12.82
CA PHE D 638 -11.68 -33.39 11.99
C PHE D 638 -13.11 -33.76 12.38
N LEU D 639 -13.30 -34.57 13.42
CA LEU D 639 -14.62 -34.90 13.91
C LEU D 639 -14.82 -34.50 15.37
N SER D 640 -13.88 -34.86 16.25
CA SER D 640 -14.02 -34.53 17.67
C SER D 640 -13.92 -33.03 17.92
N ASP D 641 -13.15 -32.31 17.12
CA ASP D 641 -12.99 -30.87 17.26
C ASP D 641 -13.91 -30.08 16.33
N HIS D 642 -14.88 -30.75 15.70
CA HIS D 642 -15.83 -30.10 14.78
C HIS D 642 -17.23 -30.58 15.17
N VAL D 643 -17.78 -30.01 16.23
CA VAL D 643 -19.06 -30.46 16.78
C VAL D 643 -20.11 -29.40 16.47
N ILE D 644 -21.15 -29.78 15.75
CA ILE D 644 -22.23 -28.86 15.43
C ILE D 644 -23.50 -29.36 16.09
N LYS D 645 -24.08 -28.55 16.98
CA LYS D 645 -25.33 -28.88 17.65
C LYS D 645 -25.21 -30.16 18.46
N GLY D 646 -24.05 -30.38 19.06
CA GLY D 646 -23.85 -31.52 19.93
C GLY D 646 -23.34 -32.77 19.25
N GLN D 647 -23.19 -32.76 17.93
CA GLN D 647 -22.80 -33.95 17.19
C GLN D 647 -21.49 -33.71 16.45
N ARG D 648 -20.61 -34.71 16.48
CA ARG D 648 -19.40 -34.66 15.68
C ARG D 648 -19.79 -34.86 14.22
N VAL D 649 -19.45 -33.91 13.37
CA VAL D 649 -19.88 -33.91 11.98
C VAL D 649 -18.66 -33.68 11.10
N LEU D 650 -18.59 -34.42 10.00
CA LEU D 650 -17.50 -34.25 9.06
C LEU D 650 -17.58 -32.85 8.45
N PRO D 651 -16.52 -32.05 8.51
CA PRO D 651 -16.61 -30.71 7.93
C PRO D 651 -16.83 -30.79 6.43
N SER D 652 -17.64 -29.85 5.92
CA SER D 652 -17.90 -29.79 4.49
C SER D 652 -16.60 -29.81 3.70
N ALA D 653 -15.59 -29.08 4.18
CA ALA D 653 -14.31 -29.04 3.48
C ALA D 653 -13.75 -30.43 3.23
N ALA D 654 -13.97 -31.34 4.18
CA ALA D 654 -13.38 -32.66 4.06
C ALA D 654 -13.78 -33.33 2.77
N TYR D 655 -15.04 -33.14 2.36
CA TYR D 655 -15.50 -33.85 1.17
C TYR D 655 -14.63 -33.51 -0.02
N LEU D 656 -14.31 -32.23 -0.20
CA LEU D 656 -13.51 -31.87 -1.36
C LEU D 656 -12.17 -32.58 -1.30
N GLU D 657 -11.52 -32.56 -0.13
CA GLU D 657 -10.22 -33.24 -0.03
C GLU D 657 -10.38 -34.72 -0.31
N MET D 658 -11.44 -35.34 0.21
CA MET D 658 -11.64 -36.75 -0.09
C MET D 658 -11.65 -36.96 -1.58
N ALA D 659 -12.50 -36.19 -2.28
CA ALA D 659 -12.58 -36.35 -3.72
C ALA D 659 -11.22 -36.13 -4.35
N ARG D 660 -10.52 -35.08 -3.93
CA ARG D 660 -9.22 -34.81 -4.53
C ARG D 660 -8.32 -36.03 -4.35
N ALA D 661 -8.21 -36.50 -3.11
CA ALA D 661 -7.32 -37.63 -2.86
C ALA D 661 -7.76 -38.81 -3.71
N ALA D 662 -9.07 -39.07 -3.76
CA ALA D 662 -9.54 -40.22 -4.51
C ALA D 662 -9.10 -40.12 -5.96
N ILE D 663 -9.29 -38.94 -6.56
CA ILE D 663 -8.92 -38.79 -7.97
C ILE D 663 -7.43 -39.03 -8.14
N GLN D 664 -6.63 -38.49 -7.22
CA GLN D 664 -5.19 -38.67 -7.33
C GLN D 664 -4.84 -40.15 -7.33
N GLN D 665 -5.52 -40.95 -6.52
CA GLN D 665 -5.25 -42.38 -6.51
C GLN D 665 -5.73 -43.02 -7.81
N ALA D 666 -6.93 -42.63 -8.27
CA ALA D 666 -7.52 -43.31 -9.42
C ALA D 666 -6.82 -42.98 -10.73
N THR D 667 -6.09 -41.87 -10.79
CA THR D 667 -5.34 -41.51 -11.98
C THR D 667 -3.88 -41.92 -11.91
N GLY D 668 -3.44 -42.49 -10.80
CA GLY D 668 -2.09 -42.99 -10.67
C GLY D 668 -1.08 -42.07 -10.02
N GLY D 669 -1.51 -41.18 -9.13
CA GLY D 669 -0.60 -40.27 -8.47
C GLY D 669 -0.41 -40.58 -7.00
N LEU D 676 -1.64 -33.18 -11.81
CA LEU D 676 -1.80 -32.98 -10.37
C LEU D 676 -2.47 -31.64 -10.09
N GLU D 677 -1.72 -30.55 -10.24
CA GLU D 677 -2.29 -29.24 -10.06
C GLU D 677 -3.13 -28.85 -11.27
N GLY D 678 -4.07 -27.94 -11.04
CA GLY D 678 -5.03 -27.53 -12.05
C GLY D 678 -6.36 -28.22 -11.95
N LEU D 679 -6.56 -29.08 -10.97
CA LEU D 679 -7.84 -29.73 -10.78
C LEU D 679 -8.93 -28.68 -10.56
N ARG D 680 -10.11 -28.98 -11.09
CA ARG D 680 -11.27 -28.11 -10.94
C ARG D 680 -12.47 -28.96 -10.51
N PHE D 681 -13.13 -28.55 -9.44
CA PHE D 681 -14.43 -29.09 -9.09
C PHE D 681 -15.51 -28.16 -9.65
N LYS D 682 -16.63 -28.74 -10.04
CA LYS D 682 -17.75 -27.97 -10.53
C LYS D 682 -19.06 -28.58 -10.06
N ASN D 683 -20.00 -27.69 -9.73
CA ASN D 683 -21.36 -28.06 -9.35
C ASN D 683 -21.36 -29.07 -8.20
N VAL D 684 -20.61 -28.74 -7.15
CA VAL D 684 -20.58 -29.57 -5.95
C VAL D 684 -21.80 -29.26 -5.11
N VAL D 685 -22.36 -30.29 -4.46
CA VAL D 685 -23.46 -30.12 -3.53
C VAL D 685 -23.13 -30.86 -2.23
N TRP D 686 -23.58 -30.30 -1.12
CA TRP D 686 -23.56 -30.94 0.19
C TRP D 686 -25.00 -31.08 0.64
N THR D 687 -25.48 -32.32 0.74
CA THR D 687 -26.88 -32.59 1.01
C THR D 687 -27.16 -32.93 2.47
N GLN D 688 -26.38 -33.84 3.05
CA GLN D 688 -26.63 -34.38 4.37
C GLN D 688 -25.36 -34.38 5.19
N PRO D 689 -25.43 -34.06 6.47
CA PRO D 689 -24.24 -34.16 7.32
C PRO D 689 -23.92 -35.62 7.64
N LEU D 690 -22.63 -35.91 7.75
CA LEU D 690 -22.16 -37.20 8.20
C LEU D 690 -21.85 -37.07 9.69
N ALA D 691 -22.79 -37.50 10.53
CA ALA D 691 -22.60 -37.48 11.98
C ALA D 691 -22.05 -38.82 12.43
N VAL D 692 -21.05 -38.77 13.31
CA VAL D 692 -20.41 -39.97 13.85
C VAL D 692 -20.69 -39.95 15.34
N GLY D 693 -21.64 -40.77 15.78
CA GLY D 693 -21.96 -40.89 17.18
C GLY D 693 -21.15 -41.99 17.84
N PRO D 694 -21.77 -42.73 18.77
CA PRO D 694 -21.02 -43.79 19.45
C PRO D 694 -20.61 -44.93 18.55
N GLU D 695 -21.26 -45.09 17.40
CA GLU D 695 -20.92 -46.17 16.48
C GLU D 695 -20.11 -45.61 15.32
N PRO D 696 -18.96 -46.20 14.99
CA PRO D 696 -18.24 -45.77 13.79
C PRO D 696 -19.14 -45.84 12.56
N VAL D 697 -18.90 -44.94 11.62
CA VAL D 697 -19.71 -44.82 10.41
C VAL D 697 -18.88 -45.24 9.20
N GLN D 698 -19.49 -46.05 8.33
CA GLN D 698 -18.85 -46.50 7.10
C GLN D 698 -19.19 -45.55 5.97
N ALA D 699 -18.18 -44.85 5.47
CA ALA D 699 -18.30 -43.92 4.36
C ALA D 699 -17.63 -44.50 3.12
N HIS D 700 -18.13 -44.07 1.96
CA HIS D 700 -17.63 -44.50 0.68
C HIS D 700 -17.63 -43.32 -0.27
N ILE D 701 -16.68 -43.32 -1.19
CA ILE D 701 -16.69 -42.40 -2.34
C ILE D 701 -16.55 -43.24 -3.60
N GLU D 702 -17.49 -43.06 -4.51
CA GLU D 702 -17.46 -43.71 -5.83
C GLU D 702 -17.17 -42.65 -6.88
N LEU D 703 -16.31 -43.02 -7.85
CA LEU D 703 -15.87 -42.16 -8.93
C LEU D 703 -16.28 -42.78 -10.26
N TYR D 704 -16.99 -42.03 -11.08
CA TYR D 704 -17.48 -42.47 -12.39
C TYR D 704 -16.82 -41.59 -13.45
N PRO D 705 -15.90 -42.12 -14.25
CA PRO D 705 -15.29 -41.30 -15.30
C PRO D 705 -16.17 -41.21 -16.54
N GLU D 706 -16.11 -40.04 -17.20
CA GLU D 706 -16.87 -39.81 -18.41
C GLU D 706 -15.93 -39.57 -19.60
N ALA D 707 -16.51 -39.71 -20.80
CA ALA D 707 -15.71 -39.64 -22.03
C ALA D 707 -15.13 -38.25 -22.26
N ASN D 708 -15.81 -37.21 -21.78
CA ASN D 708 -15.35 -35.83 -21.98
C ASN D 708 -14.26 -35.43 -20.98
N GLY D 709 -13.68 -36.39 -20.27
CA GLY D 709 -12.65 -36.12 -19.29
C GLY D 709 -13.16 -35.76 -17.91
N GLU D 710 -14.47 -35.67 -17.72
CA GLU D 710 -15.05 -35.30 -16.44
C GLU D 710 -15.25 -36.53 -15.56
N ILE D 711 -15.03 -36.34 -14.26
CA ILE D 711 -15.15 -37.37 -13.25
C ILE D 711 -16.29 -36.98 -12.32
N VAL D 712 -17.33 -37.79 -12.27
CA VAL D 712 -18.42 -37.56 -11.34
C VAL D 712 -18.11 -38.30 -10.04
N PHE D 713 -18.23 -37.61 -8.91
CA PHE D 713 -18.00 -38.26 -7.63
C PHE D 713 -19.24 -38.16 -6.76
N GLU D 714 -19.45 -39.23 -5.98
CA GLU D 714 -20.51 -39.30 -4.98
C GLU D 714 -19.94 -39.87 -3.69
N ILE D 715 -20.18 -39.14 -2.59
CA ILE D 715 -19.72 -39.52 -1.26
C ILE D 715 -20.97 -39.79 -0.43
N TYR D 716 -21.06 -41.03 0.09
CA TYR D 716 -22.22 -41.49 0.83
C TYR D 716 -21.75 -42.31 2.03
N SER D 717 -22.70 -42.70 2.87
CA SER D 717 -22.41 -43.55 4.02
C SER D 717 -23.52 -44.59 4.16
N ASP D 718 -23.18 -45.69 4.83
CA ASP D 718 -24.12 -46.76 5.08
C ASP D 718 -24.86 -46.47 6.38
N SER D 719 -26.19 -46.45 6.33
CA SER D 719 -26.99 -46.24 7.52
C SER D 719 -27.32 -47.58 8.16
N LYS D 720 -27.31 -47.59 9.49
CA LYS D 720 -27.59 -48.80 10.26
C LYS D 720 -29.00 -48.78 10.81
N GLN D 721 -29.96 -48.46 9.93
CA GLN D 721 -31.38 -48.42 10.28
C GLN D 721 -31.85 -49.81 10.69
N ASP D 722 -31.84 -50.09 11.99
CA ASP D 722 -32.23 -51.40 12.48
C ASP D 722 -33.73 -51.63 12.28
N ARG D 723 -34.09 -52.91 12.15
CA ARG D 723 -35.43 -53.35 11.72
C ARG D 723 -35.61 -53.15 10.22
N ASP D 724 -34.64 -52.50 9.58
CA ASP D 724 -34.64 -52.29 8.14
C ASP D 724 -33.31 -52.76 7.58
N GLN D 725 -33.18 -52.68 6.26
CA GLN D 725 -31.95 -53.09 5.58
C GLN D 725 -31.14 -51.85 5.22
N THR D 726 -29.82 -51.96 5.40
CA THR D 726 -28.93 -50.83 5.22
C THR D 726 -29.18 -50.12 3.89
N THR D 727 -29.04 -48.79 3.92
CA THR D 727 -29.31 -47.94 2.77
C THR D 727 -28.21 -46.89 2.71
N GLU D 728 -27.93 -46.37 1.52
CA GLU D 728 -26.84 -45.43 1.34
C GLU D 728 -27.36 -44.01 1.49
N ILE D 729 -26.73 -43.26 2.40
CA ILE D 729 -27.08 -41.87 2.67
C ILE D 729 -26.08 -40.98 1.96
N VAL D 730 -26.56 -40.16 1.04
CA VAL D 730 -25.69 -39.33 0.21
C VAL D 730 -25.35 -38.06 0.96
N HIS D 731 -24.06 -37.76 1.07
CA HIS D 731 -23.58 -36.54 1.71
C HIS D 731 -23.04 -35.50 0.74
N SER D 732 -22.39 -35.92 -0.37
CA SER D 732 -21.86 -34.91 -1.28
C SER D 732 -21.75 -35.46 -2.69
N GLN D 733 -22.01 -34.60 -3.67
CA GLN D 733 -21.87 -34.96 -5.08
C GLN D 733 -21.16 -33.83 -5.81
N GLY D 734 -20.53 -34.18 -6.93
CA GLY D 734 -19.94 -33.12 -7.75
C GLY D 734 -19.24 -33.68 -8.96
N SER D 735 -18.68 -32.78 -9.76
CA SER D 735 -17.87 -33.16 -10.90
C SER D 735 -16.47 -32.58 -10.74
N ALA D 736 -15.51 -33.21 -11.42
CA ALA D 736 -14.14 -32.74 -11.42
C ALA D 736 -13.61 -32.86 -12.84
N VAL D 737 -12.69 -31.97 -13.18
CA VAL D 737 -12.00 -31.99 -14.46
C VAL D 737 -10.54 -31.66 -14.21
N LEU D 738 -9.65 -32.33 -14.94
CA LEU D 738 -8.22 -32.00 -14.92
C LEU D 738 -7.99 -30.95 -15.98
N CYS D 739 -7.82 -29.70 -15.54
CA CYS D 739 -7.58 -28.57 -16.42
C CYS D 739 -6.26 -27.91 -16.05
N SER D 740 -5.83 -26.97 -16.89
CA SER D 740 -4.58 -26.27 -16.68
C SER D 740 -4.70 -25.24 -15.56
N ILE D 741 -3.54 -24.73 -15.15
CA ILE D 741 -3.46 -23.80 -14.01
C ILE D 741 -3.66 -22.39 -14.56
N PRO D 742 -4.64 -21.64 -14.07
CA PRO D 742 -4.81 -20.25 -14.53
C PRO D 742 -3.78 -19.33 -13.88
N ASP D 743 -3.41 -18.29 -14.63
CA ASP D 743 -2.44 -17.32 -14.13
C ASP D 743 -3.23 -16.22 -13.44
N ILE D 744 -3.52 -16.43 -12.16
CA ILE D 744 -4.30 -15.48 -11.36
C ILE D 744 -3.33 -14.46 -10.79
N PRO D 745 -3.60 -13.15 -10.94
CA PRO D 745 -2.68 -12.16 -10.38
C PRO D 745 -2.68 -12.20 -8.86
N SER D 746 -1.50 -11.97 -8.28
CA SER D 746 -1.38 -11.94 -6.83
C SER D 746 -2.15 -10.75 -6.27
N PHE D 747 -2.74 -10.94 -5.09
CA PHE D 747 -3.38 -9.83 -4.41
C PHE D 747 -2.33 -9.05 -3.63
N ASP D 748 -2.55 -7.74 -3.54
CA ASP D 748 -1.76 -6.88 -2.65
C ASP D 748 -2.45 -6.89 -1.29
N LEU D 749 -1.93 -7.69 -0.37
CA LEU D 749 -2.60 -7.87 0.91
C LEU D 749 -2.68 -6.57 1.68
N SER D 750 -1.75 -5.64 1.46
CA SER D 750 -1.84 -4.34 2.11
C SER D 750 -3.08 -3.59 1.67
N VAL D 751 -3.35 -3.57 0.36
CA VAL D 751 -4.52 -2.87 -0.14
C VAL D 751 -5.81 -3.51 0.39
N LEU D 752 -5.86 -4.85 0.38
CA LEU D 752 -7.05 -5.53 0.90
C LEU D 752 -7.23 -5.25 2.38
N GLN D 753 -6.14 -5.23 3.15
CA GLN D 753 -6.25 -4.90 4.57
C GLN D 753 -6.80 -3.50 4.74
N GLU D 754 -6.39 -2.57 3.87
CA GLU D 754 -6.94 -1.21 3.93
C GLU D 754 -8.42 -1.20 3.58
N GLN D 755 -8.82 -1.94 2.54
CA GLN D 755 -10.23 -1.95 2.15
C GLN D 755 -11.11 -2.57 3.23
N CYS D 756 -10.56 -3.46 4.06
CA CYS D 756 -11.34 -4.15 5.07
C CYS D 756 -11.03 -3.58 6.45
N SER D 757 -11.25 -2.28 6.61
CA SER D 757 -10.86 -1.58 7.83
C SER D 757 -12.06 -1.11 8.66
N LEU D 758 -13.27 -1.56 8.32
CA LEU D 758 -14.44 -1.15 9.08
C LEU D 758 -14.36 -1.64 10.52
N ARG D 759 -13.86 -2.86 10.72
CA ARG D 759 -13.91 -3.52 12.01
C ARG D 759 -12.97 -4.70 12.00
N THR D 760 -12.50 -5.10 13.18
CA THR D 760 -11.68 -6.30 13.32
C THR D 760 -12.30 -7.22 14.35
N LEU D 761 -12.42 -8.50 14.00
CA LEU D 761 -12.92 -9.52 14.90
C LEU D 761 -11.74 -10.42 15.29
N SER D 762 -11.54 -10.60 16.59
CA SER D 762 -10.49 -11.49 17.05
C SER D 762 -10.96 -12.94 16.99
N ALA D 763 -10.01 -13.87 17.15
CA ALA D 763 -10.35 -15.28 17.20
C ALA D 763 -11.31 -15.58 18.34
N GLU D 764 -11.02 -15.03 19.53
CA GLU D 764 -11.91 -15.24 20.67
C GLU D 764 -13.33 -14.80 20.34
N GLN D 765 -13.48 -13.65 19.70
CA GLN D 765 -14.81 -13.16 19.35
C GLN D 765 -15.50 -14.13 18.40
N CYS D 766 -14.79 -14.57 17.36
CA CYS D 766 -15.38 -15.45 16.36
C CYS D 766 -15.86 -16.75 16.99
N TYR D 767 -14.98 -17.42 17.74
CA TYR D 767 -15.35 -18.73 18.27
C TYR D 767 -16.28 -18.63 19.47
N ASP D 768 -16.32 -17.48 20.15
CA ASP D 768 -17.38 -17.25 21.13
C ASP D 768 -18.74 -17.15 20.43
N ALA D 769 -18.81 -16.38 19.34
CA ALA D 769 -20.05 -16.33 18.57
C ALA D 769 -20.46 -17.72 18.10
N PHE D 770 -19.50 -18.48 17.56
CA PHE D 770 -19.79 -19.83 17.10
C PHE D 770 -20.35 -20.69 18.22
N LYS D 771 -19.66 -20.72 19.36
CA LYS D 771 -20.15 -21.50 20.50
C LYS D 771 -21.57 -21.07 20.86
N LYS D 772 -21.85 -19.78 20.84
CA LYS D 772 -23.21 -19.32 21.12
C LYS D 772 -24.19 -19.87 20.10
N MET D 773 -23.77 -20.04 18.84
CA MET D 773 -24.66 -20.59 17.83
C MET D 773 -24.75 -22.12 17.86
N GLY D 774 -24.14 -22.77 18.85
CA GLY D 774 -24.14 -24.21 18.90
C GLY D 774 -23.09 -24.87 18.05
N VAL D 775 -22.08 -24.13 17.61
CA VAL D 775 -20.99 -24.67 16.81
C VAL D 775 -19.74 -24.62 17.66
N ASP D 776 -19.28 -25.80 18.09
CA ASP D 776 -18.14 -25.97 18.99
C ASP D 776 -16.95 -26.43 18.15
N TYR D 777 -16.03 -25.52 17.89
CA TYR D 777 -14.81 -25.83 17.17
C TYR D 777 -13.70 -26.11 18.18
N GLY D 778 -13.12 -27.31 18.11
CA GLY D 778 -12.01 -27.64 18.96
C GLY D 778 -10.71 -27.08 18.42
N PRO D 779 -9.63 -27.34 19.16
CA PRO D 779 -8.34 -26.72 18.79
C PRO D 779 -7.95 -26.93 17.34
N ALA D 780 -8.20 -28.12 16.79
CA ALA D 780 -7.80 -28.42 15.42
C ALA D 780 -8.59 -27.63 14.38
N HIS D 781 -9.71 -27.03 14.76
CA HIS D 781 -10.55 -26.28 13.82
C HIS D 781 -10.70 -24.83 14.26
N ARG D 782 -9.72 -24.30 14.98
CA ARG D 782 -9.70 -22.86 15.26
C ARG D 782 -8.60 -22.22 14.43
N GLY D 783 -8.73 -22.29 13.11
CA GLY D 783 -7.76 -21.71 12.21
C GLY D 783 -7.88 -20.22 12.00
N ILE D 784 -8.95 -19.60 12.47
CA ILE D 784 -9.12 -18.16 12.31
C ILE D 784 -8.30 -17.46 13.40
N GLU D 785 -7.34 -16.63 12.97
CA GLU D 785 -6.64 -15.74 13.89
C GLU D 785 -7.36 -14.41 14.03
N GLN D 786 -7.91 -13.88 12.94
CA GLN D 786 -8.71 -12.66 12.99
C GLN D 786 -9.41 -12.47 11.65
N ILE D 787 -10.44 -11.63 11.65
CA ILE D 787 -11.19 -11.28 10.45
C ILE D 787 -11.27 -9.77 10.35
N LEU D 788 -10.77 -9.21 9.24
CA LEU D 788 -10.91 -7.80 8.91
C LEU D 788 -12.17 -7.61 8.06
N ILE D 789 -13.04 -6.71 8.49
CA ILE D 789 -14.37 -6.54 7.89
C ILE D 789 -14.33 -5.36 6.91
N GLY D 790 -14.88 -5.59 5.73
CA GLY D 790 -15.06 -4.53 4.74
C GLY D 790 -16.51 -4.47 4.31
N GLN D 791 -16.78 -3.82 3.18
CA GLN D 791 -18.12 -3.74 2.62
C GLN D 791 -18.30 -4.81 1.56
N GLU D 792 -19.22 -5.74 1.80
CA GLU D 792 -19.48 -6.87 0.90
C GLU D 792 -18.27 -7.77 0.75
N GLN D 793 -17.33 -7.71 1.69
CA GLN D 793 -16.17 -8.58 1.65
C GLN D 793 -15.51 -8.58 3.03
N VAL D 794 -14.79 -9.67 3.30
CA VAL D 794 -13.94 -9.77 4.49
C VAL D 794 -12.62 -10.42 4.10
N LEU D 795 -11.61 -10.18 4.93
CA LEU D 795 -10.28 -10.74 4.75
C LEU D 795 -9.88 -11.41 6.06
N ALA D 796 -9.77 -12.74 6.06
CA ALA D 796 -9.53 -13.50 7.27
C ALA D 796 -8.09 -14.02 7.27
N LYS D 797 -7.40 -13.84 8.39
CA LYS D 797 -6.07 -14.40 8.57
C LYS D 797 -6.23 -15.80 9.15
N LEU D 798 -5.65 -16.79 8.49
CA LEU D 798 -5.77 -18.18 8.88
C LEU D 798 -4.40 -18.76 9.21
N SER D 799 -4.38 -19.72 10.11
CA SER D 799 -3.15 -20.43 10.43
C SER D 799 -3.50 -21.84 10.86
N LEU D 800 -2.73 -22.80 10.40
CA LEU D 800 -2.86 -24.17 10.84
C LEU D 800 -2.64 -24.23 12.35
N PRO D 801 -3.62 -24.66 13.14
CA PRO D 801 -3.39 -24.79 14.58
C PRO D 801 -2.17 -25.66 14.83
N SER D 802 -1.34 -25.25 15.80
CA SER D 802 -0.13 -26.01 16.10
C SER D 802 -0.46 -27.45 16.47
N SER D 803 -1.70 -27.74 16.87
CA SER D 803 -2.09 -29.11 17.17
C SER D 803 -1.87 -30.04 15.98
N VAL D 804 -2.04 -29.54 14.75
CA VAL D 804 -2.07 -30.38 13.57
C VAL D 804 -1.00 -30.00 12.55
N VAL D 805 -0.02 -29.18 12.93
CA VAL D 805 1.01 -28.81 11.97
C VAL D 805 1.73 -30.05 11.45
N LYS D 806 1.94 -31.04 12.32
CA LYS D 806 2.59 -32.27 11.90
C LYS D 806 1.91 -32.89 10.69
N THR D 807 0.60 -32.74 10.58
CA THR D 807 -0.18 -33.40 9.55
C THR D 807 -0.24 -32.60 8.25
N GLN D 808 0.47 -31.47 8.18
CA GLN D 808 0.34 -30.58 7.03
C GLN D 808 0.53 -31.34 5.71
N GLY D 809 1.44 -32.31 5.70
CA GLY D 809 1.76 -33.03 4.49
C GLY D 809 0.82 -34.16 4.13
N GLN D 810 -0.11 -34.51 5.01
CA GLN D 810 -1.05 -35.60 4.72
C GLN D 810 -2.22 -35.16 3.85
N PHE D 811 -2.45 -33.86 3.72
CA PHE D 811 -3.60 -33.33 3.00
C PHE D 811 -3.14 -32.38 1.90
N GLY D 812 -3.91 -32.33 0.82
CA GLY D 812 -3.76 -31.28 -0.16
C GLY D 812 -4.55 -30.06 0.27
N LEU D 813 -5.86 -30.24 0.38
CA LEU D 813 -6.75 -29.24 0.95
C LEU D 813 -6.93 -29.59 2.43
N HIS D 814 -6.12 -28.98 3.28
CA HIS D 814 -6.16 -29.33 4.69
C HIS D 814 -7.50 -28.93 5.29
N PRO D 815 -8.22 -29.85 5.94
CA PRO D 815 -9.56 -29.51 6.46
C PRO D 815 -9.55 -28.36 7.45
N SER D 816 -8.48 -28.19 8.23
CA SER D 816 -8.44 -27.09 9.19
C SER D 816 -8.46 -25.74 8.46
N LEU D 817 -7.57 -25.58 7.47
CA LEU D 817 -7.48 -24.30 6.77
C LEU D 817 -8.74 -24.01 5.95
N LEU D 818 -9.19 -25.00 5.16
CA LEU D 818 -10.35 -24.78 4.31
C LEU D 818 -11.61 -24.57 5.14
N ASP D 819 -11.76 -25.34 6.21
CA ASP D 819 -12.88 -25.11 7.12
C ASP D 819 -12.79 -23.73 7.75
N ALA D 820 -11.58 -23.26 8.07
CA ALA D 820 -11.45 -21.91 8.60
C ALA D 820 -11.89 -20.88 7.56
N ALA D 821 -11.55 -21.11 6.29
CA ALA D 821 -12.00 -20.22 5.23
C ALA D 821 -13.52 -20.14 5.18
N LEU D 822 -14.18 -21.30 5.28
CA LEU D 822 -15.64 -21.31 5.24
C LEU D 822 -16.24 -20.72 6.52
N GLN D 823 -15.60 -20.97 7.67
CA GLN D 823 -16.02 -20.33 8.91
C GLN D 823 -16.01 -18.82 8.74
N SER D 824 -14.99 -18.29 8.04
CA SER D 824 -14.83 -16.86 7.91
C SER D 824 -15.98 -16.18 7.18
N SER D 825 -16.83 -16.95 6.49
CA SER D 825 -18.02 -16.37 5.89
C SER D 825 -18.94 -15.75 6.94
N LEU D 826 -18.74 -16.09 8.21
CA LEU D 826 -19.50 -15.45 9.29
C LEU D 826 -19.29 -13.94 9.28
N GLY D 827 -18.09 -13.49 8.91
CA GLY D 827 -17.81 -12.06 8.96
C GLY D 827 -18.81 -11.24 8.18
N LEU D 828 -19.19 -11.71 6.99
CA LEU D 828 -20.22 -11.04 6.21
C LEU D 828 -21.54 -11.03 6.98
N MET D 829 -21.56 -10.31 8.09
CA MET D 829 -22.77 -10.13 8.90
C MET D 829 -23.14 -11.43 9.61
N SER D 836 -29.21 -17.58 9.16
CA SER D 836 -28.07 -18.47 9.22
C SER D 836 -28.04 -19.41 8.01
N LEU D 837 -26.84 -19.89 7.72
CA LEU D 837 -26.59 -20.75 6.57
C LEU D 837 -26.69 -22.20 6.97
N ILE D 838 -27.53 -22.96 6.26
CA ILE D 838 -27.77 -24.36 6.57
C ILE D 838 -27.73 -25.15 5.26
N LEU D 839 -27.84 -26.48 5.39
CA LEU D 839 -27.74 -27.36 4.24
C LEU D 839 -29.09 -27.42 3.52
N PRO D 840 -29.08 -27.64 2.20
CA PRO D 840 -27.96 -28.01 1.33
C PRO D 840 -27.03 -26.85 0.95
N PHE D 841 -25.74 -27.17 0.81
CA PHE D 841 -24.77 -26.21 0.29
C PHE D 841 -24.44 -26.56 -1.15
N ALA D 842 -23.81 -25.61 -1.84
CA ALA D 842 -23.46 -25.81 -3.24
C ALA D 842 -22.27 -24.92 -3.59
N LEU D 843 -21.51 -25.35 -4.59
CA LEU D 843 -20.34 -24.62 -5.05
C LEU D 843 -20.26 -24.73 -6.56
N GLU D 844 -20.25 -23.59 -7.24
CA GLU D 844 -20.26 -23.60 -8.70
C GLU D 844 -18.91 -24.06 -9.24
N GLU D 845 -17.81 -23.54 -8.69
CA GLU D 845 -16.50 -23.85 -9.23
C GLU D 845 -15.46 -23.78 -8.13
N MET D 846 -14.45 -24.64 -8.23
CA MET D 846 -13.27 -24.56 -7.40
C MET D 846 -12.08 -24.94 -8.25
N VAL D 847 -10.99 -24.16 -8.12
CA VAL D 847 -9.76 -24.42 -8.84
C VAL D 847 -8.64 -24.54 -7.82
N ILE D 848 -7.94 -25.67 -7.83
CA ILE D 848 -6.74 -25.85 -7.03
C ILE D 848 -5.56 -25.35 -7.85
N VAL D 849 -4.98 -24.22 -7.43
CA VAL D 849 -3.87 -23.62 -8.16
C VAL D 849 -2.53 -24.06 -7.57
N GLY D 850 -2.45 -24.20 -6.26
CA GLY D 850 -1.22 -24.58 -5.62
C GLY D 850 -1.47 -25.21 -4.26
N ASP D 851 -0.38 -25.35 -3.50
CA ASP D 851 -0.45 -26.00 -2.20
C ASP D 851 -0.88 -25.02 -1.11
N CYS D 852 -1.42 -25.57 -0.03
CA CYS D 852 -1.79 -24.77 1.13
C CYS D 852 -0.57 -24.57 2.02
N SER D 853 -0.52 -23.42 2.68
CA SER D 853 0.59 -23.04 3.55
C SER D 853 0.15 -23.09 5.01
N SER D 854 1.13 -22.90 5.90
CA SER D 854 0.84 -22.89 7.33
C SER D 854 0.06 -21.63 7.72
N SER D 855 0.37 -20.50 7.09
CA SER D 855 -0.34 -19.25 7.29
C SER D 855 -0.93 -18.80 5.97
N MET D 856 -2.20 -18.44 5.97
CA MET D 856 -2.90 -18.10 4.74
C MET D 856 -3.90 -16.98 5.00
N TRP D 857 -4.55 -16.55 3.92
CA TRP D 857 -5.60 -15.55 3.97
C TRP D 857 -6.80 -16.09 3.22
N ALA D 858 -7.99 -15.71 3.65
CA ALA D 858 -9.22 -16.02 2.95
C ALA D 858 -9.87 -14.70 2.59
N LEU D 859 -9.91 -14.39 1.29
CA LEU D 859 -10.60 -13.23 0.77
C LEU D 859 -12.00 -13.67 0.37
N ILE D 860 -13.00 -13.20 1.10
CA ILE D 860 -14.39 -13.59 0.89
C ILE D 860 -15.13 -12.38 0.35
N ARG D 861 -15.85 -12.57 -0.75
CA ARG D 861 -16.56 -11.48 -1.41
C ARG D 861 -18.01 -11.92 -1.55
N TYR D 862 -18.93 -11.10 -1.08
CA TYR D 862 -20.35 -11.37 -1.31
C TYR D 862 -20.69 -10.92 -2.73
N ARG D 863 -20.91 -11.88 -3.61
CA ARG D 863 -21.35 -11.56 -4.97
C ARG D 863 -22.83 -11.20 -4.97
N VAL D 872 -27.17 -14.76 -6.61
CA VAL D 872 -28.19 -14.64 -5.57
C VAL D 872 -27.50 -14.66 -4.19
N GLU D 873 -27.69 -15.74 -3.44
CA GLU D 873 -27.06 -15.88 -2.13
C GLU D 873 -25.69 -16.52 -2.25
N LYS D 874 -24.85 -15.96 -3.13
CA LYS D 874 -23.58 -16.54 -3.49
C LYS D 874 -22.41 -15.66 -3.05
N PHE D 875 -21.33 -16.30 -2.63
CA PHE D 875 -20.10 -15.60 -2.28
C PHE D 875 -18.92 -16.41 -2.78
N ASP D 876 -17.79 -15.72 -2.93
CA ASP D 876 -16.57 -16.30 -3.46
C ASP D 876 -15.50 -16.26 -2.38
N ILE D 877 -14.60 -17.24 -2.42
CA ILE D 877 -13.51 -17.37 -1.46
C ILE D 877 -12.23 -17.62 -2.23
N ASP D 878 -11.24 -16.77 -2.01
CA ASP D 878 -9.88 -16.98 -2.50
C ASP D 878 -9.02 -17.33 -1.30
N LEU D 879 -8.42 -18.51 -1.33
CA LEU D 879 -7.44 -18.90 -0.32
C LEU D 879 -6.07 -18.52 -0.86
N CYS D 880 -5.36 -17.67 -0.13
CA CYS D 880 -4.12 -17.07 -0.58
C CYS D 880 -3.00 -17.36 0.41
N ASP D 881 -1.76 -17.36 -0.08
CA ASP D 881 -0.60 -17.53 0.79
C ASP D 881 -0.18 -16.17 1.38
N GLU D 882 0.91 -16.18 2.15
CA GLU D 882 1.34 -14.98 2.85
C GLU D 882 1.60 -13.81 1.90
N ASN D 883 1.89 -14.06 0.63
CA ASN D 883 2.22 -13.02 -0.31
C ASN D 883 1.05 -12.59 -1.18
N GLY D 884 -0.14 -13.16 -0.98
CA GLY D 884 -1.30 -12.81 -1.77
C GLY D 884 -1.52 -13.68 -2.99
N ASN D 885 -0.68 -14.69 -3.21
CA ASN D 885 -0.91 -15.61 -4.32
C ASN D 885 -2.14 -16.46 -4.02
N VAL D 886 -2.99 -16.63 -5.02
CA VAL D 886 -4.22 -17.42 -4.86
C VAL D 886 -3.86 -18.89 -5.10
N GLN D 887 -3.93 -19.68 -4.03
CA GLN D 887 -3.67 -21.11 -4.07
C GLN D 887 -4.93 -21.93 -4.34
N VAL D 888 -6.09 -21.46 -3.87
CA VAL D 888 -7.37 -22.12 -4.11
C VAL D 888 -8.42 -21.04 -4.37
N ARG D 889 -9.09 -21.13 -5.51
CA ARG D 889 -10.13 -20.16 -5.87
C ARG D 889 -11.48 -20.87 -5.88
N MET D 890 -12.41 -20.40 -5.05
CA MET D 890 -13.75 -20.94 -4.95
C MET D 890 -14.74 -19.89 -5.42
N LYS D 891 -15.64 -20.28 -6.32
CA LYS D 891 -16.62 -19.38 -6.91
C LYS D 891 -18.01 -19.95 -6.72
N GLY D 892 -18.90 -19.14 -6.14
CA GLY D 892 -20.31 -19.47 -6.10
C GLY D 892 -20.74 -20.39 -4.98
N PHE D 893 -20.24 -20.19 -3.77
CA PHE D 893 -20.84 -20.85 -2.61
C PHE D 893 -22.27 -20.38 -2.40
N SER D 894 -23.20 -21.33 -2.31
CA SER D 894 -24.57 -21.06 -1.91
C SER D 894 -25.00 -22.01 -0.81
N THR D 895 -25.77 -21.49 0.14
CA THR D 895 -26.26 -22.25 1.28
C THR D 895 -27.71 -21.84 1.51
N ARG D 896 -28.52 -22.76 2.05
CA ARG D 896 -29.91 -22.41 2.28
C ARG D 896 -30.00 -21.37 3.40
N LYS D 897 -30.82 -20.35 3.16
CA LYS D 897 -31.06 -19.29 4.12
C LYS D 897 -32.17 -19.67 5.09
N ILE D 898 -31.89 -19.62 6.38
CA ILE D 898 -32.95 -19.78 7.37
C ILE D 898 -33.02 -18.51 8.20
N ALA D 899 -34.23 -18.17 8.64
CA ALA D 899 -34.38 -17.04 9.55
C ALA D 899 -33.52 -17.28 10.78
N ASN D 900 -32.92 -16.22 11.30
CA ASN D 900 -32.12 -16.34 12.51
C ASN D 900 -33.01 -16.06 13.71
N VAL D 901 -32.91 -16.93 14.70
CA VAL D 901 -33.72 -16.83 15.90
C VAL D 901 -33.08 -15.81 16.85
N SER D 902 -33.89 -14.86 17.32
CA SER D 902 -33.40 -13.74 18.12
C SER D 902 -32.28 -13.02 17.38
N ASP D 1063 -25.06 -39.17 -37.59
CA ASP D 1063 -25.91 -38.00 -37.71
C ASP D 1063 -25.33 -36.98 -38.67
N ILE D 1064 -25.91 -36.91 -39.87
CA ILE D 1064 -25.51 -35.95 -40.88
C ILE D 1064 -26.71 -35.09 -41.19
N ALA D 1065 -26.59 -33.78 -40.95
CA ALA D 1065 -27.66 -32.85 -41.24
C ALA D 1065 -27.62 -32.42 -42.69
N ILE D 1066 -28.70 -31.79 -43.14
CA ILE D 1066 -28.73 -31.12 -44.43
C ILE D 1066 -28.82 -29.63 -44.17
N ILE D 1067 -27.85 -28.88 -44.68
CA ILE D 1067 -27.77 -27.45 -44.45
C ILE D 1067 -27.98 -26.64 -45.72
N GLY D 1068 -28.63 -27.21 -46.73
CA GLY D 1068 -28.81 -26.51 -47.99
C GLY D 1068 -29.55 -27.37 -49.01
N ILE D 1069 -30.13 -26.77 -50.04
CA ILE D 1069 -30.69 -27.55 -51.13
C ILE D 1069 -31.08 -26.63 -52.29
N SER D 1070 -31.01 -27.18 -53.50
CA SER D 1070 -31.51 -26.53 -54.69
C SER D 1070 -31.80 -27.61 -55.71
N GLY D 1071 -32.54 -27.24 -56.76
CA GLY D 1071 -32.79 -28.20 -57.83
C GLY D 1071 -33.63 -27.64 -58.95
N ARG D 1072 -33.28 -27.99 -60.19
CA ARG D 1072 -34.02 -27.58 -61.37
C ARG D 1072 -34.70 -28.82 -61.96
N TYR D 1073 -36.02 -28.82 -61.94
CA TYR D 1073 -36.84 -29.92 -62.40
C TYR D 1073 -37.78 -29.40 -63.46
N PRO D 1074 -38.35 -30.27 -64.29
CA PRO D 1074 -39.22 -29.78 -65.37
C PRO D 1074 -40.31 -28.89 -64.83
N GLN D 1075 -40.50 -27.74 -65.45
CA GLN D 1075 -41.53 -26.78 -65.05
C GLN D 1075 -41.37 -26.34 -63.59
N ALA D 1076 -40.12 -26.23 -63.15
CA ALA D 1076 -39.85 -25.63 -61.84
C ALA D 1076 -38.38 -25.25 -61.81
N ARG D 1077 -38.10 -23.95 -61.75
CA ARG D 1077 -36.73 -23.47 -61.73
C ARG D 1077 -36.17 -23.38 -60.33
N ASN D 1078 -36.97 -23.68 -59.31
CA ASN D 1078 -36.50 -23.61 -57.93
C ASN D 1078 -37.27 -24.61 -57.10
N ILE D 1079 -36.83 -24.81 -55.86
CA ILE D 1079 -37.56 -25.67 -54.95
C ILE D 1079 -38.93 -25.09 -54.65
N HIS D 1080 -39.03 -23.76 -54.54
CA HIS D 1080 -40.32 -23.17 -54.18
C HIS D 1080 -41.36 -23.50 -55.23
N ASP D 1081 -41.06 -23.21 -56.49
CA ASP D 1081 -41.98 -23.54 -57.57
C ASP D 1081 -42.30 -25.03 -57.54
N PHE D 1082 -41.30 -25.85 -57.21
CA PHE D 1082 -41.55 -27.29 -57.11
C PHE D 1082 -42.56 -27.58 -56.02
N TRP D 1083 -42.44 -26.92 -54.86
CA TRP D 1083 -43.41 -27.16 -53.80
C TRP D 1083 -44.82 -26.80 -54.26
N LYS D 1084 -44.96 -25.69 -54.96
CA LYS D 1084 -46.28 -25.28 -55.44
C LYS D 1084 -46.85 -26.33 -56.37
N ASN D 1085 -46.07 -26.76 -57.37
CA ASN D 1085 -46.55 -27.79 -58.27
C ASN D 1085 -46.95 -29.03 -57.50
N LEU D 1086 -46.26 -29.30 -56.39
CA LEU D 1086 -46.51 -30.53 -55.66
C LEU D 1086 -47.84 -30.47 -54.92
N ARG D 1087 -48.03 -29.46 -54.09
CA ARG D 1087 -49.27 -29.38 -53.33
C ARG D 1087 -50.47 -29.23 -54.27
N ASP D 1088 -50.31 -28.51 -55.37
CA ASP D 1088 -51.36 -28.45 -56.36
C ASP D 1088 -51.56 -29.79 -57.05
N GLY D 1089 -50.60 -30.70 -56.94
CA GLY D 1089 -50.68 -31.96 -57.66
C GLY D 1089 -50.66 -31.76 -59.16
N LYS D 1090 -49.58 -31.23 -59.70
CA LYS D 1090 -49.49 -30.91 -61.12
C LYS D 1090 -48.67 -31.98 -61.83
N ASP D 1091 -49.21 -32.50 -62.93
CA ASP D 1091 -48.55 -33.54 -63.72
C ASP D 1091 -47.64 -32.87 -64.75
N CYS D 1092 -46.42 -32.53 -64.30
CA CYS D 1092 -45.51 -31.74 -65.12
C CYS D 1092 -44.75 -32.61 -66.11
N ILE D 1093 -45.48 -33.34 -66.96
CA ILE D 1093 -44.89 -34.14 -68.03
C ILE D 1093 -45.59 -33.78 -69.32
N THR D 1094 -44.81 -33.43 -70.34
CA THR D 1094 -45.37 -32.94 -71.61
C THR D 1094 -44.62 -33.57 -72.78
N GLU D 1095 -45.00 -33.17 -73.98
CA GLU D 1095 -44.33 -33.63 -75.18
C GLU D 1095 -42.94 -33.01 -75.29
N ILE D 1096 -42.07 -33.68 -76.03
CA ILE D 1096 -40.71 -33.16 -76.22
C ILE D 1096 -40.78 -31.81 -76.91
N PRO D 1097 -40.11 -30.77 -76.41
CA PRO D 1097 -40.09 -29.49 -77.12
C PRO D 1097 -39.39 -29.59 -78.46
N LYS D 1098 -39.79 -28.71 -79.39
CA LYS D 1098 -39.23 -28.72 -80.74
C LYS D 1098 -37.79 -28.25 -80.78
N ASP D 1099 -37.30 -27.56 -79.73
CA ASP D 1099 -35.92 -27.10 -79.73
C ASP D 1099 -34.95 -28.28 -79.87
N ARG D 1100 -35.34 -29.45 -79.38
CA ARG D 1100 -34.52 -30.64 -79.45
C ARG D 1100 -34.68 -31.27 -80.85
N TRP D 1101 -34.25 -32.52 -80.99
CA TRP D 1101 -34.35 -33.27 -82.23
C TRP D 1101 -35.76 -33.13 -82.82
N ASP D 1102 -35.91 -33.32 -84.13
CA ASP D 1102 -37.18 -33.01 -84.79
C ASP D 1102 -38.34 -33.72 -84.11
N HIS D 1103 -38.19 -35.00 -83.82
CA HIS D 1103 -39.17 -35.86 -83.15
C HIS D 1103 -40.21 -36.43 -84.13
N SER D 1104 -40.17 -36.10 -85.42
CA SER D 1104 -41.12 -36.62 -86.40
C SER D 1104 -40.53 -37.75 -87.23
N LEU D 1105 -39.33 -38.22 -86.90
CA LEU D 1105 -38.66 -39.21 -87.73
C LEU D 1105 -39.00 -40.64 -87.34
N TYR D 1106 -39.12 -40.92 -86.04
CA TYR D 1106 -39.12 -42.28 -85.55
C TYR D 1106 -40.45 -42.74 -84.98
N PHE D 1107 -41.36 -41.83 -84.62
CA PHE D 1107 -42.59 -42.25 -83.98
C PHE D 1107 -43.43 -43.07 -84.96
N ASP D 1108 -43.87 -44.25 -84.52
CA ASP D 1108 -44.68 -45.13 -85.37
C ASP D 1108 -45.79 -45.83 -84.60
N GLU D 1109 -46.03 -45.50 -83.33
CA GLU D 1109 -47.14 -45.99 -82.53
C GLU D 1109 -47.21 -47.52 -82.49
N ALA D 1110 -46.16 -48.22 -82.90
CA ALA D 1110 -46.10 -49.68 -82.83
C ALA D 1110 -44.69 -50.08 -82.46
N LYS D 1111 -44.57 -51.24 -81.80
CA LYS D 1111 -43.28 -51.72 -81.29
C LYS D 1111 -42.54 -52.47 -82.39
N ASP D 1112 -41.96 -51.69 -83.32
CA ASP D 1112 -41.27 -52.30 -84.46
C ASP D 1112 -40.12 -51.39 -84.94
N LYS D 1113 -38.93 -51.64 -84.40
CA LYS D 1113 -37.66 -51.32 -85.06
C LYS D 1113 -37.38 -49.82 -85.27
N LEU D 1114 -38.29 -48.94 -84.86
CA LEU D 1114 -38.02 -47.50 -84.97
C LEU D 1114 -37.44 -46.91 -83.69
N GLY D 1115 -37.46 -47.65 -82.58
CA GLY D 1115 -36.92 -47.17 -81.33
C GLY D 1115 -37.83 -46.26 -80.54
N LYS D 1116 -38.72 -45.54 -81.20
CA LYS D 1116 -39.77 -44.75 -80.60
C LYS D 1116 -41.06 -45.57 -80.55
N SER D 1117 -42.20 -44.89 -80.47
CA SER D 1117 -43.52 -45.41 -80.11
C SER D 1117 -43.69 -45.39 -78.60
N TYR D 1118 -42.70 -44.92 -77.85
CA TYR D 1118 -42.91 -44.34 -76.52
C TYR D 1118 -42.18 -42.99 -76.60
N SER D 1119 -42.84 -42.00 -77.20
CA SER D 1119 -42.12 -40.89 -77.81
C SER D 1119 -42.43 -39.54 -77.17
N LYS D 1120 -43.66 -39.08 -77.19
CA LYS D 1120 -43.96 -37.70 -76.79
C LYS D 1120 -44.34 -37.60 -75.33
N TRP D 1121 -43.50 -38.18 -74.46
CA TRP D 1121 -43.78 -38.19 -73.03
C TRP D 1121 -42.46 -38.10 -72.29
N GLY D 1122 -42.19 -36.95 -71.68
CA GLY D 1122 -41.00 -36.79 -70.85
C GLY D 1122 -40.97 -35.43 -70.18
N GLY D 1123 -40.57 -35.40 -68.91
CA GLY D 1123 -40.43 -34.15 -68.19
C GLY D 1123 -39.07 -33.56 -68.49
N PHE D 1124 -39.05 -32.30 -68.91
CA PHE D 1124 -37.82 -31.64 -69.31
C PHE D 1124 -37.70 -30.30 -68.60
N ILE D 1125 -36.47 -29.91 -68.28
CA ILE D 1125 -36.21 -28.64 -67.61
C ILE D 1125 -35.97 -27.56 -68.65
N ASP D 1126 -36.66 -26.44 -68.49
CA ASP D 1126 -36.51 -25.32 -69.41
C ASP D 1126 -35.11 -24.75 -69.33
N GLY D 1127 -34.61 -24.29 -70.48
CA GLY D 1127 -33.33 -23.61 -70.51
C GLY D 1127 -32.18 -24.53 -70.17
N VAL D 1128 -32.05 -25.63 -70.93
CA VAL D 1128 -30.96 -26.56 -70.72
C VAL D 1128 -29.66 -26.06 -71.35
N ASP D 1129 -29.73 -25.23 -72.38
CA ASP D 1129 -28.56 -24.77 -73.11
C ASP D 1129 -28.19 -23.33 -72.76
N GLN D 1130 -28.65 -22.85 -71.61
CA GLN D 1130 -28.37 -21.49 -71.16
C GLN D 1130 -27.27 -21.54 -70.12
N PHE D 1131 -26.36 -20.56 -70.17
CA PHE D 1131 -25.25 -20.55 -69.24
C PHE D 1131 -24.79 -19.11 -69.07
N ASP D 1132 -24.01 -18.87 -68.01
CA ASP D 1132 -23.46 -17.55 -67.72
C ASP D 1132 -21.96 -17.71 -67.48
N PRO D 1133 -21.22 -18.12 -68.50
CA PRO D 1133 -19.80 -18.46 -68.28
C PRO D 1133 -18.96 -17.30 -67.76
N LEU D 1134 -19.27 -16.06 -68.14
CA LEU D 1134 -18.48 -14.94 -67.65
C LEU D 1134 -18.44 -14.93 -66.13
N PHE D 1135 -19.57 -15.23 -65.49
CA PHE D 1135 -19.60 -15.25 -64.03
C PHE D 1135 -18.57 -16.21 -63.46
N PHE D 1136 -18.25 -17.27 -64.19
CA PHE D 1136 -17.32 -18.29 -63.73
C PHE D 1136 -15.97 -18.21 -64.43
N HIS D 1137 -15.75 -17.20 -65.27
CA HIS D 1137 -14.47 -17.01 -65.93
C HIS D 1137 -14.18 -18.15 -66.90
N ILE D 1138 -15.07 -18.32 -67.86
CA ILE D 1138 -14.95 -19.34 -68.89
C ILE D 1138 -15.20 -18.71 -70.25
N SER D 1139 -14.34 -19.00 -71.22
CA SER D 1139 -14.50 -18.44 -72.55
C SER D 1139 -15.76 -18.99 -73.22
N PRO D 1140 -16.46 -18.15 -73.99
CA PRO D 1140 -17.64 -18.67 -74.71
C PRO D 1140 -17.32 -19.85 -75.60
N ARG D 1141 -16.16 -19.84 -76.25
CA ARG D 1141 -15.75 -20.98 -77.05
C ARG D 1141 -15.63 -22.22 -76.19
N GLU D 1142 -15.06 -22.07 -74.99
CA GLU D 1142 -15.02 -23.19 -74.05
C GLU D 1142 -16.43 -23.59 -73.61
N ALA D 1143 -17.29 -22.60 -73.36
CA ALA D 1143 -18.63 -22.89 -72.87
C ALA D 1143 -19.45 -23.66 -73.89
N GLU D 1144 -19.33 -23.34 -75.17
CA GLU D 1144 -20.15 -23.98 -76.19
C GLU D 1144 -19.87 -25.46 -76.34
N LEU D 1145 -18.75 -25.95 -75.81
CA LEU D 1145 -18.41 -27.37 -75.90
C LEU D 1145 -18.10 -27.98 -74.54
N MET D 1146 -18.66 -27.42 -73.47
CA MET D 1146 -18.63 -28.02 -72.15
C MET D 1146 -19.98 -28.65 -71.88
N ASP D 1147 -19.98 -29.89 -71.40
CA ASP D 1147 -21.21 -30.65 -71.33
C ASP D 1147 -22.24 -29.87 -70.51
N PRO D 1148 -23.47 -29.70 -71.02
CA PRO D 1148 -24.45 -28.93 -70.27
C PRO D 1148 -24.69 -29.49 -68.88
N GLN D 1149 -24.56 -30.81 -68.71
CA GLN D 1149 -24.66 -31.39 -67.38
C GLN D 1149 -23.68 -30.69 -66.43
N GLU D 1150 -22.46 -30.46 -66.91
CA GLU D 1150 -21.49 -29.74 -66.09
C GLU D 1150 -21.95 -28.32 -65.80
N ARG D 1151 -22.52 -27.66 -66.81
CA ARG D 1151 -22.97 -26.29 -66.61
C ARG D 1151 -24.05 -26.22 -65.54
N LEU D 1152 -25.11 -27.01 -65.69
CA LEU D 1152 -26.23 -26.91 -64.77
C LEU D 1152 -25.82 -27.29 -63.34
N PHE D 1153 -25.04 -28.36 -63.20
CA PHE D 1153 -24.63 -28.78 -61.86
C PHE D 1153 -23.77 -27.71 -61.19
N LEU D 1154 -22.88 -27.07 -61.95
CA LEU D 1154 -22.04 -26.03 -61.37
C LEU D 1154 -22.89 -24.90 -60.83
N GLN D 1155 -23.87 -24.45 -61.61
CA GLN D 1155 -24.78 -23.42 -61.11
C GLN D 1155 -25.55 -23.92 -59.90
N CYS D 1156 -26.02 -25.17 -59.94
CA CYS D 1156 -26.81 -25.71 -58.84
C CYS D 1156 -25.99 -25.74 -57.57
N VAL D 1157 -24.71 -26.10 -57.66
CA VAL D 1157 -23.88 -26.11 -56.46
C VAL D 1157 -23.77 -24.71 -55.88
N TYR D 1158 -23.47 -23.72 -56.73
CA TYR D 1158 -23.28 -22.37 -56.21
C TYR D 1158 -24.57 -21.85 -55.60
N GLU D 1159 -25.70 -22.10 -56.25
CA GLU D 1159 -26.97 -21.73 -55.64
C GLU D 1159 -27.10 -22.39 -54.27
N THR D 1160 -26.64 -23.64 -54.16
CA THR D 1160 -26.73 -24.35 -52.89
C THR D 1160 -25.89 -23.68 -51.81
N ILE D 1161 -24.65 -23.32 -52.14
CA ILE D 1161 -23.78 -22.70 -51.14
C ILE D 1161 -24.38 -21.39 -50.67
N GLU D 1162 -24.88 -20.57 -51.60
CA GLU D 1162 -25.57 -19.34 -51.20
C GLU D 1162 -26.80 -19.66 -50.39
N ASP D 1163 -27.56 -20.66 -50.83
CA ASP D 1163 -28.77 -21.06 -50.12
C ASP D 1163 -28.44 -21.59 -48.73
N ALA D 1164 -27.28 -22.22 -48.60
CA ALA D 1164 -26.82 -22.71 -47.30
C ALA D 1164 -26.50 -21.59 -46.33
N GLY D 1165 -26.21 -20.39 -46.83
CA GLY D 1165 -25.74 -19.31 -45.98
C GLY D 1165 -24.24 -19.25 -45.80
N TYR D 1166 -23.48 -19.88 -46.69
CA TYR D 1166 -22.02 -19.92 -46.61
C TYR D 1166 -21.45 -19.44 -47.94
N THR D 1167 -20.28 -18.83 -47.86
CA THR D 1167 -19.57 -18.33 -49.03
C THR D 1167 -18.41 -19.24 -49.40
N ARG D 1168 -18.04 -19.24 -50.68
CA ARG D 1168 -17.03 -20.19 -51.14
C ARG D 1168 -15.74 -20.02 -50.35
N GLU D 1169 -15.44 -18.82 -49.89
CA GLU D 1169 -14.21 -18.58 -49.16
C GLU D 1169 -14.38 -18.76 -47.66
N THR D 1170 -15.55 -19.19 -47.20
CA THR D 1170 -15.76 -19.37 -45.77
C THR D 1170 -16.51 -20.65 -45.44
N LEU D 1171 -16.82 -21.49 -46.43
CA LEU D 1171 -17.59 -22.70 -46.21
C LEU D 1171 -16.62 -23.80 -45.78
N GLY D 1172 -16.65 -24.13 -44.49
CA GLY D 1172 -15.64 -25.03 -43.97
C GLY D 1172 -14.25 -24.54 -44.24
N LYS D 1173 -14.06 -23.23 -44.38
CA LYS D 1173 -12.76 -22.65 -44.69
C LYS D 1173 -11.79 -22.75 -43.52
N HIS D 1174 -12.14 -23.47 -42.45
CA HIS D 1174 -11.25 -23.64 -41.31
C HIS D 1174 -10.14 -24.63 -41.67
N GLU D 1175 -9.43 -24.27 -42.74
CA GLU D 1175 -8.24 -24.98 -43.16
C GLU D 1175 -7.08 -24.06 -43.48
N GLY D 1176 -7.33 -22.80 -43.81
CA GLY D 1176 -6.28 -21.85 -44.10
C GLY D 1176 -5.86 -21.79 -45.56
N LEU D 1177 -6.37 -22.69 -46.41
CA LEU D 1177 -5.97 -22.70 -47.81
C LEU D 1177 -7.12 -22.97 -48.76
N GLY D 1178 -8.37 -22.96 -48.30
CA GLY D 1178 -9.50 -23.17 -49.19
C GLY D 1178 -10.63 -23.96 -48.57
N GLY D 1179 -10.34 -24.70 -47.52
CA GLY D 1179 -11.36 -25.49 -46.84
C GLY D 1179 -11.34 -26.93 -47.33
N ASN D 1180 -11.72 -27.85 -46.45
CA ASN D 1180 -11.75 -29.28 -46.75
C ASN D 1180 -13.20 -29.67 -46.99
N VAL D 1181 -13.58 -29.75 -48.27
CA VAL D 1181 -14.95 -30.02 -48.66
C VAL D 1181 -14.95 -31.18 -49.65
N GLY D 1182 -15.75 -32.21 -49.36
CA GLY D 1182 -15.89 -33.32 -50.27
C GLY D 1182 -17.00 -33.10 -51.28
N VAL D 1183 -16.83 -33.68 -52.47
CA VAL D 1183 -17.79 -33.56 -53.55
C VAL D 1183 -18.06 -34.95 -54.11
N TYR D 1184 -19.33 -35.27 -54.31
CA TYR D 1184 -19.76 -36.49 -55.01
C TYR D 1184 -20.92 -36.16 -55.92
N VAL D 1185 -20.91 -36.71 -57.13
CA VAL D 1185 -21.99 -36.51 -58.08
C VAL D 1185 -22.36 -37.86 -58.68
N GLY D 1186 -23.64 -38.16 -58.74
CA GLY D 1186 -24.11 -39.36 -59.39
C GLY D 1186 -24.63 -39.08 -60.77
N VAL D 1187 -23.99 -39.65 -61.78
CA VAL D 1187 -24.38 -39.47 -63.18
C VAL D 1187 -24.35 -40.82 -63.85
N MET D 1188 -25.31 -41.07 -64.74
CA MET D 1188 -25.38 -42.36 -65.41
C MET D 1188 -24.55 -42.41 -66.69
N TYR D 1189 -24.85 -41.52 -67.64
CA TYR D 1189 -24.15 -41.52 -68.92
C TYR D 1189 -24.17 -40.12 -69.52
N GLU D 1190 -23.20 -39.87 -70.40
CA GLU D 1190 -23.09 -38.61 -71.11
C GLU D 1190 -23.38 -38.86 -72.59
N GLU D 1191 -24.31 -38.07 -73.13
CA GLU D 1191 -24.81 -38.22 -74.50
C GLU D 1191 -24.61 -36.93 -75.29
N TYR D 1192 -23.65 -36.11 -74.88
CA TYR D 1192 -23.34 -34.87 -75.57
C TYR D 1192 -22.23 -35.04 -76.60
N GLN D 1193 -21.36 -36.04 -76.42
CA GLN D 1193 -20.33 -36.31 -77.41
C GLN D 1193 -20.86 -37.03 -78.63
N LEU D 1194 -22.05 -37.62 -78.55
CA LEU D 1194 -22.60 -38.34 -79.69
C LEU D 1194 -22.79 -37.41 -80.88
N TYR D 1195 -23.03 -36.12 -80.62
CA TYR D 1195 -23.11 -35.15 -81.70
C TYR D 1195 -21.78 -35.01 -82.41
N ALA D 1196 -20.68 -35.08 -81.66
CA ALA D 1196 -19.37 -35.10 -82.29
C ALA D 1196 -19.23 -36.32 -83.20
N SER D 1197 -19.69 -37.48 -82.74
CA SER D 1197 -19.60 -38.70 -83.54
C SER D 1197 -20.40 -38.56 -84.83
N ALA D 1198 -21.62 -38.04 -84.74
CA ALA D 1198 -22.43 -37.86 -85.94
C ALA D 1198 -21.76 -36.90 -86.91
N GLU D 1199 -21.20 -35.81 -86.40
CA GLU D 1199 -20.48 -34.88 -87.26
C GLU D 1199 -19.31 -35.57 -87.94
N GLN D 1200 -18.54 -36.35 -87.20
CA GLN D 1200 -17.39 -37.04 -87.79
C GLN D 1200 -17.85 -38.02 -88.86
N ALA D 1201 -18.93 -38.75 -88.61
CA ALA D 1201 -19.46 -39.67 -89.61
C ALA D 1201 -19.86 -38.92 -90.88
N LEU D 1202 -20.50 -37.76 -90.72
CA LEU D 1202 -20.90 -36.97 -91.87
C LEU D 1202 -19.74 -36.22 -92.49
N GLY D 1203 -18.64 -36.01 -91.75
CA GLY D 1203 -17.51 -35.28 -92.27
C GLY D 1203 -16.98 -34.26 -91.28
N ARG D 1204 -16.48 -33.14 -91.78
CA ARG D 1204 -15.98 -32.05 -90.92
C ARG D 1204 -15.03 -32.66 -89.89
N ALA D 1205 -14.91 -32.01 -88.73
CA ALA D 1205 -14.12 -32.55 -87.64
C ALA D 1205 -14.51 -31.89 -86.32
N LEU D 1206 -14.86 -32.69 -85.31
CA LEU D 1206 -15.26 -32.17 -84.02
C LEU D 1206 -15.04 -33.25 -82.97
N ALA D 1207 -14.55 -32.85 -81.79
CA ALA D 1207 -14.14 -33.81 -80.75
C ALA D 1207 -14.60 -33.30 -79.39
N ILE D 1208 -15.77 -33.76 -78.96
CA ILE D 1208 -16.24 -33.52 -77.59
C ILE D 1208 -15.97 -34.77 -76.77
N ALA D 1209 -15.42 -34.58 -75.58
CA ALA D 1209 -15.05 -35.68 -74.70
C ALA D 1209 -16.10 -35.84 -73.61
N GLY D 1210 -16.12 -37.04 -73.03
CA GLY D 1210 -17.05 -37.35 -71.95
C GLY D 1210 -16.39 -37.20 -70.60
N SER D 1211 -15.98 -38.31 -69.99
CA SER D 1211 -15.24 -38.22 -68.74
C SER D 1211 -16.09 -37.48 -67.71
N PRO D 1212 -17.17 -38.09 -67.24
CA PRO D 1212 -18.09 -37.37 -66.36
C PRO D 1212 -17.42 -36.82 -65.12
N ALA D 1213 -16.20 -37.25 -64.82
CA ALA D 1213 -15.54 -36.72 -63.63
C ALA D 1213 -15.37 -35.22 -63.75
N SER D 1214 -15.41 -34.69 -64.97
CA SER D 1214 -15.37 -33.24 -65.12
C SER D 1214 -16.53 -32.59 -64.40
N ILE D 1215 -17.63 -33.32 -64.21
CA ILE D 1215 -18.81 -32.73 -63.59
C ILE D 1215 -18.51 -32.26 -62.18
N ALA D 1216 -17.81 -33.06 -61.40
CA ALA D 1216 -17.45 -32.63 -60.05
C ALA D 1216 -16.13 -31.89 -60.01
N ASN D 1217 -15.18 -32.27 -60.86
CA ASN D 1217 -13.87 -31.63 -60.82
C ASN D 1217 -13.97 -30.13 -61.12
N ARG D 1218 -14.77 -29.76 -62.12
CA ARG D 1218 -14.92 -28.35 -62.43
C ARG D 1218 -15.47 -27.60 -61.23
N VAL D 1219 -16.40 -28.21 -60.51
CA VAL D 1219 -16.93 -27.59 -59.29
C VAL D 1219 -15.81 -27.41 -58.27
N SER D 1220 -15.01 -28.44 -58.08
CA SER D 1220 -13.89 -28.32 -57.15
C SER D 1220 -12.90 -27.28 -57.64
N TYR D 1221 -12.63 -27.26 -58.95
CA TYR D 1221 -11.66 -26.32 -59.47
C TYR D 1221 -12.12 -24.89 -59.25
N PHE D 1222 -13.38 -24.60 -59.58
CA PHE D 1222 -13.86 -23.23 -59.44
C PHE D 1222 -13.94 -22.80 -57.98
N CYS D 1223 -14.48 -23.64 -57.12
CA CYS D 1223 -14.69 -23.27 -55.73
C CYS D 1223 -13.46 -23.50 -54.86
N ASN D 1224 -12.44 -24.17 -55.38
CA ASN D 1224 -11.20 -24.39 -54.64
C ASN D 1224 -11.48 -25.16 -53.34
N PHE D 1225 -11.92 -26.41 -53.52
CA PHE D 1225 -12.12 -27.34 -52.42
C PHE D 1225 -10.98 -28.35 -52.39
N HIS D 1226 -10.61 -28.77 -51.19
CA HIS D 1226 -9.52 -29.73 -51.02
C HIS D 1226 -10.01 -31.10 -50.56
N GLY D 1227 -11.27 -31.44 -50.82
CA GLY D 1227 -11.77 -32.75 -50.46
C GLY D 1227 -11.84 -33.67 -51.67
N PRO D 1228 -12.12 -34.95 -51.42
CA PRO D 1228 -12.25 -35.90 -52.53
C PRO D 1228 -13.37 -35.50 -53.46
N SER D 1229 -13.20 -35.80 -54.75
CA SER D 1229 -14.17 -35.42 -55.78
C SER D 1229 -14.25 -36.57 -56.78
N MET D 1230 -15.41 -37.19 -56.88
CA MET D 1230 -15.61 -38.35 -57.74
C MET D 1230 -16.97 -38.25 -58.43
N ALA D 1231 -17.23 -39.19 -59.32
CA ALA D 1231 -18.54 -39.35 -59.95
C ALA D 1231 -18.95 -40.82 -59.89
N VAL D 1232 -19.67 -41.21 -58.84
CA VAL D 1232 -20.12 -42.60 -58.69
C VAL D 1232 -21.17 -42.87 -59.75
N ASP D 1233 -21.53 -44.13 -59.94
CA ASP D 1233 -22.51 -44.47 -60.96
C ASP D 1233 -23.18 -45.79 -60.57
N THR D 1234 -24.43 -45.69 -60.13
CA THR D 1234 -25.30 -46.85 -60.00
C THR D 1234 -26.63 -46.52 -60.64
N MET D 1235 -27.09 -47.42 -61.53
CA MET D 1235 -28.28 -47.13 -62.30
C MET D 1235 -29.41 -46.74 -61.38
N CYS D 1236 -30.04 -45.60 -61.66
CA CYS D 1236 -31.26 -45.14 -61.00
C CYS D 1236 -31.12 -45.07 -59.48
N SER D 1237 -29.91 -45.24 -58.94
CA SER D 1237 -29.69 -45.13 -57.50
C SER D 1237 -28.40 -44.41 -57.20
N SER D 1238 -27.84 -43.68 -58.17
CA SER D 1238 -26.58 -42.99 -57.95
C SER D 1238 -26.72 -41.95 -56.86
N SER D 1239 -27.82 -41.19 -56.89
CA SER D 1239 -27.94 -40.06 -56.00
C SER D 1239 -27.86 -40.50 -54.56
N LEU D 1240 -28.56 -41.58 -54.20
CA LEU D 1240 -28.47 -42.10 -52.85
C LEU D 1240 -27.09 -42.70 -52.56
N THR D 1241 -26.50 -43.39 -53.53
CA THR D 1241 -25.16 -43.92 -53.29
C THR D 1241 -24.19 -42.82 -52.94
N GLY D 1242 -24.18 -41.74 -53.70
CA GLY D 1242 -23.28 -40.64 -53.37
C GLY D 1242 -23.57 -40.09 -52.00
N ILE D 1243 -24.86 -40.02 -51.65
CA ILE D 1243 -25.22 -39.54 -50.32
C ILE D 1243 -24.64 -40.47 -49.27
N HIS D 1244 -24.74 -41.78 -49.49
CA HIS D 1244 -24.19 -42.73 -48.54
C HIS D 1244 -22.69 -42.58 -48.41
N LEU D 1245 -21.98 -42.53 -49.53
CA LEU D 1245 -20.53 -42.44 -49.45
C LEU D 1245 -20.11 -41.17 -48.73
N ALA D 1246 -20.74 -40.05 -49.08
CA ALA D 1246 -20.42 -38.83 -48.37
C ALA D 1246 -20.71 -38.99 -46.89
N CYS D 1247 -21.81 -39.66 -46.55
CA CYS D 1247 -22.17 -39.84 -45.16
C CYS D 1247 -21.05 -40.49 -44.39
N HIS D 1248 -20.37 -41.47 -44.98
CA HIS D 1248 -19.31 -42.15 -44.27
C HIS D 1248 -18.03 -41.33 -44.24
N SER D 1249 -17.79 -40.56 -45.30
CA SER D 1249 -16.58 -39.73 -45.31
C SER D 1249 -16.59 -38.75 -44.15
N LEU D 1250 -17.74 -38.14 -43.86
CA LEU D 1250 -17.83 -37.26 -42.70
C LEU D 1250 -17.60 -38.04 -41.41
N GLN D 1251 -18.15 -39.24 -41.30
CA GLN D 1251 -17.94 -40.03 -40.09
C GLN D 1251 -16.46 -40.36 -39.91
N ARG D 1252 -15.77 -40.73 -40.99
CA ARG D 1252 -14.35 -41.01 -40.88
C ARG D 1252 -13.53 -39.74 -40.68
N GLY D 1253 -14.10 -38.57 -40.90
CA GLY D 1253 -13.41 -37.33 -40.69
C GLY D 1253 -12.57 -36.85 -41.85
N GLU D 1254 -12.58 -37.57 -42.96
CA GLU D 1254 -11.79 -37.13 -44.12
C GLU D 1254 -12.21 -35.76 -44.59
N CYS D 1255 -13.47 -35.38 -44.36
CA CYS D 1255 -13.99 -34.10 -44.77
C CYS D 1255 -14.68 -33.44 -43.59
N GLU D 1256 -14.72 -32.11 -43.59
CA GLU D 1256 -15.57 -31.38 -42.66
C GLU D 1256 -16.96 -31.10 -43.24
N VAL D 1257 -17.05 -30.96 -44.56
CA VAL D 1257 -18.32 -30.66 -45.23
C VAL D 1257 -18.38 -31.42 -46.54
N ALA D 1258 -19.59 -31.73 -46.99
CA ALA D 1258 -19.80 -32.58 -48.16
C ALA D 1258 -20.89 -32.00 -49.04
N ILE D 1259 -20.88 -32.40 -50.31
CA ILE D 1259 -21.84 -31.94 -51.30
C ILE D 1259 -22.24 -33.11 -52.19
N ALA D 1260 -23.42 -33.65 -51.99
CA ALA D 1260 -23.91 -34.81 -52.71
C ALA D 1260 -25.10 -34.43 -53.59
N GLY D 1261 -25.39 -35.27 -54.59
CA GLY D 1261 -26.45 -34.94 -55.51
C GLY D 1261 -26.48 -35.89 -56.70
N GLY D 1262 -27.09 -35.42 -57.77
CA GLY D 1262 -27.17 -36.16 -59.02
C GLY D 1262 -27.52 -35.22 -60.15
N VAL D 1263 -27.44 -35.74 -61.38
CA VAL D 1263 -27.81 -34.93 -62.55
C VAL D 1263 -28.17 -35.86 -63.70
N ASN D 1264 -29.11 -35.42 -64.54
CA ASN D 1264 -29.51 -36.15 -65.73
C ASN D 1264 -30.25 -35.19 -66.67
N VAL D 1265 -29.97 -35.32 -67.96
CA VAL D 1265 -30.62 -34.52 -68.99
C VAL D 1265 -30.68 -35.33 -70.28
N SER D 1266 -31.77 -35.17 -71.03
CA SER D 1266 -31.98 -35.88 -72.30
C SER D 1266 -31.86 -34.89 -73.44
N ILE D 1267 -30.87 -35.10 -74.31
CA ILE D 1267 -30.64 -34.23 -75.46
C ILE D 1267 -30.40 -34.99 -76.76
N HIS D 1268 -30.44 -36.32 -76.73
CA HIS D 1268 -30.21 -37.12 -77.94
C HIS D 1268 -31.27 -38.19 -78.05
N PRO D 1269 -31.76 -38.47 -79.26
CA PRO D 1269 -32.85 -39.46 -79.39
C PRO D 1269 -32.46 -40.87 -78.97
N ASN D 1270 -31.17 -41.22 -78.97
CA ASN D 1270 -30.77 -42.59 -78.67
C ASN D 1270 -31.36 -43.07 -77.35
N LYS D 1271 -31.47 -42.18 -76.37
CA LYS D 1271 -32.10 -42.56 -75.12
C LYS D 1271 -33.49 -43.11 -75.37
N TYR D 1272 -34.28 -42.41 -76.19
CA TYR D 1272 -35.62 -42.89 -76.50
C TYR D 1272 -35.56 -44.16 -77.36
N LEU D 1273 -34.53 -44.32 -78.18
CA LEU D 1273 -34.43 -45.52 -78.99
C LEU D 1273 -34.15 -46.75 -78.14
N TYR D 1274 -33.15 -46.67 -77.26
CA TYR D 1274 -32.80 -47.84 -76.43
C TYR D 1274 -33.91 -48.15 -75.43
N LEU D 1275 -34.54 -47.12 -74.88
CA LEU D 1275 -35.59 -47.34 -73.89
C LEU D 1275 -36.77 -48.11 -74.46
N SER D 1276 -36.93 -48.13 -75.78
CA SER D 1276 -38.00 -48.90 -76.41
C SER D 1276 -37.52 -50.24 -76.93
N GLN D 1277 -36.32 -50.28 -77.52
CA GLN D 1277 -35.76 -51.57 -77.92
C GLN D 1277 -35.81 -52.54 -76.76
N GLY D 1278 -35.39 -52.09 -75.58
CA GLY D 1278 -35.77 -52.77 -74.35
C GLY D 1278 -37.15 -52.31 -73.91
N LYS D 1279 -37.92 -53.25 -73.35
CA LYS D 1279 -39.31 -52.97 -73.02
C LYS D 1279 -39.43 -52.31 -71.65
N PHE D 1280 -38.72 -51.20 -71.46
CA PHE D 1280 -38.75 -50.47 -70.21
C PHE D 1280 -39.61 -49.20 -70.26
N ALA D 1281 -40.19 -48.90 -71.42
CA ALA D 1281 -41.02 -47.71 -71.55
C ALA D 1281 -42.44 -48.00 -71.05
N SER D 1282 -43.31 -47.00 -71.16
CA SER D 1282 -44.64 -47.05 -70.58
C SER D 1282 -45.73 -46.80 -71.60
N SER D 1283 -45.72 -47.56 -72.71
CA SER D 1283 -46.63 -47.35 -73.83
C SER D 1283 -46.91 -45.87 -74.05
N LYS D 1284 -48.18 -45.51 -74.23
CA LYS D 1284 -48.57 -44.12 -74.43
C LYS D 1284 -49.05 -43.46 -73.15
N GLY D 1285 -48.93 -44.15 -72.01
CA GLY D 1285 -49.40 -43.58 -70.76
C GLY D 1285 -48.71 -42.26 -70.45
N ARG D 1286 -49.44 -41.39 -69.75
CA ARG D 1286 -48.91 -40.06 -69.46
C ARG D 1286 -47.60 -40.14 -68.69
N CYS D 1287 -47.57 -40.91 -67.61
CA CYS D 1287 -46.45 -40.91 -66.66
C CYS D 1287 -46.54 -42.17 -65.82
N GLU D 1288 -45.65 -42.26 -64.83
CA GLU D 1288 -45.63 -43.40 -63.94
C GLU D 1288 -46.94 -43.50 -63.17
N SER D 1289 -47.57 -44.66 -63.26
CA SER D 1289 -48.77 -44.97 -62.49
C SER D 1289 -48.34 -45.97 -61.44
N PHE D 1290 -48.26 -45.52 -60.19
CA PHE D 1290 -47.81 -46.41 -59.13
C PHE D 1290 -48.56 -47.73 -59.16
N GLY D 1291 -49.80 -47.74 -59.65
CA GLY D 1291 -50.57 -48.95 -59.72
C GLY D 1291 -51.60 -48.86 -60.85
N GLU D 1292 -52.51 -49.84 -60.85
CA GLU D 1292 -53.58 -49.91 -61.84
C GLU D 1292 -53.02 -50.00 -63.26
N GLY D 1293 -52.41 -51.15 -63.53
CA GLY D 1293 -51.96 -51.47 -64.88
C GLY D 1293 -50.91 -50.54 -65.43
N GLY D 1294 -49.94 -50.14 -64.61
CA GLY D 1294 -48.79 -49.42 -65.11
C GLY D 1294 -47.78 -50.38 -65.71
N ASP D 1295 -47.25 -50.03 -66.87
CA ASP D 1295 -46.35 -50.91 -67.61
C ASP D 1295 -45.14 -50.14 -68.10
N GLY D 1296 -44.53 -49.35 -67.24
CA GLY D 1296 -43.29 -48.67 -67.60
C GLY D 1296 -43.12 -47.38 -66.82
N TYR D 1297 -42.09 -46.64 -67.23
CA TYR D 1297 -41.77 -45.33 -66.68
C TYR D 1297 -41.52 -44.35 -67.82
N VAL D 1298 -41.62 -43.07 -67.52
CA VAL D 1298 -41.37 -41.98 -68.45
C VAL D 1298 -40.03 -41.34 -68.09
N PRO D 1299 -39.03 -41.38 -68.96
CA PRO D 1299 -37.75 -40.76 -68.62
C PRO D 1299 -37.87 -39.26 -68.43
N GLY D 1300 -37.04 -38.72 -67.55
CA GLY D 1300 -37.15 -37.32 -67.18
C GLY D 1300 -35.82 -36.71 -66.83
N GLU D 1301 -35.74 -35.40 -66.96
CA GLU D 1301 -34.56 -34.64 -66.62
C GLU D 1301 -34.66 -34.09 -65.19
N GLY D 1302 -33.52 -33.70 -64.64
CA GLY D 1302 -33.50 -33.07 -63.33
C GLY D 1302 -32.09 -32.96 -62.79
N VAL D 1303 -31.77 -31.81 -62.19
CA VAL D 1303 -30.46 -31.58 -61.59
C VAL D 1303 -30.68 -31.11 -60.16
N GLY D 1304 -29.93 -31.69 -59.22
CA GLY D 1304 -30.17 -31.42 -57.83
C GLY D 1304 -28.94 -31.67 -56.99
N ALA D 1305 -28.96 -31.12 -55.78
CA ALA D 1305 -27.79 -31.19 -54.89
C ALA D 1305 -28.26 -31.09 -53.45
N VAL D 1306 -27.34 -31.33 -52.52
CA VAL D 1306 -27.61 -31.11 -51.11
C VAL D 1306 -26.30 -31.01 -50.33
N LEU D 1307 -26.19 -29.97 -49.52
CA LEU D 1307 -25.04 -29.77 -48.65
C LEU D 1307 -25.23 -30.66 -47.42
N LEU D 1308 -24.15 -31.18 -46.88
CA LEU D 1308 -24.22 -32.06 -45.73
C LEU D 1308 -23.16 -31.65 -44.71
N LYS D 1309 -23.46 -31.84 -43.44
CA LYS D 1309 -22.53 -31.48 -42.37
C LYS D 1309 -22.85 -32.33 -41.15
N PRO D 1310 -21.88 -32.60 -40.28
CA PRO D 1310 -22.20 -33.25 -39.01
C PRO D 1310 -23.14 -32.40 -38.17
N LEU D 1311 -24.03 -33.06 -37.44
CA LEU D 1311 -25.11 -32.32 -36.79
C LEU D 1311 -24.56 -31.31 -35.80
N ALA D 1312 -23.61 -31.73 -34.95
CA ALA D 1312 -23.14 -30.83 -33.91
C ALA D 1312 -22.55 -29.57 -34.51
N ARG D 1313 -21.73 -29.71 -35.54
CA ARG D 1313 -21.10 -28.55 -36.15
C ARG D 1313 -22.14 -27.61 -36.77
N ALA D 1314 -23.18 -28.18 -37.39
CA ALA D 1314 -24.22 -27.33 -37.92
C ALA D 1314 -24.88 -26.50 -36.83
N ILE D 1315 -25.18 -27.12 -35.68
CA ILE D 1315 -25.84 -26.40 -34.59
C ILE D 1315 -24.89 -25.35 -34.01
N ALA D 1316 -23.63 -25.73 -33.80
CA ALA D 1316 -22.66 -24.78 -33.26
C ALA D 1316 -22.47 -23.62 -34.23
N ASP D 1317 -22.41 -23.89 -35.53
CA ASP D 1317 -22.49 -22.80 -36.50
C ASP D 1317 -23.88 -22.19 -36.56
N GLY D 1318 -24.91 -22.92 -36.13
CA GLY D 1318 -26.27 -22.43 -36.08
C GLY D 1318 -27.04 -22.45 -37.39
N ASP D 1319 -26.47 -23.00 -38.46
CA ASP D 1319 -27.09 -23.00 -39.79
C ASP D 1319 -28.40 -23.75 -39.76
N HIS D 1320 -29.35 -23.28 -40.56
CA HIS D 1320 -30.68 -23.87 -40.59
C HIS D 1320 -30.61 -25.31 -41.10
N ILE D 1321 -31.43 -26.19 -40.52
CA ILE D 1321 -31.33 -27.63 -40.76
C ILE D 1321 -32.64 -28.13 -41.37
N TYR D 1322 -32.60 -28.53 -42.64
CA TYR D 1322 -33.79 -29.08 -43.27
C TYR D 1322 -34.16 -30.44 -42.68
N GLY D 1323 -33.20 -31.36 -42.61
CA GLY D 1323 -33.43 -32.65 -41.98
C GLY D 1323 -32.13 -33.29 -41.54
N VAL D 1324 -32.25 -34.43 -40.86
CA VAL D 1324 -31.10 -35.14 -40.33
C VAL D 1324 -31.08 -36.56 -40.90
N ILE D 1325 -29.97 -36.93 -41.52
CA ILE D 1325 -29.84 -38.23 -42.18
C ILE D 1325 -29.38 -39.21 -41.11
N LYS D 1326 -30.30 -40.02 -40.61
CA LYS D 1326 -29.98 -40.89 -39.49
C LYS D 1326 -29.12 -42.07 -39.92
N GLY D 1327 -29.45 -42.70 -41.04
CA GLY D 1327 -28.73 -43.90 -41.45
C GLY D 1327 -28.90 -44.16 -42.93
N SER D 1328 -28.03 -45.03 -43.45
CA SER D 1328 -28.02 -45.33 -44.87
C SER D 1328 -27.48 -46.74 -45.09
N ALA D 1329 -27.82 -47.31 -46.23
CA ALA D 1329 -27.30 -48.61 -46.60
C ALA D 1329 -27.47 -48.81 -48.10
N ILE D 1330 -26.60 -49.66 -48.66
CA ILE D 1330 -26.66 -50.02 -50.06
C ILE D 1330 -26.25 -51.48 -50.19
N ASN D 1331 -26.78 -52.14 -51.20
CA ASN D 1331 -26.33 -53.47 -51.58
C ASN D 1331 -26.94 -53.77 -52.95
N HIS D 1332 -26.83 -55.03 -53.37
CA HIS D 1332 -27.29 -55.46 -54.68
C HIS D 1332 -27.93 -56.83 -54.53
N GLY D 1333 -28.98 -57.07 -55.31
CA GLY D 1333 -29.69 -58.33 -55.24
C GLY D 1333 -28.75 -59.50 -55.47
N GLY D 1334 -28.30 -59.71 -56.70
CA GLY D 1334 -27.52 -60.88 -57.05
C GLY D 1334 -28.17 -61.67 -58.15
N LYS D 1335 -27.94 -62.99 -58.14
CA LYS D 1335 -28.43 -63.84 -59.21
C LYS D 1335 -29.94 -63.97 -59.09
N THR D 1336 -30.65 -63.60 -60.14
CA THR D 1336 -32.10 -63.67 -60.12
C THR D 1336 -32.59 -64.41 -61.36
N ASN D 1337 -33.90 -64.57 -61.49
CA ASN D 1337 -34.48 -65.21 -62.66
C ASN D 1337 -34.50 -64.22 -63.84
N GLY D 1338 -33.30 -63.83 -64.25
CA GLY D 1338 -33.14 -62.93 -65.36
C GLY D 1338 -32.49 -61.62 -64.95
N TYR D 1339 -31.85 -60.96 -65.91
CA TYR D 1339 -31.24 -59.66 -65.69
C TYR D 1339 -32.30 -58.59 -65.58
N THR D 1340 -32.09 -57.63 -64.68
CA THR D 1340 -33.02 -56.53 -64.47
C THR D 1340 -34.34 -57.01 -63.87
N VAL D 1341 -34.24 -57.83 -62.83
CA VAL D 1341 -35.40 -58.32 -62.09
C VAL D 1341 -35.13 -58.12 -60.62
N PRO D 1342 -35.92 -57.31 -59.90
CA PRO D 1342 -35.65 -57.08 -58.49
C PRO D 1342 -35.80 -58.34 -57.66
N ASN D 1343 -35.00 -58.40 -56.61
CA ASN D 1343 -35.01 -59.52 -55.66
C ASN D 1343 -35.59 -59.02 -54.36
N PRO D 1344 -36.76 -59.49 -53.92
CA PRO D 1344 -37.34 -58.96 -52.68
C PRO D 1344 -36.44 -59.10 -51.47
N HIS D 1345 -35.68 -60.18 -51.36
CA HIS D 1345 -34.93 -60.42 -50.12
C HIS D 1345 -33.88 -59.33 -49.90
N SER D 1346 -33.09 -59.03 -50.93
CA SER D 1346 -32.12 -57.96 -50.77
C SER D 1346 -32.82 -56.65 -50.47
N GLN D 1347 -33.93 -56.39 -51.16
CA GLN D 1347 -34.72 -55.21 -50.84
C GLN D 1347 -35.11 -55.24 -49.37
N SER D 1348 -35.35 -56.43 -48.82
CA SER D 1348 -35.55 -56.53 -47.38
C SER D 1348 -34.28 -56.15 -46.62
N ARG D 1349 -33.13 -56.65 -47.06
CA ARG D 1349 -31.94 -56.57 -46.22
C ARG D 1349 -31.36 -55.16 -46.21
N VAL D 1350 -31.29 -54.49 -47.36
CA VAL D 1350 -30.75 -53.14 -47.38
C VAL D 1350 -31.58 -52.26 -46.45
N ILE D 1351 -32.89 -52.37 -46.54
CA ILE D 1351 -33.77 -51.58 -45.68
C ILE D 1351 -33.53 -51.93 -44.23
N ARG D 1352 -33.45 -53.22 -43.93
CA ARG D 1352 -33.30 -53.65 -42.55
C ARG D 1352 -32.06 -53.04 -41.91
N ARG D 1353 -30.92 -53.11 -42.60
CA ARG D 1353 -29.71 -52.51 -42.04
C ARG D 1353 -29.88 -51.00 -41.88
N ALA D 1354 -30.52 -50.37 -42.86
CA ALA D 1354 -30.65 -48.91 -42.84
C ALA D 1354 -31.35 -48.45 -41.57
N PHE D 1355 -32.46 -49.10 -41.22
CA PHE D 1355 -33.14 -48.74 -39.98
C PHE D 1355 -32.26 -49.03 -38.77
N GLU D 1356 -31.45 -50.09 -38.84
CA GLU D 1356 -30.62 -50.44 -37.68
C GLU D 1356 -29.57 -49.38 -37.40
N GLU D 1357 -28.79 -48.98 -38.42
CA GLU D 1357 -27.74 -48.01 -38.15
C GLU D 1357 -28.32 -46.70 -37.66
N ALA D 1358 -29.49 -46.33 -38.16
CA ALA D 1358 -30.22 -45.20 -37.61
C ALA D 1358 -30.83 -45.53 -36.26
N GLY D 1359 -30.92 -46.80 -35.92
CA GLY D 1359 -31.56 -47.20 -34.68
C GLY D 1359 -33.00 -46.75 -34.68
N ILE D 1360 -33.68 -46.94 -35.81
CA ILE D 1360 -35.05 -46.48 -36.00
C ILE D 1360 -35.95 -47.70 -36.00
N HIS D 1361 -36.98 -47.68 -35.16
CA HIS D 1361 -37.96 -48.74 -35.17
C HIS D 1361 -39.02 -48.46 -36.23
N PRO D 1362 -39.36 -49.43 -37.08
CA PRO D 1362 -40.24 -49.14 -38.21
C PRO D 1362 -41.57 -48.56 -37.80
N ARG D 1363 -42.07 -48.93 -36.63
CA ARG D 1363 -43.39 -48.47 -36.20
C ARG D 1363 -43.47 -46.96 -36.19
N THR D 1364 -42.35 -46.27 -35.98
CA THR D 1364 -42.37 -44.80 -35.95
C THR D 1364 -42.43 -44.17 -37.33
N VAL D 1365 -42.22 -44.94 -38.40
CA VAL D 1365 -42.17 -44.36 -39.74
C VAL D 1365 -43.55 -43.92 -40.20
N SER D 1366 -43.57 -42.80 -40.91
CA SER D 1366 -44.82 -42.21 -41.35
C SER D 1366 -44.96 -42.13 -42.86
N TYR D 1367 -43.90 -41.84 -43.58
CA TYR D 1367 -43.99 -41.71 -45.03
C TYR D 1367 -42.76 -42.36 -45.63
N ILE D 1368 -42.96 -43.18 -46.65
CA ILE D 1368 -41.87 -43.84 -47.35
C ILE D 1368 -42.06 -43.62 -48.84
N GLU D 1369 -41.07 -43.04 -49.48
CA GLU D 1369 -41.15 -42.78 -50.91
C GLU D 1369 -40.54 -43.96 -51.64
N ALA D 1370 -41.32 -44.58 -52.52
CA ALA D 1370 -40.95 -45.84 -53.13
C ALA D 1370 -40.36 -45.64 -54.51
N HIS D 1371 -39.63 -46.65 -54.99
CA HIS D 1371 -39.05 -46.57 -56.32
C HIS D 1371 -40.10 -46.36 -57.40
N GLY D 1372 -41.30 -46.88 -57.22
CA GLY D 1372 -42.38 -46.59 -58.16
C GLY D 1372 -42.02 -47.04 -59.56
N THR D 1373 -41.89 -46.07 -60.47
CA THR D 1373 -41.50 -46.20 -61.87
C THR D 1373 -42.64 -46.71 -62.76
N GLY D 1374 -43.82 -47.01 -62.24
CA GLY D 1374 -44.94 -47.42 -63.07
C GLY D 1374 -44.74 -48.71 -63.83
N THR D 1375 -43.75 -49.52 -63.45
CA THR D 1375 -43.54 -50.83 -64.08
C THR D 1375 -44.44 -51.88 -63.44
N SER D 1376 -44.86 -52.84 -64.26
CA SER D 1376 -45.78 -53.87 -63.77
C SER D 1376 -45.11 -54.76 -62.72
N LEU D 1377 -43.85 -55.15 -62.95
CA LEU D 1377 -43.17 -56.15 -62.13
C LEU D 1377 -42.14 -55.50 -61.21
N GLY D 1378 -42.41 -54.26 -60.80
CA GLY D 1378 -41.57 -53.59 -59.84
C GLY D 1378 -42.35 -53.14 -58.62
N ASP D 1379 -43.65 -52.91 -58.79
CA ASP D 1379 -44.46 -52.42 -57.68
C ASP D 1379 -44.78 -53.53 -56.68
N PRO D 1380 -45.31 -54.69 -57.07
CA PRO D 1380 -45.65 -55.70 -56.05
C PRO D 1380 -44.45 -56.26 -55.32
N ILE D 1381 -43.34 -56.47 -56.03
CA ILE D 1381 -42.10 -56.90 -55.37
C ILE D 1381 -41.68 -55.86 -54.36
N GLU D 1382 -41.63 -54.60 -54.78
CA GLU D 1382 -41.23 -53.52 -53.90
C GLU D 1382 -42.13 -53.48 -52.67
N ILE D 1383 -43.43 -53.67 -52.87
CA ILE D 1383 -44.33 -53.72 -51.73
C ILE D 1383 -44.02 -54.92 -50.86
N ALA D 1384 -43.73 -56.06 -51.49
CA ALA D 1384 -43.41 -57.25 -50.71
C ALA D 1384 -42.16 -57.03 -49.87
N GLY D 1385 -41.13 -56.42 -50.46
CA GLY D 1385 -39.91 -56.21 -49.72
C GLY D 1385 -40.10 -55.31 -48.53
N LEU D 1386 -40.78 -54.18 -48.75
CA LEU D 1386 -41.09 -53.29 -47.63
C LEU D 1386 -41.97 -54.00 -46.62
N THR D 1387 -42.89 -54.84 -47.09
CA THR D 1387 -43.76 -55.56 -46.19
C THR D 1387 -42.97 -56.47 -45.27
N LYS D 1388 -41.97 -57.18 -45.81
CA LYS D 1388 -41.28 -58.20 -45.03
C LYS D 1388 -40.52 -57.60 -43.85
N THR D 1389 -39.68 -56.60 -44.10
CA THR D 1389 -38.77 -56.09 -43.08
C THR D 1389 -39.48 -55.35 -41.97
N PHE D 1390 -40.70 -54.84 -42.22
CA PHE D 1390 -41.49 -54.16 -41.19
C PHE D 1390 -42.31 -55.12 -40.36
N GLN D 1391 -42.76 -56.22 -40.95
CA GLN D 1391 -43.50 -57.22 -40.19
C GLN D 1391 -42.66 -57.85 -39.11
N GLU D 1392 -41.34 -57.79 -39.25
CA GLU D 1392 -40.47 -58.36 -38.23
C GLU D 1392 -40.71 -57.70 -36.88
N TYR D 1393 -40.98 -56.41 -36.87
CA TYR D 1393 -41.05 -55.64 -35.63
C TYR D 1393 -42.46 -55.24 -35.24
N THR D 1394 -43.35 -54.93 -36.17
CA THR D 1394 -44.73 -54.60 -35.86
C THR D 1394 -45.68 -55.30 -36.82
N LYS D 1395 -46.88 -55.61 -36.35
CA LYS D 1395 -47.91 -56.26 -37.16
C LYS D 1395 -49.07 -55.34 -37.51
N GLU D 1396 -49.05 -54.08 -37.09
CA GLU D 1396 -50.14 -53.17 -37.40
C GLU D 1396 -50.21 -52.91 -38.90
N ASN D 1397 -51.37 -52.43 -39.35
CA ASN D 1397 -51.59 -52.20 -40.77
C ASN D 1397 -52.12 -50.79 -40.98
N GLN D 1398 -51.94 -50.30 -42.19
CA GLN D 1398 -52.54 -49.04 -42.65
C GLN D 1398 -52.24 -47.90 -41.67
N PHE D 1399 -50.96 -47.68 -41.43
CA PHE D 1399 -50.50 -46.61 -40.57
C PHE D 1399 -49.51 -45.68 -41.23
N CYS D 1400 -48.87 -46.10 -42.33
CA CYS D 1400 -47.79 -45.37 -42.95
C CYS D 1400 -48.14 -45.10 -44.40
N ALA D 1401 -47.59 -44.02 -44.93
CA ALA D 1401 -47.98 -43.51 -46.24
C ALA D 1401 -46.90 -43.79 -47.25
N ILE D 1402 -47.32 -43.93 -48.51
CA ILE D 1402 -46.41 -44.22 -49.62
C ILE D 1402 -46.82 -43.38 -50.84
N GLY D 1403 -45.83 -42.77 -51.48
CA GLY D 1403 -46.05 -42.06 -52.72
C GLY D 1403 -44.72 -41.76 -53.36
N SER D 1404 -44.76 -41.18 -54.56
CA SER D 1404 -43.54 -40.94 -55.30
C SER D 1404 -43.65 -39.68 -56.15
N ALA D 1405 -42.55 -38.94 -56.24
CA ALA D 1405 -42.48 -37.75 -57.08
C ALA D 1405 -42.34 -38.09 -58.56
N LYS D 1406 -41.95 -39.32 -58.88
CA LYS D 1406 -41.82 -39.69 -60.28
C LYS D 1406 -43.14 -39.50 -61.00
N SER D 1407 -44.24 -39.80 -60.32
CA SER D 1407 -45.55 -39.50 -60.88
C SER D 1407 -45.71 -38.00 -61.14
N ASN D 1408 -44.91 -37.16 -60.48
CA ASN D 1408 -44.92 -35.73 -60.75
C ASN D 1408 -43.90 -35.34 -61.83
N ILE D 1409 -42.63 -35.69 -61.65
CA ILE D 1409 -41.55 -35.23 -62.51
C ILE D 1409 -40.98 -36.32 -63.39
N GLY D 1410 -41.61 -37.50 -63.43
CA GLY D 1410 -41.15 -38.53 -64.35
C GLY D 1410 -40.11 -39.44 -63.74
N HIS D 1411 -39.06 -39.74 -64.49
CA HIS D 1411 -38.03 -40.67 -64.06
C HIS D 1411 -36.67 -40.06 -64.39
N GLY D 1412 -35.94 -39.65 -63.35
CA GLY D 1412 -34.62 -39.04 -63.57
C GLY D 1412 -33.57 -40.04 -63.99
N GLU D 1413 -33.50 -41.18 -63.32
CA GLU D 1413 -32.51 -42.23 -63.46
C GLU D 1413 -31.16 -41.87 -62.84
N SER D 1414 -30.92 -40.61 -62.50
CA SER D 1414 -29.77 -40.26 -61.65
C SER D 1414 -30.09 -39.28 -60.55
N ALA D 1415 -31.04 -38.36 -60.75
CA ALA D 1415 -31.49 -37.48 -59.70
C ALA D 1415 -32.74 -37.99 -59.02
N ALA D 1416 -33.20 -39.19 -59.39
CA ALA D 1416 -34.35 -39.78 -58.73
C ALA D 1416 -34.11 -39.88 -57.24
N GLY D 1417 -32.88 -40.12 -56.83
CA GLY D 1417 -32.58 -40.09 -55.42
C GLY D 1417 -32.71 -38.70 -54.82
N ILE D 1418 -32.12 -37.69 -55.47
CA ILE D 1418 -32.15 -36.36 -54.90
C ILE D 1418 -33.55 -35.77 -54.99
N ALA D 1419 -34.24 -36.00 -56.11
CA ALA D 1419 -35.56 -35.39 -56.26
C ALA D 1419 -36.52 -35.91 -55.22
N GLY D 1420 -36.58 -37.23 -55.04
CA GLY D 1420 -37.36 -37.77 -53.95
C GLY D 1420 -36.85 -37.29 -52.61
N LEU D 1421 -35.53 -37.14 -52.48
CA LEU D 1421 -34.98 -36.61 -51.24
C LEU D 1421 -35.48 -35.20 -50.99
N THR D 1422 -35.54 -34.38 -52.04
CA THR D 1422 -36.08 -33.04 -51.87
C THR D 1422 -37.53 -33.09 -51.41
N LYS D 1423 -38.33 -33.98 -52.02
CA LYS D 1423 -39.75 -34.00 -51.76
C LYS D 1423 -40.03 -34.21 -50.29
N ILE D 1424 -39.30 -35.12 -49.66
CA ILE D 1424 -39.47 -35.30 -48.22
C ILE D 1424 -39.10 -34.02 -47.49
N LEU D 1425 -38.04 -33.34 -47.93
CA LEU D 1425 -37.56 -32.19 -47.19
C LEU D 1425 -38.58 -31.06 -47.18
N LEU D 1426 -39.20 -30.78 -48.33
CA LEU D 1426 -40.24 -29.77 -48.36
C LEU D 1426 -41.41 -30.17 -47.48
N GLN D 1427 -41.91 -31.40 -47.67
CA GLN D 1427 -43.05 -31.86 -46.90
C GLN D 1427 -42.74 -31.83 -45.42
N MET D 1428 -41.49 -32.08 -45.05
CA MET D 1428 -41.13 -31.94 -43.65
C MET D 1428 -41.13 -30.49 -43.21
N LYS D 1429 -40.88 -29.55 -44.13
CA LYS D 1429 -40.84 -28.15 -43.75
C LYS D 1429 -42.24 -27.55 -43.71
N TYR D 1430 -43.02 -27.75 -44.77
CA TYR D 1430 -44.38 -27.22 -44.86
C TYR D 1430 -45.36 -28.04 -44.03
N LYS D 1431 -44.95 -29.22 -43.55
CA LYS D 1431 -45.75 -30.02 -42.63
C LYS D 1431 -47.07 -30.48 -43.25
N ARG D 1432 -47.00 -30.95 -44.50
CA ARG D 1432 -48.20 -31.37 -45.21
C ARG D 1432 -47.85 -32.53 -46.13
N LEU D 1433 -48.52 -33.67 -45.96
CA LEU D 1433 -48.33 -34.77 -46.89
C LEU D 1433 -49.04 -34.45 -48.20
N VAL D 1434 -48.31 -34.62 -49.30
CA VAL D 1434 -48.73 -34.15 -50.62
C VAL D 1434 -49.32 -35.33 -51.38
N PRO D 1435 -50.35 -35.14 -52.21
CA PRO D 1435 -51.00 -36.29 -52.85
C PRO D 1435 -50.10 -37.01 -53.84
N SER D 1436 -50.39 -38.29 -54.05
CA SER D 1436 -49.80 -39.05 -55.14
C SER D 1436 -50.56 -38.72 -56.42
N LEU D 1437 -50.16 -39.36 -57.53
CA LEU D 1437 -50.84 -39.16 -58.81
C LEU D 1437 -51.05 -40.49 -59.50
N HIS D 1438 -52.18 -40.60 -60.19
CA HIS D 1438 -52.55 -41.80 -60.93
C HIS D 1438 -52.65 -43.02 -60.03
N SER D 1439 -52.85 -42.79 -58.73
CA SER D 1439 -53.07 -43.85 -57.76
C SER D 1439 -54.55 -44.00 -57.41
N ARG D 1440 -55.44 -43.68 -58.36
CA ARG D 1440 -56.87 -43.69 -58.04
C ARG D 1440 -57.36 -45.08 -57.69
N THR D 1441 -56.87 -46.11 -58.40
CA THR D 1441 -57.37 -47.47 -58.30
C THR D 1441 -56.42 -48.45 -57.61
N LEU D 1442 -55.11 -48.27 -57.77
CA LEU D 1442 -54.12 -49.19 -57.20
C LEU D 1442 -54.09 -50.47 -58.03
N ASN D 1443 -52.97 -51.17 -58.00
CA ASN D 1443 -52.90 -52.44 -58.70
C ASN D 1443 -53.83 -53.44 -58.03
N PRO D 1444 -54.70 -54.11 -58.77
CA PRO D 1444 -55.54 -55.15 -58.14
C PRO D 1444 -54.72 -56.31 -57.62
N ASN D 1445 -53.48 -56.46 -58.10
CA ASN D 1445 -52.68 -57.63 -57.76
C ASN D 1445 -52.37 -57.70 -56.27
N ILE D 1446 -52.11 -56.56 -55.65
CA ILE D 1446 -51.73 -56.50 -54.24
C ILE D 1446 -52.80 -55.75 -53.46
N ASP D 1447 -53.13 -56.24 -52.28
CA ASP D 1447 -54.09 -55.61 -51.39
C ASP D 1447 -53.34 -54.88 -50.28
N PHE D 1448 -53.60 -53.58 -50.15
CA PHE D 1448 -52.89 -52.80 -49.15
C PHE D 1448 -53.48 -52.97 -47.75
N SER D 1449 -54.61 -53.65 -47.60
CA SER D 1449 -55.18 -53.85 -46.28
C SER D 1449 -54.21 -54.60 -45.38
N LYS D 1450 -53.58 -55.65 -45.91
CA LYS D 1450 -52.57 -56.36 -45.16
C LYS D 1450 -51.26 -55.59 -45.10
N THR D 1451 -50.99 -54.77 -46.11
CA THR D 1451 -49.77 -53.97 -46.09
C THR D 1451 -49.89 -52.86 -45.07
N PRO D 1452 -48.77 -52.38 -44.56
CA PRO D 1452 -48.83 -51.27 -43.60
C PRO D 1452 -48.89 -49.91 -44.27
N PHE D 1453 -49.17 -49.88 -45.57
CA PHE D 1453 -49.05 -48.66 -46.35
C PHE D 1453 -50.41 -48.27 -46.91
N VAL D 1454 -50.69 -46.98 -46.94
CA VAL D 1454 -51.85 -46.43 -47.64
C VAL D 1454 -51.40 -45.24 -48.45
N VAL D 1455 -51.69 -45.28 -49.76
CA VAL D 1455 -51.20 -44.26 -50.69
C VAL D 1455 -51.85 -42.92 -50.37
N GLN D 1456 -51.05 -41.85 -50.43
CA GLN D 1456 -51.56 -40.50 -50.23
C GLN D 1456 -52.18 -39.96 -51.51
N GLN D 1457 -53.45 -39.53 -51.43
CA GLN D 1457 -54.22 -39.08 -52.58
C GLN D 1457 -54.64 -37.62 -52.52
N GLU D 1458 -54.68 -37.01 -51.33
CA GLU D 1458 -55.09 -35.62 -51.20
C GLU D 1458 -54.23 -34.92 -50.16
N LEU D 1459 -54.07 -33.62 -50.34
CA LEU D 1459 -53.19 -32.85 -49.47
C LEU D 1459 -53.70 -32.91 -48.05
N ALA D 1460 -52.79 -33.11 -47.10
CA ALA D 1460 -53.17 -33.28 -45.71
C ALA D 1460 -52.00 -32.92 -44.80
N GLU D 1461 -52.32 -32.73 -43.52
CA GLU D 1461 -51.30 -32.39 -42.53
C GLU D 1461 -50.55 -33.63 -42.07
N TRP D 1462 -49.23 -33.52 -41.99
CA TRP D 1462 -48.35 -34.62 -41.59
C TRP D 1462 -48.32 -34.69 -40.06
N LYS D 1463 -49.28 -35.42 -39.51
CA LYS D 1463 -49.41 -35.50 -38.06
C LYS D 1463 -48.17 -36.11 -37.44
N ARG D 1464 -47.75 -35.53 -36.32
CA ARG D 1464 -46.64 -36.04 -35.53
C ARG D 1464 -46.99 -37.43 -35.00
N PRO D 1465 -46.15 -38.45 -35.22
CA PRO D 1465 -46.54 -39.79 -34.77
C PRO D 1465 -46.58 -39.91 -33.26
N VAL D 1466 -47.76 -40.28 -32.76
CA VAL D 1466 -47.96 -40.65 -31.38
C VAL D 1466 -48.53 -42.06 -31.40
N ILE D 1467 -47.87 -42.98 -30.71
CA ILE D 1467 -48.17 -44.40 -30.80
C ILE D 1467 -48.24 -44.98 -29.39
N GLU D 1468 -48.44 -46.30 -29.32
CA GLU D 1468 -48.20 -47.06 -28.09
C GLU D 1468 -47.31 -48.24 -28.47
N ILE D 1469 -46.10 -48.27 -27.89
CA ILE D 1469 -45.17 -49.38 -28.05
C ILE D 1469 -44.98 -50.05 -26.71
N ASP D 1470 -45.16 -51.37 -26.70
CA ASP D 1470 -44.70 -52.17 -25.59
C ASP D 1470 -45.22 -51.58 -24.28
N GLY D 1471 -46.43 -51.03 -24.34
CA GLY D 1471 -47.00 -50.33 -23.21
C GLY D 1471 -46.66 -48.87 -23.12
N VAL D 1472 -45.87 -48.34 -24.05
CA VAL D 1472 -45.27 -47.03 -23.91
C VAL D 1472 -45.81 -46.11 -24.99
N THR D 1473 -46.49 -45.05 -24.56
CA THR D 1473 -46.98 -44.00 -25.44
C THR D 1473 -45.98 -42.85 -25.45
N ARG D 1474 -45.80 -42.22 -26.61
CA ARG D 1474 -44.86 -41.11 -26.73
C ARG D 1474 -45.25 -40.24 -27.91
N GLU D 1475 -44.59 -39.09 -28.05
CA GLU D 1475 -44.66 -38.29 -29.28
C GLU D 1475 -43.36 -38.47 -30.06
N TYR D 1476 -43.41 -39.30 -31.10
CA TYR D 1476 -42.28 -39.50 -31.99
C TYR D 1476 -42.23 -38.43 -33.06
N ALA D 1477 -41.04 -38.23 -33.62
CA ALA D 1477 -40.84 -37.17 -34.61
C ALA D 1477 -41.37 -37.63 -35.96
N ARG D 1478 -41.16 -36.83 -36.98
CA ARG D 1478 -41.58 -37.16 -38.33
C ARG D 1478 -40.41 -37.87 -39.01
N ILE D 1479 -40.39 -39.20 -38.90
CA ILE D 1479 -39.39 -40.02 -39.57
C ILE D 1479 -39.94 -40.46 -40.92
N ALA D 1480 -39.03 -40.58 -41.89
CA ALA D 1480 -39.41 -40.99 -43.23
C ALA D 1480 -38.31 -41.83 -43.82
N GLY D 1481 -38.65 -42.60 -44.85
CA GLY D 1481 -37.68 -43.41 -45.54
C GLY D 1481 -37.78 -43.22 -47.04
N ILE D 1482 -36.66 -43.45 -47.72
CA ILE D 1482 -36.61 -43.41 -49.18
C ILE D 1482 -35.83 -44.61 -49.67
N SER D 1483 -36.29 -45.20 -50.76
CA SER D 1483 -35.63 -46.33 -51.38
C SER D 1483 -35.42 -46.03 -52.85
N SER D 1484 -34.32 -46.56 -53.39
CA SER D 1484 -34.01 -46.40 -54.81
C SER D 1484 -33.44 -47.72 -55.29
N PHE D 1485 -34.09 -48.32 -56.29
CA PHE D 1485 -33.67 -49.60 -56.84
C PHE D 1485 -33.23 -49.41 -58.28
N GLY D 1486 -31.98 -49.78 -58.58
CA GLY D 1486 -31.47 -49.64 -59.92
C GLY D 1486 -31.86 -50.80 -60.81
N ALA D 1487 -32.03 -50.48 -62.09
CA ALA D 1487 -32.43 -51.50 -63.05
C ALA D 1487 -31.37 -52.59 -63.17
N GLY D 1488 -30.09 -52.21 -63.17
CA GLY D 1488 -29.05 -53.22 -63.14
C GLY D 1488 -29.14 -54.08 -61.92
N GLY D 1489 -29.56 -53.51 -60.78
CA GLY D 1489 -29.79 -54.28 -59.58
C GLY D 1489 -29.34 -53.58 -58.33
N ALA D 1490 -28.60 -52.49 -58.49
CA ALA D 1490 -28.10 -51.76 -57.33
C ALA D 1490 -29.27 -51.19 -56.52
N ASN D 1491 -29.16 -51.29 -55.19
CA ASN D 1491 -30.20 -50.80 -54.29
C ASN D 1491 -29.58 -49.95 -53.19
N ALA D 1492 -30.40 -49.07 -52.60
CA ALA D 1492 -29.94 -48.14 -51.60
C ALA D 1492 -31.09 -47.76 -50.69
N HIS D 1493 -30.78 -47.18 -49.53
CA HIS D 1493 -31.82 -46.68 -48.65
C HIS D 1493 -31.29 -45.57 -47.75
N LEU D 1494 -32.19 -44.65 -47.40
CA LEU D 1494 -31.90 -43.57 -46.44
C LEU D 1494 -33.04 -43.43 -45.46
N VAL D 1495 -32.71 -42.90 -44.28
CA VAL D 1495 -33.70 -42.61 -43.25
C VAL D 1495 -33.49 -41.17 -42.80
N ILE D 1496 -34.56 -40.39 -42.81
CA ILE D 1496 -34.50 -38.96 -42.53
C ILE D 1496 -35.43 -38.65 -41.37
N GLU D 1497 -35.11 -37.58 -40.65
CA GLU D 1497 -35.86 -37.20 -39.45
C GLU D 1497 -35.92 -35.70 -39.37
N GLU D 1498 -37.00 -35.19 -38.77
CA GLU D 1498 -37.14 -33.76 -38.60
C GLU D 1498 -36.27 -33.27 -37.45
N TYR D 1499 -35.82 -32.03 -37.56
CA TYR D 1499 -34.94 -31.43 -36.57
C TYR D 1499 -35.75 -30.49 -35.69
N ILE D 1500 -35.55 -30.61 -34.38
CA ILE D 1500 -36.35 -29.88 -33.40
C ILE D 1500 -35.46 -28.85 -32.75
N GLU D 1501 -35.88 -27.58 -32.83
CA GLU D 1501 -35.19 -26.49 -32.15
C GLU D 1501 -35.60 -26.51 -30.68
N ALA D 1502 -35.21 -27.59 -30.00
CA ALA D 1502 -35.66 -27.79 -28.63
C ALA D 1502 -35.21 -26.67 -27.73
N GLU D 1503 -33.97 -26.22 -27.91
CA GLU D 1503 -33.42 -25.13 -27.09
C GLU D 1503 -34.21 -23.85 -27.34
N HIS D 1504 -34.30 -23.03 -26.29
CA HIS D 1504 -35.04 -21.76 -26.38
C HIS D 1504 -34.73 -21.05 -27.69
N ARG D 1505 -35.68 -20.27 -28.17
CA ARG D 1505 -35.49 -19.48 -29.38
C ARG D 1505 -35.49 -17.98 -29.05
N PRO D 1506 -34.84 -17.17 -29.90
CA PRO D 1506 -34.66 -15.73 -29.62
C PRO D 1506 -35.84 -15.12 -28.88
N PRO D 1507 -35.62 -14.49 -27.73
CA PRO D 1507 -36.65 -13.62 -27.15
C PRO D 1507 -36.70 -12.25 -27.79
N SER D 1508 -36.02 -12.08 -28.93
CA SER D 1508 -35.95 -10.83 -29.68
C SER D 1508 -34.79 -9.97 -29.21
N SER D 1509 -34.25 -9.20 -30.15
CA SER D 1509 -33.14 -8.30 -29.90
C SER D 1509 -33.30 -6.99 -30.64
N ILE D 1510 -33.95 -7.05 -31.81
CA ILE D 1510 -33.92 -5.95 -32.76
C ILE D 1510 -34.69 -4.76 -32.23
N SER D 1511 -34.08 -3.59 -32.35
CA SER D 1511 -34.72 -2.32 -32.01
C SER D 1511 -33.85 -1.21 -32.58
N SER D 1512 -34.29 0.04 -32.40
CA SER D 1512 -33.53 1.16 -32.93
C SER D 1512 -32.17 1.26 -32.26
N LYS D 1513 -32.05 0.71 -31.05
CA LYS D 1513 -30.78 0.76 -30.32
C LYS D 1513 -29.74 -0.13 -30.98
N ASN D 1514 -30.15 -1.33 -31.40
CA ASN D 1514 -29.27 -2.29 -32.06
C ASN D 1514 -29.98 -2.67 -33.36
N PRO D 1515 -29.91 -1.83 -34.39
CA PRO D 1515 -30.67 -2.08 -35.60
C PRO D 1515 -30.01 -3.13 -36.50
N ALA D 1516 -30.82 -3.70 -37.38
CA ALA D 1516 -30.34 -4.66 -38.34
C ALA D 1516 -29.64 -3.96 -39.50
N VAL D 1517 -28.66 -4.64 -40.08
CA VAL D 1517 -27.80 -4.07 -41.12
C VAL D 1517 -27.95 -4.98 -42.34
N ILE D 1518 -28.85 -4.62 -43.24
CA ILE D 1518 -29.10 -5.41 -44.45
C ILE D 1518 -28.13 -4.95 -45.52
N VAL D 1519 -27.43 -5.89 -46.14
CA VAL D 1519 -26.38 -5.61 -47.11
C VAL D 1519 -26.54 -6.57 -48.28
N LEU D 1520 -26.56 -6.04 -49.49
CA LEU D 1520 -26.60 -6.85 -50.70
C LEU D 1520 -25.52 -6.42 -51.68
N SER D 1521 -25.16 -7.34 -52.57
CA SER D 1521 -24.11 -7.07 -53.55
C SER D 1521 -24.22 -8.07 -54.69
N ALA D 1522 -23.72 -7.68 -55.86
CA ALA D 1522 -23.76 -8.54 -57.04
C ALA D 1522 -22.66 -8.11 -58.00
N LYS D 1523 -22.46 -8.92 -59.05
CA LYS D 1523 -21.44 -8.63 -60.05
C LYS D 1523 -21.77 -7.43 -60.92
N ASN D 1524 -23.03 -7.01 -60.98
CA ASN D 1524 -23.42 -5.83 -61.74
C ASN D 1524 -24.74 -5.32 -61.18
N LYS D 1525 -25.34 -4.36 -61.87
CA LYS D 1525 -26.53 -3.71 -61.34
C LYS D 1525 -27.80 -4.48 -61.67
N ASP D 1526 -27.95 -4.93 -62.91
CA ASP D 1526 -29.11 -5.72 -63.28
C ASP D 1526 -29.28 -6.90 -62.33
N ARG D 1527 -28.18 -7.60 -62.04
CA ARG D 1527 -28.26 -8.69 -61.09
C ARG D 1527 -28.62 -8.20 -59.70
N LEU D 1528 -28.02 -7.09 -59.26
CA LEU D 1528 -28.27 -6.64 -57.90
C LEU D 1528 -29.72 -6.25 -57.72
N ARG D 1529 -30.32 -5.63 -58.72
CA ARG D 1529 -31.73 -5.25 -58.63
C ARG D 1529 -32.60 -6.49 -58.50
N GLU D 1530 -32.29 -7.54 -59.25
CA GLU D 1530 -33.08 -8.77 -59.16
C GLU D 1530 -32.97 -9.39 -57.77
N GLN D 1531 -31.77 -9.36 -57.17
CA GLN D 1531 -31.64 -9.85 -55.81
C GLN D 1531 -32.60 -9.11 -54.87
N VAL D 1532 -32.71 -7.79 -55.05
CA VAL D 1532 -33.70 -7.03 -54.30
C VAL D 1532 -35.10 -7.52 -54.64
N GLN D 1533 -35.37 -7.72 -55.94
CA GLN D 1533 -36.68 -8.20 -56.35
C GLN D 1533 -36.99 -9.54 -55.69
N ARG D 1534 -36.05 -10.47 -55.74
CA ARG D 1534 -36.28 -11.78 -55.15
C ARG D 1534 -36.25 -11.73 -53.63
N LEU D 1535 -35.49 -10.80 -53.05
CA LEU D 1535 -35.39 -10.74 -51.60
C LEU D 1535 -36.72 -10.38 -50.97
N LEU D 1536 -37.33 -9.28 -51.41
CA LEU D 1536 -38.62 -8.90 -50.87
C LEU D 1536 -39.66 -9.96 -51.20
N SER D 1537 -39.59 -10.51 -52.41
CA SER D 1537 -40.52 -11.56 -52.80
C SER D 1537 -40.43 -12.74 -51.86
N ALA D 1538 -39.22 -13.10 -51.43
CA ALA D 1538 -39.06 -14.16 -50.43
C ALA D 1538 -39.61 -13.72 -49.08
N ILE D 1539 -39.37 -12.46 -48.71
CA ILE D 1539 -39.83 -11.96 -47.42
C ILE D 1539 -41.34 -12.06 -47.30
N ARG D 1540 -42.05 -12.00 -48.44
CA ARG D 1540 -43.50 -12.13 -48.41
C ARG D 1540 -43.91 -13.59 -48.49
N GLU D 1541 -43.49 -14.29 -49.55
CA GLU D 1541 -43.91 -15.68 -49.74
C GLU D 1541 -43.44 -16.58 -48.62
N GLN D 1542 -42.28 -16.29 -48.03
CA GLN D 1542 -41.80 -17.04 -46.88
C GLN D 1542 -42.37 -16.54 -45.57
N VAL D 1543 -42.92 -15.32 -45.55
CA VAL D 1543 -43.63 -14.80 -44.39
C VAL D 1543 -42.67 -14.69 -43.21
N LEU D 1544 -41.65 -13.85 -43.34
CA LEU D 1544 -40.69 -13.64 -42.28
C LEU D 1544 -41.19 -12.58 -41.31
N THR D 1545 -40.57 -12.55 -40.13
CA THR D 1545 -40.97 -11.66 -39.04
C THR D 1545 -39.75 -10.89 -38.56
N ASP D 1546 -39.99 -9.93 -37.66
CA ASP D 1546 -38.88 -9.20 -37.06
C ASP D 1546 -37.95 -10.12 -36.29
N ASN D 1547 -38.47 -11.20 -35.70
CA ASN D 1547 -37.60 -12.12 -35.00
C ASN D 1547 -36.56 -12.72 -35.93
N ASP D 1548 -36.87 -12.79 -37.22
CA ASP D 1548 -35.97 -13.35 -38.20
C ASP D 1548 -34.93 -12.35 -38.69
N LEU D 1549 -35.08 -11.07 -38.35
CA LEU D 1549 -34.18 -10.06 -38.91
C LEU D 1549 -32.73 -10.34 -38.54
N ALA D 1550 -32.46 -10.57 -37.25
CA ALA D 1550 -31.09 -10.84 -36.83
C ALA D 1550 -30.48 -11.95 -37.67
N GLU D 1551 -31.22 -13.03 -37.87
CA GLU D 1551 -30.74 -14.09 -38.74
C GLU D 1551 -30.65 -13.60 -40.17
N ILE D 1552 -31.63 -12.83 -40.63
CA ILE D 1552 -31.61 -12.32 -41.99
C ILE D 1552 -30.41 -11.42 -42.19
N ALA D 1553 -30.22 -10.46 -41.28
CA ALA D 1553 -29.08 -9.56 -41.38
C ALA D 1553 -27.77 -10.34 -41.29
N TYR D 1554 -27.69 -11.24 -40.31
CA TYR D 1554 -26.46 -12.01 -40.12
C TYR D 1554 -26.16 -12.86 -41.34
N THR D 1555 -27.19 -13.50 -41.90
CA THR D 1555 -26.97 -14.33 -43.07
C THR D 1555 -26.43 -13.52 -44.23
N LEU D 1556 -27.04 -12.35 -44.49
CA LEU D 1556 -26.60 -11.56 -45.62
C LEU D 1556 -25.26 -10.87 -45.37
N GLN D 1557 -24.85 -10.73 -44.11
CA GLN D 1557 -23.56 -10.11 -43.82
C GLN D 1557 -22.41 -11.09 -44.07
N VAL D 1558 -22.47 -12.26 -43.45
CA VAL D 1558 -21.42 -13.27 -43.59
C VAL D 1558 -21.76 -14.31 -44.66
N GLY D 1559 -23.04 -14.63 -44.84
CA GLY D 1559 -23.45 -15.74 -45.65
C GLY D 1559 -23.56 -15.42 -47.12
N ARG D 1560 -23.05 -14.27 -47.56
CA ARG D 1560 -23.03 -13.94 -48.98
C ARG D 1560 -21.67 -13.38 -49.37
N GLU D 1561 -21.27 -13.67 -50.60
CA GLU D 1561 -19.99 -13.22 -51.13
C GLU D 1561 -20.08 -11.75 -51.53
N ALA D 1562 -19.13 -10.94 -51.07
CA ALA D 1562 -19.12 -9.51 -51.37
C ALA D 1562 -18.69 -9.30 -52.81
N MET D 1563 -19.55 -8.68 -53.61
CA MET D 1563 -19.34 -8.53 -55.05
C MET D 1563 -19.05 -7.07 -55.37
N GLU D 1564 -18.88 -6.80 -56.68
CA GLU D 1564 -18.49 -5.45 -57.10
C GLU D 1564 -19.59 -4.44 -56.84
N GLU D 1565 -20.82 -4.74 -57.25
CA GLU D 1565 -21.94 -3.83 -57.06
C GLU D 1565 -22.50 -4.08 -55.67
N ARG D 1566 -22.81 -3.01 -54.95
CA ARG D 1566 -23.11 -3.09 -53.53
C ARG D 1566 -24.29 -2.19 -53.18
N PHE D 1567 -25.04 -2.61 -52.18
CA PHE D 1567 -26.16 -1.85 -51.66
C PHE D 1567 -26.42 -2.24 -50.20
N ALA D 1568 -26.93 -1.31 -49.41
CA ALA D 1568 -27.13 -1.60 -47.99
C ALA D 1568 -28.12 -0.60 -47.38
N VAL D 1569 -28.66 -1.00 -46.22
CA VAL D 1569 -29.60 -0.17 -45.46
C VAL D 1569 -29.46 -0.54 -43.98
N ILE D 1570 -30.11 0.26 -43.13
CA ILE D 1570 -30.20 0.00 -41.69
C ILE D 1570 -31.68 -0.07 -41.32
N VAL D 1571 -32.07 -1.15 -40.63
CA VAL D 1571 -33.48 -1.44 -40.38
C VAL D 1571 -33.67 -1.84 -38.92
N LYS D 1572 -34.90 -1.67 -38.45
CA LYS D 1572 -35.35 -2.15 -37.14
C LYS D 1572 -36.52 -3.12 -37.23
N SER D 1573 -37.44 -2.90 -38.17
CA SER D 1573 -38.61 -3.75 -38.34
C SER D 1573 -38.66 -4.27 -39.77
N ILE D 1574 -39.25 -5.46 -39.93
CA ILE D 1574 -39.26 -6.09 -41.24
C ILE D 1574 -40.03 -5.25 -42.24
N SER D 1575 -41.09 -4.57 -41.79
CA SER D 1575 -41.80 -3.65 -42.68
C SER D 1575 -40.88 -2.52 -43.13
N GLU D 1576 -40.04 -2.02 -42.23
CA GLU D 1576 -39.09 -0.98 -42.61
C GLU D 1576 -38.16 -1.48 -43.70
N LEU D 1577 -37.69 -2.71 -43.57
CA LEU D 1577 -36.90 -3.31 -44.65
C LEU D 1577 -37.71 -3.39 -45.93
N GLU D 1578 -38.96 -3.81 -45.83
CA GLU D 1578 -39.81 -3.95 -47.00
C GLU D 1578 -40.00 -2.61 -47.70
N ALA D 1579 -40.24 -1.55 -46.92
CA ALA D 1579 -40.38 -0.23 -47.51
C ALA D 1579 -39.11 0.18 -48.25
N LYS D 1580 -37.96 -0.03 -47.62
CA LYS D 1580 -36.71 0.40 -48.26
C LYS D 1580 -36.41 -0.43 -49.50
N LEU D 1581 -36.60 -1.74 -49.43
CA LEU D 1581 -36.32 -2.59 -50.58
C LEU D 1581 -37.20 -2.20 -51.75
N THR D 1582 -38.49 -1.97 -51.49
CA THR D 1582 -39.37 -1.43 -52.52
C THR D 1582 -38.89 -0.05 -52.95
N TYR D 1583 -38.33 0.73 -52.03
CA TYR D 1583 -37.82 2.05 -52.38
C TYR D 1583 -36.69 1.94 -53.39
N TYR D 1584 -35.68 1.13 -53.08
CA TYR D 1584 -34.57 0.97 -54.01
C TYR D 1584 -35.05 0.36 -55.32
N LEU D 1585 -35.85 -0.69 -55.24
CA LEU D 1585 -36.31 -1.36 -56.46
C LEU D 1585 -37.01 -0.37 -57.37
N LYS D 1586 -37.84 0.50 -56.81
CA LYS D 1586 -38.41 1.57 -57.59
C LYS D 1586 -37.32 2.56 -58.00
N ASP D 1587 -37.52 3.17 -59.16
CA ASP D 1587 -36.49 4.02 -59.77
C ASP D 1587 -36.36 5.31 -58.97
N GLU D 1588 -35.32 5.38 -58.13
CA GLU D 1588 -34.95 6.60 -57.44
C GLU D 1588 -33.43 6.76 -57.57
N ALA D 1589 -33.00 7.96 -57.94
CA ALA D 1589 -31.58 8.20 -58.17
C ALA D 1589 -30.76 7.96 -56.91
N ASP D 1590 -30.97 8.80 -55.89
CA ASP D 1590 -30.23 8.70 -54.63
C ASP D 1590 -31.13 9.13 -53.48
N SER D 1591 -30.99 8.45 -52.36
CA SER D 1591 -31.75 8.78 -51.15
C SER D 1591 -30.94 8.32 -49.94
N PRO D 1592 -31.20 8.90 -48.78
CA PRO D 1592 -30.46 8.51 -47.57
C PRO D 1592 -30.97 7.19 -47.01
N ASP D 1593 -30.19 6.64 -46.07
CA ASP D 1593 -30.41 5.30 -45.55
C ASP D 1593 -30.39 4.25 -46.65
N LEU D 1594 -29.88 4.62 -47.83
CA LEU D 1594 -29.81 3.73 -48.98
C LEU D 1594 -28.41 3.92 -49.56
N PHE D 1595 -27.48 3.08 -49.12
CA PHE D 1595 -26.07 3.22 -49.46
C PHE D 1595 -25.79 2.49 -50.76
N THR D 1596 -25.34 3.23 -51.78
CA THR D 1596 -24.87 2.63 -53.02
C THR D 1596 -23.42 3.04 -53.26
N GLY D 1597 -22.72 2.19 -54.00
CA GLY D 1597 -21.29 2.38 -54.20
C GLY D 1597 -20.76 1.27 -55.08
N GLN D 1598 -19.46 1.35 -55.35
CA GLN D 1598 -18.80 0.37 -56.20
C GLN D 1598 -17.40 0.09 -55.67
N VAL D 1599 -16.81 -0.99 -56.18
CA VAL D 1599 -15.45 -1.39 -55.81
C VAL D 1599 -14.49 -1.35 -56.98
N LYS D 1600 -14.98 -1.39 -58.21
CA LYS D 1600 -14.10 -1.41 -59.38
C LYS D 1600 -13.14 -0.22 -59.36
N ARG D 1601 -13.59 0.93 -58.86
CA ARG D 1601 -12.77 2.14 -58.94
C ARG D 1601 -11.87 2.29 -57.72
N ASN D 1602 -12.44 2.19 -56.52
CA ASN D 1602 -11.67 2.40 -55.30
C ASN D 1602 -10.98 1.10 -54.93
N LYS D 1603 -9.67 1.03 -55.20
CA LYS D 1603 -8.90 -0.19 -54.95
C LYS D 1603 -7.76 0.08 -53.98
N GLU D 1604 -6.91 1.05 -54.31
CA GLU D 1604 -5.73 1.31 -53.49
C GLU D 1604 -6.09 1.98 -52.17
N THR D 1605 -7.04 2.90 -52.19
CA THR D 1605 -7.34 3.66 -50.97
C THR D 1605 -7.96 2.76 -49.92
N MET D 1606 -8.98 1.99 -50.30
CA MET D 1606 -9.59 1.07 -49.34
C MET D 1606 -8.57 0.05 -48.85
N ASP D 1607 -7.61 -0.30 -49.69
CA ASP D 1607 -6.66 -1.36 -49.34
C ASP D 1607 -5.87 -0.97 -48.09
N VAL D 1608 -5.47 0.29 -47.99
CA VAL D 1608 -4.66 0.73 -46.87
C VAL D 1608 -5.34 0.43 -45.56
N PHE D 1609 -6.67 0.48 -45.53
CA PHE D 1609 -7.42 0.28 -44.30
C PHE D 1609 -7.07 -1.06 -43.69
N ALA D 1610 -7.38 -2.16 -44.39
CA ALA D 1610 -7.01 -3.47 -43.88
C ALA D 1610 -5.51 -3.59 -43.65
N ALA D 1611 -4.72 -2.90 -44.47
CA ALA D 1611 -3.26 -2.91 -44.32
C ALA D 1611 -2.82 -1.81 -43.35
N ASP D 1612 -3.30 -1.93 -42.12
CA ASP D 1612 -2.88 -1.03 -41.04
C ASP D 1612 -3.42 -1.57 -39.73
N GLU D 1613 -2.55 -1.67 -38.73
CA GLU D 1613 -2.98 -2.11 -37.41
C GLU D 1613 -3.76 -1.02 -36.68
N ASP D 1614 -3.23 0.20 -36.69
CA ASP D 1614 -3.92 1.31 -36.02
C ASP D 1614 -5.27 1.58 -36.68
N LEU D 1615 -5.29 1.60 -38.01
CA LEU D 1615 -6.53 1.87 -38.72
C LEU D 1615 -7.56 0.78 -38.46
N GLN D 1616 -7.13 -0.48 -38.43
CA GLN D 1616 -8.05 -1.56 -38.09
C GLN D 1616 -8.65 -1.35 -36.71
N GLN D 1617 -7.84 -0.92 -35.74
CA GLN D 1617 -8.39 -0.62 -34.43
C GLN D 1617 -9.41 0.51 -34.50
N ALA D 1618 -9.19 1.48 -35.40
CA ALA D 1618 -10.17 2.54 -35.56
C ALA D 1618 -11.52 1.98 -35.98
N ILE D 1619 -11.51 1.01 -36.89
CA ILE D 1619 -12.76 0.35 -37.28
C ILE D 1619 -13.33 -0.42 -36.10
N ASP D 1620 -12.49 -1.13 -35.37
CA ASP D 1620 -12.98 -1.90 -34.23
C ASP D 1620 -13.70 -0.98 -33.24
N THR D 1621 -13.21 0.25 -33.10
CA THR D 1621 -13.96 1.25 -32.35
C THR D 1621 -15.31 1.53 -33.01
N TRP D 1622 -15.35 1.63 -34.34
CA TRP D 1622 -16.60 1.97 -35.01
C TRP D 1622 -17.68 0.95 -34.69
N ILE D 1623 -17.39 -0.34 -34.88
CA ILE D 1623 -18.43 -1.35 -34.72
C ILE D 1623 -18.90 -1.39 -33.27
N THR D 1624 -17.96 -1.30 -32.33
CA THR D 1624 -18.35 -1.25 -30.92
C THR D 1624 -19.21 -0.03 -30.64
N LYS D 1625 -18.82 1.13 -31.21
CA LYS D 1625 -19.60 2.33 -30.99
C LYS D 1625 -20.92 2.30 -31.74
N GLY D 1626 -21.04 1.45 -32.76
CA GLY D 1626 -22.29 1.34 -33.48
C GLY D 1626 -22.46 2.37 -34.56
N LYS D 1627 -21.37 2.88 -35.13
CA LYS D 1627 -21.46 3.84 -36.22
C LYS D 1627 -21.79 3.11 -37.53
N TYR D 1628 -22.94 2.45 -37.56
CA TYR D 1628 -23.28 1.59 -38.68
C TYR D 1628 -23.37 2.35 -39.99
N ALA D 1629 -23.90 3.58 -39.96
CA ALA D 1629 -24.08 4.32 -41.20
C ALA D 1629 -22.75 4.58 -41.88
N LYS D 1630 -21.73 4.95 -41.10
CA LYS D 1630 -20.41 5.15 -41.66
C LYS D 1630 -19.83 3.84 -42.21
N ILE D 1631 -19.98 2.75 -41.45
CA ILE D 1631 -19.38 1.49 -41.87
C ILE D 1631 -19.99 1.02 -43.19
N LEU D 1632 -21.31 1.07 -43.30
CA LEU D 1632 -21.94 0.72 -44.57
C LEU D 1632 -21.51 1.67 -45.67
N GLN D 1633 -21.42 2.96 -45.36
CA GLN D 1633 -21.00 3.94 -46.35
C GLN D 1633 -19.67 3.55 -46.98
N MET D 1634 -18.77 2.93 -46.21
CA MET D 1634 -17.48 2.52 -46.74
C MET D 1634 -17.51 1.12 -47.32
N TRP D 1635 -18.26 0.20 -46.72
CA TRP D 1635 -18.27 -1.18 -47.22
C TRP D 1635 -18.75 -1.23 -48.65
N VAL D 1636 -19.71 -0.36 -49.02
CA VAL D 1636 -20.15 -0.28 -50.40
C VAL D 1636 -19.05 0.21 -51.31
N GLN D 1637 -17.94 0.66 -50.75
CA GLN D 1637 -16.81 1.12 -51.55
C GLN D 1637 -15.65 0.15 -51.60
N GLY D 1638 -15.59 -0.85 -50.72
CA GLY D 1638 -14.51 -1.82 -50.77
C GLY D 1638 -14.01 -2.31 -49.44
N LEU D 1639 -14.27 -1.56 -48.37
CA LEU D 1639 -13.83 -1.95 -47.04
C LEU D 1639 -14.11 -3.42 -46.77
N ILE D 1640 -13.14 -4.08 -46.15
CA ILE D 1640 -13.30 -5.45 -45.67
C ILE D 1640 -13.14 -5.45 -44.16
N PHE D 1641 -14.08 -6.09 -43.46
CA PHE D 1641 -14.01 -6.17 -42.01
C PHE D 1641 -14.84 -7.35 -41.53
N ASP D 1642 -14.45 -7.92 -40.40
CA ASP D 1642 -15.13 -9.10 -39.86
C ASP D 1642 -16.50 -8.70 -39.34
N TRP D 1643 -17.55 -9.11 -40.04
CA TRP D 1643 -18.90 -8.81 -39.57
C TRP D 1643 -19.20 -9.53 -38.25
N ASN D 1644 -18.48 -10.61 -37.94
CA ASN D 1644 -18.66 -11.22 -36.62
C ASN D 1644 -18.33 -10.25 -35.51
N LYS D 1645 -17.56 -9.20 -35.80
CA LYS D 1645 -17.28 -8.19 -34.79
C LYS D 1645 -18.57 -7.52 -34.32
N LEU D 1646 -19.60 -7.50 -35.16
CA LEU D 1646 -20.87 -6.90 -34.75
C LEU D 1646 -21.43 -7.59 -33.53
N TYR D 1647 -21.30 -8.91 -33.44
CA TYR D 1647 -21.88 -9.72 -32.38
C TYR D 1647 -20.76 -10.22 -31.50
N GLY D 1648 -20.69 -9.73 -30.27
CA GLY D 1648 -19.60 -10.10 -29.39
C GLY D 1648 -19.66 -11.54 -28.91
N ASP D 1649 -20.81 -12.19 -29.01
CA ASP D 1649 -20.93 -13.57 -28.57
C ASP D 1649 -22.32 -14.07 -28.95
N THR D 1650 -22.44 -15.39 -29.08
CA THR D 1650 -23.69 -16.05 -29.42
C THR D 1650 -24.34 -15.37 -30.63
N LYS D 1651 -23.62 -15.42 -31.73
CA LYS D 1651 -24.16 -14.87 -32.97
C LYS D 1651 -25.37 -15.70 -33.41
N PRO D 1652 -26.33 -15.09 -34.07
CA PRO D 1652 -27.60 -15.76 -34.31
C PRO D 1652 -27.46 -16.83 -35.38
N ARG D 1653 -28.52 -17.60 -35.56
CA ARG D 1653 -28.63 -18.63 -36.59
C ARG D 1653 -28.89 -18.00 -37.95
N ARG D 1654 -28.76 -18.82 -38.99
CA ARG D 1654 -29.04 -18.38 -40.35
C ARG D 1654 -30.37 -18.94 -40.83
N ILE D 1655 -30.82 -18.44 -41.99
CA ILE D 1655 -31.99 -18.99 -42.65
C ILE D 1655 -31.79 -18.90 -44.15
N SER D 1656 -32.56 -19.70 -44.88
CA SER D 1656 -32.46 -19.76 -46.33
C SER D 1656 -32.99 -18.49 -46.97
N LEU D 1657 -32.17 -17.84 -47.78
CA LEU D 1657 -32.60 -16.69 -48.53
C LEU D 1657 -32.21 -16.87 -49.99
N PRO D 1658 -32.86 -16.17 -50.93
CA PRO D 1658 -32.62 -16.50 -52.35
C PRO D 1658 -31.17 -16.34 -52.75
N ALA D 1659 -30.84 -16.66 -54.01
CA ALA D 1659 -29.45 -16.83 -54.41
C ALA D 1659 -29.16 -15.96 -55.63
N TYR D 1660 -28.03 -16.19 -56.27
CA TYR D 1660 -27.58 -15.31 -57.34
C TYR D 1660 -28.34 -15.60 -58.64
N PRO D 1661 -28.93 -14.57 -59.31
CA PRO D 1661 -29.60 -14.80 -60.63
C PRO D 1661 -28.67 -14.83 -61.84
N PHE D 1662 -28.14 -16.00 -62.14
CA PHE D 1662 -27.26 -16.14 -63.30
C PHE D 1662 -27.95 -15.71 -64.59
N ALA D 1663 -27.14 -15.34 -65.58
CA ALA D 1663 -27.64 -15.00 -66.91
C ALA D 1663 -28.09 -16.25 -67.66
N ARG D 1664 -28.78 -16.04 -68.77
CA ARG D 1664 -29.36 -17.11 -69.57
C ARG D 1664 -28.74 -17.19 -70.95
N GLU D 1665 -27.47 -16.82 -71.08
CA GLU D 1665 -26.83 -16.85 -72.39
C GLU D 1665 -26.86 -18.25 -72.96
N ARG D 1666 -27.21 -18.36 -74.23
CA ARG D 1666 -27.30 -19.64 -74.91
C ARG D 1666 -25.94 -20.03 -75.49
N TYR D 1667 -25.63 -21.32 -75.43
CA TYR D 1667 -24.39 -21.85 -76.00
C TYR D 1667 -24.65 -23.28 -76.44
N TRP D 1668 -24.40 -23.56 -77.72
CA TRP D 1668 -24.62 -24.89 -78.26
C TRP D 1668 -23.61 -25.14 -79.37
N LEU D 1669 -23.50 -26.40 -79.78
CA LEU D 1669 -22.60 -26.77 -80.87
C LEU D 1669 -22.91 -25.96 -82.11
#